data_6PEP
#
_entry.id   6PEP
#
_cell.length_a   1.00
_cell.length_b   1.00
_cell.length_c   1.00
_cell.angle_alpha   90.00
_cell.angle_beta   90.00
_cell.angle_gamma   90.00
#
_symmetry.space_group_name_H-M   'P 1'
#
loop_
_entity.id
_entity.type
_entity.pdbx_description
1 polymer 'Surface presentation of antigens protein SpaP'
2 polymer 'Surface presentation of antigens protein SpaR'
3 polymer 'Surface presentation of antigens protein SpaQ'
4 polymer 'Protein InvG'
5 polymer 'Protein PrgJ'
6 polymer 'Protein PrgI'
7 polymer 'Protein PrgH'
#
loop_
_entity_poly.entity_id
_entity_poly.type
_entity_poly.pdbx_seq_one_letter_code
_entity_poly.pdbx_strand_id
1 'polypeptide(L)'
;MGNDISLIALLAFSTLLPFIIASGTCFVKFSIVFVMVRNALGLQQIPSNMTLNGVALLLSMFVMWPIMHDAYVYFEDEDV
TFNDISSLSKHVDEGLDGYRDYLIKYSDRELVQFFENAQLKRQYGEETETVKRDKDEIEKPSIFALLPAYALSEIKSAFK
IGFYLYLPFVVVDLVVSSVLLALGMMMMSPVTISTPIKLVLFVALDGWTLLSKGLILQYMDIAT
;
0,1,2,3,4
2 'polypeptide(L)'
;MFYALYFEIHHLVASAALGFARVAPIFFFLPFLNSGVLSGAPRNAIIILVALGVWPHALNEAPPFLSVAMIPLVLQEAAV
GVMLGCLLSWPFWVMHALGCIIDNQRGATLSSSIDPANGIDTSEMANFLNMFAAVVYLQNGGLVTMVDVLNKSYQLCDPM
NECTPSLPPLLTFINQVAQNALVLASPVVLVLLLSEVFLGLLSRFAPQMNAFAISLTVKSGIAVLIMLLYFSPVLPDNVL
RLSFQATGLSSWFYERGATHVLE
;
5
3 'polypeptide(L)'
;MDDLVFAGNKALYLVLILSGWPTIVATIIGLLVGLFQTVTQLQEQTLPFGIKLLGVCLCLFLLSGWYGEVLLSYGRQVIF
LALAKG
;
6,7,8,9
4 'polypeptide(L)'
;MKTHILLARVLACAALVLVTPGYSSEKIPVTGSGFVAKDDSLRTFFDAMALQLKEPVIVSKMAARKKITGNFEFHDPNAL
LEKLSLQLGLIWYFDGQAIYIYDASEMRNAVVSLRNVSLNEFNNFLKRSGLYNKNYPLRGDNRKGTFYVSGPPVYVDMVV
NAATMMDKQNDGIELGRQKIGVMRLNNTFVGDRTYNLRDQKMVIPGIATAIERLLQGEEQPLGNIVSSEPPAMPAFSANG
EKGKAANYAGGMSLQEALKQNAAAGNIKIVAYPDTNSLLVKGTAEQVHFIEMLVKALDVAKRHVELSLWIVDLNKSDLER
LGTSWSGSITIGDKLGVSLNQSSISTLDGSRFIAAVNALEEKKQATVVSRPVLLTQENVPAIFDNNRTFYTKLIGERNVA
LEHVTYGTMIRVLPRFSADGQIEMSLDIEDGNDKTPQSDTTTSVDALPEVGRTLISTIARVPHGKSLLVGGYTRDANTDT
VQSIPFLGKLPLIGSLFRYSSKNKSNVVRVFMIEPKEIVDPLTPDASESVNNILKQSGAWSGDDKLQKWVRVYLDRGQEA
IK
;
A,B,C,D,F,G,H,I,J,K,L,M,N,O,P,Q
5 'polypeptide(L)'
;MSIATIVPENAVIGQAVNIRSMETDIVSLDDRLLQAFSGSAIATAVDKQTITNRIEDPNLVTDPKELAISQEMISDYNLY
VSMVSTLTRKGVGAVETLLRS
;
AM,AN,AO,AP,AQ,AR
6 'polypeptide(L)' MATPWSGYLDDVSAKFDTGVDNLQTQVTEALDKLAAKPSDPALLAAYQSKLSEYNLYRNAQSNTVKVFKDIDAAIIQNFR AS,AT,AU,AV,AW,AX,AY,AZ,BA,BB,BC,BD,BE
7 'polypeptide(L)'
;METSKEKTITSPGPYIVRLLNSSLNGCEFPLLTGRTLFVVGQSDALTASGQLPDIPADSFFIPLDHGGVNFEIQVDTDAT
EIILHELKEGNSESRSVQLNTPIQVGELLILIRPESEPWVPEQPEKLETSAKKNEPRFKNGIVAALAGFFILGIGTVGTL
WILNSPQRQAAELDSLLGQEKERFQVLPGRDKMLYVAAQNERDTLWARQVLARGDYDKNARVINENEENKRISIWLDTYY
PQLAYYRIHFDEPRKPVFWLSRQRNTMSKKELEVLSQKLRALMPYADSVNITLMDDVTAAGQAEAGLKQQALPYSRRNHK
GGVTFVIQGALDDVEILRARQFVDSYYRTWGGRYVQFAIELKDDWLKGRSFQYGAEGYIKMSPGHWYFPSPL
;
E,R,S,T,U,V,W,X,Y,Z,a,b,c,d,e,f,g,h,i,j,k,l,m,n
#
# COMPACT_ATOMS: atom_id res chain seq x y z
N ASN A 3 -9.94 22.66 -9.71
CA ASN A 3 -10.38 22.45 -8.34
C ASN A 3 -9.37 21.68 -7.52
N ASP A 4 -9.13 20.43 -7.92
CA ASP A 4 -8.28 19.55 -7.13
C ASP A 4 -6.81 19.95 -7.16
N ILE A 5 -6.39 20.75 -8.14
CA ILE A 5 -5.02 21.23 -8.14
C ILE A 5 -4.79 22.26 -7.04
N SER A 6 -5.84 22.88 -6.50
CA SER A 6 -5.68 23.75 -5.34
C SER A 6 -5.35 22.97 -4.08
N LEU A 7 -5.68 21.68 -4.06
CA LEU A 7 -5.45 20.87 -2.88
C LEU A 7 -3.98 20.53 -2.73
N ILE A 8 -3.26 20.41 -3.85
CA ILE A 8 -1.84 20.10 -3.78
C ILE A 8 -1.07 21.27 -3.18
N ALA A 9 -1.36 22.48 -3.63
CA ALA A 9 -0.69 23.66 -3.09
C ALA A 9 -1.09 23.94 -1.64
N LEU A 10 -2.37 23.74 -1.32
CA LEU A 10 -2.83 23.96 0.05
C LEU A 10 -2.49 22.82 0.98
N LEU A 11 -1.91 21.74 0.46
CA LEU A 11 -1.29 20.71 1.29
C LEU A 11 0.21 20.86 1.38
N ALA A 12 0.85 21.31 0.30
CA ALA A 12 2.29 21.48 0.29
C ALA A 12 2.73 22.63 1.16
N PHE A 13 1.83 23.62 1.39
CA PHE A 13 2.16 24.68 2.33
C PHE A 13 2.36 24.13 3.73
N SER A 14 1.62 23.10 4.10
CA SER A 14 1.78 22.55 5.45
C SER A 14 3.04 21.74 5.57
N THR A 15 3.49 21.10 4.49
CA THR A 15 4.73 20.35 4.59
C THR A 15 5.92 21.29 4.58
N LEU A 16 5.84 22.39 3.84
CA LEU A 16 6.97 23.30 3.75
C LEU A 16 6.95 24.41 4.80
N LEU A 17 5.89 24.49 5.60
CA LEU A 17 5.82 25.46 6.69
C LEU A 17 6.97 25.43 7.70
N PRO A 18 7.54 24.27 8.12
CA PRO A 18 8.65 24.34 9.09
C PRO A 18 9.92 24.98 8.57
N PHE A 19 10.04 25.26 7.28
CA PHE A 19 11.24 25.90 6.77
C PHE A 19 10.97 27.33 6.36
N ILE A 20 9.71 27.67 6.06
CA ILE A 20 9.36 29.08 5.93
C ILE A 20 9.48 29.75 7.29
N ILE A 21 9.16 29.02 8.37
CA ILE A 21 9.41 29.58 9.70
C ILE A 21 10.92 29.62 9.97
N ALA A 22 11.66 28.67 9.43
CA ALA A 22 13.10 28.61 9.69
C ALA A 22 13.90 29.66 8.92
N SER A 23 13.38 30.17 7.82
CA SER A 23 14.19 31.08 7.00
C SER A 23 13.49 32.35 6.55
N GLY A 24 12.17 32.41 6.53
CA GLY A 24 11.49 33.53 5.92
C GLY A 24 10.98 34.59 6.87
N THR A 25 10.86 34.27 8.15
CA THR A 25 10.21 35.16 9.11
C THR A 25 11.21 35.67 10.13
N CYS A 26 10.69 36.39 11.13
CA CYS A 26 11.46 36.97 12.23
C CYS A 26 11.81 35.99 13.33
N PHE A 27 11.55 34.69 13.13
CA PHE A 27 12.06 33.69 14.04
C PHE A 27 13.58 33.61 14.03
N VAL A 28 14.21 34.01 12.92
CA VAL A 28 15.67 33.99 12.85
C VAL A 28 16.26 35.01 13.82
N LYS A 29 15.73 36.23 13.81
CA LYS A 29 16.24 37.27 14.70
C LYS A 29 15.90 36.94 16.14
N PHE A 30 14.70 36.39 16.36
CA PHE A 30 14.29 36.14 17.74
C PHE A 30 15.08 35.00 18.38
N SER A 31 15.40 33.96 17.61
CA SER A 31 16.04 32.79 18.21
C SER A 31 17.49 33.03 18.57
N ILE A 32 18.16 33.94 17.89
CA ILE A 32 19.61 34.07 18.04
C ILE A 32 19.98 34.89 19.27
N VAL A 33 19.31 36.02 19.50
CA VAL A 33 19.76 36.92 20.54
C VAL A 33 19.46 36.40 21.94
N PHE A 34 18.51 35.48 22.06
CA PHE A 34 18.21 34.89 23.36
C PHE A 34 19.36 34.00 23.81
N VAL A 35 19.76 33.07 22.95
CA VAL A 35 20.81 32.14 23.32
C VAL A 35 22.14 32.88 23.33
N MET A 36 22.26 33.98 22.59
CA MET A 36 23.50 34.75 22.64
C MET A 36 23.65 35.43 23.99
N VAL A 37 22.58 36.04 24.52
CA VAL A 37 22.73 36.61 25.85
C VAL A 37 22.71 35.56 26.94
N ARG A 38 22.26 34.32 26.66
CA ARG A 38 22.51 33.26 27.63
C ARG A 38 23.99 32.87 27.65
N ASN A 39 24.61 32.85 26.48
CA ASN A 39 26.04 32.61 26.40
C ASN A 39 26.82 33.77 27.00
N ALA A 40 26.19 34.95 27.07
CA ALA A 40 26.82 36.06 27.76
C ALA A 40 26.95 35.78 29.24
N LEU A 41 26.00 35.05 29.80
CA LEU A 41 26.01 34.80 31.22
C LEU A 41 26.81 33.55 31.56
N GLY A 42 27.02 32.66 30.58
CA GLY A 42 27.92 31.55 30.80
C GLY A 42 27.32 30.26 31.30
N LEU A 43 26.01 30.19 31.47
CA LEU A 43 25.32 29.01 31.98
C LEU A 43 24.49 28.44 30.84
N GLN A 44 24.95 27.35 30.25
CA GLN A 44 24.41 26.97 28.95
C GLN A 44 23.08 26.24 29.00
N GLN A 45 22.61 25.84 30.17
CA GLN A 45 21.37 25.07 30.24
C GLN A 45 20.31 25.74 31.10
N ILE A 46 20.49 27.02 31.43
CA ILE A 46 19.45 27.84 32.03
C ILE A 46 19.43 29.14 31.22
N PRO A 47 18.30 29.51 30.62
CA PRO A 47 16.97 28.93 30.81
C PRO A 47 16.56 27.81 29.86
N SER A 48 17.42 26.81 29.60
CA SER A 48 17.02 25.50 29.10
C SER A 48 16.31 25.57 27.75
N ASN A 49 17.07 25.74 26.66
CA ASN A 49 16.71 26.29 25.36
C ASN A 49 15.34 25.95 24.77
N MET A 50 14.71 24.86 25.22
CA MET A 50 13.32 24.60 24.88
C MET A 50 12.38 25.73 25.33
N THR A 51 12.72 26.44 26.41
CA THR A 51 11.96 27.64 26.75
C THR A 51 12.23 28.78 25.78
N LEU A 52 13.47 28.95 25.33
CA LEU A 52 13.78 30.05 24.43
C LEU A 52 13.15 29.83 23.07
N ASN A 53 13.09 28.59 22.63
CA ASN A 53 12.35 28.26 21.42
C ASN A 53 10.85 28.18 21.65
N GLY A 54 10.40 28.16 22.90
CA GLY A 54 8.98 28.14 23.14
C GLY A 54 8.44 29.56 23.10
N VAL A 55 9.19 30.49 23.67
CA VAL A 55 8.77 31.88 23.68
C VAL A 55 8.96 32.54 22.32
N ALA A 56 10.13 32.33 21.69
CA ALA A 56 10.40 33.00 20.43
C ALA A 56 9.55 32.46 19.28
N LEU A 57 9.00 31.26 19.41
CA LEU A 57 8.03 30.79 18.43
C LEU A 57 6.70 31.51 18.57
N LEU A 58 6.25 31.74 19.81
CA LEU A 58 4.97 32.43 20.00
C LEU A 58 5.08 33.88 19.56
N LEU A 59 6.23 34.50 19.83
CA LEU A 59 6.41 35.88 19.42
C LEU A 59 6.53 35.98 17.90
N SER A 60 7.27 35.07 17.26
CA SER A 60 7.29 35.11 15.80
C SER A 60 5.97 34.63 15.19
N MET A 61 5.10 33.98 15.96
CA MET A 61 3.77 33.69 15.47
C MET A 61 2.95 34.96 15.42
N PHE A 62 3.19 35.87 16.37
CA PHE A 62 2.34 37.05 16.46
C PHE A 62 2.58 38.02 15.32
N VAL A 63 3.74 37.98 14.68
CA VAL A 63 4.00 38.87 13.56
C VAL A 63 3.41 38.29 12.28
N MET A 64 3.61 37.00 12.05
CA MET A 64 3.14 36.33 10.86
C MET A 64 1.64 36.12 10.83
N TRP A 65 0.98 36.18 11.98
CA TRP A 65 -0.44 35.83 12.05
C TRP A 65 -1.41 36.75 11.31
N PRO A 66 -1.28 38.09 11.35
CA PRO A 66 -2.15 38.90 10.48
C PRO A 66 -1.89 38.73 9.01
N ILE A 67 -0.65 38.46 8.62
CA ILE A 67 -0.34 38.23 7.22
C ILE A 67 -0.98 36.93 6.73
N MET A 68 -1.00 35.92 7.60
CA MET A 68 -1.66 34.67 7.26
C MET A 68 -3.17 34.84 7.19
N HIS A 69 -3.74 35.67 8.07
CA HIS A 69 -5.19 35.84 7.96
C HIS A 69 -5.53 36.71 6.75
N ASP A 70 -4.64 37.64 6.38
CA ASP A 70 -4.85 38.50 5.23
C ASP A 70 -4.71 37.76 3.93
N ALA A 71 -4.03 36.62 3.94
CA ALA A 71 -3.86 35.92 2.68
C ALA A 71 -5.17 35.22 2.30
N TYR A 72 -5.81 34.59 3.26
CA TYR A 72 -6.97 33.78 2.94
C TYR A 72 -8.27 34.55 3.07
N VAL A 73 -8.26 35.74 3.69
CA VAL A 73 -9.35 36.68 3.47
C VAL A 73 -9.44 37.06 2.00
N TYR A 74 -8.30 37.36 1.38
CA TYR A 74 -8.32 37.73 -0.03
C TYR A 74 -8.59 36.51 -0.91
N PHE A 75 -7.99 35.37 -0.58
CA PHE A 75 -8.15 34.18 -1.41
C PHE A 75 -9.52 33.53 -1.25
N GLU A 76 -10.29 33.92 -0.23
CA GLU A 76 -11.64 33.39 -0.09
C GLU A 76 -12.55 33.82 -1.23
N ASP A 77 -12.31 34.98 -1.83
CA ASP A 77 -13.05 35.41 -3.00
C ASP A 77 -12.79 34.48 -4.18
N GLU A 78 -13.83 33.75 -4.60
CA GLU A 78 -13.74 32.74 -5.64
C GLU A 78 -13.98 33.30 -7.04
N ASP A 79 -13.83 34.61 -7.21
CA ASP A 79 -14.02 35.29 -8.49
C ASP A 79 -12.73 35.32 -9.31
N VAL A 80 -11.86 34.32 -9.13
CA VAL A 80 -10.54 34.26 -9.74
C VAL A 80 -10.58 33.77 -11.19
N THR A 81 -11.59 32.97 -11.56
CA THR A 81 -11.62 32.39 -12.90
C THR A 81 -11.98 33.45 -13.93
N PHE A 82 -11.23 33.47 -15.03
CA PHE A 82 -11.44 34.45 -16.08
C PHE A 82 -11.11 33.79 -17.41
N ASN A 83 -10.93 34.58 -18.45
CA ASN A 83 -10.67 34.06 -19.79
C ASN A 83 -9.20 33.91 -20.11
N ASP A 84 -8.36 34.84 -19.68
CA ASP A 84 -6.94 34.82 -19.99
C ASP A 84 -6.17 34.05 -18.93
N ILE A 85 -5.12 33.36 -19.38
CA ILE A 85 -4.34 32.54 -18.48
C ILE A 85 -3.47 33.41 -17.58
N SER A 86 -3.03 34.57 -18.06
CA SER A 86 -2.24 35.45 -17.22
C SER A 86 -3.10 36.36 -16.35
N SER A 87 -4.37 36.58 -16.73
CA SER A 87 -5.26 37.40 -15.91
C SER A 87 -5.59 36.72 -14.59
N LEU A 88 -5.69 35.41 -14.58
CA LEU A 88 -5.78 34.69 -13.32
C LEU A 88 -4.42 34.62 -12.63
N SER A 89 -3.33 34.74 -13.39
CA SER A 89 -2.01 34.69 -12.79
C SER A 89 -1.65 35.96 -12.02
N LYS A 90 -2.12 37.12 -12.47
CA LYS A 90 -1.83 38.35 -11.73
C LYS A 90 -2.61 38.40 -10.41
N HIS A 91 -3.75 37.73 -10.37
CA HIS A 91 -4.58 37.75 -9.18
C HIS A 91 -3.92 36.98 -8.05
N VAL A 92 -3.21 35.89 -8.38
CA VAL A 92 -2.53 35.14 -7.34
C VAL A 92 -1.32 35.91 -6.84
N ASP A 93 -0.73 36.76 -7.70
CA ASP A 93 0.34 37.65 -7.23
C ASP A 93 -0.18 38.70 -6.28
N GLU A 94 -1.45 39.11 -6.47
CA GLU A 94 -2.00 40.11 -5.57
C GLU A 94 -2.23 39.52 -4.19
N GLY A 95 -2.44 38.21 -4.11
CA GLY A 95 -2.54 37.57 -2.81
C GLY A 95 -1.20 37.51 -2.09
N LEU A 96 -0.11 37.49 -2.85
CA LEU A 96 1.21 37.36 -2.24
C LEU A 96 1.89 38.70 -1.99
N ASP A 97 1.33 39.81 -2.47
CA ASP A 97 1.95 41.08 -2.15
C ASP A 97 1.73 41.49 -0.70
N GLY A 98 0.72 40.91 -0.04
CA GLY A 98 0.57 41.14 1.39
C GLY A 98 1.71 40.55 2.21
N TYR A 99 2.23 39.39 1.79
CA TYR A 99 3.40 38.84 2.46
C TYR A 99 4.67 39.50 1.98
N ARG A 100 4.71 39.87 0.70
CA ARG A 100 5.89 40.44 0.09
C ARG A 100 6.20 41.81 0.65
N ASP A 101 5.17 42.57 1.03
CA ASP A 101 5.38 43.89 1.60
C ASP A 101 6.03 43.83 2.97
N TYR A 102 5.82 42.73 3.71
CA TYR A 102 6.63 42.51 4.90
C TYR A 102 8.09 42.26 4.55
N LEU A 103 8.32 41.57 3.44
CA LEU A 103 9.64 41.05 3.12
C LEU A 103 10.49 42.07 2.38
N ILE A 104 9.85 42.99 1.67
CA ILE A 104 10.56 44.04 0.96
C ILE A 104 10.97 45.14 1.93
N LYS A 105 10.35 45.20 3.10
CA LYS A 105 10.60 46.29 4.03
C LYS A 105 11.96 46.13 4.71
N TYR A 106 12.35 44.91 5.07
CA TYR A 106 13.53 44.74 5.89
C TYR A 106 14.79 44.43 5.10
N SER A 107 14.68 43.81 3.93
CA SER A 107 15.82 43.48 3.10
C SER A 107 16.40 44.70 2.37
N ASP A 108 17.70 44.63 2.05
CA ASP A 108 18.40 45.73 1.41
C ASP A 108 18.19 45.69 -0.10
N ARG A 109 18.68 46.73 -0.77
CA ARG A 109 18.56 46.87 -2.22
C ARG A 109 19.80 46.38 -2.95
N GLU A 110 20.53 45.45 -2.39
CA GLU A 110 21.78 45.05 -3.03
C GLU A 110 21.76 43.60 -3.45
N LEU A 111 21.12 42.75 -2.68
CA LEU A 111 21.04 41.37 -3.09
C LEU A 111 19.79 41.11 -3.90
N VAL A 112 18.77 41.98 -3.84
CA VAL A 112 17.49 41.65 -4.44
C VAL A 112 17.54 41.77 -5.98
N GLN A 113 18.24 42.79 -6.51
CA GLN A 113 18.46 42.83 -7.95
C GLN A 113 19.67 41.99 -8.35
N PHE A 114 20.51 41.61 -7.39
CA PHE A 114 21.62 40.73 -7.69
C PHE A 114 21.11 39.33 -7.89
N PHE A 115 19.99 39.00 -7.25
CA PHE A 115 19.38 37.69 -7.40
C PHE A 115 18.18 37.74 -8.35
N GLU A 116 18.17 38.70 -9.28
CA GLU A 116 17.13 38.73 -10.30
C GLU A 116 17.73 38.80 -11.69
N ASN A 117 18.92 39.39 -11.81
CA ASN A 117 19.61 39.37 -13.08
C ASN A 117 20.33 38.05 -13.32
N ALA A 118 20.83 37.42 -12.27
CA ALA A 118 21.54 36.15 -12.40
C ALA A 118 20.56 34.98 -12.47
N PRO A 141 8.89 42.89 -8.02
CA PRO A 141 10.08 42.06 -7.87
C PRO A 141 9.75 40.60 -7.65
N SER A 142 10.72 39.72 -7.87
CA SER A 142 10.51 38.30 -7.65
C SER A 142 10.49 38.00 -6.16
N ILE A 143 9.81 36.91 -5.80
CA ILE A 143 9.75 36.49 -4.41
C ILE A 143 11.03 35.77 -4.00
N PHE A 144 11.49 34.85 -4.84
CA PHE A 144 12.60 33.96 -4.54
C PHE A 144 13.95 34.66 -4.44
N ALA A 145 14.05 35.93 -4.86
CA ALA A 145 15.26 36.70 -4.67
C ALA A 145 15.39 37.29 -3.28
N LEU A 146 14.33 37.25 -2.48
CA LEU A 146 14.26 38.07 -1.27
C LEU A 146 14.55 37.31 0.03
N LEU A 147 14.23 36.02 0.09
CA LEU A 147 14.45 35.25 1.31
C LEU A 147 15.90 35.09 1.75
N PRO A 148 16.89 34.74 0.91
CA PRO A 148 18.27 34.72 1.42
C PRO A 148 18.84 36.09 1.71
N ALA A 149 18.35 37.13 1.05
CA ALA A 149 18.73 38.48 1.44
C ALA A 149 18.11 38.85 2.76
N TYR A 150 16.96 38.24 3.05
CA TYR A 150 16.25 38.57 4.27
C TYR A 150 16.98 37.95 5.44
N ALA A 151 17.24 36.64 5.36
CA ALA A 151 17.84 35.97 6.50
C ALA A 151 19.29 36.40 6.70
N LEU A 152 19.97 36.83 5.62
CA LEU A 152 21.32 37.33 5.78
C LEU A 152 21.31 38.70 6.43
N SER A 153 20.26 39.50 6.14
CA SER A 153 20.19 40.80 6.77
C SER A 153 19.78 40.66 8.22
N GLU A 154 18.94 39.68 8.53
CA GLU A 154 18.47 39.54 9.90
C GLU A 154 19.58 39.02 10.80
N ILE A 155 20.46 38.17 10.26
CA ILE A 155 21.62 37.73 11.03
C ILE A 155 22.57 38.89 11.30
N LYS A 156 22.79 39.73 10.28
CA LYS A 156 23.58 40.94 10.46
C LYS A 156 22.92 41.93 11.42
N SER A 157 21.59 41.96 11.45
CA SER A 157 20.89 42.76 12.45
C SER A 157 20.92 42.12 13.83
N ALA A 158 21.17 40.82 13.92
CA ALA A 158 21.17 40.16 15.21
C ALA A 158 22.51 40.37 15.92
N PHE A 159 23.56 40.56 15.14
CA PHE A 159 24.87 40.59 15.79
C PHE A 159 25.10 41.94 16.47
N LYS A 160 24.69 43.04 15.84
CA LYS A 160 24.97 44.34 16.43
C LYS A 160 24.10 44.63 17.65
N ILE A 161 22.95 43.97 17.78
CA ILE A 161 22.18 44.10 19.01
C ILE A 161 22.75 43.17 20.09
N GLY A 162 23.30 42.02 19.69
CA GLY A 162 23.94 41.17 20.69
C GLY A 162 25.23 41.77 21.21
N PHE A 163 25.89 42.61 20.43
CA PHE A 163 27.15 43.19 20.87
C PHE A 163 26.91 44.29 21.91
N TYR A 164 25.85 45.08 21.69
CA TYR A 164 25.54 46.13 22.65
C TYR A 164 24.98 45.53 23.93
N LEU A 165 24.35 44.37 23.84
CA LEU A 165 24.01 43.69 25.09
C LEU A 165 25.21 42.99 25.70
N TYR A 166 26.26 42.75 24.91
CA TYR A 166 27.44 42.05 25.42
C TYR A 166 28.35 42.90 26.27
N LEU A 167 28.55 44.17 25.90
CA LEU A 167 29.51 45.02 26.64
C LEU A 167 29.26 45.24 28.14
N PRO A 168 28.02 45.38 28.66
CA PRO A 168 27.88 45.46 30.11
C PRO A 168 28.07 44.14 30.82
N PHE A 169 28.35 43.06 30.11
CA PHE A 169 28.77 41.84 30.76
C PHE A 169 30.26 41.62 30.61
N VAL A 170 30.93 42.47 29.82
CA VAL A 170 32.38 42.45 29.69
C VAL A 170 32.94 43.70 30.38
N VAL A 171 32.17 44.27 31.30
CA VAL A 171 32.76 45.28 32.19
C VAL A 171 32.60 44.82 33.65
N VAL A 172 31.59 44.00 33.90
CA VAL A 172 31.33 43.58 35.28
C VAL A 172 32.26 42.44 35.68
N ASP A 173 32.67 41.59 34.75
CA ASP A 173 33.69 40.62 35.11
C ASP A 173 35.06 41.28 35.17
N LEU A 174 35.22 42.37 34.43
CA LEU A 174 36.51 43.05 34.36
C LEU A 174 36.79 43.77 35.66
N VAL A 175 35.75 44.18 36.38
CA VAL A 175 36.02 44.91 37.61
C VAL A 175 36.25 43.92 38.75
N VAL A 176 35.54 42.78 38.75
CA VAL A 176 35.67 41.84 39.86
C VAL A 176 36.99 41.09 39.75
N SER A 177 37.52 40.92 38.52
CA SER A 177 38.84 40.32 38.46
C SER A 177 39.93 41.34 38.70
N SER A 178 39.59 42.63 38.69
CA SER A 178 40.54 43.67 39.04
C SER A 178 40.69 43.79 40.55
N VAL A 179 39.58 43.66 41.28
CA VAL A 179 39.66 43.74 42.75
C VAL A 179 40.44 42.57 43.36
N LEU A 180 40.44 41.41 42.71
CA LEU A 180 41.32 40.33 43.15
C LEU A 180 42.79 40.66 42.93
N LEU A 181 43.12 41.43 41.91
CA LEU A 181 44.49 41.91 41.77
C LEU A 181 44.78 43.10 42.67
N ALA A 182 43.73 43.80 43.12
CA ALA A 182 43.92 44.85 44.10
C ALA A 182 44.28 44.27 45.46
N LEU A 183 43.67 43.14 45.79
CA LEU A 183 44.09 42.40 46.98
C LEU A 183 45.18 41.41 46.57
N GLY A 184 45.56 40.52 47.47
CA GLY A 184 46.48 39.46 47.12
C GLY A 184 45.76 38.21 46.70
N MET A 185 44.86 38.32 45.73
CA MET A 185 43.97 37.22 45.37
C MET A 185 44.14 36.81 43.91
N MET A 186 45.37 36.70 43.46
CA MET A 186 45.63 36.45 42.05
C MET A 186 45.34 35.02 41.64
N MET A 187 45.52 34.05 42.54
CA MET A 187 45.61 32.65 42.15
C MET A 187 44.27 31.92 42.15
N MET A 188 43.17 32.60 42.43
CA MET A 188 41.87 31.94 42.43
C MET A 188 41.18 32.13 41.08
N SER A 189 40.27 31.21 40.79
CA SER A 189 39.52 31.30 39.55
C SER A 189 38.48 32.41 39.66
N PRO A 190 38.38 33.29 38.67
CA PRO A 190 37.41 34.40 38.75
C PRO A 190 36.06 34.10 38.14
N VAL A 191 35.92 33.04 37.36
CA VAL A 191 34.63 32.77 36.75
C VAL A 191 33.65 32.15 37.75
N THR A 192 34.17 31.46 38.78
CA THR A 192 33.32 30.89 39.83
C THR A 192 32.80 31.96 40.78
N ILE A 193 33.31 33.17 40.69
CA ILE A 193 32.86 34.28 41.50
C ILE A 193 32.03 35.24 40.66
N SER A 194 32.47 35.50 39.44
CA SER A 194 31.82 36.50 38.61
C SER A 194 30.48 36.02 38.07
N THR A 195 30.31 34.70 37.85
CA THR A 195 29.04 34.26 37.25
C THR A 195 27.78 34.43 38.11
N PRO A 196 27.78 34.21 39.44
CA PRO A 196 26.60 34.60 40.22
C PRO A 196 26.39 36.10 40.30
N ILE A 197 27.47 36.89 40.25
CA ILE A 197 27.31 38.33 40.31
C ILE A 197 26.71 38.82 39.01
N LYS A 198 27.13 38.24 37.89
CA LYS A 198 26.57 38.64 36.61
C LYS A 198 25.11 38.22 36.50
N LEU A 199 24.73 37.12 37.14
CA LEU A 199 23.34 36.67 37.00
C LEU A 199 22.39 37.45 37.90
N VAL A 200 22.84 37.79 39.12
CA VAL A 200 21.94 38.36 40.12
C VAL A 200 21.54 39.78 39.73
N LEU A 201 22.51 40.63 39.40
CA LEU A 201 22.15 41.99 39.05
C LEU A 201 21.46 42.07 37.70
N PHE A 202 21.62 41.04 36.87
CA PHE A 202 20.89 41.02 35.61
C PHE A 202 19.42 40.71 35.85
N VAL A 203 19.12 39.82 36.81
CA VAL A 203 17.71 39.55 37.01
C VAL A 203 17.14 40.64 37.91
N ALA A 204 18.00 41.32 38.67
CA ALA A 204 17.56 42.43 39.51
C ALA A 204 17.27 43.68 38.69
N LEU A 205 17.81 43.79 37.49
CA LEU A 205 17.37 44.88 36.63
C LEU A 205 16.16 44.48 35.78
N ASP A 206 15.67 43.26 35.97
CA ASP A 206 14.56 42.66 35.22
C ASP A 206 14.80 42.71 33.70
N GLY A 207 16.01 42.30 33.31
CA GLY A 207 16.44 42.44 31.91
C GLY A 207 15.79 41.49 30.93
N TRP A 208 15.31 40.33 31.40
CA TRP A 208 14.72 39.35 30.49
C TRP A 208 13.36 39.79 29.98
N THR A 209 12.66 40.63 30.73
CA THR A 209 11.45 41.21 30.20
C THR A 209 11.75 42.50 29.44
N LEU A 210 12.98 43.00 29.54
CA LEU A 210 13.34 44.22 28.83
C LEU A 210 13.74 43.92 27.40
N LEU A 211 14.67 42.97 27.20
CA LEU A 211 15.15 42.77 25.83
C LEU A 211 14.15 42.01 24.96
N SER A 212 13.20 41.32 25.55
CA SER A 212 12.14 40.70 24.75
C SER A 212 11.21 41.76 24.18
N LYS A 213 10.70 42.63 25.05
CA LYS A 213 9.76 43.64 24.58
C LYS A 213 10.48 44.73 23.80
N GLY A 214 11.79 44.89 23.98
CA GLY A 214 12.53 45.82 23.16
C GLY A 214 12.73 45.33 21.75
N LEU A 215 12.49 44.04 21.52
CA LEU A 215 12.57 43.44 20.20
C LEU A 215 11.22 43.37 19.53
N ILE A 216 10.16 43.14 20.31
CA ILE A 216 8.85 42.96 19.66
C ILE A 216 8.27 44.29 19.22
N LEU A 217 8.71 45.40 19.81
CA LEU A 217 8.30 46.72 19.35
C LEU A 217 8.89 47.07 18.00
N GLN A 218 9.99 46.42 17.62
CA GLN A 218 10.60 46.73 16.34
C GLN A 218 9.73 46.24 15.21
N TYR A 219 9.18 45.03 15.37
CA TYR A 219 8.44 44.42 14.29
C TYR A 219 6.99 44.89 14.27
N MET A 220 6.35 44.91 15.44
CA MET A 220 4.93 45.23 15.52
C MET A 220 4.65 46.34 16.51
N ASP A 221 3.42 46.83 16.45
CA ASP A 221 2.88 47.66 17.53
C ASP A 221 2.36 46.71 18.59
N ILE A 222 3.26 46.35 19.50
CA ILE A 222 2.93 45.42 20.55
C ILE A 222 1.98 46.08 21.54
N ALA A 223 1.18 45.25 22.20
CA ALA A 223 0.14 45.66 23.15
C ALA A 223 -0.84 46.69 22.58
N ASN B 3 8.23 5.85 -25.71
CA ASN B 3 7.45 6.82 -24.97
C ASN B 3 7.50 6.55 -23.47
N ASP B 4 7.21 5.31 -23.09
CA ASP B 4 7.15 4.94 -21.69
C ASP B 4 8.53 4.80 -21.04
N ILE B 5 9.60 4.78 -21.83
CA ILE B 5 10.93 4.84 -21.25
C ILE B 5 11.29 6.26 -20.82
N SER B 6 10.69 7.27 -21.44
CA SER B 6 10.94 8.64 -21.02
C SER B 6 10.30 8.95 -19.68
N LEU B 7 9.19 8.30 -19.36
CA LEU B 7 8.53 8.63 -18.11
C LEU B 7 9.21 7.93 -16.94
N ILE B 8 9.69 6.71 -17.15
CA ILE B 8 10.41 6.02 -16.08
C ILE B 8 11.77 6.70 -15.88
N ALA B 9 12.34 7.29 -16.94
CA ALA B 9 13.61 7.98 -16.76
C ALA B 9 13.44 9.30 -16.03
N LEU B 10 12.34 10.01 -16.28
CA LEU B 10 12.12 11.26 -15.55
C LEU B 10 11.72 10.96 -14.11
N LEU B 11 10.97 9.89 -13.89
CA LEU B 11 10.60 9.54 -12.53
C LEU B 11 11.81 9.06 -11.75
N ALA B 12 12.76 8.42 -12.43
CA ALA B 12 13.98 8.04 -11.74
C ALA B 12 14.81 9.27 -11.41
N PHE B 13 14.73 10.32 -12.24
CA PHE B 13 15.46 11.53 -11.89
C PHE B 13 14.81 12.24 -10.72
N SER B 14 13.48 12.15 -10.61
CA SER B 14 12.83 12.79 -9.46
C SER B 14 13.11 12.04 -8.18
N THR B 15 13.33 10.72 -8.28
CA THR B 15 13.66 10.00 -7.06
C THR B 15 15.10 10.27 -6.65
N LEU B 16 16.03 10.28 -7.62
CA LEU B 16 17.43 10.49 -7.31
C LEU B 16 17.82 11.94 -7.05
N LEU B 17 16.89 12.87 -7.26
CA LEU B 17 17.21 14.30 -7.15
C LEU B 17 17.81 14.78 -5.83
N PRO B 18 17.42 14.28 -4.64
CA PRO B 18 18.15 14.72 -3.45
C PRO B 18 19.59 14.28 -3.41
N PHE B 19 19.94 13.13 -3.96
CA PHE B 19 21.33 12.72 -3.84
C PHE B 19 22.20 13.44 -4.86
N ILE B 20 21.61 13.80 -6.01
CA ILE B 20 22.36 14.56 -7.00
C ILE B 20 22.61 15.97 -6.52
N ILE B 21 21.59 16.61 -5.94
CA ILE B 21 21.85 17.95 -5.39
C ILE B 21 22.69 17.87 -4.12
N ALA B 22 22.65 16.75 -3.40
CA ALA B 22 23.53 16.57 -2.24
C ALA B 22 24.99 16.36 -2.62
N SER B 23 25.28 15.77 -3.77
CA SER B 23 26.67 15.43 -4.06
C SER B 23 27.21 16.09 -5.31
N GLY B 24 26.47 16.04 -6.41
CA GLY B 24 26.97 16.36 -7.73
C GLY B 24 27.12 17.83 -8.03
N THR B 25 26.22 18.67 -7.53
CA THR B 25 26.26 20.07 -7.91
C THR B 25 27.15 20.83 -6.94
N CYS B 26 27.10 22.16 -7.00
CA CYS B 26 27.95 23.01 -6.18
C CYS B 26 27.41 23.28 -4.79
N PHE B 27 26.41 22.53 -4.33
CA PHE B 27 25.83 22.75 -3.00
C PHE B 27 26.83 22.45 -1.89
N VAL B 28 27.74 21.51 -2.14
CA VAL B 28 28.75 21.15 -1.14
C VAL B 28 29.74 22.27 -0.91
N LYS B 29 29.95 23.15 -1.90
CA LYS B 29 30.81 24.30 -1.65
C LYS B 29 30.12 25.31 -0.74
N PHE B 30 28.79 25.34 -0.77
CA PHE B 30 28.07 26.29 0.03
C PHE B 30 27.95 25.82 1.48
N SER B 31 27.29 24.67 1.67
CA SER B 31 26.91 24.24 3.01
C SER B 31 28.09 23.85 3.88
N ILE B 32 29.24 23.56 3.30
CA ILE B 32 30.43 23.32 4.11
C ILE B 32 30.97 24.63 4.67
N VAL B 33 31.11 25.64 3.81
CA VAL B 33 31.79 26.85 4.24
C VAL B 33 30.86 27.73 5.05
N PHE B 34 29.55 27.48 4.99
CA PHE B 34 28.66 28.22 5.86
C PHE B 34 28.88 27.82 7.32
N VAL B 35 28.90 26.51 7.59
CA VAL B 35 29.11 26.06 8.97
C VAL B 35 30.58 26.19 9.37
N MET B 36 31.45 26.41 8.38
CA MET B 36 32.84 26.72 8.72
C MET B 36 32.96 28.06 9.42
N VAL B 37 32.10 29.03 9.08
CA VAL B 37 32.16 30.31 9.76
C VAL B 37 31.62 30.19 11.18
N ARG B 38 30.62 29.35 11.39
CA ARG B 38 30.05 29.18 12.73
C ARG B 38 31.06 28.54 13.66
N ASN B 39 31.79 27.54 13.14
CA ASN B 39 32.86 26.98 13.97
C ASN B 39 34.05 27.91 14.04
N ALA B 40 34.19 28.84 13.11
CA ALA B 40 35.26 29.81 13.25
C ALA B 40 34.94 30.79 14.36
N LEU B 41 33.67 31.14 14.52
CA LEU B 41 33.29 32.06 15.58
C LEU B 41 33.25 31.36 16.93
N GLY B 42 33.15 30.04 16.95
CA GLY B 42 33.05 29.34 18.21
C GLY B 42 31.64 29.05 18.71
N LEU B 43 30.62 29.56 18.04
CA LEU B 43 29.27 29.22 18.42
C LEU B 43 28.95 27.80 17.98
N GLN B 44 28.12 27.11 18.77
CA GLN B 44 27.81 25.72 18.48
C GLN B 44 26.44 25.53 17.83
N GLN B 45 25.41 26.23 18.29
CA GLN B 45 24.07 26.00 17.78
C GLN B 45 23.44 27.29 17.25
N ILE B 46 24.27 28.27 16.90
CA ILE B 46 23.79 29.58 16.49
C ILE B 46 24.49 29.90 15.17
N PRO B 47 23.76 30.08 14.08
CA PRO B 47 22.33 30.22 13.93
C PRO B 47 21.57 28.95 13.54
N SER B 48 21.80 27.82 14.23
CA SER B 48 20.93 26.64 14.15
C SER B 48 20.80 26.06 12.75
N ASN B 49 21.82 25.33 12.31
CA ASN B 49 22.16 24.99 10.92
C ASN B 49 21.05 24.49 10.00
N MET B 50 19.89 24.14 10.55
CA MET B 50 18.69 23.91 9.74
C MET B 50 18.33 25.13 8.88
N THR B 51 18.45 26.34 9.44
CA THR B 51 18.24 27.55 8.65
C THR B 51 19.37 27.79 7.66
N LEU B 52 20.61 27.56 8.10
CA LEU B 52 21.77 27.80 7.26
C LEU B 52 21.84 26.84 6.08
N ASN B 53 21.26 25.63 6.22
CA ASN B 53 21.12 24.79 5.04
C ASN B 53 20.10 25.35 4.08
N GLY B 54 19.12 26.11 4.59
CA GLY B 54 18.12 26.71 3.72
C GLY B 54 18.76 27.79 2.86
N VAL B 55 19.52 28.67 3.52
CA VAL B 55 20.14 29.76 2.76
C VAL B 55 21.23 29.21 1.85
N ALA B 56 21.80 28.03 2.13
CA ALA B 56 22.71 27.45 1.16
C ALA B 56 21.99 26.78 0.00
N LEU B 57 20.74 26.38 0.22
CA LEU B 57 20.02 25.69 -0.83
C LEU B 57 19.45 26.68 -1.83
N LEU B 58 18.92 27.80 -1.37
CA LEU B 58 18.34 28.75 -2.32
C LEU B 58 19.43 29.39 -3.19
N LEU B 59 20.64 29.54 -2.64
CA LEU B 59 21.75 30.05 -3.42
C LEU B 59 22.22 29.02 -4.43
N SER B 60 22.34 27.75 -4.04
CA SER B 60 22.84 26.77 -5.00
C SER B 60 21.81 26.45 -6.09
N MET B 61 20.53 26.47 -5.74
CA MET B 61 19.48 26.31 -6.74
C MET B 61 19.40 27.51 -7.68
N PHE B 62 19.78 28.70 -7.20
CA PHE B 62 19.65 29.88 -8.04
C PHE B 62 20.65 29.86 -9.18
N VAL B 63 21.77 29.18 -8.99
CA VAL B 63 22.83 29.19 -10.00
C VAL B 63 22.79 27.88 -10.78
N MET B 64 22.22 26.81 -10.23
CA MET B 64 22.11 25.58 -11.00
C MET B 64 20.95 25.65 -11.99
N TRP B 65 19.91 26.44 -11.68
CA TRP B 65 18.73 26.56 -12.53
C TRP B 65 18.93 26.97 -14.01
N PRO B 66 19.86 27.85 -14.40
CA PRO B 66 20.05 28.10 -15.86
C PRO B 66 20.52 26.91 -16.68
N ILE B 67 21.34 26.03 -16.13
CA ILE B 67 21.70 24.83 -16.88
C ILE B 67 20.52 23.87 -16.91
N MET B 68 19.71 23.87 -15.85
CA MET B 68 18.51 23.06 -15.81
C MET B 68 17.47 23.51 -16.83
N HIS B 69 17.42 24.81 -17.11
CA HIS B 69 16.49 25.32 -18.13
C HIS B 69 16.89 24.87 -19.53
N ASP B 70 18.18 24.66 -19.77
CA ASP B 70 18.62 24.12 -21.05
C ASP B 70 18.11 22.70 -21.29
N ALA B 71 17.89 21.94 -20.22
CA ALA B 71 17.43 20.56 -20.36
C ALA B 71 16.01 20.49 -20.90
N TYR B 72 15.21 21.52 -20.69
CA TYR B 72 13.85 21.53 -21.22
C TYR B 72 13.85 21.72 -22.73
N VAL B 73 14.46 22.82 -23.19
CA VAL B 73 14.35 23.26 -24.58
C VAL B 73 15.05 22.32 -25.54
N TYR B 74 15.98 21.51 -25.06
CA TYR B 74 16.50 20.41 -25.87
C TYR B 74 15.56 19.21 -25.90
N PHE B 75 14.82 18.95 -24.83
CA PHE B 75 14.09 17.69 -24.71
C PHE B 75 12.58 17.78 -24.87
N GLU B 76 11.98 18.96 -24.74
CA GLU B 76 10.55 19.10 -24.98
C GLU B 76 10.17 19.24 -26.45
N ASP B 77 11.13 19.24 -27.38
CA ASP B 77 10.81 19.41 -28.79
C ASP B 77 10.37 18.08 -29.41
N GLU B 78 9.87 18.15 -30.64
CA GLU B 78 9.30 17.02 -31.35
C GLU B 78 10.25 16.37 -32.35
N ASP B 79 11.48 16.88 -32.48
CA ASP B 79 12.49 16.38 -33.40
C ASP B 79 13.28 15.19 -32.84
N VAL B 80 12.74 14.51 -31.82
CA VAL B 80 13.40 13.36 -31.22
C VAL B 80 13.26 12.07 -32.01
N THR B 81 12.38 12.02 -33.00
CA THR B 81 12.18 10.80 -33.77
C THR B 81 13.35 10.55 -34.73
N PHE B 82 14.27 9.69 -34.31
CA PHE B 82 15.36 9.21 -35.14
C PHE B 82 15.16 7.72 -35.34
N ASN B 83 15.18 7.26 -36.59
CA ASN B 83 14.86 5.87 -36.84
C ASN B 83 15.99 4.93 -36.43
N ASP B 84 17.23 5.40 -36.45
CA ASP B 84 18.37 4.59 -36.01
C ASP B 84 18.69 4.95 -34.57
N ILE B 85 18.99 3.93 -33.76
CA ILE B 85 19.07 4.11 -32.32
C ILE B 85 20.38 4.77 -31.87
N SER B 86 21.40 4.78 -32.73
CA SER B 86 22.66 5.37 -32.32
C SER B 86 22.64 6.89 -32.42
N SER B 87 21.94 7.45 -33.41
CA SER B 87 21.84 8.91 -33.46
C SER B 87 20.98 9.43 -32.31
N LEU B 88 19.93 8.69 -31.95
CA LEU B 88 19.13 9.04 -30.78
C LEU B 88 19.95 8.97 -29.49
N SER B 89 20.87 7.99 -29.42
CA SER B 89 21.82 7.93 -28.32
C SER B 89 22.76 9.12 -28.30
N LYS B 90 23.30 9.50 -29.46
CA LYS B 90 24.14 10.69 -29.48
C LYS B 90 23.34 11.97 -29.30
N HIS B 91 22.03 11.92 -29.58
CA HIS B 91 21.16 13.07 -29.35
C HIS B 91 21.04 13.33 -27.86
N VAL B 92 20.77 12.27 -27.09
CA VAL B 92 20.65 12.51 -25.67
C VAL B 92 22.03 12.62 -25.02
N ASP B 93 23.09 12.21 -25.73
CA ASP B 93 24.44 12.59 -25.30
C ASP B 93 24.62 14.09 -25.38
N GLU B 94 24.16 14.72 -26.46
CA GLU B 94 24.31 16.15 -26.63
C GLU B 94 23.31 16.94 -25.80
N GLY B 95 22.30 16.29 -25.24
CA GLY B 95 21.39 17.01 -24.37
C GLY B 95 21.99 17.38 -23.03
N LEU B 96 22.72 16.45 -22.43
CA LEU B 96 23.40 16.66 -21.16
C LEU B 96 24.75 17.35 -21.31
N ASP B 97 25.06 17.82 -22.51
CA ASP B 97 26.38 18.36 -22.82
C ASP B 97 26.67 19.66 -22.08
N GLY B 98 25.65 20.45 -21.75
CA GLY B 98 25.90 21.65 -20.95
C GLY B 98 26.28 21.33 -19.52
N TYR B 99 25.64 20.30 -18.94
CA TYR B 99 25.99 19.87 -17.59
C TYR B 99 27.38 19.25 -17.57
N ARG B 100 27.67 18.42 -18.59
CA ARG B 100 28.99 17.80 -18.67
C ARG B 100 30.06 18.84 -18.86
N ASP B 101 29.76 19.90 -19.62
CA ASP B 101 30.70 20.98 -19.84
C ASP B 101 30.92 21.77 -18.55
N TYR B 102 29.90 21.82 -17.69
CA TYR B 102 30.02 22.55 -16.43
C TYR B 102 30.91 21.77 -15.46
N LEU B 103 30.74 20.45 -15.44
CA LEU B 103 31.56 19.64 -14.56
C LEU B 103 32.99 19.63 -15.06
N ILE B 104 33.18 19.67 -16.39
CA ILE B 104 34.53 19.72 -16.93
C ILE B 104 35.16 21.06 -16.57
N LYS B 105 34.35 22.12 -16.52
CA LYS B 105 34.89 23.44 -16.21
C LYS B 105 35.35 23.51 -14.76
N TYR B 106 34.71 22.74 -13.87
CA TYR B 106 35.03 22.86 -12.45
C TYR B 106 35.72 21.66 -11.83
N SER B 107 36.09 20.64 -12.60
CA SER B 107 36.83 19.51 -12.05
C SER B 107 38.28 19.51 -12.53
N ASP B 108 39.16 18.92 -11.72
CA ASP B 108 40.57 18.80 -12.07
C ASP B 108 40.76 17.77 -13.19
N ARG B 109 41.76 18.03 -14.04
CA ARG B 109 41.87 17.26 -15.29
C ARG B 109 42.36 15.83 -15.06
N GLU B 110 43.52 15.68 -14.44
CA GLU B 110 44.18 14.36 -14.40
C GLU B 110 43.49 13.35 -13.51
N LEU B 111 42.66 13.81 -12.55
CA LEU B 111 41.93 12.86 -11.72
C LEU B 111 40.83 12.19 -12.54
N VAL B 112 40.26 12.92 -13.49
CA VAL B 112 39.18 12.38 -14.30
C VAL B 112 39.72 11.27 -15.18
N GLN B 113 40.86 11.52 -15.84
CA GLN B 113 41.38 10.49 -16.73
C GLN B 113 41.97 9.33 -15.93
N PHE B 114 42.32 9.56 -14.65
CA PHE B 114 42.69 8.42 -13.81
C PHE B 114 41.47 7.57 -13.53
N PHE B 115 40.31 8.19 -13.36
CA PHE B 115 39.13 7.42 -13.01
C PHE B 115 38.52 6.73 -14.21
N GLU B 116 38.49 7.39 -15.37
CA GLU B 116 38.02 6.69 -16.56
C GLU B 116 39.11 5.79 -17.15
N ASN B 117 40.32 5.80 -16.61
CA ASN B 117 41.24 4.70 -16.85
C ASN B 117 40.71 3.42 -16.23
N ALA B 118 40.01 3.54 -15.10
CA ALA B 118 39.27 2.48 -14.41
C ALA B 118 40.12 1.25 -14.05
N LYS B 140 33.83 15.11 -23.84
CA LYS B 140 34.48 13.88 -24.28
C LYS B 140 34.63 12.77 -23.20
N PRO B 141 35.03 13.06 -21.95
CA PRO B 141 34.94 12.01 -20.92
C PRO B 141 33.50 11.77 -20.49
N SER B 142 33.28 10.63 -19.84
CA SER B 142 31.96 10.24 -19.40
C SER B 142 31.54 11.03 -18.17
N ILE B 143 30.24 11.35 -18.11
CA ILE B 143 29.70 12.06 -16.96
C ILE B 143 29.71 11.19 -15.72
N PHE B 144 29.69 9.87 -15.89
CA PHE B 144 29.69 8.95 -14.77
C PHE B 144 31.04 8.90 -14.06
N ALA B 145 32.12 9.25 -14.75
CA ALA B 145 33.46 9.11 -14.21
C ALA B 145 33.94 10.35 -13.48
N LEU B 146 33.60 11.53 -13.97
CA LEU B 146 34.06 12.76 -13.36
C LEU B 146 33.30 13.14 -12.10
N LEU B 147 32.18 12.49 -11.83
CA LEU B 147 31.34 12.85 -10.69
C LEU B 147 32.01 12.74 -9.32
N PRO B 148 32.78 11.70 -8.95
CA PRO B 148 33.53 11.81 -7.70
C PRO B 148 34.70 12.76 -7.80
N ALA B 149 35.23 12.98 -9.00
CA ALA B 149 36.35 13.88 -9.16
C ALA B 149 35.95 15.32 -8.97
N TYR B 150 34.67 15.62 -9.14
CA TYR B 150 34.21 16.98 -8.88
C TYR B 150 34.19 17.23 -7.38
N ALA B 151 33.58 16.30 -6.64
CA ALA B 151 33.37 16.49 -5.21
C ALA B 151 34.69 16.46 -4.44
N LEU B 152 35.61 15.58 -4.84
CA LEU B 152 36.87 15.47 -4.11
C LEU B 152 37.73 16.72 -4.32
N SER B 153 37.59 17.38 -5.46
CA SER B 153 38.21 18.69 -5.62
C SER B 153 37.40 19.77 -4.90
N GLU B 154 36.10 19.57 -4.75
CA GLU B 154 35.24 20.63 -4.24
C GLU B 154 35.40 20.80 -2.74
N ILE B 155 35.49 19.69 -2.00
CA ILE B 155 35.74 19.79 -0.56
C ILE B 155 37.13 20.37 -0.32
N LYS B 156 38.08 20.02 -1.19
CA LYS B 156 39.43 20.58 -1.09
C LYS B 156 39.45 22.07 -1.37
N SER B 157 38.61 22.54 -2.29
CA SER B 157 38.49 23.98 -2.47
C SER B 157 37.68 24.63 -1.37
N ALA B 158 36.84 23.87 -0.68
CA ALA B 158 36.09 24.45 0.43
C ALA B 158 36.98 24.61 1.65
N PHE B 159 38.00 23.78 1.77
CA PHE B 159 38.85 23.84 2.94
C PHE B 159 39.87 24.96 2.82
N LYS B 160 40.20 25.38 1.61
CA LYS B 160 41.09 26.52 1.43
C LYS B 160 40.46 27.81 1.93
N ILE B 161 39.22 28.08 1.53
CA ILE B 161 38.50 29.21 2.11
C ILE B 161 37.99 28.95 3.52
N GLY B 162 37.98 27.69 3.95
CA GLY B 162 37.85 27.41 5.38
C GLY B 162 39.06 27.82 6.17
N PHE B 163 40.24 27.64 5.61
CA PHE B 163 41.45 28.01 6.32
C PHE B 163 41.60 29.52 6.28
N TYR B 164 41.25 30.13 5.14
CA TYR B 164 41.49 31.55 4.97
C TYR B 164 40.53 32.34 5.84
N LEU B 165 39.27 31.90 5.94
CA LEU B 165 38.31 32.65 6.73
C LEU B 165 38.55 32.46 8.21
N TYR B 166 39.15 31.34 8.59
CA TYR B 166 39.48 31.11 9.99
C TYR B 166 40.65 31.99 10.42
N LEU B 167 41.59 32.21 9.51
CA LEU B 167 42.88 32.87 9.80
C LEU B 167 42.94 34.24 10.50
N PRO B 168 41.95 35.14 10.39
CA PRO B 168 42.01 36.32 11.27
C PRO B 168 41.73 36.03 12.72
N PHE B 169 40.88 35.06 13.00
CA PHE B 169 40.39 34.91 14.36
C PHE B 169 41.43 34.26 15.26
N VAL B 170 42.40 33.55 14.69
CA VAL B 170 43.46 33.03 15.53
C VAL B 170 44.42 34.17 15.92
N VAL B 171 44.53 35.19 15.08
CA VAL B 171 45.30 36.38 15.45
C VAL B 171 44.57 37.15 16.54
N VAL B 172 43.24 37.17 16.48
CA VAL B 172 42.47 37.80 17.55
C VAL B 172 42.62 37.01 18.85
N ASP B 173 42.66 35.68 18.73
CA ASP B 173 42.72 34.81 19.89
C ASP B 173 44.08 34.87 20.54
N LEU B 174 45.10 35.27 19.80
CA LEU B 174 46.42 35.39 20.40
C LEU B 174 46.63 36.76 20.98
N VAL B 175 46.06 37.79 20.35
CA VAL B 175 46.32 39.14 20.85
C VAL B 175 45.54 39.36 22.15
N VAL B 176 44.42 38.66 22.32
CA VAL B 176 43.68 38.86 23.56
C VAL B 176 44.40 38.15 24.70
N SER B 177 45.13 37.08 24.40
CA SER B 177 45.87 36.44 25.47
C SER B 177 47.13 37.22 25.79
N SER B 178 47.65 37.96 24.81
CA SER B 178 48.88 38.70 25.08
C SER B 178 48.58 39.87 25.99
N VAL B 179 47.46 40.57 25.74
CA VAL B 179 47.12 41.68 26.63
C VAL B 179 46.66 41.19 28.01
N LEU B 180 46.05 39.99 28.08
CA LEU B 180 45.74 39.44 29.41
C LEU B 180 47.00 39.04 30.17
N LEU B 181 47.99 38.44 29.49
CA LEU B 181 49.24 38.14 30.16
C LEU B 181 50.05 39.40 30.45
N ALA B 182 49.82 40.48 29.72
CA ALA B 182 50.42 41.76 30.08
C ALA B 182 49.82 42.30 31.37
N LEU B 183 48.55 41.99 31.62
CA LEU B 183 48.02 42.27 32.94
C LEU B 183 48.32 41.09 33.86
N GLY B 184 47.81 41.13 35.09
CA GLY B 184 47.99 40.00 35.98
C GLY B 184 46.79 39.08 35.98
N MET B 185 46.10 39.02 34.85
CA MET B 185 44.83 38.32 34.72
C MET B 185 44.99 36.89 34.24
N MET B 186 46.12 36.25 34.56
CA MET B 186 46.47 34.97 33.93
C MET B 186 45.61 33.81 34.41
N MET B 187 44.91 33.94 35.54
CA MET B 187 44.03 32.86 35.96
C MET B 187 42.74 32.82 35.15
N MET B 188 42.33 33.95 34.57
CA MET B 188 41.11 34.04 33.79
C MET B 188 41.33 33.51 32.38
N SER B 189 40.35 32.76 31.86
CA SER B 189 40.45 32.35 30.47
C SER B 189 40.06 33.50 29.54
N PRO B 190 40.78 33.68 28.43
CA PRO B 190 40.48 34.79 27.53
C PRO B 190 39.38 34.51 26.52
N VAL B 191 38.55 33.47 26.72
CA VAL B 191 37.52 33.19 25.74
C VAL B 191 36.42 34.26 25.78
N THR B 192 36.24 34.87 26.95
CA THR B 192 35.18 35.86 27.11
C THR B 192 35.55 37.17 26.44
N ILE B 193 36.82 37.58 26.55
CA ILE B 193 37.23 38.82 25.92
C ILE B 193 37.55 38.54 24.45
N SER B 194 37.81 37.28 24.10
CA SER B 194 38.04 36.94 22.71
C SER B 194 36.77 37.01 21.88
N THR B 195 35.66 36.57 22.45
CA THR B 195 34.41 36.45 21.68
C THR B 195 33.74 37.73 21.15
N PRO B 196 33.78 38.96 21.82
CA PRO B 196 33.15 40.13 21.16
C PRO B 196 33.91 40.52 19.91
N ILE B 197 35.23 40.67 20.07
CA ILE B 197 36.06 41.12 18.96
C ILE B 197 36.25 40.04 17.91
N LYS B 198 35.81 38.82 18.16
CA LYS B 198 35.75 37.82 17.11
C LYS B 198 34.44 37.87 16.34
N LEU B 199 33.57 38.86 16.60
CA LEU B 199 32.37 39.00 15.80
C LEU B 199 32.12 40.44 15.35
N VAL B 200 32.61 41.43 16.09
CA VAL B 200 32.47 42.78 15.56
C VAL B 200 33.48 43.05 14.46
N LEU B 201 34.54 42.25 14.40
CA LEU B 201 35.44 42.16 13.26
C LEU B 201 34.82 41.39 12.12
N PHE B 202 33.64 40.83 12.31
CA PHE B 202 32.90 40.22 11.23
C PHE B 202 31.77 41.11 10.74
N VAL B 203 31.08 41.79 11.65
CA VAL B 203 29.94 42.58 11.21
C VAL B 203 30.38 43.96 10.70
N ALA B 204 31.41 44.58 11.30
CA ALA B 204 31.92 45.83 10.75
C ALA B 204 32.66 45.60 9.43
N LEU B 205 33.27 44.43 9.29
CA LEU B 205 33.79 44.00 8.00
C LEU B 205 32.66 43.67 7.03
N ASP B 206 31.50 43.27 7.57
CA ASP B 206 30.32 42.80 6.82
C ASP B 206 30.69 41.64 5.90
N GLY B 207 31.17 40.57 6.52
CA GLY B 207 31.53 39.38 5.78
C GLY B 207 30.35 38.58 5.31
N TRP B 208 29.17 38.82 5.88
CA TRP B 208 27.99 38.05 5.48
C TRP B 208 27.53 38.40 4.06
N THR B 209 27.65 39.65 3.65
CA THR B 209 27.34 39.95 2.26
C THR B 209 28.57 39.84 1.37
N LEU B 210 29.76 39.88 1.96
CA LEU B 210 30.99 39.85 1.19
C LEU B 210 31.28 38.43 0.75
N LEU B 211 31.12 37.47 1.65
CA LEU B 211 31.39 36.08 1.32
C LEU B 211 30.32 35.55 0.38
N SER B 212 29.05 35.85 0.66
CA SER B 212 27.98 35.27 -0.12
C SER B 212 27.97 35.83 -1.54
N LYS B 213 28.22 37.15 -1.68
CA LYS B 213 28.37 37.69 -3.03
C LYS B 213 29.63 37.20 -3.70
N GLY B 214 30.73 37.03 -2.96
CA GLY B 214 31.95 36.53 -3.57
C GLY B 214 31.81 35.09 -4.02
N LEU B 215 31.00 34.32 -3.30
CA LEU B 215 30.79 32.94 -3.66
C LEU B 215 29.87 32.82 -4.86
N ILE B 216 28.96 33.77 -5.03
CA ILE B 216 28.04 33.63 -6.15
C ILE B 216 28.60 34.29 -7.41
N LEU B 217 29.53 35.24 -7.29
CA LEU B 217 30.13 35.84 -8.48
C LEU B 217 31.14 34.92 -9.14
N GLN B 218 31.57 33.85 -8.45
CA GLN B 218 32.56 32.93 -9.02
C GLN B 218 32.03 32.17 -10.22
N TYR B 219 30.71 32.10 -10.40
CA TYR B 219 30.12 31.26 -11.43
C TYR B 219 29.44 32.11 -12.50
N MET B 220 28.47 32.93 -12.10
CA MET B 220 27.71 33.71 -13.06
C MET B 220 28.21 35.14 -13.11
N ASP B 221 27.86 35.82 -14.20
CA ASP B 221 28.24 37.20 -14.46
C ASP B 221 26.99 38.03 -14.68
N ILE B 222 26.99 39.25 -14.16
CA ILE B 222 25.81 40.11 -14.29
C ILE B 222 26.08 41.24 -15.29
N ASN C 3 11.51 -21.31 -15.81
CA ASN C 3 11.85 -19.94 -16.15
C ASN C 3 11.18 -18.96 -15.20
N ASP C 4 10.00 -19.37 -14.71
CA ASP C 4 9.22 -18.51 -13.82
C ASP C 4 9.90 -18.33 -12.48
N ILE C 5 10.52 -19.39 -11.94
CA ILE C 5 11.15 -19.25 -10.64
C ILE C 5 12.58 -18.77 -10.71
N SER C 6 13.15 -18.64 -11.91
CA SER C 6 14.37 -17.86 -12.03
C SER C 6 14.10 -16.40 -11.76
N LEU C 7 12.87 -15.96 -12.06
CA LEU C 7 12.46 -14.60 -11.75
C LEU C 7 12.41 -14.34 -10.26
N ILE C 8 12.11 -15.38 -9.46
CA ILE C 8 12.18 -15.25 -8.01
C ILE C 8 13.61 -14.94 -7.58
N ALA C 9 14.58 -15.64 -8.17
CA ALA C 9 15.99 -15.39 -7.85
C ALA C 9 16.45 -14.03 -8.34
N LEU C 10 15.90 -13.59 -9.47
CA LEU C 10 16.22 -12.26 -9.97
C LEU C 10 15.59 -11.17 -9.13
N LEU C 11 14.43 -11.43 -8.53
CA LEU C 11 13.88 -10.40 -7.67
C LEU C 11 14.48 -10.47 -6.27
N ALA C 12 14.99 -11.64 -5.88
CA ALA C 12 15.63 -11.76 -4.58
C ALA C 12 16.98 -11.09 -4.58
N PHE C 13 17.69 -11.09 -5.71
CA PHE C 13 18.97 -10.37 -5.74
C PHE C 13 18.72 -8.88 -5.66
N SER C 14 17.66 -8.42 -6.34
CA SER C 14 17.41 -6.99 -6.43
C SER C 14 16.92 -6.46 -5.09
N THR C 15 16.25 -7.31 -4.31
CA THR C 15 15.78 -6.86 -3.01
C THR C 15 16.89 -6.96 -1.98
N LEU C 16 17.71 -8.02 -2.03
CA LEU C 16 18.75 -8.18 -1.02
C LEU C 16 19.99 -7.37 -1.33
N LEU C 17 20.02 -6.69 -2.47
CA LEU C 17 21.20 -5.93 -2.88
C LEU C 17 21.62 -4.80 -1.94
N PRO C 18 20.73 -4.03 -1.30
CA PRO C 18 21.23 -3.05 -0.32
C PRO C 18 21.84 -3.65 0.93
N PHE C 19 21.67 -4.93 1.20
CA PHE C 19 22.43 -5.56 2.27
C PHE C 19 23.59 -6.38 1.76
N ILE C 20 23.59 -6.68 0.46
CA ILE C 20 24.79 -7.22 -0.17
C ILE C 20 25.87 -6.15 -0.22
N ILE C 21 25.50 -4.95 -0.65
CA ILE C 21 26.48 -3.87 -0.70
C ILE C 21 26.91 -3.49 0.72
N ALA C 22 26.00 -3.59 1.68
CA ALA C 22 26.33 -3.35 3.08
C ALA C 22 27.16 -4.45 3.73
N SER C 23 27.32 -5.60 3.10
CA SER C 23 28.13 -6.58 3.81
C SER C 23 29.23 -7.22 2.98
N GLY C 24 28.98 -7.49 1.71
CA GLY C 24 29.78 -8.33 0.86
C GLY C 24 30.91 -7.64 0.13
N THR C 25 30.68 -6.44 -0.38
CA THR C 25 31.71 -5.74 -1.15
C THR C 25 32.63 -4.93 -0.23
N CYS C 26 33.52 -4.16 -0.85
CA CYS C 26 34.45 -3.28 -0.15
C CYS C 26 33.85 -1.91 0.18
N PHE C 27 32.52 -1.81 0.14
CA PHE C 27 31.85 -0.59 0.58
C PHE C 27 32.07 -0.38 2.06
N VAL C 28 32.27 -1.48 2.81
CA VAL C 28 32.52 -1.44 4.25
C VAL C 28 33.96 -1.15 4.56
N LYS C 29 34.82 -1.06 3.55
CA LYS C 29 36.14 -0.45 3.69
C LYS C 29 36.07 1.03 3.36
N PHE C 30 35.23 1.35 2.40
CA PHE C 30 35.18 2.73 1.92
C PHE C 30 34.46 3.64 2.91
N SER C 31 33.29 3.24 3.37
CA SER C 31 32.43 4.05 4.20
C SER C 31 32.90 4.23 5.61
N ILE C 32 34.08 3.75 6.00
CA ILE C 32 34.58 3.89 7.34
C ILE C 32 35.71 4.90 7.44
N VAL C 33 36.58 4.92 6.43
CA VAL C 33 37.73 5.80 6.49
C VAL C 33 37.33 7.24 6.22
N PHE C 34 36.20 7.46 5.56
CA PHE C 34 35.78 8.82 5.27
C PHE C 34 35.15 9.48 6.49
N VAL C 35 34.61 8.70 7.41
CA VAL C 35 34.11 9.28 8.64
C VAL C 35 35.27 9.37 9.63
N MET C 36 36.19 8.38 9.57
CA MET C 36 37.35 8.39 10.46
C MET C 36 38.26 9.58 10.17
N VAL C 37 38.26 10.07 8.94
CA VAL C 37 39.03 11.28 8.70
C VAL C 37 38.22 12.50 9.12
N ARG C 38 36.90 12.36 9.20
CA ARG C 38 36.06 13.50 9.54
C ARG C 38 36.25 13.85 11.01
N ASN C 39 36.10 12.86 11.89
CA ASN C 39 36.42 13.18 13.28
C ASN C 39 37.91 13.24 13.55
N ALA C 40 38.75 12.73 12.62
CA ALA C 40 40.20 12.90 12.77
C ALA C 40 40.59 14.36 12.66
N LEU C 41 39.90 15.11 11.82
CA LEU C 41 40.20 16.54 11.75
C LEU C 41 39.65 17.32 12.92
N GLY C 42 38.83 16.70 13.77
CA GLY C 42 38.16 17.43 14.83
C GLY C 42 36.93 18.17 14.38
N LEU C 43 36.40 17.84 13.21
CA LEU C 43 35.25 18.52 12.66
C LEU C 43 34.05 17.58 12.75
N GLN C 44 32.97 18.06 13.35
CA GLN C 44 31.93 17.17 13.83
C GLN C 44 31.08 16.64 12.68
N GLN C 45 30.41 17.51 11.93
CA GLN C 45 29.40 17.03 10.99
C GLN C 45 29.46 17.78 9.67
N ILE C 46 30.49 18.60 9.46
CA ILE C 46 30.44 19.64 8.46
C ILE C 46 30.49 19.19 6.99
N PRO C 47 31.12 18.03 6.54
CA PRO C 47 30.88 17.68 5.14
C PRO C 47 29.46 17.21 4.88
N SER C 48 29.11 16.03 5.42
CA SER C 48 27.77 15.43 5.46
C SER C 48 27.87 14.07 6.11
N ASN C 49 26.74 13.36 6.17
CA ASN C 49 26.74 11.90 6.19
C ASN C 49 26.10 11.33 4.93
N MET C 50 25.99 12.13 3.88
CA MET C 50 25.49 11.68 2.59
C MET C 50 26.51 11.80 1.48
N THR C 51 27.28 12.90 1.46
CA THR C 51 28.31 13.07 0.44
C THR C 51 29.42 12.05 0.57
N LEU C 52 29.86 11.78 1.80
CA LEU C 52 30.87 10.75 2.01
C LEU C 52 30.34 9.36 1.70
N ASN C 53 29.08 9.10 2.01
CA ASN C 53 28.46 7.87 1.52
C ASN C 53 28.27 7.89 0.01
N GLY C 54 28.05 9.07 -0.57
CA GLY C 54 27.81 9.12 -2.00
C GLY C 54 29.07 8.89 -2.79
N VAL C 55 30.21 9.33 -2.26
CA VAL C 55 31.46 9.07 -2.94
C VAL C 55 31.90 7.66 -2.68
N ALA C 56 31.63 7.12 -1.48
CA ALA C 56 32.16 5.79 -1.22
C ALA C 56 31.36 4.73 -1.94
N LEU C 57 30.06 4.99 -2.15
CA LEU C 57 29.27 4.14 -3.02
C LEU C 57 29.69 4.29 -4.47
N LEU C 58 29.97 5.52 -4.91
CA LEU C 58 30.23 5.71 -6.32
C LEU C 58 31.62 5.20 -6.68
N LEU C 59 32.58 5.28 -5.77
CA LEU C 59 33.85 4.61 -6.00
C LEU C 59 33.71 3.10 -5.93
N SER C 60 32.79 2.60 -5.10
CA SER C 60 32.67 1.15 -5.01
C SER C 60 31.99 0.56 -6.22
N MET C 61 31.20 1.35 -6.96
CA MET C 61 30.60 0.78 -8.15
C MET C 61 31.61 0.59 -9.26
N PHE C 62 32.75 1.28 -9.17
CA PHE C 62 33.81 1.11 -10.15
C PHE C 62 34.44 -0.25 -9.94
N VAL C 63 34.68 -0.60 -8.68
CA VAL C 63 35.43 -1.80 -8.41
C VAL C 63 34.53 -3.01 -8.53
N MET C 64 33.21 -2.84 -8.37
CA MET C 64 32.33 -4.00 -8.41
C MET C 64 31.66 -4.22 -9.75
N TRP C 65 31.74 -3.26 -10.68
CA TRP C 65 31.17 -3.51 -12.00
C TRP C 65 31.85 -4.60 -12.85
N PRO C 66 33.19 -4.75 -12.89
CA PRO C 66 33.74 -5.88 -13.67
C PRO C 66 33.44 -7.25 -13.12
N ILE C 67 33.22 -7.41 -11.81
CA ILE C 67 32.81 -8.74 -11.36
C ILE C 67 31.34 -8.99 -11.70
N MET C 68 30.52 -7.96 -11.68
CA MET C 68 29.12 -8.13 -12.04
C MET C 68 28.94 -8.41 -13.53
N HIS C 69 29.80 -7.85 -14.37
CA HIS C 69 29.56 -7.99 -15.81
C HIS C 69 29.86 -9.41 -16.30
N ASP C 70 30.77 -10.12 -15.61
CA ASP C 70 31.09 -11.47 -16.03
C ASP C 70 29.94 -12.43 -15.74
N ALA C 71 29.28 -12.25 -14.61
CA ALA C 71 28.06 -12.98 -14.33
C ALA C 71 26.86 -12.43 -15.10
N TYR C 72 26.99 -11.23 -15.65
CA TYR C 72 25.90 -10.66 -16.43
C TYR C 72 25.73 -11.39 -17.76
N VAL C 73 26.84 -11.72 -18.42
CA VAL C 73 26.75 -12.47 -19.67
C VAL C 73 26.42 -13.93 -19.46
N TYR C 74 26.51 -14.44 -18.23
CA TYR C 74 26.09 -15.80 -17.98
C TYR C 74 24.58 -15.87 -17.81
N PHE C 75 23.98 -14.88 -17.15
CA PHE C 75 22.53 -14.78 -17.10
C PHE C 75 21.96 -14.32 -18.44
N GLU C 76 22.71 -13.51 -19.20
CA GLU C 76 22.27 -13.12 -20.53
C GLU C 76 22.33 -14.27 -21.52
N ASP C 77 23.20 -15.26 -21.28
CA ASP C 77 23.22 -16.45 -22.12
C ASP C 77 21.96 -17.28 -21.91
N GLU C 78 21.38 -17.73 -23.00
CA GLU C 78 20.13 -18.46 -22.97
C GLU C 78 20.31 -19.96 -22.79
N ASP C 79 21.54 -20.47 -22.91
CA ASP C 79 21.81 -21.90 -22.86
C ASP C 79 22.03 -22.41 -21.45
N VAL C 80 21.53 -21.69 -20.44
CA VAL C 80 21.73 -22.09 -19.05
C VAL C 80 20.90 -23.31 -18.68
N THR C 81 19.81 -23.56 -19.40
CA THR C 81 18.94 -24.69 -19.09
C THR C 81 19.47 -25.98 -19.72
N PHE C 82 19.49 -27.05 -18.91
CA PHE C 82 19.99 -28.34 -19.34
C PHE C 82 19.00 -29.44 -18.95
N ASN C 83 19.41 -30.70 -19.06
CA ASN C 83 18.51 -31.82 -18.83
C ASN C 83 18.47 -32.30 -17.39
N ASP C 84 19.59 -32.29 -16.70
CA ASP C 84 19.71 -32.90 -15.39
C ASP C 84 19.87 -31.86 -14.29
N ILE C 85 19.70 -32.34 -13.05
CA ILE C 85 19.69 -31.47 -11.88
C ILE C 85 21.08 -30.94 -11.59
N SER C 86 22.04 -31.85 -11.46
CA SER C 86 23.40 -31.41 -11.16
C SER C 86 24.02 -30.69 -12.35
N SER C 87 23.58 -31.02 -13.57
CA SER C 87 24.01 -30.28 -14.75
C SER C 87 23.46 -28.85 -14.74
N LEU C 88 22.27 -28.65 -14.19
CA LEU C 88 21.75 -27.30 -14.02
C LEU C 88 22.51 -26.55 -12.93
N SER C 89 22.81 -27.23 -11.83
CA SER C 89 23.61 -26.62 -10.75
C SER C 89 25.06 -26.40 -11.15
N LYS C 90 25.53 -27.09 -12.19
CA LYS C 90 26.87 -26.83 -12.73
C LYS C 90 27.01 -25.42 -13.29
N HIS C 91 25.91 -24.80 -13.71
CA HIS C 91 26.05 -23.44 -14.21
C HIS C 91 25.89 -22.38 -13.13
N VAL C 92 25.28 -22.73 -12.01
CA VAL C 92 25.03 -21.74 -10.96
C VAL C 92 26.31 -21.40 -10.22
N ASP C 93 27.12 -22.42 -9.93
CA ASP C 93 28.31 -22.16 -9.13
C ASP C 93 29.37 -21.52 -10.00
N GLU C 94 29.48 -21.95 -11.26
CA GLU C 94 30.50 -21.38 -12.13
C GLU C 94 30.15 -19.93 -12.49
N GLY C 95 28.87 -19.63 -12.74
CA GLY C 95 28.47 -18.25 -12.88
C GLY C 95 28.60 -17.40 -11.64
N LEU C 96 28.58 -18.02 -10.46
CA LEU C 96 28.82 -17.31 -9.21
C LEU C 96 30.30 -17.24 -8.84
N ASP C 97 31.13 -18.09 -9.46
CA ASP C 97 32.49 -18.33 -9.01
C ASP C 97 33.42 -17.14 -9.18
N GLY C 98 33.17 -16.24 -10.13
CA GLY C 98 34.04 -15.09 -10.29
C GLY C 98 34.00 -14.11 -9.13
N TYR C 99 32.91 -14.09 -8.37
CA TYR C 99 32.83 -13.24 -7.19
C TYR C 99 33.72 -13.77 -6.07
N ARG C 100 33.81 -15.08 -5.95
CA ARG C 100 34.45 -15.61 -4.76
C ARG C 100 35.96 -15.72 -4.90
N ASP C 101 36.55 -15.56 -6.09
CA ASP C 101 38.00 -15.44 -6.13
C ASP C 101 38.44 -14.12 -5.52
N TYR C 102 37.65 -13.07 -5.76
CA TYR C 102 37.87 -11.79 -5.10
C TYR C 102 37.52 -11.89 -3.62
N LEU C 103 36.57 -12.75 -3.28
CA LEU C 103 36.20 -12.84 -1.87
C LEU C 103 37.23 -13.63 -1.08
N ILE C 104 37.83 -14.64 -1.71
CA ILE C 104 38.89 -15.43 -1.10
C ILE C 104 40.16 -14.60 -0.97
N LYS C 105 40.38 -13.68 -1.93
CA LYS C 105 41.64 -12.95 -2.00
C LYS C 105 41.84 -12.03 -0.79
N TYR C 106 40.76 -11.52 -0.22
CA TYR C 106 40.84 -10.55 0.86
C TYR C 106 40.31 -11.07 2.19
N SER C 107 40.40 -12.39 2.41
CA SER C 107 40.08 -12.97 3.71
C SER C 107 41.18 -13.91 4.15
N ASP C 108 41.24 -14.16 5.45
CA ASP C 108 42.21 -15.09 6.00
C ASP C 108 41.75 -16.53 5.82
N ARG C 109 42.72 -17.41 5.61
CA ARG C 109 42.40 -18.81 5.30
C ARG C 109 41.94 -19.59 6.52
N GLU C 110 42.61 -19.39 7.67
CA GLU C 110 42.32 -20.17 8.85
C GLU C 110 40.96 -19.83 9.47
N LEU C 111 40.46 -18.62 9.24
CA LEU C 111 39.12 -18.28 9.71
C LEU C 111 38.06 -18.95 8.84
N VAL C 112 38.30 -19.02 7.54
CA VAL C 112 37.45 -19.78 6.64
C VAL C 112 37.48 -21.26 7.00
N GLN C 113 38.66 -21.78 7.31
CA GLN C 113 38.76 -23.16 7.74
C GLN C 113 38.15 -23.37 9.13
N PHE C 114 37.97 -22.30 9.91
CA PHE C 114 37.19 -22.46 11.11
C PHE C 114 35.71 -22.59 10.77
N PHE C 115 35.22 -21.67 9.93
CA PHE C 115 33.78 -21.60 9.66
C PHE C 115 33.30 -22.75 8.80
N GLU C 116 34.20 -23.49 8.16
CA GLU C 116 33.76 -24.68 7.43
C GLU C 116 33.41 -25.83 8.37
N ASN C 117 33.72 -25.71 9.66
CA ASN C 117 33.31 -26.68 10.67
C ASN C 117 31.90 -26.40 11.20
N ALA C 118 31.08 -25.67 10.46
CA ALA C 118 29.72 -25.37 10.88
C ALA C 118 28.83 -25.13 9.67
N LYS C 140 37.43 -25.28 -2.60
CA LYS C 140 36.65 -24.10 -2.94
C LYS C 140 35.55 -23.87 -1.90
N PRO C 141 35.81 -23.00 -0.94
CA PRO C 141 34.83 -22.76 0.14
C PRO C 141 33.62 -22.00 -0.38
N SER C 142 32.55 -22.05 0.41
CA SER C 142 31.29 -21.50 -0.05
C SER C 142 31.17 -20.04 0.37
N ILE C 143 30.10 -19.40 -0.13
CA ILE C 143 29.94 -17.97 0.08
C ILE C 143 29.51 -17.68 1.51
N PHE C 144 28.71 -18.58 2.10
CA PHE C 144 28.30 -18.43 3.48
C PHE C 144 29.46 -18.61 4.44
N ALA C 145 30.50 -19.34 4.05
CA ALA C 145 31.68 -19.47 4.87
C ALA C 145 32.64 -18.32 4.67
N LEU C 146 32.33 -17.40 3.77
CA LEU C 146 33.22 -16.29 3.43
C LEU C 146 32.68 -14.93 3.85
N LEU C 147 31.37 -14.76 3.79
CA LEU C 147 30.77 -13.48 4.18
C LEU C 147 31.02 -13.05 5.63
N PRO C 148 30.92 -13.88 6.67
CA PRO C 148 31.31 -13.40 7.99
C PRO C 148 32.80 -13.24 8.15
N ALA C 149 33.62 -13.95 7.39
CA ALA C 149 35.06 -13.76 7.52
C ALA C 149 35.54 -12.52 6.79
N TYR C 150 34.79 -12.10 5.77
CA TYR C 150 35.22 -10.98 4.95
C TYR C 150 35.09 -9.67 5.70
N ALA C 151 33.87 -9.31 6.12
CA ALA C 151 33.67 -7.99 6.69
C ALA C 151 34.34 -7.89 8.06
N LEU C 152 34.47 -9.01 8.76
CA LEU C 152 35.15 -9.01 10.03
C LEU C 152 36.65 -8.85 9.85
N SER C 153 37.20 -9.26 8.71
CA SER C 153 38.60 -8.92 8.45
C SER C 153 38.73 -7.53 7.84
N GLU C 154 37.65 -7.04 7.24
CA GLU C 154 37.71 -5.76 6.55
C GLU C 154 37.73 -4.61 7.54
N ILE C 155 36.92 -4.69 8.60
CA ILE C 155 36.92 -3.55 9.52
C ILE C 155 38.18 -3.56 10.38
N LYS C 156 38.86 -4.71 10.44
CA LYS C 156 40.17 -4.80 11.05
C LYS C 156 41.20 -4.11 10.18
N SER C 157 41.15 -4.36 8.87
CA SER C 157 42.11 -3.68 8.00
C SER C 157 41.82 -2.20 7.89
N ALA C 158 40.56 -1.79 8.03
CA ALA C 158 40.22 -0.39 7.92
C ALA C 158 40.58 0.39 9.18
N PHE C 159 40.71 -0.31 10.31
CA PHE C 159 41.00 0.43 11.53
C PHE C 159 42.46 0.84 11.58
N LYS C 160 43.40 -0.03 11.21
CA LYS C 160 44.81 0.34 11.36
C LYS C 160 45.22 1.42 10.37
N ILE C 161 44.61 1.46 9.18
CA ILE C 161 44.89 2.57 8.27
C ILE C 161 44.23 3.85 8.76
N GLY C 162 43.09 3.73 9.45
CA GLY C 162 42.58 4.91 10.13
C GLY C 162 43.41 5.29 11.32
N PHE C 163 44.18 4.36 11.87
CA PHE C 163 45.09 4.73 12.93
C PHE C 163 46.28 5.46 12.35
N TYR C 164 46.75 5.04 11.17
CA TYR C 164 47.94 5.66 10.60
C TYR C 164 47.66 7.08 10.15
N LEU C 165 46.43 7.35 9.71
CA LEU C 165 46.14 8.74 9.36
C LEU C 165 45.91 9.62 10.59
N TYR C 166 45.75 9.03 11.78
CA TYR C 166 45.67 9.79 13.02
C TYR C 166 46.98 10.46 13.40
N LEU C 167 48.12 9.83 13.10
CA LEU C 167 49.42 10.31 13.55
C LEU C 167 49.85 11.73 13.14
N PRO C 168 49.54 12.26 11.95
CA PRO C 168 49.83 13.68 11.73
C PRO C 168 48.93 14.63 12.50
N PHE C 169 47.84 14.18 13.09
CA PHE C 169 46.96 15.06 13.84
C PHE C 169 47.02 14.86 15.34
N VAL C 170 47.82 13.90 15.81
CA VAL C 170 48.08 13.80 17.24
C VAL C 170 49.33 14.61 17.61
N VAL C 171 50.19 14.90 16.65
CA VAL C 171 51.41 15.65 16.96
C VAL C 171 51.13 17.15 17.09
N VAL C 172 50.12 17.66 16.39
CA VAL C 172 50.02 19.11 16.24
C VAL C 172 49.39 19.74 17.47
N ASP C 173 48.51 19.03 18.16
CA ASP C 173 47.92 19.64 19.34
C ASP C 173 48.79 19.42 20.55
N LEU C 174 49.69 18.44 20.49
CA LEU C 174 50.65 18.31 21.57
C LEU C 174 51.71 19.38 21.44
N VAL C 175 52.11 19.72 20.20
CA VAL C 175 53.17 20.70 20.09
C VAL C 175 52.61 22.10 20.35
N VAL C 176 51.34 22.35 20.01
CA VAL C 176 50.84 23.69 20.32
C VAL C 176 50.48 23.80 21.80
N SER C 177 50.10 22.69 22.47
CA SER C 177 49.91 22.81 23.92
C SER C 177 51.25 22.93 24.61
N SER C 178 52.31 22.43 23.98
CA SER C 178 53.63 22.59 24.53
C SER C 178 54.07 24.04 24.45
N VAL C 179 53.83 24.69 23.31
CA VAL C 179 54.24 26.09 23.21
C VAL C 179 53.29 27.02 23.96
N LEU C 180 52.07 26.58 24.28
CA LEU C 180 51.25 27.32 25.22
C LEU C 180 51.79 27.21 26.65
N LEU C 181 52.19 26.02 27.06
CA LEU C 181 52.77 25.87 28.39
C LEU C 181 54.16 26.46 28.49
N ALA C 182 54.85 26.65 27.36
CA ALA C 182 56.11 27.38 27.37
C ALA C 182 55.90 28.85 27.69
N LEU C 183 54.71 29.37 27.47
CA LEU C 183 54.32 30.69 27.96
C LEU C 183 53.51 30.55 29.24
N GLY C 184 52.99 31.66 29.75
CA GLY C 184 52.16 31.60 30.92
C GLY C 184 50.69 31.48 30.59
N MET C 185 50.34 30.49 29.78
CA MET C 185 48.97 30.37 29.31
C MET C 185 48.37 29.07 29.81
N MET C 186 48.54 28.81 31.12
CA MET C 186 48.02 27.58 31.72
C MET C 186 46.50 27.55 31.77
N MET C 187 45.83 28.68 31.63
CA MET C 187 44.38 28.76 31.52
C MET C 187 44.09 29.21 30.08
N MET C 188 44.00 28.24 29.17
CA MET C 188 43.86 28.58 27.76
C MET C 188 43.31 27.38 27.01
N SER C 189 42.44 27.64 26.04
CA SER C 189 41.85 26.58 25.22
C SER C 189 42.67 26.38 23.96
N PRO C 190 43.35 25.25 23.78
CA PRO C 190 44.23 25.08 22.62
C PRO C 190 43.52 24.61 21.36
N VAL C 191 42.23 24.31 21.43
CA VAL C 191 41.55 23.70 20.29
C VAL C 191 41.38 24.70 19.16
N THR C 192 41.12 25.97 19.47
CA THR C 192 40.88 26.93 18.41
C THR C 192 42.17 27.37 17.74
N ILE C 193 43.31 27.00 18.30
CA ILE C 193 44.60 27.28 17.71
C ILE C 193 45.08 26.09 16.90
N SER C 194 44.87 24.88 17.41
CA SER C 194 45.31 23.71 16.68
C SER C 194 44.39 23.34 15.51
N THR C 195 43.14 23.79 15.52
CA THR C 195 42.18 23.41 14.48
C THR C 195 42.47 23.90 13.06
N PRO C 196 42.91 25.15 12.80
CA PRO C 196 43.30 25.47 11.41
C PRO C 196 44.58 24.79 10.97
N ILE C 197 45.53 24.56 11.88
CA ILE C 197 46.74 23.84 11.54
C ILE C 197 46.43 22.37 11.28
N LYS C 198 45.34 21.87 11.84
CA LYS C 198 44.92 20.50 11.61
C LYS C 198 44.41 20.27 10.20
N LEU C 199 44.06 21.34 9.48
CA LEU C 199 43.48 21.21 8.14
C LEU C 199 44.31 21.86 7.05
N VAL C 200 45.15 22.85 7.37
CA VAL C 200 46.05 23.34 6.33
C VAL C 200 47.12 22.30 6.06
N LEU C 201 47.41 21.42 7.03
CA LEU C 201 48.24 20.28 6.73
C LEU C 201 47.53 19.30 5.84
N PHE C 202 46.19 19.28 5.87
CA PHE C 202 45.51 18.30 5.06
C PHE C 202 45.39 18.77 3.63
N VAL C 203 45.31 20.08 3.43
CA VAL C 203 45.28 20.55 2.04
C VAL C 203 46.69 20.59 1.47
N ALA C 204 47.71 20.77 2.31
CA ALA C 204 49.09 20.68 1.84
C ALA C 204 49.47 19.26 1.51
N LEU C 205 48.92 18.29 2.25
CA LEU C 205 49.03 16.89 1.89
C LEU C 205 48.22 16.55 0.66
N ASP C 206 47.10 17.25 0.46
CA ASP C 206 46.02 16.91 -0.47
C ASP C 206 45.56 15.47 -0.28
N GLY C 207 45.02 15.22 0.92
CA GLY C 207 44.63 13.86 1.29
C GLY C 207 43.39 13.36 0.58
N TRP C 208 42.54 14.27 0.10
CA TRP C 208 41.31 13.86 -0.57
C TRP C 208 41.55 13.25 -1.93
N THR C 209 42.68 13.57 -2.56
CA THR C 209 43.09 12.85 -3.75
C THR C 209 43.88 11.60 -3.40
N LEU C 210 44.65 11.69 -2.32
CA LEU C 210 45.62 10.65 -1.98
C LEU C 210 44.92 9.38 -1.52
N LEU C 211 43.93 9.51 -0.63
CA LEU C 211 43.22 8.33 -0.16
C LEU C 211 42.35 7.75 -1.27
N SER C 212 41.86 8.61 -2.16
CA SER C 212 41.00 8.12 -3.23
C SER C 212 41.80 7.34 -4.25
N LYS C 213 43.00 7.82 -4.56
CA LYS C 213 43.83 7.09 -5.50
C LYS C 213 44.42 5.84 -4.86
N GLY C 214 44.65 5.88 -3.54
CA GLY C 214 45.27 4.74 -2.90
C GLY C 214 44.32 3.59 -2.68
N LEU C 215 43.03 3.88 -2.49
CA LEU C 215 42.08 2.84 -2.14
C LEU C 215 41.65 1.96 -3.33
N ILE C 216 42.08 2.29 -4.54
CA ILE C 216 41.81 1.43 -5.68
C ILE C 216 42.95 0.46 -5.94
N LEU C 217 44.18 0.84 -5.57
CA LEU C 217 45.38 0.04 -5.84
C LEU C 217 45.39 -1.29 -5.12
N GLN C 218 44.56 -1.49 -4.10
CA GLN C 218 44.38 -2.83 -3.56
C GLN C 218 43.65 -3.75 -4.52
N TYR C 219 42.92 -3.20 -5.49
CA TYR C 219 42.03 -4.00 -6.31
C TYR C 219 42.33 -3.92 -7.80
N MET C 220 43.04 -2.91 -8.27
CA MET C 220 43.35 -2.81 -9.69
C MET C 220 44.83 -2.52 -9.92
N ASN D 3 -5.08 -30.03 5.48
CA ASN D 3 -3.99 -29.41 4.73
C ASN D 3 -4.24 -27.92 4.61
N ASP D 4 -5.52 -27.55 4.46
CA ASP D 4 -5.83 -26.14 4.26
C ASP D 4 -5.59 -25.32 5.51
N ILE D 5 -5.83 -25.90 6.68
CA ILE D 5 -5.57 -25.17 7.92
C ILE D 5 -4.07 -25.11 8.18
N SER D 6 -3.34 -26.15 7.80
CA SER D 6 -1.89 -26.10 7.90
C SER D 6 -1.29 -25.08 6.96
N LEU D 7 -2.01 -24.70 5.90
CA LEU D 7 -1.54 -23.60 5.07
C LEU D 7 -1.59 -22.27 5.82
N ILE D 8 -2.50 -22.15 6.78
CA ILE D 8 -2.53 -20.94 7.61
C ILE D 8 -1.32 -20.93 8.52
N ALA D 9 -1.05 -22.04 9.21
CA ALA D 9 0.02 -22.04 10.20
C ALA D 9 1.39 -21.93 9.54
N LEU D 10 1.53 -22.46 8.32
CA LEU D 10 2.74 -22.27 7.54
C LEU D 10 2.92 -20.81 7.13
N LEU D 11 1.83 -20.11 6.78
CA LEU D 11 1.98 -18.68 6.57
C LEU D 11 2.19 -17.92 7.88
N ALA D 12 1.57 -18.38 8.96
CA ALA D 12 1.62 -17.68 10.23
C ALA D 12 2.98 -17.77 10.88
N PHE D 13 3.76 -18.82 10.58
CA PHE D 13 5.15 -18.76 11.03
C PHE D 13 5.90 -17.69 10.28
N SER D 14 5.65 -17.58 8.97
CA SER D 14 6.52 -16.81 8.10
C SER D 14 6.30 -15.33 8.35
N THR D 15 5.06 -14.91 8.55
CA THR D 15 4.81 -13.50 8.82
C THR D 15 5.26 -13.13 10.22
N LEU D 16 5.37 -14.09 11.13
CA LEU D 16 5.81 -13.83 12.50
C LEU D 16 7.30 -14.07 12.70
N LEU D 17 8.02 -14.47 11.65
CA LEU D 17 9.46 -14.74 11.78
C LEU D 17 10.28 -13.56 12.26
N PRO D 18 10.15 -12.33 11.75
CA PRO D 18 11.03 -11.27 12.28
C PRO D 18 10.71 -10.82 13.69
N PHE D 19 9.74 -11.41 14.39
CA PHE D 19 9.62 -11.17 15.82
C PHE D 19 10.08 -12.36 16.66
N ILE D 20 9.90 -13.58 16.16
CA ILE D 20 10.45 -14.74 16.85
C ILE D 20 11.97 -14.75 16.74
N ILE D 21 12.50 -14.40 15.56
CA ILE D 21 13.95 -14.26 15.45
C ILE D 21 14.43 -13.02 16.19
N ALA D 22 13.57 -12.02 16.37
CA ALA D 22 13.89 -10.90 17.24
C ALA D 22 13.88 -11.24 18.73
N SER D 23 13.27 -12.33 19.14
CA SER D 23 13.10 -12.54 20.59
C SER D 23 13.45 -13.92 21.11
N GLY D 24 13.61 -14.93 20.27
CA GLY D 24 13.76 -16.30 20.73
C GLY D 24 15.05 -16.99 20.33
N THR D 25 16.07 -16.24 19.94
CA THR D 25 17.35 -16.82 19.56
C THR D 25 18.49 -15.97 20.12
N CYS D 26 19.72 -16.40 19.83
CA CYS D 26 20.95 -15.74 20.28
C CYS D 26 21.35 -14.55 19.41
N PHE D 27 20.45 -14.13 18.52
CA PHE D 27 20.67 -12.93 17.74
C PHE D 27 20.64 -11.71 18.64
N VAL D 28 19.91 -11.77 19.76
CA VAL D 28 19.83 -10.62 20.65
C VAL D 28 21.18 -10.44 21.34
N LYS D 29 21.88 -11.53 21.63
CA LYS D 29 23.17 -11.42 22.28
C LYS D 29 24.23 -10.95 21.32
N PHE D 30 24.16 -11.41 20.06
CA PHE D 30 25.17 -10.97 19.10
C PHE D 30 24.95 -9.51 18.74
N SER D 31 23.68 -9.12 18.56
CA SER D 31 23.37 -7.77 18.14
C SER D 31 23.56 -6.79 19.28
N ILE D 32 23.65 -7.28 20.51
CA ILE D 32 23.83 -6.37 21.63
C ILE D 32 25.32 -6.18 21.91
N VAL D 33 26.12 -7.25 21.81
CA VAL D 33 27.53 -7.08 22.10
C VAL D 33 28.24 -6.33 20.95
N PHE D 34 27.68 -6.42 19.73
CA PHE D 34 28.32 -5.73 18.61
C PHE D 34 28.10 -4.24 18.60
N VAL D 35 27.28 -3.71 19.50
CA VAL D 35 27.05 -2.28 19.57
C VAL D 35 27.83 -1.68 20.73
N MET D 36 27.86 -2.39 21.85
CA MET D 36 28.62 -1.88 22.97
C MET D 36 30.11 -2.00 22.74
N VAL D 37 30.56 -2.82 21.78
CA VAL D 37 31.97 -2.71 21.44
C VAL D 37 32.28 -1.39 20.72
N ARG D 38 31.31 -0.85 19.96
CA ARG D 38 31.45 0.49 19.39
C ARG D 38 31.38 1.56 20.47
N ASN D 39 30.44 1.41 21.41
CA ASN D 39 30.36 2.41 22.47
C ASN D 39 31.53 2.28 23.43
N ALA D 40 32.18 1.13 23.46
CA ALA D 40 33.39 0.98 24.25
C ALA D 40 34.52 1.74 23.58
N LEU D 41 34.59 1.68 22.25
CA LEU D 41 35.67 2.37 21.58
C LEU D 41 35.42 3.86 21.45
N GLY D 42 34.25 4.35 21.86
CA GLY D 42 33.98 5.77 21.72
C GLY D 42 33.61 6.20 20.33
N LEU D 43 32.96 5.34 19.57
CA LEU D 43 32.52 5.62 18.22
C LEU D 43 31.00 5.69 18.23
N GLN D 44 30.43 6.41 17.27
CA GLN D 44 28.99 6.65 17.31
C GLN D 44 28.27 6.00 16.15
N GLN D 45 28.68 6.30 14.93
CA GLN D 45 27.97 5.84 13.74
C GLN D 45 28.83 4.90 12.90
N ILE D 46 29.99 4.51 13.41
CA ILE D 46 30.93 3.65 12.70
C ILE D 46 30.91 2.27 13.35
N PRO D 47 30.64 1.19 12.61
CA PRO D 47 30.37 1.21 11.16
C PRO D 47 28.95 1.57 10.73
N SER D 48 27.94 1.07 11.42
CA SER D 48 26.53 1.31 11.11
C SER D 48 25.71 0.68 12.22
N ASN D 49 24.40 0.65 12.01
CA ASN D 49 23.54 -0.32 12.68
C ASN D 49 23.04 -1.40 11.73
N MET D 50 23.36 -1.28 10.44
CA MET D 50 22.93 -2.22 9.40
C MET D 50 23.97 -3.32 9.17
N THR D 51 25.22 -2.94 8.95
CA THR D 51 26.23 -3.94 8.68
C THR D 51 26.69 -4.68 9.92
N LEU D 52 26.33 -4.21 11.11
CA LEU D 52 26.58 -4.99 12.30
C LEU D 52 25.45 -5.98 12.55
N ASN D 53 24.23 -5.61 12.15
CA ASN D 53 23.12 -6.56 12.23
C ASN D 53 23.22 -7.63 11.17
N GLY D 54 23.91 -7.35 10.05
CA GLY D 54 23.97 -8.34 9.00
C GLY D 54 24.88 -9.50 9.38
N VAL D 55 26.08 -9.18 9.86
CA VAL D 55 26.99 -10.22 10.29
C VAL D 55 26.51 -10.87 11.58
N ALA D 56 25.77 -10.15 12.42
CA ALA D 56 25.20 -10.81 13.59
C ALA D 56 24.05 -11.74 13.20
N LEU D 57 23.36 -11.42 12.10
CA LEU D 57 22.32 -12.30 11.60
C LEU D 57 22.91 -13.58 11.03
N LEU D 58 23.97 -13.48 10.24
CA LEU D 58 24.55 -14.71 9.68
C LEU D 58 25.21 -15.56 10.75
N LEU D 59 25.84 -14.91 11.73
CA LEU D 59 26.46 -15.63 12.84
C LEU D 59 25.42 -16.35 13.66
N SER D 60 24.27 -15.71 13.91
CA SER D 60 23.19 -16.42 14.57
C SER D 60 22.51 -17.42 13.67
N MET D 61 22.67 -17.31 12.36
CA MET D 61 22.02 -18.28 11.47
C MET D 61 22.78 -19.59 11.37
N PHE D 62 24.06 -19.59 11.74
CA PHE D 62 24.82 -20.84 11.74
C PHE D 62 24.29 -21.81 12.79
N VAL D 63 24.35 -21.41 14.06
CA VAL D 63 24.06 -22.36 15.13
C VAL D 63 22.57 -22.62 15.27
N MET D 64 21.74 -21.87 14.56
CA MET D 64 20.28 -22.00 14.63
C MET D 64 19.71 -22.81 13.48
N TRP D 65 20.36 -22.81 12.31
CA TRP D 65 19.89 -23.61 11.17
C TRP D 65 19.61 -25.10 11.40
N PRO D 66 20.39 -25.90 12.16
CA PRO D 66 20.00 -27.32 12.32
C PRO D 66 18.73 -27.56 13.10
N ILE D 67 18.38 -26.66 14.02
CA ILE D 67 17.06 -26.74 14.65
C ILE D 67 15.97 -26.48 13.63
N MET D 68 16.16 -25.45 12.80
CA MET D 68 15.16 -25.16 11.78
C MET D 68 15.15 -26.26 10.71
N HIS D 69 16.28 -26.92 10.50
CA HIS D 69 16.35 -27.92 9.44
C HIS D 69 15.64 -29.20 9.83
N ASP D 70 15.69 -29.59 11.11
CA ASP D 70 15.08 -30.87 11.45
C ASP D 70 13.56 -30.83 11.44
N ALA D 71 12.96 -29.65 11.63
CA ALA D 71 11.50 -29.56 11.60
C ALA D 71 10.95 -29.78 10.20
N TYR D 72 11.77 -29.49 9.17
CA TYR D 72 11.40 -29.82 7.80
C TYR D 72 11.32 -31.32 7.61
N VAL D 73 12.44 -32.01 7.83
CA VAL D 73 12.53 -33.43 7.51
C VAL D 73 11.60 -34.24 8.42
N TYR D 74 11.34 -33.75 9.64
CA TYR D 74 10.34 -34.37 10.48
C TYR D 74 8.92 -34.15 9.97
N PHE D 75 8.62 -32.97 9.41
CA PHE D 75 7.26 -32.71 8.98
C PHE D 75 6.99 -33.06 7.52
N GLU D 76 8.00 -33.53 6.78
CA GLU D 76 7.76 -34.05 5.44
C GLU D 76 7.20 -35.46 5.42
N ASP D 77 7.17 -36.16 6.56
CA ASP D 77 6.83 -37.57 6.59
C ASP D 77 5.33 -37.77 6.38
N GLU D 78 4.98 -38.98 5.96
CA GLU D 78 3.66 -39.28 5.42
C GLU D 78 2.58 -39.51 6.47
N ASP D 79 2.93 -39.60 7.76
CA ASP D 79 1.95 -39.97 8.76
C ASP D 79 1.27 -38.77 9.41
N VAL D 80 1.11 -37.65 8.71
CA VAL D 80 0.35 -36.52 9.23
C VAL D 80 -1.16 -36.77 9.17
N THR D 81 -1.59 -37.81 8.45
CA THR D 81 -2.98 -38.24 8.53
C THR D 81 -3.18 -39.17 9.72
N PHE D 82 -3.94 -38.68 10.71
CA PHE D 82 -4.26 -39.43 11.91
C PHE D 82 -5.77 -39.37 12.10
N ASN D 83 -6.37 -40.48 12.55
CA ASN D 83 -7.81 -40.46 12.75
C ASN D 83 -8.21 -39.73 14.02
N ASP D 84 -7.29 -39.50 14.93
CA ASP D 84 -7.57 -38.90 16.23
C ASP D 84 -7.17 -37.42 16.24
N ILE D 85 -7.95 -36.62 16.96
CA ILE D 85 -7.60 -35.22 17.21
C ILE D 85 -6.36 -35.13 18.09
N SER D 86 -6.36 -35.87 19.19
CA SER D 86 -5.32 -35.70 20.18
C SER D 86 -4.01 -36.34 19.73
N SER D 87 -4.06 -37.34 18.85
CA SER D 87 -2.81 -37.93 18.39
C SER D 87 -2.08 -36.98 17.44
N LEU D 88 -2.81 -36.17 16.69
CA LEU D 88 -2.18 -35.10 15.92
C LEU D 88 -1.68 -34.00 16.84
N SER D 89 -2.41 -33.71 17.91
CA SER D 89 -1.91 -32.76 18.90
C SER D 89 -0.65 -33.26 19.58
N LYS D 90 -0.56 -34.57 19.79
CA LYS D 90 0.69 -35.16 20.24
C LYS D 90 1.77 -35.05 19.17
N HIS D 91 1.43 -35.21 17.90
CA HIS D 91 2.44 -35.25 16.85
C HIS D 91 3.07 -33.87 16.68
N VAL D 92 2.25 -32.82 16.76
CA VAL D 92 2.82 -31.48 16.70
C VAL D 92 3.51 -31.15 18.00
N ASP D 93 3.13 -31.79 19.11
CA ASP D 93 3.91 -31.59 20.32
C ASP D 93 5.27 -32.27 20.21
N GLU D 94 5.33 -33.39 19.50
CA GLU D 94 6.58 -34.12 19.28
C GLU D 94 7.48 -33.43 18.28
N GLY D 95 6.96 -32.46 17.53
CA GLY D 95 7.83 -31.78 16.60
C GLY D 95 8.65 -30.66 17.22
N LEU D 96 8.07 -29.94 18.17
CA LEU D 96 8.67 -28.75 18.80
C LEU D 96 9.71 -29.09 19.86
N ASP D 97 10.04 -30.37 20.07
CA ASP D 97 11.00 -30.73 21.09
C ASP D 97 12.42 -30.30 20.73
N GLY D 98 12.71 -30.06 19.45
CA GLY D 98 13.99 -29.46 19.10
C GLY D 98 14.12 -28.04 19.59
N TYR D 99 13.01 -27.31 19.66
CA TYR D 99 13.10 -25.95 20.18
C TYR D 99 13.08 -25.97 21.70
N ARG D 100 12.31 -26.88 22.28
CA ARG D 100 12.20 -26.93 23.75
C ARG D 100 13.53 -27.31 24.39
N ASP D 101 14.23 -28.28 23.81
CA ASP D 101 15.52 -28.66 24.37
C ASP D 101 16.57 -27.59 24.15
N TYR D 102 16.37 -26.73 23.14
CA TYR D 102 17.27 -25.60 22.98
C TYR D 102 16.99 -24.53 24.03
N LEU D 103 15.73 -24.34 24.39
CA LEU D 103 15.42 -23.22 25.28
C LEU D 103 15.75 -23.56 26.74
N ILE D 104 15.53 -24.81 27.14
CA ILE D 104 15.73 -25.17 28.55
C ILE D 104 17.20 -25.12 28.91
N LYS D 105 18.08 -25.34 27.92
CA LYS D 105 19.52 -25.32 28.16
C LYS D 105 20.00 -23.93 28.57
N TYR D 106 19.36 -22.88 28.06
CA TYR D 106 19.81 -21.52 28.30
C TYR D 106 18.81 -20.67 29.09
N SER D 107 17.78 -21.28 29.66
CA SER D 107 16.85 -20.52 30.49
C SER D 107 17.00 -20.97 31.94
N ASP D 108 16.46 -20.17 32.87
CA ASP D 108 16.58 -20.48 34.29
C ASP D 108 15.38 -21.30 34.77
N ARG D 109 15.67 -22.38 35.50
CA ARG D 109 14.61 -23.29 35.93
C ARG D 109 13.70 -22.67 36.97
N GLU D 110 14.22 -21.73 37.77
CA GLU D 110 13.37 -21.14 38.80
C GLU D 110 12.40 -20.15 38.17
N LEU D 111 12.87 -19.40 37.16
CA LEU D 111 12.01 -18.42 36.53
C LEU D 111 10.96 -19.11 35.68
N VAL D 112 11.34 -20.18 34.98
CA VAL D 112 10.32 -20.89 34.23
C VAL D 112 9.37 -21.64 35.15
N GLN D 113 9.81 -21.97 36.37
CA GLN D 113 8.87 -22.53 37.34
C GLN D 113 7.91 -21.47 37.85
N PHE D 114 8.38 -20.22 37.92
CA PHE D 114 7.50 -19.11 38.27
C PHE D 114 6.45 -18.90 37.21
N PHE D 115 6.85 -18.93 35.94
CA PHE D 115 5.87 -18.72 34.89
C PHE D 115 4.96 -19.93 34.76
N GLU D 116 5.48 -21.11 35.13
CA GLU D 116 4.68 -22.32 35.11
C GLU D 116 3.58 -22.28 36.18
N ASN D 117 3.82 -21.55 37.26
CA ASN D 117 2.80 -21.52 38.31
C ASN D 117 1.62 -20.63 37.91
N ALA D 118 1.85 -19.64 37.06
CA ALA D 118 0.76 -18.76 36.65
C ALA D 118 0.30 -19.11 35.23
N LYS D 135 9.90 -34.89 37.24
CA LYS D 135 10.35 -33.54 36.98
C LYS D 135 10.00 -33.09 35.56
N ASP D 136 10.99 -32.51 34.88
CA ASP D 136 10.83 -32.09 33.49
C ASP D 136 11.07 -33.22 32.50
N GLU D 137 11.38 -34.43 32.96
CA GLU D 137 11.60 -35.54 32.04
C GLU D 137 10.32 -36.22 31.64
N ILE D 138 9.33 -36.28 32.52
CA ILE D 138 8.05 -36.86 32.17
C ILE D 138 7.25 -35.92 31.26
N GLU D 139 7.41 -34.61 31.45
CA GLU D 139 6.67 -33.63 30.66
C GLU D 139 7.53 -32.40 30.46
N LYS D 140 7.47 -31.84 29.31
CA LYS D 140 8.19 -30.60 29.09
C LYS D 140 7.32 -29.40 29.43
N PRO D 141 7.90 -28.34 29.96
CA PRO D 141 7.12 -27.12 30.19
C PRO D 141 6.72 -26.46 28.88
N SER D 142 5.65 -25.66 28.94
CA SER D 142 5.01 -25.11 27.76
C SER D 142 5.89 -24.06 27.09
N ILE D 143 5.67 -23.89 25.79
CA ILE D 143 6.55 -23.03 24.98
C ILE D 143 6.34 -21.55 25.31
N PHE D 144 5.15 -21.16 25.77
CA PHE D 144 4.95 -19.77 26.15
C PHE D 144 5.40 -19.47 27.57
N ALA D 145 5.73 -20.50 28.34
CA ALA D 145 6.17 -20.26 29.71
C ALA D 145 7.64 -19.93 29.82
N LEU D 146 8.41 -20.02 28.73
CA LEU D 146 9.84 -19.82 28.87
C LEU D 146 10.50 -18.97 27.80
N LEU D 147 9.78 -18.53 26.79
CA LEU D 147 10.36 -17.66 25.77
C LEU D 147 10.76 -16.27 26.29
N PRO D 148 9.97 -15.61 27.16
CA PRO D 148 10.53 -14.43 27.83
C PRO D 148 11.62 -14.77 28.80
N ALA D 149 11.57 -15.95 29.43
CA ALA D 149 12.60 -16.28 30.41
C ALA D 149 13.93 -16.50 29.70
N TYR D 150 13.88 -16.99 28.46
CA TYR D 150 15.07 -17.11 27.64
C TYR D 150 15.59 -15.74 27.23
N ALA D 151 14.69 -14.86 26.76
CA ALA D 151 15.16 -13.55 26.31
C ALA D 151 15.66 -12.70 27.47
N LEU D 152 15.04 -12.85 28.63
CA LEU D 152 15.48 -12.15 29.82
C LEU D 152 16.74 -12.76 30.40
N SER D 153 17.08 -13.99 30.02
CA SER D 153 18.33 -14.53 30.49
C SER D 153 19.46 -14.13 29.55
N GLU D 154 19.15 -13.98 28.27
CA GLU D 154 20.17 -13.59 27.31
C GLU D 154 20.57 -12.14 27.50
N ILE D 155 19.60 -11.26 27.79
CA ILE D 155 19.96 -9.85 27.96
C ILE D 155 20.82 -9.66 29.20
N LYS D 156 20.60 -10.48 30.22
CA LYS D 156 21.41 -10.41 31.43
C LYS D 156 22.81 -10.94 31.18
N SER D 157 22.92 -12.04 30.46
CA SER D 157 24.24 -12.60 30.23
C SER D 157 25.04 -11.74 29.25
N ALA D 158 24.35 -11.10 28.30
CA ALA D 158 25.03 -10.19 27.40
C ALA D 158 25.46 -8.92 28.11
N PHE D 159 24.72 -8.48 29.12
CA PHE D 159 25.18 -7.36 29.94
C PHE D 159 26.43 -7.74 30.73
N LYS D 160 26.44 -8.97 31.27
CA LYS D 160 27.56 -9.41 32.10
C LYS D 160 28.82 -9.55 31.26
N ILE D 161 28.70 -10.16 30.07
CA ILE D 161 29.84 -10.19 29.18
C ILE D 161 30.14 -8.82 28.58
N GLY D 162 29.18 -7.89 28.58
CA GLY D 162 29.45 -6.56 28.10
C GLY D 162 30.30 -5.73 29.05
N PHE D 163 30.21 -6.01 30.34
CA PHE D 163 31.08 -5.29 31.28
C PHE D 163 32.53 -5.69 31.13
N TYR D 164 32.78 -6.95 30.77
CA TYR D 164 34.14 -7.48 30.77
C TYR D 164 34.96 -6.84 29.67
N LEU D 165 34.46 -6.87 28.43
CA LEU D 165 35.27 -6.30 27.37
C LEU D 165 35.20 -4.78 27.35
N TYR D 166 34.30 -4.19 28.14
CA TYR D 166 34.36 -2.75 28.38
C TYR D 166 35.56 -2.41 29.24
N LEU D 167 35.95 -3.31 30.12
CA LEU D 167 36.90 -2.95 31.17
C LEU D 167 38.34 -2.54 30.78
N PRO D 168 39.04 -3.16 29.81
CA PRO D 168 40.41 -2.69 29.52
C PRO D 168 40.52 -1.33 28.86
N PHE D 169 39.49 -0.84 28.16
CA PHE D 169 39.57 0.48 27.56
C PHE D 169 39.39 1.62 28.56
N VAL D 170 38.91 1.33 29.76
CA VAL D 170 38.88 2.34 30.81
C VAL D 170 40.31 2.67 31.22
N VAL D 171 41.20 1.68 31.19
CA VAL D 171 42.56 1.89 31.68
C VAL D 171 43.32 2.80 30.72
N VAL D 172 43.15 2.61 29.41
CA VAL D 172 43.79 3.52 28.46
C VAL D 172 43.12 4.87 28.50
N ASP D 173 41.84 4.93 28.89
CA ASP D 173 41.23 6.24 29.05
C ASP D 173 41.77 6.98 30.27
N LEU D 174 42.17 6.25 31.30
CA LEU D 174 42.68 6.86 32.52
C LEU D 174 44.17 7.19 32.47
N VAL D 175 44.95 6.35 31.78
CA VAL D 175 46.41 6.50 31.88
C VAL D 175 46.88 7.72 31.09
N VAL D 176 46.23 8.04 29.97
CA VAL D 176 46.67 9.21 29.25
C VAL D 176 46.13 10.48 29.89
N SER D 177 45.01 10.39 30.61
CA SER D 177 44.55 11.57 31.34
C SER D 177 45.42 11.83 32.55
N SER D 178 46.06 10.79 33.07
CA SER D 178 46.94 11.00 34.20
C SER D 178 48.31 11.44 33.76
N VAL D 179 48.76 11.05 32.56
CA VAL D 179 50.06 11.55 32.13
C VAL D 179 49.92 12.97 31.59
N LEU D 180 48.72 13.39 31.17
CA LEU D 180 48.52 14.80 30.84
C LEU D 180 48.38 15.64 32.09
N LEU D 181 47.75 15.12 33.14
CA LEU D 181 47.71 15.83 34.40
C LEU D 181 49.05 15.78 35.14
N ALA D 182 49.91 14.82 34.83
CA ALA D 182 51.25 14.81 35.39
C ALA D 182 52.05 16.00 34.89
N LEU D 183 51.86 16.39 33.64
CA LEU D 183 52.37 17.67 33.17
C LEU D 183 51.36 18.75 33.55
N GLY D 184 51.68 20.01 33.23
CA GLY D 184 50.76 21.05 33.64
C GLY D 184 49.52 21.21 32.79
N MET D 185 49.46 20.54 31.64
CA MET D 185 48.38 20.75 30.68
C MET D 185 47.13 20.05 31.20
N MET D 186 46.36 20.76 32.03
CA MET D 186 45.11 20.19 32.54
C MET D 186 43.91 20.53 31.69
N MET D 187 43.96 21.62 30.92
CA MET D 187 42.85 22.04 30.09
C MET D 187 43.06 21.53 28.67
N MET D 188 43.02 20.21 28.55
CA MET D 188 43.27 19.52 27.28
C MET D 188 42.34 18.32 27.20
N SER D 189 41.54 18.27 26.15
CA SER D 189 40.55 17.21 25.98
C SER D 189 41.22 15.90 25.59
N PRO D 190 41.16 14.86 26.43
CA PRO D 190 41.88 13.63 26.13
C PRO D 190 41.15 12.67 25.20
N VAL D 191 40.00 13.06 24.64
CA VAL D 191 39.33 12.15 23.72
C VAL D 191 40.01 12.16 22.37
N THR D 192 40.73 13.22 22.02
CA THR D 192 41.40 13.26 20.74
C THR D 192 42.70 12.47 20.75
N ILE D 193 43.17 12.07 21.93
CA ILE D 193 44.37 11.28 22.05
C ILE D 193 44.09 9.84 22.44
N SER D 194 43.06 9.59 23.27
CA SER D 194 42.80 8.22 23.72
C SER D 194 42.25 7.35 22.61
N THR D 195 41.43 7.93 21.73
CA THR D 195 40.79 7.19 20.64
C THR D 195 41.80 6.64 19.62
N PRO D 196 42.94 7.30 19.33
CA PRO D 196 44.02 6.55 18.67
C PRO D 196 44.55 5.39 19.47
N ILE D 197 44.78 5.58 20.77
CA ILE D 197 45.31 4.50 21.58
C ILE D 197 44.23 3.46 21.89
N LYS D 198 42.96 3.80 21.69
CA LYS D 198 41.89 2.85 21.99
C LYS D 198 41.87 1.70 20.97
N LEU D 199 41.93 2.03 19.69
CA LEU D 199 41.71 1.00 18.68
C LEU D 199 42.97 0.21 18.34
N VAL D 200 44.16 0.73 18.66
CA VAL D 200 45.33 -0.11 18.45
C VAL D 200 45.38 -1.21 19.48
N LEU D 201 44.76 -1.01 20.64
CA LEU D 201 44.55 -2.08 21.59
C LEU D 201 43.58 -3.12 21.07
N PHE D 202 42.72 -2.76 20.14
CA PHE D 202 41.76 -3.71 19.62
C PHE D 202 42.21 -4.37 18.33
N VAL D 203 43.20 -3.81 17.65
CA VAL D 203 43.70 -4.44 16.44
C VAL D 203 45.01 -5.18 16.68
N ALA D 204 45.78 -4.82 17.71
CA ALA D 204 46.93 -5.64 18.06
C ALA D 204 46.50 -6.89 18.80
N LEU D 205 45.41 -6.82 19.56
CA LEU D 205 44.80 -8.02 20.11
C LEU D 205 44.14 -8.85 19.02
N ASP D 206 43.76 -8.20 17.91
CA ASP D 206 42.88 -8.75 16.88
C ASP D 206 41.60 -9.29 17.52
N GLY D 207 40.97 -8.44 18.33
CA GLY D 207 39.87 -8.88 19.18
C GLY D 207 38.60 -9.23 18.43
N TRP D 208 38.48 -8.76 17.19
CA TRP D 208 37.29 -9.04 16.41
C TRP D 208 37.25 -10.49 15.99
N THR D 209 38.38 -11.05 15.58
CA THR D 209 38.32 -12.40 15.06
C THR D 209 38.26 -13.44 16.16
N LEU D 210 38.50 -13.05 17.41
CA LEU D 210 38.52 -13.99 18.51
C LEU D 210 37.26 -13.94 19.36
N LEU D 211 36.62 -12.77 19.50
CA LEU D 211 35.39 -12.82 20.25
C LEU D 211 34.27 -13.44 19.45
N SER D 212 34.34 -13.40 18.11
CA SER D 212 33.34 -14.09 17.32
C SER D 212 33.56 -15.59 17.41
N LYS D 213 34.80 -16.00 17.66
CA LYS D 213 35.13 -17.40 17.83
C LYS D 213 34.50 -17.91 19.11
N GLY D 214 34.84 -17.26 20.23
CA GLY D 214 34.33 -17.77 21.49
C GLY D 214 32.83 -17.57 21.65
N LEU D 215 32.25 -16.60 20.94
CA LEU D 215 30.80 -16.48 20.85
C LEU D 215 30.17 -17.65 20.11
N ILE D 216 30.81 -18.12 19.04
CA ILE D 216 30.33 -19.33 18.39
C ILE D 216 30.53 -20.56 19.28
N LEU D 217 31.69 -20.64 19.94
CA LEU D 217 31.98 -21.77 20.81
C LEU D 217 31.17 -21.78 22.09
N GLN D 218 30.46 -20.70 22.41
CA GLN D 218 29.65 -20.69 23.61
C GLN D 218 28.42 -21.58 23.47
N TYR D 219 27.96 -21.80 22.24
CA TYR D 219 26.81 -22.66 21.97
C TYR D 219 27.17 -23.89 21.18
N MET D 220 27.97 -23.75 20.11
CA MET D 220 28.32 -24.88 19.27
C MET D 220 29.71 -25.37 19.63
N ASP D 221 29.83 -26.68 19.92
CA ASP D 221 31.13 -27.22 20.25
C ASP D 221 31.96 -27.41 18.99
N ILE D 222 33.27 -27.58 19.19
CA ILE D 222 34.18 -27.76 18.07
C ILE D 222 34.03 -29.15 17.50
N ASN E 3 -28.38 -11.38 12.46
CA ASN E 3 -27.54 -12.57 12.47
C ASN E 3 -26.34 -12.38 11.56
N ASP E 4 -26.60 -11.87 10.36
CA ASP E 4 -25.51 -11.58 9.43
C ASP E 4 -24.70 -10.39 9.89
N ILE E 5 -25.35 -9.35 10.42
CA ILE E 5 -24.63 -8.18 10.89
C ILE E 5 -23.92 -8.41 12.21
N SER E 6 -24.20 -9.52 12.90
CA SER E 6 -23.34 -9.92 14.00
C SER E 6 -21.93 -10.24 13.52
N LEU E 7 -21.81 -10.72 12.27
CA LEU E 7 -20.49 -10.90 11.71
C LEU E 7 -19.85 -9.56 11.36
N ILE E 8 -20.66 -8.56 10.99
CA ILE E 8 -20.12 -7.24 10.72
C ILE E 8 -19.60 -6.62 12.01
N ALA E 9 -20.33 -6.84 13.11
CA ALA E 9 -19.88 -6.36 14.40
C ALA E 9 -18.65 -7.11 14.87
N LEU E 10 -18.47 -8.36 14.42
CA LEU E 10 -17.28 -9.09 14.82
C LEU E 10 -16.07 -8.60 14.05
N LEU E 11 -16.21 -8.39 12.75
CA LEU E 11 -15.06 -7.98 11.96
C LEU E 11 -14.69 -6.54 12.26
N ALA E 12 -15.69 -5.69 12.52
CA ALA E 12 -15.41 -4.33 12.93
C ALA E 12 -14.77 -4.28 14.30
N PHE E 13 -15.11 -5.21 15.20
CA PHE E 13 -14.34 -5.28 16.44
C PHE E 13 -12.93 -5.79 16.17
N SER E 14 -12.77 -6.65 15.17
CA SER E 14 -11.49 -7.27 14.90
C SER E 14 -10.49 -6.26 14.35
N THR E 15 -10.97 -5.31 13.56
CA THR E 15 -10.05 -4.36 12.93
C THR E 15 -9.48 -3.37 13.95
N LEU E 16 -10.28 -2.98 14.95
CA LEU E 16 -9.84 -2.02 15.96
C LEU E 16 -9.14 -2.67 17.13
N LEU E 17 -8.64 -3.90 16.96
CA LEU E 17 -8.08 -4.63 18.10
C LEU E 17 -6.76 -4.05 18.63
N PRO E 18 -5.70 -3.84 17.82
CA PRO E 18 -4.42 -3.50 18.46
C PRO E 18 -4.36 -2.11 19.02
N PHE E 19 -5.29 -1.22 18.67
CA PHE E 19 -5.33 0.06 19.37
C PHE E 19 -6.02 -0.07 20.71
N ILE E 20 -6.82 -1.12 20.89
CA ILE E 20 -7.29 -1.45 22.23
C ILE E 20 -6.13 -2.03 23.04
N ILE E 21 -5.29 -2.87 22.44
CA ILE E 21 -4.10 -3.29 23.18
C ILE E 21 -3.16 -2.11 23.42
N ALA E 22 -3.19 -1.10 22.55
CA ALA E 22 -2.42 0.12 22.78
C ALA E 22 -2.98 0.97 23.92
N SER E 23 -4.23 0.81 24.27
CA SER E 23 -4.71 1.74 25.30
C SER E 23 -5.29 1.06 26.52
N GLY E 24 -6.10 0.02 26.34
CA GLY E 24 -6.94 -0.55 27.36
C GLY E 24 -6.25 -1.51 28.32
N THR E 25 -5.30 -2.29 27.83
CA THR E 25 -4.67 -3.29 28.67
C THR E 25 -3.51 -2.70 29.47
N CYS E 26 -2.79 -3.58 30.17
CA CYS E 26 -1.65 -3.24 31.00
C CYS E 26 -0.33 -3.31 30.27
N PHE E 27 -0.36 -3.33 28.93
CA PHE E 27 0.87 -3.27 28.14
C PHE E 27 1.58 -1.93 28.33
N VAL E 28 0.81 -0.89 28.67
CA VAL E 28 1.31 0.44 28.93
C VAL E 28 2.12 0.51 30.21
N LYS E 29 1.98 -0.44 31.12
CA LYS E 29 2.85 -0.41 32.29
C LYS E 29 4.20 -1.03 31.99
N PHE E 30 4.22 -2.08 31.17
CA PHE E 30 5.47 -2.77 30.91
C PHE E 30 6.35 -1.99 29.94
N SER E 31 5.72 -1.35 28.95
CA SER E 31 6.49 -0.69 27.90
C SER E 31 7.22 0.53 28.44
N ILE E 32 6.59 1.28 29.34
CA ILE E 32 7.17 2.52 29.79
C ILE E 32 8.35 2.23 30.71
N VAL E 33 8.17 1.27 31.63
CA VAL E 33 9.23 0.98 32.57
C VAL E 33 10.37 0.27 31.86
N PHE E 34 10.10 -0.37 30.71
CA PHE E 34 11.21 -0.97 30.01
C PHE E 34 11.97 0.05 29.17
N VAL E 35 11.32 1.14 28.75
CA VAL E 35 12.12 2.19 28.13
C VAL E 35 12.91 2.93 29.20
N MET E 36 12.36 3.00 30.41
CA MET E 36 13.02 3.73 31.49
C MET E 36 14.26 3.01 32.00
N VAL E 37 14.22 1.67 32.04
CA VAL E 37 15.42 0.95 32.46
C VAL E 37 16.50 0.98 31.38
N ARG E 38 16.11 1.23 30.14
CA ARG E 38 17.09 1.50 29.09
C ARG E 38 17.69 2.89 29.21
N ASN E 39 16.86 3.87 29.56
CA ASN E 39 17.33 5.25 29.61
C ASN E 39 18.17 5.51 30.85
N ALA E 40 17.83 4.88 31.97
CA ALA E 40 18.57 5.09 33.20
C ALA E 40 19.97 4.51 33.13
N LEU E 41 20.15 3.43 32.38
CA LEU E 41 21.49 2.87 32.19
C LEU E 41 22.34 3.70 31.25
N GLY E 42 21.75 4.67 30.54
CA GLY E 42 22.46 5.48 29.58
C GLY E 42 22.58 4.88 28.21
N LEU E 43 22.17 3.64 28.02
CA LEU E 43 22.21 3.03 26.70
C LEU E 43 21.10 3.64 25.84
N GLN E 44 21.45 4.00 24.62
CA GLN E 44 20.49 4.66 23.75
C GLN E 44 19.77 3.69 22.81
N GLN E 45 20.51 2.99 21.96
CA GLN E 45 19.88 2.15 20.96
C GLN E 45 19.63 0.74 21.49
N ILE E 46 20.63 0.14 22.12
CA ILE E 46 20.52 -1.18 22.72
C ILE E 46 19.67 -1.10 23.98
N PRO E 47 18.90 -2.15 24.33
CA PRO E 47 18.75 -3.45 23.69
C PRO E 47 17.72 -3.55 22.58
N SER E 48 17.69 -2.59 21.64
CA SER E 48 16.99 -2.70 20.35
C SER E 48 15.48 -2.94 20.53
N ASN E 49 14.81 -1.87 20.95
CA ASN E 49 13.46 -1.91 21.53
C ASN E 49 12.36 -2.60 20.72
N MET E 50 12.66 -2.98 19.48
CA MET E 50 11.75 -3.87 18.76
C MET E 50 11.60 -5.21 19.49
N THR E 51 12.64 -5.69 20.14
CA THR E 51 12.49 -6.90 20.94
C THR E 51 11.97 -6.58 22.34
N LEU E 52 12.07 -5.32 22.75
CA LEU E 52 11.62 -4.98 24.09
C LEU E 52 10.13 -4.77 24.11
N ASN E 53 9.57 -4.46 22.94
CA ASN E 53 8.12 -4.49 22.79
C ASN E 53 7.61 -5.92 22.89
N GLY E 54 8.39 -6.88 22.39
CA GLY E 54 7.91 -8.25 22.34
C GLY E 54 7.94 -8.88 23.72
N VAL E 55 9.04 -8.65 24.46
CA VAL E 55 9.11 -9.20 25.82
C VAL E 55 8.13 -8.47 26.74
N ALA E 56 7.83 -7.19 26.48
CA ALA E 56 6.82 -6.53 27.28
C ALA E 56 5.41 -6.96 26.89
N LEU E 57 5.22 -7.37 25.64
CA LEU E 57 3.91 -7.84 25.21
C LEU E 57 3.59 -9.21 25.78
N LEU E 58 4.60 -10.09 25.85
CA LEU E 58 4.32 -11.48 26.24
C LEU E 58 3.90 -11.60 27.71
N LEU E 59 4.39 -10.71 28.58
CA LEU E 59 3.94 -10.72 29.96
C LEU E 59 2.51 -10.21 30.07
N SER E 60 2.17 -9.22 29.24
CA SER E 60 0.84 -8.64 29.34
C SER E 60 -0.20 -9.61 28.79
N MET E 61 0.14 -10.32 27.72
CA MET E 61 -0.73 -11.41 27.26
C MET E 61 -0.84 -12.52 28.30
N PHE E 62 0.28 -12.82 28.96
CA PHE E 62 0.32 -13.84 30.00
C PHE E 62 -0.57 -13.50 31.19
N VAL E 63 -0.78 -12.21 31.46
CA VAL E 63 -1.74 -11.82 32.49
C VAL E 63 -3.15 -11.65 31.93
N MET E 64 -3.29 -11.11 30.72
CA MET E 64 -4.60 -10.80 30.17
C MET E 64 -5.35 -12.01 29.66
N TRP E 65 -4.71 -13.18 29.55
CA TRP E 65 -5.38 -14.33 28.95
C TRP E 65 -6.62 -14.84 29.69
N PRO E 66 -6.68 -14.95 31.03
CA PRO E 66 -7.95 -15.40 31.64
C PRO E 66 -9.09 -14.41 31.51
N ILE E 67 -8.83 -13.13 31.33
CA ILE E 67 -9.91 -12.16 31.14
C ILE E 67 -10.52 -12.33 29.76
N MET E 68 -9.68 -12.37 28.72
CA MET E 68 -10.17 -12.46 27.35
C MET E 68 -10.72 -13.83 26.99
N HIS E 69 -10.35 -14.87 27.73
CA HIS E 69 -10.80 -16.22 27.38
C HIS E 69 -12.27 -16.44 27.73
N ASP E 70 -12.77 -15.80 28.78
CA ASP E 70 -14.19 -15.92 29.13
C ASP E 70 -15.11 -15.22 28.13
N ALA E 71 -14.57 -14.32 27.31
CA ALA E 71 -15.36 -13.69 26.28
C ALA E 71 -15.70 -14.66 25.17
N TYR E 72 -14.77 -15.57 24.83
CA TYR E 72 -15.02 -16.53 23.75
C TYR E 72 -16.12 -17.48 24.17
N VAL E 73 -16.00 -18.07 25.36
CA VAL E 73 -16.98 -19.04 25.82
C VAL E 73 -18.33 -18.37 26.09
N TYR E 74 -18.34 -17.08 26.46
CA TYR E 74 -19.60 -16.39 26.60
C TYR E 74 -20.24 -16.00 25.28
N PHE E 75 -19.46 -15.67 24.25
CA PHE E 75 -20.00 -15.16 23.00
C PHE E 75 -20.13 -16.20 21.89
N GLU E 76 -19.51 -17.37 22.02
CA GLU E 76 -19.79 -18.50 21.14
C GLU E 76 -20.98 -19.32 21.59
N ASP E 77 -21.76 -18.82 22.56
CA ASP E 77 -23.00 -19.49 22.94
C ASP E 77 -23.98 -19.48 21.80
N GLU E 78 -24.69 -20.59 21.62
CA GLU E 78 -25.67 -20.72 20.55
C GLU E 78 -26.95 -19.95 20.83
N ASP E 79 -27.11 -19.39 22.03
CA ASP E 79 -28.29 -18.59 22.37
C ASP E 79 -27.89 -17.13 22.63
N VAL E 80 -27.04 -16.59 21.76
CA VAL E 80 -26.80 -15.14 21.75
C VAL E 80 -28.08 -14.42 21.34
N THR E 81 -28.72 -14.91 20.28
CA THR E 81 -29.88 -14.23 19.71
C THR E 81 -31.09 -14.39 20.65
N PHE E 82 -31.58 -13.28 21.14
CA PHE E 82 -32.73 -13.21 22.02
C PHE E 82 -33.97 -12.92 21.19
N ASN E 83 -35.06 -12.56 21.86
CA ASN E 83 -36.28 -12.18 21.16
C ASN E 83 -36.70 -10.74 21.43
N ASP E 84 -36.01 -10.01 22.31
CA ASP E 84 -36.36 -8.63 22.57
C ASP E 84 -35.15 -7.71 22.42
N ILE E 85 -35.46 -6.46 22.12
CA ILE E 85 -34.44 -5.50 21.72
C ILE E 85 -33.68 -4.98 22.93
N SER E 86 -34.28 -5.03 24.12
CA SER E 86 -33.58 -4.52 25.29
C SER E 86 -32.82 -5.62 25.99
N SER E 87 -33.31 -6.86 25.92
CA SER E 87 -32.57 -7.98 26.47
C SER E 87 -31.34 -8.27 25.64
N LEU E 88 -31.40 -8.04 24.32
CA LEU E 88 -30.22 -8.26 23.50
C LEU E 88 -29.16 -7.21 23.77
N SER E 89 -29.56 -5.97 24.04
CA SER E 89 -28.61 -4.95 24.49
C SER E 89 -28.17 -5.15 25.93
N LYS E 90 -28.96 -5.87 26.74
CA LYS E 90 -28.50 -6.24 28.07
C LYS E 90 -27.44 -7.33 28.02
N HIS E 91 -27.47 -8.17 26.99
CA HIS E 91 -26.57 -9.31 26.94
C HIS E 91 -25.14 -8.87 26.67
N VAL E 92 -24.95 -7.79 25.90
CA VAL E 92 -23.59 -7.37 25.61
C VAL E 92 -23.02 -6.59 26.79
N ASP E 93 -23.87 -6.10 27.68
CA ASP E 93 -23.39 -5.42 28.87
C ASP E 93 -22.87 -6.46 29.86
N GLU E 94 -23.66 -7.49 30.10
CA GLU E 94 -23.20 -8.53 31.02
C GLU E 94 -22.11 -9.39 30.40
N GLY E 95 -21.94 -9.35 29.08
CA GLY E 95 -20.72 -9.87 28.51
C GLY E 95 -19.51 -8.97 28.76
N LEU E 96 -19.71 -7.65 28.73
CA LEU E 96 -18.60 -6.73 28.91
C LEU E 96 -18.28 -6.42 30.37
N ASP E 97 -18.97 -7.07 31.30
CA ASP E 97 -18.77 -6.68 32.69
C ASP E 97 -17.49 -7.23 33.28
N GLY E 98 -16.95 -8.33 32.73
CA GLY E 98 -15.72 -8.88 33.24
C GLY E 98 -14.51 -8.04 32.85
N TYR E 99 -14.59 -7.33 31.74
CA TYR E 99 -13.53 -6.40 31.39
C TYR E 99 -13.72 -5.12 32.19
N ARG E 100 -14.98 -4.75 32.43
CA ARG E 100 -15.27 -3.43 32.95
C ARG E 100 -14.89 -3.34 34.43
N ASP E 101 -15.18 -4.38 35.21
CA ASP E 101 -14.77 -4.31 36.61
C ASP E 101 -13.26 -4.44 36.77
N TYR E 102 -12.58 -5.02 35.77
CA TYR E 102 -11.12 -4.97 35.75
C TYR E 102 -10.65 -3.54 35.60
N LEU E 103 -11.36 -2.74 34.79
CA LEU E 103 -10.97 -1.33 34.71
C LEU E 103 -11.25 -0.61 36.02
N ILE E 104 -12.27 -1.08 36.75
CA ILE E 104 -12.65 -0.43 38.00
C ILE E 104 -11.60 -0.69 39.05
N LYS E 105 -11.02 -1.90 39.05
CA LYS E 105 -10.12 -2.28 40.14
C LYS E 105 -8.81 -1.52 40.04
N TYR E 106 -8.33 -1.29 38.83
CA TYR E 106 -7.00 -0.78 38.61
C TYR E 106 -6.98 0.68 38.17
N SER E 107 -8.13 1.35 38.11
CA SER E 107 -8.09 2.76 37.76
C SER E 107 -8.19 3.61 39.02
N ASP E 108 -7.91 4.90 38.87
CA ASP E 108 -7.98 5.82 39.99
C ASP E 108 -9.41 6.20 40.30
N ARG E 109 -9.65 6.57 41.56
CA ARG E 109 -10.99 6.91 41.99
C ARG E 109 -11.41 8.28 41.44
N GLU E 110 -10.66 9.32 41.81
CA GLU E 110 -11.11 10.66 41.46
C GLU E 110 -10.88 10.99 40.01
N LEU E 111 -9.91 10.33 39.37
CA LEU E 111 -9.66 10.63 37.97
C LEU E 111 -10.77 10.07 37.10
N VAL E 112 -11.32 8.91 37.48
CA VAL E 112 -12.53 8.42 36.84
C VAL E 112 -13.69 9.33 37.15
N GLN E 113 -13.77 9.80 38.41
CA GLN E 113 -14.89 10.62 38.86
C GLN E 113 -14.94 11.98 38.18
N PHE E 114 -13.80 12.48 37.74
CA PHE E 114 -13.76 13.75 37.04
C PHE E 114 -14.40 13.69 35.65
N PHE E 115 -14.30 12.56 34.96
CA PHE E 115 -14.81 12.52 33.60
C PHE E 115 -16.32 12.46 33.49
N GLU E 116 -17.04 11.97 34.51
CA GLU E 116 -18.50 11.95 34.38
C GLU E 116 -19.05 13.36 34.54
N ASN E 117 -18.48 14.12 35.48
CA ASN E 117 -18.89 15.50 35.65
C ASN E 117 -18.48 16.32 34.44
N ALA E 118 -17.35 15.97 33.82
CA ALA E 118 -16.95 16.74 32.66
C ALA E 118 -17.79 16.38 31.43
N GLN E 119 -18.31 15.15 31.35
CA GLN E 119 -19.10 14.76 30.19
C GLN E 119 -20.57 15.16 30.32
N LEU E 120 -21.05 15.36 31.54
CA LEU E 120 -22.47 15.65 31.72
C LEU E 120 -22.77 17.10 31.39
N LYS E 121 -21.87 18.01 31.76
CA LYS E 121 -22.09 19.42 31.47
C LYS E 121 -21.92 19.69 29.97
N ARG E 122 -21.14 18.86 29.28
CA ARG E 122 -21.17 18.85 27.82
C ARG E 122 -22.49 18.29 27.32
N GLN E 123 -23.03 17.29 28.01
CA GLN E 123 -24.23 16.59 27.55
C GLN E 123 -25.47 17.45 27.65
N TYR E 124 -25.86 17.84 28.86
CA TYR E 124 -27.03 18.66 29.08
C TYR E 124 -26.69 20.14 29.21
N GLY E 125 -25.80 20.47 30.11
CA GLY E 125 -25.44 21.85 30.38
C GLY E 125 -24.95 21.96 31.80
N GLU E 126 -24.73 23.20 32.23
CA GLU E 126 -24.16 23.44 33.55
C GLU E 126 -25.12 23.05 34.68
N GLU E 127 -26.44 22.99 34.40
CA GLU E 127 -27.43 22.78 35.46
C GLU E 127 -27.40 21.38 36.04
N THR E 128 -26.67 20.45 35.45
CA THR E 128 -26.56 19.11 36.02
C THR E 128 -25.70 19.16 37.28
N GLU E 129 -26.25 18.63 38.36
CA GLU E 129 -25.55 18.59 39.64
C GLU E 129 -24.50 17.50 39.68
N THR E 130 -23.41 17.77 40.41
CA THR E 130 -22.21 16.96 40.36
C THR E 130 -22.40 15.67 41.16
N VAL E 131 -21.70 14.62 40.75
CA VAL E 131 -21.78 13.34 41.46
C VAL E 131 -20.54 13.18 42.32
N LYS E 132 -20.73 12.63 43.51
CA LYS E 132 -19.66 12.50 44.49
C LYS E 132 -19.13 11.08 44.50
N ARG E 133 -18.33 10.76 45.53
CA ARG E 133 -17.72 9.45 45.65
C ARG E 133 -18.77 8.37 45.94
N ASP E 134 -19.90 8.76 46.51
CA ASP E 134 -20.86 7.81 47.07
C ASP E 134 -21.62 7.02 46.02
N LYS E 135 -21.34 7.25 44.74
CA LYS E 135 -21.91 6.46 43.66
C LYS E 135 -21.33 5.06 43.64
N ASP E 136 -20.17 4.87 44.29
CA ASP E 136 -19.32 3.72 43.98
C ASP E 136 -19.96 2.41 44.42
N GLU E 137 -20.89 2.47 45.35
CA GLU E 137 -21.42 1.26 45.91
C GLU E 137 -22.44 0.63 44.96
N ILE E 138 -23.15 1.44 44.17
CA ILE E 138 -24.21 0.91 43.31
C ILE E 138 -23.97 1.14 41.82
N GLU E 139 -23.49 2.31 41.43
CA GLU E 139 -23.56 2.70 40.03
C GLU E 139 -22.22 2.48 39.33
N LYS E 140 -22.30 2.03 38.05
CA LYS E 140 -21.15 1.79 37.21
CA LYS E 140 -21.14 1.80 37.23
C LYS E 140 -20.98 2.89 36.17
N PRO E 141 -19.77 3.33 35.90
CA PRO E 141 -19.55 4.34 34.87
C PRO E 141 -19.60 3.71 33.48
N SER E 142 -19.52 4.57 32.48
CA SER E 142 -19.51 4.12 31.10
C SER E 142 -18.14 3.54 30.75
N ILE E 143 -18.09 2.83 29.62
CA ILE E 143 -16.83 2.25 29.18
C ILE E 143 -15.95 3.29 28.50
N PHE E 144 -16.52 4.42 28.05
CA PHE E 144 -15.71 5.41 27.36
C PHE E 144 -15.24 6.52 28.29
N ALA E 145 -15.70 6.54 29.53
CA ALA E 145 -15.17 7.44 30.56
C ALA E 145 -14.16 6.78 31.48
N LEU E 146 -13.85 5.51 31.27
CA LEU E 146 -12.91 4.80 32.15
C LEU E 146 -11.48 4.83 31.63
N LEU E 147 -11.27 4.27 30.45
CA LEU E 147 -9.96 4.10 29.83
C LEU E 147 -9.11 5.33 29.56
N PRO E 148 -9.67 6.58 29.47
CA PRO E 148 -8.77 7.74 29.61
C PRO E 148 -8.18 7.81 31.00
N ALA E 149 -9.01 7.73 32.02
CA ALA E 149 -8.49 7.88 33.37
C ALA E 149 -7.71 6.65 33.78
N TYR E 150 -7.98 5.52 33.12
CA TYR E 150 -7.18 4.32 33.36
C TYR E 150 -5.78 4.55 32.83
N ALA E 151 -5.67 5.01 31.58
CA ALA E 151 -4.37 5.11 30.96
C ALA E 151 -3.53 6.20 31.61
N LEU E 152 -4.17 7.25 32.12
CA LEU E 152 -3.40 8.22 32.91
C LEU E 152 -2.97 7.66 34.25
N SER E 153 -3.82 6.85 34.91
CA SER E 153 -3.40 6.32 36.19
C SER E 153 -2.28 5.31 36.02
N GLU E 154 -2.27 4.58 34.90
CA GLU E 154 -1.19 3.65 34.69
C GLU E 154 0.08 4.34 34.27
N ILE E 155 -0.01 5.52 33.65
CA ILE E 155 1.20 6.29 33.40
C ILE E 155 1.76 6.81 34.72
N LYS E 156 0.87 7.14 35.67
CA LYS E 156 1.32 7.56 36.99
C LYS E 156 2.02 6.43 37.73
N SER E 157 1.48 5.22 37.63
CA SER E 157 2.10 4.11 38.37
C SER E 157 3.40 3.68 37.71
N ALA E 158 3.47 3.73 36.38
CA ALA E 158 4.70 3.35 35.70
C ALA E 158 5.81 4.36 35.97
N PHE E 159 5.48 5.66 36.02
CA PHE E 159 6.50 6.63 36.41
C PHE E 159 6.85 6.56 37.89
N LYS E 160 5.92 6.06 38.71
CA LYS E 160 6.19 5.81 40.12
C LYS E 160 7.24 4.73 40.25
N ILE E 161 7.14 3.68 39.44
CA ILE E 161 8.14 2.63 39.47
C ILE E 161 9.45 3.15 38.88
N GLY E 162 9.36 3.95 37.82
CA GLY E 162 10.53 4.39 37.10
C GLY E 162 11.41 5.37 37.84
N PHE E 163 10.88 6.06 38.85
CA PHE E 163 11.75 6.94 39.63
C PHE E 163 12.64 6.15 40.57
N TYR E 164 12.12 5.04 41.08
CA TYR E 164 12.79 4.33 42.17
C TYR E 164 14.06 3.65 41.69
N LEU E 165 13.98 2.92 40.58
CA LEU E 165 15.22 2.31 40.11
C LEU E 165 16.06 3.29 39.30
N TYR E 166 15.56 4.50 39.05
CA TYR E 166 16.45 5.57 38.59
C TYR E 166 17.34 6.09 39.69
N LEU E 167 16.94 5.93 40.95
CA LEU E 167 17.78 6.43 42.05
C LEU E 167 19.15 5.74 42.22
N PRO E 168 19.28 4.41 42.20
CA PRO E 168 20.59 3.83 42.49
C PRO E 168 21.62 4.01 41.39
N PHE E 169 21.29 4.64 40.28
CA PHE E 169 22.28 4.94 39.28
C PHE E 169 22.82 6.35 39.41
N VAL E 170 21.97 7.29 39.84
CA VAL E 170 22.48 8.64 39.97
C VAL E 170 23.25 8.81 41.27
N VAL E 171 23.07 7.89 42.23
CA VAL E 171 24.02 7.96 43.36
C VAL E 171 25.42 7.56 42.89
N VAL E 172 25.51 6.68 41.89
CA VAL E 172 26.80 6.34 41.30
C VAL E 172 27.33 7.50 40.47
N ASP E 173 26.44 8.14 39.72
CA ASP E 173 26.87 9.18 38.80
C ASP E 173 27.25 10.48 39.49
N LEU E 174 26.99 10.61 40.79
CA LEU E 174 27.49 11.81 41.44
C LEU E 174 28.83 11.56 42.11
N VAL E 175 29.04 10.36 42.64
CA VAL E 175 30.30 10.08 43.30
C VAL E 175 31.42 9.90 42.27
N VAL E 176 31.10 9.47 41.04
CA VAL E 176 32.18 9.41 40.04
C VAL E 176 32.55 10.82 39.59
N SER E 177 31.55 11.70 39.46
CA SER E 177 31.81 13.08 39.11
C SER E 177 32.45 13.86 40.25
N SER E 178 32.51 13.26 41.44
CA SER E 178 33.17 13.91 42.55
C SER E 178 34.57 13.37 42.77
N VAL E 179 34.81 12.08 42.52
CA VAL E 179 36.15 11.54 42.68
C VAL E 179 37.04 12.02 41.53
N LEU E 180 36.46 12.28 40.35
CA LEU E 180 37.25 12.90 39.27
C LEU E 180 37.61 14.35 39.58
N LEU E 181 36.76 15.07 40.30
CA LEU E 181 37.11 16.41 40.74
C LEU E 181 37.85 16.43 42.06
N ALA E 182 37.96 15.29 42.74
CA ALA E 182 38.93 15.19 43.81
C ALA E 182 40.34 15.24 43.26
N LEU E 183 40.56 14.68 42.08
CA LEU E 183 41.77 14.93 41.34
C LEU E 183 41.56 16.19 40.49
N GLY E 184 42.56 16.57 39.71
CA GLY E 184 42.40 17.73 38.86
C GLY E 184 41.94 17.39 37.46
N MET E 185 41.02 16.45 37.35
CA MET E 185 40.64 15.84 36.08
C MET E 185 39.35 16.43 35.54
N MET E 186 39.24 17.77 35.63
CA MET E 186 38.01 18.48 35.30
C MET E 186 37.63 18.32 33.83
N MET E 187 38.61 18.25 32.94
CA MET E 187 38.30 18.15 31.51
C MET E 187 38.14 16.71 31.06
N MET E 188 37.28 15.94 31.71
CA MET E 188 37.18 14.52 31.45
C MET E 188 35.71 14.13 31.47
N SER E 189 35.29 13.30 30.53
CA SER E 189 33.90 12.83 30.43
C SER E 189 33.65 11.72 31.44
N PRO E 190 32.88 11.98 32.50
CA PRO E 190 32.68 10.96 33.53
C PRO E 190 31.71 9.85 33.18
N VAL E 191 30.97 9.95 32.07
CA VAL E 191 30.01 8.89 31.77
C VAL E 191 30.70 7.65 31.20
N THR E 192 31.91 7.81 30.67
CA THR E 192 32.65 6.68 30.11
C THR E 192 33.42 5.93 31.18
N ILE E 193 33.44 6.44 32.40
CA ILE E 193 33.97 5.68 33.52
C ILE E 193 32.76 5.17 34.30
N SER E 194 31.66 5.93 34.27
CA SER E 194 30.48 5.52 35.01
C SER E 194 29.74 4.35 34.37
N THR E 195 29.92 4.11 33.09
CA THR E 195 29.12 3.06 32.44
C THR E 195 29.40 1.61 32.85
N PRO E 196 30.66 1.18 33.11
CA PRO E 196 30.85 -0.18 33.67
C PRO E 196 30.21 -0.39 35.02
N ILE E 197 30.47 0.51 35.98
CA ILE E 197 29.92 0.30 37.30
C ILE E 197 28.44 0.59 37.34
N LYS E 198 27.88 1.19 36.30
CA LYS E 198 26.44 1.21 36.17
C LYS E 198 25.93 -0.13 35.69
N LEU E 199 26.70 -0.84 34.86
CA LEU E 199 26.21 -2.14 34.39
C LEU E 199 26.34 -3.22 35.45
N VAL E 200 27.38 -3.10 36.28
CA VAL E 200 27.59 -4.07 37.34
C VAL E 200 26.50 -3.96 38.39
N LEU E 201 26.09 -2.74 38.74
CA LEU E 201 25.05 -2.58 39.74
C LEU E 201 23.68 -3.08 39.29
N PHE E 202 23.50 -3.36 38.00
CA PHE E 202 22.31 -4.04 37.56
C PHE E 202 22.49 -5.53 37.32
N VAL E 203 23.71 -6.01 37.07
CA VAL E 203 23.80 -7.43 36.77
C VAL E 203 24.14 -8.19 38.04
N ALA E 204 24.81 -7.53 38.99
CA ALA E 204 25.04 -8.15 40.28
C ALA E 204 23.78 -8.13 41.12
N LEU E 205 22.93 -7.14 40.91
CA LEU E 205 21.66 -7.10 41.61
C LEU E 205 20.61 -7.93 40.90
N ASP E 206 20.78 -8.20 39.60
CA ASP E 206 19.87 -8.99 38.77
C ASP E 206 18.46 -8.45 38.80
N GLY E 207 18.32 -7.20 38.35
CA GLY E 207 17.04 -6.53 38.44
C GLY E 207 15.99 -7.05 37.48
N TRP E 208 16.41 -7.76 36.43
CA TRP E 208 15.46 -8.26 35.45
C TRP E 208 14.61 -9.39 36.03
N THR E 209 15.24 -10.31 36.76
CA THR E 209 14.56 -11.52 37.17
C THR E 209 13.87 -11.37 38.52
N LEU E 210 13.83 -10.16 39.06
CA LEU E 210 13.02 -9.89 40.22
C LEU E 210 12.05 -8.76 39.95
N LEU E 211 12.35 -7.88 39.01
CA LEU E 211 11.35 -6.90 38.59
C LEU E 211 10.29 -7.57 37.73
N SER E 212 10.69 -8.59 36.94
CA SER E 212 9.72 -9.30 36.13
C SER E 212 8.75 -10.09 36.99
N LYS E 213 9.24 -10.68 38.08
CA LYS E 213 8.32 -11.30 39.02
C LYS E 213 7.51 -10.26 39.78
N GLY E 214 8.04 -9.04 39.94
CA GLY E 214 7.32 -8.05 40.72
C GLY E 214 6.10 -7.54 39.99
N LEU E 215 6.20 -7.45 38.66
CA LEU E 215 5.06 -6.91 37.95
C LEU E 215 3.94 -7.94 37.87
N ILE E 216 4.27 -9.23 37.78
CA ILE E 216 3.21 -10.24 37.78
C ILE E 216 2.61 -10.35 39.18
N LEU E 217 3.40 -10.05 40.23
CA LEU E 217 2.83 -10.00 41.56
C LEU E 217 1.95 -8.78 41.77
N GLN E 218 2.10 -7.75 40.93
CA GLN E 218 1.20 -6.60 41.08
C GLN E 218 -0.17 -6.82 40.44
N TYR E 219 -0.42 -7.97 39.82
CA TYR E 219 -1.75 -8.24 39.29
C TYR E 219 -2.30 -9.57 39.75
N MET E 220 -1.43 -10.56 39.94
CA MET E 220 -1.85 -11.92 40.23
C MET E 220 -1.03 -12.40 41.43
N ASP E 221 -1.42 -13.54 41.99
CA ASP E 221 -0.72 -14.13 43.13
C ASP E 221 -0.24 -15.55 42.79
N ILE E 222 0.54 -16.12 43.70
CA ILE E 222 1.12 -17.45 43.54
C ILE E 222 0.65 -18.35 44.68
N ALA E 223 0.11 -19.52 44.33
CA ALA E 223 -0.38 -20.55 45.26
C ALA E 223 -1.43 -20.04 46.24
N PHE F 2 -31.20 5.39 8.10
CA PHE F 2 -30.02 4.95 8.83
C PHE F 2 -28.72 5.65 8.47
N TYR F 3 -28.79 6.93 8.16
CA TYR F 3 -27.62 7.68 7.71
C TYR F 3 -26.96 8.39 8.88
N ALA F 4 -27.75 8.69 9.90
CA ALA F 4 -27.26 9.47 11.03
C ALA F 4 -26.36 8.64 11.92
N LEU F 5 -26.47 7.31 11.90
CA LEU F 5 -25.57 6.51 12.72
C LEU F 5 -24.14 6.61 12.18
N TYR F 6 -23.99 6.62 10.85
CA TYR F 6 -22.67 6.84 10.27
C TYR F 6 -22.22 8.27 10.47
N PHE F 7 -23.18 9.21 10.47
CA PHE F 7 -22.79 10.60 10.64
C PHE F 7 -22.39 10.93 12.07
N GLU F 8 -22.85 10.16 13.04
CA GLU F 8 -22.52 10.50 14.42
C GLU F 8 -21.07 10.18 14.72
N ILE F 9 -20.57 9.05 14.22
CA ILE F 9 -19.16 8.73 14.38
C ILE F 9 -18.34 9.59 13.43
N HIS F 10 -18.97 10.12 12.39
CA HIS F 10 -18.18 10.84 11.40
C HIS F 10 -18.02 12.29 11.81
N HIS F 11 -18.96 12.85 12.57
CA HIS F 11 -18.75 14.17 13.16
C HIS F 11 -17.76 14.09 14.32
N LEU F 12 -17.62 12.91 14.91
CA LEU F 12 -16.74 12.73 16.06
C LEU F 12 -15.30 12.69 15.59
N VAL F 13 -15.04 11.94 14.53
CA VAL F 13 -13.66 11.75 14.12
C VAL F 13 -13.11 13.06 13.55
N ALA F 14 -13.99 13.91 13.01
CA ALA F 14 -13.59 15.28 12.66
C ALA F 14 -13.36 16.15 13.89
N SER F 15 -14.12 15.92 14.97
CA SER F 15 -13.98 16.79 16.13
C SER F 15 -12.73 16.45 16.93
N ALA F 16 -12.30 15.20 16.84
CA ALA F 16 -11.13 14.79 17.58
C ALA F 16 -9.84 15.28 16.93
N ALA F 17 -9.87 15.67 15.65
CA ALA F 17 -8.64 16.16 15.02
C ALA F 17 -8.24 17.51 15.61
N LEU F 18 -9.21 18.41 15.75
CA LEU F 18 -8.93 19.67 16.45
C LEU F 18 -8.67 19.42 17.93
N GLY F 19 -9.29 18.38 18.49
CA GLY F 19 -8.94 18.05 19.86
C GLY F 19 -7.52 17.54 19.98
N PHE F 20 -7.00 16.91 18.93
CA PHE F 20 -5.62 16.48 18.94
C PHE F 20 -4.71 17.67 18.80
N ALA F 21 -5.13 18.66 18.01
CA ALA F 21 -4.27 19.81 17.74
C ALA F 21 -4.18 20.72 18.95
N ARG F 22 -5.13 20.62 19.86
CA ARG F 22 -5.03 21.43 21.08
C ARG F 22 -4.11 20.80 22.12
N VAL F 23 -4.20 19.49 22.30
CA VAL F 23 -3.60 18.81 23.44
C VAL F 23 -2.34 18.02 23.07
N ALA F 24 -1.98 17.98 21.79
CA ALA F 24 -0.72 17.32 21.42
C ALA F 24 0.57 18.00 21.92
N PRO F 25 0.76 19.33 21.85
CA PRO F 25 1.99 19.87 22.44
C PRO F 25 1.89 20.14 23.93
N ILE F 26 1.31 19.20 24.69
CA ILE F 26 1.49 19.14 26.13
C ILE F 26 2.16 17.81 26.41
N PHE F 27 1.95 16.86 25.51
CA PHE F 27 2.59 15.56 25.56
C PHE F 27 4.01 15.60 25.04
N PHE F 28 4.47 16.75 24.57
CA PHE F 28 5.88 16.93 24.27
C PHE F 28 6.58 17.63 25.40
N PHE F 29 5.85 18.44 26.14
CA PHE F 29 6.46 19.31 27.14
C PHE F 29 6.60 18.63 28.47
N LEU F 30 5.65 17.74 28.81
CA LEU F 30 5.65 17.26 30.19
C LEU F 30 6.76 16.23 30.41
N PRO F 31 7.39 16.24 31.59
CA PRO F 31 8.52 15.34 31.80
C PRO F 31 8.14 13.89 31.94
N PHE F 32 6.92 13.58 32.34
CA PHE F 32 6.50 12.19 32.45
C PHE F 32 5.62 11.76 31.29
N LEU F 33 5.63 12.51 30.19
CA LEU F 33 4.77 12.20 29.06
C LEU F 33 5.43 12.37 27.70
N ASN F 34 6.71 12.76 27.65
CA ASN F 34 7.33 13.10 26.37
C ASN F 34 7.66 11.85 25.56
N SER F 35 8.25 12.05 24.40
CA SER F 35 8.62 10.94 23.54
C SER F 35 9.80 10.15 24.08
N GLY F 36 10.57 10.72 25.00
CA GLY F 36 11.64 9.97 25.63
C GLY F 36 11.14 8.92 26.60
N VAL F 37 9.95 9.14 27.17
CA VAL F 37 9.39 8.19 28.13
C VAL F 37 8.27 7.36 27.51
N LEU F 38 7.73 7.77 26.37
CA LEU F 38 6.59 7.09 25.77
C LEU F 38 6.97 6.65 24.37
N SER F 39 6.49 5.47 23.98
CA SER F 39 6.82 4.91 22.67
C SER F 39 5.99 5.59 21.58
N GLY F 40 6.06 5.03 20.38
CA GLY F 40 5.35 5.58 19.25
C GLY F 40 4.01 4.91 19.01
N ALA F 41 3.95 3.59 19.24
CA ALA F 41 2.72 2.86 18.91
C ALA F 41 1.54 3.16 19.82
N PRO F 42 1.65 3.18 21.16
CA PRO F 42 0.46 3.56 21.95
C PRO F 42 0.37 5.02 22.33
N ARG F 43 1.22 5.90 21.81
CA ARG F 43 1.11 7.32 22.11
C ARG F 43 -0.14 7.93 21.48
N ASN F 44 -0.30 7.72 20.19
CA ASN F 44 -1.38 8.36 19.46
C ASN F 44 -2.73 7.76 19.79
N ALA F 45 -2.77 6.61 20.46
CA ALA F 45 -4.05 6.15 20.97
C ALA F 45 -4.46 7.01 22.15
N ILE F 46 -3.50 7.39 23.01
CA ILE F 46 -3.82 8.13 24.22
C ILE F 46 -4.27 9.55 23.88
N ILE F 47 -3.56 10.19 22.94
CA ILE F 47 -3.81 11.62 22.73
C ILE F 47 -5.16 11.87 22.09
N ILE F 48 -5.70 10.89 21.36
CA ILE F 48 -7.01 11.09 20.75
C ILE F 48 -8.12 10.93 21.80
N LEU F 49 -8.10 9.83 22.55
CA LEU F 49 -9.22 9.60 23.45
C LEU F 49 -9.17 10.48 24.69
N VAL F 50 -8.04 11.12 24.98
CA VAL F 50 -8.05 12.13 26.05
C VAL F 50 -8.83 13.35 25.58
N ALA F 51 -8.58 13.81 24.36
CA ALA F 51 -9.33 14.96 23.86
C ALA F 51 -10.79 14.61 23.58
N LEU F 52 -11.06 13.33 23.35
CA LEU F 52 -12.45 12.90 23.19
C LEU F 52 -13.17 12.89 24.53
N GLY F 53 -12.44 12.72 25.63
CA GLY F 53 -13.20 12.72 26.86
C GLY F 53 -13.39 14.11 27.43
N VAL F 54 -12.78 15.13 26.82
CA VAL F 54 -12.76 16.49 27.35
C VAL F 54 -13.33 17.50 26.38
N TRP F 55 -13.74 17.08 25.17
CA TRP F 55 -14.22 18.01 24.15
C TRP F 55 -15.53 18.67 24.61
N PRO F 56 -15.64 20.01 24.53
CA PRO F 56 -16.74 20.71 25.21
C PRO F 56 -18.09 20.62 24.53
N HIS F 57 -18.14 20.58 23.20
CA HIS F 57 -19.42 20.54 22.55
C HIS F 57 -19.91 19.10 22.50
N ALA F 58 -21.22 18.96 22.29
CA ALA F 58 -21.82 17.63 22.27
C ALA F 58 -21.42 16.90 21.00
N LEU F 59 -21.24 15.59 21.12
CA LEU F 59 -20.57 14.84 20.07
C LEU F 59 -21.48 14.59 18.88
N ASN F 60 -22.78 14.39 19.09
CA ASN F 60 -23.66 14.05 17.98
C ASN F 60 -23.95 15.26 17.10
N GLU F 61 -23.75 16.47 17.62
CA GLU F 61 -24.01 17.66 16.85
C GLU F 61 -22.92 17.86 15.80
N ALA F 62 -23.24 18.66 14.81
CA ALA F 62 -22.28 19.01 13.77
C ALA F 62 -21.30 20.04 14.31
N PRO F 63 -20.01 19.92 14.00
CA PRO F 63 -19.05 20.89 14.51
C PRO F 63 -19.15 22.18 13.72
N PRO F 64 -18.88 23.32 14.34
CA PRO F 64 -18.90 24.58 13.58
C PRO F 64 -17.63 24.89 12.81
N PHE F 65 -16.79 23.89 12.57
CA PHE F 65 -15.54 24.08 11.84
C PHE F 65 -15.73 24.31 10.35
N LEU F 66 -16.93 24.12 9.81
CA LEU F 66 -17.12 23.82 8.39
C LEU F 66 -16.77 25.03 7.52
N SER F 67 -15.59 24.95 6.92
CA SER F 67 -15.07 25.86 5.88
C SER F 67 -15.07 27.32 6.34
N VAL F 68 -14.78 27.57 7.62
CA VAL F 68 -14.60 28.96 8.00
C VAL F 68 -13.21 29.49 7.64
N ALA F 69 -12.15 29.00 8.29
CA ALA F 69 -10.76 29.31 7.92
C ALA F 69 -9.87 28.26 8.58
N MET F 70 -9.41 27.26 7.83
CA MET F 70 -8.95 26.05 8.53
C MET F 70 -7.44 26.04 8.78
N ILE F 71 -6.64 26.41 7.77
CA ILE F 71 -5.20 26.47 7.96
C ILE F 71 -4.77 27.49 9.02
N PRO F 72 -5.37 28.70 9.12
CA PRO F 72 -5.02 29.53 10.28
C PRO F 72 -5.63 29.03 11.58
N LEU F 73 -6.66 28.19 11.53
CA LEU F 73 -7.26 27.68 12.75
C LEU F 73 -6.32 26.71 13.42
N VAL F 74 -5.59 25.94 12.60
CA VAL F 74 -4.59 25.02 13.13
C VAL F 74 -3.47 25.78 13.82
N LEU F 75 -3.03 26.91 13.24
CA LEU F 75 -2.01 27.70 13.92
C LEU F 75 -2.53 28.43 15.15
N GLN F 76 -3.84 28.65 15.24
CA GLN F 76 -4.43 29.10 16.51
C GLN F 76 -4.32 28.02 17.56
N GLU F 77 -4.75 26.80 17.21
CA GLU F 77 -4.84 25.77 18.23
C GLU F 77 -3.45 25.26 18.61
N ALA F 78 -2.48 25.38 17.71
CA ALA F 78 -1.13 25.02 18.08
C ALA F 78 -0.51 26.11 18.94
N ALA F 79 -0.88 27.38 18.71
CA ALA F 79 -0.26 28.44 19.48
C ALA F 79 -0.80 28.44 20.91
N VAL F 80 -2.09 28.13 21.07
CA VAL F 80 -2.59 27.99 22.43
C VAL F 80 -2.12 26.68 23.05
N GLY F 81 -1.78 25.67 22.23
CA GLY F 81 -1.27 24.45 22.80
C GLY F 81 0.13 24.60 23.36
N VAL F 82 0.99 25.31 22.62
CA VAL F 82 2.34 25.57 23.14
C VAL F 82 2.31 26.60 24.25
N MET F 83 1.25 27.44 24.31
CA MET F 83 1.07 28.27 25.49
C MET F 83 0.73 27.44 26.71
N LEU F 84 -0.19 26.47 26.57
CA LEU F 84 -0.53 25.65 27.72
C LEU F 84 0.61 24.73 28.11
N GLY F 85 1.48 24.39 27.15
CA GLY F 85 2.63 23.58 27.48
C GLY F 85 3.63 24.35 28.31
N CYS F 86 3.89 25.60 27.92
CA CYS F 86 4.91 26.34 28.65
C CYS F 86 4.39 26.83 29.98
N LEU F 87 3.06 26.90 30.17
CA LEU F 87 2.59 27.17 31.53
C LEU F 87 2.59 25.92 32.39
N LEU F 88 2.20 24.77 31.83
CA LEU F 88 2.12 23.56 32.63
C LEU F 88 3.48 23.03 33.02
N SER F 89 4.50 23.27 32.20
CA SER F 89 5.85 22.84 32.53
C SER F 89 6.61 23.85 33.38
N TRP F 90 5.90 24.72 34.11
CA TRP F 90 6.55 25.69 34.99
C TRP F 90 7.38 25.07 36.12
N PRO F 91 6.84 24.24 37.05
CA PRO F 91 7.68 23.86 38.20
C PRO F 91 8.75 22.85 37.87
N PHE F 92 8.63 22.16 36.75
CA PHE F 92 9.70 21.30 36.31
C PHE F 92 10.81 22.11 35.68
N TRP F 93 10.47 23.28 35.13
CA TRP F 93 11.49 24.08 34.47
C TRP F 93 12.33 24.78 35.51
N VAL F 94 11.71 25.30 36.56
CA VAL F 94 12.48 25.97 37.60
C VAL F 94 13.27 24.95 38.41
N MET F 95 12.75 23.73 38.56
CA MET F 95 13.52 22.74 39.31
C MET F 95 14.72 22.23 38.52
N HIS F 96 14.54 22.05 37.21
CA HIS F 96 15.65 21.70 36.35
C HIS F 96 16.63 22.85 36.21
N ALA F 97 16.16 24.09 36.36
CA ALA F 97 17.08 25.21 36.40
C ALA F 97 17.81 25.30 37.73
N LEU F 98 17.23 24.74 38.79
CA LEU F 98 17.87 24.75 40.09
C LEU F 98 19.06 23.84 40.07
N GLY F 99 18.84 22.64 39.52
CA GLY F 99 19.93 21.68 39.53
C GLY F 99 21.06 22.07 38.61
N CYS F 100 20.79 22.88 37.57
CA CYS F 100 21.87 23.30 36.70
C CYS F 100 22.77 24.32 37.38
N ILE F 101 22.22 25.13 38.28
CA ILE F 101 23.04 26.07 39.03
C ILE F 101 23.88 25.33 40.05
N ILE F 102 23.27 24.36 40.74
CA ILE F 102 24.05 23.66 41.77
C ILE F 102 25.12 22.79 41.11
N ASP F 103 24.84 22.24 39.92
CA ASP F 103 25.88 21.55 39.16
C ASP F 103 26.98 22.51 38.73
N ASN F 104 26.61 23.74 38.36
CA ASN F 104 27.59 24.63 37.74
C ASN F 104 28.51 25.30 38.76
N GLN F 105 28.04 25.51 39.98
CA GLN F 105 28.86 26.23 40.94
C GLN F 105 30.01 25.39 41.47
N ARG F 106 29.81 24.09 41.61
CA ARG F 106 30.80 23.22 42.23
C ARG F 106 31.90 22.78 41.29
N GLY F 107 31.94 23.30 40.07
CA GLY F 107 32.80 22.75 39.04
C GLY F 107 31.98 21.89 38.12
N ALA F 108 32.55 20.80 37.61
CA ALA F 108 31.84 19.67 37.01
C ALA F 108 31.06 19.99 35.73
N THR F 109 31.01 21.25 35.33
CA THR F 109 30.38 21.69 34.10
C THR F 109 31.31 22.58 33.30
N LEU F 110 32.55 22.75 33.75
CA LEU F 110 33.48 23.68 33.14
C LEU F 110 34.15 23.13 31.88
N SER F 111 33.68 22.00 31.37
CA SER F 111 34.13 21.47 30.09
C SER F 111 33.50 22.16 28.90
N SER F 112 32.57 23.09 29.13
CA SER F 112 31.91 23.79 28.03
C SER F 112 32.79 24.92 27.49
N SER F 113 33.25 25.80 28.38
CA SER F 113 34.05 26.96 27.99
C SER F 113 35.44 26.58 27.50
N SER F 123 24.20 16.69 31.96
CA SER F 123 24.09 16.81 33.41
C SER F 123 23.09 15.83 34.00
N GLU F 124 23.48 15.19 35.10
CA GLU F 124 22.67 14.17 35.77
C GLU F 124 22.01 14.69 37.03
N MET F 125 22.65 15.60 37.75
CA MET F 125 22.08 16.11 38.99
C MET F 125 20.85 16.95 38.70
N ALA F 126 20.89 17.76 37.64
CA ALA F 126 19.72 18.56 37.32
C ALA F 126 18.60 17.69 36.74
N ASN F 127 18.95 16.50 36.25
CA ASN F 127 17.91 15.54 35.86
C ASN F 127 17.27 14.90 37.08
N PHE F 128 18.02 14.86 38.19
CA PHE F 128 17.52 14.16 39.37
C PHE F 128 16.45 14.97 40.07
N LEU F 129 16.62 16.29 40.13
CA LEU F 129 15.59 17.10 40.76
C LEU F 129 14.38 17.18 39.88
N ASN F 130 14.58 17.13 38.56
CA ASN F 130 13.44 17.23 37.64
C ASN F 130 12.57 15.99 37.69
N MET F 131 13.21 14.83 37.86
CA MET F 131 12.43 13.62 38.10
C MET F 131 11.77 13.64 39.47
N PHE F 132 12.44 14.23 40.46
CA PHE F 132 11.91 14.19 41.82
C PHE F 132 10.70 15.09 41.94
N ALA F 133 10.79 16.31 41.40
CA ALA F 133 9.62 17.17 41.42
C ALA F 133 8.55 16.68 40.45
N ALA F 134 8.90 15.84 39.47
CA ALA F 134 7.85 15.20 38.68
C ALA F 134 7.08 14.19 39.50
N VAL F 135 7.76 13.44 40.37
CA VAL F 135 7.06 12.38 41.08
C VAL F 135 6.26 12.98 42.23
N VAL F 136 6.85 13.93 42.98
CA VAL F 136 6.13 14.52 44.10
C VAL F 136 5.01 15.41 43.59
N TYR F 137 5.07 15.92 42.34
CA TYR F 137 3.88 16.54 41.80
C TYR F 137 2.86 15.50 41.41
N LEU F 138 3.32 14.33 40.97
CA LEU F 138 2.39 13.31 40.47
C LEU F 138 1.65 12.59 41.59
N GLN F 139 2.13 12.65 42.83
CA GLN F 139 1.50 11.81 43.83
C GLN F 139 0.19 12.41 44.35
N ASN F 140 0.27 13.57 44.99
CA ASN F 140 -0.92 14.22 45.55
C ASN F 140 -1.66 15.02 44.47
N GLY F 141 -2.78 14.48 44.01
CA GLY F 141 -3.52 15.06 42.92
C GLY F 141 -2.81 14.88 41.59
N GLY F 142 -2.23 15.94 41.05
CA GLY F 142 -1.43 15.75 39.86
C GLY F 142 -2.21 15.80 38.56
N LEU F 143 -2.62 14.62 38.08
CA LEU F 143 -3.29 14.58 36.80
C LEU F 143 -4.71 15.13 36.83
N VAL F 144 -5.30 15.31 38.02
CA VAL F 144 -6.63 15.89 38.05
C VAL F 144 -6.54 17.39 37.77
N THR F 145 -5.47 18.05 38.23
CA THR F 145 -5.37 19.46 37.90
C THR F 145 -4.65 19.63 36.58
N MET F 146 -4.00 18.59 36.09
CA MET F 146 -3.38 18.72 34.78
C MET F 146 -4.45 18.62 33.69
N VAL F 147 -5.49 17.82 33.93
CA VAL F 147 -6.58 17.74 32.97
C VAL F 147 -7.57 18.91 33.15
N ASP F 148 -7.69 19.45 34.37
CA ASP F 148 -8.69 20.48 34.62
C ASP F 148 -8.38 21.79 33.90
N VAL F 149 -7.09 22.08 33.66
CA VAL F 149 -6.78 23.34 33.02
C VAL F 149 -7.04 23.28 31.52
N LEU F 150 -7.02 22.10 30.92
CA LEU F 150 -7.40 22.03 29.52
C LEU F 150 -8.88 21.79 29.40
N ASN F 151 -9.56 21.40 30.48
CA ASN F 151 -11.00 21.38 30.40
C ASN F 151 -11.57 22.79 30.55
N LYS F 152 -10.89 23.65 31.30
CA LYS F 152 -11.29 25.07 31.38
C LYS F 152 -10.85 25.88 30.18
N SER F 153 -9.82 25.42 29.45
CA SER F 153 -9.38 26.16 28.29
C SER F 153 -10.43 26.10 27.18
N TYR F 154 -11.17 25.01 27.10
CA TYR F 154 -12.27 24.96 26.17
C TYR F 154 -13.47 25.78 26.65
N GLN F 155 -13.54 26.08 27.94
CA GLN F 155 -14.61 26.93 28.47
C GLN F 155 -14.32 28.40 28.28
N LEU F 156 -13.07 28.77 27.99
CA LEU F 156 -12.72 30.18 27.80
C LEU F 156 -12.05 30.48 26.46
N CYS F 157 -11.72 29.46 25.67
CA CYS F 157 -11.14 29.60 24.32
C CYS F 157 -11.79 28.63 23.33
N ASP F 158 -13.11 28.72 23.20
CA ASP F 158 -13.79 27.91 22.22
C ASP F 158 -13.45 28.44 20.83
N PRO F 159 -13.14 27.55 19.86
CA PRO F 159 -12.81 28.03 18.51
C PRO F 159 -13.98 28.66 17.78
N MET F 160 -13.70 29.11 16.54
CA MET F 160 -14.52 30.08 15.81
C MET F 160 -14.72 31.36 16.61
N ASN F 161 -13.76 31.68 17.48
CA ASN F 161 -13.76 32.89 18.27
C ASN F 161 -12.39 33.54 18.34
N GLU F 162 -11.34 32.84 17.88
CA GLU F 162 -9.99 33.37 17.69
C GLU F 162 -9.39 33.90 19.00
N CYS F 163 -9.21 33.00 19.96
CA CYS F 163 -8.56 33.48 21.18
C CYS F 163 -7.05 33.36 21.01
N THR F 164 -6.34 34.21 21.71
CA THR F 164 -4.91 34.37 21.59
C THR F 164 -4.28 34.26 22.97
N PRO F 165 -2.98 33.99 23.06
CA PRO F 165 -2.34 33.86 24.38
C PRO F 165 -2.08 35.16 25.12
N SER F 166 -2.66 36.30 24.72
CA SER F 166 -2.69 37.55 25.51
C SER F 166 -1.29 38.06 25.81
N LEU F 167 -0.66 38.57 24.75
CA LEU F 167 0.73 39.05 24.74
C LEU F 167 1.24 39.88 25.93
N PRO F 168 0.56 40.90 26.47
CA PRO F 168 1.25 41.80 27.44
C PRO F 168 1.57 41.19 28.80
N PRO F 169 0.93 40.11 29.26
CA PRO F 169 1.55 39.35 30.35
C PRO F 169 2.46 38.21 29.96
N LEU F 170 2.67 37.96 28.67
CA LEU F 170 3.63 36.95 28.27
C LEU F 170 5.06 37.45 28.39
N LEU F 171 5.27 38.76 28.32
CA LEU F 171 6.61 39.31 28.23
C LEU F 171 7.37 39.26 29.54
N THR F 172 6.73 38.94 30.66
CA THR F 172 7.41 38.73 31.93
C THR F 172 7.55 37.26 32.29
N PHE F 173 7.47 36.37 31.31
CA PHE F 173 7.46 34.95 31.63
C PHE F 173 8.86 34.45 31.96
N ILE F 174 9.88 35.01 31.33
CA ILE F 174 11.21 34.44 31.50
C ILE F 174 11.75 34.86 32.86
N ASN F 175 11.54 36.12 33.22
CA ASN F 175 11.98 36.49 34.56
C ASN F 175 11.04 35.96 35.63
N GLN F 176 9.82 35.53 35.27
CA GLN F 176 8.93 34.98 36.29
C GLN F 176 9.49 33.66 36.80
N VAL F 177 10.07 32.84 35.91
CA VAL F 177 10.78 31.65 36.38
C VAL F 177 12.20 31.98 36.84
N ALA F 178 12.76 33.13 36.46
CA ALA F 178 14.13 33.41 36.87
C ALA F 178 14.20 33.84 38.33
N GLN F 179 13.26 34.67 38.76
CA GLN F 179 13.22 35.05 40.17
C GLN F 179 12.76 33.91 41.06
N ASN F 180 12.08 32.89 40.50
CA ASN F 180 11.87 31.67 41.25
C ASN F 180 13.09 30.75 41.21
N ALA F 181 14.00 30.96 40.26
CA ALA F 181 15.18 30.11 40.24
C ALA F 181 16.23 30.60 41.21
N LEU F 182 16.44 31.92 41.27
CA LEU F 182 17.56 32.44 42.05
C LEU F 182 17.30 32.35 43.55
N VAL F 183 16.07 32.61 43.98
CA VAL F 183 15.79 32.54 45.40
C VAL F 183 15.72 31.09 45.86
N LEU F 184 15.47 30.15 44.95
CA LEU F 184 15.51 28.75 45.33
C LEU F 184 16.94 28.26 45.37
N ALA F 185 17.82 28.83 44.54
CA ALA F 185 19.24 28.51 44.62
C ALA F 185 20.00 29.45 45.53
N SER F 186 19.30 30.13 46.45
CA SER F 186 19.97 31.11 47.30
C SER F 186 20.97 30.55 48.31
N PRO F 187 20.66 29.56 49.18
CA PRO F 187 21.55 29.33 50.32
C PRO F 187 22.83 28.56 50.05
N VAL F 188 22.88 27.75 49.01
CA VAL F 188 24.06 26.92 48.78
C VAL F 188 25.17 27.63 48.00
N VAL F 189 24.81 28.64 47.18
CA VAL F 189 25.86 29.37 46.48
C VAL F 189 26.47 30.40 47.40
N LEU F 190 25.83 30.68 48.52
CA LEU F 190 26.38 31.65 49.46
C LEU F 190 27.43 30.95 50.31
N VAL F 191 27.21 29.68 50.62
CA VAL F 191 28.20 28.96 51.42
C VAL F 191 29.38 28.58 50.54
N LEU F 192 29.12 28.20 49.27
CA LEU F 192 30.22 27.89 48.37
C LEU F 192 31.07 29.13 48.06
N LEU F 193 30.41 30.29 47.96
CA LEU F 193 31.14 31.52 47.68
C LEU F 193 31.90 32.01 48.90
N LEU F 194 31.32 31.89 50.10
CA LEU F 194 32.06 32.33 51.28
C LEU F 194 33.20 31.38 51.60
N SER F 195 33.07 30.11 51.24
CA SER F 195 34.15 29.17 51.45
C SER F 195 35.29 29.45 50.49
N GLU F 196 34.99 29.96 49.30
CA GLU F 196 36.05 30.18 48.33
C GLU F 196 36.96 31.34 48.76
N VAL F 197 36.36 32.44 49.22
CA VAL F 197 37.15 33.59 49.66
C VAL F 197 37.80 33.33 51.02
N PHE F 198 37.19 32.48 51.84
CA PHE F 198 37.87 32.04 53.07
C PHE F 198 39.10 31.19 52.75
N LEU F 199 39.02 30.34 51.72
CA LEU F 199 40.23 29.68 51.23
C LEU F 199 41.21 30.65 50.57
N GLY F 200 40.70 31.69 49.92
CA GLY F 200 41.59 32.65 49.28
C GLY F 200 42.38 33.46 50.27
N LEU F 201 41.85 33.66 51.48
CA LEU F 201 42.67 34.35 52.45
C LEU F 201 43.77 33.45 52.98
N LEU F 202 43.61 32.13 52.85
CA LEU F 202 44.67 31.24 53.26
C LEU F 202 45.70 31.16 52.16
N SER F 203 45.27 31.33 50.91
CA SER F 203 46.23 31.42 49.83
C SER F 203 47.04 32.72 49.91
N ARG F 204 46.43 33.79 50.45
CA ARG F 204 47.18 35.01 50.76
C ARG F 204 48.09 34.85 51.96
N PHE F 205 47.81 33.88 52.83
CA PHE F 205 48.69 33.63 53.97
C PHE F 205 49.75 32.57 53.69
N ALA F 206 49.58 31.78 52.65
CA ALA F 206 50.59 30.84 52.21
C ALA F 206 50.58 30.85 50.69
N PRO F 207 51.60 31.46 50.06
CA PRO F 207 51.48 31.81 48.62
C PRO F 207 51.50 30.63 47.67
N GLN F 208 52.39 29.67 47.85
CA GLN F 208 52.44 28.54 46.91
C GLN F 208 51.60 27.36 47.38
N MET F 209 50.34 27.62 47.71
CA MET F 209 49.43 26.57 48.13
C MET F 209 48.73 25.93 46.94
N ASN F 210 48.49 26.72 45.89
CA ASN F 210 47.62 26.38 44.75
C ASN F 210 46.24 25.96 45.23
N ALA F 211 45.56 26.92 45.85
CA ALA F 211 44.26 26.67 46.48
C ALA F 211 43.14 26.46 45.46
N PHE F 212 43.42 26.67 44.18
CA PHE F 212 42.43 26.37 43.15
C PHE F 212 42.19 24.87 43.04
N ALA F 213 43.24 24.06 43.20
CA ALA F 213 43.09 22.62 43.11
C ALA F 213 42.30 22.05 44.30
N ILE F 214 42.49 22.63 45.49
CA ILE F 214 41.78 22.19 46.68
C ILE F 214 40.30 22.57 46.63
N SER F 215 39.96 23.58 45.82
CA SER F 215 38.60 24.08 45.76
C SER F 215 37.67 23.07 45.09
N LEU F 216 38.20 22.27 44.16
CA LEU F 216 37.35 21.27 43.51
C LEU F 216 37.11 20.12 44.46
N THR F 217 38.07 19.88 45.37
CA THR F 217 37.94 18.73 46.25
C THR F 217 36.94 19.04 47.35
N VAL F 218 36.85 20.30 47.77
CA VAL F 218 36.04 20.61 48.96
C VAL F 218 34.63 21.08 48.58
N LYS F 219 34.44 21.60 47.36
CA LYS F 219 33.14 22.19 47.06
C LYS F 219 32.11 21.11 46.81
N SER F 220 32.51 19.96 46.28
CA SER F 220 31.52 18.94 45.99
C SER F 220 30.95 18.33 47.26
N GLY F 221 31.74 18.28 48.33
CA GLY F 221 31.19 17.89 49.62
C GLY F 221 30.33 18.96 50.25
N ILE F 222 30.65 20.23 50.00
CA ILE F 222 29.86 21.28 50.64
C ILE F 222 28.52 21.43 49.92
N ALA F 223 28.53 21.31 48.59
CA ALA F 223 27.32 21.56 47.81
C ALA F 223 26.26 20.50 48.03
N VAL F 224 26.63 19.30 48.48
CA VAL F 224 25.61 18.34 48.86
C VAL F 224 25.29 18.42 50.35
N LEU F 225 26.22 18.96 51.16
CA LEU F 225 25.98 18.90 52.59
C LEU F 225 25.04 20.00 53.01
N ILE F 226 25.27 21.22 52.52
CA ILE F 226 24.40 22.35 52.85
C ILE F 226 22.99 22.14 52.29
N MET F 227 22.87 21.53 51.11
CA MET F 227 21.52 21.26 50.62
C MET F 227 20.88 20.03 51.27
N LEU F 228 21.61 19.27 52.09
CA LEU F 228 20.94 18.19 52.79
C LEU F 228 20.14 18.69 53.97
N LEU F 229 20.47 19.85 54.51
CA LEU F 229 19.74 20.34 55.66
C LEU F 229 18.34 20.82 55.28
N TYR F 230 18.17 21.37 54.08
CA TYR F 230 16.87 21.88 53.68
C TYR F 230 16.31 21.14 52.46
N PHE F 231 16.83 19.95 52.15
CA PHE F 231 16.21 19.17 51.08
C PHE F 231 14.89 18.58 51.54
N SER F 232 14.87 17.97 52.74
CA SER F 232 13.63 17.35 53.22
C SER F 232 12.51 18.33 53.54
N PRO F 233 12.65 19.29 54.47
CA PRO F 233 11.46 20.01 54.90
C PRO F 233 11.07 21.23 54.08
N VAL F 234 11.87 21.65 53.10
CA VAL F 234 11.74 22.95 52.47
C VAL F 234 11.45 22.85 50.98
N LEU F 235 12.12 21.93 50.29
CA LEU F 235 11.92 21.78 48.85
C LEU F 235 10.51 21.35 48.40
N PRO F 236 9.89 20.27 48.93
CA PRO F 236 8.70 19.75 48.24
C PRO F 236 7.43 20.57 48.38
N ASP F 237 7.37 21.60 49.24
CA ASP F 237 6.15 22.38 49.31
C ASP F 237 6.12 23.51 48.29
N ASN F 238 7.31 23.96 47.88
CA ASN F 238 7.38 24.92 46.80
C ASN F 238 6.99 24.28 45.48
N VAL F 239 7.09 22.95 45.37
CA VAL F 239 6.69 22.24 44.17
C VAL F 239 5.18 22.32 44.00
N LEU F 240 4.45 22.13 45.10
CA LEU F 240 3.00 22.25 45.01
C LEU F 240 2.57 23.71 44.93
N ARG F 241 3.39 24.63 45.44
CA ARG F 241 3.02 26.03 45.36
C ARG F 241 3.15 26.57 43.94
N LEU F 242 4.19 26.16 43.23
CA LEU F 242 4.41 26.66 41.88
C LEU F 242 3.61 25.95 40.81
N SER F 243 2.75 24.99 41.17
CA SER F 243 1.92 24.35 40.15
C SER F 243 0.83 25.30 39.69
N PHE F 244 0.75 25.51 38.38
CA PHE F 244 -0.19 26.47 37.82
C PHE F 244 -1.61 25.92 37.92
N GLN F 245 -2.49 26.70 38.53
CA GLN F 245 -3.86 26.27 38.78
C GLN F 245 -4.83 26.91 37.80
N ALA F 246 -6.01 26.28 37.71
CA ALA F 246 -6.96 26.59 36.65
C ALA F 246 -7.64 27.94 36.84
N THR F 247 -7.64 28.49 38.04
CA THR F 247 -8.36 29.74 38.27
C THR F 247 -7.70 30.91 37.56
N GLY F 248 -6.40 30.85 37.34
CA GLY F 248 -5.70 31.90 36.67
C GLY F 248 -5.71 31.81 35.15
N LEU F 249 -6.54 30.94 34.59
CA LEU F 249 -6.57 30.77 33.15
C LEU F 249 -7.17 31.97 32.43
N SER F 250 -7.96 32.78 33.13
CA SER F 250 -8.54 33.98 32.51
C SER F 250 -7.48 35.03 32.22
N SER F 251 -6.43 35.10 33.05
CA SER F 251 -5.45 36.16 32.91
C SER F 251 -4.48 35.93 31.77
N TRP F 252 -4.46 34.74 31.18
CA TRP F 252 -3.53 34.44 30.11
C TRP F 252 -4.20 34.37 28.74
N PHE F 253 -5.50 34.60 28.64
CA PHE F 253 -6.18 34.47 27.34
C PHE F 253 -7.32 35.47 27.23
N TYR F 254 -7.76 35.67 26.00
CA TYR F 254 -8.96 36.45 25.71
C TYR F 254 -9.42 36.12 24.30
N GLU F 255 -10.73 36.05 24.11
CA GLU F 255 -11.28 35.77 22.80
C GLU F 255 -11.42 37.06 22.00
N ARG F 256 -11.20 36.96 20.70
CA ARG F 256 -11.35 38.09 19.80
C ARG F 256 -12.64 37.91 18.99
N GLY F 257 -13.75 38.38 19.54
CA GLY F 257 -15.01 38.35 18.84
C GLY F 257 -15.64 36.98 18.72
N MET G 1 49.54 25.53 -3.17
CA MET G 1 50.62 25.99 -2.30
C MET G 1 51.29 27.26 -2.83
N ASP G 2 50.51 28.12 -3.49
CA ASP G 2 51.00 29.40 -3.99
C ASP G 2 50.58 30.57 -3.11
N ASP G 3 49.34 30.55 -2.61
CA ASP G 3 48.84 31.54 -1.68
C ASP G 3 48.66 31.00 -0.27
N LEU G 4 48.68 29.67 -0.12
CA LEU G 4 48.61 29.07 1.19
C LEU G 4 49.82 29.40 2.05
N VAL G 5 50.99 29.55 1.46
CA VAL G 5 52.12 29.97 2.27
C VAL G 5 51.99 31.44 2.65
N PHE G 6 51.40 32.25 1.76
CA PHE G 6 51.26 33.68 1.98
C PHE G 6 50.34 33.99 3.15
N ALA G 7 49.16 33.38 3.15
CA ALA G 7 48.34 33.55 4.33
C ALA G 7 48.82 32.69 5.48
N GLY G 8 49.62 31.66 5.21
CA GLY G 8 50.12 30.79 6.26
C GLY G 8 51.16 31.47 7.12
N ASN G 9 51.78 32.53 6.62
CA ASN G 9 52.76 33.24 7.45
C ASN G 9 52.41 34.69 7.74
N LYS G 10 51.61 35.38 6.92
CA LYS G 10 51.36 36.78 7.30
C LYS G 10 50.40 36.93 8.49
N ALA G 11 49.67 35.86 8.86
CA ALA G 11 48.99 35.88 10.14
C ALA G 11 49.95 35.72 11.31
N LEU G 12 50.96 34.86 11.18
CA LEU G 12 51.94 34.76 12.25
C LEU G 12 52.84 35.99 12.29
N TYR G 13 53.05 36.64 11.13
CA TYR G 13 53.82 37.87 11.10
C TYR G 13 53.09 39.00 11.79
N LEU G 14 51.75 38.95 11.80
CA LEU G 14 51.01 40.04 12.42
C LEU G 14 51.14 39.99 13.95
N VAL G 15 51.17 38.78 14.52
CA VAL G 15 51.22 38.64 15.98
C VAL G 15 52.60 38.92 16.56
N LEU G 16 53.64 38.99 15.72
CA LEU G 16 54.94 39.44 16.19
C LEU G 16 55.01 40.94 16.39
N ILE G 17 54.18 41.72 15.70
CA ILE G 17 54.19 43.17 15.82
C ILE G 17 53.06 43.67 16.69
N LEU G 18 51.87 43.08 16.52
CA LEU G 18 50.68 43.51 17.24
C LEU G 18 50.80 43.22 18.73
N SER G 19 51.58 42.22 19.10
CA SER G 19 51.80 41.93 20.50
C SER G 19 53.16 42.44 20.97
N GLY G 20 54.02 42.84 20.04
CA GLY G 20 55.37 43.26 20.34
C GLY G 20 55.58 44.74 20.59
N TRP G 21 54.76 45.57 19.96
CA TRP G 21 54.82 47.00 20.22
C TRP G 21 54.26 47.43 21.58
N PRO G 22 53.26 46.75 22.17
CA PRO G 22 53.02 46.97 23.60
C PRO G 22 54.15 46.51 24.52
N THR G 23 55.03 45.60 24.11
CA THR G 23 56.14 45.27 24.99
C THR G 23 57.16 46.39 25.02
N ILE G 24 57.45 46.98 23.86
CA ILE G 24 58.41 48.07 23.84
C ILE G 24 57.79 49.34 24.42
N VAL G 25 56.46 49.43 24.47
CA VAL G 25 55.87 50.59 25.15
C VAL G 25 55.76 50.33 26.65
N ALA G 26 55.72 49.05 27.08
CA ALA G 26 55.77 48.74 28.50
C ALA G 26 57.18 48.88 29.07
N THR G 27 58.22 48.70 28.25
CA THR G 27 59.58 48.83 28.75
C THR G 27 60.26 50.08 28.21
N CYS G 59 48.06 53.06 29.54
CA CYS G 59 47.42 53.86 28.50
C CYS G 59 46.70 52.98 27.48
N LEU G 60 45.38 53.14 27.40
CA LEU G 60 44.58 52.25 26.56
C LEU G 60 43.48 52.93 25.75
N PHE G 61 43.15 54.20 26.00
CA PHE G 61 42.13 54.85 25.19
C PHE G 61 42.65 55.16 23.80
N LEU G 62 43.95 55.46 23.68
CA LEU G 62 44.59 55.76 22.40
C LEU G 62 45.05 54.51 21.65
N LEU G 63 45.28 53.40 22.34
CA LEU G 63 45.63 52.14 21.72
C LEU G 63 44.40 51.34 21.28
N SER G 64 43.20 51.76 21.68
CA SER G 64 41.99 51.04 21.32
C SER G 64 41.61 51.26 19.86
N GLY G 65 42.21 52.25 19.20
CA GLY G 65 41.83 52.64 17.87
C GLY G 65 42.72 52.07 16.77
N TRP G 66 44.01 51.90 17.06
CA TRP G 66 44.91 51.42 16.02
C TRP G 66 44.78 49.92 15.80
N TYR G 67 44.36 49.17 16.83
CA TYR G 67 44.36 47.71 16.77
C TYR G 67 43.34 47.20 15.76
N GLY G 68 42.19 47.87 15.67
CA GLY G 68 41.13 47.46 14.78
C GLY G 68 41.32 47.89 13.34
N GLU G 69 42.27 48.79 13.09
CA GLU G 69 42.43 49.37 11.77
C GLU G 69 43.10 48.41 10.79
N VAL G 70 43.99 47.56 11.26
CA VAL G 70 44.66 46.61 10.39
C VAL G 70 43.86 45.32 10.24
N LEU G 71 43.17 44.89 11.30
CA LEU G 71 42.53 43.59 11.31
C LEU G 71 41.35 43.47 10.36
N LEU G 72 40.66 44.58 10.04
CA LEU G 72 39.66 44.48 8.98
C LEU G 72 40.31 44.47 7.60
N SER G 73 41.39 45.23 7.42
CA SER G 73 42.04 45.29 6.13
C SER G 73 42.83 44.02 5.84
N TYR G 74 43.14 43.23 6.87
CA TYR G 74 43.61 41.85 6.66
C TYR G 74 42.48 40.87 6.47
N GLY G 75 41.35 41.07 7.15
CA GLY G 75 40.22 40.15 6.97
C GLY G 75 39.64 40.24 5.58
N ARG G 76 39.66 41.42 4.99
CA ARG G 76 39.18 41.61 3.63
C ARG G 76 40.22 41.18 2.60
N GLN G 77 41.50 41.29 2.96
CA GLN G 77 42.54 40.89 2.04
C GLN G 77 42.57 39.38 1.89
N VAL G 78 42.28 38.65 2.98
CA VAL G 78 42.24 37.20 2.85
C VAL G 78 40.94 36.78 2.16
N ILE G 79 39.93 37.66 2.14
CA ILE G 79 38.69 37.38 1.41
C ILE G 79 38.95 37.49 -0.08
N PHE G 80 39.84 38.40 -0.48
CA PHE G 80 40.09 38.58 -1.91
C PHE G 80 40.76 37.36 -2.52
N LEU G 81 41.80 36.84 -1.87
CA LEU G 81 42.39 35.61 -2.38
C LEU G 81 41.60 34.38 -1.99
N ALA G 82 40.55 34.53 -1.18
CA ALA G 82 39.67 33.41 -0.90
C ALA G 82 38.70 33.18 -2.03
N LEU G 83 37.97 34.23 -2.43
CA LEU G 83 36.83 34.10 -3.33
C LEU G 83 37.14 34.53 -4.76
N ALA G 84 38.33 34.22 -5.25
CA ALA G 84 38.68 34.51 -6.64
C ALA G 84 39.65 33.48 -7.19
N MET H 1 53.42 -6.24 12.51
CA MET H 1 53.11 -5.16 13.44
C MET H 1 54.36 -4.35 13.79
N ASP H 2 55.44 -4.52 13.01
CA ASP H 2 56.66 -3.80 13.32
C ASP H 2 56.62 -2.37 12.80
N ASP H 3 55.86 -2.11 11.73
CA ASP H 3 55.70 -0.72 11.38
C ASP H 3 54.62 -0.05 12.19
N LEU H 4 53.80 -0.84 12.89
CA LEU H 4 52.77 -0.26 13.75
C LEU H 4 53.40 0.46 14.92
N VAL H 5 54.53 -0.07 15.42
CA VAL H 5 55.22 0.56 16.52
C VAL H 5 56.16 1.63 15.97
N PHE H 6 56.64 1.45 14.74
CA PHE H 6 57.58 2.39 14.14
C PHE H 6 56.93 3.72 13.84
N ALA H 7 55.68 3.69 13.35
CA ALA H 7 54.94 4.91 13.12
C ALA H 7 54.61 5.61 14.42
N GLY H 8 54.37 4.84 15.47
CA GLY H 8 54.08 5.45 16.76
C GLY H 8 55.33 6.06 17.38
N ASN H 9 56.45 5.34 17.32
CA ASN H 9 57.68 5.83 17.90
C ASN H 9 58.26 6.99 17.10
N LYS H 10 57.89 7.14 15.83
CA LYS H 10 58.34 8.32 15.11
C LYS H 10 57.65 9.56 15.66
N ALA H 11 56.40 9.43 16.09
CA ALA H 11 55.68 10.60 16.58
C ALA H 11 56.20 11.02 17.94
N LEU H 12 56.53 10.04 18.79
CA LEU H 12 57.12 10.38 20.08
C LEU H 12 58.55 10.92 19.92
N TYR H 13 59.27 10.53 18.87
CA TYR H 13 60.50 11.22 18.55
C TYR H 13 60.26 12.60 17.97
N LEU H 14 59.11 12.80 17.33
CA LEU H 14 58.87 14.04 16.62
C LEU H 14 58.36 15.14 17.53
N VAL H 15 57.60 14.79 18.56
CA VAL H 15 57.14 15.80 19.52
C VAL H 15 58.29 16.30 20.36
N LEU H 16 59.35 15.51 20.46
CA LEU H 16 60.52 15.86 21.26
C LEU H 16 61.26 17.02 20.59
N ILE H 17 61.64 16.83 19.32
CA ILE H 17 62.45 17.84 18.67
C ILE H 17 61.58 18.99 18.21
N LEU H 18 60.26 18.76 18.00
CA LEU H 18 59.38 19.84 17.59
C LEU H 18 59.03 20.75 18.75
N SER H 19 59.13 20.25 19.99
CA SER H 19 58.79 21.04 21.15
C SER H 19 60.00 21.56 21.90
N GLY H 20 61.18 20.96 21.69
CA GLY H 20 62.35 21.37 22.46
C GLY H 20 62.86 22.75 22.07
N TRP H 21 62.92 23.02 20.78
CA TRP H 21 63.40 24.33 20.31
C TRP H 21 62.52 25.53 20.69
N PRO H 22 61.17 25.46 20.77
CA PRO H 22 60.45 26.59 21.39
C PRO H 22 60.50 26.63 22.91
N THR H 23 60.82 25.52 23.60
CA THR H 23 60.87 25.59 25.06
C THR H 23 62.19 26.19 25.51
N ILE H 24 63.27 25.87 24.80
CA ILE H 24 64.56 26.38 25.24
C ILE H 24 64.65 27.87 24.96
N VAL H 25 63.90 28.40 23.99
CA VAL H 25 63.90 29.83 23.78
C VAL H 25 62.90 30.55 24.68
N ALA H 26 62.07 29.79 25.40
CA ALA H 26 61.29 30.36 26.49
C ALA H 26 61.99 30.17 27.83
N THR H 27 63.13 29.51 27.82
CA THR H 27 63.92 29.27 29.02
C THR H 27 65.24 30.02 29.03
N ILE H 28 65.89 30.19 27.88
CA ILE H 28 67.12 30.99 27.82
C ILE H 28 66.82 32.46 28.08
N ILE H 29 65.77 33.03 27.48
CA ILE H 29 65.44 34.43 27.78
C ILE H 29 64.81 34.57 29.17
N GLY H 30 64.29 33.47 29.74
CA GLY H 30 63.91 33.53 31.14
C GLY H 30 65.10 33.46 32.07
N LEU H 31 66.17 32.80 31.65
CA LEU H 31 67.40 32.89 32.42
C LEU H 31 68.04 34.25 32.23
N LEU H 32 67.88 34.86 31.06
CA LEU H 32 68.57 36.10 30.73
C LEU H 32 67.91 37.30 31.39
N VAL H 33 66.62 37.20 31.69
CA VAL H 33 65.98 38.26 32.46
C VAL H 33 66.37 38.14 33.93
N GLY H 34 66.70 36.94 34.39
CA GLY H 34 67.12 36.71 35.77
C GLY H 34 68.60 36.91 36.02
N LEU H 35 69.42 36.69 35.00
CA LEU H 35 70.85 36.95 35.09
C LEU H 35 71.11 38.44 35.15
N PHE H 36 70.29 39.25 34.48
CA PHE H 36 70.56 40.66 34.37
C PHE H 36 70.33 41.37 35.69
N GLN H 37 69.49 40.81 36.55
CA GLN H 37 69.13 41.46 37.80
C GLN H 37 70.05 41.09 38.96
N THR H 38 71.27 40.62 38.68
CA THR H 38 72.25 40.48 39.75
C THR H 38 72.69 41.84 40.26
N VAL H 39 72.73 42.81 39.36
CA VAL H 39 72.79 44.23 39.69
C VAL H 39 71.53 44.87 39.12
N THR H 40 71.04 45.90 39.81
CA THR H 40 69.79 46.61 39.49
C THR H 40 68.61 45.66 39.37
N GLN H 41 68.24 45.07 40.51
CA GLN H 41 67.26 44.00 40.61
C GLN H 41 65.88 44.45 40.12
N LEU H 42 65.24 45.34 40.88
CA LEU H 42 64.07 46.14 40.45
C LEU H 42 62.94 45.31 39.83
N GLN H 43 62.60 44.20 40.45
CA GLN H 43 61.75 43.21 39.79
C GLN H 43 60.26 43.43 40.04
N GLU H 44 59.49 43.17 38.98
CA GLU H 44 58.07 42.85 39.06
C GLU H 44 57.91 41.56 38.26
N GLN H 45 57.03 40.67 38.71
CA GLN H 45 57.01 39.33 38.15
C GLN H 45 56.35 39.24 36.78
N THR H 46 55.49 40.20 36.44
CA THR H 46 54.76 40.19 35.17
C THR H 46 55.48 40.92 34.05
N LEU H 47 56.71 41.39 34.28
CA LEU H 47 57.45 42.07 33.21
C LEU H 47 57.91 41.16 32.07
N PRO H 48 58.65 40.05 32.28
CA PRO H 48 59.21 39.34 31.14
C PRO H 48 58.24 38.42 30.40
N PHE H 49 56.93 38.46 30.69
CA PHE H 49 55.98 37.65 29.93
C PHE H 49 55.89 38.12 28.48
N GLY H 50 55.98 39.43 28.25
CA GLY H 50 55.91 39.95 26.90
C GLY H 50 57.17 39.70 26.11
N ILE H 51 58.32 39.76 26.79
CA ILE H 51 59.57 39.43 26.11
C ILE H 51 59.65 37.93 25.83
N LYS H 52 59.11 37.08 26.73
CA LYS H 52 59.00 35.66 26.46
C LYS H 52 58.06 35.35 25.30
N LEU H 53 57.03 36.17 25.14
CA LEU H 53 56.11 35.98 24.03
C LEU H 53 56.72 36.42 22.71
N LEU H 54 57.49 37.50 22.73
CA LEU H 54 58.13 37.92 21.48
C LEU H 54 59.28 36.99 21.13
N GLY H 55 59.84 36.33 22.13
CA GLY H 55 60.94 35.41 21.89
C GLY H 55 60.44 34.15 21.19
N VAL H 56 59.34 33.59 21.71
CA VAL H 56 58.89 32.34 21.13
C VAL H 56 58.24 32.62 19.79
N CYS H 57 57.55 33.76 19.60
CA CYS H 57 56.94 33.95 18.30
C CYS H 57 57.96 34.39 17.24
N LEU H 58 59.12 34.90 17.64
CA LEU H 58 60.19 35.14 16.68
C LEU H 58 60.85 33.84 16.25
N CYS H 59 61.15 32.96 17.21
CA CYS H 59 61.74 31.69 16.80
C CYS H 59 60.73 30.77 16.11
N LEU H 60 59.43 30.96 16.36
CA LEU H 60 58.42 30.24 15.59
C LEU H 60 58.36 30.75 14.16
N PHE H 61 58.63 32.05 13.97
CA PHE H 61 58.59 32.59 12.63
C PHE H 61 59.80 32.12 11.83
N LEU H 62 60.97 32.07 12.46
CA LEU H 62 62.15 31.62 11.74
C LEU H 62 62.12 30.12 11.48
N LEU H 63 61.58 29.33 12.41
CA LEU H 63 61.47 27.88 12.25
C LEU H 63 60.16 27.44 11.61
N SER H 64 59.41 28.35 11.01
CA SER H 64 58.09 27.99 10.48
C SER H 64 58.15 27.10 9.25
N GLY H 65 59.00 27.43 8.28
CA GLY H 65 59.09 26.62 7.07
C GLY H 65 59.64 25.23 7.28
N TRP H 66 60.59 25.09 8.21
CA TRP H 66 61.08 23.75 8.54
C TRP H 66 60.03 22.94 9.27
N TYR H 67 59.17 23.59 10.05
CA TYR H 67 58.10 22.86 10.71
C TYR H 67 57.10 22.32 9.70
N GLY H 68 56.90 23.04 8.60
CA GLY H 68 55.99 22.56 7.59
C GLY H 68 56.61 21.48 6.75
N GLU H 69 57.92 21.51 6.56
CA GLU H 69 58.55 20.48 5.74
C GLU H 69 58.59 19.15 6.50
N VAL H 70 58.83 19.20 7.82
CA VAL H 70 58.90 17.94 8.55
C VAL H 70 57.50 17.39 8.72
N LEU H 71 56.48 18.27 8.89
CA LEU H 71 55.16 17.75 9.12
C LEU H 71 54.54 17.23 7.83
N LEU H 72 54.96 17.77 6.69
CA LEU H 72 54.44 17.24 5.43
C LEU H 72 55.15 15.95 5.05
N SER H 73 56.45 15.83 5.35
CA SER H 73 57.16 14.61 4.98
C SER H 73 56.71 13.43 5.83
N TYR H 74 56.53 13.67 7.13
CA TYR H 74 55.95 12.64 7.99
C TYR H 74 54.48 12.39 7.64
N GLY H 75 53.78 13.38 7.09
CA GLY H 75 52.42 13.13 6.65
C GLY H 75 52.39 12.22 5.44
N ARG H 76 53.36 12.39 4.54
CA ARG H 76 53.35 11.61 3.31
C ARG H 76 53.81 10.18 3.56
N GLN H 77 54.71 9.98 4.53
CA GLN H 77 55.28 8.64 4.69
C GLN H 77 54.30 7.70 5.36
N VAL H 78 53.47 8.25 6.25
CA VAL H 78 52.57 7.39 7.01
C VAL H 78 51.41 6.95 6.14
N ILE H 79 50.96 7.79 5.21
CA ILE H 79 49.88 7.32 4.37
C ILE H 79 50.39 6.51 3.18
N PHE H 80 51.67 6.65 2.81
CA PHE H 80 52.23 5.67 1.87
C PHE H 80 52.37 4.30 2.51
N LEU H 81 52.72 4.25 3.80
CA LEU H 81 52.73 2.96 4.48
C LEU H 81 51.35 2.49 4.90
N ALA H 82 50.37 3.39 4.97
CA ALA H 82 49.03 2.92 5.29
C ALA H 82 48.37 2.29 4.07
N LEU H 83 48.43 2.95 2.93
CA LEU H 83 47.72 2.44 1.77
C LEU H 83 48.50 1.33 1.08
N ALA H 84 49.82 1.43 1.07
CA ALA H 84 50.60 0.38 0.44
C ALA H 84 51.26 -0.48 1.50
N MET I 1 31.05 -15.08 41.51
CA MET I 1 31.30 -13.65 41.51
C MET I 1 32.69 -13.31 42.01
N ASP I 2 33.58 -14.31 42.15
CA ASP I 2 34.95 -14.00 42.55
C ASP I 2 35.73 -13.32 41.43
N ASP I 3 35.36 -13.59 40.19
CA ASP I 3 36.04 -12.95 39.07
C ASP I 3 35.44 -11.60 38.74
N LEU I 4 34.24 -11.31 39.24
CA LEU I 4 33.66 -9.98 39.07
C LEU I 4 34.51 -8.97 39.80
N VAL I 5 34.80 -9.23 41.08
CA VAL I 5 35.54 -8.26 41.86
C VAL I 5 37.02 -8.38 41.52
N PHE I 6 37.43 -9.49 40.91
CA PHE I 6 38.83 -9.65 40.50
C PHE I 6 39.14 -8.77 39.30
N ALA I 7 38.20 -8.64 38.37
CA ALA I 7 38.46 -7.82 37.20
C ALA I 7 38.55 -6.35 37.57
N GLY I 8 37.68 -5.91 38.49
CA GLY I 8 37.74 -4.53 38.94
C GLY I 8 38.95 -4.25 39.80
N ASN I 9 39.43 -5.27 40.53
CA ASN I 9 40.62 -5.06 41.34
C ASN I 9 41.85 -5.05 40.47
N LYS I 10 41.83 -5.80 39.39
CA LYS I 10 43.02 -5.85 38.54
C LYS I 10 43.10 -4.57 37.74
N ALA I 11 41.96 -4.06 37.26
CA ALA I 11 42.00 -2.82 36.48
C ALA I 11 42.34 -1.62 37.37
N LEU I 12 41.84 -1.60 38.61
CA LEU I 12 42.24 -0.53 39.52
C LEU I 12 43.70 -0.66 39.93
N TYR I 13 44.24 -1.88 39.97
CA TYR I 13 45.68 -2.00 40.21
C TYR I 13 46.47 -1.54 39.00
N LEU I 14 45.94 -1.79 37.80
CA LEU I 14 46.69 -1.46 36.61
C LEU I 14 46.74 0.04 36.38
N VAL I 15 45.70 0.76 36.82
CA VAL I 15 45.74 2.22 36.67
C VAL I 15 46.82 2.82 37.56
N LEU I 16 46.94 2.26 38.77
CA LEU I 16 47.93 2.74 39.73
C LEU I 16 49.34 2.41 39.28
N ILE I 17 49.52 1.28 38.62
CA ILE I 17 50.88 0.80 38.45
C ILE I 17 51.35 1.29 37.08
N LEU I 18 50.42 1.54 36.16
CA LEU I 18 50.83 2.04 34.86
C LEU I 18 51.09 3.54 34.98
N SER I 19 50.15 4.31 35.55
CA SER I 19 50.34 5.74 35.63
C SER I 19 51.38 6.17 36.66
N GLY I 20 51.68 5.35 37.69
CA GLY I 20 52.61 5.81 38.70
C GLY I 20 54.04 5.91 38.23
N TRP I 21 54.41 5.14 37.20
CA TRP I 21 55.80 5.20 36.78
C TRP I 21 56.22 6.45 36.01
N PRO I 22 55.43 7.04 35.11
CA PRO I 22 55.82 8.38 34.63
C PRO I 22 55.53 9.49 35.61
N THR I 23 54.55 9.30 36.51
CA THR I 23 54.21 10.35 37.47
C THR I 23 55.30 10.52 38.50
N ILE I 24 56.00 9.44 38.85
CA ILE I 24 57.10 9.53 39.80
C ILE I 24 58.29 10.27 39.17
N VAL I 25 58.62 9.94 37.92
CA VAL I 25 59.74 10.62 37.30
C VAL I 25 59.42 12.08 37.00
N ALA I 26 58.16 12.41 36.72
CA ALA I 26 57.77 13.81 36.60
C ALA I 26 57.73 14.53 37.94
N THR I 27 57.56 13.79 39.02
CA THR I 27 57.52 14.45 40.32
C THR I 27 58.93 14.64 40.84
N ILE I 28 59.81 13.68 40.64
CA ILE I 28 61.18 13.84 41.10
C ILE I 28 61.89 14.89 40.26
N ILE I 29 61.58 14.97 38.96
CA ILE I 29 62.13 16.04 38.13
C ILE I 29 61.66 17.41 38.60
N GLY I 30 60.35 17.55 38.89
CA GLY I 30 59.88 18.82 39.43
C GLY I 30 60.39 19.12 40.82
N LEU I 31 60.72 18.08 41.60
CA LEU I 31 61.33 18.29 42.91
C LEU I 31 62.78 18.71 42.78
N LEU I 32 63.49 18.14 41.81
CA LEU I 32 64.93 18.30 41.74
C LEU I 32 65.26 19.62 41.08
N VAL I 33 64.61 19.95 39.96
CA VAL I 33 65.01 21.15 39.26
C VAL I 33 64.48 22.37 40.04
N GLY I 34 63.43 22.19 40.85
CA GLY I 34 63.02 23.26 41.74
C GLY I 34 63.95 23.44 42.93
N LEU I 35 64.52 22.34 43.44
CA LEU I 35 65.54 22.48 44.48
C LEU I 35 66.85 23.00 43.91
N PHE I 36 67.11 22.75 42.62
CA PHE I 36 68.27 23.35 41.97
C PHE I 36 68.01 24.81 41.65
N GLN I 37 66.75 25.19 41.46
CA GLN I 37 66.43 26.57 41.19
C GLN I 37 66.51 27.42 42.45
N THR I 38 66.18 26.83 43.60
CA THR I 38 66.05 27.65 44.80
C THR I 38 67.36 27.81 45.55
N VAL I 39 68.48 27.48 44.91
CA VAL I 39 69.79 27.71 45.50
C VAL I 39 70.63 28.67 44.68
N THR I 40 70.35 28.80 43.38
CA THR I 40 70.99 29.78 42.51
C THR I 40 70.03 30.89 42.10
N GLN I 41 68.76 30.75 42.44
CA GLN I 41 67.70 31.75 42.52
C GLN I 41 67.15 32.26 41.19
N LEU I 42 67.91 32.20 40.08
CA LEU I 42 67.48 31.77 38.73
C LEU I 42 65.98 31.67 38.48
N GLN I 43 65.22 32.74 38.74
CA GLN I 43 63.77 32.64 38.82
C GLN I 43 63.16 32.44 37.44
N GLU I 44 62.76 31.20 37.15
CA GLU I 44 62.05 30.91 35.91
C GLU I 44 61.14 29.71 36.13
N GLN I 45 59.85 29.89 35.83
CA GLN I 45 58.83 28.88 36.06
C GLN I 45 58.56 28.01 34.82
N THR I 46 59.29 28.21 33.74
CA THR I 46 59.17 27.38 32.54
C THR I 46 60.17 26.23 32.54
N LEU I 47 61.36 26.49 33.08
CA LEU I 47 62.38 25.46 33.29
C LEU I 47 61.92 24.24 34.08
N PRO I 48 61.02 24.32 35.07
CA PRO I 48 60.43 23.08 35.59
C PRO I 48 59.58 22.31 34.59
N PHE I 49 59.06 22.97 33.55
CA PHE I 49 58.26 22.24 32.58
C PHE I 49 59.09 21.72 31.41
N GLY I 50 60.11 22.48 31.00
CA GLY I 50 60.87 22.11 29.81
C GLY I 50 61.70 20.85 30.00
N ILE I 51 62.35 20.72 31.15
CA ILE I 51 63.07 19.49 31.44
C ILE I 51 62.10 18.34 31.72
N LYS I 52 60.93 18.64 32.28
CA LYS I 52 59.96 17.60 32.59
C LYS I 52 59.36 16.99 31.34
N LEU I 53 59.22 17.80 30.29
CA LEU I 53 58.64 17.30 29.05
C LEU I 53 59.60 16.34 28.34
N LEU I 54 60.88 16.71 28.28
CA LEU I 54 61.89 15.78 27.77
C LEU I 54 62.05 14.55 28.65
N GLY I 55 61.85 14.69 29.96
CA GLY I 55 62.05 13.54 30.83
C GLY I 55 60.93 12.53 30.70
N VAL I 56 59.69 13.00 30.56
CA VAL I 56 58.61 12.04 30.42
C VAL I 56 58.55 11.52 28.99
N CYS I 57 59.07 12.26 28.00
CA CYS I 57 59.06 11.67 26.66
C CYS I 57 60.17 10.63 26.53
N LEU I 58 61.29 10.84 27.23
CA LEU I 58 62.35 9.83 27.25
C LEU I 58 61.87 8.57 27.96
N CYS I 59 61.14 8.74 29.07
CA CYS I 59 60.64 7.57 29.79
C CYS I 59 59.55 6.86 29.00
N LEU I 60 58.80 7.59 28.16
CA LEU I 60 57.78 6.92 27.36
C LEU I 60 58.39 6.20 26.17
N PHE I 61 59.61 6.57 25.77
CA PHE I 61 60.35 5.72 24.83
C PHE I 61 60.57 4.35 25.46
N LEU I 62 61.21 4.34 26.63
CA LEU I 62 61.70 3.08 27.18
C LEU I 62 60.57 2.25 27.79
N LEU I 63 59.37 2.81 27.91
CA LEU I 63 58.25 2.04 28.43
C LEU I 63 57.12 1.88 27.44
N SER I 64 57.24 2.41 26.21
CA SER I 64 56.19 2.27 25.21
C SER I 64 56.02 0.83 24.73
N GLY I 65 57.12 0.09 24.58
CA GLY I 65 57.00 -1.32 24.27
C GLY I 65 56.48 -2.18 25.39
N TRP I 66 56.72 -1.81 26.63
CA TRP I 66 56.24 -2.62 27.74
C TRP I 66 54.76 -2.41 28.03
N TYR I 67 54.25 -1.19 27.80
CA TYR I 67 52.83 -0.93 28.09
C TYR I 67 51.91 -1.70 27.17
N GLY I 68 52.39 -2.01 25.97
CA GLY I 68 51.63 -2.80 25.02
C GLY I 68 51.48 -4.19 25.57
N GLU I 69 52.60 -4.89 25.77
CA GLU I 69 52.56 -6.29 26.14
C GLU I 69 51.91 -6.54 27.52
N VAL I 70 51.97 -5.55 28.42
CA VAL I 70 51.28 -5.71 29.71
C VAL I 70 49.78 -5.53 29.53
N LEU I 71 49.36 -4.82 28.49
CA LEU I 71 47.93 -4.63 28.32
C LEU I 71 47.36 -5.65 27.34
N LEU I 72 48.20 -6.10 26.41
CA LEU I 72 47.86 -7.18 25.51
C LEU I 72 47.71 -8.51 26.24
N SER I 73 48.40 -8.69 27.37
CA SER I 73 48.15 -9.89 28.15
C SER I 73 46.86 -9.78 28.95
N TYR I 74 46.57 -8.58 29.45
CA TYR I 74 45.38 -8.38 30.26
C TYR I 74 44.10 -8.53 29.44
N GLY I 75 44.15 -8.07 28.19
CA GLY I 75 42.98 -8.22 27.34
C GLY I 75 42.70 -9.67 27.02
N ARG I 76 43.77 -10.46 26.82
CA ARG I 76 43.59 -11.87 26.53
C ARG I 76 43.09 -12.60 27.76
N GLN I 77 43.39 -12.09 28.95
CA GLN I 77 42.85 -12.77 30.12
C GLN I 77 41.39 -12.42 30.29
N VAL I 78 41.01 -11.18 29.97
CA VAL I 78 39.66 -10.72 30.22
C VAL I 78 38.67 -11.40 29.27
N ILE I 79 39.03 -11.49 27.99
CA ILE I 79 38.15 -12.16 27.03
C ILE I 79 38.00 -13.66 27.33
N PHE I 80 39.06 -14.30 27.81
CA PHE I 80 38.94 -15.69 28.20
C PHE I 80 38.15 -15.87 29.49
N LEU I 81 38.18 -14.87 30.39
CA LEU I 81 37.28 -14.95 31.53
C LEU I 81 35.85 -14.68 31.12
N ALA I 82 35.67 -13.99 30.00
CA ALA I 82 34.34 -13.53 29.67
C ALA I 82 33.55 -14.55 28.87
N LEU I 83 34.18 -15.16 27.88
CA LEU I 83 33.40 -15.85 26.87
C LEU I 83 33.19 -17.33 27.13
N ALA I 84 34.09 -17.97 27.86
CA ALA I 84 33.90 -19.38 28.17
C ALA I 84 32.92 -19.59 29.32
N MET J 1 4.12 9.83 50.43
CA MET J 1 4.78 11.13 50.49
C MET J 1 6.10 11.02 51.24
N ASP J 2 6.04 10.37 52.40
CA ASP J 2 7.20 10.24 53.28
C ASP J 2 8.25 9.30 52.70
N ASP J 3 7.83 8.33 51.89
CA ASP J 3 8.84 7.43 51.33
C ASP J 3 9.62 8.11 50.22
N LEU J 4 9.02 9.09 49.55
CA LEU J 4 9.70 9.77 48.46
C LEU J 4 10.86 10.60 48.99
N VAL J 5 10.60 11.32 50.09
CA VAL J 5 11.65 12.11 50.75
C VAL J 5 12.63 11.17 51.45
N PHE J 6 12.18 10.00 51.91
CA PHE J 6 13.10 9.09 52.57
C PHE J 6 14.05 8.44 51.57
N ALA J 7 13.57 8.13 50.37
CA ALA J 7 14.48 7.63 49.35
C ALA J 7 15.42 8.71 48.85
N GLY J 8 14.94 9.96 48.78
CA GLY J 8 15.79 11.05 48.35
C GLY J 8 16.87 11.38 49.35
N ASN J 9 16.57 11.21 50.64
CA ASN J 9 17.56 11.55 51.66
C ASN J 9 18.70 10.55 51.64
N LYS J 10 18.40 9.25 51.50
CA LYS J 10 19.49 8.29 51.48
C LYS J 10 20.27 8.39 50.18
N ALA J 11 19.62 8.84 49.10
CA ALA J 11 20.34 9.14 47.87
C ALA J 11 21.31 10.31 48.05
N LEU J 12 20.92 11.33 48.80
CA LEU J 12 21.90 12.37 49.08
C LEU J 12 22.87 12.04 50.21
N TYR J 13 22.55 11.06 51.04
CA TYR J 13 23.48 10.66 52.09
C TYR J 13 24.62 9.80 51.55
N LEU J 14 24.28 8.92 50.60
CA LEU J 14 25.29 7.96 50.16
C LEU J 14 26.35 8.66 49.34
N VAL J 15 25.98 9.71 48.59
CA VAL J 15 26.99 10.41 47.81
C VAL J 15 27.87 11.26 48.71
N LEU J 16 27.41 11.54 49.93
CA LEU J 16 28.25 12.25 50.88
C LEU J 16 29.23 11.30 51.54
N ILE J 17 28.81 10.08 51.83
CA ILE J 17 29.74 9.21 52.55
C ILE J 17 30.68 8.50 51.59
N LEU J 18 30.20 8.11 50.41
CA LEU J 18 31.06 7.42 49.46
C LEU J 18 32.10 8.36 48.88
N SER J 19 31.79 9.64 48.77
CA SER J 19 32.82 10.62 48.47
C SER J 19 33.51 11.17 49.71
N GLY J 20 33.18 10.68 50.90
CA GLY J 20 33.77 11.21 52.11
C GLY J 20 35.23 10.85 52.23
N TRP J 21 35.55 9.56 52.29
CA TRP J 21 36.93 9.13 52.42
C TRP J 21 37.86 9.40 51.23
N PRO J 22 37.43 9.39 49.96
CA PRO J 22 38.34 9.88 48.91
C PRO J 22 38.63 11.36 48.98
N THR J 23 37.67 12.18 49.40
CA THR J 23 37.93 13.61 49.37
C THR J 23 38.78 14.06 50.54
N ILE J 24 38.68 13.40 51.70
CA ILE J 24 39.48 13.89 52.80
C ILE J 24 40.91 13.42 52.68
N VAL J 25 41.17 12.30 51.99
CA VAL J 25 42.56 11.97 51.72
C VAL J 25 43.08 12.82 50.55
N ALA J 26 42.22 13.26 49.63
CA ALA J 26 42.72 14.17 48.61
C ALA J 26 42.82 15.60 49.12
N THR J 27 42.30 15.87 50.31
CA THR J 27 42.38 17.16 50.96
C THR J 27 43.63 17.29 51.81
N ILE J 28 43.86 16.32 52.71
CA ILE J 28 44.89 16.57 53.70
C ILE J 28 46.28 16.44 53.08
N ILE J 29 46.44 15.63 52.03
CA ILE J 29 47.72 15.61 51.32
C ILE J 29 47.82 16.71 50.28
N GLY J 30 46.73 17.38 49.96
CA GLY J 30 46.83 18.64 49.24
C GLY J 30 47.19 19.82 50.11
N LEU J 31 47.05 19.67 51.43
CA LEU J 31 47.40 20.75 52.33
C LEU J 31 48.75 20.54 53.01
N LEU J 32 49.05 19.30 53.43
CA LEU J 32 50.33 19.02 54.06
C LEU J 32 51.48 19.13 53.08
N VAL J 33 51.22 19.00 51.78
CA VAL J 33 52.31 19.23 50.84
C VAL J 33 52.42 20.72 50.52
N GLY J 34 51.36 21.49 50.74
CA GLY J 34 51.38 22.91 50.43
C GLY J 34 52.18 23.61 51.50
N LEU J 35 52.01 23.11 52.72
CA LEU J 35 52.82 23.66 53.81
C LEU J 35 54.29 23.28 53.67
N PHE J 36 54.58 22.13 53.05
CA PHE J 36 55.97 21.83 52.69
C PHE J 36 56.48 22.76 51.60
N GLN J 37 55.61 23.15 50.68
CA GLN J 37 56.04 24.05 49.61
C GLN J 37 56.21 25.48 50.11
N THR J 38 55.67 25.79 51.28
CA THR J 38 55.86 27.11 51.85
C THR J 38 57.11 27.15 52.72
N VAL J 39 57.31 26.13 53.55
CA VAL J 39 58.47 26.14 54.43
C VAL J 39 59.75 25.79 53.66
N THR J 40 59.65 25.18 52.49
CA THR J 40 60.80 24.99 51.60
C THR J 40 60.44 25.67 50.30
N GLN J 41 61.23 26.66 49.89
CA GLN J 41 60.85 27.57 48.81
C GLN J 41 60.89 26.82 47.49
N LEU J 42 59.72 26.34 47.10
CA LEU J 42 59.55 25.40 46.00
C LEU J 42 58.33 25.84 45.20
N GLN J 43 58.54 26.32 43.98
CA GLN J 43 57.49 26.99 43.24
C GLN J 43 56.99 26.17 42.04
N GLU J 44 57.20 24.86 42.06
CA GLU J 44 56.59 24.01 41.06
C GLU J 44 55.08 23.92 41.30
N GLN J 45 54.31 23.91 40.22
CA GLN J 45 52.87 23.84 40.37
C GLN J 45 52.34 22.41 40.34
N THR J 46 53.01 21.51 39.62
CA THR J 46 52.50 20.16 39.39
C THR J 46 53.01 19.15 40.41
N LEU J 47 53.35 19.59 41.63
CA LEU J 47 53.75 18.64 42.66
C LEU J 47 52.63 17.71 43.12
N PRO J 48 51.51 18.20 43.70
CA PRO J 48 50.71 17.31 44.57
C PRO J 48 49.94 16.23 43.85
N PHE J 49 49.84 16.27 42.52
CA PHE J 49 49.07 15.26 41.80
C PHE J 49 49.71 13.88 41.89
N GLY J 50 51.03 13.82 41.96
CA GLY J 50 51.70 12.56 42.20
C GLY J 50 51.40 11.91 43.54
N ILE J 51 51.18 12.73 44.57
CA ILE J 51 50.74 12.15 45.83
C ILE J 51 49.24 11.89 45.82
N LYS J 52 48.48 12.75 45.16
CA LYS J 52 47.02 12.65 45.14
C LYS J 52 46.54 11.44 44.36
N LEU J 53 47.34 11.00 43.40
CA LEU J 53 46.93 9.90 42.54
C LEU J 53 46.95 8.60 43.33
N LEU J 54 48.09 8.29 43.95
CA LEU J 54 48.13 7.04 44.69
C LEU J 54 47.36 7.16 46.00
N GLY J 55 47.12 8.37 46.51
CA GLY J 55 46.35 8.49 47.74
C GLY J 55 44.89 8.12 47.52
N VAL J 56 44.33 8.57 46.40
CA VAL J 56 42.96 8.19 46.09
C VAL J 56 42.90 6.76 45.59
N CYS J 57 43.89 6.31 44.80
CA CYS J 57 43.81 4.96 44.27
C CYS J 57 44.02 3.93 45.36
N LEU J 58 44.76 4.25 46.41
CA LEU J 58 44.85 3.38 47.58
C LEU J 58 43.56 3.40 48.39
N CYS J 59 42.94 4.57 48.59
CA CYS J 59 41.70 4.56 49.36
C CYS J 59 40.57 3.84 48.62
N LEU J 60 40.54 3.95 47.29
CA LEU J 60 39.59 3.16 46.53
C LEU J 60 39.96 1.68 46.49
N PHE J 61 41.25 1.36 46.58
CA PHE J 61 41.62 -0.04 46.61
C PHE J 61 41.26 -0.66 47.94
N LEU J 62 41.38 0.11 49.02
CA LEU J 62 41.11 -0.44 50.34
C LEU J 62 39.62 -0.48 50.64
N LEU J 63 38.81 0.29 49.92
CA LEU J 63 37.39 0.36 50.24
C LEU J 63 36.51 -0.13 49.10
N SER J 64 37.09 -0.67 48.03
CA SER J 64 36.27 -1.18 46.94
C SER J 64 35.51 -2.45 47.34
N GLY J 65 36.00 -3.16 48.35
CA GLY J 65 35.26 -4.23 48.96
C GLY J 65 34.17 -3.77 49.91
N TRP J 66 34.13 -2.49 50.22
CA TRP J 66 33.08 -1.90 51.04
C TRP J 66 32.03 -1.16 50.23
N TYR J 67 32.40 -0.65 49.05
CA TYR J 67 31.53 0.26 48.33
C TYR J 67 30.31 -0.46 47.77
N GLY J 68 30.49 -1.66 47.26
CA GLY J 68 29.42 -2.37 46.60
C GLY J 68 28.35 -2.91 47.51
N GLU J 69 28.65 -3.10 48.79
CA GLU J 69 27.69 -3.76 49.65
C GLU J 69 26.55 -2.84 50.07
N VAL J 70 26.86 -1.58 50.37
CA VAL J 70 25.81 -0.64 50.71
C VAL J 70 24.99 -0.26 49.50
N LEU J 71 25.57 -0.38 48.30
CA LEU J 71 24.78 -0.13 47.11
C LEU J 71 23.92 -1.33 46.76
N LEU J 72 24.38 -2.55 47.03
CA LEU J 72 23.53 -3.69 46.74
C LEU J 72 22.39 -3.78 47.74
N SER J 73 22.62 -3.28 48.96
CA SER J 73 21.54 -3.20 49.93
C SER J 73 20.55 -2.10 49.57
N TYR J 74 21.04 -0.98 49.07
CA TYR J 74 20.12 0.12 48.76
C TYR J 74 19.32 -0.17 47.51
N GLY J 75 19.95 -0.79 46.51
CA GLY J 75 19.24 -1.11 45.31
C GLY J 75 18.25 -2.22 45.54
N ARG J 76 18.54 -3.11 46.49
CA ARG J 76 17.62 -4.19 46.73
C ARG J 76 16.41 -3.68 47.49
N GLN J 77 16.62 -2.76 48.43
CA GLN J 77 15.47 -2.31 49.21
C GLN J 77 14.64 -1.27 48.48
N VAL J 78 15.17 -0.68 47.40
CA VAL J 78 14.32 0.29 46.70
C VAL J 78 13.37 -0.42 45.74
N ILE J 79 13.71 -1.61 45.25
CA ILE J 79 12.75 -2.29 44.40
C ILE J 79 11.65 -2.91 45.25
N PHE J 80 11.98 -3.28 46.50
CA PHE J 80 10.93 -3.74 47.40
C PHE J 80 10.01 -2.61 47.80
N LEU J 81 10.55 -1.38 47.93
CA LEU J 81 9.69 -0.23 48.17
C LEU J 81 8.90 0.15 46.93
N ALA J 82 9.40 -0.20 45.76
CA ALA J 82 8.74 0.24 44.54
C ALA J 82 7.54 -0.63 44.28
N LEU J 83 7.69 -1.93 44.52
CA LEU J 83 6.62 -2.88 44.19
C LEU J 83 5.69 -3.11 45.36
N ALA J 84 6.21 -3.58 46.49
CA ALA J 84 5.31 -3.90 47.59
C ALA J 84 5.02 -2.69 48.46
N GLY K 32 -36.77 70.73 6.69
CA GLY K 32 -37.29 69.61 5.92
C GLY K 32 -36.65 68.29 6.28
N SER K 33 -36.05 67.62 5.31
CA SER K 33 -35.39 66.35 5.56
C SER K 33 -34.01 66.36 4.92
N GLY K 34 -33.33 65.23 4.92
CA GLY K 34 -32.02 65.13 4.30
C GLY K 34 -31.17 64.10 5.01
N PHE K 35 -29.92 64.02 4.58
CA PHE K 35 -29.00 63.02 5.14
C PHE K 35 -27.57 63.50 4.93
N VAL K 36 -26.91 63.88 6.03
CA VAL K 36 -25.51 64.31 5.94
C VAL K 36 -24.66 63.04 6.00
N ALA K 37 -24.19 62.57 4.86
CA ALA K 37 -23.38 61.37 4.82
C ALA K 37 -21.90 61.72 4.96
N LYS K 38 -21.21 60.98 5.83
CA LYS K 38 -19.77 61.11 6.05
C LYS K 38 -19.16 59.71 5.99
N ASP K 39 -18.57 59.39 4.84
CA ASP K 39 -17.90 58.11 4.57
C ASP K 39 -18.82 56.92 4.68
N ASP K 40 -20.07 57.10 4.26
CA ASP K 40 -20.95 55.96 4.22
C ASP K 40 -20.58 55.10 3.01
N SER K 41 -21.09 53.87 2.97
CA SER K 41 -20.54 52.88 2.07
C SER K 41 -21.63 52.23 1.25
N LEU K 42 -22.59 53.03 0.78
CA LEU K 42 -23.55 52.69 -0.27
C LEU K 42 -24.54 51.60 0.09
N ARG K 43 -24.39 50.96 1.24
CA ARG K 43 -25.41 50.10 1.80
C ARG K 43 -26.12 50.78 2.94
N THR K 44 -25.38 51.55 3.72
CA THR K 44 -25.92 52.46 4.71
C THR K 44 -26.35 53.78 4.11
N PHE K 45 -26.12 53.99 2.83
CA PHE K 45 -26.58 55.24 2.23
C PHE K 45 -27.95 55.10 1.57
N PHE K 46 -28.21 54.00 0.88
CA PHE K 46 -29.50 53.87 0.21
C PHE K 46 -30.60 53.45 1.17
N ASP K 47 -30.24 52.93 2.33
CA ASP K 47 -31.25 52.69 3.34
C ASP K 47 -31.72 53.99 3.97
N ALA K 48 -30.91 55.04 3.95
CA ALA K 48 -31.41 56.32 4.41
C ALA K 48 -32.42 56.88 3.43
N MET K 49 -32.32 56.50 2.16
CA MET K 49 -33.28 56.87 1.13
C MET K 49 -34.42 55.87 1.00
N ALA K 50 -34.40 54.82 1.82
CA ALA K 50 -35.41 53.78 1.73
C ALA K 50 -36.70 54.11 2.45
N LEU K 51 -36.89 55.35 2.88
CA LEU K 51 -38.17 55.83 3.39
C LEU K 51 -38.82 56.81 2.45
N GLN K 52 -38.00 57.63 1.79
CA GLN K 52 -38.53 58.51 0.75
C GLN K 52 -38.88 57.70 -0.48
N LEU K 53 -38.01 56.80 -0.91
CA LEU K 53 -38.49 55.70 -1.72
C LEU K 53 -39.32 54.77 -0.83
N LYS K 54 -40.48 54.35 -1.32
CA LYS K 54 -41.37 53.55 -0.48
C LYS K 54 -41.16 52.06 -0.66
N GLU K 55 -39.98 51.63 -1.11
CA GLU K 55 -39.63 50.25 -1.32
C GLU K 55 -38.31 49.94 -0.63
N PRO K 56 -38.10 48.71 -0.16
CA PRO K 56 -36.79 48.36 0.39
C PRO K 56 -35.77 48.23 -0.72
N VAL K 57 -34.54 48.64 -0.43
CA VAL K 57 -33.47 48.72 -1.42
C VAL K 57 -32.43 47.66 -1.10
N ILE K 58 -32.09 46.86 -2.11
CA ILE K 58 -31.11 45.78 -1.95
C ILE K 58 -29.90 46.09 -2.82
N VAL K 59 -28.75 46.26 -2.20
CA VAL K 59 -27.50 46.57 -2.87
C VAL K 59 -26.62 45.33 -2.81
N SER K 60 -25.91 45.03 -3.90
CA SER K 60 -25.12 43.82 -3.97
C SER K 60 -23.81 44.00 -3.19
N LYS K 61 -22.90 43.05 -3.32
CA LYS K 61 -21.67 43.11 -2.53
C LYS K 61 -20.54 43.87 -3.22
N MET K 62 -20.44 43.81 -4.54
CA MET K 62 -19.38 44.55 -5.22
C MET K 62 -19.70 46.03 -5.30
N ALA K 63 -20.99 46.39 -5.33
CA ALA K 63 -21.39 47.78 -5.41
C ALA K 63 -21.49 48.42 -4.04
N ALA K 64 -21.11 47.72 -2.97
CA ALA K 64 -21.12 48.28 -1.63
C ALA K 64 -19.73 48.67 -1.15
N ARG K 65 -18.71 48.57 -2.00
CA ARG K 65 -17.38 49.04 -1.62
C ARG K 65 -17.13 50.51 -1.93
N LYS K 66 -17.84 51.11 -2.87
CA LYS K 66 -17.61 52.52 -3.15
C LYS K 66 -18.21 53.36 -2.04
N LYS K 67 -17.59 54.50 -1.78
CA LYS K 67 -17.96 55.36 -0.67
C LYS K 67 -18.36 56.72 -1.17
N ILE K 68 -19.05 57.47 -0.32
CA ILE K 68 -19.59 58.77 -0.69
C ILE K 68 -19.72 59.63 0.57
N THR K 69 -19.45 60.93 0.41
CA THR K 69 -19.61 61.91 1.48
C THR K 69 -20.48 63.04 0.95
N GLY K 70 -20.79 63.98 1.81
CA GLY K 70 -21.53 65.17 1.41
C GLY K 70 -22.87 65.25 2.11
N ASN K 71 -23.52 66.39 1.92
CA ASN K 71 -24.86 66.63 2.44
C ASN K 71 -25.88 66.46 1.33
N PHE K 72 -26.73 65.45 1.45
CA PHE K 72 -27.73 65.20 0.42
C PHE K 72 -29.12 65.53 0.95
N GLU K 73 -30.04 65.76 0.02
CA GLU K 73 -31.39 66.18 0.38
C GLU K 73 -32.39 65.39 -0.43
N PHE K 74 -33.27 64.66 0.25
CA PHE K 74 -34.26 63.82 -0.40
C PHE K 74 -35.59 64.58 -0.42
N HIS K 75 -35.99 65.07 -1.59
CA HIS K 75 -37.32 65.63 -1.76
C HIS K 75 -37.95 65.04 -3.01
N ASP K 76 -37.11 64.61 -3.95
CA ASP K 76 -37.53 63.76 -5.07
C ASP K 76 -36.47 62.71 -5.32
N PRO K 77 -36.70 61.48 -4.89
CA PRO K 77 -35.64 60.48 -4.94
C PRO K 77 -35.49 59.85 -6.30
N ASN K 78 -36.57 59.77 -7.06
CA ASN K 78 -36.49 59.13 -8.36
C ASN K 78 -35.77 59.99 -9.39
N ALA K 79 -35.63 61.28 -9.14
CA ALA K 79 -34.80 62.15 -9.96
C ALA K 79 -33.37 62.24 -9.45
N LEU K 80 -33.12 61.85 -8.22
CA LEU K 80 -31.76 61.87 -7.67
C LEU K 80 -31.05 60.54 -7.88
N LEU K 81 -31.79 59.45 -7.81
CA LEU K 81 -31.20 58.14 -8.02
C LEU K 81 -30.84 57.92 -9.48
N GLU K 82 -31.55 58.60 -10.38
CA GLU K 82 -31.21 58.54 -11.80
C GLU K 82 -29.91 59.27 -12.08
N LYS K 83 -29.70 60.39 -11.41
CA LYS K 83 -28.49 61.15 -11.65
C LYS K 83 -27.30 60.48 -10.98
N LEU K 84 -27.51 59.93 -9.78
CA LEU K 84 -26.40 59.29 -9.10
C LEU K 84 -26.07 57.93 -9.66
N SER K 85 -26.98 57.31 -10.42
CA SER K 85 -26.64 56.04 -11.03
C SER K 85 -25.81 56.20 -12.29
N LEU K 86 -25.64 57.43 -12.75
CA LEU K 86 -24.80 57.70 -13.89
C LEU K 86 -23.49 58.32 -13.47
N GLN K 87 -23.53 59.20 -12.45
CA GLN K 87 -22.28 59.76 -11.98
C GLN K 87 -21.45 58.76 -11.21
N LEU K 88 -22.07 57.82 -10.51
CA LEU K 88 -21.26 56.85 -9.80
C LEU K 88 -20.92 55.62 -10.63
N GLY K 89 -21.90 55.13 -11.39
CA GLY K 89 -21.76 53.96 -12.24
C GLY K 89 -22.35 52.75 -11.58
N LEU K 90 -23.61 52.50 -11.91
CA LEU K 90 -24.50 51.52 -11.30
C LEU K 90 -25.64 51.25 -12.24
N ILE K 91 -26.32 50.13 -12.01
CA ILE K 91 -27.56 49.84 -12.68
C ILE K 91 -28.55 49.45 -11.61
N TRP K 92 -29.81 49.77 -11.85
CA TRP K 92 -30.85 49.52 -10.87
C TRP K 92 -32.10 49.04 -11.55
N TYR K 93 -33.02 48.49 -10.76
CA TYR K 93 -34.23 47.92 -11.32
C TYR K 93 -35.29 47.83 -10.24
N PHE K 94 -36.52 48.16 -10.61
CA PHE K 94 -37.65 48.14 -9.69
C PHE K 94 -38.72 47.20 -10.25
N ASP K 95 -38.97 46.10 -9.54
CA ASP K 95 -39.86 45.06 -10.05
C ASP K 95 -41.26 45.16 -9.48
N GLY K 96 -41.51 46.06 -8.55
CA GLY K 96 -42.82 46.23 -7.96
C GLY K 96 -42.86 46.06 -6.46
N GLN K 97 -41.87 45.41 -5.87
CA GLN K 97 -41.81 45.21 -4.43
C GLN K 97 -40.51 45.66 -3.79
N ALA K 98 -39.42 45.75 -4.55
CA ALA K 98 -38.16 46.22 -4.02
C ALA K 98 -37.37 46.86 -5.14
N ILE K 99 -36.27 47.52 -4.78
CA ILE K 99 -35.38 48.14 -5.74
C ILE K 99 -34.02 47.50 -5.61
N TYR K 100 -33.57 46.85 -6.68
CA TYR K 100 -32.27 46.21 -6.68
C TYR K 100 -31.24 47.13 -7.33
N ILE K 101 -30.02 47.07 -6.79
CA ILE K 101 -28.92 47.92 -7.23
C ILE K 101 -27.66 47.08 -7.38
N TYR K 102 -27.08 47.09 -8.58
CA TYR K 102 -25.81 46.47 -8.88
C TYR K 102 -24.89 47.56 -9.42
N ASP K 103 -23.64 47.22 -9.66
CA ASP K 103 -22.77 48.16 -10.34
C ASP K 103 -22.75 47.84 -11.82
N ALA K 104 -22.07 48.71 -12.58
CA ALA K 104 -22.19 48.68 -14.02
C ALA K 104 -21.50 47.48 -14.65
N SER K 105 -20.49 46.93 -13.99
CA SER K 105 -19.73 45.83 -14.56
C SER K 105 -20.33 44.47 -14.26
N GLU K 106 -21.59 44.42 -13.85
CA GLU K 106 -22.24 43.15 -13.58
C GLU K 106 -23.35 42.81 -14.57
N MET K 107 -23.51 43.60 -15.64
CA MET K 107 -24.58 43.34 -16.59
C MET K 107 -24.26 42.13 -17.43
N ARG K 108 -25.24 41.24 -17.58
CA ARG K 108 -25.11 40.04 -18.38
C ARG K 108 -26.19 40.03 -19.45
N ASN K 109 -25.91 39.34 -20.55
CA ASN K 109 -26.76 39.31 -21.72
C ASN K 109 -27.23 37.91 -22.02
N ALA K 110 -28.21 37.82 -22.93
CA ALA K 110 -28.80 36.54 -23.30
C ALA K 110 -29.48 36.68 -24.64
N VAL K 111 -29.37 35.63 -25.44
CA VAL K 111 -30.07 35.50 -26.72
C VAL K 111 -30.96 34.27 -26.63
N VAL K 112 -32.27 34.51 -26.63
CA VAL K 112 -33.19 33.41 -26.44
C VAL K 112 -34.15 33.29 -27.61
N SER K 113 -34.61 32.06 -27.83
CA SER K 113 -35.46 31.70 -28.95
C SER K 113 -36.74 31.06 -28.43
N LEU K 114 -37.80 31.26 -29.18
CA LEU K 114 -39.13 30.74 -28.93
C LEU K 114 -39.57 29.91 -30.14
N ARG K 115 -40.44 28.94 -29.91
CA ARG K 115 -40.85 28.01 -30.95
C ARG K 115 -42.25 28.31 -31.47
N ASN K 116 -43.18 28.63 -30.58
CA ASN K 116 -44.57 28.82 -30.94
C ASN K 116 -45.22 30.10 -30.46
N VAL K 117 -44.53 30.96 -29.74
CA VAL K 117 -45.05 32.28 -29.42
C VAL K 117 -44.12 33.37 -29.96
N SER K 118 -44.70 34.54 -30.30
CA SER K 118 -43.92 35.60 -30.91
C SER K 118 -43.53 36.65 -29.86
N LEU K 119 -42.93 37.75 -30.33
CA LEU K 119 -42.56 38.86 -29.44
C LEU K 119 -43.73 39.71 -28.97
N ASN K 120 -44.82 39.81 -29.75
CA ASN K 120 -45.93 40.67 -29.32
C ASN K 120 -46.74 40.08 -28.18
N GLU K 121 -46.80 38.75 -28.09
CA GLU K 121 -47.47 38.12 -26.96
C GLU K 121 -46.65 38.26 -25.70
N PHE K 122 -45.34 38.21 -25.85
CA PHE K 122 -44.48 38.28 -24.68
C PHE K 122 -44.42 39.72 -24.20
N ASN K 123 -44.44 40.67 -25.14
CA ASN K 123 -44.46 42.07 -24.76
C ASN K 123 -45.81 42.44 -24.15
N ASN K 124 -46.87 41.76 -24.56
CA ASN K 124 -48.14 42.00 -23.91
C ASN K 124 -48.22 41.32 -22.56
N PHE K 125 -47.44 40.24 -22.35
CA PHE K 125 -47.41 39.67 -21.01
C PHE K 125 -46.70 40.59 -20.05
N LEU K 126 -45.67 41.31 -20.53
CA LEU K 126 -45.02 42.22 -19.59
C LEU K 126 -45.85 43.48 -19.37
N LYS K 127 -46.56 43.96 -20.41
CA LYS K 127 -47.34 45.17 -20.19
C LYS K 127 -48.57 44.89 -19.33
N ARG K 128 -49.12 43.67 -19.40
CA ARG K 128 -50.27 43.36 -18.56
C ARG K 128 -49.85 42.96 -17.16
N SER K 129 -48.68 42.33 -17.00
CA SER K 129 -48.21 41.99 -15.67
C SER K 129 -47.67 43.19 -14.92
N GLY K 130 -47.03 44.13 -15.62
CA GLY K 130 -46.44 45.27 -14.98
C GLY K 130 -44.94 45.20 -14.77
N LEU K 131 -44.26 44.25 -15.41
CA LEU K 131 -42.82 44.13 -15.31
C LEU K 131 -42.07 44.73 -16.49
N TYR K 132 -42.76 45.45 -17.37
CA TYR K 132 -42.10 46.02 -18.54
C TYR K 132 -41.27 47.24 -18.13
N ASN K 133 -39.96 47.16 -18.35
CA ASN K 133 -39.03 48.23 -18.03
C ASN K 133 -38.61 48.94 -19.32
N LYS K 134 -38.86 50.25 -19.38
CA LYS K 134 -38.61 51.01 -20.60
C LYS K 134 -37.15 51.37 -20.80
N ASN K 135 -36.29 51.15 -19.82
CA ASN K 135 -34.89 51.50 -20.02
C ASN K 135 -34.08 50.33 -20.54
N TYR K 136 -34.50 49.11 -20.25
CA TYR K 136 -33.84 47.89 -20.75
C TYR K 136 -34.89 47.11 -21.53
N PRO K 137 -35.17 47.50 -22.77
CA PRO K 137 -36.19 46.82 -23.55
C PRO K 137 -35.64 45.56 -24.21
N LEU K 138 -36.51 44.93 -24.99
CA LEU K 138 -36.17 43.72 -25.73
C LEU K 138 -35.89 44.05 -27.19
N ARG K 139 -34.71 43.71 -27.68
CA ARG K 139 -34.35 43.95 -29.07
C ARG K 139 -34.61 42.70 -29.89
N GLY K 140 -35.37 42.84 -30.97
CA GLY K 140 -35.63 41.71 -31.84
C GLY K 140 -36.69 42.05 -32.86
N ASP K 141 -36.95 41.08 -33.73
CA ASP K 141 -38.01 41.19 -34.73
C ASP K 141 -39.36 41.08 -34.03
N ASN K 142 -40.34 41.81 -34.56
CA ASN K 142 -41.63 41.89 -33.90
C ASN K 142 -42.47 40.63 -34.11
N ARG K 143 -42.23 39.88 -35.18
CA ARG K 143 -42.90 38.61 -35.43
C ARG K 143 -41.83 37.58 -35.73
N LYS K 144 -41.23 37.03 -34.68
CA LYS K 144 -40.20 36.02 -34.82
C LYS K 144 -40.10 35.27 -33.50
N GLY K 145 -39.11 34.39 -33.38
CA GLY K 145 -38.95 33.67 -32.14
C GLY K 145 -37.74 34.11 -31.34
N THR K 146 -36.77 34.75 -31.96
CA THR K 146 -35.52 35.07 -31.29
C THR K 146 -35.44 36.54 -30.95
N PHE K 147 -34.84 36.85 -29.80
CA PHE K 147 -34.55 38.25 -29.50
C PHE K 147 -33.30 38.30 -28.62
N TYR K 148 -32.99 39.50 -28.12
CA TYR K 148 -31.74 39.75 -27.39
C TYR K 148 -32.04 40.60 -26.18
N VAL K 149 -31.68 40.09 -25.00
CA VAL K 149 -31.92 40.75 -23.72
C VAL K 149 -30.60 41.14 -23.10
N SER K 150 -30.58 42.30 -22.46
CA SER K 150 -29.40 42.77 -21.73
C SER K 150 -29.87 43.72 -20.64
N GLY K 151 -29.54 43.42 -19.39
CA GLY K 151 -29.95 44.24 -18.27
C GLY K 151 -29.39 43.75 -16.95
N PRO K 152 -30.09 44.04 -15.85
CA PRO K 152 -29.66 43.56 -14.54
C PRO K 152 -29.79 42.05 -14.42
N PRO K 153 -28.99 41.42 -13.54
CA PRO K 153 -28.99 39.95 -13.45
C PRO K 153 -30.24 39.36 -12.84
N VAL K 154 -31.10 40.16 -12.21
CA VAL K 154 -32.37 39.63 -11.76
C VAL K 154 -33.42 39.83 -12.83
N TYR K 155 -33.16 40.70 -13.80
CA TYR K 155 -34.10 40.90 -14.89
C TYR K 155 -33.90 39.89 -16.01
N VAL K 156 -32.65 39.57 -16.33
CA VAL K 156 -32.45 38.62 -17.42
C VAL K 156 -32.79 37.21 -16.98
N ASP K 157 -32.55 36.88 -15.70
CA ASP K 157 -32.86 35.58 -15.16
C ASP K 157 -34.36 35.38 -14.99
N MET K 158 -35.12 36.46 -15.02
CA MET K 158 -36.57 36.33 -14.97
C MET K 158 -37.15 36.23 -16.38
N VAL K 159 -36.62 37.00 -17.33
CA VAL K 159 -37.20 36.96 -18.66
C VAL K 159 -36.86 35.66 -19.38
N VAL K 160 -35.66 35.10 -19.15
CA VAL K 160 -35.30 33.84 -19.79
C VAL K 160 -36.10 32.70 -19.20
N ASN K 161 -36.36 32.74 -17.89
CA ASN K 161 -37.12 31.67 -17.26
C ASN K 161 -38.58 31.77 -17.64
N ALA K 162 -39.12 32.99 -17.71
CA ALA K 162 -40.53 33.10 -18.05
C ALA K 162 -40.76 33.00 -19.55
N ALA K 163 -39.69 32.89 -20.33
CA ALA K 163 -39.82 32.65 -21.75
C ALA K 163 -39.68 31.19 -22.09
N THR K 164 -38.86 30.46 -21.35
CA THR K 164 -38.73 29.03 -21.57
C THR K 164 -39.78 28.25 -20.79
N MET K 165 -40.53 28.90 -19.91
CA MET K 165 -41.64 28.28 -19.21
C MET K 165 -42.99 28.64 -19.78
N MET K 166 -43.03 29.52 -20.79
CA MET K 166 -44.26 29.94 -21.45
C MET K 166 -44.47 29.20 -22.76
N ASP K 167 -43.42 29.01 -23.56
CA ASP K 167 -43.55 28.27 -24.80
C ASP K 167 -43.73 26.78 -24.54
N LYS K 168 -43.23 26.29 -23.41
CA LYS K 168 -43.43 24.89 -23.05
C LYS K 168 -44.84 24.62 -22.54
N GLN K 169 -45.60 25.66 -22.20
CA GLN K 169 -46.97 25.44 -21.79
C GLN K 169 -47.84 25.05 -22.97
N ASN K 170 -47.48 25.48 -24.17
CA ASN K 170 -48.26 25.17 -25.37
C ASN K 170 -47.68 23.95 -26.08
N ASP L 63 -35.06 7.32 -5.84
CA ASP L 63 -33.85 6.60 -5.41
C ASP L 63 -32.60 6.72 -6.33
N PRO L 64 -32.73 6.75 -7.67
CA PRO L 64 -31.53 7.05 -8.47
C PRO L 64 -30.97 8.45 -8.27
N LYS L 65 -31.81 9.44 -7.97
CA LYS L 65 -31.30 10.77 -7.66
C LYS L 65 -30.98 10.94 -6.19
N GLU L 66 -31.62 10.18 -5.31
CA GLU L 66 -31.41 10.34 -3.88
C GLU L 66 -30.15 9.61 -3.45
N LEU L 67 -29.91 8.44 -4.03
CA LEU L 67 -28.67 7.73 -3.73
C LEU L 67 -27.50 8.47 -4.35
N ALA L 68 -27.68 9.14 -5.48
CA ALA L 68 -26.58 9.84 -6.13
C ALA L 68 -26.17 11.07 -5.34
N ILE L 69 -27.15 11.81 -4.84
CA ILE L 69 -26.81 12.94 -3.98
C ILE L 69 -26.33 12.47 -2.60
N SER L 70 -26.73 11.28 -2.14
CA SER L 70 -26.05 10.78 -0.95
C SER L 70 -24.71 10.11 -1.27
N GLN L 71 -24.47 9.80 -2.55
CA GLN L 71 -23.21 9.21 -2.97
C GLN L 71 -22.11 10.24 -2.92
N GLU L 72 -22.44 11.46 -3.34
CA GLU L 72 -21.43 12.50 -3.18
C GLU L 72 -21.31 12.89 -1.72
N MET L 73 -22.43 12.83 -0.98
CA MET L 73 -22.51 13.40 0.37
C MET L 73 -21.69 12.57 1.35
N ILE L 74 -21.58 11.27 1.13
CA ILE L 74 -20.71 10.48 1.98
C ILE L 74 -19.23 10.73 1.64
N SER L 75 -18.91 10.82 0.35
CA SER L 75 -17.51 10.79 -0.06
C SER L 75 -16.82 12.11 0.21
N ASP L 76 -17.52 13.23 -0.02
CA ASP L 76 -16.87 14.51 0.24
C ASP L 76 -16.66 14.74 1.74
N TYR L 77 -17.57 14.25 2.58
CA TYR L 77 -17.34 14.43 4.00
C TYR L 77 -16.30 13.44 4.54
N ASN L 78 -16.07 12.34 3.83
CA ASN L 78 -14.97 11.45 4.21
C ASN L 78 -13.63 12.03 3.80
N LEU L 79 -13.62 12.73 2.66
CA LEU L 79 -12.38 13.38 2.26
C LEU L 79 -12.10 14.57 3.15
N TYR L 80 -13.15 15.21 3.66
CA TYR L 80 -12.93 16.37 4.51
C TYR L 80 -12.38 15.94 5.85
N VAL L 81 -12.79 14.76 6.33
CA VAL L 81 -12.28 14.34 7.64
C VAL L 81 -10.84 13.83 7.52
N SER L 82 -10.48 13.27 6.35
CA SER L 82 -9.09 12.88 6.21
C SER L 82 -8.20 14.10 5.99
N MET L 83 -8.73 15.13 5.32
CA MET L 83 -7.95 16.33 5.10
C MET L 83 -7.72 17.07 6.41
N VAL L 84 -8.74 17.12 7.27
CA VAL L 84 -8.57 17.84 8.51
C VAL L 84 -7.69 17.05 9.47
N SER L 85 -7.54 15.74 9.25
CA SER L 85 -6.67 15.04 10.19
C SER L 85 -5.22 15.04 9.72
N THR L 86 -4.99 15.01 8.38
CA THR L 86 -3.62 15.13 7.88
C THR L 86 -3.04 16.52 8.14
N LEU L 87 -3.89 17.56 8.14
CA LEU L 87 -3.32 18.87 8.44
C LEU L 87 -2.98 19.00 9.90
N THR L 88 -3.69 18.30 10.78
CA THR L 88 -3.36 18.41 12.20
C THR L 88 -2.07 17.67 12.49
N ARG L 89 -1.81 16.59 11.74
CA ARG L 89 -0.56 15.86 11.94
C ARG L 89 0.65 16.65 11.45
N LYS L 90 0.56 17.24 10.26
CA LYS L 90 1.67 18.09 9.82
C LYS L 90 1.77 19.41 10.59
N GLY L 91 0.65 19.85 11.16
CA GLY L 91 0.59 21.05 11.96
C GLY L 91 1.38 20.89 13.24
N VAL L 92 1.01 19.90 14.06
CA VAL L 92 1.76 19.77 15.31
C VAL L 92 3.15 19.19 15.07
N GLY L 93 3.37 18.43 13.98
CA GLY L 93 4.70 17.95 13.70
C GLY L 93 5.67 19.05 13.31
N ALA L 94 5.15 20.14 12.72
CA ALA L 94 6.02 21.27 12.45
C ALA L 94 6.41 21.99 13.74
N VAL L 95 5.54 21.98 14.75
CA VAL L 95 5.92 22.60 16.01
C VAL L 95 6.94 21.71 16.71
N GLU L 96 6.82 20.38 16.54
CA GLU L 96 7.75 19.46 17.15
C GLU L 96 9.16 19.66 16.60
N THR L 97 9.25 19.79 15.27
CA THR L 97 10.59 19.95 14.72
C THR L 97 11.12 21.35 14.98
N LEU L 98 10.25 22.36 15.08
CA LEU L 98 10.79 23.69 15.35
C LEU L 98 11.23 23.83 16.80
N LEU L 99 10.63 23.07 17.72
CA LEU L 99 11.12 23.08 19.09
C LEU L 99 12.41 22.31 19.23
N ARG L 100 12.61 21.26 18.42
CA ARG L 100 13.95 20.68 18.38
C ARG L 100 14.94 21.60 17.67
N SER L 101 14.45 22.38 16.72
CA SER L 101 15.19 23.41 15.97
C SER L 101 16.44 22.90 15.27
N GLY M 14 -27.00 24.99 -38.12
N GLY M 14 -13.58 15.84 -48.71
CA GLY M 14 -25.73 25.28 -38.75
CA GLY M 14 -12.76 17.03 -48.70
C GLY M 14 -24.57 25.47 -37.78
C GLY M 14 -12.28 17.45 -47.32
N GLN M 15 -23.47 24.77 -38.04
N GLN M 15 -11.02 17.13 -47.01
CA GLN M 15 -22.33 24.76 -37.14
CA GLN M 15 -10.46 17.46 -45.71
C GLN M 15 -21.47 26.00 -37.33
C GLN M 15 -9.02 17.91 -45.89
N ALA M 16 -20.84 26.43 -36.24
N ALA M 16 -8.59 18.81 -45.03
CA ALA M 16 -19.99 27.62 -36.23
CA ALA M 16 -7.30 19.46 -45.12
C ALA M 16 -18.67 27.31 -35.55
C ALA M 16 -6.39 19.12 -43.94
N VAL M 17 -17.70 28.20 -35.76
N VAL M 17 -5.08 19.17 -44.20
CA VAL M 17 -16.37 28.06 -35.18
CA VAL M 17 -4.07 19.01 -43.17
C VAL M 17 -15.77 29.46 -35.04
C VAL M 17 -3.08 20.15 -43.38
N ASN M 18 -15.15 29.70 -33.89
N ASN M 18 -2.90 20.96 -42.34
CA ASN M 18 -14.33 30.89 -33.71
CA ASN M 18 -1.96 22.06 -42.35
C ASN M 18 -12.86 30.53 -33.70
C ASN M 18 -0.88 21.84 -41.30
N ILE M 19 -12.03 31.53 -33.94
N ILE M 19 0.36 22.19 -41.64
CA ILE M 19 -10.59 31.35 -34.08
CA ILE M 19 1.50 22.00 -40.74
C ILE M 19 -9.89 32.46 -33.31
C ILE M 19 2.24 23.33 -40.63
N ARG M 20 -8.87 32.10 -32.53
N ARG M 20 2.38 23.84 -39.42
CA ARG M 20 -8.03 33.06 -31.83
CA ARG M 20 3.27 24.95 -39.15
C ARG M 20 -6.69 32.43 -31.46
C ARG M 20 4.27 24.57 -38.07
N ASP M 31 8.89 34.47 -11.95
CA ASP M 31 8.65 33.15 -11.40
C ASP M 31 7.75 32.37 -12.34
N ARG M 32 8.31 31.34 -12.98
CA ARG M 32 7.53 30.45 -13.81
C ARG M 32 6.64 29.50 -13.02
N LEU M 33 6.84 29.36 -11.70
CA LEU M 33 5.90 28.56 -10.93
C LEU M 33 4.56 29.26 -10.76
N LEU M 34 4.58 30.59 -10.75
CA LEU M 34 3.35 31.36 -10.59
C LEU M 34 2.53 31.35 -11.88
N GLN M 35 3.17 31.10 -13.03
CA GLN M 35 2.38 30.88 -14.21
C GLN M 35 2.10 29.41 -14.44
N ALA M 36 2.87 28.52 -13.82
CA ALA M 36 2.68 27.09 -14.01
C ALA M 36 1.46 26.60 -13.24
N PHE M 37 1.33 27.03 -11.99
CA PHE M 37 0.19 26.63 -11.18
C PHE M 37 -1.09 27.28 -11.69
N SER M 38 -0.99 28.49 -12.22
CA SER M 38 -2.16 29.10 -12.82
C SER M 38 -2.49 28.46 -14.18
N GLY M 39 -1.48 27.96 -14.89
CA GLY M 39 -1.74 27.34 -16.17
C GLY M 39 -2.39 25.97 -16.02
N SER M 40 -1.93 25.20 -15.04
CA SER M 40 -2.56 23.92 -14.73
C SER M 40 -3.78 24.06 -13.83
N ALA M 41 -4.16 25.29 -13.46
CA ALA M 41 -5.32 25.48 -12.62
C ALA M 41 -6.61 25.27 -13.40
N ILE M 42 -6.76 25.97 -14.53
CA ILE M 42 -7.93 25.82 -15.38
C ILE M 42 -7.77 24.70 -16.40
N ALA M 43 -6.55 24.17 -16.57
CA ALA M 43 -6.33 23.04 -17.45
C ALA M 43 -7.00 21.78 -16.92
N THR M 44 -7.16 21.67 -15.61
CA THR M 44 -7.90 20.55 -15.06
C THR M 44 -9.37 20.90 -14.87
N ALA M 45 -9.72 22.18 -14.96
CA ALA M 45 -11.08 22.58 -14.71
C ALA M 45 -11.91 22.46 -15.96
N VAL M 46 -11.34 22.85 -17.10
CA VAL M 46 -12.12 22.75 -18.32
C VAL M 46 -12.21 21.30 -18.78
N ASP M 47 -11.20 20.47 -18.51
CA ASP M 47 -11.33 19.05 -18.81
C ASP M 47 -12.25 18.34 -17.84
N LYS M 48 -12.38 18.84 -16.60
CA LYS M 48 -13.42 18.35 -15.72
C LYS M 48 -14.81 18.70 -16.24
N GLN M 49 -14.96 19.94 -16.70
CA GLN M 49 -16.28 20.40 -17.12
C GLN M 49 -16.68 19.86 -18.47
N THR M 50 -15.74 19.63 -19.39
CA THR M 50 -16.13 19.16 -20.70
C THR M 50 -16.56 17.70 -20.67
N ILE M 51 -16.03 16.91 -19.73
CA ILE M 51 -16.63 15.59 -19.56
C ILE M 51 -17.82 15.65 -18.63
N THR M 52 -17.99 16.75 -17.89
CA THR M 52 -19.19 16.86 -17.08
C THR M 52 -20.39 17.17 -17.96
N ASN M 53 -20.28 18.15 -18.85
CA ASN M 53 -21.41 18.36 -19.75
C ASN M 53 -21.42 17.40 -20.93
N ARG M 54 -20.34 16.62 -21.13
CA ARG M 54 -20.41 15.47 -22.00
C ARG M 54 -21.34 14.43 -21.41
N ILE M 55 -21.35 14.30 -20.09
CA ILE M 55 -22.15 13.24 -19.50
C ILE M 55 -23.53 13.76 -19.12
N GLU M 56 -23.69 15.07 -18.95
CA GLU M 56 -25.03 15.60 -18.75
C GLU M 56 -25.80 15.70 -20.05
N ASP M 57 -25.13 15.94 -21.18
CA ASP M 57 -25.78 15.76 -22.47
C ASP M 57 -26.01 14.27 -22.69
N PRO M 58 -27.26 13.82 -22.85
CA PRO M 58 -27.49 12.39 -23.06
C PRO M 58 -27.30 11.92 -24.49
N ASN M 59 -27.20 12.83 -25.46
CA ASN M 59 -26.94 12.40 -26.83
C ASN M 59 -25.51 11.93 -27.02
N LEU M 60 -24.58 12.49 -26.26
CA LEU M 60 -23.17 12.15 -26.46
C LEU M 60 -22.74 10.89 -25.71
N VAL M 61 -23.51 10.43 -24.72
CA VAL M 61 -23.12 9.24 -23.98
C VAL M 61 -23.69 7.97 -24.58
N THR M 62 -24.51 8.07 -25.61
CA THR M 62 -25.11 6.90 -26.25
C THR M 62 -24.34 6.45 -27.48
N ASP M 63 -23.75 7.40 -28.21
CA ASP M 63 -22.97 7.07 -29.38
C ASP M 63 -21.65 6.40 -28.99
N PRO M 64 -21.26 5.33 -29.67
CA PRO M 64 -20.02 4.63 -29.29
C PRO M 64 -18.75 5.41 -29.58
N LYS M 65 -18.65 6.03 -30.76
CA LYS M 65 -17.42 6.74 -31.08
C LYS M 65 -17.30 8.07 -30.34
N GLU M 66 -18.40 8.58 -29.77
CA GLU M 66 -18.27 9.65 -28.79
C GLU M 66 -17.92 9.11 -27.41
N LEU M 67 -18.33 7.87 -27.12
CA LEU M 67 -17.94 7.25 -25.85
C LEU M 67 -16.45 6.95 -25.82
N ALA M 68 -15.87 6.59 -26.96
CA ALA M 68 -14.46 6.21 -26.97
C ALA M 68 -13.56 7.43 -26.75
N ILE M 69 -13.93 8.57 -27.35
CA ILE M 69 -13.13 9.76 -27.14
C ILE M 69 -13.40 10.36 -25.77
N SER M 70 -14.54 10.04 -25.14
CA SER M 70 -14.63 10.46 -23.75
C SER M 70 -13.85 9.51 -22.85
N GLN M 71 -13.69 8.25 -23.25
CA GLN M 71 -12.91 7.31 -22.47
C GLN M 71 -11.43 7.70 -22.46
N GLU M 72 -10.95 8.16 -23.62
CA GLU M 72 -9.64 8.79 -23.69
C GLU M 72 -9.58 10.06 -22.86
N MET M 73 -10.66 10.84 -22.86
CA MET M 73 -10.66 12.12 -22.20
C MET M 73 -10.62 11.94 -20.68
N ILE M 74 -11.18 10.84 -20.19
CA ILE M 74 -11.05 10.47 -18.78
C ILE M 74 -9.64 9.99 -18.48
N SER M 75 -9.06 9.20 -19.40
CA SER M 75 -7.82 8.52 -19.06
C SER M 75 -6.62 9.47 -19.04
N ASP M 76 -6.53 10.38 -20.01
CA ASP M 76 -5.46 11.38 -19.92
C ASP M 76 -5.71 12.40 -18.82
N TYR M 77 -6.96 12.59 -18.41
CA TYR M 77 -7.22 13.39 -17.23
C TYR M 77 -6.66 12.72 -15.99
N ASN M 78 -6.76 11.40 -15.92
CA ASN M 78 -6.21 10.71 -14.75
C ASN M 78 -4.69 10.77 -14.75
N LEU M 79 -4.08 10.58 -15.93
CA LEU M 79 -2.62 10.62 -15.99
C LEU M 79 -2.07 12.01 -15.75
N TYR M 80 -2.86 13.05 -16.00
CA TYR M 80 -2.32 14.40 -15.90
C TYR M 80 -2.18 14.75 -14.43
N VAL M 81 -3.27 14.63 -13.68
CA VAL M 81 -3.24 15.05 -12.30
C VAL M 81 -2.49 14.05 -11.44
N SER M 82 -2.31 12.80 -11.91
CA SER M 82 -1.43 11.94 -11.15
C SER M 82 0.04 12.25 -11.41
N MET M 83 0.37 12.69 -12.63
CA MET M 83 1.75 13.06 -12.92
C MET M 83 2.15 14.32 -12.17
N VAL M 84 1.29 15.34 -12.15
CA VAL M 84 1.67 16.52 -11.39
C VAL M 84 1.51 16.31 -9.90
N SER M 85 0.83 15.24 -9.48
CA SER M 85 0.74 14.90 -8.08
C SER M 85 2.08 14.36 -7.61
N THR M 86 2.52 13.27 -8.25
CA THR M 86 3.73 12.61 -7.80
C THR M 86 4.96 13.48 -8.05
N LEU M 87 4.97 14.25 -9.16
CA LEU M 87 6.10 15.14 -9.40
C LEU M 87 6.16 16.32 -8.44
N THR M 88 5.00 16.76 -7.93
CA THR M 88 5.04 17.70 -6.81
C THR M 88 5.51 17.02 -5.54
N ARG M 89 5.11 15.77 -5.34
CA ARG M 89 5.51 15.05 -4.13
C ARG M 89 7.02 14.82 -4.10
N LYS M 90 7.60 14.36 -5.20
CA LYS M 90 9.06 14.24 -5.24
C LYS M 90 9.78 15.59 -5.32
N GLY M 91 9.11 16.63 -5.81
CA GLY M 91 9.70 17.95 -5.79
C GLY M 91 9.85 18.48 -4.38
N VAL M 92 8.81 18.33 -3.56
CA VAL M 92 8.94 18.71 -2.16
C VAL M 92 9.62 17.61 -1.36
N GLY M 93 9.76 16.41 -1.94
CA GLY M 93 10.49 15.31 -1.34
C GLY M 93 11.98 15.47 -1.38
N ALA M 94 12.49 16.30 -2.29
CA ALA M 94 13.92 16.57 -2.32
C ALA M 94 14.39 17.63 -1.33
N VAL M 95 13.50 18.40 -0.70
CA VAL M 95 13.97 19.46 0.19
C VAL M 95 14.22 19.01 1.64
N GLU M 96 13.48 18.02 2.15
CA GLU M 96 13.53 17.69 3.58
C GLU M 96 14.85 17.05 3.94
N THR M 97 15.35 16.16 3.09
CA THR M 97 16.53 15.40 3.44
C THR M 97 17.74 16.31 3.45
N LEU M 98 17.78 17.27 2.52
CA LEU M 98 18.89 18.22 2.50
C LEU M 98 18.78 19.18 3.66
N LEU M 99 17.55 19.49 4.11
CA LEU M 99 17.40 20.51 5.14
C LEU M 99 17.65 19.95 6.53
N ARG M 100 17.18 18.73 6.81
CA ARG M 100 17.62 18.05 8.03
C ARG M 100 19.11 17.72 7.98
N SER M 101 19.62 17.41 6.79
CA SER M 101 21.04 17.13 6.51
C SER M 101 21.64 16.01 7.36
N GLY N 14 5.18 -7.94 -51.15
CA GLY N 14 6.57 -8.32 -50.95
C GLY N 14 7.03 -8.08 -49.53
N GLN N 15 8.18 -8.66 -49.19
CA GLN N 15 8.76 -8.52 -47.86
C GLN N 15 10.17 -8.00 -48.02
N ALA N 16 10.75 -7.54 -46.91
CA ALA N 16 12.12 -7.04 -46.95
C ALA N 16 12.72 -7.04 -45.57
N VAL N 17 13.85 -7.74 -45.40
CA VAL N 17 14.54 -7.74 -44.13
C VAL N 17 15.91 -7.10 -44.32
N ASN N 18 16.45 -6.58 -43.23
CA ASN N 18 17.75 -5.92 -43.22
C ASN N 18 18.74 -6.83 -42.50
N ILE N 19 19.67 -7.39 -43.24
CA ILE N 19 20.58 -8.38 -42.68
C ILE N 19 21.68 -7.75 -41.84
N ARG N 20 22.10 -6.53 -42.17
CA ARG N 20 23.23 -5.89 -41.54
C ARG N 20 22.78 -5.10 -40.32
N SER N 21 23.32 -5.44 -39.16
CA SER N 21 23.08 -4.71 -37.93
C SER N 21 24.32 -3.89 -37.60
N MET N 22 24.11 -2.66 -37.15
CA MET N 22 25.20 -1.72 -36.95
C MET N 22 25.64 -1.72 -35.50
N GLU N 23 26.92 -1.46 -35.28
CA GLU N 23 27.47 -1.45 -33.94
C GLU N 23 28.51 -0.35 -33.79
N THR N 24 28.66 0.12 -32.56
CA THR N 24 29.58 1.21 -32.24
C THR N 24 30.39 0.84 -31.00
N ASP N 25 31.62 1.31 -30.96
CA ASP N 25 32.52 1.03 -29.85
C ASP N 25 32.13 1.86 -28.64
N ILE N 26 32.23 1.24 -27.46
CA ILE N 26 32.01 1.92 -26.20
C ILE N 26 33.30 1.89 -25.39
N VAL N 27 33.52 2.95 -24.62
CA VAL N 27 34.80 3.14 -23.92
C VAL N 27 34.53 3.25 -22.42
N SER N 28 33.34 3.70 -22.06
CA SER N 28 33.00 4.00 -20.67
C SER N 28 31.87 3.07 -20.21
N LEU N 29 31.32 3.37 -19.04
CA LEU N 29 30.24 2.58 -18.47
C LEU N 29 28.87 3.19 -18.71
N ASP N 30 28.78 4.50 -18.90
CA ASP N 30 27.49 5.15 -19.02
C ASP N 30 26.85 4.89 -20.38
N ASP N 31 27.66 4.78 -21.43
CA ASP N 31 27.13 4.54 -22.77
C ASP N 31 26.58 3.13 -22.91
N ARG N 32 27.12 2.19 -22.13
CA ARG N 32 26.56 0.84 -22.10
C ARG N 32 25.14 0.85 -21.50
N LEU N 33 24.91 1.67 -20.48
CA LEU N 33 23.55 1.90 -20.00
C LEU N 33 22.71 2.67 -21.03
N LEU N 34 23.33 3.61 -21.72
CA LEU N 34 22.57 4.48 -22.59
C LEU N 34 22.10 3.77 -23.85
N GLN N 35 22.87 2.79 -24.32
CA GLN N 35 22.39 2.01 -25.45
C GLN N 35 21.29 1.04 -25.05
N ALA N 36 21.23 0.62 -23.78
CA ALA N 36 20.06 -0.12 -23.30
C ALA N 36 18.86 0.80 -23.16
N PHE N 37 19.12 2.06 -22.84
CA PHE N 37 18.06 3.05 -22.71
C PHE N 37 17.44 3.34 -24.07
N SER N 38 18.28 3.47 -25.09
CA SER N 38 17.75 3.70 -26.42
C SER N 38 17.15 2.43 -27.01
N GLY N 39 17.68 1.25 -26.66
CA GLY N 39 17.13 0.03 -27.21
C GLY N 39 15.78 -0.30 -26.60
N SER N 40 15.54 0.13 -25.37
CA SER N 40 14.23 -0.10 -24.82
C SER N 40 13.25 0.96 -25.28
N ALA N 41 13.70 2.21 -25.46
CA ALA N 41 12.77 3.21 -25.93
C ALA N 41 12.38 2.96 -27.39
N ILE N 42 13.30 2.41 -28.20
CA ILE N 42 12.94 2.04 -29.56
C ILE N 42 12.14 0.74 -29.58
N ALA N 43 12.24 -0.11 -28.56
CA ALA N 43 11.45 -1.33 -28.57
C ALA N 43 10.01 -1.00 -28.22
N THR N 44 9.83 -0.13 -27.22
CA THR N 44 8.48 0.19 -26.81
C THR N 44 7.81 1.16 -27.78
N ALA N 45 8.59 1.95 -28.53
CA ALA N 45 7.95 2.89 -29.43
C ALA N 45 7.40 2.18 -30.66
N VAL N 46 8.03 1.08 -31.07
CA VAL N 46 7.52 0.35 -32.22
C VAL N 46 6.43 -0.61 -31.76
N ASP N 47 6.54 -1.18 -30.56
CA ASP N 47 5.55 -2.17 -30.16
C ASP N 47 4.29 -1.52 -29.60
N LYS N 48 4.33 -0.23 -29.26
CA LYS N 48 3.08 0.49 -29.01
C LYS N 48 2.34 0.73 -30.32
N GLN N 49 3.05 0.78 -31.44
CA GLN N 49 2.47 1.17 -32.70
C GLN N 49 2.04 -0.01 -33.57
N THR N 50 2.80 -1.10 -33.59
CA THR N 50 2.46 -2.19 -34.51
C THR N 50 1.21 -2.97 -34.08
N ILE N 51 0.90 -3.00 -32.78
CA ILE N 51 -0.37 -3.59 -32.39
C ILE N 51 -1.53 -2.62 -32.59
N THR N 52 -1.28 -1.32 -32.58
CA THR N 52 -2.36 -0.41 -32.90
C THR N 52 -2.63 -0.40 -34.39
N ASN N 53 -1.59 -0.53 -35.22
CA ASN N 53 -1.83 -0.70 -36.65
C ASN N 53 -2.52 -2.03 -36.96
N ARG N 54 -2.28 -3.07 -36.15
CA ARG N 54 -3.04 -4.31 -36.28
C ARG N 54 -4.50 -4.14 -35.86
N ILE N 55 -4.76 -3.25 -34.92
CA ILE N 55 -6.14 -3.01 -34.50
C ILE N 55 -6.84 -2.11 -35.51
N GLU N 56 -6.16 -1.07 -36.00
CA GLU N 56 -6.77 -0.14 -36.94
C GLU N 56 -6.99 -0.75 -38.31
N ASP N 57 -6.17 -1.72 -38.73
CA ASP N 57 -6.52 -2.45 -39.93
C ASP N 57 -7.61 -3.46 -39.58
N PRO N 58 -8.84 -3.25 -40.04
CA PRO N 58 -9.96 -4.06 -39.54
C PRO N 58 -10.12 -5.40 -40.23
N ASN N 59 -9.24 -5.73 -41.19
CA ASN N 59 -9.18 -7.11 -41.66
C ASN N 59 -8.36 -7.97 -40.71
N LEU N 60 -7.41 -7.36 -40.00
CA LEU N 60 -6.59 -8.04 -39.01
C LEU N 60 -7.31 -8.33 -37.69
N VAL N 61 -8.47 -7.72 -37.44
CA VAL N 61 -9.19 -7.92 -36.19
C VAL N 61 -10.28 -8.98 -36.33
N THR N 62 -10.34 -9.69 -37.44
CA THR N 62 -11.41 -10.64 -37.67
C THR N 62 -10.96 -12.10 -37.59
N ASP N 63 -9.83 -12.42 -38.21
CA ASP N 63 -9.36 -13.81 -38.27
C ASP N 63 -8.85 -14.22 -36.89
N PRO N 64 -9.26 -15.39 -36.37
CA PRO N 64 -8.74 -15.82 -35.06
C PRO N 64 -7.25 -16.12 -35.02
N LYS N 65 -6.64 -16.51 -36.13
CA LYS N 65 -5.19 -16.73 -36.19
C LYS N 65 -4.43 -15.45 -35.87
N GLU N 66 -4.71 -14.40 -36.64
CA GLU N 66 -4.08 -13.12 -36.37
C GLU N 66 -4.71 -12.42 -35.18
N LEU N 67 -5.76 -12.99 -34.60
CA LEU N 67 -6.21 -12.51 -33.30
C LEU N 67 -5.36 -13.10 -32.19
N ALA N 68 -4.96 -14.37 -32.33
CA ALA N 68 -4.20 -15.03 -31.27
C ALA N 68 -2.75 -14.54 -31.24
N ILE N 69 -2.20 -14.18 -32.41
CA ILE N 69 -0.87 -13.59 -32.37
C ILE N 69 -0.93 -12.17 -31.84
N SER N 70 -2.03 -11.45 -32.08
CA SER N 70 -2.16 -10.13 -31.48
C SER N 70 -2.55 -10.21 -30.01
N GLN N 71 -3.07 -11.36 -29.58
CA GLN N 71 -3.31 -11.59 -28.17
C GLN N 71 -1.99 -11.71 -27.44
N GLU N 72 -1.10 -12.53 -27.96
CA GLU N 72 0.15 -12.73 -27.23
C GLU N 72 1.12 -11.57 -27.37
N MET N 73 1.00 -10.73 -28.39
CA MET N 73 1.88 -9.56 -28.47
C MET N 73 1.62 -8.52 -27.37
N ILE N 74 0.39 -8.50 -26.84
CA ILE N 74 0.11 -7.67 -25.67
C ILE N 74 0.86 -8.20 -24.46
N SER N 75 0.81 -9.50 -24.23
CA SER N 75 1.45 -10.04 -23.03
C SER N 75 2.96 -9.92 -23.11
N ASP N 76 3.51 -9.97 -24.32
CA ASP N 76 4.95 -9.71 -24.49
C ASP N 76 5.28 -8.26 -24.20
N TYR N 77 4.41 -7.33 -24.56
CA TYR N 77 4.73 -5.94 -24.27
C TYR N 77 4.56 -5.64 -22.78
N ASN N 78 3.50 -6.20 -22.18
CA ASN N 78 3.13 -5.86 -20.82
C ASN N 78 4.12 -6.42 -19.82
N LEU N 79 4.58 -7.67 -20.01
CA LEU N 79 5.51 -8.25 -19.04
C LEU N 79 6.86 -7.56 -19.13
N TYR N 80 7.20 -7.05 -20.31
CA TYR N 80 8.52 -6.46 -20.50
C TYR N 80 8.58 -5.10 -19.81
N VAL N 81 7.57 -4.26 -20.06
CA VAL N 81 7.62 -2.93 -19.45
C VAL N 81 7.37 -3.03 -17.94
N SER N 82 6.60 -4.04 -17.49
CA SER N 82 6.43 -4.20 -16.05
C SER N 82 7.70 -4.71 -15.40
N MET N 83 8.51 -5.47 -16.15
CA MET N 83 9.74 -5.98 -15.57
C MET N 83 10.75 -4.85 -15.40
N VAL N 84 10.86 -4.00 -16.43
CA VAL N 84 11.84 -2.94 -16.35
C VAL N 84 11.41 -1.82 -15.41
N SER N 85 10.14 -1.83 -14.99
CA SER N 85 9.74 -0.83 -14.01
C SER N 85 10.25 -1.24 -12.63
N THR N 86 9.94 -2.48 -12.24
CA THR N 86 10.21 -2.95 -10.89
C THR N 86 11.71 -3.21 -10.67
N LEU N 87 12.46 -3.56 -11.73
CA LEU N 87 13.91 -3.68 -11.56
C LEU N 87 14.55 -2.33 -11.27
N THR N 88 14.05 -1.27 -11.92
CA THR N 88 14.55 0.07 -11.65
C THR N 88 14.09 0.60 -10.30
N ARG N 89 12.88 0.22 -9.88
CA ARG N 89 12.42 0.54 -8.52
C ARG N 89 13.32 -0.06 -7.45
N LYS N 90 13.75 -1.31 -7.65
CA LYS N 90 14.70 -1.90 -6.72
C LYS N 90 16.10 -1.29 -6.87
N GLY N 91 16.46 -0.93 -8.10
CA GLY N 91 17.79 -0.39 -8.34
C GLY N 91 17.97 0.98 -7.70
N VAL N 92 16.94 1.82 -7.78
CA VAL N 92 17.03 3.06 -7.03
C VAL N 92 16.72 2.87 -5.55
N GLY N 93 16.07 1.78 -5.15
CA GLY N 93 15.85 1.60 -3.72
C GLY N 93 17.15 1.27 -3.01
N ALA N 94 18.03 0.54 -3.70
CA ALA N 94 19.35 0.28 -3.16
C ALA N 94 20.23 1.52 -3.08
N VAL N 95 20.06 2.50 -3.98
CA VAL N 95 20.83 3.73 -3.78
C VAL N 95 20.18 4.55 -2.65
N GLU N 96 18.87 4.37 -2.44
CA GLU N 96 18.15 5.16 -1.44
C GLU N 96 18.56 4.77 -0.03
N THR N 97 18.55 3.48 0.27
CA THR N 97 18.70 3.05 1.65
C THR N 97 20.13 3.24 2.13
N LEU N 98 21.13 3.08 1.26
CA LEU N 98 22.50 3.12 1.74
C LEU N 98 22.90 4.53 2.10
N LEU N 99 22.37 5.50 1.36
CA LEU N 99 22.66 6.89 1.63
C LEU N 99 21.77 7.45 2.73
N ARG N 100 20.64 6.79 3.01
CA ARG N 100 19.89 7.20 4.20
C ARG N 100 20.54 6.66 5.47
N SER N 101 21.01 5.42 5.44
CA SER N 101 21.68 4.72 6.57
C SER N 101 20.86 4.69 7.86
N ILE O 13 3.61 -42.38 -25.30
CA ILE O 13 2.32 -42.93 -24.91
C ILE O 13 2.67 -44.17 -24.04
N GLY O 14 3.95 -44.53 -24.07
CA GLY O 14 4.50 -45.61 -23.27
C GLY O 14 5.44 -44.91 -22.33
N GLN O 15 5.23 -45.04 -21.04
CA GLN O 15 5.98 -44.25 -20.07
C GLN O 15 7.04 -45.05 -19.32
N ALA O 16 7.78 -44.30 -18.52
CA ALA O 16 8.91 -44.79 -17.75
C ALA O 16 9.04 -43.94 -16.50
N VAL O 17 9.50 -44.55 -15.42
CA VAL O 17 9.76 -43.79 -14.21
C VAL O 17 11.17 -44.14 -13.76
N ASN O 18 11.80 -43.24 -13.03
CA ASN O 18 13.08 -43.50 -12.39
C ASN O 18 12.85 -43.52 -10.89
N ILE O 19 13.55 -44.42 -10.20
CA ILE O 19 13.26 -44.69 -8.80
C ILE O 19 14.35 -44.26 -7.85
N ARG O 20 15.50 -43.84 -8.34
CA ARG O 20 16.62 -43.46 -7.48
C ARG O 20 16.64 -41.95 -7.30
N SER O 21 16.50 -41.52 -6.06
CA SER O 21 16.73 -40.13 -5.69
C SER O 21 18.02 -40.12 -4.89
N MET O 22 19.11 -39.75 -5.56
CA MET O 22 20.45 -39.81 -5.01
C MET O 22 20.63 -38.76 -3.92
N GLU O 23 21.69 -38.94 -3.13
CA GLU O 23 22.02 -37.97 -2.10
C GLU O 23 23.50 -37.64 -2.19
N THR O 24 23.79 -36.37 -2.38
CA THR O 24 25.13 -35.82 -2.30
C THR O 24 25.20 -34.95 -1.05
N ASP O 25 26.37 -34.93 -0.42
CA ASP O 25 26.48 -34.21 0.84
C ASP O 25 26.52 -32.72 0.57
N ILE O 26 25.86 -31.96 1.41
CA ILE O 26 26.00 -30.51 1.32
C ILE O 26 27.25 -30.12 2.10
N VAL O 27 27.99 -29.14 1.59
CA VAL O 27 29.16 -28.67 2.31
C VAL O 27 28.83 -27.41 3.07
N SER O 28 27.68 -26.81 2.80
CA SER O 28 27.22 -25.60 3.45
C SER O 28 25.73 -25.45 3.20
N LEU O 29 25.18 -24.35 3.71
CA LEU O 29 23.81 -24.01 3.41
C LEU O 29 23.70 -23.53 1.96
N ASP O 30 24.77 -22.90 1.47
CA ASP O 30 24.83 -22.49 0.08
C ASP O 30 24.85 -23.71 -0.82
N ASP O 31 25.53 -24.77 -0.39
CA ASP O 31 25.48 -26.01 -1.16
C ASP O 31 24.11 -26.66 -1.08
N ARG O 32 23.33 -26.40 -0.03
CA ARG O 32 21.99 -26.97 0.04
C ARG O 32 21.04 -26.23 -0.91
N LEU O 33 21.16 -24.91 -0.95
CA LEU O 33 20.20 -24.12 -1.71
C LEU O 33 20.36 -24.32 -3.20
N LEU O 34 21.56 -24.68 -3.67
CA LEU O 34 21.75 -24.86 -5.10
C LEU O 34 21.02 -26.11 -5.57
N GLN O 35 20.92 -27.12 -4.70
CA GLN O 35 20.14 -28.31 -5.04
C GLN O 35 18.66 -28.01 -4.97
N ALA O 36 18.23 -27.20 -4.00
CA ALA O 36 16.80 -26.94 -3.88
C ALA O 36 16.29 -26.06 -5.02
N PHE O 37 17.17 -25.21 -5.55
CA PHE O 37 16.80 -24.38 -6.69
C PHE O 37 16.81 -25.21 -7.97
N SER O 38 17.86 -26.02 -8.19
CA SER O 38 17.91 -26.79 -9.42
C SER O 38 16.84 -27.88 -9.41
N GLY O 39 16.47 -28.40 -8.24
CA GLY O 39 15.38 -29.36 -8.18
C GLY O 39 14.03 -28.74 -8.42
N SER O 40 13.87 -27.44 -8.17
CA SER O 40 12.54 -26.88 -8.42
C SER O 40 12.40 -26.27 -9.81
N ALA O 41 13.49 -25.77 -10.40
CA ALA O 41 13.39 -25.18 -11.74
C ALA O 41 13.16 -26.23 -12.82
N ILE O 42 13.61 -27.46 -12.59
CA ILE O 42 13.35 -28.52 -13.56
C ILE O 42 11.87 -28.90 -13.53
N ALA O 43 11.29 -28.96 -12.34
CA ALA O 43 9.89 -29.35 -12.21
C ALA O 43 8.97 -28.29 -12.78
N THR O 44 9.32 -27.02 -12.61
CA THR O 44 8.48 -25.98 -13.19
C THR O 44 8.73 -25.81 -14.68
N ALA O 45 9.84 -26.30 -15.21
CA ALA O 45 10.04 -26.19 -16.65
C ALA O 45 9.33 -27.35 -17.35
N VAL O 46 9.44 -28.53 -16.76
CA VAL O 46 8.88 -29.74 -17.33
C VAL O 46 7.36 -29.69 -17.30
N ASP O 47 6.75 -29.21 -16.20
CA ASP O 47 5.29 -29.23 -16.16
C ASP O 47 4.68 -28.25 -17.16
N LYS O 48 5.34 -27.11 -17.40
CA LYS O 48 4.84 -26.20 -18.41
C LYS O 48 5.04 -26.73 -19.82
N GLN O 49 6.14 -27.47 -20.05
CA GLN O 49 6.22 -28.09 -21.36
C GLN O 49 5.33 -29.31 -21.49
N THR O 50 4.89 -29.88 -20.37
CA THR O 50 3.92 -30.96 -20.44
C THR O 50 2.57 -30.41 -20.85
N ILE O 51 2.22 -29.25 -20.31
CA ILE O 51 0.89 -28.71 -20.61
C ILE O 51 0.89 -28.13 -22.01
N THR O 52 2.06 -27.70 -22.53
CA THR O 52 2.08 -27.25 -23.91
C THR O 52 1.99 -28.42 -24.87
N ASN O 53 2.69 -29.53 -24.61
CA ASN O 53 2.56 -30.66 -25.53
C ASN O 53 1.19 -31.33 -25.43
N ARG O 54 0.53 -31.21 -24.28
CA ARG O 54 -0.88 -31.59 -24.14
C ARG O 54 -1.79 -30.72 -24.98
N ILE O 55 -1.50 -29.43 -25.08
CA ILE O 55 -2.35 -28.55 -25.85
C ILE O 55 -2.07 -28.71 -27.34
N GLU O 56 -0.79 -28.68 -27.72
CA GLU O 56 -0.38 -28.73 -29.12
C GLU O 56 -0.71 -30.07 -29.78
N ASP O 57 -0.81 -31.16 -29.00
CA ASP O 57 -1.48 -32.31 -29.60
C ASP O 57 -2.99 -32.05 -29.53
N PRO O 58 -3.65 -31.89 -30.69
CA PRO O 58 -5.07 -31.50 -30.65
C PRO O 58 -6.02 -32.66 -30.40
N ASN O 59 -5.57 -33.91 -30.52
CA ASN O 59 -6.43 -35.03 -30.18
C ASN O 59 -6.54 -35.25 -28.68
N LEU O 60 -5.63 -34.69 -27.88
CA LEU O 60 -5.79 -34.79 -26.44
C LEU O 60 -6.83 -33.82 -25.89
N VAL O 61 -7.01 -32.66 -26.52
CA VAL O 61 -7.88 -31.63 -25.98
C VAL O 61 -9.33 -31.78 -26.41
N THR O 62 -9.64 -32.76 -27.26
CA THR O 62 -11.01 -32.96 -27.73
C THR O 62 -11.76 -34.04 -26.99
N ASP O 63 -11.11 -34.76 -26.10
CA ASP O 63 -11.68 -35.88 -25.37
C ASP O 63 -12.14 -35.40 -23.99
N PRO O 64 -13.27 -35.88 -23.47
CA PRO O 64 -13.75 -35.37 -22.17
C PRO O 64 -12.94 -35.81 -20.99
N LYS O 65 -12.35 -37.01 -21.02
CA LYS O 65 -11.67 -37.54 -19.85
C LYS O 65 -10.34 -36.85 -19.56
N GLU O 66 -9.58 -36.50 -20.61
CA GLU O 66 -8.28 -35.84 -20.42
C GLU O 66 -8.38 -34.37 -20.04
N LEU O 67 -9.58 -33.78 -20.08
CA LEU O 67 -9.66 -32.35 -19.84
C LEU O 67 -9.59 -32.03 -18.35
N ALA O 68 -10.23 -32.84 -17.50
CA ALA O 68 -10.10 -32.61 -16.07
C ALA O 68 -8.69 -32.92 -15.59
N ILE O 69 -7.97 -33.79 -16.30
CA ILE O 69 -6.57 -34.05 -16.02
C ILE O 69 -5.73 -32.81 -16.31
N SER O 70 -5.98 -32.18 -17.45
CA SER O 70 -5.26 -30.94 -17.75
C SER O 70 -5.68 -29.79 -16.84
N GLN O 71 -6.94 -29.82 -16.37
CA GLN O 71 -7.38 -28.89 -15.33
C GLN O 71 -6.60 -29.08 -14.03
N GLU O 72 -6.33 -30.34 -13.68
CA GLU O 72 -5.60 -30.62 -12.46
C GLU O 72 -4.15 -30.17 -12.59
N MET O 73 -3.55 -30.40 -13.76
CA MET O 73 -2.16 -30.01 -13.94
C MET O 73 -2.03 -28.49 -14.02
N ILE O 74 -3.11 -27.81 -14.41
CA ILE O 74 -3.13 -26.34 -14.40
C ILE O 74 -3.17 -25.86 -12.96
N SER O 75 -4.10 -26.39 -12.18
CA SER O 75 -4.32 -25.83 -10.85
C SER O 75 -3.15 -26.16 -9.93
N ASP O 76 -2.47 -27.29 -10.18
CA ASP O 76 -1.25 -27.55 -9.43
C ASP O 76 -0.13 -26.64 -9.85
N TYR O 77 -0.05 -26.27 -11.14
CA TYR O 77 1.04 -25.42 -11.57
C TYR O 77 0.87 -24.01 -11.04
N ASN O 78 -0.37 -23.54 -10.97
CA ASN O 78 -0.62 -22.23 -10.38
C ASN O 78 -0.34 -22.23 -8.88
N LEU O 79 -0.78 -23.27 -8.16
CA LEU O 79 -0.62 -23.27 -6.71
C LEU O 79 0.80 -23.51 -6.27
N TYR O 80 1.63 -24.12 -7.10
CA TYR O 80 2.99 -24.43 -6.70
C TYR O 80 3.83 -23.17 -6.71
N VAL O 81 3.84 -22.49 -7.86
CA VAL O 81 4.71 -21.34 -7.97
C VAL O 81 4.14 -20.17 -7.17
N SER O 82 2.81 -20.13 -6.92
CA SER O 82 2.33 -19.07 -6.03
C SER O 82 2.73 -19.33 -4.58
N MET O 83 2.85 -20.61 -4.21
CA MET O 83 3.20 -20.90 -2.83
C MET O 83 4.69 -20.70 -2.63
N VAL O 84 5.50 -20.85 -3.68
CA VAL O 84 6.90 -20.57 -3.43
C VAL O 84 7.18 -19.07 -3.55
N SER O 85 6.28 -18.32 -4.17
CA SER O 85 6.54 -16.90 -4.37
C SER O 85 6.24 -16.15 -3.08
N THR O 86 5.06 -16.41 -2.50
CA THR O 86 4.69 -15.68 -1.28
C THR O 86 5.61 -16.05 -0.13
N LEU O 87 6.07 -17.31 -0.09
CA LEU O 87 6.97 -17.74 0.98
C LEU O 87 8.34 -17.08 0.85
N THR O 88 8.90 -17.00 -0.36
CA THR O 88 10.17 -16.28 -0.51
C THR O 88 10.02 -14.78 -0.30
N ARG O 89 8.84 -14.24 -0.61
CA ARG O 89 8.57 -12.83 -0.35
C ARG O 89 8.53 -12.53 1.14
N LYS O 90 7.79 -13.34 1.91
CA LYS O 90 7.78 -13.16 3.35
C LYS O 90 9.13 -13.48 3.98
N GLY O 91 9.92 -14.36 3.35
CA GLY O 91 11.26 -14.64 3.84
C GLY O 91 12.18 -13.43 3.74
N VAL O 92 12.26 -12.83 2.54
CA VAL O 92 13.09 -11.63 2.44
C VAL O 92 12.45 -10.46 3.17
N GLY O 93 11.13 -10.44 3.38
CA GLY O 93 10.54 -9.41 4.21
C GLY O 93 10.94 -9.58 5.65
N ALA O 94 11.13 -10.82 6.09
CA ALA O 94 11.62 -11.08 7.42
C ALA O 94 13.07 -10.67 7.55
N VAL O 95 13.80 -10.65 6.44
CA VAL O 95 15.19 -10.20 6.51
C VAL O 95 15.22 -8.68 6.67
N GLU O 96 14.30 -7.98 5.97
CA GLU O 96 14.38 -6.52 5.93
C GLU O 96 14.05 -5.88 7.27
N THR O 97 13.13 -6.48 8.03
CA THR O 97 12.75 -5.88 9.30
C THR O 97 13.87 -6.04 10.32
N LEU O 98 14.55 -7.18 10.30
CA LEU O 98 15.65 -7.39 11.21
C LEU O 98 16.82 -6.49 10.86
N LEU O 99 17.05 -6.28 9.57
CA LEU O 99 18.16 -5.41 9.19
C LEU O 99 17.85 -3.95 9.45
N ARG O 100 16.57 -3.58 9.45
CA ARG O 100 16.23 -2.21 9.82
C ARG O 100 16.31 -1.99 11.33
N SER O 101 15.78 -2.94 12.11
CA SER O 101 15.81 -2.93 13.58
C SER O 101 15.23 -1.67 14.21
N ILE P 13 -30.20 -42.08 7.41
CA ILE P 13 -29.90 -40.86 8.13
C ILE P 13 -29.32 -41.21 9.51
N GLY P 14 -28.02 -41.03 9.68
CA GLY P 14 -27.40 -41.38 10.95
C GLY P 14 -26.69 -40.20 11.57
N GLN P 15 -27.05 -39.89 12.82
CA GLN P 15 -26.44 -38.80 13.54
C GLN P 15 -25.88 -39.24 14.88
N ALA P 16 -25.04 -38.39 15.44
CA ALA P 16 -24.42 -38.57 16.74
C ALA P 16 -23.98 -37.22 17.23
N VAL P 17 -24.06 -37.01 18.55
CA VAL P 17 -23.58 -35.79 19.18
C VAL P 17 -22.97 -36.13 20.53
N ASN P 18 -21.88 -35.46 20.87
CA ASN P 18 -21.31 -35.47 22.23
C ASN P 18 -21.64 -34.15 22.90
N ILE P 19 -22.01 -34.19 24.18
CA ILE P 19 -22.67 -33.06 24.81
C ILE P 19 -21.77 -32.33 25.79
N ARG P 20 -21.04 -33.04 26.65
CA ARG P 20 -20.29 -32.37 27.70
C ARG P 20 -18.91 -32.02 27.15
N SER P 21 -18.60 -30.74 27.10
CA SER P 21 -17.30 -30.30 26.62
C SER P 21 -16.27 -30.47 27.73
N MET P 22 -15.07 -30.93 27.35
CA MET P 22 -14.00 -31.04 28.33
C MET P 22 -13.57 -29.65 28.73
N GLU P 23 -13.44 -29.41 30.03
CA GLU P 23 -13.09 -28.09 30.50
C GLU P 23 -12.43 -28.17 31.87
N THR P 24 -11.31 -27.47 32.03
CA THR P 24 -10.62 -27.40 33.31
C THR P 24 -9.78 -26.14 33.33
N ASP P 25 -8.93 -26.03 34.33
CA ASP P 25 -7.95 -24.96 34.44
C ASP P 25 -6.58 -25.50 34.07
N ILE P 26 -6.05 -25.07 32.93
CA ILE P 26 -4.64 -25.26 32.62
C ILE P 26 -3.98 -23.90 32.66
N VAL P 27 -2.92 -23.78 33.48
CA VAL P 27 -2.06 -22.61 33.41
C VAL P 27 -1.12 -22.71 32.21
N SER P 28 -1.01 -23.90 31.63
CA SER P 28 -0.30 -24.09 30.37
C SER P 28 -1.11 -23.47 29.25
N LEU P 29 -0.42 -22.89 28.29
CA LEU P 29 -1.07 -22.07 27.27
C LEU P 29 -1.07 -22.69 25.88
N ASP P 30 0.03 -23.33 25.49
CA ASP P 30 0.16 -23.80 24.11
C ASP P 30 -0.71 -25.00 23.81
N ASP P 31 -0.99 -25.86 24.80
CA ASP P 31 -1.76 -27.07 24.52
C ASP P 31 -3.23 -26.79 24.24
N ARG P 32 -3.79 -25.72 24.80
CA ARG P 32 -5.12 -25.28 24.39
C ARG P 32 -5.14 -24.84 22.94
N LEU P 33 -4.10 -24.13 22.50
CA LEU P 33 -3.99 -23.77 21.08
C LEU P 33 -3.72 -25.00 20.21
N LEU P 34 -3.06 -26.01 20.76
CA LEU P 34 -2.86 -27.23 19.99
C LEU P 34 -4.17 -27.99 19.82
N GLN P 35 -5.03 -27.95 20.83
CA GLN P 35 -6.32 -28.60 20.72
C GLN P 35 -7.23 -27.83 19.77
N ALA P 36 -7.09 -26.50 19.73
CA ALA P 36 -7.86 -25.69 18.79
C ALA P 36 -7.42 -25.93 17.35
N PHE P 37 -6.12 -26.14 17.16
CA PHE P 37 -5.59 -26.34 15.82
C PHE P 37 -5.95 -27.72 15.31
N SER P 38 -5.78 -28.76 16.13
CA SER P 38 -6.13 -30.10 15.70
C SER P 38 -7.64 -30.24 15.52
N GLY P 39 -8.44 -29.55 16.35
CA GLY P 39 -9.88 -29.62 16.21
C GLY P 39 -10.36 -28.91 14.98
N SER P 40 -9.60 -27.94 14.49
CA SER P 40 -10.04 -27.34 13.23
C SER P 40 -9.52 -28.12 12.04
N ALA P 41 -8.32 -28.70 12.14
CA ALA P 41 -7.73 -29.41 11.01
C ALA P 41 -8.48 -30.71 10.72
N ILE P 42 -8.95 -31.38 11.76
CA ILE P 42 -9.65 -32.63 11.51
C ILE P 42 -11.04 -32.36 10.97
N ALA P 43 -11.72 -31.36 11.53
CA ALA P 43 -13.06 -31.03 11.03
C ALA P 43 -13.04 -30.46 9.62
N THR P 44 -11.95 -29.81 9.20
CA THR P 44 -11.86 -29.45 7.78
C THR P 44 -11.32 -30.58 6.90
N ALA P 45 -10.80 -31.65 7.48
CA ALA P 45 -10.33 -32.73 6.63
C ALA P 45 -11.38 -33.79 6.42
N VAL P 46 -12.27 -34.00 7.38
CA VAL P 46 -13.31 -35.00 7.22
C VAL P 46 -14.33 -34.52 6.19
N ASP P 47 -14.55 -33.21 6.10
CA ASP P 47 -15.60 -32.75 5.22
C ASP P 47 -15.16 -32.66 3.77
N LYS P 48 -13.86 -32.46 3.52
CA LYS P 48 -13.38 -32.45 2.14
C LYS P 48 -13.51 -33.82 1.50
N GLN P 49 -13.36 -34.87 2.32
CA GLN P 49 -13.73 -36.20 1.87
C GLN P 49 -15.23 -36.37 1.75
N THR P 50 -16.02 -35.81 2.68
CA THR P 50 -17.44 -36.12 2.63
C THR P 50 -18.11 -35.46 1.43
N ILE P 51 -17.63 -34.28 1.04
CA ILE P 51 -18.12 -33.66 -0.18
C ILE P 51 -17.52 -34.32 -1.41
N THR P 52 -16.32 -34.90 -1.30
CA THR P 52 -15.74 -35.45 -2.51
C THR P 52 -16.37 -36.80 -2.79
N ASN P 53 -16.57 -37.64 -1.78
CA ASN P 53 -17.20 -38.91 -2.11
C ASN P 53 -18.70 -38.76 -2.32
N ARG P 54 -19.31 -37.63 -1.92
CA ARG P 54 -20.66 -37.33 -2.40
C ARG P 54 -20.65 -36.96 -3.86
N ILE P 55 -19.57 -36.36 -4.34
CA ILE P 55 -19.62 -35.92 -5.72
C ILE P 55 -19.18 -37.05 -6.65
N GLU P 56 -18.20 -37.89 -6.24
CA GLU P 56 -17.81 -39.02 -7.09
C GLU P 56 -18.79 -40.18 -7.03
N ASP P 57 -19.62 -40.29 -5.98
CA ASP P 57 -20.69 -41.29 -6.01
C ASP P 57 -21.74 -40.87 -7.03
N PRO P 58 -21.95 -41.64 -8.09
CA PRO P 58 -22.82 -41.21 -9.17
C PRO P 58 -24.30 -41.39 -8.87
N ASN P 59 -24.66 -41.95 -7.72
CA ASN P 59 -26.07 -42.04 -7.36
C ASN P 59 -26.55 -40.76 -6.70
N LEU P 60 -25.70 -40.14 -5.88
CA LEU P 60 -26.10 -38.93 -5.16
C LEU P 60 -26.18 -37.72 -6.07
N VAL P 61 -25.41 -37.70 -7.16
CA VAL P 61 -25.37 -36.54 -8.04
C VAL P 61 -26.60 -36.46 -8.95
N THR P 62 -27.35 -37.55 -9.08
CA THR P 62 -28.48 -37.56 -9.99
C THR P 62 -29.79 -37.21 -9.28
N ASP P 63 -29.86 -37.36 -7.96
CA ASP P 63 -31.09 -37.18 -7.22
C ASP P 63 -31.29 -35.71 -6.88
N PRO P 64 -32.44 -35.12 -7.23
CA PRO P 64 -32.69 -33.72 -6.86
C PRO P 64 -32.92 -33.53 -5.37
N LYS P 65 -33.32 -34.58 -4.67
CA LYS P 65 -33.44 -34.56 -3.22
C LYS P 65 -32.08 -34.44 -2.54
N GLU P 66 -31.08 -35.14 -3.07
CA GLU P 66 -29.73 -35.12 -2.53
C GLU P 66 -28.96 -33.90 -2.99
N LEU P 67 -29.31 -33.37 -4.16
CA LEU P 67 -28.63 -32.20 -4.69
C LEU P 67 -28.88 -30.94 -3.88
N ALA P 68 -30.04 -30.81 -3.24
CA ALA P 68 -30.28 -29.65 -2.39
C ALA P 68 -29.35 -29.65 -1.19
N ILE P 69 -29.00 -30.83 -0.68
CA ILE P 69 -28.04 -30.94 0.41
C ILE P 69 -26.63 -30.67 -0.10
N SER P 70 -26.33 -31.09 -1.33
CA SER P 70 -24.98 -31.00 -1.87
C SER P 70 -24.55 -29.56 -2.12
N GLN P 71 -25.48 -28.69 -2.48
CA GLN P 71 -25.15 -27.27 -2.61
C GLN P 71 -24.93 -26.62 -1.25
N GLU P 72 -25.58 -27.14 -0.21
CA GLU P 72 -25.41 -26.58 1.13
C GLU P 72 -24.00 -26.80 1.66
N MET P 73 -23.51 -28.05 1.61
CA MET P 73 -22.25 -28.39 2.25
C MET P 73 -21.06 -27.72 1.57
N ILE P 74 -21.17 -27.37 0.29
CA ILE P 74 -20.05 -26.68 -0.32
C ILE P 74 -20.05 -25.23 0.14
N SER P 75 -21.21 -24.69 0.52
CA SER P 75 -21.21 -23.35 1.08
C SER P 75 -20.74 -23.36 2.53
N ASP P 76 -21.05 -24.42 3.28
CA ASP P 76 -20.61 -24.47 4.67
C ASP P 76 -19.11 -24.66 4.79
N TYR P 77 -18.51 -25.38 3.86
CA TYR P 77 -17.05 -25.44 3.84
C TYR P 77 -16.46 -24.13 3.36
N ASN P 78 -17.16 -23.42 2.47
CA ASN P 78 -16.61 -22.19 1.90
C ASN P 78 -16.57 -21.07 2.91
N LEU P 79 -17.64 -20.90 3.68
CA LEU P 79 -17.70 -19.80 4.62
C LEU P 79 -16.83 -20.04 5.84
N TYR P 80 -16.57 -21.30 6.16
CA TYR P 80 -15.88 -21.63 7.41
C TYR P 80 -14.40 -21.28 7.31
N VAL P 81 -13.73 -21.83 6.30
CA VAL P 81 -12.28 -21.63 6.18
C VAL P 81 -11.96 -20.19 5.80
N SER P 82 -12.88 -19.51 5.12
CA SER P 82 -12.64 -18.09 4.84
C SER P 82 -12.77 -17.25 6.09
N MET P 83 -13.54 -17.70 7.07
CA MET P 83 -13.67 -16.95 8.31
C MET P 83 -12.40 -17.03 9.13
N VAL P 84 -11.77 -18.21 9.17
CA VAL P 84 -10.54 -18.40 9.93
C VAL P 84 -9.40 -17.63 9.28
N SER P 85 -9.41 -17.54 7.95
CA SER P 85 -8.38 -16.80 7.23
C SER P 85 -8.40 -15.31 7.55
N THR P 86 -9.58 -14.72 7.62
CA THR P 86 -9.64 -13.28 7.90
C THR P 86 -9.44 -12.95 9.36
N LEU P 87 -9.83 -13.85 10.27
CA LEU P 87 -9.60 -13.64 11.69
C LEU P 87 -8.13 -13.72 12.04
N THR P 88 -7.41 -14.65 11.42
CA THR P 88 -5.99 -14.81 11.70
C THR P 88 -5.18 -13.65 11.12
N ARG P 89 -5.59 -13.17 9.94
CA ARG P 89 -4.87 -12.09 9.27
C ARG P 89 -4.94 -10.81 10.07
N LYS P 90 -6.12 -10.51 10.63
CA LYS P 90 -6.23 -9.39 11.57
C LYS P 90 -5.50 -9.70 12.87
N GLY P 91 -5.39 -10.97 13.24
CA GLY P 91 -4.70 -11.32 14.46
C GLY P 91 -3.19 -11.14 14.35
N VAL P 92 -2.61 -11.61 13.25
CA VAL P 92 -1.17 -11.44 13.08
C VAL P 92 -0.81 -10.03 12.66
N GLY P 93 -1.78 -9.24 12.19
CA GLY P 93 -1.50 -7.85 11.89
C GLY P 93 -1.57 -6.98 13.12
N ALA P 94 -2.35 -7.41 14.11
CA ALA P 94 -2.50 -6.65 15.34
C ALA P 94 -1.22 -6.70 16.17
N VAL P 95 -0.58 -7.86 16.24
CA VAL P 95 0.71 -7.94 16.90
C VAL P 95 1.78 -7.21 16.08
N GLU P 96 1.59 -7.14 14.75
CA GLU P 96 2.56 -6.44 13.91
C GLU P 96 2.57 -4.95 14.17
N THR P 97 1.40 -4.36 14.42
CA THR P 97 1.33 -2.92 14.60
C THR P 97 1.95 -2.48 15.92
N LEU P 98 2.03 -3.37 16.90
CA LEU P 98 2.65 -2.99 18.15
C LEU P 98 4.16 -3.22 18.15
N LEU P 99 4.62 -4.29 17.52
CA LEU P 99 6.06 -4.59 17.59
C LEU P 99 6.88 -3.84 16.55
N ARG P 100 6.29 -3.49 15.40
CA ARG P 100 7.03 -2.75 14.38
C ARG P 100 7.34 -1.34 14.83
N SER P 101 6.45 -0.74 15.62
CA SER P 101 6.58 0.59 16.21
C SER P 101 6.78 1.67 15.16
N GLY Q 14 -52.27 -1.59 9.59
CA GLY Q 14 -51.59 -0.32 9.39
C GLY Q 14 -50.16 -0.37 9.87
N GLN Q 15 -49.57 0.80 10.11
CA GLN Q 15 -48.20 0.88 10.60
C GLN Q 15 -48.12 2.04 11.59
N ALA Q 16 -46.99 2.11 12.27
CA ALA Q 16 -46.79 3.10 13.34
C ALA Q 16 -45.62 4.01 13.06
N VAL Q 17 -45.78 5.29 13.37
CA VAL Q 17 -44.68 6.23 13.39
C VAL Q 17 -44.71 6.94 14.74
N ASN Q 18 -43.57 7.00 15.42
CA ASN Q 18 -43.49 7.83 16.60
C ASN Q 18 -43.11 9.22 16.13
N ILE Q 19 -43.75 10.24 16.68
CA ILE Q 19 -43.62 11.54 16.03
C ILE Q 19 -42.41 12.31 16.57
N ARG Q 20 -42.14 12.23 17.86
CA ARG Q 20 -41.14 13.10 18.47
C ARG Q 20 -39.86 12.32 18.64
N SER Q 21 -38.92 12.54 17.74
CA SER Q 21 -37.57 11.98 17.87
C SER Q 21 -36.67 13.02 18.54
N MET Q 22 -37.03 13.33 19.79
CA MET Q 22 -36.27 14.31 20.54
C MET Q 22 -34.94 13.70 20.93
N GLU Q 23 -33.89 14.51 20.85
CA GLU Q 23 -32.55 14.02 21.13
C GLU Q 23 -32.38 13.77 22.61
N THR Q 24 -32.62 12.53 23.04
CA THR Q 24 -32.31 12.10 24.39
C THR Q 24 -30.80 12.12 24.54
N ASP Q 25 -30.29 13.11 25.25
CA ASP Q 25 -28.86 13.31 25.34
C ASP Q 25 -28.23 12.18 26.16
N ILE Q 26 -27.17 11.61 25.63
CA ILE Q 26 -26.60 10.36 26.11
C ILE Q 26 -25.25 10.65 26.73
N VAL Q 27 -24.88 9.84 27.73
CA VAL Q 27 -23.64 10.09 28.45
C VAL Q 27 -22.41 9.73 27.63
N SER Q 28 -22.50 8.71 26.79
CA SER Q 28 -21.52 8.46 25.74
C SER Q 28 -22.26 7.91 24.54
N LEU Q 29 -21.54 7.76 23.43
CA LEU Q 29 -22.13 7.31 22.18
C LEU Q 29 -22.33 5.80 22.16
N ASP Q 30 -21.86 5.09 23.19
CA ASP Q 30 -21.86 3.63 23.15
C ASP Q 30 -23.26 3.09 23.33
N ASP Q 31 -24.06 3.69 24.20
CA ASP Q 31 -25.42 3.20 24.43
C ASP Q 31 -26.27 3.36 23.18
N ARG Q 32 -25.97 4.40 22.39
CA ARG Q 32 -26.59 4.62 21.09
C ARG Q 32 -26.16 3.57 20.10
N LEU Q 33 -24.86 3.23 20.09
CA LEU Q 33 -24.39 2.20 19.17
C LEU Q 33 -24.95 0.83 19.53
N LEU Q 34 -25.00 0.52 20.83
CA LEU Q 34 -25.54 -0.74 21.30
C LEU Q 34 -27.04 -0.85 21.03
N GLN Q 35 -27.77 0.26 21.13
CA GLN Q 35 -29.18 0.22 20.75
C GLN Q 35 -29.41 0.19 19.24
N ALA Q 36 -28.52 0.77 18.44
CA ALA Q 36 -28.67 0.63 16.99
C ALA Q 36 -28.33 -0.78 16.52
N PHE Q 37 -27.35 -1.39 17.17
CA PHE Q 37 -27.00 -2.76 16.83
C PHE Q 37 -28.08 -3.74 17.28
N SER Q 38 -28.69 -3.50 18.44
CA SER Q 38 -29.77 -4.40 18.81
C SER Q 38 -31.06 -4.05 18.09
N GLY Q 39 -31.17 -2.84 17.54
CA GLY Q 39 -32.34 -2.47 16.77
C GLY Q 39 -32.33 -3.07 15.40
N SER Q 40 -31.16 -3.43 14.91
CA SER Q 40 -31.09 -3.99 13.56
C SER Q 40 -30.74 -5.47 13.51
N ALA Q 41 -30.10 -6.04 14.55
CA ALA Q 41 -29.84 -7.47 14.56
C ALA Q 41 -31.13 -8.27 14.68
N ILE Q 42 -32.09 -7.75 15.45
CA ILE Q 42 -33.40 -8.36 15.55
C ILE Q 42 -34.21 -8.11 14.29
N ALA Q 43 -33.83 -7.10 13.51
CA ALA Q 43 -34.55 -6.80 12.29
C ALA Q 43 -34.17 -7.83 11.25
N THR Q 44 -32.86 -7.93 10.97
CA THR Q 44 -32.40 -8.85 9.94
C THR Q 44 -32.58 -10.31 10.34
N ALA Q 45 -32.70 -10.63 11.64
CA ALA Q 45 -32.91 -12.02 12.02
C ALA Q 45 -34.32 -12.46 11.65
N VAL Q 46 -35.30 -11.59 11.86
CA VAL Q 46 -36.66 -11.99 11.49
C VAL Q 46 -36.89 -11.81 10.00
N ASP Q 47 -36.08 -11.01 9.30
CA ASP Q 47 -36.22 -10.98 7.84
C ASP Q 47 -35.71 -12.27 7.21
N LYS Q 48 -34.58 -12.79 7.72
CA LYS Q 48 -34.00 -14.00 7.16
C LYS Q 48 -34.92 -15.20 7.34
N GLN Q 49 -35.81 -15.14 8.34
CA GLN Q 49 -36.85 -16.16 8.48
C GLN Q 49 -38.04 -15.83 7.59
N THR Q 50 -38.49 -14.57 7.55
CA THR Q 50 -39.76 -14.28 6.92
C THR Q 50 -39.69 -14.36 5.40
N ILE Q 51 -38.50 -14.48 4.83
CA ILE Q 51 -38.46 -14.80 3.41
C ILE Q 51 -38.17 -16.29 3.19
N THR Q 52 -37.44 -16.92 4.11
CA THR Q 52 -37.17 -18.34 3.97
C THR Q 52 -38.42 -19.18 4.17
N ASN Q 53 -39.23 -18.88 5.19
CA ASN Q 53 -40.50 -19.58 5.38
C ASN Q 53 -41.50 -19.30 4.24
N ARG Q 54 -41.37 -18.12 3.62
CA ARG Q 54 -42.13 -17.83 2.41
C ARG Q 54 -41.72 -18.75 1.27
N ILE Q 55 -40.43 -19.07 1.20
CA ILE Q 55 -40.00 -19.99 0.16
C ILE Q 55 -40.43 -21.41 0.52
N GLU Q 56 -40.34 -21.76 1.80
CA GLU Q 56 -40.52 -23.13 2.24
C GLU Q 56 -41.98 -23.58 2.18
N ASP Q 57 -42.92 -22.66 2.25
CA ASP Q 57 -44.29 -23.09 2.04
C ASP Q 57 -44.56 -23.23 0.54
N PRO Q 58 -45.12 -24.36 0.08
CA PRO Q 58 -45.38 -24.51 -1.36
C PRO Q 58 -46.53 -23.65 -1.87
N ASN Q 59 -47.55 -23.38 -1.05
CA ASN Q 59 -48.66 -22.56 -1.51
C ASN Q 59 -48.26 -21.11 -1.71
N LEU Q 60 -47.19 -20.66 -1.05
CA LEU Q 60 -46.73 -19.30 -1.22
C LEU Q 60 -46.00 -19.10 -2.54
N VAL Q 61 -45.41 -20.15 -3.10
CA VAL Q 61 -44.50 -19.97 -4.24
C VAL Q 61 -45.14 -20.28 -5.58
N THR Q 62 -46.27 -21.00 -5.62
CA THR Q 62 -46.89 -21.28 -6.91
C THR Q 62 -47.67 -20.08 -7.45
N ASP Q 63 -48.16 -19.23 -6.57
CA ASP Q 63 -48.85 -18.04 -7.00
C ASP Q 63 -47.84 -17.04 -7.54
N PRO Q 64 -47.97 -16.58 -8.79
CA PRO Q 64 -47.08 -15.52 -9.28
C PRO Q 64 -47.24 -14.21 -8.52
N LYS Q 65 -48.45 -13.93 -8.04
CA LYS Q 65 -48.69 -12.70 -7.31
C LYS Q 65 -47.90 -12.68 -6.01
N GLU Q 66 -47.89 -13.81 -5.28
CA GLU Q 66 -47.07 -13.86 -4.09
C GLU Q 66 -45.60 -13.99 -4.45
N LEU Q 67 -45.32 -14.46 -5.66
CA LEU Q 67 -43.94 -14.80 -5.99
C LEU Q 67 -43.16 -13.54 -6.28
N ALA Q 68 -43.76 -12.59 -7.00
CA ALA Q 68 -43.02 -11.36 -7.24
C ALA Q 68 -42.94 -10.48 -5.99
N ILE Q 69 -43.83 -10.65 -5.02
CA ILE Q 69 -43.66 -10.03 -3.71
C ILE Q 69 -42.45 -10.62 -2.99
N SER Q 70 -42.28 -11.94 -3.07
CA SER Q 70 -41.09 -12.48 -2.43
C SER Q 70 -39.82 -12.15 -3.21
N GLN Q 71 -39.93 -11.96 -4.53
CA GLN Q 71 -38.81 -11.43 -5.32
C GLN Q 71 -38.43 -10.04 -4.84
N GLU Q 72 -39.45 -9.26 -4.46
CA GLU Q 72 -39.24 -7.91 -3.98
C GLU Q 72 -38.51 -7.95 -2.65
N MET Q 73 -38.99 -8.77 -1.70
CA MET Q 73 -38.36 -8.76 -0.39
C MET Q 73 -36.95 -9.36 -0.45
N ILE Q 74 -36.67 -10.25 -1.40
CA ILE Q 74 -35.30 -10.69 -1.63
C ILE Q 74 -34.43 -9.53 -2.11
N SER Q 75 -34.97 -8.69 -2.99
CA SER Q 75 -34.19 -7.54 -3.46
C SER Q 75 -34.03 -6.48 -2.37
N ASP Q 76 -34.97 -6.40 -1.44
CA ASP Q 76 -34.78 -5.49 -0.30
C ASP Q 76 -33.73 -6.04 0.66
N TYR Q 77 -33.77 -7.34 0.94
CA TYR Q 77 -32.86 -7.89 1.92
C TYR Q 77 -31.44 -7.94 1.37
N ASN Q 78 -31.31 -8.13 0.05
CA ASN Q 78 -30.02 -8.06 -0.60
C ASN Q 78 -29.45 -6.64 -0.57
N LEU Q 79 -30.28 -5.63 -0.87
CA LEU Q 79 -29.76 -4.28 -0.88
C LEU Q 79 -29.51 -3.71 0.52
N TYR Q 80 -30.15 -4.29 1.54
CA TYR Q 80 -30.06 -3.72 2.88
C TYR Q 80 -28.71 -4.02 3.51
N VAL Q 81 -28.35 -5.29 3.58
CA VAL Q 81 -27.18 -5.66 4.37
C VAL Q 81 -25.93 -5.13 3.70
N SER Q 82 -25.91 -5.04 2.36
CA SER Q 82 -24.75 -4.41 1.75
C SER Q 82 -24.75 -2.89 1.93
N MET Q 83 -25.93 -2.25 2.09
CA MET Q 83 -25.91 -0.84 2.50
C MET Q 83 -25.49 -0.63 3.94
N VAL Q 84 -25.58 -1.64 4.79
CA VAL Q 84 -25.04 -1.45 6.14
C VAL Q 84 -23.57 -1.82 6.15
N SER Q 85 -23.16 -2.69 5.23
CA SER Q 85 -21.82 -3.24 5.19
C SER Q 85 -20.84 -2.16 4.79
N THR Q 86 -21.05 -1.56 3.62
CA THR Q 86 -20.04 -0.59 3.19
C THR Q 86 -20.09 0.69 4.02
N LEU Q 87 -21.23 0.96 4.67
CA LEU Q 87 -21.35 2.14 5.51
C LEU Q 87 -20.52 1.97 6.79
N THR Q 88 -20.48 0.76 7.32
CA THR Q 88 -19.63 0.59 8.50
C THR Q 88 -18.19 0.35 8.11
N ARG Q 89 -17.92 -0.26 6.96
CA ARG Q 89 -16.54 -0.42 6.53
C ARG Q 89 -15.89 0.93 6.28
N LYS Q 90 -16.63 1.88 5.71
CA LYS Q 90 -16.15 3.25 5.63
C LYS Q 90 -16.08 3.95 6.98
N GLY Q 91 -16.94 3.60 7.94
CA GLY Q 91 -16.80 4.20 9.26
C GLY Q 91 -15.56 3.73 10.01
N VAL Q 92 -15.29 2.41 9.95
CA VAL Q 92 -14.03 1.87 10.46
C VAL Q 92 -12.84 2.44 9.70
N GLY Q 93 -12.94 2.57 8.38
CA GLY Q 93 -11.85 3.15 7.61
C GLY Q 93 -11.61 4.61 7.91
N ALA Q 94 -12.63 5.31 8.40
CA ALA Q 94 -12.43 6.70 8.77
C ALA Q 94 -11.76 6.78 10.12
N VAL Q 95 -12.12 5.86 11.03
CA VAL Q 95 -11.59 6.03 12.38
C VAL Q 95 -10.16 5.49 12.48
N GLU Q 96 -9.78 4.52 11.61
CA GLU Q 96 -8.42 4.00 11.72
C GLU Q 96 -7.38 4.95 11.15
N THR Q 97 -7.75 5.75 10.15
CA THR Q 97 -6.81 6.70 9.58
C THR Q 97 -6.49 7.82 10.55
N LEU Q 98 -7.42 8.13 11.46
CA LEU Q 98 -7.11 9.04 12.53
C LEU Q 98 -6.30 8.36 13.62
N LEU Q 99 -6.70 7.16 14.04
CA LEU Q 99 -6.08 6.52 15.18
C LEU Q 99 -4.71 5.94 14.87
N ARG Q 100 -4.35 5.79 13.60
CA ARG Q 100 -3.10 5.13 13.24
C ARG Q 100 -1.90 6.01 13.58
N SER Q 101 -1.79 7.16 12.92
CA SER Q 101 -0.80 8.21 13.19
C SER Q 101 0.66 7.77 13.39
N ASN R 22 -33.12 16.21 -15.52
CA ASN R 22 -34.56 16.10 -15.65
C ASN R 22 -34.97 14.90 -16.48
N LEU R 23 -34.02 13.98 -16.68
CA LEU R 23 -34.27 12.79 -17.50
C LEU R 23 -35.32 11.88 -16.86
N GLN R 24 -35.32 11.78 -15.53
CA GLN R 24 -36.26 10.88 -14.86
C GLN R 24 -37.71 11.32 -15.02
N THR R 25 -37.97 12.59 -15.34
CA THR R 25 -39.33 13.05 -15.60
C THR R 25 -39.87 12.40 -16.87
N GLN R 26 -39.15 12.59 -17.98
CA GLN R 26 -39.62 11.97 -19.20
C GLN R 26 -39.35 10.48 -19.23
N VAL R 27 -38.63 9.90 -18.25
CA VAL R 27 -38.75 8.47 -18.01
C VAL R 27 -40.10 8.16 -17.40
N THR R 28 -40.50 8.91 -16.37
CA THR R 28 -41.65 8.60 -15.53
C THR R 28 -42.97 9.02 -16.16
N GLU R 29 -42.94 9.52 -17.38
CA GLU R 29 -44.15 9.97 -18.04
C GLU R 29 -44.59 8.95 -19.10
N ALA R 30 -43.75 7.99 -19.43
CA ALA R 30 -44.03 6.97 -20.44
C ALA R 30 -44.47 5.63 -19.86
N LEU R 31 -44.27 5.40 -18.55
CA LEU R 31 -44.67 4.14 -17.93
C LEU R 31 -46.18 4.00 -17.76
N ASP R 32 -46.90 5.11 -17.63
CA ASP R 32 -48.32 5.01 -17.31
C ASP R 32 -49.20 4.62 -18.49
N LYS R 33 -48.84 5.04 -19.71
CA LYS R 33 -49.63 4.61 -20.86
C LYS R 33 -49.43 3.13 -21.19
N LEU R 34 -48.25 2.58 -20.93
CA LEU R 34 -48.12 1.13 -21.00
C LEU R 34 -48.77 0.43 -19.82
N ALA R 35 -48.89 1.11 -18.67
CA ALA R 35 -49.62 0.51 -17.57
C ALA R 35 -51.10 0.39 -17.92
N ALA R 36 -51.65 1.42 -18.55
CA ALA R 36 -53.04 1.36 -18.97
C ALA R 36 -53.23 0.44 -20.18
N LYS R 37 -52.20 0.27 -21.01
CA LYS R 37 -52.28 -0.58 -22.20
C LYS R 37 -51.00 -1.40 -22.35
N PRO R 38 -50.89 -2.54 -21.64
CA PRO R 38 -49.71 -3.39 -21.80
C PRO R 38 -49.80 -4.39 -22.94
N SER R 39 -50.25 -3.95 -24.12
CA SER R 39 -50.20 -4.78 -25.31
C SER R 39 -49.88 -4.02 -26.58
N ASP R 40 -49.62 -2.72 -26.50
CA ASP R 40 -49.25 -1.94 -27.68
C ASP R 40 -47.82 -2.25 -28.10
N PRO R 41 -47.59 -2.69 -29.35
CA PRO R 41 -46.21 -3.03 -29.75
C PRO R 41 -45.32 -1.83 -29.95
N ALA R 42 -45.86 -0.68 -30.36
CA ALA R 42 -45.01 0.48 -30.61
C ALA R 42 -44.55 1.10 -29.30
N LEU R 43 -45.39 1.00 -28.27
CA LEU R 43 -45.09 1.70 -27.03
C LEU R 43 -44.00 0.97 -26.27
N LEU R 44 -44.03 -0.36 -26.22
CA LEU R 44 -42.98 -1.04 -25.48
C LEU R 44 -41.65 -0.98 -26.22
N ALA R 45 -41.69 -0.82 -27.54
CA ALA R 45 -40.48 -0.58 -28.32
C ALA R 45 -39.86 0.77 -27.99
N ALA R 46 -40.71 1.80 -27.85
CA ALA R 46 -40.20 3.10 -27.43
C ALA R 46 -39.81 3.11 -25.95
N TYR R 47 -40.46 2.28 -25.14
CA TYR R 47 -40.16 2.25 -23.72
C TYR R 47 -38.81 1.57 -23.48
N GLN R 48 -38.56 0.47 -24.18
CA GLN R 48 -37.24 -0.15 -24.15
C GLN R 48 -36.17 0.78 -24.69
N SER R 49 -36.51 1.55 -25.73
CA SER R 49 -35.61 2.57 -26.26
C SER R 49 -35.37 3.70 -25.26
N LYS R 50 -36.31 3.94 -24.36
CA LYS R 50 -36.07 4.88 -23.28
C LYS R 50 -35.21 4.25 -22.18
N LEU R 51 -35.61 3.07 -21.71
CA LEU R 51 -35.09 2.53 -20.46
C LEU R 51 -33.67 1.99 -20.61
N SER R 52 -33.31 1.42 -21.77
CA SER R 52 -31.92 1.04 -21.90
C SER R 52 -31.01 2.26 -21.99
N GLU R 53 -31.52 3.37 -22.50
CA GLU R 53 -30.69 4.56 -22.56
C GLU R 53 -30.55 5.19 -21.18
N TYR R 54 -31.60 5.07 -20.35
CA TYR R 54 -31.46 5.50 -18.96
C TYR R 54 -30.57 4.57 -18.15
N ASN R 55 -30.50 3.29 -18.54
CA ASN R 55 -29.55 2.38 -17.92
C ASN R 55 -28.14 2.79 -18.26
N LEU R 56 -27.92 3.20 -19.52
CA LEU R 56 -26.59 3.66 -19.91
C LEU R 56 -26.24 4.99 -19.26
N TYR R 57 -27.23 5.77 -18.85
CA TYR R 57 -26.91 7.07 -18.27
C TYR R 57 -26.55 6.94 -16.79
N ARG R 58 -27.23 6.04 -16.07
CA ARG R 58 -27.12 6.06 -14.62
C ARG R 58 -25.79 5.49 -14.14
N ASN R 59 -25.35 4.38 -14.73
CA ASN R 59 -24.07 3.83 -14.29
C ASN R 59 -22.90 4.66 -14.82
N ALA R 60 -23.12 5.40 -15.92
CA ALA R 60 -22.09 6.32 -16.39
C ALA R 60 -21.86 7.43 -15.38
N GLN R 61 -22.94 7.96 -14.81
CA GLN R 61 -22.74 8.99 -13.79
C GLN R 61 -22.15 8.39 -12.51
N SER R 62 -22.49 7.13 -12.21
CA SER R 62 -21.94 6.51 -11.01
C SER R 62 -20.47 6.20 -11.18
N ASN R 63 -20.07 5.76 -12.36
CA ASN R 63 -18.67 5.43 -12.58
C ASN R 63 -17.82 6.68 -12.71
N THR R 64 -18.42 7.80 -13.12
CA THR R 64 -17.62 8.98 -13.36
C THR R 64 -17.42 9.78 -12.08
N VAL R 65 -18.37 9.70 -11.13
CA VAL R 65 -18.10 10.37 -9.87
C VAL R 65 -17.04 9.59 -9.09
N LYS R 66 -16.95 8.28 -9.37
CA LYS R 66 -16.07 7.39 -8.63
C LYS R 66 -14.60 7.71 -8.88
N VAL R 67 -14.24 8.00 -10.13
CA VAL R 67 -12.86 8.38 -10.43
C VAL R 67 -12.51 9.72 -9.79
N PHE R 68 -13.46 10.66 -9.75
CA PHE R 68 -13.19 11.96 -9.14
C PHE R 68 -13.05 11.84 -7.63
N LYS R 69 -13.65 10.82 -7.04
CA LYS R 69 -13.33 10.53 -5.64
C LYS R 69 -11.99 9.83 -5.48
N ASP R 70 -11.68 8.86 -6.34
CA ASP R 70 -10.49 8.03 -6.14
C ASP R 70 -9.22 8.85 -6.35
N ILE R 71 -9.20 9.70 -7.37
CA ILE R 71 -8.02 10.52 -7.61
C ILE R 71 -7.91 11.61 -6.56
N ASP R 72 -9.02 11.97 -5.93
CA ASP R 72 -8.93 12.94 -4.85
C ASP R 72 -8.41 12.27 -3.59
N ALA R 73 -8.67 10.97 -3.44
CA ALA R 73 -8.10 10.22 -2.33
C ALA R 73 -6.64 9.90 -2.54
N ALA R 74 -6.18 9.92 -3.79
CA ALA R 74 -4.80 9.54 -4.06
C ALA R 74 -3.82 10.63 -3.65
N ILE R 75 -4.27 11.89 -3.67
CA ILE R 75 -3.38 13.00 -3.32
C ILE R 75 -3.07 12.97 -1.83
N ILE R 76 -4.11 12.79 -1.01
CA ILE R 76 -3.91 12.67 0.42
C ILE R 76 -3.22 11.35 0.78
N GLN R 77 -3.40 10.31 -0.05
CA GLN R 77 -2.61 9.08 0.14
C GLN R 77 -1.14 9.30 -0.18
N ASN R 78 -0.84 10.22 -1.08
CA ASN R 78 0.55 10.44 -1.42
C ASN R 78 1.20 11.30 -0.36
N PHE R 79 0.48 12.31 0.13
CA PHE R 79 1.06 13.30 0.99
C PHE R 79 0.97 12.95 2.47
N ARG R 80 0.24 11.90 2.83
CA ARG R 80 0.10 11.59 4.26
C ARG R 80 1.39 11.00 4.81
N ASN S 22 -12.81 5.09 -41.07
CA ASN S 22 -13.96 5.42 -41.90
C ASN S 22 -15.01 4.31 -41.87
N LEU S 23 -14.90 3.41 -40.88
CA LEU S 23 -15.83 2.30 -40.78
C LEU S 23 -17.25 2.77 -40.47
N GLN S 24 -17.39 3.83 -39.68
CA GLN S 24 -18.70 4.33 -39.30
C GLN S 24 -19.48 4.88 -40.49
N THR S 25 -18.80 5.26 -41.57
CA THR S 25 -19.49 5.71 -42.77
C THR S 25 -20.26 4.57 -43.40
N GLN S 26 -19.55 3.48 -43.73
CA GLN S 26 -20.27 2.35 -44.31
C GLN S 26 -21.06 1.57 -43.27
N VAL S 27 -20.95 1.89 -41.98
CA VAL S 27 -21.99 1.48 -41.05
C VAL S 27 -23.25 2.30 -41.31
N THR S 28 -23.08 3.61 -41.44
CA THR S 28 -24.26 4.47 -41.49
C THR S 28 -24.89 4.51 -42.87
N GLU S 29 -24.34 3.75 -43.82
CA GLU S 29 -24.86 3.73 -45.18
C GLU S 29 -25.60 2.44 -45.50
N ALA S 30 -25.45 1.39 -44.70
CA ALA S 30 -26.11 0.13 -45.00
C ALA S 30 -27.38 -0.12 -44.21
N LEU S 31 -27.60 0.62 -43.12
CA LEU S 31 -28.82 0.42 -42.35
C LEU S 31 -30.02 1.01 -43.06
N ASP S 32 -29.84 2.05 -43.88
CA ASP S 32 -30.99 2.74 -44.45
C ASP S 32 -31.64 1.97 -45.60
N LYS S 33 -30.87 1.24 -46.40
CA LYS S 33 -31.48 0.44 -47.44
C LYS S 33 -32.19 -0.78 -46.85
N LEU S 34 -31.69 -1.29 -45.72
CA LEU S 34 -32.45 -2.28 -44.96
C LEU S 34 -33.63 -1.65 -44.24
N ALA S 35 -33.55 -0.36 -43.91
CA ALA S 35 -34.70 0.31 -43.32
C ALA S 35 -35.81 0.44 -44.34
N ALA S 36 -35.44 0.75 -45.59
CA ALA S 36 -36.44 0.84 -46.64
C ALA S 36 -36.95 -0.54 -47.04
N LYS S 37 -36.12 -1.58 -46.89
CA LYS S 37 -36.50 -2.95 -47.25
C LYS S 37 -36.03 -3.92 -46.18
N PRO S 38 -36.79 -4.06 -45.09
CA PRO S 38 -36.43 -5.04 -44.05
C PRO S 38 -36.98 -6.44 -44.31
N SER S 39 -36.89 -6.93 -45.55
CA SER S 39 -37.23 -8.32 -45.83
C SER S 39 -36.36 -8.98 -46.88
N ASP S 40 -35.35 -8.30 -47.40
CA ASP S 40 -34.43 -8.88 -48.37
C ASP S 40 -33.52 -9.87 -47.65
N PRO S 41 -33.47 -11.14 -48.06
CA PRO S 41 -32.65 -12.09 -47.30
C PRO S 41 -31.16 -11.90 -47.50
N ALA S 42 -30.71 -11.45 -48.67
CA ALA S 42 -29.27 -11.30 -48.84
C ALA S 42 -28.77 -10.08 -48.11
N LEU S 43 -29.61 -9.05 -48.02
CA LEU S 43 -29.16 -7.79 -47.48
C LEU S 43 -29.05 -7.82 -45.96
N LEU S 44 -30.03 -8.41 -45.26
CA LEU S 44 -29.91 -8.41 -43.80
C LEU S 44 -28.82 -9.36 -43.35
N ALA S 45 -28.51 -10.37 -44.18
CA ALA S 45 -27.38 -11.25 -43.93
C ALA S 45 -26.07 -10.49 -44.05
N ALA S 46 -25.97 -9.61 -45.06
CA ALA S 46 -24.79 -8.78 -45.17
C ALA S 46 -24.77 -7.69 -44.11
N TYR S 47 -25.95 -7.27 -43.64
CA TYR S 47 -26.00 -6.24 -42.62
C TYR S 47 -25.55 -6.78 -41.27
N GLN S 48 -26.00 -7.99 -40.92
CA GLN S 48 -25.51 -8.66 -39.72
C GLN S 48 -24.02 -8.97 -39.82
N SER S 49 -23.54 -9.35 -41.00
CA SER S 49 -22.12 -9.55 -41.22
C SER S 49 -21.31 -8.26 -41.10
N LYS S 50 -21.94 -7.13 -41.37
CA LYS S 50 -21.32 -5.84 -41.08
C LYS S 50 -21.37 -5.49 -39.60
N LEU S 51 -22.56 -5.56 -39.02
CA LEU S 51 -22.80 -4.95 -37.71
C LEU S 51 -22.18 -5.77 -36.59
N SER S 52 -22.17 -7.10 -36.72
CA SER S 52 -21.45 -7.89 -35.72
C SER S 52 -19.95 -7.68 -35.84
N GLU S 53 -19.47 -7.34 -37.03
CA GLU S 53 -18.06 -7.11 -37.17
C GLU S 53 -17.68 -5.76 -36.57
N TYR S 54 -18.58 -4.78 -36.65
CA TYR S 54 -18.34 -3.53 -35.92
C TYR S 54 -18.47 -3.72 -34.42
N ASN S 55 -19.28 -4.71 -34.00
CA ASN S 55 -19.37 -5.06 -32.59
C ASN S 55 -18.04 -5.62 -32.13
N LEU S 56 -17.42 -6.44 -32.97
CA LEU S 56 -16.10 -6.98 -32.67
C LEU S 56 -15.03 -5.90 -32.69
N TYR S 57 -15.27 -4.81 -33.40
CA TYR S 57 -14.25 -3.77 -33.50
C TYR S 57 -14.27 -2.84 -32.30
N ARG S 58 -15.46 -2.53 -31.78
CA ARG S 58 -15.56 -1.46 -30.78
C ARG S 58 -15.02 -1.89 -29.42
N ASN S 59 -15.34 -3.09 -28.97
CA ASN S 59 -14.82 -3.51 -27.69
C ASN S 59 -13.35 -3.87 -27.79
N ALA S 60 -12.88 -4.22 -29.00
CA ALA S 60 -11.45 -4.43 -29.20
C ALA S 60 -10.69 -3.13 -29.00
N GLN S 61 -11.24 -2.02 -29.51
CA GLN S 61 -10.59 -0.73 -29.29
C GLN S 61 -10.69 -0.30 -27.84
N SER S 62 -11.78 -0.69 -27.18
CA SER S 62 -11.94 -0.32 -25.77
C SER S 62 -10.98 -1.11 -24.90
N ASN S 63 -10.76 -2.38 -25.23
CA ASN S 63 -9.87 -3.20 -24.43
C ASN S 63 -8.43 -2.85 -24.71
N THR S 64 -8.14 -2.30 -25.89
CA THR S 64 -6.74 -2.05 -26.19
C THR S 64 -6.28 -0.71 -25.64
N VAL S 65 -7.17 0.28 -25.56
CA VAL S 65 -6.74 1.52 -24.92
C VAL S 65 -6.66 1.34 -23.41
N LYS S 66 -7.44 0.40 -22.87
CA LYS S 66 -7.55 0.22 -21.43
C LYS S 66 -6.25 -0.30 -20.82
N VAL S 67 -5.60 -1.25 -21.50
CA VAL S 67 -4.32 -1.76 -21.01
C VAL S 67 -3.24 -0.69 -21.07
N PHE S 68 -3.27 0.17 -22.10
CA PHE S 68 -2.30 1.25 -22.22
C PHE S 68 -2.50 2.30 -21.14
N LYS S 69 -3.73 2.40 -20.63
CA LYS S 69 -3.93 3.19 -19.43
C LYS S 69 -3.46 2.47 -18.17
N ASP S 70 -3.73 1.17 -18.05
CA ASP S 70 -3.48 0.46 -16.80
C ASP S 70 -1.99 0.30 -16.52
N ILE S 71 -1.19 -0.03 -17.55
CA ILE S 71 0.24 -0.16 -17.29
C ILE S 71 0.87 1.20 -17.09
N ASP S 72 0.26 2.26 -17.62
CA ASP S 72 0.80 3.58 -17.37
C ASP S 72 0.45 4.05 -15.96
N ALA S 73 -0.69 3.59 -15.43
CA ALA S 73 -1.05 3.89 -14.06
C ALA S 73 -0.24 3.06 -13.08
N ALA S 74 0.32 1.95 -13.54
CA ALA S 74 1.05 1.08 -12.62
C ALA S 74 2.41 1.68 -12.30
N ILE S 75 2.97 2.47 -13.21
CA ILE S 75 4.28 3.08 -12.98
C ILE S 75 4.20 4.14 -11.89
N ILE S 76 3.19 5.00 -11.96
CA ILE S 76 3.01 5.98 -10.87
C ILE S 76 2.56 5.30 -9.59
N GLN S 77 1.89 4.15 -9.70
CA GLN S 77 1.60 3.37 -8.49
C GLN S 77 2.87 2.78 -7.89
N ASN S 78 3.87 2.49 -8.73
CA ASN S 78 5.10 1.92 -8.19
C ASN S 78 5.98 3.01 -7.60
N PHE S 79 6.04 4.15 -8.28
CA PHE S 79 6.99 5.20 -7.94
C PHE S 79 6.45 6.21 -6.94
N ARG S 80 5.17 6.15 -6.58
CA ARG S 80 4.65 7.15 -5.65
C ARG S 80 5.18 6.92 -4.24
N ASN T 22 -1.02 -25.78 -38.18
CA ASN T 22 -1.41 -26.07 -39.56
C ASN T 22 -2.86 -26.51 -39.65
N LEU T 23 -3.59 -26.27 -38.56
CA LEU T 23 -5.00 -26.65 -38.46
C LEU T 23 -5.86 -25.86 -39.45
N GLN T 24 -5.49 -24.61 -39.68
CA GLN T 24 -6.26 -23.73 -40.56
C GLN T 24 -6.28 -24.17 -42.01
N THR T 25 -5.33 -25.01 -42.45
CA THR T 25 -5.39 -25.52 -43.80
C THR T 25 -6.59 -26.44 -43.96
N GLN T 26 -6.68 -27.47 -43.10
CA GLN T 26 -7.83 -28.33 -43.21
C GLN T 26 -9.10 -27.69 -42.65
N VAL T 27 -9.01 -26.51 -42.03
CA VAL T 27 -10.21 -25.69 -41.89
C VAL T 27 -10.61 -25.13 -43.24
N THR T 28 -9.65 -24.57 -43.97
CA THR T 28 -9.96 -23.82 -45.17
C THR T 28 -10.19 -24.71 -46.38
N GLU T 29 -10.15 -26.03 -46.22
CA GLU T 29 -10.35 -26.91 -47.36
C GLU T 29 -11.72 -27.56 -47.37
N ALA T 30 -12.47 -27.51 -46.27
CA ALA T 30 -13.78 -28.16 -46.20
C ALA T 30 -14.97 -27.23 -46.37
N LEU T 31 -14.79 -25.91 -46.23
CA LEU T 31 -15.92 -24.99 -46.39
C LEU T 31 -16.34 -24.82 -47.84
N ASP T 32 -15.41 -24.99 -48.79
CA ASP T 32 -15.70 -24.68 -50.19
C ASP T 32 -16.53 -25.76 -50.88
N LYS T 33 -16.36 -27.04 -50.50
CA LYS T 33 -17.19 -28.07 -51.09
C LYS T 33 -18.63 -28.01 -50.59
N LEU T 34 -18.83 -27.56 -49.35
CA LEU T 34 -20.19 -27.24 -48.91
C LEU T 34 -20.69 -25.95 -49.53
N ALA T 35 -19.80 -25.03 -49.90
CA ALA T 35 -20.23 -23.83 -50.61
C ALA T 35 -20.72 -24.19 -52.00
N ALA T 36 -20.03 -25.10 -52.68
CA ALA T 36 -20.44 -25.53 -54.01
C ALA T 36 -21.68 -26.42 -53.96
N LYS T 37 -21.88 -27.14 -52.86
CA LYS T 37 -23.03 -28.04 -52.70
C LYS T 37 -23.61 -27.92 -51.30
N PRO T 38 -24.46 -26.90 -51.08
CA PRO T 38 -25.11 -26.78 -49.76
C PRO T 38 -26.38 -27.61 -49.62
N SER T 39 -26.34 -28.87 -50.06
CA SER T 39 -27.43 -29.79 -49.80
C SER T 39 -26.95 -31.23 -49.55
N ASP T 40 -25.66 -31.48 -49.52
CA ASP T 40 -25.16 -32.81 -49.20
C ASP T 40 -25.30 -33.05 -47.70
N PRO T 41 -26.01 -34.10 -47.27
CA PRO T 41 -26.19 -34.30 -45.82
C PRO T 41 -24.95 -34.81 -45.10
N ALA T 42 -24.08 -35.58 -45.76
CA ALA T 42 -22.90 -36.12 -45.10
C ALA T 42 -21.85 -35.04 -44.89
N LEU T 43 -21.81 -34.07 -45.79
CA LEU T 43 -20.75 -33.07 -45.76
C LEU T 43 -20.99 -32.08 -44.64
N LEU T 44 -22.23 -31.65 -44.42
CA LEU T 44 -22.42 -30.67 -43.36
C LEU T 44 -22.25 -31.32 -41.99
N ALA T 45 -22.47 -32.63 -41.89
CA ALA T 45 -22.17 -33.36 -40.65
C ALA T 45 -20.68 -33.41 -40.38
N ALA T 46 -19.88 -33.66 -41.42
CA ALA T 46 -18.42 -33.63 -41.21
C ALA T 46 -17.89 -32.20 -41.06
N TYR T 47 -18.54 -31.23 -41.69
CA TYR T 47 -18.09 -29.86 -41.59
C TYR T 47 -18.39 -29.28 -40.22
N GLN T 48 -19.59 -29.55 -39.69
CA GLN T 48 -19.90 -29.17 -38.32
C GLN T 48 -19.01 -29.86 -37.31
N SER T 49 -18.68 -31.13 -37.57
CA SER T 49 -17.72 -31.83 -36.73
C SER T 49 -16.32 -31.25 -36.84
N LYS T 50 -15.99 -30.61 -37.95
CA LYS T 50 -14.74 -29.87 -38.04
C LYS T 50 -14.80 -28.53 -37.30
N LEU T 51 -15.83 -27.72 -37.59
CA LEU T 51 -15.80 -26.33 -37.17
C LEU T 51 -16.02 -26.20 -35.68
N SER T 52 -16.83 -27.10 -35.08
CA SER T 52 -16.93 -27.07 -33.63
C SER T 52 -15.63 -27.52 -33.00
N GLU T 53 -14.86 -28.33 -33.70
CA GLU T 53 -13.59 -28.76 -33.13
C GLU T 53 -12.56 -27.64 -33.19
N TYR T 54 -12.63 -26.81 -34.23
CA TYR T 54 -11.77 -25.62 -34.24
C TYR T 54 -12.23 -24.60 -33.21
N ASN T 55 -13.54 -24.63 -32.91
CA ASN T 55 -14.09 -23.80 -31.84
C ASN T 55 -13.52 -24.22 -30.51
N LEU T 56 -13.40 -25.54 -30.29
CA LEU T 56 -12.80 -26.03 -29.06
C LEU T 56 -11.31 -25.75 -28.99
N TYR T 57 -10.64 -25.56 -30.14
CA TYR T 57 -9.20 -25.36 -30.06
C TYR T 57 -8.85 -23.90 -29.75
N ARG T 58 -9.62 -22.96 -30.30
CA ARG T 58 -9.17 -21.56 -30.25
C ARG T 58 -9.32 -20.97 -28.86
N ASN T 59 -10.44 -21.25 -28.19
CA ASN T 59 -10.60 -20.70 -26.85
C ASN T 59 -9.72 -21.44 -25.85
N ALA T 60 -9.33 -22.68 -26.15
CA ALA T 60 -8.37 -23.38 -25.31
C ALA T 60 -7.03 -22.68 -25.33
N GLN T 61 -6.61 -22.24 -26.54
CA GLN T 61 -5.35 -21.48 -26.61
C GLN T 61 -5.47 -20.12 -25.96
N SER T 62 -6.66 -19.52 -26.04
CA SER T 62 -6.86 -18.21 -25.45
C SER T 62 -6.88 -18.29 -23.92
N ASN T 63 -7.49 -19.35 -23.38
CA ASN T 63 -7.56 -19.48 -21.93
C ASN T 63 -6.24 -19.91 -21.35
N THR T 64 -5.40 -20.57 -22.14
CA THR T 64 -4.17 -21.10 -21.60
C THR T 64 -3.05 -20.08 -21.61
N VAL T 65 -3.06 -19.13 -22.56
CA VAL T 65 -2.03 -18.10 -22.49
C VAL T 65 -2.33 -17.13 -21.35
N LYS T 66 -3.60 -17.00 -20.97
CA LYS T 66 -4.05 -16.03 -19.99
C LYS T 66 -3.54 -16.32 -18.57
N VAL T 67 -3.54 -17.59 -18.17
CA VAL T 67 -3.02 -17.94 -16.85
C VAL T 67 -1.51 -17.71 -16.79
N PHE T 68 -0.81 -17.98 -17.89
CA PHE T 68 0.64 -17.77 -17.95
C PHE T 68 0.96 -16.28 -17.93
N LYS T 69 0.02 -15.44 -18.37
CA LYS T 69 0.18 -14.01 -18.15
C LYS T 69 -0.10 -13.65 -16.69
N ASP T 70 -1.15 -14.25 -16.12
CA ASP T 70 -1.62 -13.83 -14.81
C ASP T 70 -0.62 -14.19 -13.72
N ILE T 71 -0.04 -15.39 -13.79
CA ILE T 71 0.93 -15.79 -12.80
C ILE T 71 2.26 -15.07 -12.98
N ASP T 72 2.58 -14.61 -14.19
CA ASP T 72 3.80 -13.84 -14.35
C ASP T 72 3.59 -12.42 -13.86
N ALA T 73 2.36 -11.93 -13.95
CA ALA T 73 2.07 -10.62 -13.40
C ALA T 73 1.94 -10.66 -11.88
N ALA T 74 1.68 -11.84 -11.33
CA ALA T 74 1.46 -11.92 -9.89
C ALA T 74 2.76 -11.79 -9.14
N ILE T 75 3.87 -12.17 -9.75
CA ILE T 75 5.16 -12.10 -9.08
C ILE T 75 5.60 -10.65 -8.89
N ILE T 76 5.49 -9.84 -9.95
CA ILE T 76 5.81 -8.43 -9.78
C ILE T 76 4.77 -7.69 -8.92
N GLN T 77 3.50 -8.14 -8.91
CA GLN T 77 2.58 -7.55 -7.94
C GLN T 77 2.93 -7.95 -6.52
N ASN T 78 3.54 -9.12 -6.32
CA ASN T 78 3.86 -9.51 -4.95
C ASN T 78 5.13 -8.82 -4.49
N PHE T 79 6.10 -8.71 -5.38
CA PHE T 79 7.42 -8.24 -4.99
C PHE T 79 7.56 -6.73 -5.11
N ARG T 80 6.58 -6.04 -5.68
CA ARG T 80 6.71 -4.59 -5.85
C ARG T 80 6.60 -3.88 -4.52
N ASN U 22 -15.06 -45.84 -13.41
CA ASN U 22 -15.31 -46.78 -14.50
C ASN U 22 -16.58 -46.44 -15.27
N LEU U 23 -17.07 -45.23 -15.06
CA LEU U 23 -18.30 -44.79 -15.72
C LEU U 23 -18.12 -44.69 -17.23
N GLN U 24 -16.94 -44.27 -17.68
CA GLN U 24 -16.67 -44.09 -19.10
C GLN U 24 -16.72 -45.40 -19.87
N THR U 25 -16.54 -46.54 -19.20
CA THR U 25 -16.65 -47.83 -19.88
C THR U 25 -18.09 -48.07 -20.33
N GLN U 26 -19.04 -48.05 -19.39
CA GLN U 26 -20.40 -48.24 -19.83
C GLN U 26 -20.96 -47.00 -20.52
N VAL U 27 -20.23 -45.87 -20.55
CA VAL U 27 -20.56 -44.86 -21.54
C VAL U 27 -20.16 -45.36 -22.93
N THR U 28 -18.95 -45.90 -23.06
CA THR U 28 -18.40 -46.22 -24.36
C THR U 28 -18.92 -47.58 -24.86
N GLU U 29 -19.80 -48.20 -24.09
CA GLU U 29 -20.34 -49.51 -24.43
C GLU U 29 -21.78 -49.44 -24.94
N ALA U 30 -22.45 -48.31 -24.76
CA ALA U 30 -23.84 -48.19 -25.20
C ALA U 30 -23.98 -47.45 -26.52
N LEU U 31 -22.95 -46.75 -26.95
CA LEU U 31 -23.02 -46.02 -28.21
C LEU U 31 -22.95 -46.96 -29.41
N ASP U 32 -22.30 -48.11 -29.28
CA ASP U 32 -22.09 -48.94 -30.47
C ASP U 32 -23.32 -49.73 -30.87
N LYS U 33 -24.17 -50.15 -29.93
CA LYS U 33 -25.38 -50.83 -30.33
C LYS U 33 -26.43 -49.89 -30.94
N LEU U 34 -26.48 -48.64 -30.51
CA LEU U 34 -27.30 -47.68 -31.25
C LEU U 34 -26.65 -47.27 -32.57
N ALA U 35 -25.32 -47.32 -32.67
CA ALA U 35 -24.68 -47.04 -33.95
C ALA U 35 -24.98 -48.15 -34.96
N ALA U 36 -24.94 -49.40 -34.53
CA ALA U 36 -25.24 -50.51 -35.42
C ALA U 36 -26.73 -50.60 -35.74
N LYS U 37 -27.59 -50.14 -34.83
CA LYS U 37 -29.04 -50.20 -35.03
C LYS U 37 -29.66 -48.90 -34.56
N PRO U 38 -29.64 -47.86 -35.40
CA PRO U 38 -30.28 -46.58 -35.03
C PRO U 38 -31.78 -46.48 -35.29
N SER U 39 -32.55 -47.50 -34.94
CA SER U 39 -34.00 -47.33 -35.00
C SER U 39 -34.77 -48.02 -33.88
N ASP U 40 -34.10 -48.64 -32.94
CA ASP U 40 -34.76 -49.25 -31.78
C ASP U 40 -35.22 -48.17 -30.80
N PRO U 41 -36.51 -48.12 -30.45
CA PRO U 41 -36.97 -47.04 -29.57
C PRO U 41 -36.50 -47.21 -28.13
N ALA U 42 -36.26 -48.43 -27.67
CA ALA U 42 -35.82 -48.60 -26.29
C ALA U 42 -34.38 -48.18 -26.11
N LEU U 43 -33.57 -48.35 -27.17
CA LEU U 43 -32.14 -48.10 -27.04
C LEU U 43 -31.84 -46.61 -26.99
N LEU U 44 -32.51 -45.80 -27.80
CA LEU U 44 -32.16 -44.38 -27.74
C LEU U 44 -32.66 -43.75 -26.46
N ALA U 45 -33.71 -44.32 -25.85
CA ALA U 45 -34.16 -43.91 -24.54
C ALA U 45 -33.12 -44.23 -23.47
N ALA U 46 -32.52 -45.42 -23.55
CA ALA U 46 -31.45 -45.75 -22.62
C ALA U 46 -30.16 -45.00 -22.93
N TYR U 47 -29.94 -44.66 -24.18
CA TYR U 47 -28.73 -43.95 -24.56
C TYR U 47 -28.78 -42.50 -24.11
N GLN U 48 -29.93 -41.84 -24.30
CA GLN U 48 -30.14 -40.49 -23.77
C GLN U 48 -30.12 -40.47 -22.25
N SER U 49 -30.68 -41.51 -21.62
CA SER U 49 -30.61 -41.66 -20.16
C SER U 49 -29.19 -41.89 -19.66
N LYS U 50 -28.32 -42.44 -20.49
CA LYS U 50 -26.90 -42.52 -20.19
C LYS U 50 -26.21 -41.17 -20.35
N LEU U 51 -26.40 -40.53 -21.51
CA LEU U 51 -25.55 -39.41 -21.86
C LEU U 51 -25.88 -38.17 -21.04
N SER U 52 -27.16 -37.99 -20.66
CA SER U 52 -27.44 -36.89 -19.76
C SER U 52 -26.88 -37.13 -18.36
N GLU U 53 -26.73 -38.38 -17.94
CA GLU U 53 -26.15 -38.56 -16.60
C GLU U 53 -24.65 -38.33 -16.63
N TYR U 54 -24.01 -38.68 -17.75
CA TYR U 54 -22.60 -38.31 -17.86
C TYR U 54 -22.44 -36.81 -18.02
N ASN U 55 -23.45 -36.15 -18.59
CA ASN U 55 -23.45 -34.68 -18.66
C ASN U 55 -23.53 -34.09 -17.27
N LEU U 56 -24.37 -34.66 -16.41
CA LEU U 56 -24.46 -34.19 -15.04
C LEU U 56 -23.22 -34.52 -14.22
N TYR U 57 -22.47 -35.55 -14.61
CA TYR U 57 -21.33 -35.93 -13.79
C TYR U 57 -20.10 -35.06 -14.11
N ARG U 58 -19.92 -34.72 -15.39
CA ARG U 58 -18.66 -34.13 -15.80
C ARG U 58 -18.56 -32.68 -15.32
N ASN U 59 -19.64 -31.92 -15.44
CA ASN U 59 -19.58 -30.55 -14.98
C ASN U 59 -19.61 -30.49 -13.46
N ALA U 60 -20.13 -31.53 -12.81
CA ALA U 60 -20.06 -31.59 -11.34
C ALA U 60 -18.62 -31.71 -10.90
N GLN U 61 -17.84 -32.54 -11.60
CA GLN U 61 -16.42 -32.64 -11.26
C GLN U 61 -15.66 -31.38 -11.60
N SER U 62 -16.09 -30.71 -12.68
CA SER U 62 -15.43 -29.47 -13.08
C SER U 62 -15.74 -28.36 -12.10
N ASN U 63 -16.97 -28.31 -11.60
CA ASN U 63 -17.36 -27.27 -10.67
C ASN U 63 -16.78 -27.52 -9.30
N THR U 64 -16.49 -28.78 -8.97
CA THR U 64 -16.03 -29.07 -7.61
C THR U 64 -14.53 -28.88 -7.47
N VAL U 65 -13.74 -29.07 -8.53
CA VAL U 65 -12.30 -28.78 -8.36
C VAL U 65 -12.05 -27.27 -8.32
N LYS U 66 -12.93 -26.48 -8.94
CA LYS U 66 -12.72 -25.03 -9.07
C LYS U 66 -12.79 -24.29 -7.74
N VAL U 67 -13.73 -24.65 -6.88
CA VAL U 67 -13.82 -24.01 -5.57
C VAL U 67 -12.59 -24.35 -4.74
N PHE U 68 -12.10 -25.57 -4.87
CA PHE U 68 -10.90 -25.95 -4.12
C PHE U 68 -9.66 -25.24 -4.65
N LYS U 69 -9.66 -24.83 -5.91
CA LYS U 69 -8.59 -23.95 -6.36
C LYS U 69 -8.77 -22.50 -5.90
N ASP U 70 -9.99 -21.95 -5.99
CA ASP U 70 -10.17 -20.51 -5.74
C ASP U 70 -9.98 -20.19 -4.26
N ILE U 71 -10.48 -21.07 -3.38
CA ILE U 71 -10.29 -20.83 -1.95
C ILE U 71 -8.84 -21.07 -1.56
N ASP U 72 -8.10 -21.86 -2.34
CA ASP U 72 -6.69 -22.02 -2.03
C ASP U 72 -5.94 -20.79 -2.51
N ALA U 73 -6.43 -20.13 -3.56
CA ALA U 73 -5.84 -18.88 -4.01
C ALA U 73 -6.21 -17.70 -3.12
N ALA U 74 -7.30 -17.83 -2.36
CA ALA U 74 -7.74 -16.72 -1.55
C ALA U 74 -6.87 -16.55 -0.31
N ILE U 75 -6.26 -17.64 0.18
CA ILE U 75 -5.42 -17.55 1.36
C ILE U 75 -4.13 -16.80 1.04
N ILE U 76 -3.49 -17.13 -0.08
CA ILE U 76 -2.30 -16.38 -0.49
C ILE U 76 -2.66 -14.97 -0.94
N GLN U 77 -3.91 -14.78 -1.43
CA GLN U 77 -4.35 -13.40 -1.71
C GLN U 77 -4.53 -12.61 -0.42
N ASN U 78 -4.86 -13.30 0.68
CA ASN U 78 -5.07 -12.60 1.94
C ASN U 78 -3.74 -12.29 2.60
N PHE U 79 -2.82 -13.23 2.51
CA PHE U 79 -1.58 -13.14 3.26
C PHE U 79 -0.49 -12.42 2.50
N ARG U 80 -0.69 -12.12 1.21
CA ARG U 80 0.36 -11.46 0.45
C ARG U 80 0.46 -10.02 0.90
N ASN V 22 -41.73 -32.24 1.71
CA ASN V 22 -42.30 -33.56 1.52
C ASN V 22 -43.02 -33.66 0.18
N LEU V 23 -42.72 -32.69 -0.69
CA LEU V 23 -43.35 -32.63 -2.00
C LEU V 23 -42.95 -33.81 -2.87
N GLN V 24 -41.70 -34.28 -2.71
CA GLN V 24 -41.18 -35.38 -3.52
C GLN V 24 -41.90 -36.68 -3.28
N THR V 25 -42.59 -36.84 -2.14
CA THR V 25 -43.39 -38.03 -1.89
C THR V 25 -44.56 -38.08 -2.86
N GLN V 26 -45.38 -37.03 -2.87
CA GLN V 26 -46.49 -37.02 -3.80
C GLN V 26 -46.05 -36.75 -5.24
N VAL V 27 -44.77 -36.41 -5.47
CA VAL V 27 -44.24 -36.56 -6.82
C VAL V 27 -44.08 -38.05 -7.13
N THR V 28 -43.50 -38.80 -6.19
CA THR V 28 -43.12 -40.17 -6.47
C THR V 28 -44.31 -41.12 -6.34
N GLU V 29 -45.50 -40.60 -6.06
CA GLU V 29 -46.66 -41.45 -5.92
C GLU V 29 -47.62 -41.37 -7.11
N ALA V 30 -47.45 -40.39 -8.00
CA ALA V 30 -48.36 -40.23 -9.14
C ALA V 30 -47.81 -40.77 -10.45
N LEU V 31 -46.51 -41.04 -10.56
CA LEU V 31 -45.94 -41.54 -11.80
C LEU V 31 -46.28 -43.02 -12.06
N ASP V 32 -46.51 -43.81 -11.02
CA ASP V 32 -46.69 -45.25 -11.23
C ASP V 32 -48.07 -45.60 -11.78
N LYS V 33 -49.09 -44.84 -11.41
CA LYS V 33 -50.42 -45.07 -11.97
C LYS V 33 -50.50 -44.61 -13.43
N LEU V 34 -49.72 -43.59 -13.81
CA LEU V 34 -49.56 -43.27 -15.22
C LEU V 34 -48.69 -44.29 -15.93
N ALA V 35 -47.80 -44.96 -15.20
CA ALA V 35 -47.03 -46.05 -15.78
C ALA V 35 -47.94 -47.23 -16.10
N ALA V 36 -48.88 -47.53 -15.21
CA ALA V 36 -49.81 -48.63 -15.48
C ALA V 36 -50.82 -48.26 -16.56
N LYS V 37 -51.14 -46.98 -16.71
CA LYS V 37 -52.09 -46.50 -17.72
C LYS V 37 -51.61 -45.22 -18.38
N PRO V 38 -50.74 -45.34 -19.39
CA PRO V 38 -50.30 -44.14 -20.11
C PRO V 38 -51.26 -43.75 -21.23
N SER V 39 -52.56 -43.76 -20.93
CA SER V 39 -53.57 -43.23 -21.82
C SER V 39 -54.70 -42.54 -21.09
N ASP V 40 -54.66 -42.45 -19.76
CA ASP V 40 -55.68 -41.72 -19.03
C ASP V 40 -55.44 -40.23 -19.23
N PRO V 41 -56.39 -39.46 -19.75
CA PRO V 41 -56.14 -38.04 -20.00
C PRO V 41 -56.11 -37.16 -18.75
N ALA V 42 -56.84 -37.53 -17.69
CA ALA V 42 -56.86 -36.71 -16.48
C ALA V 42 -55.57 -36.84 -15.69
N LEU V 43 -54.94 -38.01 -15.79
CA LEU V 43 -53.79 -38.29 -14.95
C LEU V 43 -52.57 -37.54 -15.43
N LEU V 44 -52.36 -37.46 -16.75
CA LEU V 44 -51.16 -36.74 -17.19
C LEU V 44 -51.31 -35.25 -16.96
N ALA V 45 -52.55 -34.75 -16.92
CA ALA V 45 -52.80 -33.36 -16.53
C ALA V 45 -52.44 -33.11 -15.07
N ALA V 46 -52.82 -34.04 -14.18
CA ALA V 46 -52.42 -33.90 -12.78
C ALA V 46 -50.94 -34.20 -12.56
N TYR V 47 -50.36 -35.06 -13.38
CA TYR V 47 -48.94 -35.40 -13.24
C TYR V 47 -48.06 -34.27 -13.70
N GLN V 48 -48.41 -33.66 -14.83
CA GLN V 48 -47.72 -32.46 -15.29
C GLN V 48 -47.90 -31.30 -14.32
N SER V 49 -49.09 -31.18 -13.71
CA SER V 49 -49.33 -30.19 -12.66
C SER V 49 -48.52 -30.47 -11.41
N LYS V 50 -48.17 -31.72 -11.15
CA LYS V 50 -47.23 -32.01 -10.06
C LYS V 50 -45.79 -31.69 -10.47
N LEU V 51 -45.35 -32.21 -11.62
CA LEU V 51 -43.93 -32.23 -11.93
C LEU V 51 -43.44 -30.84 -12.31
N SER V 52 -44.27 -30.04 -12.99
CA SER V 52 -43.88 -28.66 -13.24
C SER V 52 -43.87 -27.85 -11.95
N GLU V 53 -44.68 -28.25 -10.97
CA GLU V 53 -44.69 -27.52 -9.71
C GLU V 53 -43.47 -27.87 -8.89
N TYR V 54 -42.98 -29.10 -9.01
CA TYR V 54 -41.72 -29.45 -8.39
C TYR V 54 -40.55 -28.79 -9.10
N ASN V 55 -40.73 -28.50 -10.41
CA ASN V 55 -39.72 -27.72 -11.12
C ASN V 55 -39.68 -26.31 -10.57
N LEU V 56 -40.85 -25.73 -10.29
CA LEU V 56 -40.85 -24.39 -9.70
C LEU V 56 -40.34 -24.38 -8.26
N TYR V 57 -40.40 -25.50 -7.56
CA TYR V 57 -39.95 -25.47 -6.18
C TYR V 57 -38.44 -25.63 -6.08
N ARG V 58 -37.87 -26.46 -6.96
CA ARG V 58 -36.47 -26.87 -6.80
C ARG V 58 -35.53 -25.73 -7.17
N ASN V 59 -35.83 -25.02 -8.26
CA ASN V 59 -34.95 -23.93 -8.62
C ASN V 59 -35.14 -22.76 -7.68
N ALA V 60 -36.31 -22.68 -7.04
CA ALA V 60 -36.52 -21.68 -6.01
C ALA V 60 -35.60 -21.91 -4.81
N GLN V 61 -35.45 -23.17 -4.40
CA GLN V 61 -34.53 -23.42 -3.29
C GLN V 61 -33.07 -23.21 -3.68
N SER V 62 -32.72 -23.52 -4.93
CA SER V 62 -31.34 -23.33 -5.35
C SER V 62 -31.02 -21.84 -5.50
N ASN V 63 -31.99 -21.07 -5.99
CA ASN V 63 -31.75 -19.67 -6.21
C ASN V 63 -31.76 -18.91 -4.91
N THR V 64 -32.44 -19.45 -3.89
CA THR V 64 -32.55 -18.72 -2.64
C THR V 64 -31.36 -18.99 -1.73
N VAL V 65 -30.73 -20.16 -1.83
CA VAL V 65 -29.53 -20.36 -1.02
C VAL V 65 -28.36 -19.54 -1.59
N LYS V 66 -28.37 -19.25 -2.90
CA LYS V 66 -27.22 -18.59 -3.55
C LYS V 66 -27.03 -17.15 -3.08
N VAL V 67 -28.12 -16.40 -2.92
CA VAL V 67 -27.99 -15.02 -2.43
C VAL V 67 -27.51 -15.00 -0.99
N PHE V 68 -27.94 -15.98 -0.19
CA PHE V 68 -27.51 -16.07 1.19
C PHE V 68 -26.04 -16.47 1.27
N LYS V 69 -25.52 -17.13 0.23
CA LYS V 69 -24.08 -17.29 0.17
C LYS V 69 -23.38 -16.00 -0.26
N ASP V 70 -23.95 -15.30 -1.25
CA ASP V 70 -23.26 -14.16 -1.86
C ASP V 70 -23.15 -12.98 -0.89
N ILE V 71 -24.22 -12.68 -0.15
CA ILE V 71 -24.14 -11.57 0.80
C ILE V 71 -23.29 -11.95 2.00
N ASP V 72 -23.16 -13.24 2.31
CA ASP V 72 -22.28 -13.60 3.39
C ASP V 72 -20.83 -13.56 2.96
N ALA V 73 -20.56 -13.85 1.68
CA ALA V 73 -19.20 -13.73 1.14
C ALA V 73 -18.79 -12.29 0.86
N ALA V 74 -19.76 -11.39 0.69
CA ALA V 74 -19.43 -10.03 0.33
C ALA V 74 -18.88 -9.24 1.51
N ILE V 75 -19.28 -9.61 2.73
CA ILE V 75 -18.83 -8.87 3.90
C ILE V 75 -17.35 -9.13 4.14
N ILE V 76 -16.94 -10.40 4.07
CA ILE V 76 -15.53 -10.74 4.18
C ILE V 76 -14.75 -10.28 2.96
N GLN V 77 -15.43 -10.16 1.80
CA GLN V 77 -14.80 -9.53 0.66
C GLN V 77 -14.56 -8.05 0.90
N ASN V 78 -15.41 -7.43 1.71
CA ASN V 78 -15.24 -6.01 1.99
C ASN V 78 -14.19 -5.79 3.05
N PHE V 79 -14.16 -6.64 4.06
CA PHE V 79 -13.33 -6.44 5.23
C PHE V 79 -11.95 -7.05 5.11
N ARG V 80 -11.69 -7.82 4.06
CA ARG V 80 -10.38 -8.44 3.95
C ARG V 80 -9.32 -7.41 3.59
N TYR W 8 -39.51 3.20 -3.04
CA TYR W 8 -39.56 3.44 -4.47
C TYR W 8 -39.86 2.14 -5.21
N LEU W 9 -39.27 1.05 -4.68
CA LEU W 9 -39.34 -0.21 -5.37
C LEU W 9 -40.71 -0.86 -5.21
N ASP W 10 -41.49 -0.47 -4.20
CA ASP W 10 -42.88 -0.87 -4.16
C ASP W 10 -43.69 -0.10 -5.18
N ASP W 11 -43.29 1.14 -5.47
CA ASP W 11 -44.10 1.99 -6.33
C ASP W 11 -43.92 1.64 -7.81
N VAL W 12 -42.73 1.18 -8.19
CA VAL W 12 -42.56 0.74 -9.57
C VAL W 12 -43.24 -0.60 -9.81
N SER W 13 -43.50 -1.35 -8.73
CA SER W 13 -44.31 -2.55 -8.83
C SER W 13 -45.80 -2.23 -8.84
N ALA W 14 -46.22 -1.33 -7.96
CA ALA W 14 -47.62 -0.94 -7.79
C ALA W 14 -48.17 -0.10 -8.92
N LYS W 15 -47.32 0.45 -9.78
CA LYS W 15 -47.85 1.18 -10.93
C LYS W 15 -48.50 0.27 -11.95
N PHE W 16 -48.20 -1.03 -11.91
CA PHE W 16 -48.85 -1.98 -12.79
C PHE W 16 -50.12 -2.55 -12.17
N ASP W 17 -50.22 -2.55 -10.84
CA ASP W 17 -51.45 -2.95 -10.16
C ASP W 17 -52.45 -1.82 -10.11
N THR W 18 -51.98 -0.59 -10.22
CA THR W 18 -52.87 0.56 -10.29
C THR W 18 -53.25 0.88 -11.73
N GLY W 19 -52.33 0.64 -12.68
CA GLY W 19 -52.59 1.02 -14.07
C GLY W 19 -53.67 0.19 -14.75
N VAL W 20 -53.86 -1.05 -14.30
CA VAL W 20 -55.03 -1.84 -14.70
C VAL W 20 -55.94 -1.97 -13.50
N ASP W 21 -57.25 -2.04 -13.74
CA ASP W 21 -58.20 -2.01 -12.63
C ASP W 21 -58.32 -3.35 -11.91
N ASN W 22 -58.86 -4.38 -12.58
CA ASN W 22 -59.12 -5.67 -11.93
C ASN W 22 -58.84 -6.84 -12.87
N LEU W 23 -57.70 -6.81 -13.58
CA LEU W 23 -57.41 -7.85 -14.58
C LEU W 23 -57.20 -9.22 -13.93
N GLN W 24 -56.66 -9.23 -12.71
CA GLN W 24 -56.42 -10.47 -11.99
C GLN W 24 -57.72 -11.17 -11.63
N THR W 25 -58.79 -10.42 -11.49
CA THR W 25 -60.09 -11.02 -11.24
C THR W 25 -60.79 -11.29 -12.57
N GLN W 26 -60.49 -10.48 -13.60
CA GLN W 26 -61.10 -10.68 -14.91
C GLN W 26 -60.67 -12.00 -15.53
N VAL W 27 -59.45 -12.46 -15.20
CA VAL W 27 -59.03 -13.76 -15.71
C VAL W 27 -59.69 -14.88 -14.93
N THR W 28 -60.02 -14.64 -13.66
CA THR W 28 -60.60 -15.69 -12.84
C THR W 28 -62.06 -15.90 -13.21
N GLU W 29 -62.82 -14.81 -13.40
CA GLU W 29 -64.19 -14.98 -13.87
C GLU W 29 -64.25 -15.49 -15.30
N ALA W 30 -63.20 -15.21 -16.09
CA ALA W 30 -63.15 -15.78 -17.44
C ALA W 30 -62.98 -17.29 -17.37
N LEU W 31 -62.02 -17.77 -16.58
CA LEU W 31 -61.84 -19.22 -16.51
C LEU W 31 -62.95 -19.89 -15.70
N ASP W 32 -63.71 -19.13 -14.91
CA ASP W 32 -64.95 -19.64 -14.33
C ASP W 32 -65.98 -19.92 -15.40
N LYS W 33 -66.03 -19.07 -16.43
CA LYS W 33 -66.91 -19.37 -17.55
C LYS W 33 -66.35 -20.48 -18.44
N LEU W 34 -65.01 -20.60 -18.48
CA LEU W 34 -64.39 -21.65 -19.28
C LEU W 34 -64.65 -23.01 -18.66
N ALA W 35 -64.53 -23.11 -17.33
CA ALA W 35 -64.88 -24.36 -16.67
C ALA W 35 -66.39 -24.55 -16.59
N ALA W 36 -67.18 -23.50 -16.87
CA ALA W 36 -68.61 -23.67 -16.88
C ALA W 36 -69.07 -24.37 -18.16
N LYS W 37 -68.66 -23.83 -19.31
CA LYS W 37 -69.10 -24.36 -20.61
C LYS W 37 -67.94 -24.41 -21.59
N PRO W 38 -67.10 -25.47 -21.53
CA PRO W 38 -65.88 -25.55 -22.35
C PRO W 38 -66.10 -25.98 -23.79
N SER W 39 -67.04 -25.32 -24.49
CA SER W 39 -67.33 -25.72 -25.87
C SER W 39 -67.66 -24.56 -26.80
N ASP W 40 -67.36 -23.32 -26.43
CA ASP W 40 -67.76 -22.18 -27.25
C ASP W 40 -66.55 -21.54 -27.94
N PRO W 41 -66.63 -21.27 -29.25
CA PRO W 41 -65.48 -20.66 -29.95
C PRO W 41 -65.21 -19.23 -29.53
N ALA W 42 -66.25 -18.45 -29.23
CA ALA W 42 -66.03 -17.10 -28.73
C ALA W 42 -65.48 -17.12 -27.32
N LEU W 43 -65.63 -18.25 -26.63
CA LEU W 43 -65.09 -18.37 -25.28
C LEU W 43 -63.65 -18.83 -25.31
N LEU W 44 -63.27 -19.62 -26.33
CA LEU W 44 -61.86 -19.97 -26.47
C LEU W 44 -61.09 -18.75 -26.95
N ALA W 45 -61.67 -17.97 -27.85
CA ALA W 45 -60.96 -16.82 -28.39
C ALA W 45 -60.86 -15.71 -27.36
N ALA W 46 -61.91 -15.52 -26.54
CA ALA W 46 -61.85 -14.54 -25.47
C ALA W 46 -60.89 -14.98 -24.37
N TYR W 47 -60.78 -16.29 -24.13
CA TYR W 47 -59.82 -16.74 -23.13
C TYR W 47 -58.39 -16.60 -23.62
N GLN W 48 -58.14 -16.90 -24.89
CA GLN W 48 -56.78 -16.75 -25.40
C GLN W 48 -56.38 -15.27 -25.53
N SER W 49 -57.36 -14.38 -25.75
CA SER W 49 -57.11 -12.95 -25.70
C SER W 49 -56.96 -12.40 -24.29
N LYS W 50 -57.47 -13.08 -23.28
CA LYS W 50 -57.33 -12.55 -21.93
C LYS W 50 -56.17 -13.21 -21.19
N LEU W 51 -55.88 -14.47 -21.52
CA LEU W 51 -54.76 -15.20 -20.95
C LEU W 51 -53.43 -14.72 -21.51
N SER W 52 -53.35 -14.41 -22.81
CA SER W 52 -52.05 -13.99 -23.33
C SER W 52 -51.65 -12.58 -22.90
N GLU W 53 -52.58 -11.76 -22.41
CA GLU W 53 -52.21 -10.47 -21.88
C GLU W 53 -51.55 -10.57 -20.50
N TYR W 54 -51.77 -11.69 -19.80
CA TYR W 54 -51.26 -11.80 -18.44
C TYR W 54 -49.78 -12.11 -18.42
N ASN W 55 -49.31 -12.93 -19.36
CA ASN W 55 -47.89 -13.26 -19.33
C ASN W 55 -47.03 -12.08 -19.78
N LEU W 56 -47.60 -11.22 -20.64
CA LEU W 56 -46.94 -9.95 -20.94
C LEU W 56 -46.97 -9.03 -19.75
N TYR W 57 -48.02 -9.15 -18.93
CA TYR W 57 -48.18 -8.21 -17.82
C TYR W 57 -47.20 -8.57 -16.72
N ARG W 58 -47.15 -9.84 -16.32
CA ARG W 58 -46.28 -10.19 -15.22
C ARG W 58 -44.82 -10.26 -15.64
N ASN W 59 -44.50 -10.62 -16.90
CA ASN W 59 -43.10 -10.56 -17.29
C ASN W 59 -42.63 -9.14 -17.57
N ALA W 60 -43.54 -8.19 -17.85
CA ALA W 60 -43.18 -6.78 -17.84
C ALA W 60 -43.32 -6.16 -16.48
N GLN W 61 -43.71 -6.96 -15.50
CA GLN W 61 -43.65 -6.53 -14.12
C GLN W 61 -42.33 -6.96 -13.52
N SER W 62 -41.89 -8.20 -13.82
CA SER W 62 -40.69 -8.73 -13.20
C SER W 62 -39.42 -8.33 -13.94
N ASN W 63 -39.51 -7.91 -15.20
CA ASN W 63 -38.27 -7.57 -15.87
C ASN W 63 -37.85 -6.14 -15.61
N THR W 64 -38.81 -5.24 -15.35
CA THR W 64 -38.44 -3.87 -15.06
C THR W 64 -37.87 -3.73 -13.66
N VAL W 65 -38.37 -4.53 -12.71
CA VAL W 65 -37.75 -4.55 -11.40
C VAL W 65 -36.41 -5.30 -11.45
N LYS W 66 -36.24 -6.22 -12.41
CA LYS W 66 -34.96 -6.91 -12.51
C LYS W 66 -33.87 -5.97 -13.02
N VAL W 67 -34.21 -5.17 -14.03
CA VAL W 67 -33.26 -4.19 -14.53
C VAL W 67 -33.08 -3.01 -13.55
N PHE W 68 -34.06 -2.75 -12.69
CA PHE W 68 -33.83 -1.68 -11.70
C PHE W 68 -33.03 -2.19 -10.50
N LYS W 69 -33.02 -3.51 -10.30
CA LYS W 69 -32.25 -4.12 -9.22
C LYS W 69 -30.76 -3.97 -9.47
N ASP W 70 -30.29 -4.31 -10.67
CA ASP W 70 -28.86 -4.20 -10.94
C ASP W 70 -28.43 -2.75 -11.08
N ILE W 71 -29.36 -1.84 -11.37
CA ILE W 71 -29.03 -0.43 -11.46
C ILE W 71 -28.72 0.10 -10.06
N ASP W 72 -29.54 -0.28 -9.09
CA ASP W 72 -29.19 0.03 -7.70
C ASP W 72 -27.97 -0.77 -7.22
N ALA W 73 -27.74 -1.96 -7.80
CA ALA W 73 -26.53 -2.69 -7.41
C ALA W 73 -25.27 -2.05 -8.00
N ALA W 74 -25.41 -1.33 -9.11
CA ALA W 74 -24.29 -0.57 -9.64
C ALA W 74 -24.07 0.69 -8.81
N ILE W 75 -25.15 1.22 -8.24
CA ILE W 75 -25.01 2.42 -7.41
C ILE W 75 -24.30 2.10 -6.10
N ILE W 76 -24.65 0.96 -5.48
CA ILE W 76 -24.16 0.70 -4.13
C ILE W 76 -22.70 0.24 -4.13
N GLN W 77 -22.26 -0.48 -5.16
CA GLN W 77 -20.91 -1.01 -5.19
C GLN W 77 -19.87 0.06 -5.51
N ASN W 78 -20.27 1.18 -6.11
CA ASN W 78 -19.36 2.28 -6.38
C ASN W 78 -19.20 3.21 -5.19
N PHE W 79 -19.74 2.85 -4.03
CA PHE W 79 -19.36 3.53 -2.80
C PHE W 79 -17.90 3.25 -2.48
N ARG W 80 -17.48 2.00 -2.64
CA ARG W 80 -16.12 1.59 -2.35
C ARG W 80 -15.40 1.13 -3.60
N THR X 3 -36.90 20.44 -25.13
CA THR X 3 -37.25 19.74 -26.36
C THR X 3 -37.52 18.26 -26.10
N PRO X 4 -38.44 17.66 -26.87
CA PRO X 4 -38.56 16.20 -26.83
C PRO X 4 -37.32 15.62 -27.49
N TRP X 5 -36.43 15.11 -26.66
CA TRP X 5 -35.07 14.82 -27.06
C TRP X 5 -34.95 13.43 -27.67
N SER X 6 -34.03 13.28 -28.62
CA SER X 6 -33.73 12.01 -29.26
C SER X 6 -32.27 11.62 -29.03
N GLY X 7 -32.04 10.33 -28.85
CA GLY X 7 -30.72 9.74 -28.72
C GLY X 7 -30.34 8.91 -29.94
N TYR X 8 -29.14 8.32 -29.87
CA TYR X 8 -28.69 7.45 -30.95
C TYR X 8 -29.47 6.14 -31.02
N LEU X 9 -29.98 5.67 -29.89
CA LEU X 9 -30.82 4.48 -29.98
C LEU X 9 -32.21 4.85 -30.49
N ASP X 10 -32.66 6.08 -30.20
CA ASP X 10 -33.88 6.54 -30.84
C ASP X 10 -33.62 6.88 -32.30
N ASP X 11 -32.35 7.12 -32.66
CA ASP X 11 -31.98 7.34 -34.05
C ASP X 11 -32.20 6.06 -34.82
N VAL X 12 -31.66 4.94 -34.30
CA VAL X 12 -31.71 3.73 -35.12
C VAL X 12 -33.14 3.15 -35.12
N SER X 13 -33.89 3.33 -34.02
CA SER X 13 -35.26 2.81 -34.01
C SER X 13 -36.17 3.65 -34.91
N ALA X 14 -36.07 4.98 -34.83
CA ALA X 14 -36.85 5.76 -35.78
C ALA X 14 -36.25 5.75 -37.17
N LYS X 15 -35.00 5.33 -37.34
CA LYS X 15 -34.47 5.08 -38.67
C LYS X 15 -35.20 3.90 -39.31
N PHE X 16 -35.55 2.90 -38.51
CA PHE X 16 -36.45 1.87 -39.00
C PHE X 16 -37.84 2.41 -39.26
N ASP X 17 -38.26 3.39 -38.44
CA ASP X 17 -39.62 3.90 -38.61
C ASP X 17 -39.74 4.92 -39.74
N THR X 18 -38.63 5.47 -40.23
CA THR X 18 -38.68 6.31 -41.42
C THR X 18 -38.29 5.55 -42.67
N GLY X 19 -37.61 4.40 -42.51
CA GLY X 19 -37.37 3.55 -43.66
C GLY X 19 -38.67 2.91 -44.11
N VAL X 20 -39.43 2.36 -43.15
CA VAL X 20 -40.81 2.03 -43.45
C VAL X 20 -41.63 3.33 -43.51
N ASP X 21 -42.73 3.30 -44.28
CA ASP X 21 -43.65 4.44 -44.32
C ASP X 21 -45.00 4.22 -43.66
N ASN X 22 -45.77 3.18 -44.05
CA ASN X 22 -47.13 3.05 -43.53
C ASN X 22 -47.50 1.69 -42.94
N LEU X 23 -46.54 0.89 -42.47
CA LEU X 23 -46.86 -0.44 -41.94
C LEU X 23 -47.66 -0.43 -40.64
N GLN X 24 -47.60 0.64 -39.85
CA GLN X 24 -48.47 0.73 -38.66
C GLN X 24 -49.95 0.91 -38.97
N THR X 25 -50.32 1.31 -40.19
CA THR X 25 -51.73 1.46 -40.53
C THR X 25 -52.15 0.58 -41.70
N GLN X 26 -51.22 0.14 -42.54
CA GLN X 26 -51.59 -0.72 -43.65
C GLN X 26 -51.93 -2.12 -43.18
N VAL X 27 -51.41 -2.56 -42.02
CA VAL X 27 -51.88 -3.83 -41.51
C VAL X 27 -53.24 -3.67 -40.85
N THR X 28 -53.64 -2.42 -40.56
CA THR X 28 -54.97 -2.20 -40.03
C THR X 28 -55.97 -2.17 -41.17
N GLU X 29 -55.52 -1.73 -42.35
CA GLU X 29 -56.44 -1.71 -43.49
C GLU X 29 -56.66 -3.11 -44.05
N ALA X 30 -55.64 -3.96 -44.03
CA ALA X 30 -55.83 -5.37 -44.37
C ALA X 30 -56.53 -6.14 -43.26
N LEU X 31 -56.48 -5.64 -42.02
CA LEU X 31 -57.33 -6.17 -40.97
C LEU X 31 -58.78 -5.70 -41.10
N ASP X 32 -58.99 -4.54 -41.70
CA ASP X 32 -60.33 -4.12 -42.08
C ASP X 32 -60.85 -5.01 -43.20
N LYS X 33 -59.97 -5.36 -44.14
CA LYS X 33 -60.41 -6.05 -45.35
C LYS X 33 -60.72 -7.51 -45.07
N LEU X 34 -59.77 -8.26 -44.49
CA LEU X 34 -59.93 -9.71 -44.33
C LEU X 34 -61.00 -10.06 -43.30
N ALA X 35 -61.13 -9.26 -42.23
CA ALA X 35 -62.11 -9.57 -41.19
C ALA X 35 -63.54 -9.25 -41.59
N ALA X 36 -63.77 -8.56 -42.71
CA ALA X 36 -65.13 -8.32 -43.16
C ALA X 36 -65.77 -9.61 -43.67
N LYS X 37 -65.14 -10.27 -44.64
CA LYS X 37 -65.55 -11.59 -45.10
C LYS X 37 -64.37 -12.54 -44.98
N PRO X 38 -64.35 -13.41 -43.97
CA PRO X 38 -63.15 -14.19 -43.64
C PRO X 38 -63.03 -15.51 -44.37
N SER X 39 -63.25 -15.49 -45.69
CA SER X 39 -63.08 -16.69 -46.50
C SER X 39 -62.44 -16.41 -47.85
N ASP X 40 -62.07 -15.17 -48.13
CA ASP X 40 -61.62 -14.81 -49.47
C ASP X 40 -60.14 -15.10 -49.63
N PRO X 41 -59.76 -15.83 -50.68
CA PRO X 41 -58.34 -16.21 -50.85
C PRO X 41 -57.43 -15.05 -51.22
N ALA X 42 -57.94 -14.01 -51.89
CA ALA X 42 -57.16 -12.81 -52.13
C ALA X 42 -57.09 -11.88 -50.93
N LEU X 43 -57.77 -12.21 -49.83
CA LEU X 43 -57.71 -11.41 -48.60
C LEU X 43 -56.97 -12.11 -47.48
N LEU X 44 -57.02 -13.44 -47.46
CA LEU X 44 -56.28 -14.23 -46.49
C LEU X 44 -54.79 -14.06 -46.69
N ALA X 45 -54.34 -14.16 -47.94
CA ALA X 45 -52.94 -13.93 -48.21
C ALA X 45 -52.58 -12.46 -48.18
N ALA X 46 -53.58 -11.57 -48.24
CA ALA X 46 -53.31 -10.13 -48.19
C ALA X 46 -52.86 -9.75 -46.79
N TYR X 47 -53.66 -10.13 -45.80
CA TYR X 47 -53.23 -9.78 -44.45
C TYR X 47 -52.10 -10.71 -44.00
N GLN X 48 -52.06 -11.95 -44.51
CA GLN X 48 -50.95 -12.82 -44.14
C GLN X 48 -49.62 -12.36 -44.76
N SER X 49 -49.67 -11.59 -45.84
CA SER X 49 -48.49 -10.87 -46.34
C SER X 49 -48.23 -9.57 -45.59
N LYS X 50 -49.20 -9.08 -44.81
CA LYS X 50 -48.93 -7.84 -44.07
C LYS X 50 -48.34 -8.15 -42.68
N LEU X 51 -48.81 -9.24 -42.07
CA LEU X 51 -48.34 -9.61 -40.74
C LEU X 51 -46.92 -10.14 -40.79
N SER X 52 -46.54 -10.80 -41.89
CA SER X 52 -45.20 -11.37 -41.98
C SER X 52 -44.14 -10.30 -41.98
N GLU X 53 -44.32 -9.26 -42.81
CA GLU X 53 -43.39 -8.14 -42.75
C GLU X 53 -43.54 -7.35 -41.47
N TYR X 54 -44.69 -7.45 -40.78
CA TYR X 54 -44.75 -6.73 -39.51
C TYR X 54 -43.99 -7.49 -38.43
N ASN X 55 -43.91 -8.81 -38.51
CA ASN X 55 -43.21 -9.52 -37.46
C ASN X 55 -41.70 -9.46 -37.69
N LEU X 56 -41.28 -9.47 -38.96
CA LEU X 56 -39.86 -9.37 -39.25
C LEU X 56 -39.36 -7.97 -38.91
N TYR X 57 -40.17 -6.95 -39.19
CA TYR X 57 -39.70 -5.60 -38.96
C TYR X 57 -39.68 -5.30 -37.47
N ARG X 58 -40.59 -5.89 -36.70
CA ARG X 58 -40.61 -5.56 -35.29
C ARG X 58 -39.55 -6.34 -34.52
N ASN X 59 -39.14 -7.52 -35.00
CA ASN X 59 -38.01 -8.16 -34.33
C ASN X 59 -36.69 -7.53 -34.76
N ALA X 60 -36.64 -6.96 -35.98
CA ALA X 60 -35.44 -6.29 -36.45
C ALA X 60 -35.22 -4.99 -35.72
N GLN X 61 -36.29 -4.29 -35.36
CA GLN X 61 -36.15 -3.08 -34.56
C GLN X 61 -35.86 -3.38 -33.10
N SER X 62 -35.87 -4.65 -32.68
CA SER X 62 -35.70 -5.04 -31.29
C SER X 62 -34.32 -5.60 -31.00
N ASN X 63 -33.78 -6.46 -31.86
CA ASN X 63 -32.52 -7.10 -31.49
C ASN X 63 -31.34 -6.21 -31.86
N THR X 64 -31.59 -5.23 -32.74
CA THR X 64 -30.63 -4.17 -32.99
C THR X 64 -30.40 -3.34 -31.74
N VAL X 65 -31.45 -3.12 -30.95
CA VAL X 65 -31.33 -2.36 -29.71
C VAL X 65 -30.37 -3.03 -28.74
N LYS X 66 -30.47 -4.35 -28.59
CA LYS X 66 -29.57 -5.06 -27.68
C LYS X 66 -28.11 -5.09 -28.15
N VAL X 67 -27.88 -5.27 -29.46
CA VAL X 67 -26.49 -5.12 -29.94
C VAL X 67 -25.97 -3.69 -29.81
N PHE X 68 -26.83 -2.68 -29.93
CA PHE X 68 -26.34 -1.33 -29.69
C PHE X 68 -26.38 -0.95 -28.23
N LYS X 69 -26.87 -1.84 -27.37
CA LYS X 69 -26.81 -1.60 -25.93
C LYS X 69 -25.50 -2.14 -25.36
N ASP X 70 -25.23 -3.42 -25.58
CA ASP X 70 -24.15 -4.10 -24.84
C ASP X 70 -22.75 -3.57 -25.16
N ILE X 71 -22.52 -2.97 -26.32
CA ILE X 71 -21.23 -2.33 -26.58
C ILE X 71 -21.07 -1.09 -25.69
N ASP X 72 -22.14 -0.33 -25.52
CA ASP X 72 -22.08 0.82 -24.64
C ASP X 72 -22.09 0.39 -23.19
N ALA X 73 -22.55 -0.82 -22.90
CA ALA X 73 -22.33 -1.38 -21.58
C ALA X 73 -20.86 -1.71 -21.38
N ALA X 74 -20.19 -2.20 -22.43
CA ALA X 74 -18.81 -2.63 -22.29
C ALA X 74 -17.86 -1.44 -22.13
N ILE X 75 -18.24 -0.29 -22.68
CA ILE X 75 -17.42 0.92 -22.49
C ILE X 75 -17.51 1.39 -21.04
N ILE X 76 -18.73 1.48 -20.51
CA ILE X 76 -18.89 2.02 -19.17
C ILE X 76 -18.37 1.01 -18.15
N GLN X 77 -18.43 -0.29 -18.47
CA GLN X 77 -17.72 -1.25 -17.65
C GLN X 77 -16.21 -1.06 -17.75
N ASN X 78 -15.72 -0.55 -18.89
CA ASN X 78 -14.31 -0.24 -19.02
C ASN X 78 -13.97 1.18 -18.62
N PHE X 79 -14.86 1.84 -17.88
CA PHE X 79 -14.55 3.19 -17.39
C PHE X 79 -13.62 3.14 -16.19
N ARG X 80 -13.78 2.17 -15.30
CA ARG X 80 -12.88 2.06 -14.15
C ARG X 80 -12.16 0.72 -14.15
N THR Y 3 -10.69 2.66 -49.24
CA THR Y 3 -10.74 1.37 -49.92
C THR Y 3 -12.01 0.60 -49.53
N PRO Y 4 -12.58 -0.14 -50.50
CA PRO Y 4 -13.68 -1.05 -50.18
C PRO Y 4 -13.23 -2.23 -49.33
N TRP Y 5 -13.62 -2.24 -48.06
CA TRP Y 5 -13.02 -3.13 -47.08
C TRP Y 5 -13.94 -4.31 -46.78
N SER Y 6 -13.33 -5.48 -46.61
CA SER Y 6 -14.04 -6.71 -46.26
C SER Y 6 -13.24 -7.48 -45.22
N GLY Y 7 -13.90 -7.88 -44.14
CA GLY Y 7 -13.26 -8.66 -43.11
C GLY Y 7 -13.45 -10.15 -43.34
N TYR Y 8 -12.93 -10.94 -42.40
CA TYR Y 8 -12.99 -12.39 -42.55
C TYR Y 8 -14.40 -12.93 -42.34
N LEU Y 9 -15.19 -12.24 -41.51
CA LEU Y 9 -16.60 -12.59 -41.37
C LEU Y 9 -17.34 -12.34 -42.67
N ASP Y 10 -17.00 -11.23 -43.34
CA ASP Y 10 -17.61 -10.94 -44.63
C ASP Y 10 -17.14 -11.95 -45.67
N ASP Y 11 -15.90 -12.45 -45.53
CA ASP Y 11 -15.40 -13.48 -46.44
C ASP Y 11 -16.18 -14.77 -46.29
N VAL Y 12 -16.59 -15.07 -45.06
CA VAL Y 12 -17.41 -16.26 -44.82
C VAL Y 12 -18.79 -16.08 -45.43
N SER Y 13 -19.38 -14.89 -45.25
CA SER Y 13 -20.72 -14.69 -45.79
C SER Y 13 -20.69 -14.60 -47.30
N ALA Y 14 -19.61 -14.05 -47.86
CA ALA Y 14 -19.39 -14.01 -49.30
C ALA Y 14 -19.12 -15.38 -49.89
N LYS Y 15 -18.64 -16.34 -49.08
CA LYS Y 15 -18.42 -17.68 -49.61
C LYS Y 15 -19.74 -18.39 -49.90
N PHE Y 16 -20.81 -18.02 -49.22
CA PHE Y 16 -22.16 -18.49 -49.56
C PHE Y 16 -22.74 -17.79 -50.78
N ASP Y 17 -22.13 -16.69 -51.20
CA ASP Y 17 -22.54 -16.00 -52.42
C ASP Y 17 -21.74 -16.47 -53.64
N THR Y 18 -20.45 -16.74 -53.48
CA THR Y 18 -19.66 -17.23 -54.59
C THR Y 18 -19.66 -18.75 -54.71
N GLY Y 19 -20.03 -19.47 -53.65
CA GLY Y 19 -20.13 -20.91 -53.74
C GLY Y 19 -21.34 -21.34 -54.56
N VAL Y 20 -22.45 -20.64 -54.41
CA VAL Y 20 -23.59 -20.87 -55.29
C VAL Y 20 -23.29 -20.25 -56.65
N ASP Y 21 -23.95 -20.80 -57.67
CA ASP Y 21 -23.81 -20.31 -59.03
C ASP Y 21 -25.02 -19.54 -59.51
N ASN Y 22 -26.21 -20.10 -59.32
CA ASN Y 22 -27.45 -19.42 -59.69
C ASN Y 22 -28.56 -19.65 -58.65
N LEU Y 23 -28.20 -20.06 -57.43
CA LEU Y 23 -29.18 -20.28 -56.37
C LEU Y 23 -29.84 -18.98 -55.92
N GLN Y 24 -29.12 -17.86 -56.01
CA GLN Y 24 -29.72 -16.56 -55.77
C GLN Y 24 -30.69 -16.15 -56.87
N THR Y 25 -30.61 -16.74 -58.05
CA THR Y 25 -31.48 -16.36 -59.15
C THR Y 25 -32.64 -17.34 -59.36
N GLN Y 26 -32.41 -18.62 -59.15
CA GLN Y 26 -33.37 -19.66 -59.54
C GLN Y 26 -34.53 -19.81 -58.55
N VAL Y 27 -34.39 -19.36 -57.31
CA VAL Y 27 -35.56 -19.38 -56.43
C VAL Y 27 -36.57 -18.33 -56.88
N THR Y 28 -36.10 -17.18 -57.37
CA THR Y 28 -37.00 -16.22 -58.01
C THR Y 28 -37.49 -16.76 -59.34
N GLU Y 29 -36.60 -17.35 -60.13
CA GLU Y 29 -36.99 -17.89 -61.42
C GLU Y 29 -37.70 -19.22 -61.26
N LEU Y 51 -37.24 -25.10 -52.22
CA LEU Y 51 -37.35 -23.99 -51.27
C LEU Y 51 -36.70 -24.35 -49.94
N SER Y 52 -36.73 -25.64 -49.58
CA SER Y 52 -35.97 -26.12 -48.43
C SER Y 52 -34.47 -26.02 -48.66
N GLU Y 53 -34.05 -26.03 -49.94
CA GLU Y 53 -32.68 -25.67 -50.30
C GLU Y 53 -32.34 -24.26 -49.86
N TYR Y 54 -33.24 -23.30 -50.10
CA TYR Y 54 -32.98 -21.96 -49.64
C TYR Y 54 -33.26 -21.81 -48.15
N ASN Y 55 -33.92 -22.80 -47.54
CA ASN Y 55 -34.19 -22.75 -46.12
C ASN Y 55 -32.92 -23.08 -45.35
N LEU Y 56 -32.32 -24.22 -45.68
CA LEU Y 56 -31.17 -24.65 -44.89
C LEU Y 56 -29.89 -23.96 -45.34
N TYR Y 57 -29.81 -23.51 -46.60
CA TYR Y 57 -28.61 -22.83 -47.06
C TYR Y 57 -28.47 -21.48 -46.38
N ARG Y 58 -29.60 -20.82 -46.08
CA ARG Y 58 -29.54 -19.61 -45.28
C ARG Y 58 -29.55 -19.90 -43.78
N ASN Y 59 -29.96 -21.10 -43.37
CA ASN Y 59 -29.96 -21.45 -41.96
C ASN Y 59 -28.54 -21.65 -41.44
N ALA Y 60 -27.79 -22.54 -42.09
CA ALA Y 60 -26.43 -22.81 -41.63
C ALA Y 60 -25.47 -21.65 -41.89
N GLN Y 61 -25.81 -20.78 -42.84
CA GLN Y 61 -25.01 -19.59 -43.08
C GLN Y 61 -25.04 -18.65 -41.88
N SER Y 62 -26.24 -18.40 -41.36
CA SER Y 62 -26.37 -17.58 -40.16
C SER Y 62 -25.84 -18.30 -38.93
N ASN Y 63 -25.92 -19.64 -38.89
CA ASN Y 63 -25.48 -20.32 -37.68
C ASN Y 63 -23.96 -20.33 -37.62
N THR Y 64 -23.32 -20.49 -38.78
CA THR Y 64 -21.87 -20.50 -38.83
C THR Y 64 -21.30 -19.11 -38.61
N VAL Y 65 -21.94 -18.07 -39.17
CA VAL Y 65 -21.43 -16.73 -38.92
C VAL Y 65 -21.68 -16.33 -37.46
N LYS Y 66 -22.67 -16.94 -36.80
CA LYS Y 66 -22.85 -16.76 -35.37
C LYS Y 66 -21.72 -17.42 -34.57
N VAL Y 67 -21.29 -18.61 -35.02
CA VAL Y 67 -20.17 -19.29 -34.37
C VAL Y 67 -18.89 -18.47 -34.53
N PHE Y 68 -18.63 -18.00 -35.75
CA PHE Y 68 -17.49 -17.12 -35.97
C PHE Y 68 -17.63 -15.78 -35.27
N LYS Y 69 -18.85 -15.35 -34.97
CA LYS Y 69 -19.04 -14.16 -34.15
C LYS Y 69 -18.62 -14.43 -32.71
N ASP Y 70 -18.78 -15.68 -32.27
CA ASP Y 70 -18.62 -15.96 -30.85
C ASP Y 70 -17.21 -16.40 -30.49
N ILE Y 71 -16.53 -17.11 -31.40
CA ILE Y 71 -15.26 -17.77 -31.07
C ILE Y 71 -14.17 -16.74 -30.78
N ASP Y 72 -14.18 -15.61 -31.46
CA ASP Y 72 -13.20 -14.55 -31.23
C ASP Y 72 -13.57 -13.65 -30.06
N ALA Y 73 -14.86 -13.60 -29.71
CA ALA Y 73 -15.30 -12.67 -28.68
C ALA Y 73 -14.81 -13.08 -27.31
N ALA Y 74 -14.48 -14.36 -27.11
CA ALA Y 74 -13.84 -14.72 -25.85
C ALA Y 74 -12.39 -14.26 -25.82
N ILE Y 75 -11.78 -14.05 -26.99
CA ILE Y 75 -10.37 -13.75 -27.02
C ILE Y 75 -10.17 -12.26 -26.86
N ILE Y 76 -11.13 -11.47 -27.34
CA ILE Y 76 -10.97 -10.04 -27.13
C ILE Y 76 -11.20 -9.71 -25.66
N GLN Y 77 -11.99 -10.53 -24.95
CA GLN Y 77 -12.07 -10.37 -23.50
C GLN Y 77 -10.81 -10.89 -22.83
N ASN Y 78 -10.17 -11.90 -23.42
CA ASN Y 78 -8.92 -12.42 -22.85
C ASN Y 78 -7.72 -11.56 -23.20
N PHE Y 79 -7.92 -10.47 -23.92
CA PHE Y 79 -6.86 -9.47 -24.08
C PHE Y 79 -6.41 -8.94 -22.72
N ARG Y 80 -7.34 -8.35 -21.97
CA ARG Y 80 -7.00 -7.88 -20.64
C ARG Y 80 -7.37 -8.97 -19.65
N LYS Z 27 -39.31 51.61 42.49
CA LYS Z 27 -37.90 51.94 42.37
C LYS Z 27 -37.43 52.00 40.92
N ILE Z 28 -38.40 52.00 40.00
CA ILE Z 28 -38.13 52.20 38.58
C ILE Z 28 -38.69 53.57 38.23
N PRO Z 29 -37.94 54.66 38.39
CA PRO Z 29 -38.57 55.97 38.27
C PRO Z 29 -38.78 56.42 36.83
N VAL Z 30 -39.98 56.22 36.28
CA VAL Z 30 -40.45 56.92 35.08
C VAL Z 30 -41.96 57.05 35.33
N THR Z 31 -42.58 58.05 34.69
CA THR Z 31 -44.00 58.29 34.95
C THR Z 31 -44.90 57.55 33.95
N GLY Z 32 -44.59 57.64 32.66
CA GLY Z 32 -45.49 57.19 31.61
C GLY Z 32 -45.39 55.72 31.25
N SER Z 33 -45.53 55.41 29.96
CA SER Z 33 -45.43 54.06 29.43
C SER Z 33 -44.47 54.05 28.25
N GLY Z 34 -43.70 52.98 28.10
CA GLY Z 34 -42.77 52.89 26.99
C GLY Z 34 -41.64 51.95 27.29
N PHE Z 35 -40.82 51.72 26.26
CA PHE Z 35 -39.67 50.82 26.35
C PHE Z 35 -38.37 51.58 26.17
N VAL Z 36 -37.47 51.50 27.14
CA VAL Z 36 -36.14 52.12 27.05
C VAL Z 36 -35.13 51.05 26.69
N ALA Z 37 -34.44 51.22 25.56
CA ALA Z 37 -33.47 50.26 25.06
C ALA Z 37 -32.07 50.88 25.09
N LYS Z 38 -31.14 50.23 25.78
CA LYS Z 38 -29.74 50.66 25.83
C LYS Z 38 -28.88 49.60 25.15
N ASP Z 39 -28.62 49.80 23.85
CA ASP Z 39 -27.80 48.93 23.01
C ASP Z 39 -28.37 47.50 22.97
N ASP Z 40 -29.62 47.41 22.55
CA ASP Z 40 -30.24 46.12 22.32
C ASP Z 40 -29.82 45.56 20.97
N SER Z 41 -30.03 44.25 20.81
CA SER Z 41 -29.52 43.51 19.66
C SER Z 41 -30.61 43.15 18.66
N LEU Z 42 -31.70 43.92 18.64
CA LEU Z 42 -32.82 43.85 17.71
C LEU Z 42 -33.61 42.54 17.80
N ARG Z 43 -33.25 41.68 18.74
CA ARG Z 43 -34.04 40.51 19.07
CA ARG Z 43 -34.03 40.50 19.07
C ARG Z 43 -34.75 40.64 20.40
N THR Z 44 -34.06 41.15 21.42
CA THR Z 44 -34.71 41.45 22.67
C THR Z 44 -35.57 42.71 22.58
N PHE Z 45 -35.40 43.53 21.54
CA PHE Z 45 -36.30 44.65 21.36
C PHE Z 45 -37.65 44.16 20.83
N PHE Z 46 -37.61 43.38 19.75
CA PHE Z 46 -38.87 42.92 19.19
C PHE Z 46 -39.53 41.84 20.02
N ASP Z 47 -38.81 41.16 20.93
CA ASP Z 47 -39.53 40.30 21.87
C ASP Z 47 -40.28 41.12 22.91
N ALA Z 48 -39.81 42.34 23.17
CA ALA Z 48 -40.50 43.24 24.09
C ALA Z 48 -41.72 43.87 23.45
N MET Z 49 -41.75 43.93 22.13
CA MET Z 49 -42.97 44.40 21.46
C MET Z 49 -43.97 43.28 21.20
N ALA Z 50 -43.72 42.08 21.71
CA ALA Z 50 -44.52 40.91 21.43
C ALA Z 50 -45.70 40.74 22.36
N LEU Z 51 -46.01 41.73 23.19
CA LEU Z 51 -47.28 41.69 23.90
C LEU Z 51 -48.25 42.70 23.35
N GLN Z 52 -47.77 43.85 22.91
CA GLN Z 52 -48.65 44.78 22.23
C GLN Z 52 -49.05 44.22 20.88
N LEU Z 53 -48.09 43.75 20.08
CA LEU Z 53 -48.45 42.77 19.08
C LEU Z 53 -48.92 41.50 19.79
N LYS Z 54 -50.07 40.98 19.42
CA LYS Z 54 -50.60 39.83 20.12
C LYS Z 54 -50.11 38.50 19.53
N GLU Z 55 -49.03 38.53 18.77
CA GLU Z 55 -48.49 37.35 18.12
C GLU Z 55 -47.00 37.27 18.43
N PRO Z 56 -46.43 36.08 18.53
CA PRO Z 56 -44.98 35.99 18.73
C PRO Z 56 -44.21 36.35 17.47
N VAL Z 57 -43.01 36.86 17.69
CA VAL Z 57 -42.14 37.38 16.63
C VAL Z 57 -40.93 36.48 16.46
N ILE Z 58 -40.63 36.13 15.22
CA ILE Z 58 -39.50 35.26 14.90
C ILE Z 58 -38.55 36.04 14.02
N VAL Z 59 -37.46 36.53 14.60
CA VAL Z 59 -36.45 37.29 13.88
C VAL Z 59 -35.35 36.36 13.40
N SER Z 60 -34.87 36.58 12.17
CA SER Z 60 -33.89 35.69 11.57
C SER Z 60 -32.51 35.93 12.16
N LYS Z 61 -31.51 35.25 11.59
CA LYS Z 61 -30.15 35.26 12.11
C LYS Z 61 -29.30 36.39 11.56
N MET Z 62 -29.42 36.70 10.27
CA MET Z 62 -28.61 37.78 9.72
C MET Z 62 -29.16 39.14 10.14
N ALA Z 63 -30.46 39.23 10.32
CA ALA Z 63 -31.13 40.44 10.76
C ALA Z 63 -31.04 40.66 12.26
N ALA Z 64 -30.35 39.79 13.00
CA ALA Z 64 -30.16 40.01 14.42
C ALA Z 64 -28.79 40.55 14.79
N ARG Z 65 -28.00 40.98 13.82
CA ARG Z 65 -26.74 41.62 14.15
C ARG Z 65 -26.83 43.13 14.25
N LYS Z 66 -27.94 43.73 13.85
CA LYS Z 66 -28.06 45.18 13.98
C LYS Z 66 -28.55 45.54 15.37
N LYS Z 67 -28.39 46.81 15.73
CA LYS Z 67 -28.66 47.28 17.07
C LYS Z 67 -29.54 48.53 17.04
N ILE Z 68 -30.11 48.81 18.20
CA ILE Z 68 -31.00 49.96 18.35
C ILE Z 68 -30.87 50.49 19.78
N THR Z 69 -31.03 51.80 19.93
CA THR Z 69 -30.89 52.46 21.23
C THR Z 69 -31.83 53.65 21.28
N GLY Z 70 -32.67 53.73 22.29
CA GLY Z 70 -33.54 54.88 22.43
C GLY Z 70 -34.74 54.58 23.30
N ASN Z 71 -35.63 55.55 23.40
CA ASN Z 71 -36.86 55.42 24.17
C ASN Z 71 -38.05 55.38 23.22
N PHE Z 72 -38.80 54.28 23.25
CA PHE Z 72 -39.88 54.07 22.31
C PHE Z 72 -41.22 53.96 23.02
N GLU Z 73 -42.28 53.92 22.22
CA GLU Z 73 -43.65 53.96 22.74
C GLU Z 73 -44.60 53.37 21.71
N PHE Z 74 -45.31 52.30 22.08
CA PHE Z 74 -46.21 51.55 21.19
C PHE Z 74 -47.66 51.82 21.57
N HIS Z 75 -48.25 52.84 20.97
CA HIS Z 75 -49.69 53.00 21.12
C HIS Z 75 -50.46 52.31 20.00
N ASP Z 76 -49.85 52.21 18.81
CA ASP Z 76 -50.24 51.24 17.80
C ASP Z 76 -49.00 50.62 17.14
N PRO Z 77 -48.90 49.32 17.15
CA PRO Z 77 -47.63 48.69 16.78
C PRO Z 77 -47.48 48.48 15.28
N ASN Z 78 -48.58 48.32 14.55
CA ASN Z 78 -48.47 48.02 13.13
C ASN Z 78 -48.05 49.21 12.30
N ALA Z 79 -48.17 50.43 12.80
CA ALA Z 79 -47.62 51.57 12.09
C ALA Z 79 -46.17 51.81 12.47
N LEU Z 80 -45.81 51.51 13.71
CA LEU Z 80 -44.41 51.62 14.11
C LEU Z 80 -43.58 50.54 13.43
N LEU Z 81 -44.15 49.35 13.23
CA LEU Z 81 -43.39 48.29 12.61
C LEU Z 81 -43.18 48.58 11.14
N GLU Z 82 -44.15 49.27 10.53
CA GLU Z 82 -44.03 49.61 9.13
C GLU Z 82 -43.02 50.73 8.93
N LYS Z 83 -43.01 51.71 9.83
CA LYS Z 83 -42.06 52.80 9.65
C LYS Z 83 -40.64 52.36 10.03
N LEU Z 84 -40.51 51.53 11.07
CA LEU Z 84 -39.21 51.04 11.45
C LEU Z 84 -38.66 50.02 10.48
N SER Z 85 -39.50 49.35 9.70
CA SER Z 85 -38.97 48.38 8.77
C SER Z 85 -38.36 49.05 7.56
N LEU Z 86 -38.74 50.30 7.31
CA LEU Z 86 -38.21 51.02 6.17
C LEU Z 86 -37.06 51.91 6.57
N GLN Z 87 -37.07 52.43 7.80
CA GLN Z 87 -35.90 53.21 8.21
C GLN Z 87 -34.73 52.30 8.52
N LEU Z 88 -34.98 51.15 9.17
CA LEU Z 88 -33.88 50.23 9.41
C LEU Z 88 -33.53 49.42 8.17
N GLY Z 89 -34.53 48.97 7.42
CA GLY Z 89 -34.27 48.18 6.24
C GLY Z 89 -34.48 46.76 6.65
N LEU Z 90 -35.68 46.26 6.39
CA LEU Z 90 -36.15 44.97 6.88
C LEU Z 90 -37.31 44.54 6.00
N ILE Z 91 -37.66 43.27 6.10
CA ILE Z 91 -38.89 42.79 5.51
C ILE Z 91 -39.60 41.96 6.56
N TRP Z 92 -40.92 41.89 6.48
CA TRP Z 92 -41.68 41.20 7.49
C TRP Z 92 -42.94 40.62 6.90
N TYR Z 93 -43.47 39.58 7.54
CA TYR Z 93 -44.63 38.89 7.00
C TYR Z 93 -45.43 38.29 8.14
N PHE Z 94 -46.75 38.38 8.04
CA PHE Z 94 -47.65 37.89 9.08
C PHE Z 94 -48.52 36.80 8.47
N ASP Z 95 -48.37 35.57 8.93
CA ASP Z 95 -49.10 34.44 8.37
C ASP Z 95 -50.23 33.96 9.27
N GLY Z 96 -50.83 34.85 10.04
CA GLY Z 96 -51.97 34.51 10.85
C GLY Z 96 -51.65 34.01 12.24
N GLN Z 97 -50.44 33.50 12.47
CA GLN Z 97 -50.06 32.96 13.78
C GLN Z 97 -48.82 33.61 14.36
N ALA Z 98 -47.89 34.07 13.54
CA ALA Z 98 -46.67 34.68 14.02
C ALA Z 98 -46.20 35.73 13.04
N ILE Z 99 -45.20 36.50 13.44
CA ILE Z 99 -44.63 37.55 12.60
C ILE Z 99 -43.18 37.20 12.30
N TYR Z 100 -42.89 36.88 11.04
CA TYR Z 100 -41.53 36.57 10.63
C TYR Z 100 -40.84 37.84 10.15
N ILE Z 101 -39.65 38.12 10.70
CA ILE Z 101 -38.90 39.32 10.39
C ILE Z 101 -37.54 38.93 9.81
N TYR Z 102 -37.27 39.38 8.60
CA TYR Z 102 -35.98 39.19 7.95
C TYR Z 102 -35.38 40.56 7.66
N ASP Z 103 -34.19 40.58 7.08
CA ASP Z 103 -33.60 41.80 6.58
C ASP Z 103 -33.70 41.86 5.06
N ALA Z 104 -33.20 42.96 4.50
CA ALA Z 104 -33.43 43.24 3.09
C ALA Z 104 -32.64 42.33 2.17
N SER Z 105 -31.50 41.83 2.60
CA SER Z 105 -30.65 41.05 1.73
C SER Z 105 -31.02 39.57 1.73
N GLU Z 106 -32.21 39.22 2.18
CA GLU Z 106 -32.67 37.84 2.13
C GLU Z 106 -33.93 37.65 1.31
N MET Z 107 -34.35 38.66 0.56
CA MET Z 107 -35.55 38.51 -0.25
C MET Z 107 -35.22 37.63 -1.45
N ARG Z 108 -35.95 36.54 -1.60
CA ARG Z 108 -35.75 35.60 -2.68
C ARG Z 108 -36.98 35.57 -3.58
N ASN Z 109 -36.77 35.15 -4.83
CA ASN Z 109 -37.82 35.15 -5.84
C ASN Z 109 -37.70 33.92 -6.70
N ALA Z 110 -38.80 33.59 -7.39
CA ALA Z 110 -38.85 32.42 -8.24
C ALA Z 110 -39.97 32.61 -9.27
N VAL Z 111 -39.84 31.90 -10.39
CA VAL Z 111 -40.85 31.89 -11.43
C VAL Z 111 -41.45 30.49 -11.51
N VAL Z 112 -42.78 30.42 -11.48
CA VAL Z 112 -43.50 29.16 -11.47
C VAL Z 112 -44.51 29.17 -12.60
N SER Z 113 -44.69 28.02 -13.25
CA SER Z 113 -45.57 27.86 -14.39
C SER Z 113 -46.62 26.82 -14.06
N LEU Z 114 -47.88 27.24 -13.95
CA LEU Z 114 -48.94 26.29 -13.69
C LEU Z 114 -49.38 25.64 -15.00
N ARG Z 115 -50.24 24.65 -14.89
CA ARG Z 115 -50.64 23.91 -16.08
C ARG Z 115 -52.15 23.83 -16.29
N ASN Z 116 -52.95 23.69 -15.23
CA ASN Z 116 -54.37 23.49 -15.41
C ASN Z 116 -55.23 24.30 -14.44
N VAL Z 117 -54.64 25.20 -13.65
CA VAL Z 117 -55.40 26.12 -12.81
C VAL Z 117 -54.90 27.53 -13.11
N SER Z 118 -55.80 28.51 -13.07
CA SER Z 118 -55.38 29.85 -13.43
C SER Z 118 -54.90 30.63 -12.21
N LEU Z 119 -54.19 31.72 -12.49
CA LEU Z 119 -53.74 32.63 -11.44
C LEU Z 119 -54.90 33.41 -10.83
N ASN Z 120 -55.91 33.72 -11.65
CA ASN Z 120 -57.02 34.53 -11.18
C ASN Z 120 -57.91 33.77 -10.21
N GLU Z 121 -57.87 32.44 -10.23
CA GLU Z 121 -58.60 31.62 -9.29
C GLU Z 121 -57.70 31.02 -8.21
N PHE Z 122 -56.39 30.94 -8.45
CA PHE Z 122 -55.48 30.64 -7.35
C PHE Z 122 -55.41 31.80 -6.37
N ASN Z 123 -55.60 33.01 -6.87
CA ASN Z 123 -55.65 34.17 -6.00
C ASN Z 123 -56.89 34.13 -5.13
N ASN Z 124 -57.96 33.46 -5.56
CA ASN Z 124 -59.10 33.29 -4.68
C ASN Z 124 -58.81 32.29 -3.58
N PHE Z 125 -57.88 31.36 -3.82
CA PHE Z 125 -57.49 30.45 -2.75
C PHE Z 125 -56.68 31.19 -1.71
N LEU Z 126 -55.85 32.14 -2.16
CA LEU Z 126 -55.06 32.90 -1.20
C LEU Z 126 -55.93 33.91 -0.47
N LYS Z 127 -56.99 34.38 -1.12
CA LYS Z 127 -57.87 35.35 -0.46
C LYS Z 127 -58.78 34.65 0.52
N ARG Z 128 -59.21 33.43 0.19
CA ARG Z 128 -60.10 32.72 1.08
C ARG Z 128 -59.33 32.18 2.27
N SER Z 129 -58.06 31.82 2.08
CA SER Z 129 -57.30 31.25 3.19
C SER Z 129 -56.85 32.35 4.13
N GLY Z 130 -56.21 33.39 3.61
CA GLY Z 130 -55.76 34.44 4.50
C GLY Z 130 -54.30 34.78 4.38
N LEU Z 131 -53.67 34.27 3.33
CA LEU Z 131 -52.27 34.54 3.06
C LEU Z 131 -52.08 35.60 1.99
N TYR Z 132 -53.16 36.28 1.59
CA TYR Z 132 -53.01 37.33 0.60
C TYR Z 132 -52.36 38.54 1.26
N ASN Z 133 -51.27 39.01 0.67
CA ASN Z 133 -50.51 40.16 1.15
C ASN Z 133 -50.40 41.17 0.03
N LYS Z 134 -50.99 42.35 0.22
CA LYS Z 134 -50.99 43.34 -0.83
C LYS Z 134 -49.65 44.00 -1.05
N ASN Z 135 -48.70 43.85 -0.13
CA ASN Z 135 -47.39 44.46 -0.36
C ASN Z 135 -46.57 43.64 -1.33
N TYR Z 136 -46.77 42.32 -1.34
CA TYR Z 136 -46.08 41.41 -2.24
C TYR Z 136 -47.12 40.61 -3.01
N PRO Z 137 -47.70 41.19 -4.04
CA PRO Z 137 -48.74 40.50 -4.81
C PRO Z 137 -48.10 39.52 -5.79
N LEU Z 138 -48.95 38.88 -6.58
CA LEU Z 138 -48.47 37.93 -7.57
C LEU Z 138 -48.46 38.62 -8.92
N ARG Z 139 -47.28 38.70 -9.53
CA ARG Z 139 -47.13 39.34 -10.82
C ARG Z 139 -47.22 38.30 -11.93
N GLY Z 140 -48.18 38.49 -12.83
CA GLY Z 140 -48.35 37.58 -13.94
C GLY Z 140 -49.61 37.91 -14.70
N ASP Z 141 -49.79 37.20 -15.80
CA ASP Z 141 -50.99 37.39 -16.60
C ASP Z 141 -52.20 36.81 -15.87
N ASN Z 142 -53.36 37.41 -16.14
CA ASN Z 142 -54.55 37.09 -15.35
C ASN Z 142 -55.13 35.74 -15.73
N ARG Z 143 -55.17 35.41 -17.02
CA ARG Z 143 -55.66 34.10 -17.44
C ARG Z 143 -54.50 33.38 -18.13
N LYS Z 144 -53.63 32.79 -17.32
CA LYS Z 144 -52.45 32.11 -17.84
C LYS Z 144 -52.01 31.10 -16.79
N GLY Z 145 -50.79 30.60 -16.93
CA GLY Z 145 -50.27 29.63 -15.99
C GLY Z 145 -48.96 30.03 -15.37
N THR Z 146 -48.29 31.04 -15.93
CA THR Z 146 -46.99 31.46 -15.45
C THR Z 146 -47.10 32.82 -14.77
N PHE Z 147 -46.50 32.93 -13.59
CA PHE Z 147 -46.44 34.21 -12.91
C PHE Z 147 -45.11 34.31 -12.16
N TYR Z 148 -44.94 35.43 -11.46
CA TYR Z 148 -43.67 35.79 -10.83
C TYR Z 148 -43.96 36.25 -9.41
N VAL Z 149 -43.22 35.71 -8.46
CA VAL Z 149 -43.41 35.97 -7.05
C VAL Z 149 -42.09 36.41 -6.43
N SER Z 150 -42.16 37.34 -5.50
CA SER Z 150 -40.98 37.82 -4.81
C SER Z 150 -41.40 38.28 -3.42
N GLY Z 151 -40.68 37.83 -2.40
CA GLY Z 151 -41.00 38.22 -1.05
C GLY Z 151 -40.08 37.61 -0.01
N PRO Z 152 -40.58 37.49 1.21
CA PRO Z 152 -39.80 36.85 2.27
C PRO Z 152 -39.65 35.36 2.02
N PRO Z 153 -38.62 34.73 2.59
CA PRO Z 153 -38.38 33.31 2.31
C PRO Z 153 -39.40 32.36 2.91
N VAL Z 154 -40.23 32.80 3.84
CA VAL Z 154 -41.28 31.93 4.34
C VAL Z 154 -42.54 32.08 3.50
N TYR Z 155 -42.66 33.17 2.74
CA TYR Z 155 -43.80 33.39 1.88
C TYR Z 155 -43.58 32.76 0.51
N VAL Z 156 -42.34 32.82 0.01
CA VAL Z 156 -42.06 32.27 -1.30
C VAL Z 156 -42.07 30.75 -1.23
N ASP Z 157 -41.49 30.19 -0.16
CA ASP Z 157 -41.42 28.74 -0.04
C ASP Z 157 -42.77 28.13 0.32
N MET Z 158 -43.78 28.94 0.60
CA MET Z 158 -45.15 28.47 0.73
C MET Z 158 -45.88 28.56 -0.61
N VAL Z 159 -45.70 29.67 -1.32
CA VAL Z 159 -46.41 29.87 -2.60
C VAL Z 159 -45.93 28.87 -3.65
N VAL Z 160 -44.63 28.58 -3.68
CA VAL Z 160 -44.12 27.60 -4.66
C VAL Z 160 -44.62 26.19 -4.31
N ASN Z 161 -44.61 25.85 -3.02
CA ASN Z 161 -45.00 24.51 -2.62
C ASN Z 161 -46.49 24.29 -2.70
N ALA Z 162 -47.30 25.35 -2.70
CA ALA Z 162 -48.73 25.10 -2.84
C ALA Z 162 -49.18 25.19 -4.28
N ALA Z 163 -48.49 26.00 -5.09
CA ALA Z 163 -48.86 26.09 -6.49
C ALA Z 163 -48.43 24.84 -7.25
N THR Z 164 -47.26 24.30 -6.94
CA THR Z 164 -46.93 23.06 -7.62
C THR Z 164 -47.51 21.84 -6.94
N MET Z 165 -48.33 22.01 -5.91
CA MET Z 165 -49.10 20.91 -5.34
C MET Z 165 -50.58 20.98 -5.69
N MET Z 166 -51.04 22.04 -6.34
CA MET Z 166 -52.43 22.00 -6.81
C MET Z 166 -52.57 21.43 -8.21
N ASP Z 167 -51.53 21.51 -9.03
CA ASP Z 167 -51.56 20.89 -10.35
C ASP Z 167 -51.55 19.38 -10.24
N LYS Z 168 -50.79 18.84 -9.28
CA LYS Z 168 -50.85 17.40 -9.07
C LYS Z 168 -52.16 17.00 -8.40
N GLN Z 169 -52.88 17.94 -7.78
CA GLN Z 169 -54.19 17.59 -7.26
C GLN Z 169 -55.18 17.48 -8.42
N ASN Z 170 -55.00 18.30 -9.45
CA ASN Z 170 -55.89 18.21 -10.61
C ASN Z 170 -55.19 17.47 -11.74
N THR AA 3 -0.06 -33.20 -40.80
CA THR AA 3 -0.91 -34.37 -40.91
C THR AA 3 -2.38 -33.99 -40.94
N PRO AA 4 -3.19 -34.75 -41.68
CA PRO AA 4 -4.65 -34.57 -41.55
C PRO AA 4 -5.11 -35.12 -40.21
N TRP AA 5 -5.36 -34.21 -39.28
CA TRP AA 5 -5.67 -34.58 -37.91
C TRP AA 5 -7.16 -34.83 -37.74
N SER AA 6 -7.50 -35.97 -37.15
CA SER AA 6 -8.87 -36.27 -36.78
C SER AA 6 -8.98 -36.31 -35.26
N GLY AA 7 -10.11 -35.86 -34.75
CA GLY AA 7 -10.33 -35.86 -33.31
C GLY AA 7 -11.59 -36.55 -32.86
N TYR AA 8 -11.94 -36.32 -31.59
CA TYR AA 8 -12.99 -37.11 -30.94
C TYR AA 8 -14.37 -36.77 -31.48
N LEU AA 9 -14.61 -35.51 -31.85
CA LEU AA 9 -15.91 -35.19 -32.44
C LEU AA 9 -16.01 -35.77 -33.84
N ASP AA 10 -14.88 -35.93 -34.53
CA ASP AA 10 -14.93 -36.61 -35.82
C ASP AA 10 -15.20 -38.09 -35.62
N ASP AA 11 -14.73 -38.65 -34.50
CA ASP AA 11 -14.99 -40.05 -34.22
C ASP AA 11 -16.45 -40.27 -33.88
N VAL AA 12 -17.03 -39.38 -33.06
CA VAL AA 12 -18.41 -39.60 -32.65
C VAL AA 12 -19.37 -39.26 -33.79
N SER AA 13 -19.01 -38.35 -34.70
CA SER AA 13 -19.88 -38.06 -35.82
C SER AA 13 -19.80 -39.14 -36.88
N ALA AA 14 -18.61 -39.68 -37.14
CA ALA AA 14 -18.47 -40.83 -38.00
C ALA AA 14 -19.00 -42.12 -37.37
N LYS AA 15 -19.17 -42.16 -36.04
CA LYS AA 15 -19.77 -43.33 -35.42
C LYS AA 15 -21.21 -43.56 -35.83
N PHE AA 16 -21.94 -42.49 -36.13
CA PHE AA 16 -23.28 -42.60 -36.72
C PHE AA 16 -23.26 -43.17 -38.11
N ASP AA 17 -22.23 -42.87 -38.88
CA ASP AA 17 -22.18 -43.28 -40.28
C ASP AA 17 -21.59 -44.67 -40.42
N THR AA 18 -20.45 -44.92 -39.78
CA THR AA 18 -19.81 -46.22 -39.84
C THR AA 18 -20.49 -47.26 -38.96
N GLY AA 19 -21.38 -46.88 -38.05
CA GLY AA 19 -22.14 -47.87 -37.31
C GLY AA 19 -23.13 -48.61 -38.18
N VAL AA 20 -23.82 -47.90 -39.07
CA VAL AA 20 -24.74 -48.52 -40.02
C VAL AA 20 -23.94 -48.91 -41.26
N ASP AA 21 -24.52 -49.81 -42.05
CA ASP AA 21 -23.82 -50.28 -43.25
C ASP AA 21 -23.95 -49.29 -44.39
N ASN AA 22 -25.17 -49.08 -44.89
CA ASN AA 22 -25.43 -48.33 -46.11
C ASN AA 22 -26.62 -47.40 -45.93
N LEU AA 23 -26.77 -46.79 -44.74
CA LEU AA 23 -27.89 -45.87 -44.54
C LEU AA 23 -27.68 -44.57 -45.31
N GLN AA 24 -26.43 -44.21 -45.58
CA GLN AA 24 -26.13 -42.99 -46.30
C GLN AA 24 -26.40 -43.10 -47.80
N THR AA 25 -26.52 -44.33 -48.33
CA THR AA 25 -26.74 -44.54 -49.76
C THR AA 25 -28.12 -45.10 -50.09
N GLN AA 26 -28.73 -45.86 -49.19
CA GLN AA 26 -30.04 -46.45 -49.44
C GLN AA 26 -31.15 -45.44 -49.25
N LEU AA 51 -37.15 -42.34 -45.24
CA LEU AA 51 -36.67 -40.99 -45.03
C LEU AA 51 -36.84 -40.62 -43.56
N SER AA 52 -37.84 -41.23 -42.93
CA SER AA 52 -38.07 -41.00 -41.50
C SER AA 52 -36.98 -41.63 -40.67
N GLU AA 53 -36.33 -42.67 -41.19
CA GLU AA 53 -35.19 -43.26 -40.50
C GLU AA 53 -34.01 -42.31 -40.51
N TYR AA 54 -33.76 -41.69 -41.67
CA TYR AA 54 -32.59 -40.84 -41.82
C TYR AA 54 -32.83 -39.49 -41.18
N ASN AA 55 -34.09 -39.15 -40.86
CA ASN AA 55 -34.40 -37.89 -40.24
C ASN AA 55 -34.04 -37.94 -38.77
N LEU AA 56 -34.52 -38.97 -38.06
CA LEU AA 56 -34.18 -39.12 -36.64
C LEU AA 56 -32.72 -39.51 -36.49
N TYR AA 57 -32.14 -40.18 -37.50
CA TYR AA 57 -30.71 -40.51 -37.44
C TYR AA 57 -29.85 -39.25 -37.53
N ARG AA 58 -30.32 -38.25 -38.30
CA ARG AA 58 -29.67 -36.95 -38.27
C ARG AA 58 -29.99 -36.22 -36.97
N ASN AA 59 -31.20 -36.39 -36.43
CA ASN AA 59 -31.58 -35.69 -35.21
C ASN AA 59 -30.75 -36.14 -34.02
N ALA AA 60 -30.37 -37.41 -33.98
CA ALA AA 60 -29.50 -37.87 -32.90
C ALA AA 60 -28.04 -37.58 -33.19
N GLN AA 61 -27.66 -37.55 -34.46
CA GLN AA 61 -26.28 -37.24 -34.80
C GLN AA 61 -25.99 -35.77 -34.50
N SER AA 62 -26.92 -34.89 -34.86
CA SER AA 62 -26.80 -33.48 -34.56
C SER AA 62 -27.02 -33.19 -33.08
N ASN AA 63 -27.75 -34.05 -32.36
CA ASN AA 63 -27.95 -33.80 -30.94
C ASN AA 63 -26.69 -34.11 -30.16
N THR AA 64 -26.02 -35.23 -30.46
CA THR AA 64 -24.94 -35.66 -29.59
C THR AA 64 -23.71 -34.76 -29.73
N VAL AA 65 -23.57 -34.07 -30.86
CA VAL AA 65 -22.47 -33.13 -30.97
C VAL AA 65 -22.80 -31.81 -30.28
N LYS AA 66 -24.09 -31.46 -30.13
CA LYS AA 66 -24.44 -30.32 -29.28
C LYS AA 66 -24.18 -30.64 -27.82
N VAL AA 67 -24.32 -31.90 -27.43
CA VAL AA 67 -23.99 -32.28 -26.06
C VAL AA 67 -22.48 -32.21 -25.83
N PHE AA 68 -21.73 -32.78 -26.77
CA PHE AA 68 -20.29 -32.90 -26.61
C PHE AA 68 -19.58 -31.57 -26.76
N LYS AA 69 -20.14 -30.63 -27.51
CA LYS AA 69 -19.49 -29.32 -27.57
C LYS AA 69 -19.75 -28.49 -26.33
N ASP AA 70 -20.72 -28.87 -25.50
CA ASP AA 70 -21.03 -28.12 -24.30
C ASP AA 70 -20.28 -28.66 -23.09
N ILE AA 71 -20.16 -29.98 -23.01
CA ILE AA 71 -19.56 -30.58 -21.82
C ILE AA 71 -18.06 -30.36 -21.73
N ASP AA 72 -17.41 -30.03 -22.84
CA ASP AA 72 -16.00 -29.65 -22.78
C ASP AA 72 -15.86 -28.15 -22.58
N ALA AA 73 -16.75 -27.36 -23.20
CA ALA AA 73 -16.66 -25.91 -23.13
C ALA AA 73 -16.93 -25.39 -21.73
N ALA AA 74 -17.69 -26.15 -20.93
CA ALA AA 74 -17.79 -25.79 -19.51
C ALA AA 74 -16.45 -25.93 -18.80
N ILE AA 75 -15.62 -26.88 -19.22
CA ILE AA 75 -14.29 -26.96 -18.62
C ILE AA 75 -13.37 -25.94 -19.25
N ILE AA 76 -13.68 -25.50 -20.46
CA ILE AA 76 -12.86 -24.49 -21.12
C ILE AA 76 -13.00 -23.16 -20.40
N GLN AA 77 -14.25 -22.78 -20.08
CA GLN AA 77 -14.41 -21.58 -19.27
C GLN AA 77 -13.99 -21.84 -17.82
N ASN AA 78 -13.92 -23.11 -17.39
CA ASN AA 78 -13.51 -23.44 -16.05
C ASN AA 78 -12.00 -23.65 -15.91
N PHE AA 79 -11.21 -23.32 -16.92
CA PHE AA 79 -9.77 -23.42 -16.75
C PHE AA 79 -9.20 -22.27 -15.92
N ARG AA 80 -9.34 -21.04 -16.39
CA ARG AA 80 -8.88 -19.90 -15.60
C ARG AA 80 -9.84 -19.61 -14.46
N THR BA 3 -20.04 -54.61 -11.76
CA THR BA 3 -21.37 -54.22 -11.33
C THR BA 3 -21.88 -53.01 -12.11
N PRO BA 4 -22.96 -53.19 -12.86
CA PRO BA 4 -23.59 -52.07 -13.56
C PRO BA 4 -24.27 -51.13 -12.57
N TRP BA 5 -23.82 -49.88 -12.55
CA TRP BA 5 -24.40 -48.87 -11.69
C TRP BA 5 -25.67 -48.28 -12.31
N SER BA 6 -26.68 -48.04 -11.47
CA SER BA 6 -27.91 -47.39 -11.88
C SER BA 6 -28.05 -46.04 -11.20
N GLY BA 7 -28.58 -45.05 -11.94
CA GLY BA 7 -28.84 -43.73 -11.41
C GLY BA 7 -30.31 -43.36 -11.51
N TYR BA 8 -30.61 -42.12 -11.07
CA TYR BA 8 -31.99 -41.69 -10.93
C TYR BA 8 -32.67 -41.50 -12.28
N LEU BA 9 -31.91 -41.04 -13.28
CA LEU BA 9 -32.52 -40.91 -14.60
C LEU BA 9 -32.79 -42.29 -15.20
N ASP BA 10 -31.97 -43.28 -14.83
CA ASP BA 10 -32.30 -44.66 -15.20
C ASP BA 10 -33.56 -45.11 -14.49
N ASP BA 11 -33.75 -44.69 -13.23
CA ASP BA 11 -34.89 -45.16 -12.44
C ASP BA 11 -36.19 -44.58 -12.98
N VAL BA 12 -36.19 -43.28 -13.29
CA VAL BA 12 -37.40 -42.68 -13.86
C VAL BA 12 -37.66 -43.22 -15.28
N SER BA 13 -36.61 -43.61 -16.01
CA SER BA 13 -36.89 -44.29 -17.26
C SER BA 13 -37.26 -45.76 -17.06
N ALA BA 14 -36.91 -46.34 -15.90
CA ALA BA 14 -37.35 -47.67 -15.55
C ALA BA 14 -38.79 -47.70 -15.09
N LYS BA 15 -39.34 -46.55 -14.71
CA LYS BA 15 -40.76 -46.50 -14.43
C LYS BA 15 -41.55 -46.58 -15.73
N PHE BA 16 -40.98 -46.03 -16.81
CA PHE BA 16 -41.57 -45.90 -18.13
C PHE BA 16 -41.40 -47.14 -19.01
N ASP BA 17 -40.28 -47.85 -18.90
CA ASP BA 17 -39.99 -48.93 -19.84
C ASP BA 17 -40.81 -50.19 -19.56
N THR BA 18 -41.18 -50.43 -18.32
CA THR BA 18 -41.98 -51.59 -17.94
C THR BA 18 -43.47 -51.35 -18.05
N GLY BA 19 -43.90 -50.17 -18.49
CA GLY BA 19 -45.32 -49.90 -18.64
C GLY BA 19 -45.99 -50.74 -19.70
N VAL BA 20 -45.26 -51.12 -20.76
CA VAL BA 20 -45.78 -52.09 -21.70
C VAL BA 20 -45.13 -53.44 -21.43
N LEU BA 51 -49.94 -50.60 -32.08
CA LEU BA 51 -48.78 -49.87 -32.62
C LEU BA 51 -48.86 -48.37 -32.27
N SER BA 52 -50.07 -47.80 -32.29
CA SER BA 52 -50.24 -46.44 -31.82
C SER BA 52 -50.11 -46.37 -30.30
N GLU BA 53 -50.42 -47.48 -29.63
CA GLU BA 53 -50.07 -47.68 -28.23
C GLU BA 53 -48.56 -47.66 -28.01
N TYR BA 54 -47.78 -48.11 -28.99
CA TYR BA 54 -46.34 -48.14 -28.81
C TYR BA 54 -45.66 -46.85 -29.31
N ASN BA 55 -46.32 -46.08 -30.16
CA ASN BA 55 -45.72 -44.85 -30.65
C ASN BA 55 -46.24 -43.58 -29.97
N LEU BA 56 -47.36 -43.66 -29.22
CA LEU BA 56 -47.60 -42.66 -28.19
C LEU BA 56 -46.87 -43.02 -26.89
N TYR BA 57 -46.19 -44.17 -26.88
CA TYR BA 57 -45.41 -44.63 -25.73
C TYR BA 57 -44.07 -43.92 -25.68
N ARG BA 58 -43.47 -43.66 -26.82
CA ARG BA 58 -42.27 -42.84 -26.90
C ARG BA 58 -42.59 -41.35 -26.99
N ASN BA 59 -43.87 -41.00 -26.95
CA ASN BA 59 -44.26 -39.59 -26.98
C ASN BA 59 -43.96 -38.92 -25.64
N ALA BA 60 -44.62 -39.38 -24.57
CA ALA BA 60 -44.44 -38.75 -23.27
C ALA BA 60 -43.13 -39.13 -22.62
N GLN BA 61 -42.53 -40.26 -23.02
CA GLN BA 61 -41.28 -40.67 -22.42
C GLN BA 61 -40.15 -39.76 -22.88
N SER BA 62 -40.28 -39.18 -24.06
CA SER BA 62 -39.29 -38.20 -24.49
C SER BA 62 -39.47 -36.90 -23.72
N ASN BA 63 -40.70 -36.61 -23.31
CA ASN BA 63 -40.99 -35.33 -22.68
C ASN BA 63 -40.48 -35.30 -21.25
N THR BA 64 -40.61 -36.44 -20.55
CA THR BA 64 -40.36 -36.40 -19.11
C THR BA 64 -38.88 -36.34 -18.79
N VAL BA 65 -38.03 -36.95 -19.61
CA VAL BA 65 -36.62 -36.94 -19.26
C VAL BA 65 -35.99 -35.65 -19.76
N LYS BA 66 -36.45 -35.11 -20.89
CA LYS BA 66 -35.92 -33.84 -21.33
C LYS BA 66 -36.34 -32.70 -20.40
N VAL BA 67 -37.50 -32.81 -19.76
CA VAL BA 67 -37.85 -31.76 -18.81
C VAL BA 67 -37.18 -32.02 -17.46
N PHE BA 68 -36.89 -33.27 -17.13
CA PHE BA 68 -36.18 -33.55 -15.89
C PHE BA 68 -34.69 -33.25 -15.98
N LYS BA 69 -34.16 -33.15 -17.19
CA LYS BA 69 -32.72 -32.98 -17.38
C LYS BA 69 -32.26 -31.56 -17.07
N ASP BA 70 -33.08 -30.54 -17.33
CA ASP BA 70 -32.61 -29.18 -17.16
C ASP BA 70 -32.83 -28.63 -15.77
N ILE BA 71 -33.54 -29.36 -14.89
CA ILE BA 71 -33.86 -28.83 -13.58
C ILE BA 71 -32.64 -28.78 -12.69
N ASP BA 72 -31.64 -29.61 -12.94
CA ASP BA 72 -30.43 -29.58 -12.15
C ASP BA 72 -29.27 -28.85 -12.82
N ALA BA 73 -29.38 -28.54 -14.12
CA ALA BA 73 -28.31 -27.80 -14.78
C ALA BA 73 -28.14 -26.39 -14.22
N ALA BA 74 -29.24 -25.75 -13.82
CA ALA BA 74 -29.16 -24.47 -13.12
C ALA BA 74 -28.52 -24.62 -11.74
N ILE BA 75 -28.92 -25.65 -11.00
CA ILE BA 75 -28.40 -25.81 -9.64
C ILE BA 75 -26.92 -26.20 -9.70
N ILE BA 76 -26.53 -27.01 -10.69
CA ILE BA 76 -25.15 -27.44 -10.80
C ILE BA 76 -24.31 -26.27 -11.34
N GLN BA 77 -24.95 -25.30 -12.00
CA GLN BA 77 -24.27 -24.03 -12.25
C GLN BA 77 -24.17 -23.21 -10.97
N ASN BA 78 -25.10 -23.44 -10.04
CA ASN BA 78 -25.26 -22.59 -8.88
C ASN BA 78 -24.34 -22.98 -7.72
N PHE BA 79 -23.37 -23.87 -7.94
CA PHE BA 79 -22.31 -24.08 -6.95
C PHE BA 79 -21.37 -22.88 -6.93
N ARG BA 80 -21.05 -22.35 -8.10
CA ARG BA 80 -20.22 -21.16 -8.28
C ARG BA 80 -21.08 -19.95 -8.60
N THR CA 3 -52.06 -34.58 4.24
CA THR CA 3 -52.89 -34.12 3.13
C THR CA 3 -52.00 -33.66 1.96
N PRO CA 4 -52.46 -33.90 0.73
CA PRO CA 4 -51.69 -33.43 -0.44
C PRO CA 4 -51.74 -31.92 -0.57
N TRP CA 5 -50.58 -31.32 -0.80
CA TRP CA 5 -50.42 -29.87 -0.80
C TRP CA 5 -50.70 -29.36 -2.21
N SER CA 6 -51.70 -28.48 -2.31
CA SER CA 6 -52.18 -27.99 -3.60
C SER CA 6 -51.89 -26.51 -3.77
N GLY CA 7 -50.88 -26.22 -4.58
CA GLY CA 7 -50.54 -24.87 -4.97
C GLY CA 7 -51.53 -24.32 -5.98
N TYR CA 8 -51.23 -23.12 -6.47
CA TYR CA 8 -52.13 -22.43 -7.39
C TYR CA 8 -52.28 -23.18 -8.72
N LEU CA 9 -51.22 -23.85 -9.18
CA LEU CA 9 -51.35 -24.58 -10.43
C LEU CA 9 -52.04 -25.93 -10.24
N ASP CA 10 -51.95 -26.50 -9.03
CA ASP CA 10 -52.84 -27.60 -8.71
C ASP CA 10 -54.28 -27.12 -8.61
N ASP CA 11 -54.49 -25.87 -8.19
CA ASP CA 11 -55.87 -25.39 -8.11
C ASP CA 11 -56.43 -25.09 -9.49
N VAL CA 12 -55.61 -24.69 -10.46
CA VAL CA 12 -56.19 -24.41 -11.77
C VAL CA 12 -56.45 -25.74 -12.50
N SER CA 13 -55.62 -26.76 -12.26
CA SER CA 13 -56.00 -28.08 -12.77
C SER CA 13 -57.22 -28.63 -12.03
N ALA CA 14 -57.40 -28.30 -10.75
CA ALA CA 14 -58.64 -28.65 -10.07
C ALA CA 14 -59.83 -27.87 -10.60
N LYS CA 15 -59.61 -26.69 -11.16
CA LYS CA 15 -60.69 -25.96 -11.82
C LYS CA 15 -61.04 -26.57 -13.16
N PHE CA 16 -60.09 -27.26 -13.80
CA PHE CA 16 -60.44 -27.97 -15.02
C PHE CA 16 -61.16 -29.27 -14.72
N ASP CA 17 -60.70 -30.00 -13.70
CA ASP CA 17 -61.29 -31.31 -13.40
C ASP CA 17 -62.67 -31.16 -12.74
N THR CA 18 -62.77 -30.33 -11.69
CA THR CA 18 -64.02 -30.10 -10.99
C THR CA 18 -65.00 -29.21 -11.75
N GLY CA 19 -64.59 -28.61 -12.86
CA GLY CA 19 -65.53 -27.85 -13.66
C GLY CA 19 -66.59 -28.72 -14.31
N VAL CA 20 -66.25 -29.97 -14.62
CA VAL CA 20 -67.24 -30.91 -15.13
C VAL CA 20 -67.71 -31.79 -13.98
N LEU CA 51 -65.74 -37.32 -28.28
CA LEU CA 51 -64.46 -37.58 -28.94
C LEU CA 51 -63.81 -36.26 -29.33
N SER CA 52 -64.48 -35.53 -30.22
CA SER CA 52 -64.00 -34.20 -30.60
C SER CA 52 -64.25 -33.19 -29.50
N GLU CA 53 -65.19 -33.46 -28.59
CA GLU CA 53 -65.31 -32.64 -27.40
C GLU CA 53 -64.19 -32.92 -26.41
N TYR CA 54 -63.95 -34.21 -26.14
CA TYR CA 54 -63.04 -34.59 -25.07
C TYR CA 54 -61.57 -34.44 -25.46
N ASN CA 55 -61.26 -34.47 -26.75
CA ASN CA 55 -59.87 -34.27 -27.17
C ASN CA 55 -59.50 -32.80 -27.15
N LEU CA 56 -60.38 -31.94 -27.68
CA LEU CA 56 -60.09 -30.51 -27.62
C LEU CA 56 -60.18 -29.96 -26.20
N TYR CA 57 -60.91 -30.65 -25.30
CA TYR CA 57 -60.85 -30.32 -23.88
C TYR CA 57 -59.47 -30.55 -23.29
N ARG CA 58 -58.71 -31.52 -23.84
CA ARG CA 58 -57.32 -31.69 -23.44
C ARG CA 58 -56.40 -30.78 -24.24
N ASN CA 59 -56.82 -30.39 -25.45
CA ASN CA 59 -55.98 -29.57 -26.32
C ASN CA 59 -55.82 -28.18 -25.72
N ALA CA 60 -56.92 -27.64 -25.18
CA ALA CA 60 -56.82 -26.40 -24.42
C ALA CA 60 -56.17 -26.59 -23.06
N GLN CA 61 -56.08 -27.83 -22.56
CA GLN CA 61 -55.60 -28.10 -21.21
C GLN CA 61 -54.08 -28.31 -21.16
N SER CA 62 -53.51 -28.94 -22.18
CA SER CA 62 -52.09 -29.25 -22.16
C SER CA 62 -51.22 -28.02 -22.41
N ASN CA 63 -51.79 -26.94 -22.96
CA ASN CA 63 -51.03 -25.74 -23.22
C ASN CA 63 -51.15 -24.71 -22.10
N THR CA 64 -52.29 -24.68 -21.40
CA THR CA 64 -52.49 -23.68 -20.37
C THR CA 64 -51.61 -23.96 -19.15
N VAL CA 65 -51.28 -25.22 -18.90
CA VAL CA 65 -50.38 -25.53 -17.81
C VAL CA 65 -48.93 -25.21 -18.19
N LYS CA 66 -48.54 -25.38 -19.45
CA LYS CA 66 -47.23 -24.90 -19.88
C LYS CA 66 -47.15 -23.37 -19.87
N VAL CA 67 -48.27 -22.70 -20.10
CA VAL CA 67 -48.32 -21.25 -19.96
C VAL CA 67 -48.15 -20.84 -18.49
N PHE CA 68 -48.83 -21.54 -17.58
CA PHE CA 68 -48.64 -21.24 -16.16
C PHE CA 68 -47.27 -21.69 -15.66
N LYS CA 69 -46.63 -22.58 -16.39
CA LYS CA 69 -45.28 -23.04 -16.08
C LYS CA 69 -44.29 -21.93 -16.37
N ASP CA 70 -44.24 -21.46 -17.61
CA ASP CA 70 -43.14 -20.58 -17.98
C ASP CA 70 -43.31 -19.17 -17.45
N ILE CA 71 -44.51 -18.80 -16.99
CA ILE CA 71 -44.63 -17.47 -16.42
C ILE CA 71 -43.94 -17.44 -15.05
N ASP CA 72 -44.08 -18.49 -14.25
CA ASP CA 72 -43.32 -18.54 -13.01
C ASP CA 72 -41.89 -19.00 -13.24
N ALA CA 73 -41.59 -19.57 -14.41
CA ALA CA 73 -40.20 -19.80 -14.75
C ALA CA 73 -39.50 -18.54 -15.25
N ALA CA 74 -40.27 -17.47 -15.45
CA ALA CA 74 -39.68 -16.18 -15.76
C ALA CA 74 -39.28 -15.37 -14.53
N ILE CA 75 -39.98 -15.51 -13.40
CA ILE CA 75 -39.55 -14.83 -12.18
C ILE CA 75 -38.29 -15.46 -11.61
N ILE CA 76 -38.14 -16.78 -11.77
CA ILE CA 76 -37.14 -17.54 -11.03
C ILE CA 76 -35.71 -17.26 -11.49
N GLN CA 77 -35.50 -16.89 -12.75
CA GLN CA 77 -34.16 -16.56 -13.22
C GLN CA 77 -33.72 -15.16 -12.76
N ASN CA 78 -34.67 -14.36 -12.29
CA ASN CA 78 -34.42 -12.98 -11.90
C ASN CA 78 -34.14 -12.81 -10.41
N PHE CA 79 -34.00 -13.92 -9.68
CA PHE CA 79 -33.54 -13.85 -8.29
C PHE CA 79 -32.05 -13.56 -8.22
N ARG CA 80 -31.26 -14.28 -9.02
CA ARG CA 80 -29.81 -14.24 -8.98
C ARG CA 80 -29.25 -12.93 -9.53
N THR DA 3 -65.20 1.07 -15.80
CA THR DA 3 -65.25 0.84 -17.25
C THR DA 3 -64.88 -0.61 -17.56
N PRO DA 4 -65.37 -1.13 -18.68
CA PRO DA 4 -64.81 -2.39 -19.19
C PRO DA 4 -63.41 -2.19 -19.74
N TRP DA 5 -62.40 -2.64 -18.99
CA TRP DA 5 -61.02 -2.39 -19.37
C TRP DA 5 -60.62 -3.24 -20.57
N SER DA 6 -59.84 -2.64 -21.46
CA SER DA 6 -59.43 -3.29 -22.69
C SER DA 6 -57.93 -3.07 -22.91
N GLY DA 7 -57.33 -4.02 -23.63
CA GLY DA 7 -55.96 -3.93 -24.07
C GLY DA 7 -55.93 -3.92 -25.58
N TYR DA 8 -54.73 -3.76 -26.13
CA TYR DA 8 -54.62 -3.87 -27.58
C TYR DA 8 -54.79 -5.31 -28.06
N LEU DA 9 -54.51 -6.28 -27.19
CA LEU DA 9 -54.87 -7.65 -27.48
C LEU DA 9 -56.37 -7.90 -27.27
N ASP DA 10 -57.03 -7.06 -26.48
CA ASP DA 10 -58.46 -7.24 -26.33
C ASP DA 10 -59.21 -6.56 -27.47
N ASP DA 11 -58.73 -5.40 -27.93
CA ASP DA 11 -59.49 -4.68 -28.94
C ASP DA 11 -59.26 -5.26 -30.32
N VAL DA 12 -58.09 -5.88 -30.56
CA VAL DA 12 -57.91 -6.57 -31.84
C VAL DA 12 -58.82 -7.80 -31.92
N SER DA 13 -58.96 -8.57 -30.83
CA SER DA 13 -59.96 -9.64 -30.85
C SER DA 13 -61.40 -9.16 -30.78
N ALA DA 14 -61.65 -7.95 -30.29
CA ALA DA 14 -62.99 -7.37 -30.33
C ALA DA 14 -63.36 -6.87 -31.71
N LYS DA 15 -62.37 -6.56 -32.53
CA LYS DA 15 -62.61 -6.22 -33.92
C LYS DA 15 -63.12 -7.43 -34.71
N PHE DA 16 -62.71 -8.65 -34.33
CA PHE DA 16 -63.21 -9.86 -34.96
C PHE DA 16 -64.68 -10.11 -34.68
N ASP DA 17 -65.22 -9.55 -33.61
CA ASP DA 17 -66.63 -9.64 -33.27
C ASP DA 17 -67.44 -8.44 -33.74
N THR DA 18 -66.83 -7.26 -33.84
CA THR DA 18 -67.55 -6.08 -34.26
C THR DA 18 -67.58 -5.92 -35.78
N GLY DA 19 -66.53 -6.36 -36.49
CA GLY DA 19 -66.53 -6.28 -37.95
C GLY DA 19 -67.57 -7.14 -38.62
N VAL DA 20 -68.02 -8.21 -37.95
CA VAL DA 20 -69.12 -9.03 -38.43
C VAL DA 20 -70.41 -8.50 -37.82
N LEU DA 51 -71.00 -22.97 -41.96
CA LEU DA 51 -69.99 -23.69 -41.18
C LEU DA 51 -68.57 -23.33 -41.62
N SER DA 52 -68.34 -23.27 -42.93
CA SER DA 52 -67.02 -22.90 -43.44
C SER DA 52 -66.71 -21.42 -43.21
N GLU DA 53 -67.74 -20.58 -43.11
CA GLU DA 53 -67.53 -19.18 -42.72
C GLU DA 53 -67.23 -19.00 -41.25
N TYR DA 54 -67.60 -19.94 -40.39
CA TYR DA 54 -67.20 -19.91 -38.99
C TYR DA 54 -65.94 -20.73 -38.74
N ASN DA 55 -65.60 -21.63 -39.67
CA ASN DA 55 -64.35 -22.37 -39.62
C ASN DA 55 -63.20 -21.47 -40.03
N LEU DA 56 -63.32 -20.79 -41.17
CA LEU DA 56 -62.24 -19.96 -41.67
C LEU DA 56 -62.20 -18.58 -41.02
N TYR DA 57 -62.96 -18.37 -39.94
CA TYR DA 57 -62.90 -17.15 -39.14
C TYR DA 57 -62.24 -17.38 -37.80
N ARG DA 58 -62.60 -18.45 -37.07
CA ARG DA 58 -62.01 -18.67 -35.76
C ARG DA 58 -60.57 -19.16 -35.86
N ASN DA 59 -60.27 -20.01 -36.84
CA ASN DA 59 -58.88 -20.40 -37.10
C ASN DA 59 -58.07 -19.25 -37.68
N ALA DA 60 -58.71 -18.32 -38.39
CA ALA DA 60 -58.07 -17.07 -38.80
C ALA DA 60 -58.03 -16.02 -37.70
N GLN DA 61 -58.69 -16.27 -36.58
CA GLN DA 61 -58.56 -15.41 -35.41
C GLN DA 61 -57.44 -15.90 -34.50
N SER DA 62 -57.43 -17.19 -34.19
CA SER DA 62 -56.55 -17.72 -33.17
C SER DA 62 -55.09 -17.67 -33.60
N ASN DA 63 -54.81 -17.75 -34.91
CA ASN DA 63 -53.42 -17.67 -35.35
C ASN DA 63 -52.90 -16.25 -35.22
N THR DA 64 -53.77 -15.27 -35.49
CA THR DA 64 -53.35 -13.88 -35.34
C THR DA 64 -53.18 -13.52 -33.87
N VAL DA 65 -53.98 -14.11 -32.98
CA VAL DA 65 -53.70 -13.95 -31.55
C VAL DA 65 -52.39 -14.65 -31.15
N LYS DA 66 -52.07 -15.76 -31.80
CA LYS DA 66 -50.84 -16.46 -31.44
C LYS DA 66 -49.63 -15.66 -31.91
N VAL DA 67 -49.68 -15.11 -33.12
CA VAL DA 67 -48.53 -14.34 -33.60
C VAL DA 67 -48.47 -12.99 -32.88
N PHE DA 68 -49.62 -12.48 -32.39
CA PHE DA 68 -49.62 -11.25 -31.61
C PHE DA 68 -49.14 -11.49 -30.19
N LYS DA 69 -48.99 -12.76 -29.83
CA LYS DA 69 -48.38 -13.10 -28.56
C LYS DA 69 -46.87 -13.05 -28.71
N ASP DA 70 -46.31 -13.84 -29.64
CA ASP DA 70 -44.86 -13.97 -29.67
C ASP DA 70 -44.16 -12.78 -30.32
N ILE DA 71 -44.89 -11.86 -30.98
CA ILE DA 71 -44.24 -10.61 -31.39
C ILE DA 71 -43.92 -9.76 -30.16
N ASP DA 72 -44.70 -9.88 -29.10
CA ASP DA 72 -44.41 -9.14 -27.88
C ASP DA 72 -43.54 -9.97 -26.95
N ALA DA 73 -43.66 -11.29 -27.04
CA ALA DA 73 -42.87 -12.19 -26.23
C ALA DA 73 -41.42 -12.26 -26.67
N ALA DA 74 -41.13 -11.81 -27.90
CA ALA DA 74 -39.76 -11.75 -28.38
C ALA DA 74 -39.08 -10.43 -28.05
N ILE DA 75 -39.87 -9.40 -27.74
CA ILE DA 75 -39.31 -8.10 -27.37
C ILE DA 75 -39.29 -7.90 -25.85
N ILE DA 76 -40.15 -8.62 -25.11
CA ILE DA 76 -40.13 -8.46 -23.66
C ILE DA 76 -38.96 -9.21 -23.01
N GLN DA 77 -38.39 -10.21 -23.68
CA GLN DA 77 -37.16 -10.84 -23.20
C GLN DA 77 -35.94 -9.96 -23.42
N ASN DA 78 -36.01 -9.01 -24.36
CA ASN DA 78 -34.90 -8.17 -24.76
C ASN DA 78 -34.65 -7.00 -23.83
N PHE DA 79 -35.29 -6.95 -22.67
CA PHE DA 79 -35.29 -5.72 -21.88
C PHE DA 79 -33.95 -5.48 -21.21
N ARG DA 80 -33.39 -6.50 -20.57
CA ARG DA 80 -32.13 -6.36 -19.82
C ARG DA 80 -30.87 -6.35 -20.68
N THR EA 3 -48.72 7.67 -49.57
CA THR EA 3 -47.88 6.94 -50.51
C THR EA 3 -47.92 5.45 -50.23
N PRO EA 4 -48.09 4.64 -51.28
CA PRO EA 4 -48.08 3.18 -51.09
C PRO EA 4 -46.68 2.66 -50.80
N TRP EA 5 -46.43 2.31 -49.53
CA TRP EA 5 -45.14 1.74 -49.18
C TRP EA 5 -45.11 0.28 -49.57
N SER EA 6 -43.91 -0.18 -49.95
CA SER EA 6 -43.71 -1.56 -50.32
C SER EA 6 -42.52 -2.13 -49.57
N GLY EA 7 -42.64 -3.40 -49.19
CA GLY EA 7 -41.54 -4.23 -48.79
C GLY EA 7 -41.29 -5.26 -49.87
N TYR EA 8 -40.30 -6.10 -49.64
CA TYR EA 8 -40.04 -7.18 -50.57
C TYR EA 8 -40.92 -8.38 -50.25
N LEU EA 9 -41.42 -8.47 -49.03
CA LEU EA 9 -42.56 -9.34 -48.74
C LEU EA 9 -43.88 -8.77 -49.26
N ASP EA 10 -43.94 -7.46 -49.52
CA ASP EA 10 -45.00 -6.92 -50.37
C ASP EA 10 -44.75 -7.18 -51.85
N ASP EA 11 -43.49 -7.33 -52.23
CA ASP EA 11 -43.18 -7.59 -53.62
C ASP EA 11 -43.40 -9.05 -53.99
N VAL EA 12 -43.19 -10.00 -53.08
CA VAL EA 12 -43.43 -11.39 -53.46
C VAL EA 12 -44.92 -11.69 -53.51
N SER EA 13 -45.71 -10.94 -52.75
CA SER EA 13 -47.15 -10.91 -52.98
C SER EA 13 -47.48 -10.28 -54.32
N ALA EA 14 -46.75 -9.23 -54.70
CA ALA EA 14 -47.04 -8.64 -56.02
C ALA EA 14 -46.63 -9.55 -57.18
N LYS EA 15 -45.56 -10.36 -57.05
CA LYS EA 15 -45.34 -11.39 -58.07
C LYS EA 15 -46.39 -12.49 -58.01
N PHE EA 16 -46.99 -12.74 -56.85
CA PHE EA 16 -48.08 -13.71 -56.86
C PHE EA 16 -49.36 -13.16 -57.48
N ASP EA 17 -49.61 -11.85 -57.37
CA ASP EA 17 -50.76 -11.31 -58.08
C ASP EA 17 -50.49 -11.20 -59.57
N THR EA 18 -49.32 -10.67 -59.95
CA THR EA 18 -48.95 -10.44 -61.35
C THR EA 18 -48.35 -11.66 -62.05
N GLY EA 19 -48.25 -12.80 -61.37
CA GLY EA 19 -47.68 -13.99 -61.98
C GLY EA 19 -48.56 -14.65 -63.03
N ASN EA 55 -57.59 -22.71 -55.34
CA ASN EA 55 -57.47 -22.96 -53.90
C ASN EA 55 -56.09 -23.53 -53.57
N LEU EA 56 -55.30 -23.77 -54.62
CA LEU EA 56 -53.88 -24.08 -54.48
C LEU EA 56 -53.01 -22.83 -54.50
N TYR EA 57 -53.50 -21.76 -55.15
CA TYR EA 57 -52.85 -20.46 -55.11
C TYR EA 57 -52.81 -19.88 -53.70
N ARG EA 58 -53.88 -20.09 -52.93
CA ARG EA 58 -53.94 -19.72 -51.53
C ARG EA 58 -53.23 -20.71 -50.61
N ASN EA 59 -52.79 -21.85 -51.13
CA ASN EA 59 -52.00 -22.75 -50.30
C ASN EA 59 -50.52 -22.67 -50.62
N ALA EA 60 -50.16 -22.22 -51.82
CA ALA EA 60 -48.77 -21.97 -52.17
C ALA EA 60 -48.29 -20.66 -51.55
N GLN EA 61 -49.15 -19.63 -51.56
CA GLN EA 61 -48.71 -18.34 -51.07
C GLN EA 61 -48.67 -18.33 -49.55
N SER EA 62 -49.69 -18.92 -48.91
CA SER EA 62 -49.79 -18.89 -47.45
C SER EA 62 -48.69 -19.70 -46.78
N ASN EA 63 -48.01 -20.59 -47.52
CA ASN EA 63 -46.84 -21.28 -46.99
C ASN EA 63 -45.56 -20.53 -47.31
N THR EA 64 -45.46 -19.94 -48.51
CA THR EA 64 -44.20 -19.25 -48.77
C THR EA 64 -44.11 -17.91 -48.05
N VAL EA 65 -45.23 -17.39 -47.55
CA VAL EA 65 -45.13 -16.15 -46.78
C VAL EA 65 -44.65 -16.46 -45.36
N LYS EA 66 -44.87 -17.69 -44.87
CA LYS EA 66 -44.33 -18.12 -43.60
C LYS EA 66 -42.94 -18.72 -43.73
N VAL EA 67 -42.45 -18.92 -44.95
CA VAL EA 67 -41.05 -19.27 -45.13
C VAL EA 67 -40.14 -18.09 -44.76
N PHE EA 68 -40.46 -16.90 -45.30
CA PHE EA 68 -39.74 -15.70 -44.95
C PHE EA 68 -39.96 -15.29 -43.50
N LYS EA 69 -41.12 -15.64 -42.94
CA LYS EA 69 -41.52 -15.19 -41.62
C LYS EA 69 -40.67 -15.78 -40.53
N ASP EA 70 -39.95 -16.86 -40.83
CA ASP EA 70 -39.03 -17.48 -39.90
C ASP EA 70 -37.59 -17.38 -40.37
N ILE EA 71 -37.31 -17.42 -41.69
CA ILE EA 71 -35.93 -17.28 -42.15
C ILE EA 71 -35.39 -15.89 -41.82
N ASP EA 72 -36.16 -14.85 -42.14
CA ASP EA 72 -35.77 -13.48 -41.79
C ASP EA 72 -36.06 -13.12 -40.35
N ALA EA 73 -36.59 -14.05 -39.55
CA ALA EA 73 -36.76 -13.83 -38.12
C ALA EA 73 -35.64 -14.49 -37.35
N ALA EA 74 -35.16 -15.62 -37.85
CA ALA EA 74 -34.07 -16.32 -37.18
C ALA EA 74 -32.75 -15.61 -37.48
N ILE EA 75 -32.62 -15.01 -38.67
CA ILE EA 75 -31.40 -14.27 -38.98
C ILE EA 75 -31.23 -13.09 -38.05
N ILE EA 76 -32.30 -12.33 -37.80
CA ILE EA 76 -32.21 -11.23 -36.84
C ILE EA 76 -32.28 -11.70 -35.40
N GLN EA 77 -32.69 -12.94 -35.14
CA GLN EA 77 -32.56 -13.48 -33.80
C GLN EA 77 -31.15 -13.96 -33.50
N ASN EA 78 -30.34 -14.16 -34.53
CA ASN EA 78 -28.91 -14.46 -34.33
C ASN EA 78 -28.07 -13.22 -34.03
N PHE EA 79 -28.69 -12.10 -33.67
CA PHE EA 79 -27.95 -10.90 -33.34
C PHE EA 79 -27.35 -11.02 -31.95
N ARG EA 80 -28.13 -11.49 -30.98
CA ARG EA 80 -27.67 -11.64 -29.61
C ARG EA 80 -27.23 -13.08 -29.36
N GLY FA 32 -51.18 33.05 50.00
CA GLY FA 32 -51.31 31.67 50.43
C GLY FA 32 -50.40 30.73 49.67
N SER FA 33 -50.02 31.12 48.46
CA SER FA 33 -49.12 30.32 47.64
C SER FA 33 -48.14 31.26 46.96
N GLY FA 34 -47.30 30.71 46.09
CA GLY FA 34 -46.39 31.53 45.31
C GLY FA 34 -44.96 31.05 45.35
N PHE FA 35 -44.24 31.33 44.26
CA PHE FA 35 -42.84 30.96 44.12
C PHE FA 35 -41.98 32.21 44.27
N VAL FA 36 -40.84 32.08 44.94
CA VAL FA 36 -39.92 33.20 45.07
C VAL FA 36 -38.68 32.87 44.26
N ALA FA 37 -38.61 33.35 43.03
CA ALA FA 37 -37.54 32.98 42.13
C ALA FA 37 -36.32 33.86 42.36
N LYS FA 38 -35.16 33.23 42.51
CA LYS FA 38 -33.87 33.91 42.59
C LYS FA 38 -32.90 33.22 41.65
N ASP FA 39 -32.90 33.70 40.40
CA ASP FA 39 -31.98 33.32 39.33
C ASP FA 39 -32.14 31.84 38.99
N ASP FA 40 -33.34 31.50 38.57
CA ASP FA 40 -33.64 30.15 38.13
C ASP FA 40 -33.40 30.01 36.64
N SER FA 41 -33.83 28.89 36.04
CA SER FA 41 -33.42 28.61 34.67
C SER FA 41 -34.55 28.13 33.78
N LEU FA 42 -35.79 28.47 34.09
CA LEU FA 42 -37.00 28.16 33.32
C LEU FA 42 -37.32 26.68 33.17
N ARG FA 43 -36.55 25.78 33.78
CA ARG FA 43 -36.97 24.41 33.93
C ARG FA 43 -37.25 24.06 35.38
N THR FA 44 -36.44 24.61 36.28
CA THR FA 44 -36.79 24.63 37.69
C THR FA 44 -38.04 25.46 37.95
N PHE FA 45 -38.23 26.52 37.16
CA PHE FA 45 -39.35 27.42 37.44
C PHE FA 45 -40.67 26.85 37.00
N PHE FA 46 -40.76 26.35 35.77
CA PHE FA 46 -42.08 25.95 35.29
C PHE FA 46 -42.54 24.61 35.85
N ASP FA 47 -41.65 23.83 36.47
CA ASP FA 47 -42.08 22.65 37.20
C ASP FA 47 -42.72 22.99 38.53
N ALA FA 48 -42.43 24.17 39.09
CA ALA FA 48 -43.12 24.60 40.30
C ALA FA 48 -44.55 24.99 40.02
N MET FA 49 -44.87 25.37 38.79
CA MET FA 49 -46.23 25.66 38.35
C MET FA 49 -46.99 24.43 37.90
N ALA FA 50 -46.34 23.26 37.93
CA ALA FA 50 -46.94 22.03 37.46
C ALA FA 50 -47.84 21.37 38.48
N LEU FA 51 -48.09 22.03 39.60
CA LEU FA 51 -49.08 21.58 40.56
C LEU FA 51 -50.35 22.41 40.46
N GLN FA 52 -50.19 23.72 40.25
CA GLN FA 52 -51.34 24.57 40.05
C GLN FA 52 -51.97 24.33 38.69
N LEU FA 53 -51.15 24.21 37.65
CA LEU FA 53 -51.59 23.52 36.44
C LEU FA 53 -51.63 22.03 36.74
N LYS FA 54 -52.69 21.36 36.27
CA LYS FA 54 -52.88 19.98 36.70
C LYS FA 54 -52.13 18.98 35.81
N GLU FA 55 -51.22 19.45 34.95
CA GLU FA 55 -50.46 18.64 34.02
C GLU FA 55 -48.96 18.90 34.17
N PRO FA 56 -48.12 17.91 33.88
CA PRO FA 56 -46.68 18.17 33.89
C PRO FA 56 -46.24 19.02 32.71
N VAL FA 57 -45.17 19.79 32.92
CA VAL FA 57 -44.65 20.73 31.93
C VAL FA 57 -43.32 20.23 31.41
N ILE FA 58 -43.14 20.25 30.08
CA ILE FA 58 -41.91 19.79 29.44
C ILE FA 58 -41.31 20.96 28.66
N VAL FA 59 -40.19 21.50 29.14
CA VAL FA 59 -39.51 22.64 28.52
C VAL FA 59 -38.32 22.15 27.72
N SER FA 60 -38.15 22.67 26.50
CA SER FA 60 -37.03 22.27 25.66
C SER FA 60 -35.70 22.83 26.16
N LYS FA 61 -34.63 22.39 25.51
CA LYS FA 61 -33.27 22.70 25.93
C LYS FA 61 -32.74 23.97 25.29
N MET FA 62 -33.44 24.51 24.30
CA MET FA 62 -33.06 25.82 23.81
C MET FA 62 -33.81 26.90 24.57
N ALA FA 63 -34.99 26.54 25.07
CA ALA FA 63 -35.76 27.41 25.94
C ALA FA 63 -35.45 27.19 27.41
N ALA FA 64 -34.41 26.42 27.72
CA ALA FA 64 -33.98 26.25 29.10
C ALA FA 64 -32.78 27.09 29.47
N ARG FA 65 -32.31 27.97 28.59
CA ARG FA 65 -31.21 28.86 28.93
C ARG FA 65 -31.64 30.20 29.52
N LYS FA 66 -32.87 30.65 29.25
CA LYS FA 66 -33.30 31.93 29.80
C LYS FA 66 -33.60 31.82 31.29
N LYS FA 67 -33.39 32.92 32.00
CA LYS FA 67 -33.43 32.97 33.45
C LYS FA 67 -34.46 33.99 33.92
N ILE FA 68 -34.81 33.91 35.20
CA ILE FA 68 -35.84 34.76 35.77
C ILE FA 68 -35.60 34.95 37.26
N THR FA 69 -36.01 36.11 37.77
CA THR FA 69 -36.04 36.42 39.20
C THR FA 69 -37.37 37.09 39.50
N GLY FA 70 -37.75 37.11 40.76
CA GLY FA 70 -38.94 37.84 41.14
C GLY FA 70 -39.88 37.06 42.03
N ASN FA 71 -40.82 37.75 42.68
CA ASN FA 71 -41.83 37.09 43.50
C ASN FA 71 -43.10 36.88 42.69
N PHE FA 72 -43.46 35.63 42.46
CA PHE FA 72 -44.65 35.35 41.67
C PHE FA 72 -45.75 34.81 42.57
N GLU FA 73 -46.92 34.62 42.00
CA GLU FA 73 -48.09 34.22 42.77
C GLU FA 73 -49.04 33.45 41.88
N PHE FA 74 -49.20 32.15 42.14
CA PHE FA 74 -49.98 31.27 41.26
C PHE FA 74 -51.41 31.24 41.78
N HIS FA 75 -52.18 32.25 41.37
CA HIS FA 75 -53.61 32.29 41.64
C HIS FA 75 -54.48 32.17 40.40
N ASP FA 76 -53.96 32.51 39.22
CA ASP FA 76 -54.68 32.30 37.96
C ASP FA 76 -53.64 31.93 36.93
N PRO FA 77 -53.26 30.65 36.88
CA PRO FA 77 -52.08 30.28 36.11
C PRO FA 77 -52.34 30.17 34.62
N ASN FA 78 -53.58 29.97 34.19
CA ASN FA 78 -53.77 29.85 32.75
C ASN FA 78 -53.68 31.20 32.06
N ALA FA 79 -53.87 32.29 32.79
CA ALA FA 79 -53.58 33.62 32.27
C ALA FA 79 -52.18 34.08 32.62
N LEU FA 80 -51.57 33.50 33.65
CA LEU FA 80 -50.19 33.90 33.93
C LEU FA 80 -49.22 33.25 32.97
N LEU FA 81 -49.50 32.02 32.55
CA LEU FA 81 -48.64 31.36 31.59
C LEU FA 81 -48.77 32.01 30.22
N GLU FA 82 -49.97 32.51 29.89
CA GLU FA 82 -50.17 33.19 28.63
C GLU FA 82 -49.50 34.56 28.63
N LYS FA 83 -49.50 35.24 29.77
CA LYS FA 83 -48.88 36.56 29.77
C LYS FA 83 -47.36 36.42 29.78
N LEU FA 84 -46.85 35.42 30.49
CA LEU FA 84 -45.41 35.23 30.53
C LEU FA 84 -44.89 34.69 29.22
N SER FA 85 -45.69 33.93 28.46
CA SER FA 85 -45.16 33.38 27.22
C SER FA 85 -45.04 34.44 26.14
N LEU FA 86 -45.73 35.56 26.30
CA LEU FA 86 -45.62 36.65 25.35
C LEU FA 86 -44.63 37.70 25.80
N GLN FA 87 -44.43 37.84 27.11
CA GLN FA 87 -43.39 38.78 27.53
C GLN FA 87 -42.02 38.14 27.37
N LEU FA 88 -41.88 36.89 27.78
CA LEU FA 88 -40.61 36.20 27.64
C LEU FA 88 -40.35 35.83 26.18
N GLY FA 89 -41.37 35.38 25.47
CA GLY FA 89 -41.21 34.99 24.09
C GLY FA 89 -41.10 33.49 24.09
N LEU FA 90 -42.22 32.81 23.90
CA LEU FA 90 -42.32 31.37 24.05
C LEU FA 90 -43.54 30.90 23.27
N ILE FA 91 -43.56 29.62 22.96
CA ILE FA 91 -44.76 29.01 22.41
C ILE FA 91 -45.03 27.74 23.20
N TRP FA 92 -46.31 27.48 23.47
CA TRP FA 92 -46.70 26.38 24.31
C TRP FA 92 -47.91 25.69 23.73
N TYR FA 93 -48.04 24.39 24.00
CA TYR FA 93 -49.12 23.60 23.45
C TYR FA 93 -49.53 22.55 24.45
N PHE FA 94 -50.84 22.45 24.67
CA PHE FA 94 -51.41 21.50 25.62
C PHE FA 94 -52.33 20.53 24.88
N ASP FA 95 -51.91 19.26 24.81
CA ASP FA 95 -52.64 18.27 24.05
C ASP FA 95 -53.66 17.50 24.88
N GLY FA 96 -53.48 17.44 26.20
CA GLY FA 96 -54.42 16.73 27.03
C GLY FA 96 -53.76 15.96 28.15
N GLN FA 97 -52.44 15.83 28.10
CA GLN FA 97 -51.72 15.10 29.14
C GLN FA 97 -50.59 15.93 29.71
N ALA FA 98 -50.01 16.79 28.89
CA ALA FA 98 -48.86 17.58 29.31
C ALA FA 98 -48.87 18.90 28.58
N ILE FA 99 -47.98 19.79 29.01
CA ILE FA 99 -47.83 21.11 28.40
C ILE FA 99 -46.41 21.22 27.87
N TYR FA 100 -46.26 21.20 26.56
CA TYR FA 100 -44.96 21.34 25.93
C TYR FA 100 -44.66 22.82 25.71
N ILE FA 101 -43.44 23.22 26.05
CA ILE FA 101 -43.00 24.61 25.92
C ILE FA 101 -41.73 24.65 25.08
N TYR FA 102 -41.79 25.33 23.94
CA TYR FA 102 -40.66 25.56 23.07
C TYR FA 102 -40.38 27.05 23.01
N ASP FA 103 -39.19 27.40 22.55
CA ASP FA 103 -38.97 28.81 22.27
C ASP FA 103 -39.46 29.13 20.87
N ALA FA 104 -39.70 30.43 20.62
CA ALA FA 104 -40.44 30.86 19.45
C ALA FA 104 -39.65 30.70 18.15
N SER FA 105 -38.35 30.50 18.23
CA SER FA 105 -37.54 30.35 17.03
C SER FA 105 -37.50 28.92 16.51
N GLU FA 106 -38.29 28.02 17.06
CA GLU FA 106 -38.36 26.64 16.59
C GLU FA 106 -39.68 26.33 15.89
N MET FA 107 -40.46 27.34 15.55
CA MET FA 107 -41.74 27.11 14.88
C MET FA 107 -41.52 26.71 13.43
N ARG FA 108 -42.10 25.59 13.04
CA ARG FA 108 -41.99 25.07 11.70
C ARG FA 108 -43.35 25.09 11.01
N ASN FA 109 -43.33 24.98 9.70
CA ASN FA 109 -44.56 25.05 8.92
C ASN FA 109 -44.48 24.07 7.75
N ALA FA 110 -45.65 23.64 7.30
CA ALA FA 110 -45.73 22.68 6.21
C ALA FA 110 -47.07 22.77 5.51
N VAL FA 111 -47.06 22.44 4.23
CA VAL FA 111 -48.25 22.41 3.39
C VAL FA 111 -48.52 20.97 2.97
N VAL FA 112 -49.74 20.51 3.18
CA VAL FA 112 -50.09 19.14 2.83
C VAL FA 112 -51.36 19.11 2.00
N SER FA 113 -51.48 18.08 1.16
CA SER FA 113 -52.59 17.90 0.26
C SER FA 113 -53.22 16.54 0.46
N LEU FA 114 -54.54 16.51 0.57
CA LEU FA 114 -55.31 15.30 0.79
C LEU FA 114 -56.02 14.96 -0.52
N ARG FA 115 -55.91 13.71 -0.94
CA ARG FA 115 -56.43 13.30 -2.23
C ARG FA 115 -57.96 13.17 -2.15
N ASN FA 116 -58.43 12.27 -1.32
CA ASN FA 116 -59.83 11.86 -1.32
C ASN FA 116 -60.52 12.17 0.01
N VAL FA 117 -60.12 13.26 0.67
CA VAL FA 117 -60.78 13.78 1.87
C VAL FA 117 -60.56 15.29 1.85
N SER FA 118 -61.56 16.04 2.35
CA SER FA 118 -61.53 17.48 2.35
C SER FA 118 -61.09 17.99 3.72
N LEU FA 119 -61.05 19.31 3.87
CA LEU FA 119 -60.59 19.91 5.12
C LEU FA 119 -61.62 19.78 6.24
N ASN FA 120 -62.90 19.70 5.89
CA ASN FA 120 -63.96 19.76 6.89
C ASN FA 120 -64.06 18.49 7.74
N GLU FA 121 -63.76 17.32 7.18
CA GLU FA 121 -63.79 16.13 8.03
C GLU FA 121 -62.53 16.00 8.88
N PHE FA 122 -61.41 16.54 8.43
CA PHE FA 122 -60.24 16.53 9.30
C PHE FA 122 -60.39 17.53 10.43
N ASN FA 123 -61.06 18.66 10.16
CA ASN FA 123 -61.28 19.58 11.27
C ASN FA 123 -62.36 19.08 12.19
N ASN FA 124 -63.31 18.28 11.69
CA ASN FA 124 -64.28 17.67 12.58
C ASN FA 124 -63.64 16.52 13.35
N PHE FA 125 -62.57 15.94 12.82
CA PHE FA 125 -61.84 14.94 13.58
C PHE FA 125 -61.10 15.58 14.74
N LEU FA 126 -60.52 16.77 14.50
CA LEU FA 126 -59.77 17.38 15.60
C LEU FA 126 -60.68 17.99 16.65
N LYS FA 127 -61.91 18.38 16.27
CA LYS FA 127 -62.81 18.98 17.26
C LYS FA 127 -63.31 17.91 18.21
N ARG FA 128 -63.45 16.69 17.74
CA ARG FA 128 -63.92 15.62 18.59
C ARG FA 128 -62.76 14.89 19.26
N SER FA 129 -61.57 14.95 18.68
CA SER FA 129 -60.41 14.32 19.28
C SER FA 129 -59.76 15.20 20.33
N GLY FA 130 -60.20 16.45 20.46
CA GLY FA 130 -59.57 17.30 21.45
C GLY FA 130 -58.22 17.86 21.10
N LEU FA 131 -57.79 17.72 19.85
CA LEU FA 131 -56.50 18.26 19.42
C LEU FA 131 -56.66 19.59 18.71
N TYR FA 132 -57.83 20.21 18.79
CA TYR FA 132 -58.09 21.48 18.12
C TYR FA 132 -57.56 22.63 18.96
N ASN FA 133 -56.60 23.37 18.45
CA ASN FA 133 -56.03 24.51 19.15
C ASN FA 133 -56.47 25.77 18.43
N LYS FA 134 -57.20 26.63 19.14
CA LYS FA 134 -57.75 27.82 18.51
C LYS FA 134 -56.69 28.89 18.30
N ASN FA 135 -55.55 28.79 18.97
CA ASN FA 135 -54.51 29.78 18.76
C ASN FA 135 -53.77 29.52 17.46
N TYR FA 136 -53.62 28.25 17.08
CA TYR FA 136 -52.96 27.87 15.84
C TYR FA 136 -53.92 27.00 15.02
N PRO FA 137 -54.86 27.60 14.31
CA PRO FA 137 -55.80 26.83 13.52
C PRO FA 137 -55.18 26.41 12.19
N LEU FA 138 -55.99 25.78 11.34
CA LEU FA 138 -55.56 25.33 10.02
C LEU FA 138 -55.98 26.35 8.97
N ARG FA 139 -55.02 26.83 8.19
CA ARG FA 139 -55.25 27.82 7.15
C ARG FA 139 -55.40 27.14 5.80
N GLY FA 140 -56.56 27.32 5.17
CA GLY FA 140 -56.78 26.75 3.86
C GLY FA 140 -58.21 26.89 3.40
N ASP FA 141 -58.43 26.46 2.16
CA ASP FA 141 -59.75 26.47 1.55
C ASP FA 141 -60.66 25.42 2.17
N ASN FA 142 -61.95 25.76 2.24
CA ASN FA 142 -62.88 24.96 3.04
C ASN FA 142 -63.23 23.64 2.38
N ARG FA 143 -63.19 23.54 1.04
CA ARG FA 143 -63.35 22.25 0.38
C ARG FA 143 -62.20 22.05 -0.63
N LYS FA 144 -61.08 21.59 -0.11
CA LYS FA 144 -59.89 21.39 -0.93
C LYS FA 144 -58.99 20.38 -0.24
N GLY FA 145 -57.91 20.02 -0.91
CA GLY FA 145 -56.96 19.09 -0.36
C GLY FA 145 -55.73 19.77 0.21
N THR FA 146 -55.40 20.94 -0.32
CA THR FA 146 -54.21 21.66 0.08
C THR FA 146 -54.50 22.63 1.21
N PHE FA 147 -53.68 22.60 2.26
CA PHE FA 147 -53.78 23.63 3.29
C PHE FA 147 -52.40 23.83 3.90
N TYR FA 148 -52.35 24.72 4.88
CA TYR FA 148 -51.10 25.19 5.48
C TYR FA 148 -51.20 25.11 6.99
N VAL FA 149 -50.11 24.72 7.64
CA VAL FA 149 -50.10 24.54 9.08
C VAL FA 149 -48.76 25.00 9.63
N SER FA 150 -48.78 25.66 10.78
CA SER FA 150 -47.58 26.11 11.44
C SER FA 150 -47.82 26.18 12.94
N GLY FA 151 -46.79 25.84 13.71
CA GLY FA 151 -46.89 25.86 15.14
C GLY FA 151 -45.72 25.20 15.84
N PRO FA 152 -45.95 24.67 17.04
CA PRO FA 152 -44.90 23.94 17.75
C PRO FA 152 -44.58 22.63 17.06
N PRO FA 153 -43.36 22.10 17.28
CA PRO FA 153 -42.93 20.89 16.56
C PRO FA 153 -43.64 19.63 17.01
N VAL FA 154 -44.43 19.66 18.08
CA VAL FA 154 -45.23 18.50 18.43
C VAL FA 154 -46.61 18.61 17.83
N TYR FA 155 -47.03 19.81 17.44
CA TYR FA 155 -48.32 19.96 16.80
C TYR FA 155 -48.22 19.75 15.30
N VAL FA 156 -47.13 20.21 14.69
CA VAL FA 156 -47.00 20.05 13.24
C VAL FA 156 -46.69 18.60 12.89
N ASP FA 157 -45.87 17.95 13.72
CA ASP FA 157 -45.52 16.56 13.43
C ASP FA 157 -46.67 15.61 13.71
N MET FA 158 -47.66 16.04 14.48
CA MET FA 158 -48.85 15.22 14.65
C MET FA 158 -49.82 15.45 13.52
N VAL FA 159 -49.99 16.71 13.11
CA VAL FA 159 -50.97 17.05 12.07
C VAL FA 159 -50.56 16.50 10.71
N VAL FA 160 -49.26 16.52 10.39
CA VAL FA 160 -48.81 15.99 9.10
C VAL FA 160 -48.96 14.47 9.05
N ASN FA 161 -48.60 13.78 10.12
CA ASN FA 161 -48.69 12.33 10.13
C ASN FA 161 -50.13 11.87 10.19
N ALA FA 162 -51.01 12.65 10.81
CA ALA FA 162 -52.41 12.23 10.86
C ALA FA 162 -53.09 12.53 9.55
N ALA FA 163 -52.59 13.53 8.82
CA ALA FA 163 -53.20 13.87 7.55
C ALA FA 163 -52.81 12.84 6.51
N THR FA 164 -51.55 12.42 6.53
CA THR FA 164 -51.10 11.41 5.58
C THR FA 164 -51.51 10.00 5.99
N MET FA 165 -51.98 9.78 7.21
CA MET FA 165 -52.45 8.45 7.58
C MET FA 165 -53.95 8.25 7.38
N MET FA 166 -54.65 9.22 6.80
CA MET FA 166 -56.03 9.00 6.39
C MET FA 166 -56.17 8.75 4.90
N ASP FA 167 -55.28 9.32 4.09
CA ASP FA 167 -55.34 9.08 2.66
C ASP FA 167 -54.87 7.68 2.29
N LYS FA 168 -53.91 7.12 3.01
CA LYS FA 168 -53.57 5.73 2.76
C LYS FA 168 -54.69 4.80 3.18
N GLN FA 169 -55.46 5.14 4.23
CA GLN FA 169 -56.59 4.31 4.57
C GLN FA 169 -57.72 4.46 3.57
N ASN FA 170 -57.81 5.59 2.88
CA ASN FA 170 -58.83 5.73 1.85
C ASN FA 170 -58.23 5.55 0.46
N LYS GA 27 -31.72 2.00 70.01
CA LYS GA 27 -30.64 2.44 69.13
C LYS GA 27 -31.15 3.50 68.15
N ILE GA 28 -32.42 3.39 67.76
CA ILE GA 28 -33.07 4.31 66.84
C ILE GA 28 -34.22 5.00 67.58
N PRO GA 29 -33.96 5.97 68.45
CA PRO GA 29 -35.06 6.54 69.22
C PRO GA 29 -35.85 7.62 68.49
N VAL GA 30 -37.01 7.24 67.95
CA VAL GA 30 -38.12 8.12 67.59
C VAL GA 30 -39.38 7.36 67.97
N THR GA 31 -40.41 8.06 68.44
CA THR GA 31 -41.60 7.39 68.94
C THR GA 31 -42.51 6.85 67.83
N GLY GA 32 -42.76 7.66 66.78
CA GLY GA 32 -43.74 7.32 65.77
C GLY GA 32 -43.25 6.39 64.68
N SER GA 33 -43.82 6.56 63.48
CA SER GA 33 -43.44 5.77 62.31
C SER GA 33 -43.26 6.72 61.14
N GLY GA 34 -42.18 6.53 60.39
CA GLY GA 34 -41.90 7.38 59.25
C GLY GA 34 -40.50 7.12 58.74
N PHE GA 35 -40.22 7.73 57.59
CA PHE GA 35 -38.93 7.60 56.91
C PHE GA 35 -38.22 8.94 56.97
N VAL GA 36 -36.96 8.94 57.40
CA VAL GA 36 -36.16 10.15 57.42
C VAL GA 36 -35.08 10.02 56.35
N ALA GA 37 -35.08 10.93 55.38
CA ALA GA 37 -34.13 10.90 54.27
C ALA GA 37 -33.14 12.05 54.41
N LYS GA 38 -31.85 11.72 54.45
CA LYS GA 38 -30.78 12.71 54.41
C LYS GA 38 -30.01 12.54 53.11
N ASP GA 39 -30.31 13.41 52.13
CA ASP GA 39 -29.66 13.43 50.81
C ASP GA 39 -29.82 12.10 50.08
N ASP GA 40 -31.03 11.53 50.14
CA ASP GA 40 -31.33 10.33 49.38
C ASP GA 40 -31.52 10.66 47.91
N SER GA 41 -31.28 9.66 47.06
CA SER GA 41 -31.12 9.87 45.63
C SER GA 41 -32.20 9.16 44.82
N LEU GA 42 -33.44 9.20 45.30
CA LEU GA 42 -34.67 8.85 44.58
C LEU GA 42 -34.81 7.38 44.19
N ARG GA 43 -33.82 6.54 44.45
CA ARG GA 43 -33.98 5.10 44.31
C ARG GA 43 -34.08 4.42 45.66
N THR GA 44 -33.28 4.89 46.60
CA THR GA 44 -33.39 4.46 47.98
C THR GA 44 -34.59 5.09 48.66
N PHE GA 45 -35.15 6.14 48.06
CA PHE GA 45 -36.31 6.76 48.66
C PHE GA 45 -37.58 6.01 48.26
N PHE GA 46 -37.70 5.65 46.99
CA PHE GA 46 -38.91 4.95 46.57
C PHE GA 46 -38.88 3.47 46.93
N ASP GA 47 -37.71 2.88 47.13
CA ASP GA 47 -37.72 1.51 47.64
C ASP GA 47 -38.15 1.45 49.09
N ALA GA 48 -38.00 2.53 49.84
CA ALA GA 48 -38.56 2.54 51.18
C ALA GA 48 -40.07 2.67 51.14
N MET GA 49 -40.62 3.24 50.07
CA MET GA 49 -42.07 3.27 49.90
C MET GA 49 -42.61 2.01 49.27
N ALA GA 50 -41.71 1.09 48.92
CA ALA GA 50 -42.08 -0.10 48.20
C ALA GA 50 -42.56 -1.22 49.12
N LEU GA 51 -42.83 -0.91 50.38
CA LEU GA 51 -43.48 -1.83 51.30
C LEU GA 51 -44.90 -1.39 51.63
N GLN GA 52 -45.11 -0.08 51.76
CA GLN GA 52 -46.46 0.43 51.90
C GLN GA 52 -47.22 0.27 50.60
N LEU GA 53 -46.62 0.68 49.49
CA LEU GA 53 -47.05 0.09 48.22
C LEU GA 53 -46.63 -1.37 48.18
N LYS GA 54 -47.55 -2.24 47.79
CA LYS GA 54 -47.26 -3.67 47.84
C LYS GA 54 -46.64 -4.20 46.56
N GLU GA 55 -46.08 -3.32 45.73
CA GLU GA 55 -45.48 -3.69 44.47
C GLU GA 55 -44.07 -3.11 44.38
N PRO GA 56 -43.16 -3.77 43.67
CA PRO GA 56 -41.81 -3.20 43.51
C PRO GA 56 -41.83 -2.00 42.57
N VAL GA 57 -40.93 -1.06 42.86
CA VAL GA 57 -40.84 0.19 42.13
C VAL GA 57 -39.59 0.18 41.25
N ILE GA 58 -39.73 0.62 40.01
CA ILE GA 58 -38.63 0.69 39.05
C ILE GA 58 -38.49 2.15 38.66
N VAL GA 59 -37.41 2.77 39.10
CA VAL GA 59 -37.11 4.16 38.82
C VAL GA 59 -36.10 4.20 37.67
N SER GA 60 -36.32 5.11 36.72
CA SER GA 60 -35.49 5.13 35.53
C SER GA 60 -34.10 5.70 35.83
N LYS GA 61 -33.29 5.81 34.78
CA LYS GA 61 -31.90 6.22 34.93
C LYS GA 61 -31.75 7.74 34.99
N MET GA 62 -32.56 8.46 34.23
CA MET GA 62 -32.46 9.92 34.25
C MET GA 62 -33.16 10.50 35.46
N ALA GA 63 -34.17 9.81 35.98
CA ALA GA 63 -34.92 10.26 37.15
C ALA GA 63 -34.30 9.84 38.46
N ALA GA 64 -33.08 9.33 38.46
CA ALA GA 64 -32.39 8.96 39.69
C ALA GA 64 -31.27 9.92 40.04
N ARG GA 65 -31.07 10.98 39.27
CA ARG GA 65 -30.09 12.00 39.59
C ARG GA 65 -30.63 13.08 40.51
N LYS GA 66 -31.93 13.13 40.75
CA LYS GA 66 -32.49 14.13 41.64
C LYS GA 66 -32.49 13.63 43.07
N LYS GA 67 -32.40 14.56 44.00
CA LYS GA 67 -32.28 14.20 45.40
C LYS GA 67 -33.40 14.83 46.23
N ILE GA 68 -33.63 14.24 47.40
CA ILE GA 68 -34.70 14.68 48.29
C ILE GA 68 -34.29 14.38 49.72
N THR GA 69 -34.59 15.30 50.63
CA THR GA 69 -34.29 15.14 52.04
C THR GA 69 -35.41 15.72 52.90
N GLY GA 70 -35.69 15.05 54.01
CA GLY GA 70 -36.77 15.47 54.88
C GLY GA 70 -37.42 14.28 55.55
N ASN GA 71 -38.34 14.60 56.46
CA ASN GA 71 -39.07 13.60 57.23
C ASN GA 71 -40.40 13.33 56.55
N PHE GA 72 -40.62 12.09 56.11
CA PHE GA 72 -41.80 11.67 55.38
C PHE GA 72 -42.52 10.56 56.14
N GLU GA 73 -43.78 10.34 55.76
CA GLU GA 73 -44.57 9.26 56.33
C GLU GA 73 -45.57 8.76 55.29
N PHE GA 74 -45.81 7.45 55.27
CA PHE GA 74 -46.66 6.85 54.25
C PHE GA 74 -47.87 6.21 54.92
N HIS GA 75 -49.06 6.71 54.63
CA HIS GA 75 -50.27 6.02 55.02
C HIS GA 75 -51.29 5.84 53.90
N ASP GA 76 -51.18 6.56 52.79
CA ASP GA 76 -51.88 6.21 51.55
C ASP GA 76 -50.99 6.59 50.37
N PRO GA 77 -50.07 5.71 50.00
CA PRO GA 77 -48.99 6.12 49.10
C PRO GA 77 -49.43 6.26 47.67
N ASN GA 78 -50.59 5.73 47.29
CA ASN GA 78 -51.08 5.96 45.94
C ASN GA 78 -51.56 7.40 45.80
N ALA GA 79 -51.95 8.04 46.90
CA ALA GA 79 -52.24 9.46 46.89
C ALA GA 79 -51.01 10.31 47.16
N LEU GA 80 -50.00 9.76 47.82
CA LEU GA 80 -48.77 10.53 48.02
C LEU GA 80 -47.87 10.55 46.78
N LEU GA 81 -47.90 9.47 45.99
CA LEU GA 81 -47.09 9.39 44.79
C LEU GA 81 -47.60 10.33 43.71
N GLU GA 82 -48.89 10.61 43.70
CA GLU GA 82 -49.43 11.49 42.68
C GLU GA 82 -49.01 12.92 42.98
N LYS GA 83 -48.99 13.29 44.25
CA LYS GA 83 -48.63 14.66 44.60
C LYS GA 83 -47.14 14.88 44.43
N LEU GA 84 -46.31 13.89 44.83
CA LEU GA 84 -44.88 14.09 44.63
C LEU GA 84 -44.45 13.94 43.18
N SER GA 85 -45.28 13.32 42.32
CA SER GA 85 -44.91 13.26 40.92
C SER GA 85 -45.21 14.56 40.19
N LEU GA 86 -45.94 15.46 40.84
CA LEU GA 86 -46.18 16.78 40.28
C LEU GA 86 -45.30 17.83 40.90
N GLN GA 87 -44.94 17.67 42.18
CA GLN GA 87 -44.03 18.65 42.75
C GLN GA 87 -42.61 18.42 42.28
N LEU GA 88 -42.17 17.16 42.14
CA LEU GA 88 -40.82 16.95 41.65
C LEU GA 88 -40.79 17.02 40.13
N GLY GA 89 -41.82 16.50 39.49
CA GLY GA 89 -41.90 16.47 38.05
C GLY GA 89 -41.52 15.09 37.61
N LEU GA 90 -42.53 14.24 37.42
CA LEU GA 90 -42.37 12.82 37.17
C LEU GA 90 -43.64 12.31 36.52
N ILE GA 91 -43.52 11.17 35.89
CA ILE GA 91 -44.67 10.43 35.39
C ILE GA 91 -44.53 8.99 35.85
N TRP GA 92 -45.66 8.37 36.19
CA TRP GA 92 -45.62 7.03 36.76
C TRP GA 92 -46.71 6.20 36.11
N TYR GA 93 -46.55 4.89 36.23
CA TYR GA 93 -47.50 3.98 35.62
C TYR GA 93 -47.48 2.68 36.41
N PHE GA 94 -48.66 2.13 36.66
CA PHE GA 94 -48.80 0.88 37.40
C PHE GA 94 -49.54 -0.11 36.53
N ASP GA 95 -48.86 -1.19 36.15
CA ASP GA 95 -49.41 -2.13 35.17
C ASP GA 95 -49.85 -3.44 35.82
N GLY GA 96 -50.10 -3.43 37.13
CA GLY GA 96 -50.61 -4.59 37.81
C GLY GA 96 -49.56 -5.41 38.53
N GLN GA 97 -48.28 -5.25 38.17
CA GLN GA 97 -47.22 -6.01 38.80
C GLN GA 97 -46.13 -5.14 39.39
N ALA GA 98 -45.87 -3.97 38.79
CA ALA GA 98 -44.81 -3.10 39.26
C ALA GA 98 -45.22 -1.66 39.04
N ILE GA 99 -44.41 -0.74 39.54
CA ILE GA 99 -44.67 0.69 39.38
C ILE GA 99 -43.47 1.33 38.70
N TYR GA 100 -43.65 1.80 37.48
CA TYR GA 100 -42.57 2.46 36.74
C TYR GA 100 -42.63 3.96 36.94
N ILE GA 101 -41.45 4.56 37.17
CA ILE GA 101 -41.33 5.99 37.41
C ILE GA 101 -40.29 6.56 36.47
N TYR GA 102 -40.69 7.52 35.64
CA TYR GA 102 -39.79 8.26 34.76
C TYR GA 102 -39.87 9.74 35.08
N ASP GA 103 -38.88 10.49 34.62
CA ASP GA 103 -39.02 11.93 34.74
C ASP GA 103 -39.81 12.49 33.56
N ALA GA 104 -40.11 13.79 33.63
CA ALA GA 104 -41.07 14.39 32.72
C ALA GA 104 -40.55 14.53 31.30
N SER GA 105 -39.25 14.59 31.09
CA SER GA 105 -38.70 14.80 29.76
C SER GA 105 -38.51 13.52 28.98
N GLU GA 106 -39.09 12.41 29.43
CA GLU GA 106 -39.01 11.15 28.71
C GLU GA 106 -40.35 10.71 28.14
N MET GA 107 -41.35 11.59 28.12
CA MET GA 107 -42.65 11.22 27.58
C MET GA 107 -42.60 11.22 26.07
N ARG GA 108 -43.10 10.15 25.46
CA ARG GA 108 -43.06 9.98 24.02
C ARG GA 108 -44.47 9.84 23.45
N ASN GA 109 -44.60 10.14 22.16
CA ASN GA 109 -45.86 10.21 21.45
C ASN GA 109 -45.89 9.28 20.24
N ALA GA 110 -47.09 8.90 19.82
CA ALA GA 110 -47.27 8.04 18.66
C ALA GA 110 -48.65 8.23 18.06
N VAL GA 111 -48.74 7.94 16.75
CA VAL GA 111 -49.98 7.97 15.99
C VAL GA 111 -50.01 6.74 15.08
N VAL GA 112 -51.10 5.97 15.15
CA VAL GA 112 -51.20 4.70 14.43
C VAL GA 112 -52.55 4.57 13.74
N SER GA 113 -52.57 3.76 12.69
CA SER GA 113 -53.77 3.61 11.89
C SER GA 113 -54.19 2.14 11.93
N LEU GA 114 -55.48 1.90 12.15
CA LEU GA 114 -56.06 0.57 12.17
C LEU GA 114 -56.91 0.34 10.94
N ARG GA 115 -56.59 -0.67 10.15
CA ARG GA 115 -57.32 -0.82 8.90
C ARG GA 115 -58.67 -1.49 9.13
N ASN GA 116 -58.80 -2.38 10.12
CA ASN GA 116 -60.03 -3.14 10.23
C ASN GA 116 -60.57 -3.33 11.65
N VAL GA 117 -60.09 -2.59 12.67
CA VAL GA 117 -60.73 -2.59 13.97
C VAL GA 117 -60.94 -1.15 14.43
N SER GA 118 -61.87 -0.98 15.38
CA SER GA 118 -62.17 0.36 15.87
C SER GA 118 -61.42 0.70 17.15
N LEU GA 119 -61.47 1.99 17.47
CA LEU GA 119 -60.90 2.47 18.72
C LEU GA 119 -61.74 2.03 19.89
N ASN GA 120 -63.06 2.01 19.73
CA ASN GA 120 -63.92 1.53 20.80
C ASN GA 120 -63.78 0.04 21.00
N GLU GA 121 -63.34 -0.69 19.98
CA GLU GA 121 -63.04 -2.10 20.17
C GLU GA 121 -61.72 -2.27 20.90
N PHE GA 122 -60.74 -1.40 20.65
CA PHE GA 122 -59.47 -1.55 21.33
C PHE GA 122 -59.55 -1.09 22.79
N ASN GA 123 -60.41 -0.11 23.06
CA ASN GA 123 -60.57 0.35 24.43
C ASN GA 123 -61.31 -0.66 25.28
N ASN GA 124 -62.09 -1.55 24.67
CA ASN GA 124 -62.70 -2.59 25.47
C ASN GA 124 -61.68 -3.65 25.82
N PHE GA 125 -60.65 -3.80 24.98
CA PHE GA 125 -59.58 -4.73 25.29
C PHE GA 125 -58.73 -4.18 26.41
N LEU GA 126 -58.53 -2.86 26.42
CA LEU GA 126 -57.72 -2.27 27.48
C LEU GA 126 -58.48 -2.20 28.80
N LYS GA 127 -59.79 -1.97 28.74
CA LYS GA 127 -60.57 -1.86 29.96
C LYS GA 127 -60.80 -3.23 30.57
N ARG GA 128 -61.02 -4.24 29.72
CA ARG GA 128 -61.31 -5.57 30.21
C ARG GA 128 -60.06 -6.25 30.70
N SER GA 129 -58.91 -5.98 30.06
CA SER GA 129 -57.67 -6.60 30.52
C SER GA 129 -57.18 -5.93 31.79
N GLY GA 130 -57.23 -4.59 31.86
CA GLY GA 130 -56.77 -3.90 33.05
C GLY GA 130 -55.58 -2.98 32.92
N LEU GA 131 -55.26 -2.59 31.69
CA LEU GA 131 -54.16 -1.67 31.44
C LEU GA 131 -54.67 -0.29 31.09
N TYR GA 132 -55.97 -0.07 31.18
CA TYR GA 132 -56.56 1.23 30.85
C TYR GA 132 -56.24 2.24 31.93
N ASN GA 133 -55.63 3.35 31.53
CA ASN GA 133 -55.22 4.41 32.44
C ASN GA 133 -55.98 5.69 32.15
N LYS GA 134 -56.77 6.16 33.13
CA LYS GA 134 -57.65 7.30 32.93
C LYS GA 134 -56.93 8.65 32.99
N ASN GA 135 -55.65 8.66 33.35
CA ASN GA 135 -54.90 9.92 33.31
C ASN GA 135 -54.30 10.15 31.93
N TYR GA 136 -53.99 9.07 31.22
CA TYR GA 136 -53.46 9.12 29.86
C TYR GA 136 -54.42 8.35 28.97
N PRO GA 137 -55.54 8.94 28.59
CA PRO GA 137 -56.50 8.23 27.76
C PRO GA 137 -56.04 8.25 26.31
N LEU GA 138 -56.82 7.60 25.45
CA LEU GA 138 -56.50 7.54 24.04
C LEU GA 138 -57.32 8.60 23.30
N ARG GA 139 -56.64 9.43 22.54
CA ARG GA 139 -57.27 10.56 21.86
C ARG GA 139 -57.47 10.19 20.40
N GLY GA 140 -58.73 10.10 19.99
CA GLY GA 140 -59.05 9.84 18.61
C GLY GA 140 -60.54 9.79 18.41
N ASP GA 141 -60.93 9.66 17.14
CA ASP GA 141 -62.32 9.50 16.76
C ASP GA 141 -62.86 8.13 17.16
N ASN GA 142 -64.15 8.09 17.48
CA ASN GA 142 -64.74 6.96 18.16
C ASN GA 142 -64.88 5.75 17.24
N ARG GA 143 -65.12 5.96 15.95
CA ARG GA 143 -65.21 4.86 14.99
C ARG GA 143 -64.29 5.14 13.81
N LYS GA 144 -63.00 4.92 13.99
CA LYS GA 144 -62.02 5.08 12.92
C LYS GA 144 -60.89 4.10 13.16
N GLY GA 145 -59.77 4.36 12.51
CA GLY GA 145 -58.62 3.51 12.64
C GLY GA 145 -57.47 4.28 13.23
N THR GA 146 -57.54 5.61 13.17
CA THR GA 146 -56.46 6.45 13.65
C THR GA 146 -56.77 6.98 15.04
N PHE GA 147 -55.74 7.08 15.87
CA PHE GA 147 -55.83 7.75 17.16
C PHE GA 147 -54.46 8.29 17.51
N TYR GA 148 -54.36 8.85 18.71
CA TYR GA 148 -53.14 9.51 19.19
C TYR GA 148 -52.95 9.11 20.64
N VAL GA 149 -51.82 8.48 20.92
CA VAL GA 149 -51.48 7.96 22.24
C VAL GA 149 -50.21 8.65 22.70
N SER GA 150 -50.14 8.95 24.00
CA SER GA 150 -48.97 9.57 24.59
C SER GA 150 -48.91 9.23 26.06
N GLY GA 151 -47.71 9.00 26.57
CA GLY GA 151 -47.56 8.68 27.96
C GLY GA 151 -46.17 8.22 28.36
N PRO GA 152 -46.09 7.35 29.35
CA PRO GA 152 -44.80 6.79 29.74
C PRO GA 152 -44.24 5.87 28.68
N PRO GA 153 -42.91 5.70 28.66
CA PRO GA 153 -42.29 4.88 27.60
C PRO GA 153 -42.60 3.41 27.69
N VAL GA 154 -43.06 2.90 28.83
CA VAL GA 154 -43.48 1.50 28.88
C VAL GA 154 -44.95 1.34 28.51
N TYR GA 155 -45.73 2.42 28.54
CA TYR GA 155 -47.12 2.40 28.12
C TYR GA 155 -47.30 2.54 26.61
N VAL GA 156 -46.46 3.38 25.99
CA VAL GA 156 -46.62 3.63 24.56
C VAL GA 156 -46.19 2.43 23.73
N ASP GA 157 -45.05 1.83 24.05
CA ASP GA 157 -44.57 0.72 23.24
C ASP GA 157 -45.39 -0.55 23.43
N MET GA 158 -46.24 -0.58 24.45
CA MET GA 158 -47.22 -1.65 24.59
C MET GA 158 -48.48 -1.38 23.77
N VAL GA 159 -48.93 -0.12 23.76
CA VAL GA 159 -50.16 0.20 23.03
C VAL GA 159 -49.92 0.06 21.53
N VAL GA 160 -48.76 0.50 21.07
CA VAL GA 160 -48.39 0.41 19.66
C VAL GA 160 -48.20 -1.05 19.24
N ASN GA 161 -47.61 -1.85 20.13
CA ASN GA 161 -47.32 -3.23 19.78
C ASN GA 161 -48.59 -4.06 19.78
N ALA GA 162 -49.59 -3.71 20.57
CA ALA GA 162 -50.81 -4.51 20.52
C ALA GA 162 -51.68 -4.04 19.36
N ALA GA 163 -51.53 -2.78 18.96
CA ALA GA 163 -52.33 -2.29 17.84
C ALA GA 163 -51.81 -2.85 16.53
N THR GA 164 -50.50 -3.00 16.40
CA THR GA 164 -49.98 -3.61 15.19
C THR GA 164 -49.96 -5.15 15.29
N MET GA 165 -50.46 -5.71 16.40
CA MET GA 165 -50.61 -7.16 16.50
C MET GA 165 -52.05 -7.58 16.53
N MET GA 166 -52.99 -6.65 16.33
CA MET GA 166 -54.37 -7.08 16.09
C MET GA 166 -54.81 -6.97 14.63
N ASP GA 167 -54.22 -6.07 13.84
CA ASP GA 167 -54.58 -6.01 12.43
C ASP GA 167 -53.99 -7.17 11.67
N LYS GA 168 -52.77 -7.58 12.01
CA LYS GA 168 -52.17 -8.74 11.36
C LYS GA 168 -52.85 -10.02 11.78
N GLN GA 169 -53.49 -10.05 12.95
CA GLN GA 169 -54.27 -11.22 13.33
C GLN GA 169 -55.60 -11.25 12.59
N ASN GA 170 -56.25 -10.11 12.44
CA ASN GA 170 -57.52 -10.12 11.74
C ASN GA 170 -57.33 -10.02 10.24
N TRP HA 365 66.99 -2.84 -33.76
CA TRP HA 365 67.61 -4.14 -33.53
C TRP HA 365 68.02 -4.82 -34.84
N LEU HA 366 67.44 -4.41 -35.95
CA LEU HA 366 67.95 -4.79 -37.26
C LEU HA 366 69.07 -3.84 -37.61
N LYS HA 367 70.30 -4.36 -37.66
CA LYS HA 367 71.49 -3.52 -37.76
C LYS HA 367 71.73 -3.09 -39.21
N GLY HA 368 70.89 -2.18 -39.69
CA GLY HA 368 71.12 -1.58 -40.99
C GLY HA 368 70.17 -2.03 -42.07
N ARG HA 369 69.89 -3.32 -42.08
CA ARG HA 369 69.09 -3.96 -43.11
C ARG HA 369 67.59 -3.81 -42.80
N SER HA 370 66.80 -3.77 -43.86
CA SER HA 370 65.36 -3.58 -43.73
C SER HA 370 64.65 -4.25 -44.90
N PHE HA 371 63.43 -4.69 -44.64
CA PHE HA 371 62.68 -5.50 -45.59
C PHE HA 371 61.27 -4.95 -45.70
N GLN HA 372 60.61 -5.29 -46.80
CA GLN HA 372 59.19 -5.05 -46.96
C GLN HA 372 58.51 -6.34 -47.36
N TYR HA 373 57.27 -6.48 -46.93
CA TYR HA 373 56.57 -7.75 -46.91
C TYR HA 373 55.29 -7.60 -47.72
N GLY HA 374 55.20 -8.28 -48.84
CA GLY HA 374 53.91 -8.40 -49.49
C GLY HA 374 53.77 -9.54 -50.47
N ALA HA 375 52.78 -10.41 -50.22
CA ALA HA 375 52.17 -11.33 -51.17
C ALA HA 375 53.09 -12.45 -51.67
N GLU HA 376 54.37 -12.40 -51.35
CA GLU HA 376 55.31 -13.43 -51.77
C GLU HA 376 56.32 -13.80 -50.70
N GLY HA 377 56.46 -13.02 -49.64
CA GLY HA 377 57.56 -13.23 -48.74
C GLY HA 377 58.21 -11.90 -48.45
N TYR HA 378 59.53 -11.87 -48.33
CA TYR HA 378 60.24 -10.64 -48.04
C TYR HA 378 61.10 -10.23 -49.21
N ILE HA 379 61.20 -8.92 -49.41
CA ILE HA 379 62.01 -8.31 -50.44
C ILE HA 379 63.00 -7.37 -49.76
N LYS HA 380 64.26 -7.48 -50.12
CA LYS HA 380 65.31 -6.67 -49.52
C LYS HA 380 65.21 -5.26 -50.09
N MET HA 381 65.04 -4.27 -49.21
CA MET HA 381 64.94 -2.91 -49.69
C MET HA 381 66.30 -2.35 -50.06
N SER HA 382 66.27 -1.28 -50.84
CA SER HA 382 67.49 -0.59 -51.20
C SER HA 382 68.00 0.21 -50.01
N PRO HA 383 69.32 0.41 -49.90
CA PRO HA 383 69.84 1.18 -48.77
C PRO HA 383 69.48 2.66 -48.90
N GLY HA 384 68.82 3.19 -47.87
CA GLY HA 384 68.46 4.59 -47.81
C GLY HA 384 68.88 5.18 -46.49
N HIS HA 385 68.54 6.45 -46.31
CA HIS HA 385 68.94 7.18 -45.11
C HIS HA 385 67.93 7.04 -43.98
N TRP HA 386 66.67 6.84 -44.32
CA TRP HA 386 65.64 6.65 -43.31
C TRP HA 386 65.67 5.23 -42.78
N TYR HA 387 65.51 5.09 -41.46
CA TYR HA 387 65.48 3.79 -40.82
C TYR HA 387 64.20 3.64 -40.02
N PHE HA 388 63.72 2.41 -39.92
CA PHE HA 388 62.51 2.12 -39.16
C PHE HA 388 62.84 1.96 -37.68
N PRO HA 389 62.24 2.74 -36.78
CA PRO HA 389 62.50 2.56 -35.35
C PRO HA 389 61.90 1.25 -34.84
N SER HA 390 62.60 0.63 -33.90
CA SER HA 390 62.33 -0.76 -33.55
C SER HA 390 61.43 -0.85 -32.33
N PRO HA 391 60.21 -1.37 -32.44
CA PRO HA 391 59.44 -1.73 -31.24
C PRO HA 391 59.84 -3.13 -30.79
N LEU HA 392 60.49 -3.23 -29.63
CA LEU HA 392 60.92 -4.50 -29.10
C LEU HA 392 61.12 -4.47 -27.59
N GLY IA 32 -32.76 -21.92 68.85
CA GLY IA 32 -33.28 -22.48 67.62
C GLY IA 32 -32.29 -22.43 66.48
N SER IA 33 -32.49 -21.49 65.56
CA SER IA 33 -31.57 -21.32 64.45
C SER IA 33 -31.43 -19.83 64.17
N GLY IA 34 -30.81 -19.50 63.05
CA GLY IA 34 -30.64 -18.12 62.65
C GLY IA 34 -29.32 -17.94 61.91
N PHE IA 35 -28.96 -16.68 61.73
CA PHE IA 35 -27.74 -16.33 61.00
C PHE IA 35 -27.30 -14.93 61.40
N VAL IA 36 -26.07 -14.79 61.89
CA VAL IA 36 -25.56 -13.50 62.32
C VAL IA 36 -24.75 -12.94 61.16
N ALA IA 37 -25.37 -12.09 60.35
CA ALA IA 37 -24.71 -11.55 59.17
C ALA IA 37 -23.87 -10.34 59.53
N LYS IA 38 -22.62 -10.33 59.11
CA LYS IA 38 -21.75 -9.17 59.28
C LYS IA 38 -21.11 -8.85 57.94
N ASP IA 39 -21.74 -7.90 57.24
CA ASP IA 39 -21.26 -7.33 55.97
C ASP IA 39 -21.14 -8.39 54.88
N ASP IA 40 -22.16 -9.25 54.77
CA ASP IA 40 -22.22 -10.20 53.67
C ASP IA 40 -22.71 -9.49 52.41
N SER IA 41 -22.75 -10.23 51.31
CA SER IA 41 -22.96 -9.62 50.00
C SER IA 41 -24.12 -10.25 49.22
N LEU IA 42 -25.17 -10.69 49.92
CA LEU IA 42 -26.42 -11.18 49.32
C LEU IA 42 -26.28 -12.41 48.43
N ARG IA 43 -25.10 -13.00 48.34
CA ARG IA 43 -24.93 -14.30 47.70
C ARG IA 43 -24.55 -15.38 48.69
N THR IA 44 -23.85 -15.01 49.74
CA THR IA 44 -23.62 -15.87 50.88
C THR IA 44 -24.72 -15.80 51.92
N PHE IA 45 -25.67 -14.89 51.78
CA PHE IA 45 -26.80 -14.81 52.70
C PHE IA 45 -27.95 -15.71 52.26
N PHE IA 46 -28.36 -15.59 51.00
CA PHE IA 46 -29.48 -16.39 50.57
C PHE IA 46 -29.07 -17.85 50.37
N ASP IA 47 -27.77 -18.16 50.37
CA ASP IA 47 -27.35 -19.54 50.43
C ASP IA 47 -27.47 -20.08 51.85
N ALA IA 48 -27.30 -19.22 52.85
CA ALA IA 48 -27.50 -19.67 54.22
C ALA IA 48 -28.98 -19.87 54.50
N MET IA 49 -29.84 -19.18 53.76
CA MET IA 49 -31.28 -19.42 53.88
C MET IA 49 -31.73 -20.65 53.10
N ALA IA 50 -30.85 -21.18 52.24
CA ALA IA 50 -31.17 -22.25 51.31
C ALA IA 50 -31.16 -23.62 51.95
N LEU IA 51 -31.16 -23.71 53.28
CA LEU IA 51 -31.39 -24.98 53.94
C LEU IA 51 -32.81 -25.06 54.45
N GLN IA 52 -33.30 -23.98 55.04
CA GLN IA 52 -34.70 -23.92 55.45
C GLN IA 52 -35.61 -23.89 54.25
N LEU IA 53 -35.35 -22.98 53.30
CA LEU IA 53 -35.85 -23.21 51.95
C LEU IA 53 -35.21 -24.47 51.37
N LYS IA 54 -36.02 -25.37 50.82
CA LYS IA 54 -35.48 -26.65 50.41
C LYS IA 54 -34.95 -26.66 48.98
N GLU IA 55 -34.64 -25.50 48.41
CA GLU IA 55 -34.17 -25.43 47.03
C GLU IA 55 -32.93 -24.56 46.94
N PRO IA 56 -32.07 -24.79 45.95
CA PRO IA 56 -30.98 -23.84 45.71
C PRO IA 56 -31.51 -22.53 45.17
N VAL IA 57 -30.72 -21.47 45.38
CA VAL IA 57 -31.09 -20.10 45.03
C VAL IA 57 -30.06 -19.50 44.08
N ILE IA 58 -30.54 -18.96 42.96
CA ILE IA 58 -29.66 -18.42 41.94
C ILE IA 58 -29.91 -16.93 41.90
N VAL IA 59 -29.05 -16.18 42.58
CA VAL IA 59 -29.12 -14.72 42.63
C VAL IA 59 -28.24 -14.17 41.52
N SER IA 60 -28.77 -13.24 40.74
CA SER IA 60 -27.96 -12.65 39.69
C SER IA 60 -26.87 -11.72 40.24
N LYS IA 61 -25.98 -11.34 39.33
CA LYS IA 61 -24.81 -10.57 39.71
C LYS IA 61 -25.05 -9.08 39.64
N MET IA 62 -26.26 -8.68 39.28
CA MET IA 62 -26.60 -7.28 39.43
C MET IA 62 -27.30 -7.04 40.75
N ALA IA 63 -27.86 -8.10 41.33
CA ALA IA 63 -28.42 -8.07 42.67
C ALA IA 63 -27.47 -8.70 43.67
N ALA IA 64 -26.22 -8.93 43.30
CA ALA IA 64 -25.23 -9.46 44.22
C ALA IA 64 -24.28 -8.40 44.77
N ARG IA 65 -24.40 -7.14 44.35
CA ARG IA 65 -23.55 -6.07 44.88
C ARG IA 65 -24.12 -5.37 46.11
N LYS IA 66 -25.39 -5.53 46.41
CA LYS IA 66 -25.90 -4.97 47.66
C LYS IA 66 -25.50 -5.84 48.84
N LYS IA 67 -25.42 -5.21 50.00
CA LYS IA 67 -24.87 -5.84 51.20
C LYS IA 67 -25.90 -5.76 52.32
N ILE IA 68 -25.68 -6.58 53.35
CA ILE IA 68 -26.62 -6.69 54.46
C ILE IA 68 -25.86 -7.11 55.71
N THR IA 69 -26.38 -6.72 56.87
CA THR IA 69 -25.85 -7.11 58.16
C THR IA 69 -26.95 -7.09 59.20
N GLY IA 70 -26.79 -7.92 60.24
CA GLY IA 70 -27.80 -8.05 61.27
C GLY IA 70 -28.15 -9.48 61.64
N ASN IA 71 -28.75 -9.64 62.81
CA ASN IA 71 -29.09 -10.95 63.37
C ASN IA 71 -30.45 -11.37 62.84
N PHE IA 72 -30.46 -12.37 61.96
CA PHE IA 72 -31.69 -12.84 61.34
C PHE IA 72 -32.08 -14.21 61.91
N GLU IA 73 -33.38 -14.42 62.14
CA GLU IA 73 -33.86 -15.67 62.69
C GLU IA 73 -34.84 -16.30 61.71
N PHE IA 74 -34.52 -17.51 61.24
CA PHE IA 74 -35.33 -18.21 60.24
C PHE IA 74 -36.33 -19.16 60.89
N HIS IA 75 -37.54 -18.69 61.16
CA HIS IA 75 -38.60 -19.62 61.58
C HIS IA 75 -39.79 -19.57 60.64
N ASP IA 76 -39.81 -18.68 59.65
CA ASP IA 76 -40.84 -18.68 58.62
C ASP IA 76 -40.24 -18.09 57.36
N PRO IA 77 -39.54 -18.92 56.56
CA PRO IA 77 -38.69 -18.38 55.49
C PRO IA 77 -39.43 -17.89 54.27
N ASN IA 78 -40.58 -18.50 53.93
CA ASN IA 78 -41.26 -18.07 52.71
C ASN IA 78 -41.91 -16.71 52.89
N ALA IA 79 -42.17 -16.31 54.14
CA ALA IA 79 -42.64 -14.97 54.43
C ALA IA 79 -41.48 -14.03 54.72
N LEU IA 80 -40.32 -14.57 55.11
CA LEU IA 80 -39.19 -13.69 55.30
C LEU IA 80 -38.63 -13.24 53.95
N LEU IA 81 -38.68 -14.13 52.96
CA LEU IA 81 -38.22 -13.78 51.63
C LEU IA 81 -39.17 -12.81 50.97
N GLU IA 82 -40.47 -12.93 51.26
CA GLU IA 82 -41.45 -12.00 50.73
C GLU IA 82 -41.30 -10.63 51.37
N LYS IA 83 -40.92 -10.58 52.64
CA LYS IA 83 -40.77 -9.27 53.25
C LYS IA 83 -39.47 -8.61 52.82
N LEU IA 84 -38.38 -9.37 52.73
CA LEU IA 84 -37.13 -8.74 52.35
C LEU IA 84 -37.07 -8.39 50.88
N SER IA 85 -37.91 -9.00 50.05
CA SER IA 85 -37.92 -8.63 48.64
C SER IA 85 -38.59 -7.29 48.43
N LEU IA 86 -39.45 -6.88 49.36
CA LEU IA 86 -40.15 -5.62 49.24
C LEU IA 86 -39.41 -4.53 49.97
N GLN IA 87 -38.70 -4.88 51.04
CA GLN IA 87 -37.95 -3.84 51.73
C GLN IA 87 -36.68 -3.48 50.99
N LEU IA 88 -36.04 -4.44 50.32
CA LEU IA 88 -34.84 -4.08 49.57
C LEU IA 88 -35.16 -3.72 48.13
N GLY IA 89 -36.15 -4.37 47.52
CA GLY IA 89 -36.50 -4.09 46.15
C GLY IA 89 -35.84 -5.16 45.32
N LEU IA 90 -36.59 -6.22 45.04
CA LEU IA 90 -36.08 -7.45 44.45
C LEU IA 90 -37.27 -8.14 43.82
N ILE IA 91 -36.98 -9.04 42.89
CA ILE IA 91 -38.01 -9.91 42.34
C ILE IA 91 -37.50 -11.33 42.37
N TRP IA 92 -38.40 -12.27 42.64
CA TRP IA 92 -38.03 -13.66 42.80
C TRP IA 92 -39.07 -14.54 42.15
N TYR IA 93 -38.67 -15.79 41.91
CA TYR IA 93 -39.55 -16.71 41.21
C TYR IA 93 -39.14 -18.13 41.55
N PHE IA 94 -40.11 -19.01 41.76
CA PHE IA 94 -39.85 -20.39 42.14
C PHE IA 94 -40.58 -21.31 41.18
N ASP IA 95 -39.84 -22.00 40.32
CA ASP IA 95 -40.45 -22.80 39.27
C ASP IA 95 -40.60 -24.26 39.65
N GLY IA 96 -40.22 -24.64 40.86
CA GLY IA 96 -40.33 -26.02 41.31
C GLY IA 96 -39.01 -26.73 41.50
N GLN IA 97 -37.90 -26.14 41.10
CA GLN IA 97 -36.61 -26.79 41.27
C GLN IA 97 -35.61 -25.87 41.93
N ALA IA 98 -35.79 -24.56 41.77
CA ALA IA 98 -34.86 -23.60 42.30
C ALA IA 98 -35.60 -22.29 42.51
N ILE IA 99 -34.92 -21.35 43.17
CA ILE IA 99 -35.47 -20.03 43.41
C ILE IA 99 -34.55 -19.02 42.74
N TYR IA 100 -35.06 -18.34 41.73
CA TYR IA 100 -34.29 -17.31 41.05
C TYR IA 100 -34.56 -15.97 41.71
N ILE IA 101 -33.50 -15.15 41.82
CA ILE IA 101 -33.57 -13.84 42.47
C ILE IA 101 -32.89 -12.82 41.56
N TYR IA 102 -33.63 -11.81 41.14
CA TYR IA 102 -33.13 -10.68 40.37
C TYR IA 102 -33.36 -9.38 41.13
N ASP IA 103 -32.69 -8.33 40.67
CA ASP IA 103 -33.00 -7.00 41.17
C ASP IA 103 -34.16 -6.42 40.37
N ALA IA 104 -34.75 -5.36 40.92
CA ALA IA 104 -36.01 -4.83 40.40
C ALA IA 104 -35.86 -4.16 39.05
N SER IA 105 -34.67 -3.72 38.71
CA SER IA 105 -34.44 -3.02 37.46
C SER IA 105 -34.20 -3.96 36.30
N GLU IA 106 -34.39 -5.27 36.49
CA GLU IA 106 -34.23 -6.23 35.40
C GLU IA 106 -35.55 -6.80 34.91
N MET IA 107 -36.68 -6.30 35.39
CA MET IA 107 -37.96 -6.84 34.97
C MET IA 107 -38.28 -6.41 33.55
N ARG IA 108 -38.52 -7.37 32.67
CA ARG IA 108 -38.85 -7.13 31.28
C ARG IA 108 -40.27 -7.59 31.01
N ASN IA 109 -40.82 -7.12 29.89
CA ASN IA 109 -42.20 -7.40 29.54
C ASN IA 109 -42.33 -7.60 28.04
N ALA IA 110 -43.38 -8.32 27.65
CA ALA IA 110 -43.65 -8.56 26.24
C ALA IA 110 -45.13 -8.81 25.99
N VAL IA 111 -45.52 -8.59 24.74
CA VAL IA 111 -46.85 -8.88 24.24
C VAL IA 111 -46.71 -9.83 23.05
N VAL IA 112 -47.40 -10.96 23.11
CA VAL IA 112 -47.24 -12.00 22.10
C VAL IA 112 -48.61 -12.43 21.60
N SER IA 113 -48.70 -12.75 20.30
CA SER IA 113 -49.97 -13.07 19.65
C SER IA 113 -50.01 -14.55 19.30
N LEU IA 114 -51.07 -15.21 19.71
CA LEU IA 114 -51.35 -16.59 19.38
C LEU IA 114 -52.31 -16.64 18.20
N ARG IA 115 -51.90 -17.27 17.11
CA ARG IA 115 -52.70 -17.24 15.90
C ARG IA 115 -53.92 -18.16 16.02
N ASN IA 116 -53.73 -19.36 16.57
CA ASN IA 116 -54.79 -20.37 16.56
C ASN IA 116 -54.92 -21.10 17.89
N VAL IA 117 -54.68 -20.43 19.01
CA VAL IA 117 -54.86 -21.01 20.36
C VAL IA 117 -55.30 -19.91 21.30
N SER IA 118 -56.34 -20.17 22.10
CA SER IA 118 -56.88 -19.20 23.02
C SER IA 118 -56.01 -19.06 24.28
N LEU IA 119 -56.22 -17.93 24.95
CA LEU IA 119 -55.51 -17.64 26.18
C LEU IA 119 -56.00 -18.53 27.31
N ASN IA 120 -57.29 -18.82 27.33
CA ASN IA 120 -57.83 -19.66 28.40
C ASN IA 120 -57.36 -21.11 28.29
N GLU IA 121 -56.96 -21.56 27.10
CA GLU IA 121 -56.37 -22.89 26.98
C GLU IA 121 -54.89 -22.89 27.34
N PHE IA 122 -54.16 -21.83 26.94
CA PHE IA 122 -52.75 -21.81 27.32
C PHE IA 122 -52.59 -21.59 28.83
N ASN IA 123 -53.51 -20.84 29.44
CA ASN IA 123 -53.43 -20.67 30.88
C ASN IA 123 -53.81 -21.94 31.62
N ASN IA 124 -54.57 -22.83 30.98
CA ASN IA 124 -54.82 -24.10 31.62
C ASN IA 124 -53.66 -25.05 31.41
N PHE IA 125 -52.84 -24.78 30.39
CA PHE IA 125 -51.62 -25.57 30.25
C PHE IA 125 -50.64 -25.18 31.34
N LEU IA 126 -50.62 -23.89 31.70
CA LEU IA 126 -49.73 -23.47 32.77
C LEU IA 126 -50.26 -23.91 34.14
N LYS IA 127 -51.59 -24.01 34.27
CA LYS IA 127 -52.16 -24.47 35.53
C LYS IA 127 -51.91 -25.94 35.70
N ARG IA 128 -51.87 -26.69 34.60
CA ARG IA 128 -51.67 -28.12 34.71
C ARG IA 128 -50.21 -28.44 34.83
N SER IA 129 -49.34 -27.54 34.39
CA SER IA 129 -47.93 -27.84 34.52
C SER IA 129 -47.41 -27.47 35.90
N GLY IA 130 -47.59 -26.22 36.32
CA GLY IA 130 -47.07 -25.89 37.63
C GLY IA 130 -46.25 -24.62 37.60
N LEU IA 131 -46.28 -23.94 36.46
CA LEU IA 131 -45.54 -22.71 36.26
C LEU IA 131 -46.40 -21.48 36.47
N TYR IA 132 -47.64 -21.65 36.92
CA TYR IA 132 -48.55 -20.54 37.14
C TYR IA 132 -48.14 -19.78 38.39
N ASN IA 133 -47.81 -18.51 38.20
CA ASN IA 133 -47.39 -17.61 39.27
C ASN IA 133 -48.44 -16.54 39.40
N LYS IA 134 -49.13 -16.51 40.53
CA LYS IA 134 -50.23 -15.58 40.71
C LYS IA 134 -49.76 -14.16 40.97
N ASN IA 135 -48.48 -13.95 41.24
CA ASN IA 135 -47.99 -12.60 41.41
C ASN IA 135 -47.86 -11.86 40.08
N TYR IA 136 -47.43 -12.56 39.02
CA TYR IA 136 -47.31 -11.97 37.69
C TYR IA 136 -48.21 -12.75 36.74
N PRO IA 137 -49.50 -12.45 36.71
CA PRO IA 137 -50.40 -13.20 35.82
C PRO IA 137 -50.35 -12.67 34.41
N LEU IA 138 -51.20 -13.20 33.54
CA LEU IA 138 -51.22 -12.83 32.14
C LEU IA 138 -52.38 -11.86 31.90
N ARG IA 139 -52.05 -10.61 31.60
CA ARG IA 139 -53.06 -9.59 31.37
C ARG IA 139 -53.50 -9.62 29.92
N GLY IA 140 -54.79 -9.82 29.71
CA GLY IA 140 -55.36 -9.86 28.37
C GLY IA 140 -56.82 -10.23 28.42
N ASP IA 141 -57.44 -10.15 27.25
CA ASP IA 141 -58.83 -10.56 27.10
C ASP IA 141 -58.94 -12.08 27.17
N ASN IA 142 -60.06 -12.54 27.72
CA ASN IA 142 -60.20 -13.94 28.09
C ASN IA 142 -60.35 -14.86 26.88
N ARG IA 143 -60.92 -14.37 25.78
CA ARG IA 143 -60.99 -15.19 24.57
C ARG IA 143 -60.43 -14.37 23.40
N LYS IA 144 -59.12 -14.41 23.28
CA LYS IA 144 -58.43 -13.64 22.25
C LYS IA 144 -57.10 -14.32 21.98
N GLY IA 145 -56.21 -13.61 21.29
CA GLY IA 145 -54.91 -14.17 20.98
C GLY IA 145 -53.80 -13.30 21.52
N THR IA 146 -54.13 -12.08 21.91
CA THR IA 146 -53.14 -11.14 22.38
C THR IA 146 -53.28 -10.95 23.88
N PHE IA 147 -52.14 -10.88 24.57
CA PHE IA 147 -52.11 -10.60 25.99
C PHE IA 147 -50.79 -9.90 26.31
N TYR IA 148 -50.64 -9.52 27.56
CA TYR IA 148 -49.47 -8.76 28.00
C TYR IA 148 -48.90 -9.45 29.23
N VAL IA 149 -47.62 -9.79 29.18
CA VAL IA 149 -46.95 -10.52 30.24
C VAL IA 149 -45.73 -9.73 30.70
N SER IA 150 -45.44 -9.80 32.00
CA SER IA 150 -44.31 -9.08 32.56
C SER IA 150 -43.85 -9.78 33.81
N GLY IA 151 -42.53 -9.76 34.04
CA GLY IA 151 -41.96 -10.38 35.21
C GLY IA 151 -40.47 -10.60 35.11
N PRO IA 152 -39.97 -11.62 35.81
CA PRO IA 152 -38.56 -11.99 35.73
C PRO IA 152 -38.19 -12.51 34.35
N PRO IA 153 -36.90 -12.40 33.97
CA PRO IA 153 -36.49 -12.82 32.63
C PRO IA 153 -36.53 -14.31 32.40
N VAL IA 154 -36.54 -15.14 33.44
CA VAL IA 154 -36.65 -16.57 33.20
C VAL IA 154 -38.11 -16.98 33.06
N TYR IA 155 -39.04 -16.13 33.50
CA TYR IA 155 -40.45 -16.43 33.35
C TYR IA 155 -41.01 -15.88 32.05
N VAL IA 156 -40.48 -14.73 31.61
CA VAL IA 156 -40.93 -14.16 30.35
C VAL IA 156 -40.39 -14.98 29.19
N ASP IA 157 -39.12 -15.35 29.26
CA ASP IA 157 -38.52 -16.12 28.18
C ASP IA 157 -38.98 -17.57 28.20
N MET IA 158 -39.73 -17.98 29.22
CA MET IA 158 -40.39 -19.28 29.17
C MET IA 158 -41.79 -19.17 28.58
N VAL IA 159 -42.53 -18.12 28.93
CA VAL IA 159 -43.88 -17.98 28.40
C VAL IA 159 -43.88 -17.67 26.91
N VAL IA 160 -42.94 -16.83 26.44
CA VAL IA 160 -42.87 -16.51 25.02
C VAL IA 160 -42.46 -17.73 24.20
N ASN IA 161 -41.50 -18.50 24.70
CA ASN IA 161 -41.02 -19.66 23.95
C ASN IA 161 -42.03 -20.79 23.98
N ALA IA 162 -42.81 -20.89 25.05
CA ALA IA 162 -43.80 -21.96 25.10
C ALA IA 162 -45.10 -21.55 24.47
N ALA IA 163 -45.20 -20.31 24.00
CA ALA IA 163 -46.38 -19.89 23.27
C ALA IA 163 -46.11 -19.94 21.78
N THR IA 164 -44.90 -19.55 21.38
CA THR IA 164 -44.52 -19.72 19.99
C THR IA 164 -44.17 -21.17 19.67
N MET IA 165 -43.95 -22.02 20.66
CA MET IA 165 -43.88 -23.45 20.37
C MET IA 165 -45.23 -24.15 20.52
N MET IA 166 -46.30 -23.42 20.77
CA MET IA 166 -47.65 -23.97 20.67
C MET IA 166 -48.46 -23.40 19.53
N ASP IA 167 -47.96 -22.35 18.87
CA ASP IA 167 -48.57 -22.01 17.59
C ASP IA 167 -48.00 -22.85 16.45
N LYS IA 168 -46.74 -23.28 16.54
CA LYS IA 168 -46.18 -24.11 15.47
C LYS IA 168 -46.74 -25.52 15.48
N GLN IA 169 -47.18 -26.04 16.64
CA GLN IA 169 -47.76 -27.37 16.62
C GLN IA 169 -49.15 -27.35 15.99
N ASN IA 170 -49.91 -26.29 16.21
CA ASN IA 170 -51.23 -26.20 15.61
C ASN IA 170 -51.19 -25.59 14.22
N LYS JA 27 1.82 -43.60 64.06
CA LYS JA 27 2.01 -42.15 63.93
C LYS JA 27 0.72 -41.46 63.54
N ILE JA 28 -0.35 -42.23 63.38
CA ILE JA 28 -1.63 -41.66 62.96
C ILE JA 28 -2.59 -41.65 64.14
N PRO JA 29 -3.36 -40.56 64.31
CA PRO JA 29 -4.25 -40.42 65.48
C PRO JA 29 -5.49 -41.32 65.53
N VAL JA 30 -6.37 -40.94 66.46
CA VAL JA 30 -7.46 -41.68 67.13
C VAL JA 30 -8.24 -42.62 66.21
N THR JA 31 -8.57 -43.82 66.72
CA THR JA 31 -8.85 -45.01 65.93
C THR JA 31 -10.25 -45.06 65.34
N GLY JA 32 -10.97 -43.95 65.25
CA GLY JA 32 -12.24 -43.93 64.54
C GLY JA 32 -12.05 -43.92 63.03
N SER JA 33 -13.08 -43.41 62.35
CA SER JA 33 -13.04 -43.30 60.90
C SER JA 33 -13.42 -41.88 60.53
N GLY JA 34 -12.67 -41.29 59.62
CA GLY JA 34 -13.00 -39.94 59.21
C GLY JA 34 -11.89 -39.32 58.40
N PHE JA 35 -12.24 -38.21 57.78
CA PHE JA 35 -11.35 -37.43 56.94
C PHE JA 35 -11.13 -36.06 57.57
N VAL JA 36 -9.89 -35.71 57.84
CA VAL JA 36 -9.57 -34.42 58.43
C VAL JA 36 -9.18 -33.49 57.29
N ALA JA 37 -9.90 -32.40 57.13
CA ALA JA 37 -9.70 -31.47 56.02
C ALA JA 37 -9.12 -30.19 56.60
N LYS JA 38 -7.87 -29.90 56.27
CA LYS JA 38 -7.21 -28.66 56.67
C LYS JA 38 -7.06 -27.80 55.43
N ASP JA 39 -8.12 -27.04 55.12
CA ASP JA 39 -8.16 -26.09 54.01
C ASP JA 39 -7.88 -26.80 52.68
N ASP JA 40 -8.83 -27.66 52.32
CA ASP JA 40 -8.90 -28.23 50.98
C ASP JA 40 -9.78 -27.39 50.08
N SER JA 41 -9.86 -27.77 48.81
CA SER JA 41 -10.46 -26.91 47.80
C SER JA 41 -11.52 -27.63 46.97
N LEU JA 42 -12.34 -28.47 47.61
CA LEU JA 42 -13.51 -29.12 47.03
C LEU JA 42 -13.25 -30.06 45.85
N ARG JA 43 -12.00 -30.26 45.49
CA ARG JA 43 -11.60 -31.21 44.46
CA ARG JA 43 -11.61 -31.22 44.47
C ARG JA 43 -10.83 -32.36 45.06
N THR JA 44 -9.98 -32.05 46.02
CA THR JA 44 -9.32 -33.03 46.83
C THR JA 44 -10.20 -33.49 47.98
N PHE JA 45 -11.35 -32.85 48.19
CA PHE JA 45 -12.25 -33.29 49.23
C PHE JA 45 -13.25 -34.34 48.74
N PHE JA 46 -13.84 -34.14 47.57
CA PHE JA 46 -14.84 -35.10 47.09
C PHE JA 46 -14.25 -36.39 46.53
N ASP JA 47 -12.97 -36.38 46.14
CA ASP JA 47 -12.37 -37.66 45.77
C ASP JA 47 -12.08 -38.51 46.99
N ALA JA 48 -11.98 -37.92 48.17
CA ALA JA 48 -11.91 -38.74 49.36
C ALA JA 48 -13.25 -39.40 49.63
N MET JA 49 -14.35 -38.79 49.21
CA MET JA 49 -15.65 -39.43 49.32
C MET JA 49 -15.93 -40.36 48.14
N ALA JA 50 -15.01 -40.43 47.20
CA ALA JA 50 -15.25 -41.17 45.98
C ALA JA 50 -14.96 -42.65 46.10
N LEU JA 51 -14.78 -43.19 47.31
CA LEU JA 51 -14.75 -44.63 47.47
C LEU JA 51 -15.96 -45.12 48.25
N GLN JA 52 -16.45 -44.29 49.17
CA GLN JA 52 -17.72 -44.61 49.82
C GLN JA 52 -18.86 -44.48 48.82
N LEU JA 53 -18.92 -43.39 48.07
CA LEU JA 53 -19.62 -43.47 46.79
C LEU JA 53 -18.79 -44.36 45.88
N LYS JA 54 -19.42 -45.33 45.24
CA LYS JA 54 -18.64 -46.28 44.47
C LYS JA 54 -18.42 -45.84 43.03
N GLU JA 55 -18.54 -44.54 42.74
CA GLU JA 55 -18.36 -43.96 41.43
C GLU JA 55 -17.40 -42.80 41.52
N PRO JA 56 -16.67 -42.49 40.46
CA PRO JA 56 -15.85 -41.27 40.46
C PRO JA 56 -16.70 -40.01 40.43
N VAL JA 57 -16.14 -38.95 40.99
CA VAL JA 57 -16.82 -37.67 41.15
C VAL JA 57 -16.13 -36.62 40.29
N ILE JA 58 -16.90 -35.93 39.47
CA ILE JA 58 -16.36 -34.90 38.59
C ILE JA 58 -16.92 -33.55 39.03
N VAL JA 59 -16.05 -32.69 39.53
CA VAL JA 59 -16.46 -31.38 40.00
C VAL JA 59 -16.03 -30.32 38.99
N SER JA 60 -16.93 -29.38 38.71
CA SER JA 60 -16.71 -28.36 37.70
C SER JA 60 -15.70 -27.31 38.18
N LYS JA 61 -15.39 -26.37 37.29
CA LYS JA 61 -14.40 -25.35 37.59
C LYS JA 61 -14.93 -24.23 38.44
N MET JA 62 -16.22 -23.90 38.34
CA MET JA 62 -16.70 -22.81 39.16
C MET JA 62 -16.98 -23.27 40.58
N ALA JA 63 -17.26 -24.55 40.77
CA ALA JA 63 -17.49 -25.09 42.09
C ALA JA 63 -16.24 -25.68 42.71
N ALA JA 64 -15.07 -25.41 42.13
CA ALA JA 64 -13.82 -25.85 42.71
C ALA JA 64 -13.04 -24.71 43.33
N ARG JA 65 -13.61 -23.53 43.41
CA ARG JA 65 -12.95 -22.42 44.06
C ARG JA 65 -13.31 -22.27 45.53
N LYS JA 66 -14.37 -22.93 45.99
CA LYS JA 66 -14.71 -22.87 47.39
C LYS JA 66 -13.84 -23.82 48.20
N LYS JA 67 -13.76 -23.57 49.50
CA LYS JA 67 -12.90 -24.32 50.38
C LYS JA 67 -13.68 -24.81 51.59
N ILE JA 68 -13.16 -25.86 52.21
CA ILE JA 68 -13.80 -26.46 53.37
C ILE JA 68 -12.72 -26.90 54.36
N THR JA 69 -13.07 -26.90 55.64
CA THR JA 69 -12.14 -27.23 56.71
C THR JA 69 -12.93 -27.84 57.85
N GLY JA 70 -12.52 -29.01 58.31
CA GLY JA 70 -13.18 -29.63 59.44
C GLY JA 70 -12.92 -31.12 59.47
N ASN JA 71 -13.55 -31.76 60.45
CA ASN JA 71 -13.41 -33.21 60.64
C ASN JA 71 -14.72 -33.86 60.18
N PHE JA 72 -14.65 -34.64 59.12
CA PHE JA 72 -15.83 -35.23 58.53
C PHE JA 72 -15.81 -36.75 58.66
N GLU JA 73 -16.96 -37.36 58.42
CA GLU JA 73 -17.13 -38.79 58.67
C GLU JA 73 -18.18 -39.35 57.72
N PHE JA 74 -17.76 -40.16 56.75
CA PHE JA 74 -18.66 -40.73 55.77
C PHE JA 74 -19.07 -42.13 56.18
N HIS JA 75 -20.34 -42.32 56.50
CA HIS JA 75 -20.89 -43.66 56.67
C HIS JA 75 -22.16 -43.91 55.87
N ASP JA 76 -22.87 -42.86 55.44
CA ASP JA 76 -23.76 -42.94 54.28
C ASP JA 76 -23.65 -41.64 53.48
N PRO JA 77 -23.03 -41.69 52.30
CA PRO JA 77 -22.66 -40.43 51.65
C PRO JA 77 -23.74 -39.80 50.81
N ASN JA 78 -24.81 -40.50 50.44
CA ASN JA 78 -25.86 -39.88 49.64
C ASN JA 78 -26.72 -38.90 50.42
N ALA JA 79 -26.76 -39.01 51.74
CA ALA JA 79 -27.42 -37.98 52.55
C ALA JA 79 -26.47 -36.88 52.95
N LEU JA 80 -25.19 -37.20 53.05
CA LEU JA 80 -24.20 -36.18 53.37
C LEU JA 80 -24.01 -35.26 52.19
N LEU JA 81 -24.07 -35.80 50.97
CA LEU JA 81 -23.95 -34.94 49.81
C LEU JA 81 -25.20 -34.09 49.64
N GLU JA 82 -26.34 -34.62 50.06
CA GLU JA 82 -27.58 -33.85 49.99
C GLU JA 82 -27.58 -32.71 50.99
N LYS JA 83 -26.94 -32.91 52.15
CA LYS JA 83 -26.95 -31.83 53.12
C LYS JA 83 -25.90 -30.79 52.78
N LEU JA 84 -24.74 -31.23 52.30
CA LEU JA 84 -23.71 -30.27 51.96
C LEU JA 84 -24.00 -29.53 50.67
N SER JA 85 -24.80 -30.11 49.78
CA SER JA 85 -25.13 -29.43 48.55
C SER JA 85 -26.12 -28.30 48.79
N LEU JA 86 -26.81 -28.32 49.92
CA LEU JA 86 -27.69 -27.23 50.26
C LEU JA 86 -26.99 -26.23 51.15
N GLN JA 87 -26.07 -26.68 52.00
CA GLN JA 87 -25.40 -25.71 52.86
C GLN JA 87 -24.36 -24.91 52.09
N LEU JA 88 -23.63 -25.54 51.17
CA LEU JA 88 -22.64 -24.81 50.41
C LEU JA 88 -23.22 -24.11 49.20
N GLY JA 89 -24.22 -24.72 48.58
CA GLY JA 89 -24.84 -24.17 47.40
C GLY JA 89 -24.26 -24.87 46.20
N LEU JA 90 -24.92 -25.92 45.74
CA LEU JA 90 -24.38 -26.84 44.75
C LEU JA 90 -25.54 -27.61 44.15
N ILE JA 91 -25.32 -28.13 42.96
CA ILE JA 91 -26.25 -29.08 42.36
C ILE JA 91 -25.42 -30.25 41.84
N TRP JA 92 -26.04 -31.43 41.82
CA TRP JA 92 -25.30 -32.62 41.45
C TRP JA 92 -26.21 -33.59 40.74
N TYR JA 93 -25.61 -34.50 39.99
CA TYR JA 93 -26.38 -35.45 39.20
C TYR JA 93 -25.59 -36.74 39.06
N PHE JA 94 -26.23 -37.85 39.39
CA PHE JA 94 -25.64 -39.17 39.29
C PHE JA 94 -26.28 -39.89 38.12
N ASP JA 95 -25.52 -40.11 37.06
CA ASP JA 95 -26.06 -40.65 35.81
C ASP JA 95 -25.90 -42.16 35.72
N GLY JA 96 -25.44 -42.81 36.77
CA GLY JA 96 -25.25 -44.24 36.77
C GLY JA 96 -23.81 -44.67 36.74
N GLN JA 97 -22.91 -43.81 36.27
CA GLN JA 97 -21.49 -44.14 36.20
C GLN JA 97 -20.58 -43.11 36.84
N ALA JA 98 -21.07 -41.91 37.13
CA ALA JA 98 -20.26 -40.89 37.77
C ALA JA 98 -21.19 -39.95 38.50
N ILE JA 99 -20.60 -39.08 39.31
CA ILE JA 99 -21.36 -38.07 40.04
C ILE JA 99 -20.84 -36.70 39.63
N TYR JA 100 -21.57 -36.04 38.75
CA TYR JA 100 -21.22 -34.69 38.33
C TYR JA 100 -21.68 -33.69 39.38
N ILE JA 101 -20.85 -32.67 39.63
CA ILE JA 101 -21.12 -31.63 40.61
C ILE JA 101 -20.87 -30.27 39.99
N TYR JA 102 -21.90 -29.44 39.95
CA TYR JA 102 -21.81 -28.06 39.48
C TYR JA 102 -22.19 -27.12 40.61
N ASP JA 103 -21.94 -25.84 40.39
CA ASP JA 103 -22.44 -24.80 41.29
C ASP JA 103 -23.79 -24.29 40.80
N ALA JA 104 -24.47 -23.52 41.67
CA ALA JA 104 -25.83 -23.11 41.40
C ALA JA 104 -25.94 -22.06 40.30
N SER JA 105 -24.84 -21.40 39.96
CA SER JA 105 -24.85 -20.41 38.90
C SER JA 105 -24.65 -21.02 37.53
N GLU JA 106 -24.60 -22.35 37.44
CA GLU JA 106 -24.47 -23.02 36.16
C GLU JA 106 -25.73 -23.76 35.75
N MET JA 107 -26.84 -23.57 36.44
CA MET JA 107 -28.08 -24.24 36.10
C MET JA 107 -28.72 -23.63 34.85
N ARG JA 108 -28.88 -24.43 33.81
CA ARG JA 108 -29.49 -23.94 32.58
C ARG JA 108 -30.85 -24.59 32.40
N ASN JA 109 -31.68 -23.97 31.56
CA ASN JA 109 -33.03 -24.44 31.33
C ASN JA 109 -33.37 -24.24 29.86
N ALA JA 110 -34.38 -24.98 29.40
CA ALA JA 110 -34.78 -24.88 28.01
C ALA JA 110 -36.22 -25.33 27.86
N VAL JA 111 -36.87 -24.85 26.80
CA VAL JA 111 -38.22 -25.24 26.44
C VAL JA 111 -38.15 -25.89 25.06
N VAL JA 112 -38.62 -27.12 24.96
CA VAL JA 112 -38.57 -27.88 23.71
C VAL JA 112 -39.93 -28.50 23.43
N SER JA 113 -40.35 -28.45 22.17
CA SER JA 113 -41.64 -28.98 21.76
C SER JA 113 -41.46 -30.24 20.93
N LEU JA 114 -42.17 -31.30 21.31
CA LEU JA 114 -42.11 -32.58 20.63
C LEU JA 114 -43.19 -32.66 19.56
N ARG JA 115 -42.82 -33.10 18.37
CA ARG JA 115 -43.79 -33.12 17.29
C ARG JA 115 -44.54 -34.45 17.22
N ASN JA 116 -43.81 -35.57 17.21
CA ASN JA 116 -44.43 -36.86 16.92
C ASN JA 116 -44.43 -37.85 18.08
N VAL JA 117 -44.13 -37.43 19.31
CA VAL JA 117 -44.17 -38.36 20.44
C VAL JA 117 -44.57 -37.57 21.68
N SER JA 118 -45.25 -38.25 22.61
CA SER JA 118 -45.73 -37.60 23.81
C SER JA 118 -44.75 -37.63 24.99
N LEU JA 119 -45.18 -36.97 26.05
CA LEU JA 119 -44.40 -36.89 27.27
C LEU JA 119 -44.43 -38.19 28.06
N ASN JA 120 -45.57 -38.89 28.14
CA ASN JA 120 -45.58 -40.14 28.88
C ASN JA 120 -44.80 -41.24 28.17
N GLU JA 121 -44.75 -41.18 26.84
CA GLU JA 121 -43.91 -42.11 26.12
C GLU JA 121 -42.47 -41.65 26.09
N PHE JA 122 -42.17 -40.50 26.67
CA PHE JA 122 -40.78 -40.12 26.86
C PHE JA 122 -40.35 -40.37 28.31
N ASN JA 123 -41.29 -40.25 29.25
CA ASN JA 123 -41.01 -40.61 30.63
C ASN JA 123 -40.87 -42.10 30.82
N ASN JA 124 -41.48 -42.92 29.94
CA ASN JA 124 -41.22 -44.34 30.05
C ASN JA 124 -39.84 -44.68 29.53
N PHE JA 125 -39.32 -43.89 28.60
CA PHE JA 125 -37.93 -44.07 28.20
C PHE JA 125 -36.97 -43.65 29.30
N LEU JA 126 -37.36 -42.66 30.09
CA LEU JA 126 -36.45 -42.25 31.15
C LEU JA 126 -36.52 -43.20 32.33
N LYS JA 127 -37.69 -43.82 32.54
CA LYS JA 127 -37.81 -44.75 33.66
C LYS JA 127 -37.15 -46.05 33.30
N ARG JA 128 -37.30 -46.50 32.05
CA ARG JA 128 -36.71 -47.77 31.66
C ARG JA 128 -35.21 -47.64 31.49
N SER JA 129 -34.72 -46.43 31.20
CA SER JA 129 -33.29 -46.29 31.03
C SER JA 129 -32.58 -45.92 32.32
N GLY JA 130 -33.33 -45.55 33.37
CA GLY JA 130 -32.65 -45.24 34.61
C GLY JA 130 -31.99 -43.89 34.63
N LEU JA 131 -32.32 -43.01 33.70
CA LEU JA 131 -31.81 -41.66 33.69
C LEU JA 131 -32.79 -40.67 34.29
N TYR JA 132 -33.91 -41.16 34.81
CA TYR JA 132 -34.94 -40.33 35.41
C TYR JA 132 -34.48 -39.86 36.78
N ASN JA 133 -34.67 -38.58 37.06
CA ASN JA 133 -34.23 -37.97 38.31
C ASN JA 133 -35.40 -37.24 38.95
N LYS JA 134 -35.76 -37.66 40.17
CA LYS JA 134 -36.91 -37.10 40.85
C LYS JA 134 -36.67 -35.71 41.42
N ASN JA 135 -35.42 -35.28 41.53
CA ASN JA 135 -35.15 -33.95 42.03
C ASN JA 135 -35.46 -32.89 40.98
N TYR JA 136 -35.20 -33.20 39.72
CA TYR JA 136 -35.45 -32.28 38.61
C TYR JA 136 -36.34 -33.00 37.61
N PRO JA 137 -37.64 -33.01 37.83
CA PRO JA 137 -38.54 -33.70 36.90
C PRO JA 137 -38.88 -32.80 35.72
N LEU JA 138 -39.70 -33.32 34.83
CA LEU JA 138 -40.17 -32.61 33.65
C LEU JA 138 -41.51 -31.95 33.91
N ARG JA 139 -41.59 -30.65 33.68
CA ARG JA 139 -42.82 -29.90 33.90
C ARG JA 139 -43.52 -29.73 32.56
N GLY JA 140 -44.77 -30.18 32.48
CA GLY JA 140 -45.54 -30.05 31.26
C GLY JA 140 -46.84 -30.79 31.37
N ASP JA 141 -47.68 -30.59 30.35
CA ASP JA 141 -48.92 -31.33 30.26
C ASP JA 141 -48.65 -32.80 29.95
N ASN JA 142 -49.52 -33.67 30.45
CA ASN JA 142 -49.14 -35.08 30.56
C ASN JA 142 -49.11 -35.78 29.22
N ARG JA 143 -50.03 -35.45 28.31
CA ARG JA 143 -49.99 -36.00 26.95
C ARG JA 143 -50.05 -34.83 25.95
N LYS JA 144 -48.91 -34.20 25.73
CA LYS JA 144 -48.79 -33.09 24.79
C LYS JA 144 -47.40 -33.16 24.18
N GLY JA 145 -46.96 -32.06 23.57
CA GLY JA 145 -45.67 -32.04 22.92
C GLY JA 145 -44.70 -31.08 23.54
N THR JA 146 -45.18 -30.07 24.26
CA THR JA 146 -44.32 -29.06 24.86
C THR JA 146 -44.15 -29.32 26.34
N PHE JA 147 -42.92 -29.14 26.84
CA PHE JA 147 -42.66 -29.26 28.27
C PHE JA 147 -41.49 -28.34 28.63
N TYR JA 148 -41.00 -28.47 29.86
CA TYR JA 148 -40.02 -27.54 30.39
C TYR JA 148 -39.03 -28.30 31.27
N VAL JA 149 -37.75 -28.20 30.96
CA VAL JA 149 -36.69 -28.87 31.71
C VAL JA 149 -35.80 -27.84 32.39
N SER JA 150 -35.19 -28.24 33.50
CA SER JA 150 -34.22 -27.39 34.18
C SER JA 150 -33.35 -28.26 35.07
N GLY JA 151 -32.06 -27.91 35.16
CA GLY JA 151 -31.13 -28.64 35.99
C GLY JA 151 -29.68 -28.40 35.61
N PRO JA 152 -28.82 -29.38 35.91
CA PRO JA 152 -27.41 -29.28 35.53
C PRO JA 152 -27.24 -29.38 34.02
N PRO JA 153 -26.14 -28.84 33.48
CA PRO JA 153 -25.97 -28.83 32.02
C PRO JA 153 -25.76 -30.20 31.41
N VAL JA 154 -25.38 -31.20 32.19
CA VAL JA 154 -25.26 -32.53 31.62
C VAL JA 154 -26.62 -33.21 31.61
N TYR JA 155 -27.57 -32.74 32.42
CA TYR JA 155 -28.89 -33.31 32.37
C TYR JA 155 -29.72 -32.64 31.29
N VAL JA 156 -29.51 -31.34 31.10
CA VAL JA 156 -30.28 -30.63 30.09
C VAL JA 156 -29.77 -30.96 28.70
N ASP JA 157 -28.45 -31.11 28.54
CA ASP JA 157 -27.93 -31.46 27.22
C ASP JA 157 -28.22 -32.91 26.87
N MET JA 158 -28.60 -33.73 27.84
CA MET JA 158 -29.00 -35.08 27.52
C MET JA 158 -30.48 -35.14 27.16
N VAL JA 159 -31.32 -34.44 27.94
CA VAL JA 159 -32.75 -34.52 27.67
C VAL JA 159 -33.16 -33.79 26.39
N VAL JA 160 -32.47 -32.70 26.02
CA VAL JA 160 -32.81 -32.00 24.78
C VAL JA 160 -32.44 -32.84 23.57
N ASN JA 161 -31.25 -33.42 23.58
CA ASN JA 161 -30.82 -34.17 22.42
C ASN JA 161 -31.48 -35.54 22.35
N ALA JA 162 -31.91 -36.08 23.49
CA ALA JA 162 -32.57 -37.36 23.45
C ALA JA 162 -34.04 -37.21 23.16
N ALA JA 163 -34.58 -36.00 23.24
CA ALA JA 163 -35.95 -35.83 22.81
C ALA JA 163 -36.04 -35.34 21.37
N THR JA 164 -35.04 -34.60 20.90
CA THR JA 164 -34.99 -34.24 19.48
C THR JA 164 -34.68 -35.46 18.61
N MET JA 165 -33.76 -36.35 19.04
CA MET JA 165 -33.42 -37.50 18.19
C MET JA 165 -34.47 -38.60 18.17
N MET JA 166 -35.56 -38.47 18.92
CA MET JA 166 -36.62 -39.46 18.81
C MET JA 166 -37.70 -39.02 17.82
N ASP JA 167 -37.87 -37.70 17.66
CA ASP JA 167 -38.78 -37.18 16.66
C ASP JA 167 -38.27 -37.42 15.24
N LYS JA 168 -36.94 -37.35 15.04
CA LYS JA 168 -36.45 -37.69 13.72
C LYS JA 168 -36.53 -39.19 13.45
N GLN JA 169 -36.71 -40.00 14.49
CA GLN JA 169 -37.00 -41.40 14.24
C GLN JA 169 -38.44 -41.57 13.83
N ASN JA 170 -39.37 -40.97 14.58
CA ASN JA 170 -40.77 -41.12 14.24
C ASN JA 170 -41.14 -40.21 13.08
N GLY KA 32 9.22 -62.04 48.61
CA GLY KA 32 8.08 -61.53 47.86
C GLY KA 32 8.42 -60.31 47.04
N SER KA 33 7.59 -60.03 46.03
CA SER KA 33 7.82 -58.89 45.15
C SER KA 33 7.30 -57.61 45.80
N GLY KA 34 7.32 -56.52 45.05
CA GLY KA 34 6.85 -55.26 45.57
C GLY KA 34 7.66 -54.11 45.04
N PHE KA 35 7.10 -52.91 45.22
CA PHE KA 35 7.67 -51.67 44.71
C PHE KA 35 7.71 -50.63 45.81
N VAL KA 36 8.82 -49.93 45.93
CA VAL KA 36 9.00 -48.91 46.95
C VAL KA 36 9.08 -47.57 46.22
N ALA KA 37 7.97 -46.85 46.15
CA ALA KA 37 7.97 -45.61 45.41
C ALA KA 37 8.35 -44.45 46.31
N LYS KA 38 9.28 -43.62 45.83
CA LYS KA 38 9.68 -42.40 46.52
C LYS KA 38 9.56 -41.23 45.55
N ASP KA 39 8.42 -40.53 45.64
CA ASP KA 39 8.08 -39.36 44.83
C ASP KA 39 8.06 -39.70 43.34
N ASP KA 40 7.52 -40.86 43.02
CA ASP KA 40 7.35 -41.24 41.63
C ASP KA 40 6.17 -40.50 41.01
N SER KA 41 6.16 -40.46 39.68
CA SER KA 41 5.32 -39.56 38.92
C SER KA 41 4.14 -40.24 38.26
N LEU KA 42 3.69 -41.39 38.78
CA LEU KA 42 2.43 -42.06 38.45
C LEU KA 42 2.41 -42.64 37.03
N ARG KA 43 3.42 -42.37 36.24
CA ARG KA 43 3.65 -43.09 35.00
C ARG KA 43 4.68 -44.17 35.20
N THR KA 44 5.71 -43.85 35.97
CA THR KA 44 6.69 -44.82 36.40
C THR KA 44 6.17 -45.72 37.51
N PHE KA 45 5.02 -45.39 38.09
CA PHE KA 45 4.49 -46.31 39.08
C PHE KA 45 3.69 -47.40 38.41
N PHE KA 46 2.84 -47.02 37.46
CA PHE KA 46 2.07 -48.04 36.79
C PHE KA 46 2.86 -48.78 35.74
N ASP KA 47 4.05 -48.29 35.35
CA ASP KA 47 4.89 -49.10 34.47
C ASP KA 47 5.54 -50.25 35.21
N ALA KA 48 5.75 -50.12 36.51
CA ALA KA 48 6.33 -51.22 37.26
C ALA KA 48 5.32 -52.33 37.52
N MET KA 49 4.03 -52.00 37.47
CA MET KA 49 2.97 -53.00 37.59
C MET KA 49 2.67 -53.68 36.26
N ALA KA 50 3.36 -53.33 35.18
CA ALA KA 50 3.09 -53.90 33.87
C ALA KA 50 3.74 -55.26 33.68
N LEU KA 51 4.39 -55.81 34.69
CA LEU KA 51 4.86 -57.18 34.66
C LEU KA 51 3.99 -58.10 35.49
N GLN KA 52 3.49 -57.60 36.62
CA GLN KA 52 2.57 -58.41 37.40
C GLN KA 52 1.18 -58.44 36.78
N LEU KA 53 0.72 -57.33 36.21
CA LEU KA 53 -0.29 -57.41 35.17
C LEU KA 53 0.36 -57.89 33.88
N LYS KA 54 -0.40 -58.62 33.08
CA LYS KA 54 0.19 -59.25 31.91
C LYS KA 54 0.08 -58.40 30.66
N GLU KA 55 -0.40 -57.16 30.78
CA GLU KA 55 -0.61 -56.29 29.65
C GLU KA 55 0.11 -54.96 29.86
N PRO KA 56 0.50 -54.28 28.80
CA PRO KA 56 1.04 -52.92 28.96
C PRO KA 56 -0.04 -51.92 29.37
N VAL KA 57 0.41 -50.86 30.04
CA VAL KA 57 -0.45 -49.83 30.61
C VAL KA 57 -0.12 -48.49 29.96
N ILE KA 58 -1.14 -47.79 29.47
CA ILE KA 58 -0.96 -46.52 28.79
C ILE KA 58 -1.64 -45.45 29.62
N VAL KA 59 -0.84 -44.65 30.30
CA VAL KA 59 -1.31 -43.58 31.16
C VAL KA 59 -1.32 -42.29 30.36
N SER KA 60 -2.35 -41.47 30.56
CA SER KA 60 -2.49 -40.26 29.76
C SER KA 60 -1.55 -39.16 30.22
N LYS KA 61 -1.69 -38.00 29.59
CA LYS KA 61 -0.79 -36.87 29.83
C LYS KA 61 -1.22 -36.03 31.03
N MET KA 62 -2.51 -35.81 31.18
CA MET KA 62 -3.03 -35.02 32.28
C MET KA 62 -3.03 -35.78 33.59
N ALA KA 63 -3.09 -37.11 33.52
CA ALA KA 63 -3.09 -37.98 34.69
C ALA KA 63 -1.70 -38.29 35.20
N ALA KA 64 -0.65 -37.82 34.53
CA ALA KA 64 0.71 -38.07 34.96
C ALA KA 64 1.29 -36.94 35.80
N ARG KA 65 0.47 -36.02 36.30
CA ARG KA 65 0.98 -34.98 37.18
C ARG KA 65 0.86 -35.32 38.65
N LYS KA 66 -0.03 -36.21 39.04
CA LYS KA 66 -0.08 -36.58 40.46
C LYS KA 66 1.11 -37.47 40.81
N LYS KA 67 1.38 -37.56 42.12
CA LYS KA 67 2.54 -38.29 42.60
C LYS KA 67 2.13 -39.22 43.72
N ILE KA 68 2.94 -40.24 43.94
CA ILE KA 68 2.69 -41.24 44.97
C ILE KA 68 4.02 -41.67 45.58
N THR KA 69 3.96 -42.08 46.85
CA THR KA 69 5.13 -42.61 47.55
C THR KA 69 4.62 -43.58 48.62
N GLY KA 70 5.46 -44.57 48.93
CA GLY KA 70 5.08 -45.61 49.88
C GLY KA 70 5.46 -46.99 49.38
N ASN KA 71 5.28 -47.96 50.27
CA ASN KA 71 5.64 -49.35 50.03
C ASN KA 71 4.41 -50.13 49.57
N PHE KA 72 4.47 -50.65 48.34
CA PHE KA 72 3.37 -51.43 47.78
C PHE KA 72 3.82 -52.84 47.49
N GLU KA 73 2.90 -53.78 47.64
CA GLU KA 73 3.15 -55.20 47.39
C GLU KA 73 2.18 -55.73 46.36
N PHE KA 74 2.69 -56.18 45.22
CA PHE KA 74 1.84 -56.65 44.14
C PHE KA 74 1.63 -58.15 44.30
N HIS KA 75 0.50 -58.54 44.87
CA HIS KA 75 0.09 -59.93 44.84
C HIS KA 75 -1.37 -60.10 44.44
N ASP KA 76 -2.16 -59.04 44.46
CA ASP KA 76 -3.52 -59.07 43.92
C ASP KA 76 -3.71 -57.77 43.16
N PRO KA 77 -3.28 -57.74 41.89
CA PRO KA 77 -3.19 -56.46 41.17
C PRO KA 77 -4.55 -55.94 40.73
N ASN KA 78 -5.47 -56.82 40.32
CA ASN KA 78 -6.75 -56.33 39.85
C ASN KA 78 -7.62 -55.83 41.01
N ALA KA 79 -7.34 -56.26 42.22
CA ALA KA 79 -7.97 -55.71 43.41
C ALA KA 79 -7.24 -54.48 43.93
N LEU KA 80 -5.99 -54.28 43.54
CA LEU KA 80 -5.30 -53.07 43.95
C LEU KA 80 -5.48 -51.93 42.97
N LEU KA 81 -5.69 -52.24 41.70
CA LEU KA 81 -5.91 -51.20 40.70
C LEU KA 81 -7.25 -50.49 40.87
N GLU KA 82 -8.29 -51.22 41.29
CA GLU KA 82 -9.56 -50.56 41.48
C GLU KA 82 -9.59 -49.74 42.76
N LYS KA 83 -8.92 -50.23 43.80
CA LYS KA 83 -8.93 -49.51 45.05
C LYS KA 83 -8.08 -48.25 44.94
N LEU KA 84 -6.99 -48.29 44.17
CA LEU KA 84 -6.22 -47.07 44.01
C LEU KA 84 -6.90 -46.13 43.03
N SER KA 85 -7.63 -46.68 42.06
CA SER KA 85 -8.30 -45.84 41.08
C SER KA 85 -9.53 -45.15 41.64
N LEU KA 86 -10.02 -45.58 42.80
CA LEU KA 86 -11.11 -44.83 43.39
C LEU KA 86 -10.65 -43.80 44.41
N GLN KA 87 -9.48 -44.00 45.03
CA GLN KA 87 -8.97 -43.05 46.00
C GLN KA 87 -8.19 -41.92 45.37
N LEU KA 88 -7.42 -42.20 44.30
CA LEU KA 88 -6.71 -41.12 43.66
C LEU KA 88 -7.63 -40.35 42.74
N GLY KA 89 -8.54 -41.05 42.09
CA GLY KA 89 -9.48 -40.44 41.18
C GLY KA 89 -8.97 -40.66 39.79
N LEU KA 90 -9.45 -41.73 39.15
CA LEU KA 90 -8.94 -42.18 37.86
C LEU KA 90 -10.03 -43.03 37.24
N ILE KA 91 -9.94 -43.19 35.93
CA ILE KA 91 -10.77 -44.15 35.24
C ILE KA 91 -9.84 -44.99 34.38
N TRP KA 92 -10.23 -46.23 34.16
CA TRP KA 92 -9.38 -47.11 33.41
C TRP KA 92 -10.23 -48.06 32.58
N TYR KA 93 -9.62 -48.61 31.54
CA TYR KA 93 -10.36 -49.48 30.64
C TYR KA 93 -9.38 -50.41 29.95
N PHE KA 94 -9.59 -51.71 30.10
CA PHE KA 94 -8.76 -52.74 29.49
C PHE KA 94 -9.57 -53.37 28.37
N ASP KA 95 -9.05 -53.30 27.15
CA ASP KA 95 -9.81 -53.70 25.97
C ASP KA 95 -9.31 -54.99 25.35
N GLY KA 96 -8.32 -55.63 25.94
CA GLY KA 96 -7.79 -56.88 25.42
C GLY KA 96 -6.37 -56.77 24.95
N GLN KA 97 -5.83 -55.57 24.85
CA GLN KA 97 -4.46 -55.42 24.37
C GLN KA 97 -3.64 -54.56 25.30
N ALA KA 98 -4.28 -53.61 25.97
CA ALA KA 98 -3.60 -52.72 26.89
C ALA KA 98 -4.59 -52.25 27.94
N ILE KA 99 -4.08 -51.50 28.91
CA ILE KA 99 -4.90 -50.94 29.98
C ILE KA 99 -4.75 -49.43 29.92
N TYR KA 100 -5.72 -48.74 29.32
CA TYR KA 100 -5.68 -47.30 29.26
C TYR KA 100 -6.11 -46.71 30.58
N ILE KA 101 -5.37 -45.72 31.07
CA ILE KA 101 -5.65 -45.08 32.34
C ILE KA 101 -5.74 -43.57 32.14
N TYR KA 102 -6.90 -43.00 32.44
CA TYR KA 102 -7.12 -41.57 32.41
C TYR KA 102 -7.43 -41.11 33.83
N ASP KA 103 -7.67 -39.82 33.98
CA ASP KA 103 -8.19 -39.31 35.23
C ASP KA 103 -9.66 -38.95 35.08
N ALA KA 104 -10.27 -38.55 36.21
CA ALA KA 104 -11.71 -38.39 36.28
C ALA KA 104 -12.24 -37.20 35.51
N SER KA 105 -11.44 -36.19 35.24
CA SER KA 105 -11.94 -35.02 34.56
C SER KA 105 -12.04 -35.18 33.05
N GLU KA 106 -11.59 -36.30 32.48
CA GLU KA 106 -11.65 -36.50 31.05
C GLU KA 106 -12.79 -37.38 30.58
N MET KA 107 -13.72 -37.76 31.45
CA MET KA 107 -14.80 -38.62 31.02
C MET KA 107 -15.79 -37.80 30.20
N ARG KA 108 -16.11 -38.29 29.01
CA ARG KA 108 -17.01 -37.62 28.10
C ARG KA 108 -18.21 -38.52 27.83
N ASN KA 109 -19.24 -37.95 27.24
CA ASN KA 109 -20.48 -38.69 27.02
C ASN KA 109 -21.15 -38.29 25.73
N ALA KA 110 -22.05 -39.17 25.26
CA ALA KA 110 -22.72 -38.91 23.99
C ALA KA 110 -24.05 -39.64 23.93
N VAL KA 111 -24.90 -39.21 22.99
CA VAL KA 111 -26.16 -39.87 22.70
C VAL KA 111 -26.25 -40.09 21.19
N VAL KA 112 -26.65 -41.29 20.78
CA VAL KA 112 -26.58 -41.71 19.37
C VAL KA 112 -27.86 -42.46 18.99
N SER KA 113 -28.41 -42.12 17.82
CA SER KA 113 -29.65 -42.75 17.35
C SER KA 113 -29.35 -43.71 16.20
N LEU KA 114 -29.85 -44.93 16.32
CA LEU KA 114 -29.75 -45.96 15.28
C LEU KA 114 -31.11 -46.15 14.61
N ARG KA 115 -31.13 -46.32 13.30
CA ARG KA 115 -32.38 -46.33 12.56
C ARG KA 115 -32.94 -47.72 12.32
N ASN KA 116 -32.08 -48.70 12.10
CA ASN KA 116 -32.49 -50.01 11.64
C ASN KA 116 -31.91 -51.17 12.44
N VAL KA 117 -31.18 -50.91 13.51
CA VAL KA 117 -30.72 -51.97 14.40
C VAL KA 117 -31.06 -51.55 15.82
N SER KA 118 -31.34 -52.52 16.68
CA SER KA 118 -31.70 -52.21 18.06
C SER KA 118 -30.51 -52.37 19.00
N LEU KA 119 -30.78 -52.14 20.28
CA LEU KA 119 -29.75 -52.19 21.31
C LEU KA 119 -29.32 -53.61 21.64
N ASN KA 120 -30.20 -54.59 21.45
CA ASN KA 120 -29.94 -55.93 21.97
C ASN KA 120 -28.89 -56.67 21.16
N GLU KA 121 -28.95 -56.58 19.86
CA GLU KA 121 -27.92 -57.23 19.08
C GLU KA 121 -26.65 -56.39 18.99
N PHE KA 122 -26.72 -55.10 19.31
CA PHE KA 122 -25.46 -54.37 19.43
C PHE KA 122 -24.76 -54.74 20.72
N ASN KA 123 -25.54 -55.03 21.76
CA ASN KA 123 -24.95 -55.57 22.97
C ASN KA 123 -24.45 -56.99 22.74
N ASN KA 124 -25.10 -57.72 21.82
CA ASN KA 124 -24.59 -59.03 21.48
C ASN KA 124 -23.33 -58.93 20.64
N PHE KA 125 -23.14 -57.81 19.95
CA PHE KA 125 -21.87 -57.57 19.28
C PHE KA 125 -20.78 -57.26 20.28
N LEU KA 126 -21.13 -56.60 21.38
CA LEU KA 126 -20.09 -56.30 22.36
C LEU KA 126 -19.78 -57.51 23.22
N LYS KA 127 -20.76 -58.38 23.42
CA LYS KA 127 -20.50 -59.57 24.22
C LYS KA 127 -19.78 -60.61 23.39
N ARG KA 128 -20.09 -60.68 22.09
CA ARG KA 128 -19.41 -61.65 21.25
C ARG KA 128 -18.02 -61.16 20.90
N SER KA 129 -17.77 -59.85 20.97
CA SER KA 129 -16.44 -59.39 20.63
C SER KA 129 -15.53 -59.35 21.84
N GLY KA 130 -16.05 -59.04 23.02
CA GLY KA 130 -15.21 -58.92 24.19
C GLY KA 130 -14.97 -57.52 24.65
N LEU KA 131 -15.75 -56.56 24.17
CA LEU KA 131 -15.60 -55.17 24.55
C LEU KA 131 -16.65 -54.73 25.55
N TYR KA 132 -17.44 -55.67 26.06
CA TYR KA 132 -18.49 -55.34 27.01
C TYR KA 132 -17.88 -55.00 28.35
N ASN KA 133 -18.13 -53.80 28.84
CA ASN KA 133 -17.62 -53.35 30.12
C ASN KA 133 -18.80 -53.13 31.05
N LYS KA 134 -18.85 -53.91 32.12
CA LYS KA 134 -20.00 -53.87 33.02
C LYS KA 134 -19.99 -52.68 33.96
N ASN KA 135 -18.89 -51.95 34.03
CA ASN KA 135 -18.86 -50.76 34.87
C ASN KA 135 -19.51 -49.58 34.16
N TYR KA 136 -19.37 -49.50 32.83
CA TYR KA 136 -19.97 -48.45 32.03
C TYR KA 136 -20.86 -49.07 30.96
N PRO KA 137 -22.08 -49.47 31.30
CA PRO KA 137 -22.98 -50.06 30.31
C PRO KA 137 -23.67 -48.97 29.50
N LEU KA 138 -24.52 -49.41 28.58
CA LEU KA 138 -25.29 -48.50 27.73
C LEU KA 138 -26.67 -48.26 28.32
N ARG KA 139 -27.06 -47.01 28.45
CA ARG KA 139 -28.36 -46.66 29.03
C ARG KA 139 -29.33 -46.32 27.90
N GLY KA 140 -30.42 -47.07 27.82
CA GLY KA 140 -31.42 -46.85 26.80
C GLY KA 140 -32.48 -47.92 26.82
N ASP KA 141 -33.54 -47.68 26.05
CA ASP KA 141 -34.59 -48.68 25.93
C ASP KA 141 -34.09 -49.88 25.15
N ASN KA 142 -34.63 -51.06 25.49
CA ASN KA 142 -33.94 -52.28 25.13
C ASN KA 142 -34.04 -52.61 23.64
N ARG KA 143 -35.17 -52.30 22.99
CA ARG KA 143 -35.24 -52.48 21.53
C ARG KA 143 -35.80 -51.18 20.94
N LYS KA 144 -34.93 -50.19 20.82
CA LYS KA 144 -35.24 -48.89 20.27
C LYS KA 144 -33.99 -48.33 19.61
N GLY KA 145 -34.08 -47.10 19.13
CA GLY KA 145 -32.96 -46.54 18.43
C GLY KA 145 -32.04 -45.65 19.25
N THR KA 146 -32.48 -45.11 20.37
CA THR KA 146 -31.67 -44.14 21.09
C THR KA 146 -31.06 -44.76 22.33
N PHE KA 147 -29.82 -44.39 22.62
CA PHE KA 147 -29.20 -44.76 23.89
C PHE KA 147 -28.10 -43.76 24.24
N TYR KA 148 -27.61 -43.90 25.46
CA TYR KA 148 -26.70 -42.95 26.10
C TYR KA 148 -25.42 -43.66 26.51
N VAL KA 149 -24.29 -43.12 26.07
CA VAL KA 149 -22.99 -43.71 26.34
C VAL KA 149 -22.18 -42.76 27.22
N SER KA 150 -21.45 -43.33 28.17
CA SER KA 150 -20.54 -42.57 29.01
C SER KA 150 -19.40 -43.45 29.45
N GLY KA 151 -18.17 -42.95 29.33
CA GLY KA 151 -17.02 -43.72 29.73
C GLY KA 151 -15.70 -43.05 29.39
N PRO KA 152 -14.65 -43.84 29.28
CA PRO KA 152 -13.34 -43.32 28.89
C PRO KA 152 -13.33 -42.88 27.43
N PRO KA 153 -12.41 -41.97 27.08
CA PRO KA 153 -12.39 -41.45 25.71
C PRO KA 153 -11.97 -42.47 24.68
N VAL KA 154 -11.32 -43.57 25.07
CA VAL KA 154 -10.98 -44.64 24.15
C VAL KA 154 -12.12 -45.63 24.01
N TYR KA 155 -13.10 -45.56 24.89
CA TYR KA 155 -14.29 -46.40 24.84
C TYR KA 155 -15.39 -45.76 24.01
N VAL KA 156 -15.65 -44.47 24.23
CA VAL KA 156 -16.75 -43.84 23.52
C VAL KA 156 -16.46 -43.66 22.02
N ASP KA 157 -15.20 -43.41 21.63
CA ASP KA 157 -14.93 -43.28 20.21
C ASP KA 157 -14.95 -44.61 19.48
N MET KA 158 -14.96 -45.72 20.21
CA MET KA 158 -15.14 -47.01 19.58
C MET KA 158 -16.61 -47.34 19.48
N VAL KA 159 -17.38 -47.09 20.54
CA VAL KA 159 -18.80 -47.40 20.48
C VAL KA 159 -19.55 -46.50 19.51
N VAL KA 160 -19.13 -45.24 19.37
CA VAL KA 160 -19.75 -44.34 18.40
C VAL KA 160 -19.43 -44.76 16.97
N ASN KA 161 -18.17 -45.09 16.71
CA ASN KA 161 -17.77 -45.44 15.35
C ASN KA 161 -18.24 -46.82 14.97
N ALA KA 162 -18.49 -47.70 15.94
CA ALA KA 162 -18.98 -49.01 15.58
C ALA KA 162 -20.48 -48.98 15.43
N ALA KA 163 -21.16 -48.07 16.13
CA ALA KA 163 -22.60 -47.99 15.99
C ALA KA 163 -22.99 -47.28 14.70
N THR KA 164 -22.29 -46.22 14.31
CA THR KA 164 -22.61 -45.54 13.07
C THR KA 164 -22.10 -46.25 11.83
N MET KA 165 -21.26 -47.28 11.96
CA MET KA 165 -20.85 -48.07 10.82
C MET KA 165 -21.62 -49.38 10.68
N MET KA 166 -22.67 -49.58 11.46
CA MET KA 166 -23.55 -50.71 11.23
C MET KA 166 -24.86 -50.33 10.57
N ASP KA 167 -25.29 -49.08 10.74
CA ASP KA 167 -26.47 -48.61 10.01
C ASP KA 167 -26.18 -48.46 8.53
N LYS KA 168 -25.00 -47.96 8.18
CA LYS KA 168 -24.67 -47.84 6.77
C LYS KA 168 -24.41 -49.18 6.11
N GLN KA 169 -24.06 -50.21 6.89
CA GLN KA 169 -23.98 -51.53 6.27
C GLN KA 169 -25.36 -52.15 6.15
N ASN KA 170 -26.27 -51.80 7.06
CA ASN KA 170 -27.62 -52.33 6.97
C ASN KA 170 -28.55 -51.34 6.30
N LYS LA 27 42.90 -59.01 25.85
CA LYS LA 27 42.59 -57.59 25.75
C LYS LA 27 41.19 -57.32 26.30
N ILE LA 28 40.29 -58.29 26.14
CA ILE LA 28 38.92 -58.13 26.64
C ILE LA 28 38.68 -59.21 27.69
N PRO LA 29 39.10 -59.02 28.95
CA PRO LA 29 38.94 -60.12 29.92
C PRO LA 29 37.57 -60.19 30.57
N VAL LA 30 36.72 -61.10 30.11
CA VAL LA 30 35.58 -61.64 30.84
C VAL LA 30 35.46 -63.09 30.40
N THR LA 31 35.22 -64.01 31.35
CA THR LA 31 35.26 -65.42 30.97
C THR LA 31 33.96 -65.93 30.35
N GLY LA 32 32.88 -65.17 30.40
CA GLY LA 32 31.59 -65.62 29.90
C GLY LA 32 31.31 -65.25 28.46
N SER LA 33 30.02 -65.12 28.15
CA SER LA 33 29.57 -64.73 26.82
C SER LA 33 28.28 -63.95 27.02
N GLY LA 34 28.37 -62.64 26.86
CA GLY LA 34 27.25 -61.75 27.15
C GLY LA 34 27.66 -60.33 26.83
N PHE LA 35 26.70 -59.42 27.03
CA PHE LA 35 26.87 -58.02 26.68
C PHE LA 35 26.90 -57.14 27.92
N VAL LA 36 27.93 -56.32 28.07
CA VAL LA 36 27.98 -55.37 29.18
C VAL LA 36 27.60 -54.01 28.66
N ALA LA 37 26.54 -53.41 29.21
CA ALA LA 37 26.06 -52.11 28.79
C ALA LA 37 26.35 -51.09 29.89
N LYS LA 38 27.05 -50.02 29.55
CA LYS LA 38 27.32 -48.93 30.48
C LYS LA 38 26.68 -47.66 29.93
N ASP LA 39 25.46 -47.37 30.40
CA ASP LA 39 24.67 -46.19 30.01
C ASP LA 39 24.41 -46.18 28.50
N ASP LA 40 23.77 -47.24 28.04
CA ASP LA 40 23.38 -47.31 26.64
C ASP LA 40 22.08 -46.55 26.41
N SER LA 41 21.59 -46.58 25.18
CA SER LA 41 20.49 -45.71 24.79
C SER LA 41 19.39 -46.47 24.05
N LEU LA 42 19.26 -47.77 24.32
CA LEU LA 42 18.22 -48.65 23.78
C LEU LA 42 18.27 -48.85 22.26
N ARG LA 43 19.23 -48.24 21.58
CA ARG LA 43 19.46 -48.48 20.16
CA ARG LA 43 19.46 -48.48 20.16
C ARG LA 43 20.76 -49.21 19.91
N THR LA 44 21.80 -48.85 20.65
CA THR LA 44 23.02 -49.63 20.65
C THR LA 44 22.85 -50.88 21.47
N PHE LA 45 21.82 -50.92 22.31
CA PHE LA 45 21.58 -52.12 23.08
C PHE LA 45 20.91 -53.16 22.20
N PHE LA 46 19.85 -52.79 21.49
CA PHE LA 46 19.14 -53.78 20.68
C PHE LA 46 19.92 -54.14 19.43
N ASP LA 47 20.87 -53.29 19.01
CA ASP LA 47 21.72 -53.76 17.92
C ASP LA 47 22.68 -54.84 18.37
N ALA LA 48 23.00 -54.92 19.67
CA ALA LA 48 23.79 -56.05 20.13
C ALA LA 48 22.99 -57.34 20.15
N MET LA 49 21.66 -57.25 20.31
CA MET LA 49 20.82 -58.43 20.21
C MET LA 49 20.38 -58.72 18.79
N ALA LA 50 20.79 -57.88 17.84
CA ALA LA 50 20.37 -58.03 16.45
C ALA LA 50 21.19 -59.06 15.70
N LEU LA 51 22.11 -59.75 16.35
CA LEU LA 51 22.80 -60.88 15.76
C LEU LA 51 22.25 -62.20 16.27
N GLN LA 52 21.89 -62.26 17.54
CA GLN LA 52 21.27 -63.46 18.08
C GLN LA 52 19.84 -63.61 17.57
N LEU LA 53 19.07 -62.52 17.54
CA LEU LA 53 17.95 -62.47 16.63
C LEU LA 53 18.47 -62.44 15.20
N LYS LA 54 17.84 -63.21 14.33
CA LYS LA 54 18.36 -63.30 12.97
C LYS LA 54 17.88 -62.17 12.09
N GLU LA 55 17.16 -61.20 12.64
CA GLU LA 55 16.57 -60.12 11.87
C GLU LA 55 17.00 -58.77 12.43
N PRO LA 56 17.09 -57.74 11.61
CA PRO LA 56 17.41 -56.40 12.14
C PRO LA 56 16.26 -55.81 12.93
N VAL LA 57 16.62 -54.94 13.87
CA VAL LA 57 15.66 -54.34 14.81
C VAL LA 57 15.58 -52.85 14.53
N ILE LA 58 14.37 -52.31 14.47
CA ILE LA 58 14.14 -50.90 14.21
C ILE LA 58 13.40 -50.28 15.39
N VAL LA 59 14.06 -49.36 16.08
CA VAL LA 59 13.54 -48.70 17.27
C VAL LA 59 13.20 -47.26 16.90
N SER LA 60 12.03 -46.79 17.35
CA SER LA 60 11.54 -45.47 17.00
C SER LA 60 12.31 -44.37 17.74
N LYS LA 61 11.88 -43.14 17.53
CA LYS LA 61 12.59 -41.98 18.07
C LYS LA 61 12.21 -41.72 19.52
N MET LA 62 10.94 -41.81 19.86
CA MET LA 62 10.52 -41.56 21.23
C MET LA 62 10.89 -42.71 22.15
N ALA LA 63 11.10 -43.91 21.61
CA ALA LA 63 11.51 -45.06 22.38
C ALA LA 63 13.01 -45.23 22.45
N ALA LA 64 13.77 -44.26 21.95
CA ALA LA 64 15.22 -44.29 22.06
C ALA LA 64 15.76 -43.29 23.07
N ARG LA 65 14.90 -42.60 23.81
CA ARG LA 65 15.36 -41.71 24.86
C ARG LA 65 15.55 -42.39 26.21
N LYS LA 66 15.15 -43.65 26.36
CA LYS LA 66 15.41 -44.32 27.62
C LYS LA 66 16.79 -44.97 27.61
N LYS LA 67 17.27 -45.30 28.80
CA LYS LA 67 18.64 -45.75 28.97
C LYS LA 67 18.67 -47.03 29.80
N ILE LA 68 19.69 -47.84 29.55
CA ILE LA 68 19.83 -49.15 30.18
C ILE LA 68 21.30 -49.36 30.53
N THR LA 69 21.57 -50.01 31.66
CA THR LA 69 22.93 -50.36 32.05
C THR LA 69 22.91 -51.65 32.86
N GLY LA 70 23.96 -52.47 32.69
CA GLY LA 70 24.02 -53.75 33.36
C GLY LA 70 24.62 -54.87 32.52
N ASN LA 71 24.83 -56.02 33.14
CA ASN LA 71 25.41 -57.19 32.48
C ASN LA 71 24.29 -58.10 32.01
N PHE LA 72 24.21 -58.33 30.70
CA PHE LA 72 23.14 -59.12 30.12
C PHE LA 72 23.71 -60.36 29.44
N GLU LA 73 22.79 -61.23 29.04
CA GLU LA 73 23.14 -62.52 28.46
C GLU LA 73 21.97 -63.00 27.61
N PHE LA 74 22.19 -63.10 26.29
CA PHE LA 74 21.13 -63.48 25.36
C PHE LA 74 21.24 -64.96 25.03
N HIS LA 75 20.67 -65.79 25.89
CA HIS LA 75 20.61 -67.21 25.57
C HIS LA 75 19.46 -67.50 24.61
N ASP LA 76 18.29 -66.96 24.89
CA ASP LA 76 17.20 -66.97 23.93
C ASP LA 76 16.49 -65.61 23.87
N PRO LA 77 16.56 -64.95 22.74
CA PRO LA 77 16.18 -63.54 22.73
C PRO LA 77 14.68 -63.36 22.63
N ASN LA 78 13.98 -64.32 22.02
CA ASN LA 78 12.54 -64.14 21.88
C ASN LA 78 11.83 -64.31 23.22
N ALA LA 79 12.47 -64.97 24.18
CA ALA LA 79 11.95 -64.98 25.54
C ALA LA 79 12.53 -63.88 26.39
N LEU LA 80 13.70 -63.35 26.04
CA LEU LA 80 14.21 -62.21 26.81
C LEU LA 80 13.52 -60.92 26.43
N LEU LA 81 13.12 -60.80 25.16
CA LEU LA 81 12.50 -59.59 24.67
C LEU LA 81 11.09 -59.41 25.19
N GLU LA 82 10.41 -60.52 25.50
CA GLU LA 82 9.06 -60.39 26.04
C GLU LA 82 9.12 -59.87 27.47
N LYS LA 83 10.13 -60.29 28.22
CA LYS LA 83 10.20 -59.86 29.61
C LYS LA 83 10.65 -58.41 29.69
N LEU LA 84 11.61 -58.02 28.84
CA LEU LA 84 12.04 -56.62 28.87
C LEU LA 84 10.99 -55.70 28.28
N SER LA 85 10.14 -56.19 27.37
CA SER LA 85 9.13 -55.30 26.81
C SER LA 85 7.99 -55.05 27.79
N LEU LA 86 7.87 -55.86 28.83
CA LEU LA 86 6.88 -55.67 29.87
C LEU LA 86 7.45 -54.90 31.05
N GLN LA 87 8.75 -55.03 31.30
CA GLN LA 87 9.35 -54.28 32.40
C GLN LA 87 9.63 -52.85 32.01
N LEU LA 88 10.17 -52.61 30.83
CA LEU LA 88 10.47 -51.24 30.42
C LEU LA 88 9.19 -50.52 30.02
N GLY LA 89 8.29 -51.22 29.36
CA GLY LA 89 7.04 -50.66 28.90
C GLY LA 89 7.28 -50.37 27.43
N LEU LA 90 6.92 -51.31 26.58
CA LEU LA 90 7.29 -51.29 25.17
C LEU LA 90 6.34 -52.22 24.42
N ILE LA 91 6.23 -51.98 23.13
CA ILE LA 91 5.53 -52.91 22.25
C ILE LA 91 6.45 -53.20 21.08
N TRP LA 92 6.29 -54.39 20.51
CA TRP LA 92 7.17 -54.81 19.43
C TRP LA 92 6.39 -55.67 18.46
N TYR LA 93 6.95 -55.85 17.27
CA TYR LA 93 6.25 -56.59 16.23
C TYR LA 93 7.25 -57.13 15.23
N PHE LA 94 7.04 -58.37 14.80
CA PHE LA 94 7.93 -59.03 13.86
C PHE LA 94 7.14 -59.43 12.62
N ASP LA 95 7.44 -58.77 11.48
CA ASP LA 95 6.66 -58.96 10.26
C ASP LA 95 7.38 -59.84 9.25
N GLY LA 96 8.33 -60.67 9.69
CA GLY LA 96 9.02 -61.60 8.82
C GLY LA 96 10.39 -61.14 8.38
N GLN LA 97 10.64 -59.83 8.35
CA GLN LA 97 11.92 -59.31 7.92
C GLN LA 97 12.61 -58.44 8.97
N ALA LA 98 11.86 -57.78 9.85
CA ALA LA 98 12.48 -56.93 10.85
C ALA LA 98 11.64 -56.96 12.12
N ILE LA 99 12.18 -56.38 13.18
CA ILE LA 99 11.50 -56.32 14.48
C ILE LA 99 11.35 -54.85 14.85
N TYR LA 100 10.16 -54.30 14.65
CA TYR LA 100 9.91 -52.93 15.06
C TYR LA 100 9.66 -52.87 16.56
N ILE LA 101 10.16 -51.81 17.20
CA ILE LA 101 10.01 -51.61 18.65
C ILE LA 101 9.57 -50.17 18.90
N TYR LA 102 8.43 -50.00 19.56
CA TYR LA 102 7.94 -48.70 19.99
C TYR LA 102 7.75 -48.71 21.49
N ASP LA 103 7.52 -47.55 22.08
CA ASP LA 103 7.10 -47.51 23.46
C ASP LA 103 5.58 -47.51 23.54
N ALA LA 104 5.07 -47.80 24.75
CA ALA LA 104 3.66 -48.04 24.96
C ALA LA 104 2.77 -46.82 24.80
N SER LA 105 3.33 -45.62 24.76
CA SER LA 105 2.52 -44.43 24.54
C SER LA 105 2.26 -44.14 23.08
N GLU LA 106 2.71 -44.99 22.17
CA GLU LA 106 2.46 -44.79 20.75
C GLU LA 106 1.46 -45.77 20.16
N MET LA 107 0.71 -46.48 20.97
CA MET LA 107 -0.22 -47.46 20.42
C MET LA 107 -1.43 -46.76 19.84
N ARG LA 108 -1.70 -46.99 18.57
CA ARG LA 108 -2.82 -46.38 17.88
C ARG LA 108 -3.88 -47.44 17.65
N ASN LA 109 -5.15 -47.03 17.68
CA ASN LA 109 -6.23 -47.97 17.45
C ASN LA 109 -7.23 -47.35 16.49
N ALA LA 110 -7.93 -48.21 15.76
CA ALA LA 110 -8.92 -47.78 14.79
C ALA LA 110 -9.90 -48.91 14.56
N VAL LA 111 -11.13 -48.56 14.22
CA VAL LA 111 -12.18 -49.50 13.87
C VAL LA 111 -12.60 -49.23 12.42
N VAL LA 112 -12.71 -50.29 11.63
CA VAL LA 112 -12.96 -50.19 10.20
C VAL LA 112 -13.97 -51.26 9.81
N SER LA 113 -14.79 -50.95 8.81
CA SER LA 113 -15.86 -51.82 8.35
C SER LA 113 -15.56 -52.32 6.95
N LEU LA 114 -16.08 -53.50 6.63
CA LEU LA 114 -15.92 -54.13 5.33
C LEU LA 114 -17.28 -54.36 4.69
N ARG LA 115 -17.34 -54.21 3.37
CA ARG LA 115 -18.59 -54.32 2.64
C ARG LA 115 -18.95 -55.76 2.29
N ASN LA 116 -18.08 -56.46 1.59
CA ASN LA 116 -18.43 -57.77 1.04
C ASN LA 116 -17.41 -58.87 1.35
N VAL LA 117 -16.51 -58.67 2.32
CA VAL LA 117 -15.66 -59.74 2.81
C VAL LA 117 -15.90 -59.91 4.30
N SER LA 118 -16.09 -61.15 4.73
CA SER LA 118 -16.35 -61.38 6.14
C SER LA 118 -15.05 -61.39 6.94
N LEU LA 119 -15.21 -61.53 8.25
CA LEU LA 119 -14.06 -61.61 9.14
C LEU LA 119 -13.36 -62.95 9.01
N ASN LA 120 -14.12 -64.02 8.81
CA ASN LA 120 -13.50 -65.33 8.73
C ASN LA 120 -12.74 -65.50 7.42
N GLU LA 121 -13.10 -64.76 6.38
CA GLU LA 121 -12.34 -64.78 5.14
C GLU LA 121 -11.15 -63.85 5.20
N PHE LA 122 -11.27 -62.72 5.93
CA PHE LA 122 -10.11 -61.85 6.04
C PHE LA 122 -9.06 -62.39 7.00
N ASN LA 123 -9.48 -63.12 8.04
CA ASN LA 123 -8.52 -63.65 8.99
C ASN LA 123 -7.74 -64.83 8.44
N ASN LA 124 -8.19 -65.45 7.37
CA ASN LA 124 -7.38 -66.49 6.73
C ASN LA 124 -6.33 -65.92 5.80
N PHE LA 125 -6.50 -64.68 5.36
CA PHE LA 125 -5.44 -64.02 4.61
C PHE LA 125 -4.24 -63.74 5.48
N LEU LA 126 -4.46 -63.47 6.76
CA LEU LA 126 -3.34 -63.16 7.64
C LEU LA 126 -2.58 -64.43 7.99
N LYS LA 127 -3.31 -65.54 8.15
CA LYS LA 127 -2.66 -66.79 8.52
C LYS LA 127 -1.92 -67.34 7.33
N ARG LA 128 -2.48 -67.23 6.13
CA ARG LA 128 -1.78 -67.76 4.97
C ARG LA 128 -0.61 -66.87 4.58
N SER LA 129 -0.65 -65.58 4.92
CA SER LA 129 0.48 -64.73 4.59
C SER LA 129 1.60 -64.89 5.61
N GLY LA 130 1.26 -64.88 6.88
CA GLY LA 130 2.28 -65.01 7.90
C GLY LA 130 2.30 -63.78 8.78
N LEU LA 131 1.16 -63.08 8.85
CA LEU LA 131 1.07 -61.86 9.61
C LEU LA 131 0.06 -61.95 10.74
N TYR LA 132 -0.50 -63.14 10.98
CA TYR LA 132 -1.50 -63.30 12.03
C TYR LA 132 -0.77 -63.26 13.34
N ASN LA 133 -0.91 -62.16 14.07
CA ASN LA 133 -0.27 -62.00 15.37
C ASN LA 133 -1.25 -62.39 16.46
N LYS LA 134 -0.90 -63.44 17.19
CA LYS LA 134 -1.74 -63.98 18.24
C LYS LA 134 -1.71 -63.15 19.52
N ASN LA 135 -0.84 -62.14 19.61
CA ASN LA 135 -0.84 -61.29 20.78
C ASN LA 135 -1.71 -60.06 20.62
N TYR LA 136 -1.93 -59.62 19.39
CA TYR LA 136 -2.85 -58.52 19.07
C TYR LA 136 -3.86 -59.03 18.05
N PRO LA 137 -4.86 -59.78 18.46
CA PRO LA 137 -5.80 -60.34 17.51
C PRO LA 137 -6.84 -59.31 17.08
N LEU LA 138 -7.76 -59.74 16.23
CA LEU LA 138 -8.82 -58.90 15.72
C LEU LA 138 -10.12 -59.18 16.45
N ARG LA 139 -10.66 -58.17 17.13
CA ARG LA 139 -11.84 -58.33 17.94
C ARG LA 139 -13.06 -57.98 17.09
N GLY LA 140 -14.03 -58.88 17.05
CA GLY LA 140 -15.26 -58.61 16.32
C GLY LA 140 -16.10 -59.85 16.18
N ASP LA 141 -17.30 -59.63 15.67
CA ASP LA 141 -18.23 -60.72 15.42
C ASP LA 141 -17.80 -61.51 14.18
N ASN LA 142 -18.12 -62.80 14.19
CA ASN LA 142 -17.48 -63.75 13.30
C ASN LA 142 -17.93 -63.59 11.85
N ARG LA 143 -19.17 -63.14 11.61
CA ARG LA 143 -19.61 -62.92 10.24
C ARG LA 143 -20.22 -61.51 10.15
N LYS LA 144 -19.36 -60.52 9.98
CA LYS LA 144 -19.82 -59.14 9.91
C LYS LA 144 -18.90 -58.37 8.97
N GLY LA 145 -19.03 -57.05 9.02
CA GLY LA 145 -18.20 -56.18 8.24
C GLY LA 145 -17.24 -55.42 9.13
N THR LA 146 -17.66 -55.18 10.36
CA THR LA 146 -16.92 -54.36 11.31
C THR LA 146 -16.08 -55.22 12.23
N PHE LA 147 -14.91 -54.70 12.59
CA PHE LA 147 -14.03 -55.35 13.54
C PHE LA 147 -13.16 -54.28 14.17
N TYR LA 148 -12.56 -54.61 15.30
CA TYR LA 148 -11.78 -53.65 16.08
C TYR LA 148 -10.34 -54.13 16.16
N VAL LA 149 -9.41 -53.31 15.66
CA VAL LA 149 -8.00 -53.64 15.64
C VAL LA 149 -7.24 -52.59 16.44
N SER LA 150 -6.20 -53.03 17.15
CA SER LA 150 -5.35 -52.13 17.92
C SER LA 150 -3.96 -52.75 18.02
N GLY LA 151 -2.94 -51.89 18.03
CA GLY LA 151 -1.58 -52.37 18.14
C GLY LA 151 -0.52 -51.36 17.76
N PRO LA 152 0.63 -51.85 17.30
CA PRO LA 152 1.69 -50.96 16.84
C PRO LA 152 1.30 -50.27 15.55
N PRO LA 153 1.91 -49.12 15.25
CA PRO LA 153 1.51 -48.38 14.04
C PRO LA 153 1.87 -49.08 12.74
N VAL LA 154 2.86 -49.97 12.75
CA VAL LA 154 3.19 -50.70 11.54
C VAL LA 154 2.21 -51.84 11.33
N TYR LA 155 1.51 -52.23 12.39
CA TYR LA 155 0.50 -53.25 12.29
C TYR LA 155 -0.83 -52.64 11.90
N VAL LA 156 -1.07 -51.41 12.34
CA VAL LA 156 -2.36 -50.78 12.08
C VAL LA 156 -2.40 -50.26 10.64
N ASP LA 157 -1.34 -49.59 10.19
CA ASP LA 157 -1.36 -49.15 8.81
C ASP LA 157 -1.14 -50.29 7.82
N MET LA 158 -0.89 -51.52 8.27
CA MET LA 158 -0.97 -52.65 7.36
C MET LA 158 -2.35 -53.27 7.34
N VAL LA 159 -3.02 -53.34 8.49
CA VAL LA 159 -4.33 -53.99 8.55
C VAL LA 159 -5.40 -53.14 7.89
N VAL LA 160 -5.37 -51.82 8.10
CA VAL LA 160 -6.41 -50.97 7.52
C VAL LA 160 -6.30 -50.93 6.01
N ASN LA 161 -5.08 -50.89 5.49
CA ASN LA 161 -4.90 -50.84 4.05
C ASN LA 161 -5.16 -52.19 3.41
N ALA LA 162 -4.71 -53.28 4.02
CA ALA LA 162 -4.93 -54.57 3.37
C ALA LA 162 -6.36 -55.05 3.52
N ALA LA 163 -7.15 -54.43 4.39
CA ALA LA 163 -8.56 -54.78 4.43
C ALA LA 163 -9.38 -53.87 3.53
N THR LA 164 -8.94 -52.62 3.33
CA THR LA 164 -9.62 -51.74 2.40
C THR LA 164 -9.36 -52.12 0.95
N MET LA 165 -8.16 -52.59 0.62
CA MET LA 165 -7.84 -52.96 -0.75
C MET LA 165 -8.36 -54.33 -1.17
N MET LA 166 -9.17 -54.98 -0.34
CA MET LA 166 -9.86 -56.21 -0.73
C MET LA 166 -11.35 -56.01 -1.03
N ASP LA 167 -11.91 -54.86 -0.71
CA ASP LA 167 -13.30 -54.60 -1.10
C ASP LA 167 -13.43 -53.85 -2.40
N LYS LA 168 -12.43 -53.06 -2.76
CA LYS LA 168 -12.41 -52.44 -4.08
C LYS LA 168 -12.22 -53.50 -5.17
N GLN LA 169 -11.51 -54.59 -4.85
CA GLN LA 169 -11.40 -55.70 -5.79
C GLN LA 169 -12.72 -56.45 -5.94
N ASN LA 170 -13.48 -56.58 -4.87
CA ASN LA 170 -14.75 -57.29 -4.98
C ASN LA 170 -15.91 -56.32 -5.17
N GLY MA 32 48.85 -63.01 2.40
CA GLY MA 32 47.63 -62.84 1.62
C GLY MA 32 47.25 -61.38 1.46
N SER MA 33 45.96 -61.10 1.63
CA SER MA 33 45.41 -59.77 1.53
C SER MA 33 44.82 -59.38 2.88
N GLY MA 34 44.18 -58.22 2.92
CA GLY MA 34 43.57 -57.76 4.15
C GLY MA 34 43.40 -56.25 4.11
N PHE MA 35 43.02 -55.71 5.27
CA PHE MA 35 42.81 -54.26 5.35
C PHE MA 35 42.92 -53.81 6.80
N VAL MA 36 43.76 -52.81 7.06
CA VAL MA 36 43.92 -52.31 8.42
C VAL MA 36 43.23 -50.97 8.60
N ALA MA 37 41.99 -50.97 9.06
CA ALA MA 37 41.26 -49.72 9.21
C ALA MA 37 41.58 -49.07 10.55
N LYS MA 38 41.87 -47.77 10.52
CA LYS MA 38 42.13 -47.00 11.75
C LYS MA 38 41.21 -45.79 11.70
N ASP MA 39 40.02 -45.93 12.28
CA ASP MA 39 38.98 -44.91 12.30
C ASP MA 39 38.62 -44.52 10.87
N ASP MA 40 38.05 -45.49 10.16
CA ASP MA 40 37.53 -45.26 8.82
C ASP MA 40 36.09 -44.79 8.94
N SER MA 41 35.37 -44.72 7.82
CA SER MA 41 34.04 -44.13 7.88
C SER MA 41 33.02 -44.89 7.06
N LEU MA 42 33.19 -46.21 6.93
CA LEU MA 42 32.28 -47.15 6.27
C LEU MA 42 32.04 -46.91 4.80
N ARG MA 43 32.67 -45.88 4.23
CA ARG MA 43 32.67 -45.68 2.79
C ARG MA 43 34.00 -46.03 2.19
N THR MA 44 35.08 -45.68 2.88
CA THR MA 44 36.38 -46.15 2.49
C THR MA 44 36.64 -47.54 3.02
N PHE MA 45 35.84 -47.99 3.97
CA PHE MA 45 36.00 -49.37 4.41
C PHE MA 45 35.32 -50.31 3.44
N PHE MA 46 34.08 -50.02 3.07
CA PHE MA 46 33.42 -50.88 2.10
C PHE MA 46 33.89 -50.66 0.69
N ASP MA 47 34.62 -49.58 0.41
CA ASP MA 47 35.25 -49.45 -0.90
C ASP MA 47 36.42 -50.41 -1.07
N ALA MA 48 37.13 -50.72 0.02
CA ALA MA 48 38.22 -51.67 -0.09
C ALA MA 48 37.73 -53.11 -0.24
N MET MA 49 36.50 -53.39 0.17
CA MET MA 49 35.92 -54.71 -0.06
C MET MA 49 35.34 -54.86 -1.46
N ALA MA 50 35.33 -53.77 -2.24
CA ALA MA 50 34.66 -53.76 -3.53
C ALA MA 50 35.49 -54.34 -4.64
N LEU MA 51 36.55 -55.07 -4.32
CA LEU MA 51 37.24 -55.87 -5.31
C LEU MA 51 37.09 -57.35 -5.03
N GLN MA 52 37.03 -57.73 -3.75
CA GLN MA 52 36.72 -59.12 -3.42
C GLN MA 52 35.28 -59.42 -3.75
N LEU MA 53 34.36 -58.54 -3.36
CA LEU MA 53 33.09 -58.47 -4.05
C LEU MA 53 33.32 -57.84 -5.42
N LYS MA 54 32.84 -58.46 -6.49
CA LYS MA 54 33.23 -57.99 -7.82
C LYS MA 54 32.31 -56.91 -8.35
N GLU MA 55 31.61 -56.19 -7.47
CA GLU MA 55 30.68 -55.13 -7.81
C GLU MA 55 30.93 -53.89 -6.98
N PRO MA 56 30.60 -52.70 -7.48
CA PRO MA 56 30.70 -51.50 -6.65
C PRO MA 56 29.65 -51.49 -5.56
N VAL MA 57 29.92 -50.71 -4.52
CA VAL MA 57 29.07 -50.60 -3.33
C VAL MA 57 28.62 -49.15 -3.18
N ILE MA 58 27.33 -48.96 -2.95
CA ILE MA 58 26.74 -47.64 -2.84
C ILE MA 58 26.17 -47.47 -1.44
N VAL MA 59 26.91 -46.75 -0.59
CA VAL MA 59 26.55 -46.55 0.81
C VAL MA 59 25.79 -45.24 0.96
N SER MA 60 24.63 -45.30 1.60
CA SER MA 60 23.82 -44.12 1.83
C SER MA 60 24.47 -43.18 2.84
N LYS MA 61 23.98 -41.95 2.87
CA LYS MA 61 24.63 -40.93 3.68
C LYS MA 61 24.25 -41.01 5.14
N MET MA 62 23.20 -41.75 5.49
CA MET MA 62 22.94 -41.92 6.91
C MET MA 62 23.74 -43.09 7.44
N ALA MA 63 23.97 -44.10 6.61
CA ALA MA 63 24.82 -45.21 6.96
C ALA MA 63 26.27 -44.94 6.64
N ALA MA 64 26.63 -43.70 6.36
CA ALA MA 64 28.03 -43.32 6.18
C ALA MA 64 28.56 -42.50 7.35
N ARG MA 65 27.79 -42.37 8.43
CA ARG MA 65 28.26 -41.69 9.63
C ARG MA 65 28.92 -42.58 10.66
N LYS MA 66 28.85 -43.89 10.53
CA LYS MA 66 29.47 -44.80 11.49
C LYS MA 66 30.87 -45.19 11.08
N LYS MA 67 31.69 -45.50 12.08
CA LYS MA 67 33.11 -45.72 11.92
C LYS MA 67 33.47 -47.15 12.33
N ILE MA 68 34.66 -47.58 11.92
CA ILE MA 68 35.16 -48.91 12.24
C ILE MA 68 36.67 -48.86 12.38
N THR MA 69 37.22 -49.75 13.21
CA THR MA 69 38.66 -49.81 13.47
C THR MA 69 39.07 -51.26 13.68
N GLY MA 70 40.16 -51.68 13.05
CA GLY MA 70 40.71 -53.01 13.25
C GLY MA 70 41.21 -53.68 11.99
N ASN MA 71 42.06 -54.69 12.19
CA ASN MA 71 42.60 -55.50 11.11
C ASN MA 71 41.54 -56.47 10.62
N PHE MA 72 41.30 -56.48 9.32
CA PHE MA 72 40.38 -57.43 8.71
C PHE MA 72 41.07 -58.25 7.63
N GLU MA 73 40.36 -59.28 7.18
CA GLU MA 73 40.86 -60.17 6.16
C GLU MA 73 39.67 -60.60 5.30
N PHE MA 74 39.85 -60.48 3.99
CA PHE MA 74 38.81 -60.74 2.99
C PHE MA 74 39.12 -62.01 2.22
N HIS MA 75 38.67 -63.15 2.74
CA HIS MA 75 38.77 -64.38 1.99
C HIS MA 75 37.42 -65.02 1.69
N ASP MA 76 36.39 -64.72 2.48
CA ASP MA 76 35.01 -65.09 2.14
C ASP MA 76 34.14 -63.89 2.47
N PRO MA 77 33.94 -62.99 1.52
CA PRO MA 77 33.34 -61.70 1.85
C PRO MA 77 31.82 -61.69 1.84
N ASN MA 78 31.19 -62.70 1.22
CA ASN MA 78 29.74 -62.70 1.14
C ASN MA 78 29.09 -63.04 2.48
N ALA MA 79 29.78 -63.75 3.34
CA ALA MA 79 29.26 -64.02 4.67
C ALA MA 79 29.78 -63.03 5.68
N LEU MA 80 30.92 -62.40 5.39
CA LEU MA 80 31.40 -61.34 6.25
C LEU MA 80 30.51 -60.11 6.13
N LEU MA 81 29.93 -59.90 4.95
CA LEU MA 81 28.95 -58.83 4.82
C LEU MA 81 27.67 -59.19 5.56
N GLU MA 82 27.33 -60.48 5.59
CA GLU MA 82 26.12 -60.92 6.29
C GLU MA 82 26.28 -60.80 7.80
N LYS MA 83 27.49 -60.95 8.30
CA LYS MA 83 27.68 -60.86 9.73
C LYS MA 83 27.92 -59.43 10.17
N LEU MA 84 28.61 -58.63 9.34
CA LEU MA 84 28.85 -57.24 9.69
C LEU MA 84 27.59 -56.40 9.54
N SER MA 85 26.66 -56.82 8.68
CA SER MA 85 25.44 -56.06 8.47
C SER MA 85 24.44 -56.27 9.58
N LEU MA 86 24.70 -57.25 10.45
CA LEU MA 86 23.83 -57.49 11.59
C LEU MA 86 24.47 -57.00 12.87
N GLN MA 87 25.81 -57.01 12.93
CA GLN MA 87 26.43 -56.44 14.13
C GLN MA 87 26.43 -54.92 14.10
N LEU MA 88 26.43 -54.31 12.92
CA LEU MA 88 26.42 -52.85 12.87
C LEU MA 88 25.01 -52.30 12.78
N GLY MA 89 24.16 -52.99 12.04
CA GLY MA 89 22.79 -52.58 11.82
C GLY MA 89 22.76 -51.95 10.45
N LEU MA 90 22.40 -52.76 9.47
CA LEU MA 90 22.47 -52.40 8.07
C LEU MA 90 21.54 -53.32 7.29
N ILE MA 91 21.18 -52.87 6.11
CA ILE MA 91 20.45 -53.67 5.15
C ILE MA 91 21.16 -53.46 3.83
N TRP MA 92 21.20 -54.51 3.02
CA TRP MA 92 21.94 -54.44 1.77
C TRP MA 92 21.18 -55.22 0.71
N TYR MA 93 21.50 -54.95 -0.55
CA TYR MA 93 20.77 -55.59 -1.61
C TYR MA 93 21.60 -55.57 -2.88
N PHE MA 94 21.74 -56.73 -3.50
CA PHE MA 94 22.56 -56.91 -4.68
C PHE MA 94 21.68 -57.28 -5.86
N ASP MA 95 21.62 -56.41 -6.86
CA ASP MA 95 20.68 -56.56 -7.97
C ASP MA 95 21.36 -57.02 -9.24
N GLY MA 96 22.62 -57.42 -9.18
CA GLY MA 96 23.34 -57.89 -10.34
C GLY MA 96 24.38 -56.93 -10.85
N GLN MA 97 24.29 -55.66 -10.48
CA GLN MA 97 25.26 -54.66 -10.93
C GLN MA 97 25.89 -53.88 -9.81
N ALA MA 98 25.26 -53.78 -8.65
CA ALA MA 98 25.84 -53.04 -7.54
C ALA MA 98 25.29 -53.62 -6.25
N ILE MA 99 25.89 -53.20 -5.14
CA ILE MA 99 25.46 -53.61 -3.82
C ILE MA 99 25.08 -52.35 -3.07
N TYR MA 100 23.78 -52.13 -2.92
CA TYR MA 100 23.31 -50.98 -2.17
C TYR MA 100 23.35 -51.30 -0.69
N ILE MA 101 23.66 -50.27 0.11
CA ILE MA 101 23.75 -50.42 1.55
C ILE MA 101 23.06 -49.25 2.22
N TYR MA 102 22.05 -49.54 3.05
CA TYR MA 102 21.37 -48.56 3.86
C TYR MA 102 21.49 -48.98 5.32
N ASP MA 103 21.33 -48.02 6.22
CA ASP MA 103 21.21 -48.44 7.61
C ASP MA 103 19.81 -48.99 7.88
N ALA MA 104 19.66 -49.62 9.04
CA ALA MA 104 18.45 -50.38 9.34
C ALA MA 104 17.24 -49.49 9.54
N SER MA 105 17.43 -48.21 9.85
CA SER MA 105 16.32 -47.31 10.13
C SER MA 105 15.76 -46.66 8.89
N GLU MA 106 16.15 -47.12 7.71
CA GLU MA 106 15.57 -46.62 6.45
C GLU MA 106 14.70 -47.66 5.76
N MET MA 107 14.23 -48.66 6.50
CA MET MA 107 13.38 -49.68 5.89
C MET MA 107 11.99 -49.16 5.59
N ARG MA 108 11.55 -49.36 4.36
CA ARG MA 108 10.28 -48.86 3.87
C ARG MA 108 9.40 -50.07 3.57
N ASN MA 109 8.09 -49.91 3.77
CA ASN MA 109 7.18 -51.02 3.50
C ASN MA 109 5.96 -50.48 2.77
N ALA MA 110 5.29 -51.37 2.04
CA ALA MA 110 4.11 -50.96 1.29
C ALA MA 110 3.22 -52.17 1.02
N VAL MA 111 1.93 -51.90 0.91
CA VAL MA 111 0.92 -52.88 0.55
C VAL MA 111 0.34 -52.47 -0.79
N VAL MA 112 0.22 -53.42 -1.71
CA VAL MA 112 -0.25 -53.16 -3.07
C VAL MA 112 -1.20 -54.26 -3.49
N SER MA 113 -2.29 -53.85 -4.12
CA SER MA 113 -3.33 -54.75 -4.57
C SER MA 113 -3.36 -54.78 -6.09
N LEU MA 114 -3.34 -55.98 -6.65
CA LEU MA 114 -3.32 -56.17 -8.09
C LEU MA 114 -4.75 -56.41 -8.56
N ARG MA 115 -5.06 -55.89 -9.75
CA ARG MA 115 -6.43 -56.01 -10.24
C ARG MA 115 -6.67 -57.35 -10.90
N ASN MA 116 -5.86 -57.70 -11.89
CA ASN MA 116 -6.12 -58.90 -12.67
C ASN MA 116 -4.88 -59.75 -12.89
N VAL MA 117 -3.83 -59.55 -12.10
CA VAL MA 117 -2.63 -60.38 -12.12
C VAL MA 117 -2.44 -61.03 -10.75
N SER MA 118 -2.24 -62.34 -10.72
CA SER MA 118 -2.01 -62.97 -9.42
C SER MA 118 -0.59 -62.73 -8.87
N LEU MA 119 -0.45 -63.08 -7.59
CA LEU MA 119 0.84 -62.97 -6.92
C LEU MA 119 1.81 -64.02 -7.43
N ASN MA 120 1.31 -65.23 -7.69
CA ASN MA 120 2.21 -66.29 -8.11
C ASN MA 120 2.72 -66.06 -9.53
N GLU MA 121 2.07 -65.21 -10.29
CA GLU MA 121 2.60 -64.86 -11.59
C GLU MA 121 3.63 -63.76 -11.45
N PHE MA 122 3.38 -62.78 -10.58
CA PHE MA 122 4.43 -61.76 -10.42
C PHE MA 122 5.64 -62.32 -9.68
N ASN MA 123 5.43 -63.30 -8.80
CA ASN MA 123 6.53 -63.99 -8.17
C ASN MA 123 7.22 -64.97 -9.09
N ASN MA 124 6.60 -65.33 -10.21
CA ASN MA 124 7.34 -66.11 -11.19
C ASN MA 124 8.06 -65.21 -12.17
N PHE MA 125 7.58 -63.97 -12.31
CA PHE MA 125 8.30 -62.99 -13.09
C PHE MA 125 9.58 -62.55 -12.38
N LEU MA 126 9.56 -62.49 -11.06
CA LEU MA 126 10.78 -62.11 -10.34
C LEU MA 126 11.80 -63.23 -10.38
N LYS MA 127 11.34 -64.48 -10.39
CA LYS MA 127 12.24 -65.61 -10.50
C LYS MA 127 12.75 -65.74 -11.93
N ARG MA 128 11.93 -65.35 -12.89
CA ARG MA 128 12.33 -65.46 -14.29
C ARG MA 128 13.38 -64.41 -14.61
N SER MA 129 13.22 -63.21 -14.07
CA SER MA 129 14.19 -62.16 -14.33
C SER MA 129 15.47 -62.37 -13.53
N GLY MA 130 15.36 -62.58 -12.22
CA GLY MA 130 16.56 -62.74 -11.43
C GLY MA 130 16.70 -61.69 -10.35
N LEU MA 131 15.58 -61.15 -9.89
CA LEU MA 131 15.57 -60.13 -8.84
C LEU MA 131 14.98 -60.62 -7.54
N TYR MA 132 14.66 -61.91 -7.44
CA TYR MA 132 14.04 -62.45 -6.24
C TYR MA 132 15.05 -62.56 -5.10
N ASN MA 133 14.79 -61.84 -4.02
CA ASN MA 133 15.64 -61.82 -2.83
C ASN MA 133 15.05 -62.78 -1.81
N LYS MA 134 15.85 -63.75 -1.38
CA LYS MA 134 15.37 -64.75 -0.42
C LYS MA 134 15.16 -64.16 0.98
N ASN MA 135 15.96 -63.17 1.36
CA ASN MA 135 15.86 -62.63 2.72
C ASN MA 135 14.61 -61.77 2.88
N TYR MA 136 14.18 -61.07 1.83
CA TYR MA 136 13.00 -60.21 1.89
C TYR MA 136 11.99 -60.69 0.85
N PRO MA 137 11.22 -61.72 1.14
CA PRO MA 137 10.24 -62.23 0.18
C PRO MA 137 8.96 -61.42 0.23
N LEU MA 138 8.01 -61.78 -0.63
CA LEU MA 138 6.72 -61.12 -0.69
C LEU MA 138 5.71 -61.86 0.18
N ARG MA 139 5.04 -61.10 1.06
CA ARG MA 139 4.04 -61.66 1.97
C ARG MA 139 2.64 -61.40 1.41
N GLY MA 140 1.85 -62.45 1.31
CA GLY MA 140 0.50 -62.34 0.79
C GLY MA 140 -0.02 -63.70 0.40
N ASP MA 141 -1.29 -63.72 0.00
CA ASP MA 141 -1.91 -64.96 -0.43
C ASP MA 141 -1.38 -65.36 -1.80
N ASN MA 142 -1.27 -66.67 -2.02
CA ASN MA 142 -0.52 -67.16 -3.18
C ASN MA 142 -1.28 -66.93 -4.48
N ARG MA 143 -2.60 -67.09 -4.45
CA ARG MA 143 -3.43 -66.82 -5.62
C ARG MA 143 -4.49 -65.82 -5.20
N LYS MA 144 -4.12 -64.55 -5.17
CA LYS MA 144 -5.03 -63.45 -4.87
C LYS MA 144 -4.42 -62.17 -5.42
N GLY MA 145 -4.99 -61.04 -5.03
CA GLY MA 145 -4.55 -59.75 -5.54
C GLY MA 145 -3.57 -59.00 -4.68
N THR MA 146 -3.86 -58.87 -3.39
CA THR MA 146 -3.06 -58.01 -2.54
C THR MA 146 -1.86 -58.74 -1.98
N PHE MA 147 -0.79 -57.99 -1.71
CA PHE MA 147 0.34 -58.56 -0.98
C PHE MA 147 1.05 -57.45 -0.22
N TYR MA 148 2.11 -57.82 0.49
CA TYR MA 148 2.80 -56.90 1.38
C TYR MA 148 4.30 -57.05 1.20
N VAL MA 149 5.02 -55.94 1.02
CA VAL MA 149 6.45 -55.96 0.76
C VAL MA 149 7.15 -54.99 1.71
N SER MA 150 8.36 -55.38 2.15
CA SER MA 150 9.17 -54.50 2.98
C SER MA 150 10.64 -54.82 2.71
N GLY MA 151 11.47 -53.79 2.74
CA GLY MA 151 12.89 -53.95 2.49
C GLY MA 151 13.61 -52.64 2.24
N PRO MA 152 14.71 -52.68 1.50
CA PRO MA 152 15.44 -51.46 1.19
C PRO MA 152 14.67 -50.56 0.24
N PRO MA 153 14.93 -49.25 0.26
CA PRO MA 153 14.16 -48.32 -0.57
C PRO MA 153 14.45 -48.38 -2.06
N VAL MA 154 15.33 -49.25 -2.53
CA VAL MA 154 15.48 -49.47 -3.95
C VAL MA 154 14.76 -50.75 -4.34
N TYR MA 155 14.46 -51.60 -3.38
CA TYR MA 155 13.71 -52.83 -3.62
C TYR MA 155 12.22 -52.58 -3.54
N VAL MA 156 11.79 -51.73 -2.61
CA VAL MA 156 10.36 -51.48 -2.53
C VAL MA 156 9.93 -50.55 -3.64
N ASP MA 157 10.80 -49.61 -4.02
CA ASP MA 157 10.48 -48.68 -5.09
C ASP MA 157 10.57 -49.32 -6.46
N MET MA 158 11.05 -50.55 -6.54
CA MET MA 158 11.04 -51.29 -7.79
C MET MA 158 9.87 -52.23 -7.86
N VAL MA 159 9.55 -52.92 -6.75
CA VAL MA 159 8.44 -53.85 -6.76
C VAL MA 159 7.10 -53.12 -6.90
N VAL MA 160 6.96 -51.93 -6.29
CA VAL MA 160 5.72 -51.17 -6.44
C VAL MA 160 5.53 -50.68 -7.88
N ASN MA 161 6.60 -50.25 -8.53
CA ASN MA 161 6.42 -49.70 -9.88
C ASN MA 161 6.26 -50.80 -10.90
N ALA MA 162 6.88 -51.97 -10.69
CA ALA MA 162 6.73 -53.02 -11.68
C ALA MA 162 5.36 -53.67 -11.54
N ALA MA 163 4.84 -53.78 -10.31
CA ALA MA 163 3.52 -54.38 -10.19
C ALA MA 163 2.44 -53.40 -10.60
N THR MA 164 2.72 -52.10 -10.52
CA THR MA 164 1.75 -51.14 -11.02
C THR MA 164 1.78 -51.08 -12.54
N MET MA 165 2.93 -51.32 -13.16
CA MET MA 165 3.02 -51.32 -14.62
C MET MA 165 2.73 -52.66 -15.27
N MET MA 166 2.41 -53.71 -14.52
CA MET MA 166 2.18 -54.99 -15.18
C MET MA 166 0.69 -55.28 -15.39
N ASP MA 167 -0.17 -54.90 -14.44
CA ASP MA 167 -1.59 -55.10 -14.68
C ASP MA 167 -2.14 -54.10 -15.70
N LYS MA 168 -1.47 -52.97 -15.88
CA LYS MA 168 -1.85 -52.08 -16.98
C LYS MA 168 -1.52 -52.70 -18.32
N GLN MA 169 -0.51 -53.56 -18.38
CA GLN MA 169 -0.25 -54.31 -19.60
C GLN MA 169 -1.08 -55.58 -19.66
N ASN MA 170 -1.86 -55.87 -18.61
CA ASN MA 170 -2.74 -57.02 -18.64
C ASN MA 170 -4.19 -56.58 -18.48
N LYS NA 27 67.36 -34.55 -19.87
CA LYS NA 27 66.70 -33.54 -19.03
C LYS NA 27 65.66 -34.19 -18.14
N ILE NA 28 65.06 -35.28 -18.63
CA ILE NA 28 64.12 -36.08 -17.84
C ILE NA 28 64.67 -37.48 -17.64
N PRO NA 29 65.53 -37.72 -16.64
CA PRO NA 29 66.15 -39.05 -16.55
C PRO NA 29 65.25 -40.11 -15.94
N VAL NA 30 64.59 -40.93 -16.79
CA VAL NA 30 64.04 -42.24 -16.41
C VAL NA 30 64.29 -43.15 -17.61
N THR NA 31 64.66 -44.41 -17.35
CA THR NA 31 65.07 -45.27 -18.44
C THR NA 31 63.90 -45.85 -19.24
N GLY NA 32 62.79 -46.17 -18.57
CA GLY NA 32 61.70 -46.89 -19.21
C GLY NA 32 60.66 -46.00 -19.84
N SER NA 33 59.41 -46.49 -19.82
CA SER NA 33 58.24 -45.74 -20.29
C SER NA 33 57.13 -45.89 -19.27
N GLY NA 34 56.52 -44.78 -18.88
CA GLY NA 34 55.48 -44.81 -17.88
C GLY NA 34 55.10 -43.40 -17.47
N PHE NA 35 54.04 -43.32 -16.67
CA PHE NA 35 53.53 -42.03 -16.20
C PHE NA 35 53.71 -41.91 -14.70
N VAL NA 36 54.34 -40.83 -14.25
CA VAL NA 36 54.51 -40.57 -12.83
C VAL NA 36 53.57 -39.43 -12.42
N ALA NA 37 52.72 -39.69 -11.45
CA ALA NA 37 51.73 -38.73 -10.97
C ALA NA 37 52.04 -38.34 -9.54
N LYS NA 38 52.25 -37.05 -9.30
CA LYS NA 38 52.45 -36.51 -7.95
C LYS NA 38 51.25 -35.65 -7.60
N ASP NA 39 50.24 -36.30 -6.98
CA ASP NA 39 48.99 -35.69 -6.54
C ASP NA 39 48.26 -35.06 -7.74
N ASP NA 40 47.84 -35.93 -8.66
CA ASP NA 40 46.92 -35.53 -9.71
C ASP NA 40 45.50 -35.58 -9.18
N SER NA 41 44.52 -35.36 -10.06
CA SER NA 41 43.15 -35.20 -9.59
C SER NA 41 42.14 -35.96 -10.44
N LEU NA 42 42.55 -37.10 -11.00
CA LEU NA 42 41.72 -38.05 -11.76
C LEU NA 42 41.11 -37.50 -13.04
N ARG NA 43 41.37 -36.23 -13.35
CA ARG NA 43 41.08 -35.65 -14.66
CA ARG NA 43 41.08 -35.65 -14.65
C ARG NA 43 42.34 -35.44 -15.47
N THR NA 44 43.38 -34.96 -14.81
CA THR NA 44 44.70 -34.87 -15.40
C THR NA 44 45.28 -36.25 -15.61
N PHE NA 45 44.90 -37.20 -14.76
CA PHE NA 45 45.46 -38.54 -14.82
C PHE NA 45 44.93 -39.34 -16.01
N PHE NA 46 43.62 -39.32 -16.23
CA PHE NA 46 43.07 -40.14 -17.30
C PHE NA 46 43.35 -39.57 -18.69
N ASP NA 47 43.79 -38.32 -18.77
CA ASP NA 47 44.26 -37.82 -20.04
C ASP NA 47 45.63 -38.36 -20.40
N ALA NA 48 46.40 -38.83 -19.43
CA ALA NA 48 47.64 -39.48 -19.80
C ALA NA 48 47.36 -40.85 -20.41
N MET NA 49 46.27 -41.49 -20.02
CA MET NA 49 45.83 -42.74 -20.60
C MET NA 49 44.96 -42.55 -21.83
N ALA NA 50 44.72 -41.30 -22.21
CA ALA NA 50 43.84 -40.99 -23.32
C ALA NA 50 44.53 -41.08 -24.67
N LEU NA 51 45.76 -41.55 -24.70
CA LEU NA 51 46.46 -41.86 -25.93
C LEU NA 51 46.59 -43.35 -26.13
N GLN NA 52 46.78 -44.10 -25.05
CA GLN NA 52 46.76 -45.54 -25.15
C GLN NA 52 45.36 -46.06 -25.42
N LEU NA 53 44.38 -45.61 -24.63
CA LEU NA 53 43.00 -45.66 -25.10
C LEU NA 53 42.84 -44.69 -26.26
N LYS NA 54 42.29 -45.16 -27.36
CA LYS NA 54 42.23 -44.36 -28.56
C LYS NA 54 41.07 -43.36 -28.56
N GLU NA 55 40.31 -43.30 -27.48
CA GLU NA 55 39.15 -42.43 -27.38
C GLU NA 55 39.35 -41.43 -26.25
N PRO NA 56 38.78 -40.23 -26.37
CA PRO NA 56 38.91 -39.26 -25.28
C PRO NA 56 38.09 -39.70 -24.07
N VAL NA 57 38.53 -39.23 -22.90
CA VAL NA 57 37.93 -39.63 -21.64
C VAL NA 57 37.22 -38.44 -21.04
N ILE NA 58 35.98 -38.65 -20.60
CA ILE NA 58 35.18 -37.60 -20.00
C ILE NA 58 34.85 -38.01 -18.57
N VAL NA 59 35.49 -37.34 -17.63
CA VAL NA 59 35.35 -37.62 -16.21
C VAL NA 59 34.39 -36.61 -15.62
N SER NA 60 33.45 -37.09 -14.80
CA SER NA 60 32.44 -36.20 -14.25
C SER NA 60 33.03 -35.28 -13.20
N LYS NA 61 32.18 -34.40 -12.65
CA LYS NA 61 32.70 -33.37 -11.76
C LYS NA 61 32.90 -33.89 -10.34
N MET NA 62 32.05 -34.79 -9.88
CA MET NA 62 32.19 -35.25 -8.52
C MET NA 62 33.18 -36.41 -8.43
N ALA NA 63 33.57 -36.97 -9.57
CA ALA NA 63 34.62 -37.96 -9.58
C ALA NA 63 35.99 -37.33 -9.76
N ALA NA 64 36.04 -36.03 -9.99
CA ALA NA 64 37.30 -35.32 -10.13
C ALA NA 64 37.76 -34.69 -8.83
N ARG NA 65 37.13 -35.05 -7.71
CA ARG NA 65 37.58 -34.57 -6.41
C ARG NA 65 38.54 -35.52 -5.73
N LYS NA 66 38.78 -36.69 -6.28
CA LYS NA 66 39.70 -37.63 -5.66
C LYS NA 66 41.07 -37.50 -6.31
N LYS NA 67 42.08 -37.96 -5.59
CA LYS NA 67 43.45 -37.77 -6.02
C LYS NA 67 44.17 -39.12 -6.11
N ILE NA 68 45.33 -39.11 -6.76
CA ILE NA 68 46.14 -40.30 -6.92
C ILE NA 68 47.60 -39.89 -6.99
N THR NA 69 48.48 -40.79 -6.56
CA THR NA 69 49.92 -40.52 -6.51
C THR NA 69 50.68 -41.82 -6.67
N GLY NA 70 51.60 -41.87 -7.62
CA GLY NA 70 52.43 -43.04 -7.79
C GLY NA 70 53.04 -43.11 -9.17
N ASN NA 71 53.71 -44.23 -9.43
CA ASN NA 71 54.34 -44.53 -10.71
C ASN NA 71 53.54 -45.61 -11.43
N PHE NA 72 53.04 -45.31 -12.62
CA PHE NA 72 52.13 -46.19 -13.32
C PHE NA 72 52.69 -46.58 -14.70
N GLU NA 73 52.06 -47.59 -15.28
CA GLU NA 73 52.46 -48.18 -16.57
C GLU NA 73 51.25 -48.74 -17.28
N PHE NA 74 51.00 -48.28 -18.51
CA PHE NA 74 49.84 -48.69 -19.31
C PHE NA 74 50.25 -49.51 -20.53
N HIS NA 75 50.37 -50.83 -20.38
CA HIS NA 75 50.55 -51.64 -21.58
C HIS NA 75 49.26 -52.26 -22.08
N ASP NA 76 48.29 -52.50 -21.20
CA ASP NA 76 46.90 -52.72 -21.64
C ASP NA 76 45.88 -52.00 -20.76
N PRO NA 77 45.32 -50.92 -21.28
CA PRO NA 77 44.57 -50.01 -20.41
C PRO NA 77 43.16 -50.46 -20.13
N ASN NA 78 42.54 -51.29 -20.97
CA ASN NA 78 41.20 -51.74 -20.63
C ASN NA 78 41.23 -52.74 -19.50
N ALA NA 79 42.36 -53.43 -19.30
CA ALA NA 79 42.52 -54.27 -18.13
C ALA NA 79 43.02 -53.48 -16.94
N LEU NA 80 43.69 -52.35 -17.15
CA LEU NA 80 44.08 -51.56 -15.98
C LEU NA 80 42.92 -50.70 -15.48
N LEU NA 81 42.02 -50.28 -16.36
CA LEU NA 81 40.92 -49.42 -15.97
C LEU NA 81 39.87 -50.19 -15.18
N GLU NA 82 39.74 -51.49 -15.44
CA GLU NA 82 38.78 -52.29 -14.70
C GLU NA 82 39.27 -52.51 -13.27
N LYS NA 83 40.57 -52.64 -13.09
CA LYS NA 83 41.09 -52.84 -11.75
C LYS NA 83 41.07 -51.54 -10.96
N LEU NA 84 41.42 -50.43 -11.63
CA LEU NA 84 41.45 -49.16 -10.91
C LEU NA 84 40.04 -48.66 -10.60
N SER NA 85 39.06 -49.05 -11.42
CA SER NA 85 37.70 -48.60 -11.17
C SER NA 85 37.03 -49.41 -10.08
N LEU NA 86 37.68 -50.48 -9.62
CA LEU NA 86 37.18 -51.25 -8.51
C LEU NA 86 37.92 -50.90 -7.23
N GLN NA 87 39.22 -50.59 -7.32
CA GLN NA 87 39.92 -50.23 -6.11
C GLN NA 87 39.60 -48.82 -5.68
N LEU NA 88 39.19 -47.92 -6.58
CA LEU NA 88 38.89 -46.57 -6.16
C LEU NA 88 37.40 -46.34 -5.95
N GLY NA 89 36.56 -47.02 -6.71
CA GLY NA 89 35.13 -46.88 -6.63
C GLY NA 89 34.72 -45.96 -7.76
N LEU NA 90 34.35 -46.57 -8.87
CA LEU NA 90 34.15 -45.89 -10.13
C LEU NA 90 33.32 -46.79 -11.03
N ILE NA 91 32.60 -46.18 -11.94
CA ILE NA 91 31.91 -46.89 -13.00
C ILE NA 91 32.26 -46.19 -14.31
N TRP NA 92 32.40 -46.97 -15.37
CA TRP NA 92 32.84 -46.43 -16.64
C TRP NA 92 32.06 -47.07 -17.77
N TYR NA 93 31.93 -46.35 -18.86
CA TYR NA 93 31.16 -46.84 -19.99
C TYR NA 93 31.69 -46.29 -21.29
N PHE NA 94 31.83 -47.16 -22.27
CA PHE NA 94 32.40 -46.83 -23.57
C PHE NA 94 31.33 -47.01 -24.63
N ASP NA 95 30.88 -45.91 -25.22
CA ASP NA 95 29.75 -45.93 -26.15
C ASP NA 95 30.19 -45.94 -27.60
N GLY NA 96 31.48 -46.05 -27.86
CA GLY NA 96 31.97 -46.10 -29.22
C GLY NA 96 32.66 -44.84 -29.68
N GLN NA 97 32.53 -43.75 -28.95
CA GLN NA 97 33.16 -42.49 -29.35
C GLN NA 97 33.97 -41.89 -28.23
N ALA NA 98 33.56 -42.14 -26.99
CA ALA NA 98 34.27 -41.60 -25.84
C ALA NA 98 34.09 -42.55 -24.67
N ILE NA 99 34.85 -42.32 -23.62
CA ILE NA 99 34.78 -43.15 -22.42
C ILE NA 99 34.31 -42.25 -21.29
N TYR NA 100 33.08 -42.46 -20.85
CA TYR NA 100 32.55 -41.68 -19.73
C TYR NA 100 32.90 -42.37 -18.43
N ILE NA 101 33.25 -41.58 -17.43
CA ILE NA 101 33.65 -42.10 -16.12
C ILE NA 101 32.88 -41.35 -15.03
N TYR NA 102 32.12 -42.08 -14.24
CA TYR NA 102 31.42 -41.56 -13.08
C TYR NA 102 31.89 -42.28 -11.83
N ASP NA 103 31.55 -41.73 -10.68
CA ASP NA 103 31.77 -42.48 -9.45
C ASP NA 103 30.51 -43.25 -9.06
N ALA NA 104 30.65 -44.07 -8.02
CA ALA NA 104 29.60 -45.03 -7.70
C ALA NA 104 28.33 -44.44 -7.11
N SER NA 105 28.38 -43.23 -6.58
CA SER NA 105 27.17 -42.68 -6.01
C SER NA 105 26.24 -42.03 -7.02
N GLU NA 106 26.60 -42.02 -8.31
CA GLU NA 106 25.73 -41.43 -9.32
C GLU NA 106 25.01 -42.44 -10.19
N MET NA 107 25.07 -43.72 -9.84
CA MET NA 107 24.37 -44.72 -10.63
C MET NA 107 22.88 -44.64 -10.39
N ARG NA 108 22.12 -44.50 -11.47
CA ARG NA 108 20.68 -44.38 -11.42
C ARG NA 108 20.07 -45.58 -12.12
N ASN NA 109 18.76 -45.74 -11.94
CA ASN NA 109 18.05 -46.88 -12.49
C ASN NA 109 16.62 -46.46 -12.80
N ALA NA 110 16.00 -47.21 -13.71
CA ALA NA 110 14.64 -46.91 -14.11
C ALA NA 110 13.99 -48.16 -14.67
N VAL NA 111 12.68 -48.25 -14.47
CA VAL NA 111 11.84 -49.32 -14.98
C VAL NA 111 10.89 -48.78 -16.05
N VAL NA 112 10.81 -49.50 -17.18
CA VAL NA 112 10.03 -49.08 -18.34
C VAL NA 112 9.28 -50.29 -18.91
N SER NA 113 8.11 -50.03 -19.50
CA SER NA 113 7.22 -51.07 -19.99
C SER NA 113 7.03 -50.88 -21.49
N LEU NA 114 7.15 -51.95 -22.25
CA LEU NA 114 6.93 -51.90 -23.69
C LEU NA 114 5.58 -52.51 -24.04
N ARG NA 115 4.77 -51.79 -24.82
CA ARG NA 115 3.44 -52.31 -25.09
C ARG NA 115 3.46 -53.40 -26.16
N ASN NA 116 4.30 -53.23 -27.19
CA ASN NA 116 4.29 -54.14 -28.32
C ASN NA 116 5.68 -54.51 -28.83
N VAL NA 117 6.73 -54.28 -28.04
CA VAL NA 117 8.08 -54.67 -28.39
C VAL NA 117 8.56 -55.66 -27.34
N SER NA 118 9.16 -56.76 -27.78
CA SER NA 118 9.66 -57.70 -26.80
C SER NA 118 11.01 -57.27 -26.28
N LEU NA 119 11.53 -58.03 -25.33
CA LEU NA 119 12.87 -57.74 -24.83
C LEU NA 119 13.93 -58.20 -25.79
N ASN NA 120 13.65 -59.26 -26.56
CA ASN NA 120 14.64 -59.80 -27.48
C ASN NA 120 14.80 -58.95 -28.72
N GLU NA 121 13.75 -58.26 -29.17
CA GLU NA 121 13.91 -57.37 -30.31
C GLU NA 121 14.62 -56.09 -29.91
N PHE NA 122 14.61 -55.73 -28.63
CA PHE NA 122 15.37 -54.57 -28.20
C PHE NA 122 16.81 -54.94 -27.90
N ASN NA 123 17.03 -56.17 -27.45
CA ASN NA 123 18.41 -56.62 -27.28
C ASN NA 123 19.06 -56.86 -28.62
N ASN NA 124 18.27 -57.17 -29.65
CA ASN NA 124 18.84 -57.28 -30.98
C ASN NA 124 19.14 -55.92 -31.57
N PHE NA 125 18.44 -54.89 -31.11
CA PHE NA 125 18.76 -53.55 -31.58
C PHE NA 125 20.04 -53.04 -30.92
N LEU NA 126 20.23 -53.37 -29.65
CA LEU NA 126 21.47 -52.91 -29.01
C LEU NA 126 22.65 -53.73 -29.45
N LYS NA 127 22.43 -55.01 -29.77
CA LYS NA 127 23.52 -55.85 -30.23
C LYS NA 127 23.91 -55.53 -31.65
N ARG NA 128 22.95 -55.11 -32.47
CA ARG NA 128 23.29 -54.83 -33.86
C ARG NA 128 23.83 -53.43 -33.99
N SER NA 129 23.46 -52.52 -33.09
CA SER NA 129 23.98 -51.17 -33.20
C SER NA 129 25.37 -51.11 -32.62
N GLY NA 130 25.59 -51.68 -31.43
CA GLY NA 130 26.89 -51.62 -30.82
C GLY NA 130 26.89 -50.98 -29.45
N LEU NA 131 25.71 -50.67 -28.93
CA LEU NA 131 25.59 -50.06 -27.62
C LEU NA 131 25.28 -51.08 -26.54
N TYR NA 132 25.27 -52.37 -26.87
CA TYR NA 132 24.99 -53.41 -25.88
C TYR NA 132 26.20 -53.58 -24.97
N ASN NA 133 26.03 -53.27 -23.69
CA ASN NA 133 27.09 -53.44 -22.72
C ASN NA 133 26.76 -54.64 -21.84
N LYS NA 134 27.60 -55.67 -21.89
CA LYS NA 134 27.34 -56.91 -21.18
C LYS NA 134 27.60 -56.82 -19.68
N ASN NA 135 28.20 -55.73 -19.21
CA ASN NA 135 28.43 -55.60 -17.78
C ASN NA 135 27.18 -55.11 -17.08
N TYR NA 136 26.38 -54.28 -17.76
CA TYR NA 136 25.11 -53.78 -17.23
C TYR NA 136 24.03 -54.21 -18.22
N PRO NA 137 23.59 -55.46 -18.15
CA PRO NA 137 22.57 -55.90 -19.10
C PRO NA 137 21.18 -55.53 -18.66
N LEU NA 138 20.17 -55.98 -19.39
CA LEU NA 138 18.78 -55.73 -19.04
C LEU NA 138 18.23 -56.92 -18.26
N ARG NA 139 17.41 -56.63 -17.25
CA ARG NA 139 16.83 -57.66 -16.41
C ARG NA 139 15.34 -57.75 -16.72
N GLY NA 140 14.90 -58.88 -17.27
CA GLY NA 140 13.50 -59.06 -17.58
C GLY NA 140 13.27 -60.35 -18.32
N ASP NA 141 11.98 -60.62 -18.56
CA ASP NA 141 11.57 -61.81 -19.30
C ASP NA 141 11.77 -61.60 -20.79
N ASN NA 142 12.09 -62.70 -21.49
CA ASN NA 142 12.55 -62.59 -22.86
C ASN NA 142 11.43 -62.23 -23.82
N ARG NA 143 10.18 -62.47 -23.46
CA ARG NA 143 9.06 -61.96 -24.23
C ARG NA 143 8.03 -61.30 -23.29
N LYS NA 144 8.31 -60.05 -22.93
CA LYS NA 144 7.42 -59.30 -22.07
C LYS NA 144 7.56 -57.82 -22.41
N GLY NA 145 7.08 -56.96 -21.53
CA GLY NA 145 7.21 -55.54 -21.77
C GLY NA 145 8.01 -54.79 -20.73
N THR NA 146 7.99 -55.26 -19.48
CA THR NA 146 8.67 -54.53 -18.42
C THR NA 146 10.06 -55.09 -18.22
N PHE NA 147 11.00 -54.21 -17.91
CA PHE NA 147 12.34 -54.63 -17.53
C PHE NA 147 12.98 -53.55 -16.68
N TYR NA 148 14.10 -53.90 -16.07
CA TYR NA 148 14.82 -53.04 -15.15
C TYR NA 148 16.24 -52.86 -15.67
N VAL NA 149 16.73 -51.63 -15.61
CA VAL NA 149 18.05 -51.27 -16.14
C VAL NA 149 18.72 -50.38 -15.12
N SER NA 150 20.03 -50.57 -14.93
CA SER NA 150 20.79 -49.74 -14.00
C SER NA 150 22.22 -49.57 -14.50
N GLY NA 151 22.74 -48.35 -14.40
CA GLY NA 151 24.09 -48.08 -14.82
C GLY NA 151 24.47 -46.62 -14.76
N PRO NA 152 25.43 -46.23 -15.58
CA PRO NA 152 25.82 -44.82 -15.66
C PRO NA 152 24.73 -43.98 -16.32
N PRO NA 153 24.69 -42.68 -16.04
CA PRO NA 153 23.60 -41.84 -16.56
C PRO NA 153 23.62 -41.61 -18.06
N VAL NA 154 24.67 -42.01 -18.76
CA VAL NA 154 24.59 -41.98 -20.21
C VAL NA 154 23.87 -43.21 -20.71
N TYR NA 155 24.13 -44.35 -20.07
CA TYR NA 155 23.52 -45.60 -20.49
C TYR NA 155 22.04 -45.63 -20.15
N VAL NA 156 21.66 -45.08 -19.00
CA VAL NA 156 20.26 -45.13 -18.60
C VAL NA 156 19.45 -44.16 -19.44
N ASP NA 157 20.00 -42.96 -19.66
CA ASP NA 157 19.28 -41.97 -20.46
C ASP NA 157 19.31 -42.31 -21.93
N MET NA 158 20.12 -43.27 -22.35
CA MET NA 158 20.02 -43.70 -23.73
C MET NA 158 18.98 -44.80 -23.88
N VAL NA 159 18.96 -45.76 -22.93
CA VAL NA 159 18.00 -46.86 -23.02
C VAL NA 159 16.56 -46.41 -22.79
N VAL NA 160 16.33 -45.44 -21.91
CA VAL NA 160 14.96 -44.96 -21.69
C VAL NA 160 14.42 -44.23 -22.91
N ASN NA 161 15.24 -43.39 -23.53
CA ASN NA 161 14.77 -42.62 -24.67
C ASN NA 161 14.68 -43.49 -25.92
N ALA NA 162 15.55 -44.49 -26.05
CA ALA NA 162 15.47 -45.32 -27.23
C ALA NA 162 14.38 -46.37 -27.11
N ALA NA 163 13.84 -46.59 -25.91
CA ALA NA 163 12.73 -47.51 -25.84
C ALA NA 163 11.39 -46.78 -26.00
N THR NA 164 11.32 -45.55 -25.46
CA THR NA 164 10.12 -44.74 -25.67
C THR NA 164 9.97 -44.31 -27.12
N MET NA 165 11.08 -44.01 -27.81
CA MET NA 165 10.96 -43.62 -29.22
C MET NA 165 10.79 -44.80 -30.15
N MET NA 166 10.66 -46.01 -29.61
CA MET NA 166 10.34 -47.22 -30.35
C MET NA 166 8.88 -47.60 -30.15
N ASP NA 167 8.38 -47.43 -28.92
CA ASP NA 167 6.95 -47.66 -28.74
C ASP NA 167 6.12 -46.53 -29.31
N LYS NA 168 6.68 -45.32 -29.44
CA LYS NA 168 5.95 -44.31 -30.19
C LYS NA 168 5.94 -44.62 -31.69
N GLN NA 169 7.03 -45.23 -32.19
CA GLN NA 169 7.09 -45.60 -33.61
C GLN NA 169 6.18 -46.77 -33.96
N ASN NA 170 5.93 -47.68 -33.04
CA ASN NA 170 5.07 -48.80 -33.38
C ASN NA 170 3.62 -48.55 -32.96
N GLY OA 32 63.04 -24.49 -42.20
CA GLY OA 32 61.77 -24.49 -42.90
C GLY OA 32 60.73 -23.62 -42.24
N SER OA 33 59.91 -24.21 -41.38
CA SER OA 33 58.88 -23.47 -40.65
C SER OA 33 58.88 -23.95 -39.21
N GLY OA 34 57.87 -23.52 -38.46
CA GLY OA 34 57.72 -23.94 -37.09
C GLY OA 34 57.31 -22.79 -36.18
N PHE OA 35 56.86 -23.11 -34.97
CA PHE OA 35 56.41 -22.10 -34.03
C PHE OA 35 57.03 -22.38 -32.67
N VAL OA 36 57.58 -21.36 -32.05
CA VAL OA 36 58.22 -21.48 -30.75
C VAL OA 36 57.30 -20.83 -29.74
N ALA OA 37 56.56 -21.63 -28.99
CA ALA OA 37 55.61 -21.07 -28.04
C ALA OA 37 56.22 -20.91 -26.65
N LYS OA 38 56.06 -19.73 -26.07
CA LYS OA 38 56.50 -19.45 -24.69
C LYS OA 38 55.31 -18.93 -23.91
N ASP OA 39 54.59 -19.84 -23.26
CA ASP OA 39 53.39 -19.58 -22.46
C ASP OA 39 52.30 -18.89 -23.29
N ASP OA 40 51.80 -19.63 -24.26
CA ASP OA 40 50.67 -19.17 -25.05
C ASP OA 40 49.37 -19.65 -24.39
N SER OA 41 48.24 -19.50 -25.10
CA SER OA 41 46.93 -19.73 -24.51
C SER OA 41 46.00 -20.48 -25.45
N LEU OA 42 46.54 -21.38 -26.29
CA LEU OA 42 45.80 -22.31 -27.14
C LEU OA 42 44.90 -21.68 -28.19
N ARG OA 43 44.92 -20.37 -28.31
CA ARG OA 43 44.26 -19.68 -29.40
C ARG OA 43 45.26 -19.00 -30.31
N THR OA 44 46.28 -18.40 -29.70
CA THR OA 44 47.42 -17.90 -30.44
C THR OA 44 48.33 -19.01 -30.92
N PHE OA 45 48.17 -20.21 -30.40
CA PHE OA 45 48.96 -21.31 -30.91
C PHE OA 45 48.31 -21.94 -32.12
N PHE OA 46 47.01 -22.18 -32.04
CA PHE OA 46 46.32 -22.80 -33.15
C PHE OA 46 46.06 -21.85 -34.31
N ASP OA 47 46.18 -20.52 -34.13
CA ASP OA 47 46.14 -19.69 -35.32
C ASP OA 47 47.44 -19.71 -36.10
N ALA OA 48 48.55 -20.10 -35.47
CA ALA OA 48 49.78 -20.26 -36.23
C ALA OA 48 49.73 -21.48 -37.13
N MET OA 49 48.92 -22.47 -36.78
CA MET OA 49 48.71 -23.63 -37.65
C MET OA 49 47.64 -23.39 -38.71
N ALA OA 50 47.06 -22.19 -38.75
CA ALA OA 50 45.98 -21.88 -39.67
C ALA OA 50 46.48 -21.51 -41.05
N LEU OA 51 47.78 -21.62 -41.29
CA LEU OA 51 48.35 -21.43 -42.60
C LEU OA 51 48.75 -22.76 -43.20
N GLN OA 52 49.28 -23.65 -42.36
CA GLN OA 52 49.59 -25.00 -42.81
C GLN OA 52 48.32 -25.80 -43.06
N LEU OA 53 47.39 -25.79 -42.11
CA LEU OA 53 46.01 -26.13 -42.41
C LEU OA 53 45.42 -25.03 -43.28
N LYS OA 54 44.74 -25.40 -44.37
CA LYS OA 54 44.32 -24.37 -45.30
C LYS OA 54 42.95 -23.77 -44.96
N GLU OA 55 42.47 -23.95 -43.74
CA GLU OA 55 41.20 -23.45 -43.27
C GLU OA 55 41.38 -22.70 -41.96
N PRO OA 56 40.52 -21.72 -41.67
CA PRO OA 56 40.60 -21.08 -40.35
C PRO OA 56 40.07 -21.98 -39.24
N VAL OA 57 40.69 -21.85 -38.07
CA VAL OA 57 40.39 -22.67 -36.90
C VAL OA 57 39.64 -21.83 -35.88
N ILE OA 58 38.62 -22.44 -35.28
CA ILE OA 58 37.76 -21.77 -34.31
C ILE OA 58 37.85 -22.55 -33.02
N VAL OA 59 38.45 -21.95 -32.00
CA VAL OA 59 38.67 -22.58 -30.69
C VAL OA 59 37.63 -22.04 -29.72
N SER OA 60 36.99 -22.94 -28.98
CA SER OA 60 35.90 -22.55 -28.08
C SER OA 60 36.46 -21.84 -26.84
N LYS OA 61 35.54 -21.52 -25.92
CA LYS OA 61 35.91 -20.71 -24.77
C LYS OA 61 36.54 -21.54 -23.65
N MET OA 62 36.01 -22.72 -23.38
CA MET OA 62 36.55 -23.53 -22.29
C MET OA 62 37.87 -24.17 -22.67
N ALA OA 63 38.11 -24.39 -23.95
CA ALA OA 63 39.37 -24.94 -24.42
C ALA OA 63 40.41 -23.87 -24.70
N ALA OA 64 40.12 -22.61 -24.38
CA ALA OA 64 41.09 -21.54 -24.50
C ALA OA 64 41.75 -21.18 -23.19
N ARG OA 65 41.54 -21.98 -22.14
CA ARG OA 65 42.20 -21.74 -20.87
C ARG OA 65 43.46 -22.56 -20.65
N LYS OA 66 43.62 -23.71 -21.29
CA LYS OA 66 44.83 -24.48 -21.13
C LYS OA 66 45.99 -23.87 -21.91
N LYS OA 67 47.20 -24.09 -21.40
CA LYS OA 67 48.39 -23.45 -21.94
C LYS OA 67 49.38 -24.52 -22.37
N ILE OA 68 50.31 -24.15 -23.26
CA ILE OA 68 51.31 -25.06 -23.84
C ILE OA 68 52.54 -24.22 -24.15
N THR OA 69 53.72 -24.85 -24.08
CA THR OA 69 54.95 -24.15 -24.40
C THR OA 69 55.95 -25.15 -24.95
N GLY OA 70 56.89 -24.65 -25.75
CA GLY OA 70 57.85 -25.54 -26.37
C GLY OA 70 57.97 -25.33 -27.87
N ASN OA 71 59.08 -25.80 -28.43
CA ASN OA 71 59.32 -25.68 -29.87
C ASN OA 71 58.48 -26.70 -30.62
N PHE OA 72 57.71 -26.23 -31.60
CA PHE OA 72 56.89 -27.09 -32.42
C PHE OA 72 57.28 -26.90 -33.88
N GLU OA 73 57.02 -27.92 -34.68
CA GLU OA 73 57.38 -27.88 -36.10
C GLU OA 73 56.23 -28.42 -36.91
N PHE OA 74 55.85 -27.72 -37.96
CA PHE OA 74 54.68 -28.05 -38.75
C PHE OA 74 55.16 -28.63 -40.08
N HIS OA 75 55.19 -29.96 -40.17
CA HIS OA 75 55.41 -30.61 -41.43
C HIS OA 75 54.37 -31.69 -41.72
N ASP OA 76 53.56 -32.06 -40.73
CA ASP OA 76 52.42 -32.95 -40.96
C ASP OA 76 51.33 -32.55 -39.97
N PRO OA 77 50.56 -31.52 -40.28
CA PRO OA 77 49.69 -30.93 -39.26
C PRO OA 77 48.43 -31.74 -39.03
N ASN OA 78 48.03 -32.60 -39.96
CA ASN OA 78 46.85 -33.41 -39.71
C ASN OA 78 47.16 -34.54 -38.74
N ALA OA 79 48.40 -35.03 -38.74
CA ALA OA 79 48.77 -36.04 -37.77
C ALA OA 79 49.15 -35.40 -36.46
N LEU OA 80 49.53 -34.13 -36.51
CA LEU OA 80 49.87 -33.47 -35.26
C LEU OA 80 48.61 -33.01 -34.56
N LEU OA 81 47.54 -32.74 -35.31
CA LEU OA 81 46.30 -32.40 -34.64
C LEU OA 81 45.66 -33.62 -34.00
N GLU OA 82 45.80 -34.79 -34.64
CA GLU OA 82 45.24 -36.00 -34.06
C GLU OA 82 46.05 -36.49 -32.88
N LYS OA 83 47.33 -36.15 -32.81
CA LYS OA 83 48.07 -36.64 -31.67
C LYS OA 83 48.01 -35.63 -30.53
N LEU OA 84 48.01 -34.34 -30.85
CA LEU OA 84 47.93 -33.34 -29.80
C LEU OA 84 46.53 -33.22 -29.22
N SER OA 85 45.50 -33.63 -29.95
CA SER OA 85 44.17 -33.53 -29.37
C SER OA 85 43.88 -34.68 -28.44
N LEU OA 86 44.72 -35.70 -28.45
CA LEU OA 86 44.55 -36.83 -27.56
C LEU OA 86 45.48 -36.70 -26.37
N GLN OA 87 46.64 -36.09 -26.56
CA GLN OA 87 47.48 -35.90 -25.39
C GLN OA 87 46.97 -34.73 -24.56
N LEU OA 88 46.28 -33.77 -25.17
CA LEU OA 88 45.76 -32.66 -24.38
C LEU OA 88 44.33 -32.89 -23.93
N GLY OA 89 43.52 -33.53 -24.77
CA GLY OA 89 42.13 -33.77 -24.42
C GLY OA 89 41.34 -32.70 -25.12
N LEU OA 90 40.84 -33.04 -26.31
CA LEU OA 90 40.25 -32.10 -27.23
C LEU OA 90 39.42 -32.90 -28.23
N ILE OA 91 38.45 -32.24 -28.83
CA ILE OA 91 37.71 -32.81 -29.95
C ILE OA 91 37.69 -31.78 -31.05
N TRP OA 92 37.79 -32.24 -32.29
CA TRP OA 92 37.86 -31.31 -33.40
C TRP OA 92 37.00 -31.83 -34.54
N TYR OA 93 36.63 -30.91 -35.43
CA TYR OA 93 35.74 -31.28 -36.53
C TYR OA 93 35.94 -30.31 -37.68
N PHE OA 94 36.24 -30.86 -38.85
CA PHE OA 94 36.47 -30.09 -40.06
C PHE OA 94 35.31 -30.32 -41.02
N ASP OA 95 34.46 -29.30 -41.19
CA ASP OA 95 33.26 -29.49 -41.98
C ASP OA 95 33.42 -29.05 -43.43
N GLY OA 96 34.60 -28.60 -43.83
CA GLY OA 96 34.81 -28.16 -45.19
C GLY OA 96 35.08 -26.68 -45.32
N GLN OA 97 34.84 -25.90 -44.27
CA GLN OA 97 35.06 -24.45 -44.34
C GLN OA 97 35.89 -23.99 -43.15
N ALA OA 98 35.81 -24.69 -42.03
CA ALA OA 98 36.52 -24.28 -40.84
C ALA OA 98 36.82 -25.52 -40.01
N ILE OA 99 37.68 -25.34 -39.00
CA ILE OA 99 38.06 -26.43 -38.10
C ILE OA 99 37.63 -26.03 -36.70
N TYR OA 100 36.49 -26.52 -36.24
CA TYR OA 100 36.07 -26.24 -34.88
C TYR OA 100 36.81 -27.13 -33.90
N ILE OA 101 37.27 -26.54 -32.80
CA ILE OA 101 38.01 -27.25 -31.76
C ILE OA 101 37.36 -26.95 -30.43
N TYR OA 102 36.90 -27.98 -29.74
CA TYR OA 102 36.38 -27.89 -28.39
C TYR OA 102 37.24 -28.73 -27.46
N ASP OA 103 36.97 -28.63 -26.17
CA ASP OA 103 37.58 -29.53 -25.21
C ASP OA 103 36.64 -30.69 -24.96
N ALA OA 104 37.17 -31.73 -24.30
CA ALA OA 104 36.49 -33.01 -24.25
C ALA OA 104 35.25 -33.00 -23.37
N SER OA 105 35.12 -32.03 -22.48
CA SER OA 105 33.97 -31.96 -21.59
C SER OA 105 32.79 -31.18 -22.17
N GLU OA 106 32.81 -30.88 -23.47
CA GLU OA 106 31.70 -30.20 -24.12
C GLU OA 106 30.93 -31.11 -25.07
N MET OA 107 31.27 -32.40 -25.10
CA MET OA 107 30.63 -33.33 -26.01
C MET OA 107 29.21 -33.64 -25.55
N ARG OA 108 28.26 -33.46 -26.45
CA ARG OA 108 26.85 -33.68 -26.19
C ARG OA 108 26.37 -34.85 -27.03
N ASN OA 109 25.26 -35.44 -26.60
CA ASN OA 109 24.73 -36.62 -27.25
C ASN OA 109 23.23 -36.48 -27.51
N ALA OA 110 22.74 -37.31 -28.43
CA ALA OA 110 21.34 -37.20 -28.81
C ALA OA 110 20.83 -38.49 -29.39
N VAL OA 111 19.53 -38.73 -29.22
CA VAL OA 111 18.82 -39.87 -29.78
C VAL OA 111 17.70 -39.32 -30.67
N VAL OA 112 17.69 -39.71 -31.94
CA VAL OA 112 16.72 -39.17 -32.88
C VAL OA 112 15.98 -40.30 -33.59
N SER OA 113 14.64 -40.19 -33.64
CA SER OA 113 13.78 -41.17 -34.28
C SER OA 113 13.14 -40.61 -35.55
N LEU OA 114 13.58 -41.12 -36.70
CA LEU OA 114 13.07 -40.77 -38.01
C LEU OA 114 11.72 -41.43 -38.25
N ARG OA 115 10.87 -40.79 -39.03
CA ARG OA 115 9.52 -41.29 -39.23
C ARG OA 115 9.40 -42.22 -40.44
N ASN OA 116 9.73 -41.72 -41.64
CA ASN OA 116 9.49 -42.47 -42.88
C ASN OA 116 10.71 -42.48 -43.79
N VAL OA 117 11.92 -42.31 -43.26
CA VAL OA 117 13.14 -42.48 -44.04
C VAL OA 117 14.10 -43.29 -43.19
N SER OA 118 14.94 -44.07 -43.85
CA SER OA 118 15.79 -44.99 -43.13
C SER OA 118 17.19 -44.42 -42.90
N LEU OA 119 17.99 -45.24 -42.22
CA LEU OA 119 19.34 -44.88 -41.88
C LEU OA 119 20.23 -44.98 -43.10
N ASN OA 120 19.95 -45.94 -43.98
CA ASN OA 120 20.77 -46.07 -45.18
C ASN OA 120 20.50 -44.94 -46.16
N GLU OA 121 19.36 -44.26 -46.05
CA GLU OA 121 19.14 -43.07 -46.86
C GLU OA 121 19.61 -41.80 -46.18
N PHE OA 122 19.82 -41.81 -44.86
CA PHE OA 122 20.42 -40.61 -44.30
C PHE OA 122 21.94 -40.67 -44.28
N ASN OA 123 22.51 -41.86 -44.15
CA ASN OA 123 23.96 -41.97 -44.18
C ASN OA 123 24.50 -41.75 -45.58
N ASN OA 124 23.70 -42.08 -46.60
CA ASN OA 124 24.14 -41.77 -47.95
C ASN OA 124 23.96 -40.30 -48.27
N PHE OA 125 23.09 -39.61 -47.51
CA PHE OA 125 23.01 -38.17 -47.66
C PHE OA 125 24.24 -37.53 -47.08
N LEU OA 126 24.76 -38.10 -45.99
CA LEU OA 126 25.98 -37.53 -45.42
C LEU OA 126 27.18 -37.86 -46.29
N LYS OA 127 27.14 -38.99 -46.98
CA LYS OA 127 28.25 -39.37 -47.83
C LYS OA 127 28.22 -38.56 -49.12
N ARG OA 128 27.04 -38.26 -49.63
CA ARG OA 128 26.95 -37.52 -50.87
C ARG OA 128 27.21 -36.04 -50.65
N SER OA 129 26.78 -35.49 -49.51
CA SER OA 129 27.02 -34.08 -49.26
C SER OA 129 28.48 -33.85 -48.92
N GLY OA 130 29.03 -34.64 -47.99
CA GLY OA 130 30.41 -34.43 -47.63
C GLY OA 130 30.61 -34.15 -46.15
N LEU OA 131 29.55 -34.28 -45.35
CA LEU OA 131 29.66 -34.05 -43.93
C LEU OA 131 29.78 -35.35 -43.16
N TYR OA 132 30.09 -36.44 -43.83
CA TYR OA 132 30.22 -37.73 -43.18
C TYR OA 132 31.59 -37.84 -42.51
N ASN OA 133 31.60 -38.05 -41.21
CA ASN OA 133 32.83 -38.19 -40.45
C ASN OA 133 32.90 -39.60 -39.89
N LYS OA 134 33.91 -40.36 -40.31
CA LYS OA 134 34.03 -41.75 -39.90
C LYS OA 134 34.60 -41.91 -38.50
N ASN OA 135 35.04 -40.82 -37.87
CA ASN OA 135 35.52 -40.92 -36.51
C ASN OA 135 34.38 -40.91 -35.50
N TYR OA 136 33.30 -40.19 -35.80
CA TYR OA 136 32.10 -40.17 -34.98
C TYR OA 136 30.94 -40.61 -35.87
N PRO OA 137 30.80 -41.91 -36.12
CA PRO OA 137 29.72 -42.39 -36.98
C PRO OA 137 28.41 -42.48 -36.22
N LEU OA 138 27.37 -42.89 -36.93
CA LEU OA 138 26.06 -43.10 -36.33
C LEU OA 138 25.84 -44.54 -35.89
N ARG OA 139 25.29 -44.69 -34.70
CA ARG OA 139 25.01 -45.98 -34.08
C ARG OA 139 23.51 -46.23 -34.15
N GLY OA 140 23.11 -47.34 -34.77
CA GLY OA 140 21.71 -47.68 -34.83
C GLY OA 140 21.48 -48.91 -35.69
N ASP OA 141 20.22 -49.34 -35.70
CA ASP OA 141 19.83 -50.47 -36.53
C ASP OA 141 19.79 -50.05 -37.99
N ASN OA 142 19.99 -51.01 -38.89
CA ASN OA 142 20.24 -50.63 -40.28
C ASN OA 142 18.98 -50.20 -41.02
N ARG OA 143 17.82 -50.80 -40.75
CA ARG OA 143 16.59 -50.30 -41.35
C ARG OA 143 15.57 -50.06 -40.22
N LYS OA 144 15.70 -48.92 -39.58
CA LYS OA 144 14.80 -48.52 -38.51
C LYS OA 144 14.67 -47.00 -38.54
N GLY OA 145 14.14 -46.45 -37.47
CA GLY OA 145 14.05 -45.02 -37.36
C GLY OA 145 14.84 -44.43 -36.22
N THR OA 146 15.26 -45.21 -35.25
CA THR OA 146 15.90 -44.63 -34.08
C THR OA 146 17.39 -44.86 -34.13
N PHE OA 147 18.16 -43.82 -33.85
CA PHE OA 147 19.60 -43.97 -33.76
C PHE OA 147 20.19 -42.95 -32.80
N TYR OA 148 21.46 -43.15 -32.49
CA TYR OA 148 22.20 -42.44 -31.46
C TYR OA 148 23.41 -41.74 -32.08
N VAL OA 149 23.63 -40.49 -31.69
CA VAL OA 149 24.71 -39.68 -32.23
C VAL OA 149 25.45 -38.98 -31.10
N SER OA 150 26.78 -38.91 -31.21
CA SER OA 150 27.60 -38.19 -30.25
C SER OA 150 28.81 -37.65 -30.96
N GLY OA 151 29.20 -36.43 -30.60
CA GLY OA 151 30.34 -35.79 -31.19
C GLY OA 151 30.43 -34.34 -30.77
N PRO OA 152 31.07 -33.51 -31.59
CA PRO OA 152 31.14 -32.08 -31.29
C PRO OA 152 29.78 -31.42 -31.43
N PRO OA 153 29.57 -30.29 -30.74
CA PRO OA 153 28.24 -29.67 -30.75
C PRO OA 153 27.84 -29.07 -32.09
N VAL OA 154 28.79 -28.78 -32.97
CA VAL OA 154 28.41 -28.27 -34.28
C VAL OA 154 28.07 -29.42 -35.21
N TYR OA 155 28.51 -30.63 -34.88
CA TYR OA 155 28.15 -31.78 -35.68
C TYR OA 155 26.79 -32.30 -35.24
N VAL OA 156 26.53 -32.25 -33.93
CA VAL OA 156 25.26 -32.75 -33.41
C VAL OA 156 24.13 -31.78 -33.76
N ASP OA 157 24.40 -30.47 -33.71
CA ASP OA 157 23.37 -29.49 -34.01
C ASP OA 157 23.04 -29.47 -35.50
N MET OA 158 23.88 -30.07 -36.34
CA MET OA 158 23.52 -30.21 -37.74
C MET OA 158 22.77 -31.49 -38.03
N VAL OA 159 23.21 -32.62 -37.45
CA VAL OA 159 22.54 -33.89 -37.74
C VAL OA 159 21.14 -33.96 -37.14
N VAL OA 160 20.91 -33.36 -35.97
CA VAL OA 160 19.56 -33.38 -35.39
C VAL OA 160 18.59 -32.53 -36.21
N ASN OA 161 19.03 -31.35 -36.62
CA ASN OA 161 18.11 -30.46 -37.32
C ASN OA 161 17.89 -30.90 -38.76
N ALA OA 162 18.90 -31.52 -39.38
CA ALA OA 162 18.73 -31.97 -40.75
C ALA OA 162 17.87 -33.22 -40.79
N ALA OA 163 18.06 -34.15 -39.84
CA ALA OA 163 17.23 -35.34 -39.85
C ALA OA 163 15.80 -35.02 -39.43
N THR OA 164 15.59 -33.97 -38.64
CA THR OA 164 14.23 -33.55 -38.35
C THR OA 164 13.57 -32.92 -39.57
N MET OA 165 14.28 -32.06 -40.29
CA MET OA 165 13.68 -31.45 -41.47
C MET OA 165 13.66 -32.35 -42.69
N MET OA 166 14.23 -33.54 -42.64
CA MET OA 166 14.08 -34.44 -43.77
C MET OA 166 12.88 -35.36 -43.60
N ASP OA 167 12.20 -35.27 -42.48
CA ASP OA 167 10.91 -35.90 -42.24
C ASP OA 167 9.79 -34.89 -42.28
N LYS OA 168 10.11 -33.66 -41.88
CA LYS OA 168 9.18 -32.55 -42.09
C LYS OA 168 9.07 -32.20 -43.57
N GLN OA 169 10.10 -32.49 -44.38
CA GLN OA 169 9.98 -32.32 -45.83
C GLN OA 169 8.98 -33.30 -46.43
N ASN OA 170 9.09 -34.58 -46.12
CA ASN OA 170 8.12 -35.54 -46.64
C ASN OA 170 6.83 -35.51 -45.83
N LYS PA 27 60.58 14.81 -47.53
CA LYS PA 27 60.59 14.54 -46.10
C LYS PA 27 59.95 13.21 -45.79
N ILE PA 28 59.48 12.51 -46.82
CA ILE PA 28 58.89 11.18 -46.68
C ILE PA 28 59.79 10.22 -47.45
N PRO PA 29 60.98 9.90 -46.96
CA PRO PA 29 61.92 9.19 -47.82
C PRO PA 29 61.81 7.68 -47.88
N VAL PA 30 61.18 7.17 -48.94
CA VAL PA 30 61.37 5.84 -49.50
C VAL PA 30 61.24 6.03 -51.01
N THR PA 31 62.06 5.35 -51.80
CA THR PA 31 61.99 5.57 -53.24
C THR PA 31 60.76 4.92 -53.86
N GLY PA 32 60.42 3.69 -53.44
CA GLY PA 32 59.35 2.90 -54.01
C GLY PA 32 57.97 3.23 -53.47
N SER PA 33 57.09 2.22 -53.50
CA SER PA 33 55.74 2.35 -52.98
C SER PA 33 55.44 1.23 -51.99
N GLY PA 34 54.66 1.59 -50.97
CA GLY PA 34 54.32 0.69 -49.90
C GLY PA 34 53.85 1.45 -48.68
N PHE PA 35 53.21 0.73 -47.77
CA PHE PA 35 52.62 1.33 -46.57
C PHE PA 35 53.34 0.87 -45.31
N VAL PA 36 54.04 1.78 -44.65
CA VAL PA 36 54.66 1.49 -43.37
C VAL PA 36 53.64 1.69 -42.25
N ALA PA 37 53.39 0.65 -41.48
CA ALA PA 37 52.43 0.71 -40.37
C ALA PA 37 53.16 0.62 -39.05
N LYS PA 38 52.90 1.55 -38.14
CA LYS PA 38 53.46 1.52 -36.79
C LYS PA 38 52.29 1.51 -35.82
N ASP PA 39 51.93 0.32 -35.35
CA ASP PA 39 50.85 0.09 -34.38
C ASP PA 39 49.50 0.60 -34.88
N ASP PA 40 49.15 0.21 -36.10
CA ASP PA 40 47.84 0.52 -36.65
C ASP PA 40 46.87 -0.57 -36.22
N SER PA 41 45.60 -0.19 -36.06
CA SER PA 41 44.64 -1.03 -35.35
C SER PA 41 43.60 -1.66 -36.27
N LEU PA 42 44.02 -2.09 -37.47
CA LEU PA 42 43.28 -2.93 -38.41
C LEU PA 42 42.01 -2.29 -38.98
N ARG PA 43 41.66 -1.09 -38.56
CA ARG PA 43 40.62 -0.32 -39.20
C ARG PA 43 41.23 0.77 -40.05
N THR PA 44 42.29 1.40 -39.53
CA THR PA 44 43.10 2.33 -40.29
C THR PA 44 44.13 1.61 -41.13
N PHE PA 45 44.27 0.30 -40.99
CA PHE PA 45 45.19 -0.44 -41.83
C PHE PA 45 44.53 -0.88 -43.12
N PHE PA 46 43.34 -1.46 -43.04
CA PHE PA 46 42.64 -1.88 -44.24
C PHE PA 46 42.03 -0.73 -45.00
N ASP PA 47 41.93 0.46 -44.40
CA ASP PA 47 41.55 1.62 -45.18
C ASP PA 47 42.67 2.05 -46.11
N ALA PA 48 43.92 1.75 -45.77
CA ALA PA 48 45.00 2.04 -46.68
C ALA PA 48 45.05 1.08 -47.85
N MET PA 49 44.45 -0.10 -47.73
CA MET PA 49 44.37 -1.05 -48.84
C MET PA 49 43.11 -0.87 -49.67
N ALA PA 50 42.39 0.24 -49.48
CA ALA PA 50 41.10 0.45 -50.11
C ALA PA 50 41.20 1.28 -51.37
N LEU PA 51 42.40 1.56 -51.83
CA LEU PA 51 42.57 2.12 -53.16
C LEU PA 51 43.10 1.10 -54.14
N GLN PA 52 43.91 0.17 -53.66
CA GLN PA 52 44.34 -0.92 -54.51
C GLN PA 52 43.24 -1.97 -54.65
N LEU PA 53 42.66 -2.45 -53.54
CA LEU PA 53 41.34 -3.04 -53.63
C LEU PA 53 40.34 -1.94 -53.92
N LYS PA 54 39.70 -1.98 -55.10
CA LYS PA 54 38.93 -0.83 -55.57
C LYS PA 54 37.49 -0.83 -55.06
N GLU PA 55 37.22 -1.48 -53.93
CA GLU PA 55 35.93 -1.48 -53.26
C GLU PA 55 36.13 -1.15 -51.79
N PRO PA 56 35.15 -0.49 -51.16
CA PRO PA 56 35.31 -0.12 -49.74
C PRO PA 56 35.26 -1.33 -48.81
N VAL PA 57 36.03 -1.22 -47.73
CA VAL PA 57 36.23 -2.31 -46.77
C VAL PA 57 35.49 -2.01 -45.47
N ILE PA 58 34.78 -3.01 -44.95
CA ILE PA 58 34.01 -2.91 -43.72
C ILE PA 58 34.55 -3.94 -42.72
N VAL PA 59 35.23 -3.47 -41.70
CA VAL PA 59 35.81 -4.32 -40.67
C VAL PA 59 34.88 -4.29 -39.46
N SER PA 60 34.64 -5.46 -38.87
CA SER PA 60 33.69 -5.57 -37.77
C SER PA 60 34.26 -4.99 -36.48
N LYS PA 61 33.48 -5.09 -35.40
CA LYS PA 61 33.91 -4.47 -34.16
C LYS PA 61 34.83 -5.36 -33.34
N MET PA 62 34.64 -6.67 -33.39
CA MET PA 62 35.51 -7.55 -32.63
C MET PA 62 36.84 -7.75 -33.32
N ALA PA 63 36.87 -7.62 -34.64
CA ALA PA 63 38.09 -7.72 -35.43
C ALA PA 63 38.82 -6.40 -35.56
N ALA PA 64 38.38 -5.36 -34.86
CA ALA PA 64 39.06 -4.07 -34.86
C ALA PA 64 39.95 -3.88 -33.65
N ARG PA 65 40.10 -4.91 -32.82
CA ARG PA 65 40.98 -4.84 -31.66
C ARG PA 65 42.38 -5.40 -31.90
N LYS PA 66 42.60 -6.14 -32.97
CA LYS PA 66 43.95 -6.61 -33.23
C LYS PA 66 44.76 -5.53 -33.94
N LYS PA 67 46.06 -5.52 -33.68
CA LYS PA 67 46.96 -4.50 -34.19
C LYS PA 67 48.05 -5.14 -35.03
N ILE PA 68 48.71 -4.34 -35.85
CA ILE PA 68 49.73 -4.84 -36.75
C ILE PA 68 50.73 -3.72 -37.03
N THR PA 69 52.01 -4.09 -37.15
CA THR PA 69 53.06 -3.13 -37.46
C THR PA 69 54.12 -3.81 -38.32
N GLY PA 70 54.75 -3.02 -39.17
CA GLY PA 70 55.75 -3.50 -40.10
C GLY PA 70 55.73 -2.64 -41.35
N ASN PA 71 56.35 -3.16 -42.40
CA ASN PA 71 56.43 -2.49 -43.69
C ASN PA 71 55.76 -3.37 -44.72
N PHE PA 72 54.69 -2.89 -45.34
CA PHE PA 72 53.95 -3.72 -46.28
C PHE PA 72 54.01 -3.11 -47.67
N GLU PA 73 53.58 -3.90 -48.65
CA GLU PA 73 53.71 -3.52 -50.06
C GLU PA 73 52.60 -4.19 -50.85
N PHE PA 74 51.67 -3.41 -51.40
CA PHE PA 74 50.51 -3.93 -52.11
C PHE PA 74 50.77 -3.89 -53.61
N HIS PA 75 50.97 -5.06 -54.22
CA HIS PA 75 51.00 -5.19 -55.66
C HIS PA 75 50.06 -6.26 -56.18
N ASP PA 76 49.53 -7.13 -55.31
CA ASP PA 76 48.34 -7.93 -55.64
C ASP PA 76 47.59 -8.15 -54.34
N PRO PA 77 46.70 -7.22 -53.97
CA PRO PA 77 46.17 -7.24 -52.61
C PRO PA 77 45.15 -8.34 -52.39
N ASN PA 78 44.60 -8.91 -53.46
CA ASN PA 78 43.71 -10.05 -53.28
C ASN PA 78 44.46 -11.30 -52.86
N ALA PA 79 45.75 -11.38 -53.20
CA ALA PA 79 46.60 -12.44 -52.66
C ALA PA 79 47.27 -12.05 -51.35
N LEU PA 80 47.40 -10.75 -51.08
CA LEU PA 80 47.96 -10.39 -49.79
C LEU PA 80 46.93 -10.52 -48.70
N LEU PA 81 45.67 -10.26 -49.02
CA LEU PA 81 44.61 -10.43 -48.04
C LEU PA 81 44.36 -11.90 -47.80
N GLU PA 82 44.57 -12.73 -48.83
CA GLU PA 82 44.36 -14.17 -48.66
C GLU PA 82 45.46 -14.76 -47.80
N LYS PA 83 46.68 -14.24 -47.89
CA LYS PA 83 47.72 -14.77 -47.03
C LYS PA 83 47.55 -14.25 -45.60
N LEU PA 84 47.19 -12.97 -45.47
CA LEU PA 84 47.11 -12.39 -44.14
C LEU PA 84 45.88 -12.84 -43.36
N SER PA 85 44.79 -13.20 -44.05
CA SER PA 85 43.63 -13.64 -43.30
C SER PA 85 43.79 -15.05 -42.77
N LEU PA 86 44.77 -15.77 -43.28
CA LEU PA 86 45.08 -17.10 -42.77
C LEU PA 86 46.12 -16.99 -41.69
N GLN PA 87 47.09 -16.08 -41.83
CA GLN PA 87 48.08 -15.99 -40.77
C GLN PA 87 47.49 -15.33 -39.53
N LEU PA 88 46.73 -14.25 -39.69
CA LEU PA 88 46.11 -13.64 -38.52
C LEU PA 88 44.89 -14.42 -38.03
N GLY PA 89 44.11 -14.99 -38.93
CA GLY PA 89 42.93 -15.72 -38.53
C GLY PA 89 41.76 -14.79 -38.69
N LEU PA 90 41.09 -14.89 -39.84
CA LEU PA 90 40.09 -13.93 -40.27
C LEU PA 90 39.26 -14.58 -41.36
N ILE PA 91 38.08 -14.04 -41.58
CA ILE PA 91 37.26 -14.42 -42.73
C ILE PA 91 36.75 -13.15 -43.39
N TRP PA 92 36.63 -13.20 -44.71
CA TRP PA 92 36.23 -12.05 -45.50
C TRP PA 92 35.32 -12.48 -46.63
N TYR PA 93 34.56 -11.53 -47.14
CA TYR PA 93 33.60 -11.87 -48.19
C TYR PA 93 33.34 -10.65 -49.07
N PHE PA 94 33.42 -10.85 -50.37
CA PHE PA 94 33.25 -9.78 -51.34
C PHE PA 94 32.01 -10.06 -52.17
N ASP PA 95 31.00 -9.18 -52.08
CA ASP PA 95 29.71 -9.43 -52.68
C ASP PA 95 29.48 -8.61 -53.94
N GLY PA 96 30.52 -8.04 -54.51
CA GLY PA 96 30.40 -7.27 -55.73
C GLY PA 96 30.44 -5.77 -55.53
N GLN PA 97 30.13 -5.30 -54.32
CA GLN PA 97 30.16 -3.88 -54.02
C GLN PA 97 31.04 -3.50 -52.84
N ALA PA 98 31.32 -4.43 -51.93
CA ALA PA 98 32.15 -4.10 -50.77
C ALA PA 98 32.85 -5.35 -50.29
N ILE PA 99 33.81 -5.16 -49.39
CA ILE PA 99 34.54 -6.28 -48.81
C ILE PA 99 34.30 -6.28 -47.32
N TYR PA 100 33.70 -7.33 -46.80
CA TYR PA 100 33.43 -7.43 -45.38
C TYR PA 100 34.51 -8.29 -44.73
N ILE PA 101 34.85 -7.96 -43.48
CA ILE PA 101 35.90 -8.67 -42.75
C ILE PA 101 35.45 -8.91 -41.32
N TYR PA 102 35.47 -10.17 -40.89
CA TYR PA 102 35.16 -10.56 -39.52
C TYR PA 102 36.28 -11.44 -39.01
N ASP PA 103 36.39 -11.54 -37.69
CA ASP PA 103 37.34 -12.49 -37.14
C ASP PA 103 36.75 -13.89 -37.16
N ALA PA 104 37.61 -14.87 -36.86
CA ALA PA 104 37.26 -16.27 -37.07
C ALA PA 104 36.21 -16.77 -36.10
N SER PA 105 36.03 -16.12 -34.96
CA SER PA 105 35.07 -16.59 -33.97
C SER PA 105 33.67 -16.07 -34.20
N GLU PA 106 33.35 -15.60 -35.41
CA GLU PA 106 32.01 -15.11 -35.70
C GLU PA 106 31.28 -15.89 -36.79
N MET PA 107 31.84 -17.00 -37.27
CA MET PA 107 31.20 -17.76 -38.34
C MET PA 107 29.94 -18.45 -37.84
N ARG PA 108 28.86 -18.35 -38.61
CA ARG PA 108 27.56 -18.89 -38.24
C ARG PA 108 27.20 -20.09 -39.10
N ASN PA 109 26.39 -20.98 -38.53
CA ASN PA 109 25.91 -22.16 -39.23
C ASN PA 109 24.39 -22.12 -39.36
N ALA PA 110 23.89 -22.76 -40.40
CA ALA PA 110 22.45 -22.82 -40.65
C ALA PA 110 22.12 -24.01 -41.54
N VAL PA 111 20.96 -24.61 -41.30
CA VAL PA 111 20.43 -25.68 -42.15
C VAL PA 111 19.00 -25.33 -42.52
N VAL PA 112 18.68 -25.42 -43.80
CA VAL PA 112 17.40 -24.96 -44.30
C VAL PA 112 16.89 -25.91 -45.38
N SER PA 113 15.61 -26.25 -45.30
CA SER PA 113 14.99 -27.22 -46.20
C SER PA 113 13.96 -26.48 -47.06
N LEU PA 114 14.15 -26.52 -48.36
CA LEU PA 114 13.21 -25.94 -49.31
C LEU PA 114 12.22 -27.00 -49.77
N ARG PA 115 11.01 -26.56 -50.08
CA ARG PA 115 9.95 -27.50 -50.47
C ARG PA 115 9.81 -27.59 -51.98
N ASN PA 116 9.61 -26.48 -52.67
CA ASN PA 116 9.25 -26.55 -54.09
C ASN PA 116 10.36 -26.02 -54.99
N VAL PA 117 11.62 -26.16 -54.59
CA VAL PA 117 12.75 -25.81 -55.45
C VAL PA 117 13.95 -26.66 -55.06
N SER PA 118 14.78 -26.99 -56.04
CA SER PA 118 15.93 -27.85 -55.83
C SER PA 118 17.19 -27.05 -55.50
N LEU PA 119 18.20 -27.77 -55.02
CA LEU PA 119 19.46 -27.15 -54.69
C LEU PA 119 20.20 -26.76 -55.95
N ASN PA 120 20.08 -27.58 -57.00
CA ASN PA 120 20.73 -27.21 -58.25
C ASN PA 120 20.04 -26.04 -58.93
N GLU PA 121 18.76 -25.79 -58.61
CA GLU PA 121 18.16 -24.57 -59.10
C GLU PA 121 18.53 -23.37 -58.25
N PHE PA 122 18.87 -23.58 -56.98
CA PHE PA 122 19.29 -22.42 -56.20
C PHE PA 122 20.76 -22.09 -56.45
N ASN PA 123 21.55 -23.10 -56.81
CA ASN PA 123 22.95 -22.83 -57.12
C ASN PA 123 23.07 -22.07 -58.42
N ASN PA 124 22.05 -22.14 -59.28
CA ASN PA 124 22.09 -21.32 -60.48
C ASN PA 124 21.76 -19.88 -60.16
N PHE PA 125 20.93 -19.66 -59.13
CA PHE PA 125 20.65 -18.29 -58.70
C PHE PA 125 21.89 -17.68 -58.07
N LEU PA 126 22.71 -18.48 -57.41
CA LEU PA 126 23.95 -17.93 -56.88
C LEU PA 126 25.03 -17.81 -57.94
N LYS PA 127 24.97 -18.59 -59.00
CA LYS PA 127 26.04 -18.50 -59.99
C LYS PA 127 25.78 -17.40 -60.99
N ARG PA 128 24.53 -17.27 -61.44
CA ARG PA 128 24.20 -16.30 -62.47
C ARG PA 128 24.20 -14.88 -61.91
N SER PA 129 23.70 -14.69 -60.68
CA SER PA 129 23.66 -13.36 -60.09
C SER PA 129 25.01 -12.86 -59.61
N GLY PA 130 26.00 -13.73 -59.51
CA GLY PA 130 27.33 -13.33 -59.08
C GLY PA 130 27.59 -13.38 -57.59
N LEU PA 131 26.70 -14.01 -56.82
CA LEU PA 131 26.91 -14.16 -55.38
C LEU PA 131 27.53 -15.50 -55.05
N TYR PA 132 28.02 -16.22 -56.04
CA TYR PA 132 28.68 -17.50 -55.80
C TYR PA 132 30.04 -17.28 -55.15
N ASN PA 133 30.41 -18.18 -54.24
CA ASN PA 133 31.68 -18.10 -53.54
C ASN PA 133 32.27 -19.49 -53.48
N LYS PA 134 33.43 -19.67 -54.11
CA LYS PA 134 34.05 -20.99 -54.16
C LYS PA 134 34.71 -21.37 -52.84
N ASN PA 135 34.94 -20.43 -51.93
CA ASN PA 135 35.57 -20.81 -50.68
C ASN PA 135 34.59 -21.40 -49.68
N TYR PA 136 33.35 -20.92 -49.66
CA TYR PA 136 32.33 -21.45 -48.76
C TYR PA 136 31.14 -21.83 -49.63
N PRO PA 137 31.17 -23.01 -50.25
CA PRO PA 137 30.05 -23.42 -51.08
C PRO PA 137 28.93 -24.00 -50.23
N LEU PA 138 27.90 -24.49 -50.90
CA LEU PA 138 26.74 -25.10 -50.26
C LEU PA 138 26.93 -26.60 -50.22
N ARG PA 139 26.81 -27.18 -49.03
CA ARG PA 139 27.02 -28.60 -48.85
C ARG PA 139 25.67 -29.30 -48.85
N GLY PA 140 25.46 -30.17 -49.83
CA GLY PA 140 24.21 -30.90 -49.88
C GLY PA 140 24.13 -31.70 -51.17
N ASP PA 141 23.09 -32.53 -51.23
CA ASP PA 141 22.82 -33.30 -52.44
C ASP PA 141 22.29 -32.36 -53.51
N ASN PA 142 22.64 -32.66 -54.76
CA ASN PA 142 22.47 -31.68 -55.82
C ASN PA 142 21.01 -31.53 -56.23
N ARG PA 143 20.22 -32.59 -56.13
CA ARG PA 143 18.80 -32.50 -56.49
C ARG PA 143 17.98 -32.96 -55.30
N LYS PA 144 17.84 -32.07 -54.32
CA LYS PA 144 17.13 -32.29 -53.05
C LYS PA 144 16.70 -30.93 -52.53
N GLY PA 145 16.32 -30.89 -51.26
CA GLY PA 145 15.91 -29.65 -50.64
C GLY PA 145 16.74 -29.23 -49.44
N THR PA 146 17.43 -30.17 -48.80
CA THR PA 146 18.16 -29.90 -47.57
C THR PA 146 19.65 -29.68 -47.87
N PHE PA 147 20.22 -28.61 -47.31
CA PHE PA 147 21.64 -28.36 -47.45
C PHE PA 147 22.13 -27.63 -46.20
N TYR PA 148 23.44 -27.41 -46.16
CA TYR PA 148 24.14 -26.90 -44.97
C TYR PA 148 25.08 -25.78 -45.37
N VAL PA 149 24.99 -24.64 -44.68
CA VAL PA 149 25.81 -23.49 -44.98
C VAL PA 149 26.60 -23.07 -43.75
N SER PA 150 27.75 -22.46 -44.00
CA SER PA 150 28.61 -21.95 -42.92
C SER PA 150 29.54 -20.92 -43.54
N GLY PA 151 29.54 -19.70 -43.00
CA GLY PA 151 30.37 -18.66 -43.51
C GLY PA 151 30.27 -17.38 -42.71
N PRO PA 152 30.55 -16.24 -43.34
CA PRO PA 152 30.42 -14.96 -42.66
C PRO PA 152 28.96 -14.62 -42.36
N PRO PA 153 28.71 -13.78 -41.36
CA PRO PA 153 27.32 -13.49 -40.96
C PRO PA 153 26.55 -12.66 -41.96
N VAL PA 154 27.18 -12.13 -42.99
CA VAL PA 154 26.44 -11.47 -44.05
C VAL PA 154 26.19 -12.42 -45.22
N TYR PA 155 26.94 -13.52 -45.30
CA TYR PA 155 26.70 -14.53 -46.33
C TYR PA 155 25.65 -15.54 -45.90
N VAL PA 156 25.61 -15.85 -44.60
CA VAL PA 156 24.66 -16.83 -44.11
C VAL PA 156 23.27 -16.24 -44.10
N ASP PA 157 23.15 -15.00 -43.65
CA ASP PA 157 21.84 -14.37 -43.58
C ASP PA 157 21.30 -14.06 -44.96
N MET PA 158 22.18 -13.94 -45.95
CA MET PA 158 21.70 -13.74 -47.31
C MET PA 158 21.24 -15.04 -47.93
N VAL PA 159 21.91 -16.16 -47.64
CA VAL PA 159 21.47 -17.40 -48.27
C VAL PA 159 20.15 -17.85 -47.66
N VAL PA 160 19.98 -17.70 -46.34
CA VAL PA 160 18.73 -18.12 -45.72
C VAL PA 160 17.58 -17.20 -46.13
N ASN PA 161 17.80 -15.89 -46.14
CA ASN PA 161 16.70 -15.00 -46.47
C ASN PA 161 16.39 -14.99 -47.95
N ALA PA 162 17.31 -15.38 -48.82
CA ALA PA 162 16.98 -15.46 -50.23
C ALA PA 162 16.52 -16.85 -50.63
N ALA PA 163 16.62 -17.81 -49.73
CA ALA PA 163 16.14 -19.16 -50.00
C ALA PA 163 14.71 -19.35 -49.51
N THR PA 164 14.38 -18.82 -48.35
CA THR PA 164 13.03 -18.91 -47.83
C THR PA 164 12.10 -17.86 -48.48
N MET PA 165 12.62 -17.03 -49.37
CA MET PA 165 11.79 -16.10 -50.13
C MET PA 165 11.49 -16.56 -51.54
N MET PA 166 12.01 -17.72 -51.96
CA MET PA 166 11.63 -18.29 -53.25
C MET PA 166 10.46 -19.27 -53.16
N ASP PA 167 10.29 -19.94 -52.02
CA ASP PA 167 9.18 -20.86 -51.87
C ASP PA 167 7.85 -20.16 -51.70
N LYS PA 168 7.83 -18.90 -51.31
CA LYS PA 168 6.59 -18.16 -51.32
C LYS PA 168 6.22 -17.71 -52.72
N GLN PA 169 7.16 -17.73 -53.67
CA GLN PA 169 6.85 -17.35 -55.04
C GLN PA 169 6.65 -18.55 -55.95
N ASN PA 170 7.14 -19.73 -55.58
CA ASN PA 170 6.95 -20.90 -56.43
C ASN PA 170 5.94 -21.87 -55.83
N GLY QA 32 44.25 30.88 -60.09
CA GLY QA 32 43.22 29.86 -60.01
C GLY QA 32 42.64 29.70 -58.62
N SER QA 33 41.64 28.84 -58.49
CA SER QA 33 40.95 28.60 -57.24
C SER QA 33 41.48 27.35 -56.53
N GLY QA 34 41.22 27.28 -55.23
CA GLY QA 34 41.68 26.19 -54.42
C GLY QA 34 41.37 26.44 -52.97
N PHE QA 35 41.80 25.50 -52.12
CA PHE QA 35 41.48 25.54 -50.71
C PHE QA 35 42.68 25.16 -49.86
N VAL QA 36 42.97 25.97 -48.85
CA VAL QA 36 44.06 25.70 -47.91
C VAL QA 36 43.43 25.30 -46.59
N ALA QA 37 43.36 24.00 -46.32
CA ALA QA 37 42.73 23.49 -45.12
C ALA QA 37 43.78 23.27 -44.05
N LYS QA 38 43.58 23.86 -42.87
CA LYS QA 38 44.48 23.68 -41.74
C LYS QA 38 43.66 23.12 -40.60
N ASP QA 39 43.65 21.79 -40.49
CA ASP QA 39 42.93 21.04 -39.45
C ASP QA 39 41.44 21.35 -39.49
N ASP QA 40 40.82 21.00 -40.62
CA ASP QA 40 39.38 21.14 -40.76
C ASP QA 40 38.68 19.91 -40.21
N SER QA 41 37.37 19.82 -40.45
CA SER QA 41 36.59 18.77 -39.81
C SER QA 41 35.59 18.14 -40.76
N LEU QA 42 35.90 18.13 -42.05
CA LEU QA 42 35.19 17.38 -43.11
C LEU QA 42 33.78 17.86 -43.38
N ARG QA 43 33.26 18.82 -42.62
CA ARG QA 43 32.07 19.56 -42.99
C ARG QA 43 32.46 20.83 -43.73
N THR QA 44 33.43 21.55 -43.17
CA THR QA 44 33.92 22.76 -43.79
C THR QA 44 34.84 22.50 -44.96
N PHE QA 45 35.21 21.26 -45.21
CA PHE QA 45 35.97 20.95 -46.41
C PHE QA 45 35.04 20.61 -47.56
N PHE QA 46 34.09 19.71 -47.31
CA PHE QA 46 33.23 19.34 -48.41
C PHE QA 46 32.20 20.41 -48.71
N ASP QA 47 31.92 21.34 -47.78
CA ASP QA 47 31.11 22.50 -48.15
C ASP QA 47 31.92 23.47 -48.99
N ALA QA 48 33.24 23.46 -48.84
CA ALA QA 48 34.06 24.31 -49.68
C ALA QA 48 34.17 23.74 -51.08
N MET QA 49 34.01 22.44 -51.22
CA MET QA 49 34.00 21.85 -52.55
C MET QA 49 32.62 21.89 -53.21
N ALA QA 50 31.64 22.47 -52.53
CA ALA QA 50 30.27 22.55 -53.03
C ALA QA 50 30.03 23.68 -53.99
N LEU QA 51 31.07 24.35 -54.48
CA LEU QA 51 30.89 25.33 -55.54
C LEU QA 51 31.44 24.82 -56.85
N GLN QA 52 32.59 24.14 -56.81
CA GLN QA 52 33.07 23.47 -57.99
C GLN QA 52 32.20 22.27 -58.34
N LEU QA 53 31.69 21.55 -57.34
CA LEU QA 53 30.52 20.75 -57.59
C LEU QA 53 29.29 21.65 -57.56
N LYS QA 54 28.34 21.41 -58.45
CA LYS QA 54 27.20 22.30 -58.61
C LYS QA 54 26.00 21.92 -57.73
N GLU QA 55 26.17 20.99 -56.80
CA GLU QA 55 25.07 20.53 -55.96
C GLU QA 55 25.47 20.61 -54.50
N PRO QA 56 24.51 20.82 -53.60
CA PRO QA 56 24.86 20.84 -52.17
C PRO QA 56 25.20 19.46 -51.65
N VAL QA 57 26.10 19.43 -50.66
CA VAL QA 57 26.66 18.20 -50.10
C VAL QA 57 26.17 17.98 -48.67
N ILE QA 58 25.63 16.80 -48.39
CA ILE QA 58 25.13 16.47 -47.07
C ILE QA 58 26.00 15.38 -46.46
N VAL QA 59 26.77 15.75 -45.46
CA VAL QA 59 27.68 14.84 -44.77
C VAL QA 59 27.00 14.36 -43.50
N SER QA 60 27.10 13.06 -43.22
CA SER QA 60 26.45 12.50 -42.06
C SER QA 60 27.19 12.89 -40.78
N LYS QA 61 26.64 12.45 -39.65
CA LYS QA 61 27.18 12.84 -38.36
C LYS QA 61 28.38 11.96 -37.99
N MET QA 62 28.33 10.68 -38.34
CA MET QA 62 29.42 9.78 -38.00
C MET QA 62 30.64 10.00 -38.89
N ALA QA 63 30.45 10.53 -40.09
CA ALA QA 63 31.53 10.84 -41.02
C ALA QA 63 32.03 12.27 -40.88
N ALA QA 64 31.63 12.98 -39.84
CA ALA QA 64 32.10 14.33 -39.57
C ALA QA 64 33.15 14.37 -38.48
N ARG QA 65 33.60 13.22 -37.99
CA ARG QA 65 34.65 13.22 -36.99
C ARG QA 65 36.05 13.18 -37.57
N LYS QA 66 36.21 12.70 -38.79
CA LYS QA 66 37.54 12.67 -39.37
C LYS QA 66 37.97 14.08 -39.77
N LYS QA 67 39.28 14.27 -39.92
CA LYS QA 67 39.85 15.58 -40.18
C LYS QA 67 40.75 15.51 -41.41
N ILE QA 68 41.14 16.68 -41.91
CA ILE QA 68 41.99 16.76 -43.09
C ILE QA 68 42.83 18.03 -43.01
N THR QA 69 43.99 18.01 -43.67
CA THR QA 69 44.91 19.15 -43.69
C THR QA 69 45.75 19.13 -44.96
N GLY QA 70 45.80 20.24 -45.66
CA GLY QA 70 46.63 20.32 -46.85
C GLY QA 70 46.16 21.40 -47.81
N ASN QA 71 46.84 21.45 -48.95
CA ASN QA 71 46.57 22.44 -50.00
C ASN QA 71 45.97 21.71 -51.18
N PHE QA 72 44.67 21.90 -51.40
CA PHE QA 72 43.94 21.21 -52.46
C PHE QA 72 43.52 22.17 -53.57
N GLU QA 73 43.47 21.64 -54.79
CA GLU QA 73 43.14 22.42 -55.98
C GLU QA 73 42.05 21.71 -56.76
N PHE QA 74 40.85 22.29 -56.81
CA PHE QA 74 39.70 21.67 -57.44
C PHE QA 74 39.65 21.99 -58.92
N HIS QA 75 40.39 21.21 -59.70
CA HIS QA 75 40.29 21.27 -61.16
C HIS QA 75 39.80 19.97 -61.77
N ASP QA 76 39.49 18.96 -60.95
CA ASP QA 76 38.83 17.73 -61.43
C ASP QA 76 38.04 17.13 -60.28
N PRO QA 77 36.93 17.76 -59.90
CA PRO QA 77 36.30 17.44 -58.62
C PRO QA 77 35.53 16.14 -58.59
N ASN QA 78 35.06 15.64 -59.73
CA ASN QA 78 34.34 14.37 -59.70
C ASN QA 78 35.29 13.19 -59.50
N ALA QA 79 36.49 13.26 -60.09
CA ALA QA 79 37.45 12.20 -59.84
C ALA QA 79 38.16 12.43 -58.51
N LEU QA 80 38.22 13.68 -58.05
CA LEU QA 80 38.86 13.93 -56.77
C LEU QA 80 37.99 13.46 -55.62
N LEU QA 81 36.66 13.51 -55.79
CA LEU QA 81 35.79 13.02 -54.72
C LEU QA 81 35.85 11.51 -54.64
N GLU QA 82 36.03 10.87 -55.80
CA GLU QA 82 36.10 9.41 -55.83
C GLU QA 82 37.41 8.94 -55.22
N LYS QA 83 38.50 9.67 -55.47
CA LYS QA 83 39.77 9.26 -54.89
C LYS QA 83 39.80 9.53 -53.39
N LEU QA 84 39.24 10.65 -52.94
CA LEU QA 84 39.23 10.90 -51.51
C LEU QA 84 38.26 10.02 -50.75
N SER QA 85 37.25 9.48 -51.43
CA SER QA 85 36.32 8.60 -50.73
C SER QA 85 36.92 7.23 -50.54
N LEU QA 86 37.94 6.90 -51.32
CA LEU QA 86 38.58 5.61 -51.16
C LEU QA 86 39.76 5.72 -50.23
N GLN QA 87 40.44 6.86 -50.23
CA GLN QA 87 41.55 6.98 -49.30
C GLN QA 87 41.08 7.20 -47.88
N LEU QA 88 39.96 7.91 -47.68
CA LEU QA 88 39.45 8.05 -46.33
C LEU QA 88 38.55 6.89 -45.92
N GLY QA 89 37.75 6.38 -46.84
CA GLY QA 89 36.86 5.29 -46.51
C GLY QA 89 35.53 5.96 -46.32
N LEU QA 90 34.74 5.98 -47.37
CA LEU QA 90 33.52 6.75 -47.47
C LEU QA 90 32.69 6.14 -48.58
N ILE QA 91 31.42 6.46 -48.57
CA ILE QA 91 30.54 6.11 -49.68
C ILE QA 91 29.73 7.36 -50.00
N TRP QA 92 29.46 7.57 -51.28
CA TRP QA 92 28.80 8.79 -51.69
C TRP QA 92 27.77 8.45 -52.76
N TYR QA 93 26.67 9.18 -52.73
CA TYR QA 93 25.62 8.95 -53.71
C TYR QA 93 25.07 10.28 -54.19
N PHE QA 94 24.78 10.36 -55.49
CA PHE QA 94 24.30 11.59 -56.11
C PHE QA 94 22.99 11.30 -56.79
N ASP QA 95 21.89 11.78 -56.22
CA ASP QA 95 20.55 11.47 -56.70
C ASP QA 95 19.98 12.56 -57.60
N GLY QA 96 20.84 13.31 -58.28
CA GLY QA 96 20.39 14.32 -59.20
C GLY QA 96 20.08 15.66 -58.58
N GLN QA 97 20.06 15.75 -57.28
CA GLN QA 97 19.76 17.01 -56.61
C GLN QA 97 20.82 17.40 -55.60
N ALA QA 98 21.39 16.42 -54.91
CA ALA QA 98 22.42 16.71 -53.92
C ALA QA 98 23.40 15.55 -53.89
N ILE QA 99 24.47 15.70 -53.12
CA ILE QA 99 25.48 14.67 -52.97
C ILE QA 99 25.55 14.26 -51.52
N TYR QA 100 25.04 13.08 -51.20
CA TYR QA 100 25.14 12.54 -49.85
C TYR QA 100 26.46 11.83 -49.65
N ILE QA 101 27.05 12.02 -48.48
CA ILE QA 101 28.34 11.42 -48.15
C ILE QA 101 28.21 10.74 -46.79
N TYR QA 102 28.46 9.44 -46.76
CA TYR QA 102 28.48 8.65 -45.54
C TYR QA 102 29.87 8.08 -45.35
N ASP QA 103 30.12 7.47 -44.20
CA ASP QA 103 31.35 6.71 -44.05
C ASP QA 103 31.09 5.25 -44.36
N ALA QA 104 32.18 4.50 -44.53
CA ALA QA 104 32.09 3.14 -45.05
C ALA QA 104 31.43 2.17 -44.10
N SER QA 105 31.39 2.47 -42.80
CA SER QA 105 30.77 1.58 -41.84
C SER QA 105 29.29 1.87 -41.66
N GLU QA 106 28.65 2.56 -42.61
CA GLU QA 106 27.23 2.82 -42.54
C GLU QA 106 26.46 2.16 -43.69
N MET QA 107 27.12 1.34 -44.49
CA MET QA 107 26.47 0.70 -45.62
C MET QA 107 25.54 -0.41 -45.16
N ARG QA 108 24.27 -0.31 -45.51
CA ARG QA 108 23.29 -1.32 -45.17
C ARG QA 108 22.80 -1.98 -46.45
N ASN QA 109 22.25 -3.18 -46.30
CA ASN QA 109 21.85 -3.99 -47.45
C ASN QA 109 20.55 -4.71 -47.14
N ALA QA 110 19.87 -5.17 -48.18
CA ALA QA 110 18.61 -5.86 -48.02
C ALA QA 110 18.33 -6.74 -49.22
N VAL QA 111 17.43 -7.71 -49.00
CA VAL QA 111 16.97 -8.62 -50.04
C VAL QA 111 15.45 -8.58 -50.08
N VAL QA 112 14.90 -8.26 -51.24
CA VAL QA 112 13.46 -8.13 -51.42
C VAL QA 112 12.96 -9.09 -52.48
N SER QA 113 11.66 -9.36 -52.44
CA SER QA 113 11.03 -10.31 -53.33
C SER QA 113 9.79 -9.66 -53.94
N LEU QA 114 9.73 -9.60 -55.25
CA LEU QA 114 8.62 -9.04 -56.01
C LEU QA 114 7.76 -10.17 -56.56
N ARG QA 115 6.45 -9.91 -56.65
CA ARG QA 115 5.53 -10.95 -57.11
C ARG QA 115 5.15 -10.77 -58.58
N ASN QA 116 4.60 -9.62 -58.95
CA ASN QA 116 4.08 -9.41 -60.28
C ASN QA 116 4.79 -8.26 -61.00
N VAL QA 117 6.09 -8.13 -60.77
CA VAL QA 117 6.92 -7.14 -61.47
C VAL QA 117 8.34 -7.68 -61.54
N SER QA 118 8.91 -7.66 -62.74
CA SER QA 118 10.23 -8.24 -62.94
C SER QA 118 11.35 -7.27 -62.60
N LEU QA 119 12.56 -7.85 -62.50
CA LEU QA 119 13.74 -7.05 -62.22
C LEU QA 119 14.15 -6.25 -63.45
N ASN QA 120 13.95 -6.80 -64.64
CA ASN QA 120 14.30 -6.06 -65.84
C ASN QA 120 13.36 -4.89 -66.07
N GLU QA 121 12.11 -5.00 -65.61
CA GLU QA 121 11.22 -3.85 -65.67
C GLU QA 121 11.54 -2.83 -64.59
N PHE QA 122 12.00 -3.28 -63.43
CA PHE QA 122 12.35 -2.30 -62.41
C PHE QA 122 13.65 -1.60 -62.78
N ASN QA 123 14.56 -2.29 -63.45
CA ASN QA 123 15.76 -1.65 -63.92
C ASN QA 123 15.47 -0.71 -65.08
N ASN QA 124 14.45 -1.03 -65.89
CA ASN QA 124 14.09 -0.09 -66.93
C ASN QA 124 13.33 1.10 -66.37
N PHE QA 125 12.85 0.99 -65.14
CA PHE QA 125 12.29 2.14 -64.47
C PHE QA 125 13.40 3.00 -63.89
N LEU QA 126 14.45 2.35 -63.37
CA LEU QA 126 15.53 3.12 -62.77
C LEU QA 126 16.35 3.81 -63.87
N LYS QA 127 16.43 3.21 -65.05
CA LYS QA 127 17.07 3.89 -66.16
C LYS QA 127 16.16 4.94 -66.78
N ARG QA 128 14.84 4.80 -66.60
CA ARG QA 128 13.95 5.82 -67.14
C ARG QA 128 13.94 7.05 -66.25
N SER QA 129 14.09 6.85 -64.94
CA SER QA 129 14.05 7.97 -64.01
C SER QA 129 15.39 8.64 -63.81
N GLY QA 130 16.49 7.89 -63.93
CA GLY QA 130 17.80 8.46 -63.73
C GLY QA 130 18.46 8.10 -62.42
N LEU QA 131 17.80 7.30 -61.59
CA LEU QA 131 18.35 6.88 -60.32
C LEU QA 131 19.20 5.64 -60.44
N TYR QA 132 19.45 5.16 -61.66
CA TYR QA 132 20.26 3.98 -61.84
C TYR QA 132 21.73 4.31 -61.57
N ASN QA 133 22.34 3.57 -60.65
CA ASN QA 133 23.72 3.77 -60.24
C ASN QA 133 24.55 2.56 -60.62
N LYS QA 134 25.52 2.74 -61.50
CA LYS QA 134 26.31 1.62 -61.97
C LYS QA 134 27.32 1.14 -60.94
N ASN QA 135 27.60 1.91 -59.89
CA ASN QA 135 28.53 1.43 -58.88
C ASN QA 135 27.88 0.50 -57.89
N TYR QA 136 26.60 0.70 -57.57
CA TYR QA 136 25.87 -0.16 -56.65
C TYR QA 136 24.65 -0.71 -57.37
N PRO QA 137 24.81 -1.70 -58.24
CA PRO QA 137 23.68 -2.20 -59.01
C PRO QA 137 22.88 -3.20 -58.19
N LEU QA 138 21.82 -3.71 -58.79
CA LEU QA 138 20.98 -4.72 -58.15
C LEU QA 138 21.49 -6.10 -58.53
N ARG QA 139 21.69 -6.96 -57.55
CA ARG QA 139 22.19 -8.31 -57.80
C ARG QA 139 21.06 -9.32 -57.67
N GLY QA 140 20.76 -9.98 -58.78
CA GLY QA 140 19.73 -11.00 -58.84
C GLY QA 140 19.69 -11.53 -60.25
N ASP QA 141 18.78 -12.47 -60.49
CA ASP QA 141 18.61 -12.96 -61.84
C ASP QA 141 17.85 -11.91 -62.65
N ASN QA 142 18.17 -11.85 -63.95
CA ASN QA 142 17.76 -10.71 -64.77
C ASN QA 142 16.27 -10.72 -65.06
N ARG QA 143 15.66 -11.90 -65.15
CA ARG QA 143 14.21 -12.00 -65.26
C ARG QA 143 13.72 -13.03 -64.22
N LYS QA 144 13.56 -12.53 -63.00
CA LYS QA 144 13.05 -13.33 -61.87
C LYS QA 144 12.34 -12.36 -60.94
N GLY QA 145 12.09 -12.79 -59.70
CA GLY QA 145 11.43 -11.88 -58.79
C GLY QA 145 12.18 -11.47 -57.53
N THR QA 146 13.23 -12.17 -57.16
CA THR QA 146 13.94 -11.89 -55.92
C THR QA 146 15.28 -11.27 -56.23
N PHE QA 147 15.69 -10.27 -55.46
CA PHE QA 147 17.03 -9.73 -55.68
C PHE QA 147 17.61 -9.15 -54.41
N TYR QA 148 18.87 -8.74 -54.55
CA TYR QA 148 19.71 -8.25 -53.47
C TYR QA 148 20.29 -6.89 -53.81
N VAL QA 149 20.25 -5.98 -52.84
CA VAL QA 149 20.66 -4.60 -53.02
C VAL QA 149 21.53 -4.19 -51.84
N SER QA 150 22.60 -3.43 -52.13
CA SER QA 150 23.48 -2.91 -51.09
C SER QA 150 24.05 -1.58 -51.53
N GLY QA 151 24.05 -0.61 -50.61
CA GLY QA 151 24.58 0.70 -50.87
C GLY QA 151 24.45 1.65 -49.70
N PRO QA 152 24.37 2.95 -50.00
CA PRO QA 152 24.14 3.96 -48.97
C PRO QA 152 22.73 3.87 -48.42
N PRO QA 153 22.49 4.35 -47.19
CA PRO QA 153 21.16 4.24 -46.58
C PRO QA 153 20.10 5.09 -47.23
N VAL QA 154 20.43 6.03 -48.10
CA VAL QA 154 19.39 6.76 -48.80
C VAL QA 154 19.06 6.07 -50.12
N TYR QA 155 19.96 5.23 -50.62
CA TYR QA 155 19.67 4.49 -51.84
C TYR QA 155 18.94 3.19 -51.56
N VAL QA 156 19.21 2.57 -50.41
CA VAL QA 156 18.55 1.31 -50.13
C VAL QA 156 17.10 1.53 -49.70
N ASP QA 157 16.85 2.57 -48.90
CA ASP QA 157 15.48 2.82 -48.46
C ASP QA 157 14.65 3.38 -49.60
N MET QA 158 15.28 3.91 -50.64
CA MET QA 158 14.53 4.35 -51.80
C MET QA 158 14.14 3.16 -52.65
N VAL QA 159 15.06 2.20 -52.85
CA VAL QA 159 14.71 1.07 -53.71
C VAL QA 159 13.64 0.21 -53.02
N VAL QA 160 13.75 0.04 -51.69
CA VAL QA 160 12.76 -0.76 -50.98
C VAL QA 160 11.40 -0.06 -50.97
N ASN QA 161 11.36 1.25 -50.71
CA ASN QA 161 10.06 1.90 -50.67
C ASN QA 161 9.44 2.09 -52.04
N ALA QA 162 10.22 2.01 -53.13
CA ALA QA 162 9.56 2.07 -54.43
C ALA QA 162 9.23 0.69 -54.98
N ALA QA 163 9.90 -0.35 -54.48
CA ALA QA 163 9.57 -1.70 -54.95
C ALA QA 163 8.33 -2.24 -54.25
N THR QA 164 8.23 -2.01 -52.94
CA THR QA 164 7.05 -2.52 -52.27
C THR QA 164 5.85 -1.59 -52.40
N MET QA 165 5.96 -0.53 -53.18
CA MET QA 165 4.79 0.28 -53.52
C MET QA 165 4.47 0.19 -55.00
N MET QA 166 5.38 -0.39 -55.80
CA MET QA 166 5.11 -0.63 -57.21
C MET QA 166 4.49 -2.01 -57.42
N ASP QA 167 4.96 -2.99 -56.63
CA ASP QA 167 4.39 -4.32 -56.73
C ASP QA 167 2.99 -4.38 -56.15
N LYS QA 168 2.68 -3.56 -55.15
CA LYS QA 168 1.31 -3.53 -54.66
C LYS QA 168 0.35 -2.87 -55.63
N GLN QA 169 0.82 -1.89 -56.41
CA GLN QA 169 -0.05 -1.26 -57.40
C GLN QA 169 -0.30 -2.19 -58.59
N ASN QA 170 0.71 -2.97 -59.01
CA ASN QA 170 0.43 -3.88 -60.14
C ASN QA 170 -0.17 -5.16 -59.61
N LYS RA 27 27.48 61.29 -41.62
CA LYS RA 27 27.38 60.32 -40.54
C LYS RA 27 27.54 58.89 -41.06
N ILE RA 28 26.89 58.58 -42.18
CA ILE RA 28 26.98 57.24 -42.78
C ILE RA 28 27.66 57.34 -44.15
N PRO RA 29 28.97 57.58 -44.21
CA PRO RA 29 29.59 57.90 -45.50
C PRO RA 29 30.03 56.68 -46.30
N VAL RA 30 29.29 56.34 -47.36
CA VAL RA 30 29.77 55.59 -48.52
C VAL RA 30 29.02 56.19 -49.70
N THR RA 31 29.72 56.36 -50.84
CA THR RA 31 29.07 56.93 -52.03
C THR RA 31 28.10 55.96 -52.69
N GLY RA 32 28.36 54.66 -52.61
CA GLY RA 32 27.56 53.66 -53.29
C GLY RA 32 26.39 53.21 -52.46
N SER RA 33 25.87 52.03 -52.79
CA SER RA 33 24.80 51.43 -52.03
C SER RA 33 25.18 50.01 -51.67
N GLY RA 34 24.83 49.59 -50.47
CA GLY RA 34 25.25 48.29 -49.99
C GLY RA 34 25.00 48.16 -48.50
N PHE RA 35 25.22 46.95 -48.02
CA PHE RA 35 24.98 46.58 -46.63
C PHE RA 35 26.30 46.14 -46.00
N VAL RA 36 26.66 46.73 -44.87
CA VAL RA 36 27.86 46.34 -44.13
C VAL RA 36 27.45 45.51 -42.92
N ALA RA 37 27.92 44.28 -42.86
CA ALA RA 37 27.61 43.36 -41.79
C ALA RA 37 28.85 43.15 -40.93
N LYS RA 38 28.75 43.40 -39.63
CA LYS RA 38 29.84 43.12 -38.70
C LYS RA 38 29.37 42.02 -37.74
N ASP RA 39 29.67 40.76 -38.11
CA ASP RA 39 29.37 39.56 -37.34
C ASP RA 39 27.86 39.48 -37.10
N ASP RA 40 27.15 39.29 -38.19
CA ASP RA 40 25.71 39.11 -38.13
C ASP RA 40 25.41 37.62 -37.90
N SER RA 41 24.14 37.21 -38.03
CA SER RA 41 23.77 35.85 -37.68
C SER RA 41 22.81 35.21 -38.68
N LEU RA 42 22.86 35.62 -39.95
CA LEU RA 42 22.09 35.04 -41.06
C LEU RA 42 20.57 35.15 -40.97
N ARG RA 43 20.03 35.77 -39.93
CA ARG RA 43 18.62 36.10 -39.91
CA ARG RA 43 18.62 36.10 -39.91
C ARG RA 43 18.38 37.59 -40.05
N THR RA 44 19.21 38.37 -39.36
CA THR RA 44 19.27 39.80 -39.55
C THR RA 44 19.80 40.13 -40.94
N PHE RA 45 20.71 39.30 -41.46
CA PHE RA 45 21.30 39.58 -42.76
C PHE RA 45 20.28 39.35 -43.86
N PHE RA 46 19.60 38.21 -43.83
CA PHE RA 46 18.65 37.93 -44.89
C PHE RA 46 17.37 38.73 -44.75
N ASP RA 47 17.09 39.29 -43.56
CA ASP RA 47 15.98 40.23 -43.46
C ASP RA 47 16.30 41.55 -44.13
N ALA RA 48 17.58 41.91 -44.18
CA ALA RA 48 18.00 43.13 -44.85
C ALA RA 48 17.87 43.01 -46.37
N MET RA 49 17.93 41.81 -46.91
CA MET RA 49 17.78 41.59 -48.33
C MET RA 49 16.33 41.47 -48.78
N ALA RA 50 15.39 41.67 -47.86
CA ALA RA 50 13.98 41.53 -48.15
C ALA RA 50 13.35 42.78 -48.69
N LEU RA 51 14.15 43.76 -49.11
CA LEU RA 51 13.59 44.91 -49.80
C LEU RA 51 14.00 44.91 -51.27
N GLN RA 52 15.26 44.55 -51.55
CA GLN RA 52 15.65 44.34 -52.93
C GLN RA 52 14.96 43.11 -53.51
N LEU RA 53 14.98 41.99 -52.79
CA LEU RA 53 13.96 41.00 -53.04
C LEU RA 53 12.62 41.53 -52.58
N LYS RA 54 11.59 41.44 -53.41
CA LYS RA 54 10.32 42.04 -53.03
C LYS RA 54 9.45 41.09 -52.21
N GLU RA 55 10.03 40.04 -51.63
CA GLU RA 55 9.29 39.04 -50.87
C GLU RA 55 9.96 38.84 -49.52
N PRO RA 56 9.20 38.52 -48.48
CA PRO RA 56 9.83 38.26 -47.18
C PRO RA 56 10.60 36.95 -47.17
N VAL RA 57 11.57 36.87 -46.27
CA VAL RA 57 12.49 35.74 -46.17
C VAL RA 57 12.33 35.08 -44.80
N ILE RA 58 12.14 33.76 -44.79
CA ILE RA 58 11.96 32.99 -43.56
C ILE RA 58 13.10 31.99 -43.45
N VAL RA 59 14.03 32.26 -42.55
CA VAL RA 59 15.21 31.42 -42.33
C VAL RA 59 14.97 30.52 -41.12
N SER RA 60 15.22 29.23 -41.26
CA SER RA 60 15.06 28.32 -40.15
C SER RA 60 16.12 28.55 -39.07
N LYS RA 61 15.89 27.93 -37.91
CA LYS RA 61 16.71 28.19 -36.76
C LYS RA 61 17.91 27.28 -36.68
N MET RA 62 18.08 26.36 -37.63
CA MET RA 62 19.32 25.65 -37.71
C MET RA 62 20.27 26.35 -38.68
N ALA RA 63 19.72 27.06 -39.64
CA ALA RA 63 20.50 27.90 -40.54
C ALA RA 63 20.62 29.32 -40.02
N ALA RA 64 20.14 29.58 -38.82
CA ALA RA 64 20.30 30.88 -38.20
C ALA RA 64 21.44 30.91 -37.18
N ARG RA 65 22.19 29.83 -37.07
CA ARG RA 65 23.35 29.81 -36.19
C ARG RA 65 24.65 30.21 -36.87
N LYS RA 66 24.73 30.15 -38.18
CA LYS RA 66 25.94 30.58 -38.85
C LYS RA 66 26.03 32.10 -38.91
N LYS RA 67 27.24 32.59 -39.09
CA LYS RA 67 27.51 34.02 -39.01
C LYS RA 67 28.24 34.46 -40.28
N ILE RA 68 28.19 35.77 -40.53
CA ILE RA 68 28.82 36.34 -41.70
C ILE RA 68 29.23 37.78 -41.40
N THR RA 69 30.26 38.26 -42.08
CA THR RA 69 30.70 39.64 -41.94
C THR RA 69 31.41 40.08 -43.22
N GLY RA 70 31.19 41.34 -43.59
CA GLY RA 70 31.74 41.85 -44.83
C GLY RA 70 30.90 42.99 -45.37
N ASN RA 71 31.23 43.42 -46.58
CA ASN RA 71 30.59 44.54 -47.25
C ASN RA 71 29.92 44.03 -48.53
N PHE RA 72 28.60 43.91 -48.51
CA PHE RA 72 27.87 43.33 -49.62
C PHE RA 72 27.09 44.38 -50.41
N GLU RA 73 26.71 44.01 -51.63
CA GLU RA 73 26.01 44.89 -52.56
C GLU RA 73 24.99 44.07 -53.35
N PHE RA 74 23.71 44.35 -53.15
CA PHE RA 74 22.62 43.62 -53.80
C PHE RA 74 22.12 44.42 -54.98
N HIS RA 75 22.29 43.90 -56.20
CA HIS RA 75 21.57 44.48 -57.33
C HIS RA 75 20.86 43.43 -58.17
N ASP RA 76 21.35 42.19 -58.18
CA ASP RA 76 20.60 41.07 -58.77
C ASP RA 76 20.55 39.92 -57.78
N PRO RA 77 19.67 40.03 -56.78
CA PRO RA 77 19.77 39.13 -55.65
C PRO RA 77 19.29 37.72 -55.94
N ASN RA 78 18.67 37.47 -57.10
CA ASN RA 78 18.37 36.10 -57.45
C ASN RA 78 19.60 35.33 -57.92
N ALA RA 79 20.64 36.03 -58.37
CA ALA RA 79 21.92 35.42 -58.68
C ALA RA 79 22.84 35.44 -57.48
N LEU RA 80 22.68 36.45 -56.63
CA LEU RA 80 23.50 36.49 -55.43
C LEU RA 80 23.07 35.43 -54.43
N LEU RA 81 21.79 35.08 -54.41
CA LEU RA 81 21.35 34.04 -53.50
C LEU RA 81 21.83 32.67 -53.95
N GLU RA 82 21.92 32.47 -55.27
CA GLU RA 82 22.38 31.19 -55.76
C GLU RA 82 23.87 31.02 -55.51
N LYS RA 83 24.65 32.10 -55.65
CA LYS RA 83 26.08 31.92 -55.40
C LYS RA 83 26.36 31.79 -53.89
N LEU RA 84 25.61 32.51 -53.07
CA LEU RA 84 25.88 32.42 -51.65
C LEU RA 84 25.28 31.19 -51.01
N SER RA 85 24.34 30.51 -51.68
CA SER RA 85 23.81 29.31 -51.06
C SER RA 85 24.70 28.10 -51.31
N LEU RA 86 25.57 28.19 -52.30
CA LEU RA 86 26.53 27.11 -52.53
C LEU RA 86 27.79 27.38 -51.76
N GLN RA 87 28.16 28.64 -51.58
CA GLN RA 87 29.36 28.87 -50.77
C GLN RA 87 29.08 28.68 -49.29
N LEU RA 88 27.93 29.15 -48.79
CA LEU RA 88 27.65 28.93 -47.38
C LEU RA 88 27.17 27.51 -47.12
N GLY RA 89 26.33 26.96 -47.98
CA GLY RA 89 25.77 25.64 -47.81
C GLY RA 89 24.39 25.87 -47.26
N LEU RA 90 23.42 25.90 -48.15
CA LEU RA 90 22.07 26.32 -47.84
C LEU RA 90 21.16 25.79 -48.91
N ILE RA 91 19.87 25.74 -48.62
CA ILE RA 91 18.88 25.44 -49.63
C ILE RA 91 17.74 26.45 -49.47
N TRP RA 92 17.16 26.85 -50.58
CA TRP RA 92 16.14 27.88 -50.56
C TRP RA 92 15.03 27.53 -51.55
N TYR RA 93 13.89 28.19 -51.37
CA TYR RA 93 12.73 27.91 -52.20
C TYR RA 93 11.77 29.08 -52.19
N PHE RA 94 11.28 29.47 -53.37
CA PHE RA 94 10.36 30.59 -53.49
C PHE RA 94 9.01 30.09 -53.97
N ASP RA 95 8.01 30.11 -53.09
CA ASP RA 95 6.71 29.53 -53.41
C ASP RA 95 5.72 30.53 -53.96
N GLY RA 96 6.09 31.79 -54.10
CA GLY RA 96 5.20 32.80 -54.64
C GLY RA 96 4.77 33.86 -53.65
N GLN RA 97 4.97 33.62 -52.35
CA GLN RA 97 4.64 34.61 -51.33
C GLN RA 97 5.82 34.86 -50.41
N ALA RA 98 6.67 33.85 -50.20
CA ALA RA 98 7.81 34.01 -49.31
C ALA RA 98 8.96 33.18 -49.84
N ILE RA 99 10.14 33.42 -49.27
CA ILE RA 99 11.34 32.69 -49.63
C ILE RA 99 11.76 31.92 -48.40
N TYR RA 100 11.67 30.60 -48.45
CA TYR RA 100 12.09 29.80 -47.32
C TYR RA 100 13.56 29.43 -47.48
N ILE RA 101 14.29 29.45 -46.37
CA ILE RA 101 15.72 29.14 -46.37
C ILE RA 101 16.00 28.17 -45.23
N TYR RA 102 16.55 27.01 -45.57
CA TYR RA 102 17.01 26.03 -44.62
C TYR RA 102 18.49 25.78 -44.86
N ASP RA 103 19.10 24.97 -44.00
CA ASP RA 103 20.45 24.55 -44.25
C ASP RA 103 20.49 23.17 -44.88
N ALA RA 104 21.70 22.75 -45.26
CA ALA RA 104 21.84 21.59 -46.12
C ALA RA 104 21.50 20.28 -45.44
N SER RA 105 21.58 20.21 -44.12
CA SER RA 105 21.32 18.94 -43.46
C SER RA 105 19.84 18.69 -43.19
N GLU RA 106 18.94 19.57 -43.65
CA GLU RA 106 17.51 19.36 -43.45
C GLU RA 106 16.78 19.01 -44.74
N MET RA 107 17.44 18.31 -45.66
CA MET RA 107 16.80 17.86 -46.88
C MET RA 107 16.27 16.46 -46.65
N ARG RA 108 15.01 16.24 -46.99
CA ARG RA 108 14.36 14.96 -46.76
C ARG RA 108 13.84 14.39 -48.08
N ASN RA 109 13.58 13.10 -48.08
CA ASN RA 109 13.23 12.34 -49.26
C ASN RA 109 11.93 11.61 -49.01
N ALA RA 110 11.21 11.29 -50.09
CA ALA RA 110 9.97 10.57 -49.98
C ALA RA 110 9.69 9.84 -51.29
N VAL RA 111 9.18 8.61 -51.18
CA VAL RA 111 8.71 7.85 -52.32
C VAL RA 111 7.22 7.64 -52.14
N VAL RA 112 6.44 8.20 -53.07
CA VAL RA 112 4.98 8.17 -52.98
C VAL RA 112 4.42 7.55 -54.26
N SER RA 113 3.33 6.80 -54.10
CA SER RA 113 2.70 6.09 -55.20
C SER RA 113 1.32 6.68 -55.45
N LEU RA 114 1.04 6.99 -56.71
CA LEU RA 114 -0.26 7.52 -57.13
C LEU RA 114 -1.10 6.42 -57.73
N ARG RA 115 -2.35 6.29 -57.27
CA ARG RA 115 -3.19 5.18 -57.71
C ARG RA 115 -3.72 5.39 -59.11
N ASN RA 116 -4.45 6.48 -59.33
CA ASN RA 116 -5.14 6.67 -60.61
C ASN RA 116 -4.85 8.03 -61.24
N VAL RA 117 -3.71 8.64 -60.94
CA VAL RA 117 -3.29 9.89 -61.56
C VAL RA 117 -1.88 9.70 -62.10
N SER RA 118 -1.67 10.04 -63.36
CA SER RA 118 -0.33 9.92 -63.91
C SER RA 118 0.60 11.02 -63.41
N LEU RA 119 1.90 10.79 -63.64
CA LEU RA 119 2.90 11.80 -63.31
C LEU RA 119 2.81 12.95 -64.28
N ASN RA 120 2.60 12.63 -65.56
CA ASN RA 120 2.53 13.66 -66.59
C ASN RA 120 1.28 14.51 -66.46
N GLU RA 121 0.25 14.00 -65.76
CA GLU RA 121 -0.93 14.78 -65.42
C GLU RA 121 -0.80 15.56 -64.13
N PHE RA 122 0.04 15.11 -63.20
CA PHE RA 122 0.28 15.92 -62.01
C PHE RA 122 1.32 17.01 -62.27
N ASN RA 123 2.27 16.74 -63.15
CA ASN RA 123 3.29 17.72 -63.50
C ASN RA 123 2.71 18.86 -64.32
N ASN RA 124 1.60 18.64 -65.04
CA ASN RA 124 0.99 19.78 -65.71
C ASN RA 124 0.25 20.64 -64.71
N PHE RA 125 -0.21 20.03 -63.61
CA PHE RA 125 -0.88 20.78 -62.56
C PHE RA 125 0.12 21.65 -61.82
N LEU RA 126 1.35 21.17 -61.70
CA LEU RA 126 2.37 21.94 -61.00
C LEU RA 126 2.78 23.16 -61.82
N LYS RA 127 2.87 23.00 -63.14
CA LYS RA 127 3.20 24.13 -64.00
C LYS RA 127 2.03 25.09 -64.09
N ARG RA 128 0.81 24.56 -63.98
CA ARG RA 128 -0.36 25.42 -64.11
C ARG RA 128 -0.53 26.27 -62.85
N SER RA 129 -0.24 25.69 -61.69
CA SER RA 129 -0.33 26.46 -60.46
C SER RA 129 0.81 27.46 -60.37
N GLY RA 130 2.05 26.98 -60.40
CA GLY RA 130 3.16 27.89 -60.28
C GLY RA 130 4.21 27.36 -59.34
N LEU RA 131 4.00 26.14 -58.87
CA LEU RA 131 4.87 25.48 -57.91
C LEU RA 131 5.93 24.65 -58.57
N TYR RA 132 6.32 24.97 -59.80
CA TYR RA 132 7.34 24.20 -60.51
C TYR RA 132 8.72 24.77 -60.20
N ASN RA 133 9.58 23.92 -59.66
CA ASN RA 133 10.96 24.27 -59.31
C ASN RA 133 11.90 23.39 -60.14
N LYS RA 134 12.70 24.01 -61.01
CA LYS RA 134 13.52 23.18 -61.88
C LYS RA 134 14.75 22.62 -61.18
N ASN RA 135 15.08 23.04 -59.97
CA ASN RA 135 16.22 22.45 -59.28
C ASN RA 135 15.88 21.21 -58.50
N TYR RA 136 14.62 21.03 -58.13
CA TYR RA 136 14.17 19.83 -57.44
C TYR RA 136 12.97 19.31 -58.19
N PRO RA 137 13.18 18.65 -59.32
CA PRO RA 137 12.07 18.19 -60.13
C PRO RA 137 11.54 16.87 -59.59
N LEU RA 138 10.58 16.31 -60.31
CA LEU RA 138 9.98 15.03 -59.93
C LEU RA 138 10.67 13.95 -60.74
N ARG RA 139 11.19 12.94 -60.06
CA ARG RA 139 11.92 11.87 -60.73
C ARG RA 139 11.05 10.63 -60.82
N GLY RA 140 10.71 10.25 -62.03
CA GLY RA 140 9.90 9.06 -62.24
C GLY RA 140 9.49 8.89 -63.69
N ASP RA 141 8.81 7.79 -63.93
CA ASP RA 141 8.26 7.47 -65.24
C ASP RA 141 7.05 8.33 -65.57
N ASN RA 142 6.86 8.55 -66.87
CA ASN RA 142 5.96 9.59 -67.35
C ASN RA 142 4.51 9.20 -67.18
N ARG RA 143 4.20 7.91 -67.27
CA ARG RA 143 2.81 7.48 -67.25
C ARG RA 143 2.59 6.42 -66.18
N LYS RA 144 3.36 6.48 -65.11
CA LYS RA 144 3.19 5.55 -64.00
C LYS RA 144 2.75 6.32 -62.76
N GLY RA 145 2.64 5.60 -61.65
CA GLY RA 145 2.08 6.21 -60.47
C GLY RA 145 3.10 6.42 -59.37
N THR RA 146 4.32 5.92 -59.56
CA THR RA 146 5.37 6.04 -58.56
C THR RA 146 6.41 7.04 -59.03
N PHE RA 147 6.83 7.92 -58.13
CA PHE RA 147 7.87 8.88 -58.43
C PHE RA 147 8.60 9.24 -57.14
N TYR RA 148 9.64 10.04 -57.27
CA TYR RA 148 10.57 10.32 -56.19
C TYR RA 148 10.77 11.81 -56.05
N VAL RA 149 10.75 12.29 -54.82
CA VAL RA 149 10.95 13.70 -54.51
C VAL RA 149 12.07 13.85 -53.50
N SER RA 150 12.71 15.02 -53.53
CA SER RA 150 13.76 15.38 -52.59
C SER RA 150 13.89 16.90 -52.64
N GLY RA 151 13.97 17.54 -51.47
CA GLY RA 151 14.08 18.98 -51.44
C GLY RA 151 13.84 19.57 -50.07
N PRO RA 152 13.42 20.82 -50.01
CA PRO RA 152 13.16 21.47 -48.73
C PRO RA 152 11.94 20.89 -48.03
N PRO RA 153 11.86 21.06 -46.71
CA PRO RA 153 10.71 20.51 -45.96
C PRO RA 153 9.40 21.22 -46.24
N VAL RA 154 9.44 22.41 -46.84
CA VAL RA 154 8.20 23.09 -47.17
C VAL RA 154 7.73 22.69 -48.56
N TYR RA 155 8.61 22.17 -49.40
CA TYR RA 155 8.26 21.72 -50.73
C TYR RA 155 7.81 20.26 -50.71
N VAL RA 156 8.45 19.45 -49.87
CA VAL RA 156 8.08 18.03 -49.80
C VAL RA 156 6.72 17.89 -49.13
N ASP RA 157 6.48 18.67 -48.07
CA ASP RA 157 5.22 18.59 -47.36
C ASP RA 157 4.08 19.13 -48.20
N MET RA 158 4.37 19.93 -49.22
CA MET RA 158 3.31 20.35 -50.12
C MET RA 158 3.05 19.28 -51.18
N VAL RA 159 4.11 18.71 -51.76
CA VAL RA 159 3.92 17.78 -52.87
C VAL RA 159 3.27 16.47 -52.40
N VAL RA 160 3.64 15.99 -51.20
CA VAL RA 160 3.02 14.76 -50.70
C VAL RA 160 1.56 14.98 -50.35
N ASN RA 161 1.24 16.12 -49.76
CA ASN RA 161 -0.14 16.36 -49.37
C ASN RA 161 -1.01 16.67 -50.58
N ALA RA 162 -0.46 17.33 -51.60
CA ALA RA 162 -1.27 17.61 -52.78
C ALA RA 162 -1.17 16.50 -53.79
N ALA RA 163 -0.51 15.40 -53.44
CA ALA RA 163 -0.52 14.20 -54.27
C ALA RA 163 -1.42 13.12 -53.70
N THR RA 164 -1.54 13.03 -52.37
CA THR RA 164 -2.48 12.11 -51.75
C THR RA 164 -3.88 12.68 -51.60
N MET RA 165 -4.17 13.82 -52.22
CA MET RA 165 -5.52 14.35 -52.25
C MET RA 165 -6.08 14.47 -53.65
N MET RA 166 -5.35 14.03 -54.68
CA MET RA 166 -5.91 14.01 -56.03
C MET RA 166 -6.35 12.63 -56.48
N ASP RA 167 -5.66 11.58 -56.07
CA ASP RA 167 -6.19 10.25 -56.34
C ASP RA 167 -7.35 9.89 -55.41
N LYS RA 168 -7.34 10.38 -54.17
CA LYS RA 168 -8.52 10.16 -53.36
C LYS RA 168 -9.68 11.07 -53.74
N GLN RA 169 -9.42 12.10 -54.54
CA GLN RA 169 -10.51 12.90 -55.09
C GLN RA 169 -11.05 12.30 -56.38
N ASN RA 170 -10.25 11.51 -57.09
CA ASN RA 170 -10.73 10.91 -58.32
C ASN RA 170 -11.25 9.50 -58.08
N GLY SA 32 3.73 70.56 -39.74
CA GLY SA 32 2.78 69.55 -40.16
C GLY SA 32 2.32 68.65 -39.02
N SER SA 33 2.82 67.42 -39.02
CA SER SA 33 2.49 66.42 -38.01
C SER SA 33 3.65 65.45 -37.94
N GLY SA 34 3.51 64.38 -37.17
CA GLY SA 34 4.56 63.40 -37.08
C GLY SA 34 4.60 62.76 -35.72
N PHE SA 35 5.58 61.87 -35.56
CA PHE SA 35 5.81 61.12 -34.34
C PHE SA 35 7.31 60.95 -34.14
N VAL SA 36 7.76 61.15 -32.91
CA VAL SA 36 9.17 61.03 -32.56
C VAL SA 36 9.32 59.85 -31.61
N ALA SA 37 9.84 58.74 -32.10
CA ALA SA 37 9.98 57.55 -31.28
C ALA SA 37 11.37 57.48 -30.70
N LYS SA 38 11.45 57.34 -29.37
CA LYS SA 38 12.68 57.11 -28.63
C LYS SA 38 12.54 55.79 -27.88
N ASP SA 39 13.01 54.72 -28.51
CA ASP SA 39 13.03 53.35 -27.98
C ASP SA 39 11.62 52.83 -27.71
N ASP SA 40 10.78 52.90 -28.73
CA ASP SA 40 9.44 52.33 -28.68
C ASP SA 40 9.45 50.92 -29.23
N SER SA 41 8.46 50.14 -28.83
CA SER SA 41 8.49 48.69 -28.98
C SER SA 41 7.41 48.16 -29.91
N LEU SA 42 7.15 48.88 -31.01
CA LEU SA 42 6.26 48.45 -32.09
C LEU SA 42 4.80 48.22 -31.72
N ARG SA 43 4.43 48.51 -30.49
CA ARG SA 43 3.02 48.57 -30.13
C ARG SA 43 2.61 49.98 -29.78
N THR SA 44 3.52 50.69 -29.12
CA THR SA 44 3.42 52.14 -28.99
C THR SA 44 3.57 52.81 -30.35
N PHE SA 45 4.45 52.27 -31.19
CA PHE SA 45 4.73 52.93 -32.46
C PHE SA 45 3.56 52.75 -33.41
N PHE SA 46 3.11 51.52 -33.59
CA PHE SA 46 2.05 51.29 -34.55
C PHE SA 46 0.70 51.76 -34.03
N ASP SA 47 0.53 51.92 -32.71
CA ASP SA 47 -0.70 52.50 -32.21
C ASP SA 47 -0.80 53.99 -32.53
N ALA SA 48 0.34 54.66 -32.69
CA ALA SA 48 0.27 56.06 -33.05
C ALA SA 48 -0.06 56.27 -34.52
N MET SA 49 0.16 55.26 -35.36
CA MET SA 49 -0.23 55.30 -36.76
C MET SA 49 -1.69 54.89 -36.98
N ALA SA 50 -2.39 54.52 -35.91
CA ALA SA 50 -3.76 54.04 -36.01
C ALA SA 50 -4.78 55.15 -36.05
N LEU SA 51 -4.36 56.38 -36.31
CA LEU SA 51 -5.26 57.48 -36.59
C LEU SA 51 -5.14 57.94 -38.02
N GLN SA 52 -3.93 57.90 -38.56
CA GLN SA 52 -3.77 58.14 -39.98
C GLN SA 52 -4.31 56.98 -40.79
N LEU SA 53 -3.96 55.74 -40.42
CA LEU SA 53 -4.79 54.62 -40.81
C LEU SA 53 -6.11 54.71 -40.04
N LYS SA 54 -7.22 54.48 -40.73
CA LYS SA 54 -8.52 54.68 -40.09
C LYS SA 54 -9.06 53.44 -39.42
N GLU SA 55 -8.24 52.41 -39.24
CA GLU SA 55 -8.61 51.14 -38.65
C GLU SA 55 -7.70 50.87 -37.45
N PRO SA 56 -8.18 50.15 -36.43
CA PRO SA 56 -7.29 49.78 -35.34
C PRO SA 56 -6.32 48.70 -35.77
N VAL SA 57 -5.11 48.76 -35.20
CA VAL SA 57 -4.01 47.87 -35.55
C VAL SA 57 -3.74 46.92 -34.40
N ILE SA 58 -3.65 45.64 -34.71
CA ILE SA 58 -3.43 44.61 -33.73
C ILE SA 58 -2.10 43.92 -34.05
N VAL SA 59 -1.06 44.35 -33.36
CA VAL SA 59 0.26 43.78 -33.53
C VAL SA 59 0.35 42.55 -32.65
N SER SA 60 0.99 41.49 -33.13
CA SER SA 60 1.05 40.25 -32.37
C SER SA 60 2.04 40.36 -31.22
N LYS SA 61 2.24 39.25 -30.51
CA LYS SA 61 3.08 39.30 -29.32
C LYS SA 61 4.55 39.07 -29.65
N MET SA 62 4.85 38.07 -30.50
CA MET SA 62 6.26 37.80 -30.81
C MET SA 62 6.81 38.89 -31.72
N ALA SA 63 5.94 39.55 -32.47
CA ALA SA 63 6.31 40.68 -33.30
C ALA SA 63 6.27 41.99 -32.55
N ALA SA 64 6.23 41.95 -31.22
CA ALA SA 64 6.28 43.14 -30.39
C ALA SA 64 7.58 43.27 -29.63
N ARG SA 65 8.55 42.40 -29.88
CA ARG SA 65 9.86 42.51 -29.25
C ARG SA 65 10.85 43.36 -30.02
N LYS SA 66 10.60 43.68 -31.27
CA LYS SA 66 11.55 44.52 -31.99
C LYS SA 66 11.31 45.97 -31.64
N LYS SA 67 12.36 46.77 -31.74
CA LYS SA 67 12.31 48.17 -31.33
C LYS SA 67 12.73 49.09 -32.46
N ILE SA 68 12.36 50.35 -32.34
CA ILE SA 68 12.60 51.34 -33.39
C ILE SA 68 12.60 52.72 -32.76
N THR SA 69 13.55 53.56 -33.18
CA THR SA 69 13.57 54.98 -32.82
C THR SA 69 13.49 55.80 -34.11
N GLY SA 70 13.69 57.11 -33.98
CA GLY SA 70 13.73 57.97 -35.14
C GLY SA 70 12.56 58.93 -35.21
N ASN SA 71 12.70 59.91 -36.10
CA ASN SA 71 11.69 60.94 -36.32
C ASN SA 71 10.92 60.57 -37.58
N PHE SA 72 9.68 60.15 -37.41
CA PHE SA 72 8.83 59.70 -38.50
C PHE SA 72 7.69 60.69 -38.75
N GLU SA 73 7.29 60.82 -40.01
CA GLU SA 73 6.21 61.72 -40.36
C GLU SA 73 5.14 60.92 -41.08
N PHE SA 74 3.91 60.98 -40.58
CA PHE SA 74 2.80 60.17 -41.09
C PHE SA 74 1.95 61.01 -42.02
N HIS SA 75 2.20 60.91 -43.32
CA HIS SA 75 1.31 61.51 -44.31
C HIS SA 75 0.92 60.57 -45.45
N ASP SA 76 1.70 59.52 -45.74
CA ASP SA 76 1.29 58.48 -46.68
C ASP SA 76 1.43 57.16 -45.91
N PRO SA 77 0.40 56.79 -45.15
CA PRO SA 77 0.56 55.71 -44.18
C PRO SA 77 0.56 54.35 -44.84
N ASN SA 78 -0.12 54.23 -45.98
CA ASN SA 78 -0.21 52.92 -46.60
C ASN SA 78 1.09 52.59 -47.32
N ALA SA 79 1.75 53.60 -47.87
CA ALA SA 79 3.03 53.34 -48.49
C ALA SA 79 4.13 53.21 -47.45
N LEU SA 80 3.99 53.91 -46.32
CA LEU SA 80 4.98 53.77 -45.28
C LEU SA 80 4.89 52.41 -44.60
N LEU SA 81 3.70 51.84 -44.50
CA LEU SA 81 3.57 50.51 -43.89
C LEU SA 81 4.18 49.45 -44.79
N GLU SA 82 4.02 49.60 -46.11
CA GLU SA 82 4.60 48.63 -47.02
C GLU SA 82 6.10 48.78 -47.13
N LYS SA 83 6.62 49.99 -46.98
CA LYS SA 83 8.07 50.11 -47.04
C LYS SA 83 8.70 49.62 -45.75
N LEU SA 84 8.05 49.90 -44.60
CA LEU SA 84 8.62 49.50 -43.32
C LEU SA 84 8.46 48.02 -43.03
N SER SA 85 7.43 47.37 -43.59
CA SER SA 85 7.21 45.96 -43.29
C SER SA 85 8.14 45.04 -44.05
N LEU SA 86 8.88 45.56 -45.01
CA LEU SA 86 9.87 44.76 -45.71
C LEU SA 86 11.26 44.99 -45.15
N GLN SA 87 11.53 46.19 -44.64
CA GLN SA 87 12.82 46.47 -44.04
C GLN SA 87 12.91 45.86 -42.65
N LEU SA 88 11.83 45.90 -41.88
CA LEU SA 88 11.89 45.31 -40.55
C LEU SA 88 11.72 43.80 -40.63
N GLY SA 89 10.85 43.34 -41.51
CA GLY SA 89 10.56 41.93 -41.65
C GLY SA 89 9.27 41.64 -40.91
N LEU SA 90 8.15 41.67 -41.63
CA LEU SA 90 6.82 41.61 -41.06
C LEU SA 90 5.86 41.17 -42.15
N ILE SA 91 4.72 40.64 -41.73
CA ILE SA 91 3.63 40.38 -42.65
C ILE SA 91 2.37 40.97 -42.02
N TRP SA 92 1.49 41.48 -42.86
CA TRP SA 92 0.31 42.17 -42.38
C TRP SA 92 -0.87 41.83 -43.25
N TYR SA 93 -2.07 42.05 -42.71
CA TYR SA 93 -3.27 41.68 -43.45
C TYR SA 93 -4.43 42.52 -42.94
N PHE SA 94 -5.16 43.14 -43.85
CA PHE SA 94 -6.24 44.05 -43.52
C PHE SA 94 -7.56 43.44 -43.98
N ASP SA 95 -8.40 43.05 -43.02
CA ASP SA 95 -9.61 42.28 -43.30
C ASP SA 95 -10.85 43.15 -43.41
N GLY SA 96 -10.70 44.47 -43.47
CA GLY SA 96 -11.79 45.40 -43.62
C GLY SA 96 -12.12 46.17 -42.36
N GLN SA 97 -11.83 45.62 -41.19
CA GLN SA 97 -12.14 46.28 -39.94
C GLN SA 97 -10.94 46.49 -39.03
N ALA SA 98 -9.83 45.79 -39.27
CA ALA SA 98 -8.64 45.94 -38.46
C ALA SA 98 -7.45 45.54 -39.31
N ILE SA 99 -6.26 45.81 -38.79
CA ILE SA 99 -5.01 45.44 -39.46
C ILE SA 99 -4.23 44.53 -38.54
N TYR SA 100 -4.07 43.27 -38.94
CA TYR SA 100 -3.30 42.33 -38.14
C TYR SA 100 -1.86 42.35 -38.62
N ILE SA 101 -0.93 42.36 -37.67
CA ILE SA 101 0.49 42.43 -37.98
C ILE SA 101 1.24 41.32 -37.26
N TYR SA 102 1.95 40.48 -38.02
CA TYR SA 102 2.82 39.44 -37.49
C TYR SA 102 4.23 39.72 -37.97
N ASP SA 103 5.16 38.90 -37.49
CA ASP SA 103 6.52 38.87 -38.01
C ASP SA 103 6.69 37.71 -38.97
N ALA SA 104 7.84 37.71 -39.65
CA ALA SA 104 8.03 36.84 -40.80
C ALA SA 104 8.12 35.37 -40.45
N SER SA 105 8.44 35.01 -39.21
CA SER SA 105 8.59 33.61 -38.85
C SER SA 105 7.29 32.98 -38.36
N GLU SA 106 6.14 33.53 -38.78
CA GLU SA 106 4.84 32.95 -38.44
C GLU SA 106 3.96 32.63 -39.63
N MET SA 107 4.47 32.68 -40.85
CA MET SA 107 3.64 32.34 -42.00
C MET SA 107 3.41 30.85 -42.07
N ARG SA 108 2.15 30.45 -42.22
CA ARG SA 108 1.78 29.04 -42.21
C ARG SA 108 1.11 28.68 -43.53
N ASN SA 109 1.02 27.38 -43.79
CA ASN SA 109 0.56 26.88 -45.09
C ASN SA 109 -0.68 26.03 -44.96
N ALA SA 110 -1.35 25.84 -46.10
CA ALA SA 110 -2.51 24.95 -46.14
C ALA SA 110 -2.73 24.48 -47.58
N VAL SA 111 -3.01 23.20 -47.72
CA VAL SA 111 -3.35 22.56 -48.99
C VAL SA 111 -4.73 21.92 -48.85
N VAL SA 112 -5.75 22.57 -49.39
CA VAL SA 112 -7.11 22.08 -49.23
C VAL SA 112 -7.66 21.62 -50.58
N SER SA 113 -8.60 20.68 -50.51
CA SER SA 113 -9.20 20.06 -51.67
C SER SA 113 -10.71 20.14 -51.57
N LEU SA 114 -11.34 20.67 -52.61
CA LEU SA 114 -12.78 20.86 -52.65
C LEU SA 114 -13.47 19.69 -53.34
N ARG SA 115 -14.64 19.30 -52.83
CA ARG SA 115 -15.32 18.15 -53.39
C ARG SA 115 -16.03 18.50 -54.69
N ASN SA 116 -16.97 19.44 -54.61
CA ASN SA 116 -17.87 19.76 -55.71
C ASN SA 116 -17.91 21.25 -56.04
N VAL SA 117 -16.98 22.03 -55.51
CA VAL SA 117 -16.89 23.47 -55.79
C VAL SA 117 -15.58 23.73 -56.52
N SER SA 118 -15.66 24.44 -57.64
CA SER SA 118 -14.43 24.76 -58.32
C SER SA 118 -13.67 25.89 -57.62
N LEU SA 119 -12.42 26.08 -58.07
CA LEU SA 119 -11.64 27.19 -57.55
C LEU SA 119 -12.17 28.50 -58.09
N ASN SA 120 -12.78 28.48 -59.28
CA ASN SA 120 -13.36 29.71 -59.80
C ASN SA 120 -14.58 30.11 -58.97
N GLU SA 121 -15.33 29.12 -58.48
CA GLU SA 121 -16.49 29.43 -57.66
C GLU SA 121 -16.07 29.90 -56.28
N PHE SA 122 -14.91 29.46 -55.80
CA PHE SA 122 -14.54 29.96 -54.48
C PHE SA 122 -13.86 31.32 -54.60
N ASN SA 123 -13.10 31.50 -55.68
CA ASN SA 123 -12.37 32.72 -55.89
C ASN SA 123 -13.26 33.86 -56.35
N ASN SA 124 -14.43 33.56 -56.92
CA ASN SA 124 -15.35 34.66 -57.12
C ASN SA 124 -16.11 35.01 -55.85
N PHE SA 125 -16.18 34.09 -54.89
CA PHE SA 125 -16.82 34.40 -53.62
C PHE SA 125 -15.93 35.32 -52.80
N LEU SA 126 -14.62 35.09 -52.85
CA LEU SA 126 -13.73 35.99 -52.12
C LEU SA 126 -13.61 37.33 -52.83
N LYS SA 127 -13.93 37.38 -54.12
CA LYS SA 127 -13.83 38.63 -54.85
C LYS SA 127 -15.04 39.50 -54.56
N ARG SA 128 -16.24 38.91 -54.60
CA ARG SA 128 -17.43 39.74 -54.40
C ARG SA 128 -17.65 40.03 -52.93
N SER SA 129 -17.06 39.24 -52.03
CA SER SA 129 -17.24 39.51 -50.62
C SER SA 129 -16.32 40.59 -50.10
N GLY SA 130 -15.18 40.82 -50.75
CA GLY SA 130 -14.24 41.83 -50.31
C GLY SA 130 -13.09 41.29 -49.48
N LEU SA 131 -12.78 40.00 -49.59
CA LEU SA 131 -11.68 39.39 -48.86
C LEU SA 131 -10.55 38.93 -49.74
N TYR SA 132 -10.52 39.35 -51.00
CA TYR SA 132 -9.46 38.98 -51.93
C TYR SA 132 -8.21 39.81 -51.68
N ASN SA 133 -7.09 39.12 -51.46
CA ASN SA 133 -5.81 39.76 -51.19
C ASN SA 133 -4.80 39.32 -52.23
N LYS SA 134 -4.29 40.28 -53.00
CA LYS SA 134 -3.38 39.99 -54.09
C LYS SA 134 -1.98 39.63 -53.67
N ASN SA 135 -1.58 39.95 -52.43
CA ASN SA 135 -0.22 39.61 -52.01
C ASN SA 135 -0.07 38.14 -51.69
N TYR SA 136 -1.13 37.51 -51.17
CA TYR SA 136 -1.14 36.08 -50.88
C TYR SA 136 -2.32 35.45 -51.62
N PRO SA 137 -2.17 35.21 -52.91
CA PRO SA 137 -3.26 34.63 -53.71
C PRO SA 137 -3.28 33.12 -53.53
N LEU SA 138 -4.18 32.49 -54.26
CA LEU SA 138 -4.33 31.05 -54.21
C LEU SA 138 -3.61 30.41 -55.38
N ARG SA 139 -2.74 29.45 -55.08
CA ARG SA 139 -1.99 28.77 -56.11
C ARG SA 139 -2.71 27.48 -56.44
N GLY SA 140 -3.19 27.35 -57.66
CA GLY SA 140 -3.88 26.13 -58.05
C GLY SA 140 -4.39 26.22 -59.47
N ASP SA 141 -4.91 25.09 -59.93
CA ASP SA 141 -5.52 25.01 -61.25
C ASP SA 141 -6.84 25.81 -61.23
N ASN SA 142 -7.26 26.28 -62.40
CA ASN SA 142 -8.34 27.26 -62.42
C ASN SA 142 -9.69 26.66 -62.10
N ARG SA 143 -9.98 25.46 -62.60
CA ARG SA 143 -11.21 24.76 -62.22
C ARG SA 143 -10.82 23.32 -61.84
N LYS SA 144 -10.43 23.14 -60.59
CA LYS SA 144 -10.07 21.83 -60.10
C LYS SA 144 -10.44 21.78 -58.63
N GLY SA 145 -9.93 20.78 -57.91
CA GLY SA 145 -10.29 20.68 -56.52
C GLY SA 145 -9.22 21.13 -55.55
N THR SA 146 -7.98 20.79 -55.79
CA THR SA 146 -6.94 21.05 -54.80
C THR SA 146 -6.23 22.36 -55.10
N PHE SA 147 -5.80 23.06 -54.05
CA PHE SA 147 -4.95 24.23 -54.24
C PHE SA 147 -4.10 24.45 -53.00
N TYR SA 148 -3.30 25.51 -53.02
CA TYR SA 148 -2.32 25.77 -51.98
C TYR SA 148 -2.33 27.24 -51.61
N VAL SA 149 -2.48 27.52 -50.33
CA VAL SA 149 -2.60 28.88 -49.80
C VAL SA 149 -1.56 29.05 -48.70
N SER SA 150 -0.97 30.24 -48.62
CA SER SA 150 0.00 30.55 -47.58
C SER SA 150 -0.05 32.02 -47.24
N GLY SA 151 -0.09 32.32 -45.95
CA GLY SA 151 -0.14 33.70 -45.50
C GLY SA 151 -0.13 33.84 -43.99
N PRO SA 152 -0.69 34.94 -43.49
CA PRO SA 152 -0.82 35.13 -42.04
C PRO SA 152 -1.77 34.12 -41.43
N PRO SA 153 -1.64 33.86 -40.12
CA PRO SA 153 -2.50 32.86 -39.46
C PRO SA 153 -3.96 33.25 -39.36
N VAL SA 154 -4.32 34.51 -39.58
CA VAL SA 154 -5.73 34.86 -39.59
C VAL SA 154 -6.32 34.77 -40.99
N TYR SA 155 -5.48 34.78 -42.02
CA TYR SA 155 -5.97 34.61 -43.37
C TYR SA 155 -6.04 33.15 -43.79
N VAL SA 156 -5.13 32.32 -43.28
CA VAL SA 156 -5.18 30.91 -43.64
C VAL SA 156 -6.35 30.24 -42.94
N ASP SA 157 -6.60 30.61 -41.69
CA ASP SA 157 -7.71 30.02 -40.96
C ASP SA 157 -9.05 30.52 -41.45
N MET SA 158 -9.08 31.64 -42.18
CA MET SA 158 -10.35 32.06 -42.76
C MET SA 158 -10.60 31.33 -44.08
N VAL SA 159 -9.56 31.17 -44.91
CA VAL SA 159 -9.78 30.53 -46.20
C VAL SA 159 -10.09 29.05 -46.03
N VAL SA 160 -9.44 28.37 -45.07
CA VAL SA 160 -9.67 26.95 -44.89
C VAL SA 160 -11.07 26.73 -44.32
N ASN SA 161 -11.44 27.50 -43.31
CA ASN SA 161 -12.72 27.30 -42.67
C ASN SA 161 -13.89 27.74 -43.54
N ALA SA 162 -13.68 28.68 -44.46
CA ALA SA 162 -14.76 29.02 -45.35
C ALA SA 162 -14.68 28.26 -46.66
N ALA SA 163 -13.71 27.37 -46.80
CA ALA SA 163 -13.68 26.48 -47.95
C ALA SA 163 -14.25 25.11 -47.64
N THR SA 164 -14.00 24.60 -46.44
CA THR SA 164 -14.61 23.32 -46.06
C THR SA 164 -16.05 23.47 -45.61
N MET SA 165 -16.57 24.68 -45.52
CA MET SA 165 -17.97 24.91 -45.18
C MET SA 165 -18.83 25.31 -46.38
N MET SA 166 -18.25 25.36 -47.57
CA MET SA 166 -19.08 25.42 -48.77
C MET SA 166 -19.23 24.06 -49.42
N ASP SA 167 -18.41 23.10 -48.99
CA ASP SA 167 -18.53 21.73 -49.49
C ASP SA 167 -19.66 21.03 -48.77
N LYS SA 168 -19.80 21.26 -47.48
CA LYS SA 168 -20.91 20.70 -46.73
C LYS SA 168 -22.21 21.39 -47.10
N GLN SA 169 -22.14 22.63 -47.59
CA GLN SA 169 -23.34 23.33 -48.00
C GLN SA 169 -23.85 22.77 -49.32
N ASN SA 170 -22.98 22.71 -50.33
CA ASN SA 170 -23.43 22.18 -51.62
C ASN SA 170 -23.41 20.65 -51.61
N LYS TA 27 -14.15 76.75 -3.02
CA LYS TA 27 -13.73 75.44 -2.53
C LYS TA 27 -13.21 74.58 -3.68
N ILE TA 28 -13.87 74.71 -4.83
CA ILE TA 28 -13.50 74.03 -6.07
C ILE TA 28 -13.32 75.10 -7.16
N PRO TA 29 -12.18 75.81 -7.18
CA PRO TA 29 -12.05 76.87 -8.20
C PRO TA 29 -11.50 76.42 -9.54
N VAL TA 30 -12.40 76.26 -10.51
CA VAL TA 30 -12.16 76.23 -11.96
C VAL TA 30 -13.40 76.86 -12.58
N THR TA 31 -13.23 77.76 -13.55
CA THR TA 31 -14.38 78.56 -13.96
C THR TA 31 -15.26 77.88 -15.01
N GLY TA 32 -14.69 77.02 -15.84
CA GLY TA 32 -15.39 76.48 -17.00
C GLY TA 32 -16.24 75.26 -16.73
N SER TA 33 -16.29 74.34 -17.71
CA SER TA 33 -17.03 73.10 -17.59
C SER TA 33 -16.17 72.02 -18.26
N GLY TA 34 -15.79 71.02 -17.48
CA GLY TA 34 -14.89 69.99 -17.98
C GLY TA 34 -14.43 69.11 -16.84
N PHE TA 35 -13.64 68.10 -17.19
CA PHE TA 35 -13.15 67.11 -16.25
C PHE TA 35 -11.62 67.10 -16.23
N VAL TA 36 -11.02 67.33 -15.08
CA VAL TA 36 -9.57 67.29 -14.93
C VAL TA 36 -9.18 65.95 -14.33
N ALA TA 37 -8.38 65.18 -15.07
CA ALA TA 37 -7.89 63.87 -14.66
C ALA TA 37 -6.41 63.93 -14.30
N LYS TA 38 -6.07 63.45 -13.12
CA LYS TA 38 -4.66 63.33 -12.71
C LYS TA 38 -4.36 61.86 -12.43
N ASP TA 39 -3.81 61.17 -13.44
CA ASP TA 39 -3.40 59.77 -13.40
C ASP TA 39 -4.61 58.91 -13.10
N ASP TA 40 -5.61 59.08 -13.96
CA ASP TA 40 -6.84 58.31 -13.87
C ASP TA 40 -6.75 57.09 -14.75
N SER TA 41 -7.29 55.97 -14.26
CA SER TA 41 -6.97 54.65 -14.80
C SER TA 41 -7.99 54.14 -15.80
N LEU TA 42 -8.56 55.01 -16.64
CA LEU TA 42 -9.46 54.67 -17.75
C LEU TA 42 -10.77 54.02 -17.34
N ARG TA 43 -11.02 53.90 -16.04
CA ARG TA 43 -12.30 53.47 -15.53
CA ARG TA 43 -12.30 53.47 -15.53
C ARG TA 43 -13.04 54.58 -14.82
N THR TA 44 -12.33 55.37 -14.04
CA THR TA 44 -12.93 56.57 -13.49
C THR TA 44 -12.98 57.68 -14.51
N PHE TA 45 -12.26 57.55 -15.62
CA PHE TA 45 -12.38 58.54 -16.67
C PHE TA 45 -13.65 58.30 -17.48
N PHE TA 46 -13.85 57.05 -17.93
CA PHE TA 46 -15.06 56.77 -18.69
C PHE TA 46 -16.30 56.70 -17.83
N ASP TA 47 -16.17 56.62 -16.51
CA ASP TA 47 -17.33 56.80 -15.66
C ASP TA 47 -17.82 58.24 -15.68
N ALA TA 48 -16.91 59.20 -15.86
CA ALA TA 48 -17.30 60.60 -15.94
C ALA TA 48 -18.02 60.94 -17.24
N MET TA 49 -17.82 60.16 -18.29
CA MET TA 49 -18.53 60.41 -19.54
C MET TA 49 -19.91 59.76 -19.56
N ALA TA 50 -20.32 59.13 -18.47
CA ALA TA 50 -21.54 58.34 -18.44
C ALA TA 50 -22.75 59.17 -18.09
N LEU TA 51 -22.60 60.49 -18.01
CA LEU TA 51 -23.74 61.37 -17.89
C LEU TA 51 -23.94 62.21 -19.11
N GLN TA 52 -22.86 62.60 -19.80
CA GLN TA 52 -23.02 63.24 -21.09
C GLN TA 52 -23.50 62.23 -22.12
N LEU TA 53 -22.82 61.09 -22.23
CA LEU TA 53 -23.48 59.92 -22.80
C LEU TA 53 -24.58 59.49 -21.85
N LYS TA 54 -25.76 59.18 -22.36
CA LYS TA 54 -26.88 58.88 -21.49
C LYS TA 54 -26.98 57.39 -21.14
N GLU TA 55 -25.88 56.65 -21.19
CA GLU TA 55 -25.88 55.22 -20.93
C GLU TA 55 -24.65 54.84 -20.12
N PRO TA 56 -24.76 53.83 -19.26
CA PRO TA 56 -23.58 53.38 -18.52
C PRO TA 56 -22.56 52.66 -19.38
N VAL TA 57 -21.29 52.90 -19.03
CA VAL TA 57 -20.14 52.40 -19.78
C VAL TA 57 -19.49 51.28 -19.00
N ILE TA 58 -19.13 50.21 -19.70
CA ILE TA 58 -18.51 49.03 -19.08
C ILE TA 58 -17.16 48.82 -19.74
N VAL TA 59 -16.09 49.06 -18.99
CA VAL TA 59 -14.72 48.91 -19.47
C VAL TA 59 -14.14 47.59 -18.96
N SER TA 60 -13.49 46.84 -19.85
CA SER TA 60 -13.03 45.50 -19.53
C SER TA 60 -11.80 45.55 -18.62
N LYS TA 61 -11.29 44.36 -18.31
CA LYS TA 61 -10.19 44.21 -17.38
C LYS TA 61 -8.84 44.52 -18.00
N MET TA 62 -8.67 44.29 -19.31
CA MET TA 62 -7.38 44.57 -19.90
C MET TA 62 -7.26 46.03 -20.28
N ALA TA 63 -8.36 46.67 -20.62
CA ALA TA 63 -8.37 48.08 -20.96
C ALA TA 63 -8.50 48.98 -19.74
N ALA TA 64 -8.39 48.42 -18.54
CA ALA TA 64 -8.41 49.19 -17.30
C ALA TA 64 -7.03 49.25 -16.67
N ARG TA 65 -6.00 48.81 -17.37
CA ARG TA 65 -4.63 48.92 -16.92
C ARG TA 65 -3.93 50.18 -17.41
N LYS TA 66 -4.47 50.82 -18.44
CA LYS TA 66 -3.91 52.06 -18.97
C LYS TA 66 -4.39 53.27 -18.18
N LYS TA 67 -3.60 54.34 -18.25
CA LYS TA 67 -3.85 55.54 -17.46
C LYS TA 67 -3.93 56.75 -18.38
N ILE TA 68 -4.49 57.84 -17.87
CA ILE TA 68 -4.65 59.07 -18.64
C ILE TA 68 -4.60 60.27 -17.71
N THR TA 69 -4.08 61.38 -18.22
CA THR TA 69 -4.02 62.65 -17.49
C THR TA 69 -4.40 63.79 -18.42
N GLY TA 70 -4.94 64.86 -17.84
CA GLY TA 70 -5.20 66.05 -18.62
C GLY TA 70 -6.52 66.75 -18.34
N ASN TA 71 -6.78 67.81 -19.09
CA ASN TA 71 -8.01 68.59 -18.99
C ASN TA 71 -8.90 68.24 -20.18
N PHE TA 72 -10.06 67.66 -19.92
CA PHE TA 72 -10.97 67.28 -20.98
C PHE TA 72 -12.26 68.06 -20.90
N GLU TA 73 -13.02 68.01 -21.99
CA GLU TA 73 -14.20 68.86 -22.16
C GLU TA 73 -15.24 68.10 -22.97
N PHE TA 74 -16.35 67.71 -22.35
CA PHE TA 74 -17.32 66.83 -22.99
C PHE TA 74 -18.48 67.69 -23.45
N HIS TA 75 -18.55 67.98 -24.76
CA HIS TA 75 -19.74 68.58 -25.31
C HIS TA 75 -20.29 67.83 -26.51
N ASP TA 76 -19.53 66.92 -27.12
CA ASP TA 76 -20.05 66.04 -28.15
C ASP TA 76 -19.32 64.70 -28.01
N PRO TA 77 -19.79 63.85 -27.10
CA PRO TA 77 -18.98 62.71 -26.69
C PRO TA 77 -18.99 61.58 -27.67
N ASN TA 78 -19.95 61.52 -28.60
CA ASN TA 78 -19.92 60.42 -29.55
C ASN TA 78 -18.82 60.58 -30.59
N ALA TA 79 -18.34 61.80 -30.81
CA ALA TA 79 -17.15 62.01 -31.61
C ALA TA 79 -15.89 62.04 -30.76
N LEU TA 80 -16.02 62.46 -29.50
CA LEU TA 80 -14.85 62.43 -28.62
C LEU TA 80 -14.44 60.99 -28.30
N LEU TA 81 -15.41 60.09 -28.15
CA LEU TA 81 -15.08 58.71 -27.85
C LEU TA 81 -14.47 58.04 -29.08
N GLU TA 82 -14.88 58.46 -30.26
CA GLU TA 82 -14.33 57.88 -31.48
C GLU TA 82 -12.90 58.32 -31.69
N LYS TA 83 -12.59 59.58 -31.38
CA LYS TA 83 -11.22 60.03 -31.60
C LYS TA 83 -10.29 59.49 -30.51
N LEU TA 84 -10.77 59.41 -29.27
CA LEU TA 84 -9.93 58.84 -28.24
C LEU TA 84 -9.75 57.34 -28.40
N SER TA 85 -10.69 56.66 -29.05
CA SER TA 85 -10.54 55.22 -29.22
C SER TA 85 -9.52 54.90 -30.30
N LEU TA 86 -9.21 55.86 -31.16
CA LEU TA 86 -8.24 55.64 -32.21
C LEU TA 86 -6.88 56.11 -31.79
N GLN TA 87 -6.80 57.14 -30.95
CA GLN TA 87 -5.47 57.53 -30.50
C GLN TA 87 -4.99 56.55 -29.44
N LEU TA 88 -5.89 55.98 -28.66
CA LEU TA 88 -5.41 55.07 -27.63
C LEU TA 88 -5.32 53.63 -28.14
N GLY TA 89 -6.28 53.21 -28.95
CA GLY TA 89 -6.29 51.85 -29.43
C GLY TA 89 -7.26 51.12 -28.56
N LEU TA 90 -8.50 51.04 -29.01
CA LEU TA 90 -9.64 50.59 -28.23
C LEU TA 90 -10.75 50.25 -29.20
N ILE TA 91 -11.60 49.30 -28.81
CA ILE TA 91 -12.80 49.04 -29.59
C ILE TA 91 -14.00 49.16 -28.66
N TRP TA 92 -15.10 49.64 -29.22
CA TRP TA 92 -16.27 49.93 -28.42
C TRP TA 92 -17.53 49.55 -29.18
N TYR TA 93 -18.62 49.42 -28.45
CA TYR TA 93 -19.87 48.98 -29.04
C TYR TA 93 -21.03 49.51 -28.20
N PHE TA 94 -22.12 49.90 -28.87
CA PHE TA 94 -23.29 50.47 -28.19
C PHE TA 94 -24.54 49.71 -28.63
N ASP TA 95 -25.07 48.87 -27.74
CA ASP TA 95 -26.20 48.01 -28.08
C ASP TA 95 -27.52 48.58 -27.59
N GLY TA 96 -27.60 49.88 -27.34
CA GLY TA 96 -28.84 50.52 -26.97
C GLY TA 96 -29.04 50.71 -25.49
N GLN TA 97 -28.38 49.91 -24.64
CA GLN TA 97 -28.54 50.03 -23.20
C GLN TA 97 -27.25 50.31 -22.46
N ALA TA 98 -26.10 50.02 -23.06
CA ALA TA 98 -24.81 50.25 -22.43
C ALA TA 98 -23.77 50.44 -23.52
N ILE TA 99 -22.58 50.85 -23.11
CA ILE TA 99 -21.46 51.00 -24.03
C ILE TA 99 -20.33 50.10 -23.54
N TYR TA 100 -20.03 49.05 -24.28
CA TYR TA 100 -18.94 48.15 -23.91
C TYR TA 100 -17.66 48.65 -24.54
N ILE TA 101 -16.58 48.68 -23.75
CA ILE TA 101 -15.27 49.14 -24.20
C ILE TA 101 -14.22 48.08 -23.90
N TYR TA 102 -13.55 47.59 -24.94
CA TYR TA 102 -12.43 46.69 -24.81
C TYR TA 102 -11.22 47.38 -25.43
N ASP TA 103 -10.07 46.76 -25.27
CA ASP TA 103 -8.89 47.20 -26.00
C ASP TA 103 -8.76 46.40 -27.28
N ALA TA 104 -7.81 46.81 -28.12
CA ALA TA 104 -7.71 46.30 -29.47
C ALA TA 104 -7.28 44.85 -29.56
N SER TA 105 -6.64 44.32 -28.53
CA SER TA 105 -6.17 42.95 -28.61
C SER TA 105 -7.21 41.92 -28.19
N GLU TA 106 -8.46 42.32 -27.99
CA GLU TA 106 -9.51 41.37 -27.67
C GLU TA 106 -10.49 41.15 -28.83
N MET TA 107 -10.21 41.67 -30.02
CA MET TA 107 -11.12 41.45 -31.14
C MET TA 107 -11.00 40.02 -31.63
N ARG TA 108 -12.14 39.34 -31.74
CA ARG TA 108 -12.17 37.92 -32.07
C ARG TA 108 -12.90 37.70 -33.39
N ASN TA 109 -12.66 36.54 -33.98
CA ASN TA 109 -13.12 36.21 -35.31
C ASN TA 109 -14.02 34.99 -35.26
N ALA TA 110 -14.84 34.83 -36.30
CA ALA TA 110 -15.76 33.71 -36.39
C ALA TA 110 -16.21 33.50 -37.82
N VAL TA 111 -16.27 32.24 -38.24
CA VAL TA 111 -16.78 31.83 -39.55
C VAL TA 111 -17.95 30.89 -39.31
N VAL TA 112 -19.15 31.34 -39.66
CA VAL TA 112 -20.38 30.59 -39.45
C VAL TA 112 -21.09 30.40 -40.79
N SER TA 113 -21.56 29.18 -41.06
CA SER TA 113 -22.17 28.84 -42.33
C SER TA 113 -23.65 28.60 -42.08
N LEU TA 114 -24.49 29.41 -42.72
CA LEU TA 114 -25.93 29.29 -42.57
C LEU TA 114 -26.48 28.15 -43.42
N ARG TA 115 -27.59 27.59 -42.99
CA ARG TA 115 -28.15 26.39 -43.64
C ARG TA 115 -29.20 26.76 -44.68
N ASN TA 116 -30.28 27.42 -44.26
CA ASN TA 116 -31.41 27.73 -45.13
C ASN TA 116 -31.90 29.17 -45.04
N VAL TA 117 -31.16 30.07 -44.40
CA VAL TA 117 -31.50 31.49 -44.36
C VAL TA 117 -30.39 32.28 -45.05
N SER TA 118 -30.78 33.23 -45.90
CA SER TA 118 -29.77 34.00 -46.61
C SER TA 118 -29.12 35.05 -45.72
N LEU TA 119 -28.04 35.62 -46.25
CA LEU TA 119 -27.35 36.69 -45.56
C LEU TA 119 -28.17 37.97 -45.58
N ASN TA 120 -28.83 38.27 -46.70
CA ASN TA 120 -29.62 39.50 -46.77
C ASN TA 120 -30.83 39.45 -45.85
N GLU TA 121 -31.34 38.25 -45.58
CA GLU TA 121 -32.41 38.09 -44.61
C GLU TA 121 -31.90 38.23 -43.18
N PHE TA 122 -30.69 37.73 -42.91
CA PHE TA 122 -30.17 37.90 -41.56
C PHE TA 122 -29.72 39.33 -41.33
N ASN TA 123 -29.19 39.97 -42.37
CA ASN TA 123 -28.78 41.36 -42.29
C ASN TA 123 -29.97 42.29 -42.23
N ASN TA 124 -31.14 41.85 -42.68
CA ASN TA 124 -32.30 42.70 -42.47
C ASN TA 124 -32.91 42.51 -41.09
N PHE TA 125 -32.65 41.38 -40.45
CA PHE TA 125 -33.12 41.22 -39.07
C PHE TA 125 -32.35 42.12 -38.13
N LEU TA 126 -31.04 42.32 -38.39
CA LEU TA 126 -30.25 43.18 -37.53
C LEU TA 126 -30.60 44.64 -37.72
N LYS TA 127 -30.99 45.04 -38.94
CA LYS TA 127 -31.39 46.43 -39.13
C LYS TA 127 -32.75 46.68 -38.50
N ARG TA 128 -33.61 45.66 -38.47
CA ARG TA 128 -34.92 45.90 -37.88
C ARG TA 128 -34.81 45.91 -36.35
N SER TA 129 -33.91 45.10 -35.79
CA SER TA 129 -33.77 45.06 -34.35
C SER TA 129 -33.03 46.31 -33.86
N GLY TA 130 -31.82 46.54 -34.37
CA GLY TA 130 -31.07 47.69 -33.90
C GLY TA 130 -29.65 47.35 -33.51
N LEU TA 131 -29.21 46.15 -33.86
CA LEU TA 131 -27.86 45.71 -33.56
C LEU TA 131 -26.92 45.82 -34.75
N TYR TA 132 -27.28 46.64 -35.74
CA TYR TA 132 -26.46 46.80 -36.93
C TYR TA 132 -25.42 47.89 -36.70
N ASN TA 133 -24.15 47.53 -36.86
CA ASN TA 133 -23.03 48.45 -36.69
C ASN TA 133 -22.29 48.56 -38.01
N LYS TA 134 -22.21 49.77 -38.55
CA LYS TA 134 -21.56 49.94 -39.84
C LYS TA 134 -20.04 49.92 -39.75
N ASN TA 135 -19.47 49.99 -38.56
CA ASN TA 135 -18.02 49.87 -38.47
C ASN TA 135 -17.57 48.44 -38.65
N TYR TA 136 -18.35 47.48 -38.16
CA TYR TA 136 -18.05 46.05 -38.30
C TYR TA 136 -19.23 45.37 -38.96
N PRO TA 137 -19.34 45.46 -40.28
CA PRO TA 137 -20.44 44.80 -40.99
C PRO TA 137 -20.14 43.31 -41.15
N LEU TA 138 -21.09 42.60 -41.72
CA LEU TA 138 -20.92 41.17 -41.99
C LEU TA 138 -20.40 41.00 -43.41
N ARG TA 139 -19.24 40.34 -43.53
CA ARG TA 139 -18.60 40.12 -44.81
C ARG TA 139 -19.00 38.75 -45.36
N GLY TA 140 -19.59 38.74 -46.54
CA GLY TA 140 -20.00 37.48 -47.15
C GLY TA 140 -20.77 37.73 -48.44
N ASP TA 141 -21.05 36.63 -49.12
CA ASP TA 141 -21.84 36.68 -50.34
C ASP TA 141 -23.29 37.01 -50.05
N ASN TA 142 -23.93 37.69 -51.01
CA ASN TA 142 -25.25 38.26 -50.76
C ASN TA 142 -26.33 37.20 -50.73
N ARG TA 143 -26.15 36.09 -51.47
CA ARG TA 143 -27.09 34.97 -51.39
C ARG TA 143 -26.29 33.67 -51.19
N LYS TA 144 -25.90 33.42 -49.94
CA LYS TA 144 -25.17 32.22 -49.59
C LYS TA 144 -25.47 31.88 -48.14
N GLY TA 145 -24.67 30.98 -47.57
CA GLY TA 145 -24.81 30.63 -46.18
C GLY TA 145 -23.60 31.01 -45.36
N THR TA 146 -22.43 31.01 -46.00
CA THR TA 146 -21.18 31.29 -45.30
C THR TA 146 -20.90 32.78 -45.30
N PHE TA 147 -20.50 33.30 -44.15
CA PHE TA 147 -20.06 34.68 -44.07
C PHE TA 147 -19.07 34.82 -42.92
N TYR TA 148 -18.50 36.02 -42.78
CA TYR TA 148 -17.39 36.26 -41.88
C TYR TA 148 -17.67 37.51 -41.06
N VAL TA 149 -17.53 37.38 -39.74
CA VAL TA 149 -17.78 38.44 -38.78
C VAL TA 149 -16.55 38.61 -37.91
N SER TA 150 -16.23 39.87 -37.55
CA SER TA 150 -15.10 40.14 -36.67
C SER TA 150 -15.37 41.45 -35.94
N GLY TA 151 -15.37 41.40 -34.62
CA GLY TA 151 -15.62 42.57 -33.82
C GLY TA 151 -15.36 42.37 -32.34
N PRO TA 152 -16.07 43.12 -31.50
CA PRO TA 152 -15.94 42.94 -30.05
C PRO TA 152 -16.52 41.61 -29.61
N PRO TA 153 -16.09 41.10 -28.45
CA PRO TA 153 -16.54 39.78 -28.00
C PRO TA 153 -17.99 39.69 -27.59
N VAL TA 154 -18.72 40.80 -27.49
CA VAL TA 154 -20.15 40.68 -27.25
C VAL TA 154 -20.95 40.78 -28.55
N TYR TA 155 -20.36 41.37 -29.58
CA TYR TA 155 -21.03 41.45 -30.87
C TYR TA 155 -20.84 40.17 -31.64
N VAL TA 156 -19.69 39.52 -31.46
CA VAL TA 156 -19.47 38.26 -32.14
C VAL TA 156 -20.28 37.17 -31.45
N ASP TA 157 -20.29 37.19 -30.12
CA ASP TA 157 -21.03 36.20 -29.37
C ASP TA 157 -22.53 36.38 -29.51
N MET TA 158 -22.99 37.57 -29.89
CA MET TA 158 -24.41 37.71 -30.16
C MET TA 158 -24.76 37.23 -31.56
N VAL TA 159 -23.93 37.54 -32.54
CA VAL TA 159 -24.28 37.21 -33.92
C VAL TA 159 -24.18 35.71 -34.18
N VAL TA 160 -23.14 35.06 -33.62
CA VAL TA 160 -22.95 33.63 -33.83
C VAL TA 160 -24.05 32.84 -33.15
N ASN TA 161 -24.45 33.26 -31.96
CA ASN TA 161 -25.45 32.52 -31.22
C ASN TA 161 -26.84 32.72 -31.82
N ALA TA 162 -27.15 33.93 -32.30
CA ALA TA 162 -28.49 34.12 -32.84
C ALA TA 162 -28.66 33.53 -34.24
N ALA TA 163 -27.57 33.37 -34.99
CA ALA TA 163 -27.77 32.84 -36.34
C ALA TA 163 -28.00 31.34 -36.33
N THR TA 164 -27.37 30.62 -35.40
CA THR TA 164 -27.63 29.20 -35.36
C THR TA 164 -28.97 28.88 -34.74
N MET TA 165 -29.50 29.77 -33.89
CA MET TA 165 -30.83 29.53 -33.36
C MET TA 165 -31.90 30.09 -34.27
N MET TA 166 -31.50 30.69 -35.39
CA MET TA 166 -32.48 31.05 -36.39
C MET TA 166 -32.52 30.00 -37.49
N ASP TA 167 -31.39 29.36 -37.76
CA ASP TA 167 -31.40 28.30 -38.77
C ASP TA 167 -31.94 26.99 -38.21
N LYS TA 168 -31.65 26.69 -36.94
CA LYS TA 168 -32.28 25.51 -36.36
C LYS TA 168 -33.77 25.72 -36.17
N GLN TA 169 -34.21 26.97 -36.05
CA GLN TA 169 -35.64 27.25 -36.00
C GLN TA 169 -36.30 27.07 -37.37
N ASN TA 170 -35.60 27.45 -38.43
CA ASN TA 170 -36.20 27.30 -39.76
C ASN TA 170 -35.65 26.06 -40.45
N TRP UA 365 58.90 15.10 -38.79
CA TRP UA 365 57.46 15.03 -38.61
C TRP UA 365 56.98 13.60 -38.42
N LEU UA 366 57.77 12.63 -38.85
CA LEU UA 366 57.39 11.23 -38.81
C LEU UA 366 58.26 10.46 -37.83
N LYS UA 367 57.79 10.31 -36.59
CA LYS UA 367 58.48 9.47 -35.63
C LYS UA 367 57.66 8.25 -35.26
N GLY UA 368 56.46 8.46 -34.74
CA GLY UA 368 55.48 7.42 -34.48
C GLY UA 368 54.30 7.44 -35.40
N ARG UA 369 54.36 8.17 -36.49
CA ARG UA 369 53.23 8.34 -37.40
C ARG UA 369 53.27 7.29 -38.49
N SER UA 370 52.12 6.66 -38.75
CA SER UA 370 51.94 5.76 -39.88
C SER UA 370 51.59 6.54 -41.14
N PHE UA 371 52.31 6.25 -42.22
CA PHE UA 371 52.13 7.03 -43.43
C PHE UA 371 52.24 6.15 -44.65
N GLN UA 372 51.77 6.68 -45.78
CA GLN UA 372 51.81 6.02 -47.07
C GLN UA 372 52.70 6.85 -47.97
N TYR UA 373 53.64 6.21 -48.64
CA TYR UA 373 54.53 6.89 -49.57
C TYR UA 373 54.27 6.38 -50.98
N GLY UA 374 54.84 7.07 -51.95
CA GLY UA 374 54.66 6.69 -53.32
C GLY UA 374 53.97 7.75 -54.14
N ALA UA 375 52.88 7.38 -54.80
CA ALA UA 375 52.15 8.34 -55.61
C ALA UA 375 51.18 9.14 -54.76
N GLU UA 376 50.23 8.47 -54.11
CA GLU UA 376 49.26 9.15 -53.27
C GLU UA 376 49.74 9.12 -51.82
N GLY UA 377 50.78 9.90 -51.56
CA GLY UA 377 51.37 9.90 -50.23
C GLY UA 377 50.56 10.72 -49.26
N TYR UA 378 50.46 10.22 -48.03
CA TYR UA 378 49.84 11.00 -46.96
C TYR UA 378 50.38 10.50 -45.63
N ILE UA 379 50.17 11.32 -44.59
CA ILE UA 379 50.67 11.01 -43.25
C ILE UA 379 49.49 11.07 -42.29
N LYS UA 380 49.31 10.01 -41.49
CA LYS UA 380 48.22 9.97 -40.53
C LYS UA 380 48.77 10.48 -39.21
N MET UA 381 48.46 11.73 -38.88
CA MET UA 381 48.95 12.27 -37.62
C MET UA 381 48.19 11.76 -36.41
N SER UA 382 47.09 11.06 -36.62
CA SER UA 382 46.24 10.52 -35.59
C SER UA 382 45.40 9.45 -36.25
N PRO UA 383 44.67 8.65 -35.48
CA PRO UA 383 43.66 7.79 -36.13
C PRO UA 383 42.64 8.56 -36.93
N GLY UA 384 42.34 9.82 -36.62
CA GLY UA 384 41.39 10.54 -37.43
C GLY UA 384 41.86 11.85 -38.07
N HIS UA 385 43.10 11.93 -38.53
CA HIS UA 385 43.60 13.17 -39.12
C HIS UA 385 44.60 12.79 -40.20
N TRP UA 386 44.24 13.07 -41.44
CA TRP UA 386 45.05 12.84 -42.61
C TRP UA 386 45.72 14.15 -43.03
N TYR UA 387 47.00 14.05 -43.38
CA TYR UA 387 47.78 15.19 -43.88
C TYR UA 387 48.29 14.86 -45.26
N PHE UA 388 47.86 15.64 -46.25
CA PHE UA 388 48.26 15.46 -47.62
C PHE UA 388 49.35 16.47 -47.92
N PRO UA 389 50.60 16.05 -48.09
CA PRO UA 389 51.68 17.02 -48.23
C PRO UA 389 51.70 17.62 -49.62
N SER UA 390 52.38 18.77 -49.71
CA SER UA 390 52.48 19.50 -50.96
C SER UA 390 53.72 19.00 -51.70
N PRO UA 391 53.57 18.30 -52.82
CA PRO UA 391 54.72 17.75 -53.55
C PRO UA 391 55.50 18.80 -54.31
N TRP VA 365 50.37 35.01 -41.97
CA TRP VA 365 49.11 35.72 -42.09
C TRP VA 365 47.99 34.69 -42.09
N LEU VA 366 46.86 35.06 -41.46
CA LEU VA 366 45.73 34.15 -41.22
C LEU VA 366 46.18 32.91 -40.45
N LYS VA 367 46.51 33.18 -39.17
CA LYS VA 367 47.35 32.33 -38.31
C LYS VA 367 46.94 30.86 -38.33
N GLY VA 368 45.73 30.56 -37.92
CA GLY VA 368 45.27 29.20 -37.94
C GLY VA 368 43.97 29.08 -38.69
N ARG VA 369 43.79 29.93 -39.69
CA ARG VA 369 42.53 30.02 -40.41
C ARG VA 369 42.64 29.29 -41.74
N SER VA 370 41.54 28.69 -42.16
CA SER VA 370 41.45 28.02 -43.45
C SER VA 370 40.73 28.91 -44.44
N PHE VA 371 41.39 29.26 -45.54
CA PHE VA 371 40.86 30.19 -46.51
C PHE VA 371 40.71 29.52 -47.87
N GLN VA 372 40.12 30.26 -48.81
CA GLN VA 372 39.77 29.75 -50.13
C GLN VA 372 40.21 30.79 -51.15
N TYR VA 373 41.41 30.60 -51.71
CA TYR VA 373 42.08 31.65 -52.46
C TYR VA 373 41.57 31.74 -53.89
N GLY VA 374 41.65 32.94 -54.44
CA GLY VA 374 41.54 33.15 -55.87
C GLY VA 374 40.19 33.63 -56.35
N ALA VA 375 40.07 34.94 -56.51
CA ALA VA 375 39.03 35.64 -57.28
C ALA VA 375 37.62 35.55 -56.69
N GLU VA 376 37.42 34.68 -55.71
CA GLU VA 376 36.21 34.61 -54.90
C GLU VA 376 36.65 34.02 -53.56
N GLY VA 377 36.99 34.88 -52.61
CA GLY VA 377 37.69 34.47 -51.42
C GLY VA 377 36.84 34.61 -50.18
N TYR VA 378 37.07 33.73 -49.22
CA TYR VA 378 36.48 33.89 -47.90
C TYR VA 378 37.39 33.26 -46.88
N ILE VA 379 37.43 33.86 -45.70
CA ILE VA 379 38.21 33.31 -44.59
C ILE VA 379 37.24 32.78 -43.55
N LYS VA 380 37.49 31.58 -43.07
CA LYS VA 380 36.64 30.97 -42.07
C LYS VA 380 37.22 31.22 -40.70
N MET VA 381 36.56 32.07 -39.92
CA MET VA 381 37.10 32.32 -38.58
C MET VA 381 36.66 31.27 -37.59
N SER VA 382 35.63 30.53 -37.92
CA SER VA 382 35.08 29.47 -37.08
C SER VA 382 34.49 28.46 -38.05
N PRO VA 383 34.04 27.31 -37.57
CA PRO VA 383 33.22 26.45 -38.45
C PRO VA 383 31.94 27.10 -38.92
N GLY VA 384 31.39 28.07 -38.19
CA GLY VA 384 30.18 28.70 -38.66
C GLY VA 384 30.31 30.21 -38.79
N HIS VA 385 31.45 30.68 -39.26
CA HIS VA 385 31.68 32.12 -39.37
C HIS VA 385 32.50 32.38 -40.63
N TRP VA 386 31.93 33.15 -41.55
CA TRP VA 386 32.55 33.52 -42.82
C TRP VA 386 32.87 35.00 -42.85
N TYR VA 387 34.07 35.31 -43.32
CA TYR VA 387 34.52 36.68 -43.50
C TYR VA 387 34.82 36.86 -44.98
N PHE VA 388 34.37 37.97 -45.56
CA PHE VA 388 34.52 38.22 -46.98
C PHE VA 388 35.32 39.51 -47.19
N PRO VA 389 36.63 39.48 -46.94
CA PRO VA 389 37.46 40.64 -47.26
C PRO VA 389 37.92 40.56 -48.69
N SER VA 390 38.88 41.40 -49.04
CA SER VA 390 39.64 41.42 -50.29
C SER VA 390 40.04 40.02 -50.74
N PRO VA 391 40.03 39.72 -52.06
CA PRO VA 391 40.15 38.32 -52.49
C PRO VA 391 41.51 37.74 -52.19
N LEU VA 392 41.52 36.82 -51.23
CA LEU VA 392 42.75 36.22 -50.75
C LEU VA 392 43.29 35.19 -51.74
N TRP WA 365 44.01 45.16 -41.38
CA TRP WA 365 45.07 44.31 -41.94
C TRP WA 365 45.21 44.53 -43.44
N LEU WA 366 44.14 44.94 -44.10
CA LEU WA 366 44.19 45.44 -45.47
C LEU WA 366 44.75 46.85 -45.45
N LYS WA 367 46.01 47.01 -45.85
CA LYS WA 367 46.71 48.28 -45.69
C LYS WA 367 46.18 49.26 -46.74
N GLY WA 368 45.03 49.85 -46.44
CA GLY WA 368 44.48 50.93 -47.24
C GLY WA 368 43.38 50.57 -48.22
N ARG WA 369 43.47 49.43 -48.89
CA ARG WA 369 42.51 49.11 -49.93
C ARG WA 369 41.30 48.41 -49.33
N SER WA 370 40.16 48.53 -50.00
CA SER WA 370 38.93 47.93 -49.50
C SER WA 370 38.02 47.59 -50.68
N PHE WA 371 37.25 46.52 -50.52
CA PHE WA 371 36.39 46.02 -51.58
C PHE WA 371 34.99 45.78 -51.06
N GLN WA 372 34.04 45.72 -51.99
CA GLN WA 372 32.69 45.27 -51.70
C GLN WA 372 32.33 44.15 -52.68
N TYR WA 373 31.46 43.26 -52.23
CA TYR WA 373 31.26 41.96 -52.86
C TYR WA 373 29.79 41.75 -53.14
N GLY WA 374 29.42 41.68 -54.42
CA GLY WA 374 28.08 41.24 -54.73
C GLY WA 374 27.92 40.73 -56.15
N ALA WA 375 27.42 39.48 -56.26
CA ALA WA 375 26.82 38.90 -57.46
C ALA WA 375 27.75 38.68 -58.64
N GLU WA 376 28.99 39.19 -58.57
CA GLU WA 376 29.93 38.96 -59.65
C GLU WA 376 31.35 38.69 -59.20
N GLY WA 377 31.71 38.93 -57.93
CA GLY WA 377 33.10 38.90 -57.55
C GLY WA 377 33.34 40.12 -56.71
N TYR WA 378 34.58 40.61 -56.67
CA TYR WA 378 34.88 41.79 -55.89
C TYR WA 378 34.98 43.00 -56.81
N ILE WA 379 34.45 44.13 -56.33
CA ILE WA 379 34.48 45.40 -57.03
C ILE WA 379 35.26 46.39 -56.18
N LYS WA 380 36.24 47.04 -56.79
CA LYS WA 380 37.09 47.97 -56.06
C LYS WA 380 36.32 49.25 -55.75
N MET WA 381 36.23 49.57 -54.48
CA MET WA 381 35.48 50.75 -54.06
C MET WA 381 36.29 52.02 -54.25
N SER WA 382 35.58 53.13 -54.20
CA SER WA 382 36.21 54.43 -54.32
C SER WA 382 37.00 54.74 -53.05
N PRO WA 383 38.04 55.57 -53.14
CA PRO WA 383 38.76 56.00 -51.93
C PRO WA 383 37.91 56.91 -51.06
N GLY WA 384 37.74 56.53 -49.79
CA GLY WA 384 36.98 57.32 -48.85
C GLY WA 384 37.72 57.43 -47.52
N HIS WA 385 37.10 58.18 -46.60
CA HIS WA 385 37.68 58.42 -45.29
C HIS WA 385 37.33 57.36 -44.26
N TRP WA 386 36.17 56.74 -44.40
CA TRP WA 386 35.75 55.70 -43.47
C TRP WA 386 36.39 54.38 -43.82
N TYR WA 387 36.83 53.66 -42.79
CA TYR WA 387 37.47 52.37 -42.96
C TYR WA 387 36.76 51.30 -42.14
N PHE WA 388 36.83 50.08 -42.65
CA PHE WA 388 36.28 48.91 -41.98
C PHE WA 388 37.33 48.37 -41.02
N PRO WA 389 37.09 48.34 -39.71
CA PRO WA 389 38.09 47.77 -38.80
C PRO WA 389 38.19 46.26 -39.00
N SER WA 390 39.36 45.72 -38.70
CA SER WA 390 39.66 44.35 -39.08
C SER WA 390 39.41 43.44 -37.90
N PRO WA 391 38.53 42.45 -38.01
CA PRO WA 391 38.52 41.39 -37.00
C PRO WA 391 39.48 40.26 -37.36
N LEU WA 392 40.44 39.98 -36.48
CA LEU WA 392 41.34 38.85 -36.66
C LEU WA 392 41.38 38.04 -35.38
N TRP XA 365 29.15 56.69 -33.98
CA TRP XA 365 28.09 55.77 -33.56
C TRP XA 365 28.32 54.38 -34.13
N LEU XA 366 28.77 54.31 -35.38
CA LEU XA 366 28.87 53.07 -36.12
C LEU XA 366 30.27 52.47 -35.98
N LYS XA 367 30.63 52.11 -34.75
CA LYS XA 367 31.91 51.47 -34.54
C LYS XA 367 31.81 49.96 -34.74
N GLY XA 368 30.95 49.29 -33.96
CA GLY XA 368 30.73 47.87 -34.08
C GLY XA 368 29.38 47.47 -34.62
N ARG XA 369 28.60 48.40 -35.14
CA ARG XA 369 27.25 48.18 -35.63
C ARG XA 369 27.24 47.78 -37.10
N SER XA 370 26.15 47.13 -37.49
CA SER XA 370 25.88 46.79 -38.87
C SER XA 370 24.74 47.65 -39.38
N PHE XA 371 24.95 48.26 -40.54
CA PHE XA 371 24.04 49.26 -41.06
C PHE XA 371 23.90 49.14 -42.56
N GLN XA 372 22.90 49.84 -43.11
CA GLN XA 372 22.65 49.85 -44.54
C GLN XA 372 22.72 51.30 -45.00
N TYR XA 373 23.56 51.56 -46.00
CA TYR XA 373 23.73 52.89 -46.57
C TYR XA 373 23.08 52.97 -47.94
N GLY XA 374 22.97 54.18 -48.44
CA GLY XA 374 22.36 54.42 -49.73
C GLY XA 374 21.17 55.34 -49.61
N ALA XA 375 20.06 54.98 -50.25
CA ALA XA 375 18.85 55.79 -50.17
C ALA XA 375 18.13 55.52 -48.86
N GLU XA 376 17.72 54.28 -48.64
CA GLU XA 376 17.02 53.90 -47.42
C GLU XA 376 18.08 53.42 -46.44
N GLY XA 377 18.65 54.35 -45.68
CA GLY XA 377 19.72 54.03 -44.74
C GLY XA 377 19.15 53.80 -43.35
N TYR XA 378 19.74 52.86 -42.63
CA TYR XA 378 19.41 52.66 -41.22
C TYR XA 378 20.58 52.02 -40.51
N ILE XA 379 20.60 52.13 -39.19
CA ILE XA 379 21.69 51.57 -38.39
C ILE XA 379 21.09 50.61 -37.36
N LYS XA 380 21.55 49.37 -37.37
CA LYS XA 380 21.01 48.37 -36.45
C LYS XA 380 21.83 48.42 -35.17
N MET XA 381 21.24 49.00 -34.13
CA MET XA 381 21.99 49.16 -32.88
C MET XA 381 22.06 47.90 -32.04
N SER XA 382 21.34 46.86 -32.41
CA SER XA 382 21.28 45.58 -31.72
C SER XA 382 20.60 44.69 -32.75
N PRO XA 383 20.59 43.37 -32.58
CA PRO XA 383 19.80 42.55 -33.51
C PRO XA 383 18.31 42.88 -33.54
N GLY XA 384 17.77 43.44 -32.46
CA GLY XA 384 16.37 43.82 -32.48
C GLY XA 384 16.10 45.31 -32.29
N HIS XA 385 16.89 46.17 -32.94
CA HIS XA 385 16.79 47.60 -32.71
C HIS XA 385 17.22 48.32 -33.97
N TRP XA 386 16.38 49.21 -34.47
CA TRP XA 386 16.63 49.96 -35.67
C TRP XA 386 16.75 51.44 -35.33
N TYR XA 387 17.62 52.14 -36.05
CA TYR XA 387 17.74 53.59 -35.92
C TYR XA 387 17.59 54.17 -37.31
N PHE XA 388 16.50 54.89 -37.55
CA PHE XA 388 16.29 55.54 -38.84
C PHE XA 388 16.72 56.99 -38.71
N PRO XA 389 17.84 57.39 -39.26
CA PRO XA 389 18.33 58.74 -39.02
C PRO XA 389 17.56 59.74 -39.87
N SER XA 390 17.37 60.92 -39.31
CA SER XA 390 16.63 61.95 -40.01
C SER XA 390 17.49 62.55 -41.11
N PRO XA 391 17.10 62.44 -42.39
CA PRO XA 391 17.89 63.01 -43.48
C PRO XA 391 17.76 64.52 -43.58
N TRP YA 365 13.98 68.98 -24.33
CA TRP YA 365 12.65 68.94 -23.76
C TRP YA 365 11.99 67.61 -24.07
N LEU YA 366 11.30 67.04 -23.08
CA LEU YA 366 10.72 65.69 -23.15
C LEU YA 366 11.79 64.66 -23.53
N LYS YA 367 12.71 64.48 -22.58
CA LYS YA 367 14.02 63.88 -22.84
C LYS YA 367 13.93 62.43 -23.36
N GLY YA 368 13.41 61.53 -22.55
CA GLY YA 368 13.25 60.14 -22.92
C GLY YA 368 11.81 59.76 -23.15
N ARG YA 369 11.05 60.71 -23.68
CA ARG YA 369 9.62 60.56 -23.85
C ARG YA 369 9.33 60.49 -25.33
N SER YA 370 8.34 59.69 -25.72
CA SER YA 370 7.89 59.68 -27.10
C SER YA 370 6.59 60.46 -27.20
N PHE YA 371 6.51 61.32 -28.21
CA PHE YA 371 5.38 62.21 -28.38
C PHE YA 371 4.94 62.21 -29.84
N GLN YA 372 3.75 62.76 -30.07
CA GLN YA 372 3.15 62.79 -31.41
C GLN YA 372 2.80 64.23 -31.74
N TYR YA 373 3.72 64.92 -32.40
CA TYR YA 373 3.65 66.36 -32.53
C TYR YA 373 2.67 66.77 -33.63
N GLY YA 374 2.16 67.99 -33.49
CA GLY YA 374 1.46 68.68 -34.56
C GLY YA 374 -0.04 68.63 -34.45
N ALA YA 375 -0.59 69.68 -33.84
CA ALA YA 375 -2.01 70.10 -33.83
C ALA YA 375 -2.95 69.18 -33.06
N GLU YA 376 -2.50 67.97 -32.72
CA GLU YA 376 -3.21 67.04 -31.84
C GLU YA 376 -2.11 66.21 -31.20
N GLY YA 377 -1.64 66.65 -30.04
CA GLY YA 377 -0.41 66.15 -29.46
C GLY YA 377 -0.68 65.36 -28.19
N TYR YA 378 0.17 64.37 -27.93
CA TYR YA 378 0.12 63.68 -26.67
C TYR YA 378 1.50 63.14 -26.36
N ILE YA 379 1.90 63.25 -25.11
CA ILE YA 379 3.18 62.73 -24.66
C ILE YA 379 2.94 61.41 -23.93
N LYS YA 380 3.81 60.44 -24.16
CA LYS YA 380 3.70 59.11 -23.57
C LYS YA 380 4.72 59.01 -22.45
N MET YA 381 4.27 59.15 -21.21
CA MET YA 381 5.16 59.02 -20.06
C MET YA 381 5.59 57.59 -19.82
N SER YA 382 4.86 56.63 -20.37
CA SER YA 382 5.08 55.21 -20.12
C SER YA 382 4.35 54.46 -21.22
N PRO YA 383 4.66 53.18 -21.43
CA PRO YA 383 3.86 52.39 -22.38
C PRO YA 383 2.37 52.30 -22.07
N GLY YA 384 1.95 52.57 -20.84
CA GLY YA 384 0.53 52.61 -20.55
C GLY YA 384 0.08 53.92 -19.96
N HIS YA 385 0.59 55.03 -20.48
CA HIS YA 385 0.28 56.33 -19.91
C HIS YA 385 0.27 57.38 -21.02
N TRP YA 386 -0.79 58.16 -21.04
CA TRP YA 386 -0.95 59.24 -22.01
C TRP YA 386 -1.06 60.55 -21.27
N TYR YA 387 -0.63 61.63 -21.90
CA TYR YA 387 -0.66 62.95 -21.31
C TYR YA 387 -1.03 63.92 -22.40
N PHE YA 388 -2.00 64.80 -22.16
CA PHE YA 388 -2.52 65.70 -23.17
C PHE YA 388 -2.32 67.14 -22.72
N PRO YA 389 -1.10 67.66 -22.80
CA PRO YA 389 -0.89 69.09 -22.60
C PRO YA 389 -1.09 69.83 -23.90
N SER YA 390 -0.65 71.10 -23.92
CA SER YA 390 -0.57 71.99 -25.07
C SER YA 390 0.01 71.29 -26.30
N PRO YA 391 -0.44 71.63 -27.52
CA PRO YA 391 -0.05 70.86 -28.71
C PRO YA 391 1.44 70.95 -28.99
N LEU YA 392 2.12 69.82 -28.81
CA LEU YA 392 3.56 69.73 -28.92
C LEU YA 392 4.01 69.68 -30.38
N TRP ZA 365 5.45 73.30 -16.49
CA TRP ZA 365 6.37 73.43 -17.62
C TRP ZA 365 5.78 74.26 -18.74
N LEU ZA 366 4.45 74.28 -18.85
CA LEU ZA 366 3.77 75.25 -19.69
C LEU ZA 366 3.80 76.59 -18.96
N LYS ZA 367 4.56 77.53 -19.51
CA LYS ZA 367 4.87 78.78 -18.80
C LYS ZA 367 3.71 79.76 -18.89
N GLY ZA 368 2.63 79.43 -18.17
CA GLY ZA 368 1.48 80.29 -18.01
C GLY ZA 368 0.23 79.89 -18.76
N ARG ZA 369 0.37 79.45 -20.01
CA ARG ZA 369 -0.78 79.12 -20.83
C ARG ZA 369 -1.30 77.73 -20.49
N SER ZA 370 -2.59 77.51 -20.73
CA SER ZA 370 -3.22 76.26 -20.39
C SER ZA 370 -4.30 75.93 -21.40
N PHE ZA 371 -4.55 74.64 -21.60
CA PHE ZA 371 -5.48 74.15 -22.60
C PHE ZA 371 -6.36 73.04 -22.04
N GLN ZA 372 -7.47 72.83 -22.72
CA GLN ZA 372 -8.33 71.69 -22.47
C GLN ZA 372 -8.67 71.07 -23.82
N TYR ZA 373 -8.79 69.75 -23.83
CA TYR ZA 373 -8.82 68.97 -25.06
C TYR ZA 373 -10.15 68.26 -25.16
N GLY ZA 374 -10.96 68.66 -26.14
CA GLY ZA 374 -12.10 67.83 -26.46
C GLY ZA 374 -12.69 68.03 -27.84
N ALA ZA 375 -12.75 66.93 -28.61
CA ALA ZA 375 -13.61 66.74 -29.78
C ALA ZA 375 -13.30 67.62 -30.99
N GLU ZA 376 -12.41 68.60 -30.86
CA GLU ZA 376 -12.07 69.46 -31.98
C GLU ZA 376 -10.60 69.82 -32.04
N GLY ZA 377 -9.78 69.38 -31.09
CA GLY ZA 377 -8.44 69.88 -30.96
C GLY ZA 377 -8.25 70.50 -29.58
N TYR ZA 378 -7.43 71.53 -29.52
CA TYR ZA 378 -7.19 72.19 -28.25
C TYR ZA 378 -7.90 73.54 -28.30
N ILE ZA 379 -8.32 74.00 -27.13
CA ILE ZA 379 -8.99 75.27 -26.97
C ILE ZA 379 -8.18 76.13 -26.00
N LYS ZA 380 -7.86 77.35 -26.41
CA LYS ZA 380 -7.12 78.24 -25.52
C LYS ZA 380 -8.04 78.69 -24.41
N MET ZA 381 -7.73 78.29 -23.17
CA MET ZA 381 -8.59 78.61 -22.05
C MET ZA 381 -8.40 80.06 -21.62
N SER ZA 382 -9.34 80.54 -20.80
CA SER ZA 382 -9.26 81.87 -20.26
C SER ZA 382 -8.16 81.95 -19.19
N PRO ZA 383 -7.55 83.13 -19.03
CA PRO ZA 383 -6.58 83.31 -17.93
C PRO ZA 383 -7.28 83.31 -16.58
N GLY ZA 384 -6.78 82.48 -15.67
CA GLY ZA 384 -7.37 82.32 -14.37
C GLY ZA 384 -6.29 82.15 -13.31
N HIS ZA 385 -6.74 81.96 -12.07
CA HIS ZA 385 -5.81 81.86 -10.95
C HIS ZA 385 -5.35 80.44 -10.69
N TRP ZA 386 -6.22 79.46 -10.92
CA TRP ZA 386 -5.86 78.05 -10.75
C TRP ZA 386 -5.02 77.54 -11.91
N TYR ZA 387 -3.94 76.85 -11.57
CA TYR ZA 387 -3.02 76.25 -12.54
C TYR ZA 387 -2.97 74.74 -12.33
N PHE ZA 388 -2.81 74.01 -13.43
CA PHE ZA 388 -2.68 72.56 -13.37
C PHE ZA 388 -1.23 72.19 -13.12
N PRO ZA 389 -0.92 71.46 -12.03
CA PRO ZA 389 0.47 71.04 -11.80
C PRO ZA 389 0.94 70.01 -12.82
N SER ZA 390 2.21 70.13 -13.20
CA SER ZA 390 2.76 69.47 -14.37
C SER ZA 390 3.48 68.20 -13.96
N PRO ZA 391 3.03 67.01 -14.36
CA PRO ZA 391 3.85 65.80 -14.21
C PRO ZA 391 4.87 65.72 -15.34
N LEU ZA 392 6.13 65.93 -15.01
CA LEU ZA 392 7.21 65.90 -16.00
C LEU ZA 392 8.55 65.60 -15.37
N TRP AB 365 -7.63 71.49 -1.34
CA TRP AB 365 -8.00 70.09 -1.30
C TRP AB 365 -7.49 69.37 -2.55
N LEU AB 366 -7.60 70.06 -3.67
CA LEU AB 366 -7.36 69.51 -5.01
C LEU AB 366 -5.90 69.68 -5.46
N LYS AB 367 -4.97 69.17 -4.66
CA LYS AB 367 -3.58 69.21 -5.13
C LYS AB 367 -3.27 68.07 -6.09
N GLY AB 368 -3.55 66.85 -5.67
CA GLY AB 368 -3.37 65.68 -6.52
C GLY AB 368 -4.63 64.95 -6.93
N ARG AB 369 -5.80 65.48 -6.62
CA ARG AB 369 -7.04 64.79 -6.91
C ARG AB 369 -7.60 65.15 -8.27
N SER AB 370 -8.43 64.26 -8.78
CA SER AB 370 -9.19 64.43 -10.00
C SER AB 370 -10.64 64.76 -9.68
N PHE AB 371 -11.20 65.68 -10.45
CA PHE AB 371 -12.53 66.17 -10.12
C PHE AB 371 -13.23 66.66 -11.38
N GLN AB 372 -14.55 66.78 -11.29
CA GLN AB 372 -15.36 67.30 -12.38
C GLN AB 372 -15.93 68.62 -11.92
N TYR AB 373 -15.72 69.66 -12.70
CA TYR AB 373 -16.23 70.98 -12.40
C TYR AB 373 -17.35 71.34 -13.36
N GLY AB 374 -18.08 72.39 -13.02
CA GLY AB 374 -19.18 72.84 -13.85
C GLY AB 374 -20.48 72.84 -13.09
N ALA AB 375 -21.54 72.32 -13.70
CA ALA AB 375 -22.82 72.29 -13.01
C ALA AB 375 -22.87 71.19 -11.97
N GLU AB 376 -22.59 69.95 -12.40
CA GLU AB 376 -22.62 68.80 -11.51
C GLU AB 376 -21.17 68.45 -11.14
N GLY AB 377 -20.68 69.09 -10.09
CA GLY AB 377 -19.28 68.99 -9.71
C GLY AB 377 -19.09 68.01 -8.57
N TYR AB 378 -18.01 67.23 -8.66
CA TYR AB 378 -17.64 66.38 -7.54
C TYR AB 378 -16.14 66.20 -7.54
N ILE AB 379 -15.61 65.69 -6.44
CA ILE AB 379 -14.17 65.47 -6.30
C ILE AB 379 -13.92 64.03 -5.92
N LYS AB 380 -13.06 63.34 -6.69
CA LYS AB 380 -12.72 61.95 -6.41
C LYS AB 380 -11.52 61.94 -5.51
N MET AB 381 -11.74 61.72 -4.22
CA MET AB 381 -10.66 61.70 -3.24
C MET AB 381 -9.84 60.42 -3.28
N SER AB 382 -10.31 59.44 -4.03
CA SER AB 382 -9.70 58.13 -4.19
C SER AB 382 -10.34 57.50 -5.40
N PRO AB 383 -9.80 56.39 -5.92
CA PRO AB 383 -10.53 55.70 -6.99
C PRO AB 383 -11.90 55.19 -6.57
N GLY AB 384 -12.17 55.05 -5.28
CA GLY AB 384 -13.49 54.65 -4.82
C GLY AB 384 -14.14 55.60 -3.84
N HIS AB 385 -14.02 56.92 -4.05
CA HIS AB 385 -14.49 57.88 -3.04
C HIS AB 385 -14.88 59.16 -3.74
N TRP AB 386 -16.16 59.50 -3.66
CA TRP AB 386 -16.73 60.69 -4.24
C TRP AB 386 -17.03 61.70 -3.14
N TYR AB 387 -16.87 62.98 -3.47
CA TYR AB 387 -17.18 64.06 -2.53
C TYR AB 387 -18.05 65.06 -3.25
N PHE AB 388 -19.29 65.21 -2.80
CA PHE AB 388 -20.23 66.13 -3.42
C PHE AB 388 -20.32 67.38 -2.57
N PRO AB 389 -19.70 68.48 -2.97
CA PRO AB 389 -19.72 69.68 -2.13
C PRO AB 389 -21.06 70.39 -2.25
N SER AB 390 -21.39 71.10 -1.21
CA SER AB 390 -22.68 71.78 -1.18
C SER AB 390 -22.59 73.08 -1.97
N PRO AB 391 -23.62 73.42 -2.76
CA PRO AB 391 -23.63 74.65 -3.55
C PRO AB 391 -23.80 75.90 -2.69
N TRP BB 365 -20.92 69.62 16.37
CA TRP BB 365 -21.64 68.56 17.05
C TRP BB 365 -21.78 67.36 16.11
N LEU BB 366 -21.77 66.15 16.70
CA LEU BB 366 -21.84 64.88 15.99
C LEU BB 366 -20.69 64.74 14.98
N LYS BB 367 -19.49 64.60 15.55
CA LYS BB 367 -18.21 64.84 14.87
C LYS BB 367 -18.05 64.06 13.56
N GLY BB 368 -18.04 62.73 13.62
CA GLY BB 368 -17.89 61.94 12.42
C GLY BB 368 -19.07 61.03 12.16
N ARG BB 369 -20.24 61.40 12.66
CA ARG BB 369 -21.40 60.54 12.57
C ARG BB 369 -22.32 61.05 11.47
N SER BB 370 -22.84 60.14 10.68
CA SER BB 370 -23.87 60.44 9.70
C SER BB 370 -25.24 60.36 10.33
N PHE BB 371 -26.08 61.36 10.07
CA PHE BB 371 -27.40 61.46 10.65
C PHE BB 371 -28.41 61.81 9.57
N GLN BB 372 -29.68 61.61 9.88
CA GLN BB 372 -30.78 61.83 8.94
C GLN BB 372 -31.70 62.87 9.56
N TYR BB 373 -31.44 64.14 9.28
CA TYR BB 373 -32.07 65.21 10.02
C TYR BB 373 -33.49 65.45 9.56
N GLY BB 374 -34.29 65.99 10.48
CA GLY BB 374 -35.60 66.55 10.18
C GLY BB 374 -36.77 65.67 10.52
N ALA BB 375 -37.33 65.90 11.72
CA ALA BB 375 -38.65 65.50 12.20
C ALA BB 375 -38.81 64.00 12.42
N GLU BB 376 -37.89 63.19 11.89
CA GLU BB 376 -37.75 61.76 12.13
C GLU BB 376 -36.26 61.48 11.96
N GLY BB 377 -35.52 61.55 13.06
CA GLY BB 377 -34.07 61.59 12.99
C GLY BB 377 -33.43 60.42 13.71
N TYR BB 378 -32.23 60.07 13.26
CA TYR BB 378 -31.45 59.08 13.96
C TYR BB 378 -29.97 59.39 13.75
N ILE BB 379 -29.15 58.88 14.64
CA ILE BB 379 -27.70 59.00 14.57
C ILE BB 379 -27.13 57.61 14.38
N LYS BB 380 -26.28 57.46 13.38
CA LYS BB 380 -25.68 56.17 13.09
C LYS BB 380 -24.41 56.06 13.91
N MET BB 381 -24.48 55.35 15.04
CA MET BB 381 -23.32 55.15 15.89
C MET BB 381 -22.30 54.22 15.25
N SER BB 382 -22.72 53.44 14.27
CA SER BB 382 -21.90 52.42 13.63
C SER BB 382 -22.60 52.08 12.33
N PRO BB 383 -21.98 51.27 11.46
CA PRO BB 383 -22.73 50.75 10.32
C PRO BB 383 -23.95 49.91 10.69
N GLY BB 384 -24.02 49.36 11.89
CA GLY BB 384 -25.19 48.60 12.28
C GLY BB 384 -25.78 49.02 13.60
N HIS BB 385 -25.79 50.32 13.89
CA HIS BB 385 -26.26 50.84 15.16
C HIS BB 385 -27.00 52.14 14.92
N TRP BB 386 -28.28 52.14 15.29
CA TRP BB 386 -29.16 53.29 15.19
C TRP BB 386 -29.43 53.85 16.57
N TYR BB 387 -29.33 55.16 16.71
CA TYR BB 387 -29.63 55.87 17.95
C TYR BB 387 -30.75 56.85 17.66
N PHE BB 388 -31.75 56.92 18.54
CA PHE BB 388 -32.94 57.73 18.29
C PHE BB 388 -33.13 58.79 19.38
N PRO BB 389 -32.34 59.85 19.36
CA PRO BB 389 -32.59 60.99 20.25
C PRO BB 389 -33.59 61.94 19.62
N SER BB 390 -33.70 63.14 20.18
CA SER BB 390 -34.42 64.30 19.67
C SER BB 390 -34.20 64.52 18.17
N PRO BB 391 -35.20 65.03 17.42
CA PRO BB 391 -35.08 65.05 15.96
C PRO BB 391 -34.03 66.03 15.50
N LEU BB 392 -32.90 65.48 15.05
CA LEU BB 392 -31.77 66.30 14.66
C LEU BB 392 -31.97 66.89 13.29
N TRP CB 365 -25.96 64.92 26.61
CA TRP CB 365 -25.69 65.93 25.60
C TRP CB 365 -26.95 66.73 25.25
N LEU CB 366 -28.12 66.13 25.43
CA LEU CB 366 -29.39 66.87 25.38
C LEU CB 366 -29.53 67.64 26.69
N LYS CB 367 -29.49 68.97 26.61
CA LYS CB 367 -29.34 69.79 27.81
C LYS CB 367 -30.69 70.02 28.50
N GLY CB 368 -31.25 68.94 29.02
CA GLY CB 368 -32.45 69.06 29.83
C GLY CB 368 -33.69 68.40 29.29
N ARG CB 369 -33.88 68.49 27.98
CA ARG CB 369 -35.08 68.01 27.32
C ARG CB 369 -35.01 66.50 27.09
N SER CB 370 -36.16 65.91 26.82
CA SER CB 370 -36.24 64.46 26.62
C SER CB 370 -37.43 64.15 25.74
N PHE CB 371 -37.27 63.15 24.87
CA PHE CB 371 -38.27 62.79 23.88
C PHE CB 371 -38.45 61.29 23.85
N GLN CB 372 -39.66 60.86 23.51
CA GLN CB 372 -39.95 59.47 23.22
C GLN CB 372 -40.55 59.37 21.84
N TYR CB 373 -40.29 58.24 21.19
CA TYR CB 373 -40.48 58.11 19.75
C TYR CB 373 -41.38 56.93 19.46
N GLY CB 374 -42.58 57.19 18.95
CA GLY CB 374 -43.33 56.08 18.41
C GLY CB 374 -44.43 56.38 17.42
N ALA CB 375 -44.29 55.79 16.24
CA ALA CB 375 -45.36 55.52 15.26
C ALA CB 375 -45.92 56.76 14.57
N GLU CB 376 -45.59 57.95 15.04
CA GLU CB 376 -46.02 59.20 14.41
C GLU CB 376 -44.93 60.24 14.34
N GLY CB 377 -43.80 60.05 15.03
CA GLY CB 377 -42.81 61.09 15.21
C GLY CB 377 -42.36 61.17 16.65
N TYR CB 378 -41.96 62.34 17.12
CA TYR CB 378 -41.52 62.50 18.50
C TYR CB 378 -42.56 63.19 19.36
N ILE CB 379 -42.56 62.83 20.63
CA ILE CB 379 -43.43 63.42 21.64
C ILE CB 379 -42.55 63.95 22.77
N LYS CB 380 -42.71 65.21 23.11
CA LYS CB 380 -41.90 65.83 24.16
C LYS CB 380 -42.37 65.35 25.51
N MET CB 381 -41.49 64.66 26.24
CA MET CB 381 -41.88 64.08 27.52
C MET CB 381 -41.92 65.15 28.59
N SER CB 382 -42.61 64.86 29.68
CA SER CB 382 -42.65 65.76 30.82
C SER CB 382 -41.30 65.75 31.53
N PRO CB 383 -40.89 66.87 32.12
CA PRO CB 383 -39.62 66.92 32.84
C PRO CB 383 -39.69 66.09 34.11
N GLY CB 384 -38.76 65.15 34.24
CA GLY CB 384 -38.68 64.31 35.43
C GLY CB 384 -37.25 64.28 35.95
N HIS CB 385 -37.09 63.53 37.04
CA HIS CB 385 -35.79 63.46 37.70
C HIS CB 385 -34.86 62.45 37.03
N TRP CB 386 -35.39 61.35 36.51
CA TRP CB 386 -34.57 60.35 35.88
C TRP CB 386 -34.11 60.82 34.51
N TYR CB 387 -32.83 60.68 34.21
CA TYR CB 387 -32.27 61.09 32.92
C TYR CB 387 -31.63 59.90 32.22
N PHE CB 388 -31.63 59.95 30.89
CA PHE CB 388 -30.99 58.91 30.11
C PHE CB 388 -29.51 59.22 29.92
N PRO CB 389 -28.59 58.30 30.26
CA PRO CB 389 -27.17 58.58 30.07
C PRO CB 389 -26.78 58.52 28.60
N SER CB 390 -25.94 59.46 28.17
CA SER CB 390 -25.71 59.67 26.74
C SER CB 390 -24.55 58.81 26.26
N PRO CB 391 -24.76 57.84 25.37
CA PRO CB 391 -23.61 57.19 24.71
C PRO CB 391 -23.19 57.93 23.46
N LEU CB 392 -21.99 58.50 23.44
CA LEU CB 392 -21.50 59.12 22.21
C LEU CB 392 -20.06 58.71 21.92
N TRP DB 365 -30.59 50.45 40.15
CA TRP DB 365 -30.39 49.14 39.55
C TRP DB 365 -30.40 49.19 38.04
N LEU DB 366 -30.78 50.31 37.44
CA LEU DB 366 -30.85 50.45 35.99
C LEU DB 366 -29.84 51.50 35.52
N LYS DB 367 -28.63 51.00 35.22
CA LYS DB 367 -27.54 51.82 34.70
C LYS DB 367 -27.18 51.43 33.28
N GLY DB 368 -26.83 50.18 33.04
CA GLY DB 368 -26.56 49.70 31.71
C GLY DB 368 -27.64 48.73 31.27
N ARG DB 369 -28.78 48.75 31.95
CA ARG DB 369 -29.86 47.81 31.72
C ARG DB 369 -30.95 48.43 30.86
N SER DB 370 -31.60 47.57 30.07
CA SER DB 370 -32.79 47.92 29.30
C SER DB 370 -34.02 47.42 30.06
N PHE DB 371 -35.09 48.20 30.03
CA PHE DB 371 -36.24 47.86 30.85
C PHE DB 371 -37.52 48.41 30.24
N GLN DB 372 -38.64 47.86 30.69
CA GLN DB 372 -39.96 48.32 30.29
C GLN DB 372 -40.64 48.91 31.51
N TYR DB 373 -41.21 50.11 31.36
CA TYR DB 373 -41.85 50.80 32.47
C TYR DB 373 -43.33 50.98 32.18
N GLY DB 374 -44.11 51.10 33.24
CA GLY DB 374 -45.55 51.26 33.12
C GLY DB 374 -46.28 50.32 34.04
N ALA DB 375 -47.27 49.59 33.52
CA ALA DB 375 -47.98 48.64 34.37
C ALA DB 375 -47.19 47.33 34.48
N GLU DB 376 -46.85 46.75 33.34
CA GLU DB 376 -46.07 45.51 33.31
C GLU DB 376 -44.60 45.89 33.17
N GLY DB 377 -44.00 46.26 34.29
CA GLY DB 377 -42.63 46.73 34.30
C GLY DB 377 -41.67 45.59 34.59
N TYR DB 378 -40.57 45.56 33.87
CA TYR DB 378 -39.54 44.59 34.19
C TYR DB 378 -38.19 45.12 33.76
N ILE DB 379 -37.13 44.56 34.34
CA ILE DB 379 -35.77 44.97 34.05
C ILE DB 379 -35.01 43.79 33.48
N LYS DB 380 -34.43 43.98 32.29
CA LYS DB 380 -33.66 42.96 31.60
C LYS DB 380 -32.23 43.11 32.11
N MET DB 381 -31.83 42.25 33.03
CA MET DB 381 -30.50 42.33 33.62
C MET DB 381 -29.42 41.77 32.71
N SER DB 382 -29.79 41.17 31.63
CA SER DB 382 -28.93 40.52 30.67
C SER DB 382 -29.82 40.33 29.45
N PRO DB 383 -29.27 40.03 28.28
CA PRO DB 383 -30.13 39.65 27.15
C PRO DB 383 -30.99 38.43 27.41
N GLY DB 384 -30.62 37.56 28.34
CA GLY DB 384 -31.43 36.40 28.66
C GLY DB 384 -31.82 36.31 30.11
N HIS DB 385 -32.16 37.42 30.74
CA HIS DB 385 -32.45 37.41 32.18
C HIS DB 385 -33.45 38.54 32.47
N TRP DB 386 -34.65 38.17 32.87
CA TRP DB 386 -35.72 39.09 33.21
C TRP DB 386 -35.87 39.22 34.73
N TYR DB 387 -36.32 40.39 35.18
CA TYR DB 387 -36.58 40.60 36.60
C TYR DB 387 -37.91 41.33 36.74
N PHE DB 388 -38.90 40.65 37.29
CA PHE DB 388 -40.21 41.23 37.54
C PHE DB 388 -40.26 41.67 38.98
N PRO DB 389 -40.26 42.96 39.29
CA PRO DB 389 -40.15 43.38 40.69
C PRO DB 389 -41.51 43.28 41.37
N SER DB 390 -41.53 43.68 42.62
CA SER DB 390 -42.80 43.60 43.36
C SER DB 390 -43.70 44.75 42.94
N PRO DB 391 -45.02 44.51 42.80
CA PRO DB 391 -45.94 45.59 42.44
C PRO DB 391 -46.13 46.62 43.55
N TRP EB 365 -33.09 35.21 55.39
CA TRP EB 365 -33.28 33.81 55.69
C TRP EB 365 -33.49 33.06 54.39
N LEU EB 366 -33.01 31.81 54.35
CA LEU EB 366 -32.94 30.99 53.14
C LEU EB 366 -32.14 31.73 52.06
N LYS EB 367 -30.84 31.84 52.37
CA LYS EB 367 -29.99 32.98 52.02
C LYS EB 367 -29.93 33.29 50.53
N GLY EB 368 -29.97 32.27 49.68
CA GLY EB 368 -29.94 32.54 48.26
C GLY EB 368 -30.78 31.53 47.51
N ARG EB 369 -31.66 30.87 48.24
CA ARG EB 369 -32.38 29.72 47.73
C ARG EB 369 -33.76 30.14 47.27
N SER EB 370 -34.21 29.57 46.16
CA SER EB 370 -35.58 29.76 45.74
C SER EB 370 -36.46 28.73 46.45
N PHE EB 371 -37.65 29.17 46.83
CA PHE EB 371 -38.56 28.33 47.58
C PHE EB 371 -39.98 28.62 47.15
N GLN EB 372 -40.89 27.72 47.53
CA GLN EB 372 -42.30 27.81 47.18
C GLN EB 372 -43.09 27.81 48.48
N TYR EB 373 -43.40 29.00 48.96
CA TYR EB 373 -43.91 29.19 50.32
C TYR EB 373 -45.40 28.90 50.41
N GLY EB 374 -45.83 28.55 51.61
CA GLY EB 374 -47.23 28.54 51.96
C GLY EB 374 -47.89 27.18 51.94
N ALA EB 375 -47.96 26.53 53.11
CA ALA EB 375 -48.79 25.38 53.44
C ALA EB 375 -48.40 24.09 52.71
N GLU EB 376 -47.53 24.18 51.72
CA GLU EB 376 -46.86 23.05 51.10
C GLU EB 376 -45.55 23.62 50.57
N GLY EB 377 -44.50 23.54 51.38
CA GLY EB 377 -43.27 24.27 51.11
C GLY EB 377 -42.13 23.35 50.79
N TYR EB 378 -41.21 23.82 49.95
CA TYR EB 378 -39.99 23.10 49.69
C TYR EB 378 -38.91 24.09 49.32
N ILE EB 379 -37.72 23.86 49.82
CA ILE EB 379 -36.56 24.66 49.49
C ILE EB 379 -35.76 23.93 48.42
N LYS EB 380 -35.21 24.68 47.47
CA LYS EB 380 -34.46 24.11 46.36
C LYS EB 380 -32.98 24.31 46.65
N MET EB 381 -32.33 23.25 47.15
CA MET EB 381 -30.91 23.33 47.47
C MET EB 381 -30.06 23.43 46.21
N SER EB 382 -30.58 22.92 45.11
CA SER EB 382 -29.87 22.87 43.84
C SER EB 382 -30.94 22.81 42.77
N PRO EB 383 -30.56 22.93 41.49
CA PRO EB 383 -31.54 22.64 40.43
C PRO EB 383 -32.09 21.23 40.47
N GLY EB 384 -31.43 20.30 41.17
CA GLY EB 384 -31.94 18.95 41.30
C GLY EB 384 -32.01 18.44 42.73
N HIS EB 385 -32.40 19.28 43.68
CA HIS EB 385 -32.39 18.89 45.09
C HIS EB 385 -33.52 19.60 45.80
N TRP EB 386 -34.36 18.83 46.47
CA TRP EB 386 -35.50 19.34 47.20
C TRP EB 386 -35.34 19.06 48.68
N TYR EB 387 -35.72 20.03 49.50
CA TYR EB 387 -35.72 19.90 50.94
C TYR EB 387 -37.12 20.22 51.42
N PHE EB 388 -37.65 19.41 52.33
CA PHE EB 388 -39.01 19.54 52.82
C PHE EB 388 -38.98 19.79 54.33
N PRO EB 389 -38.66 21.00 54.76
CA PRO EB 389 -38.79 21.34 56.17
C PRO EB 389 -40.20 21.78 56.47
N SER EB 390 -40.42 22.38 57.64
CA SER EB 390 -41.63 23.07 58.06
C SER EB 390 -42.21 23.98 56.99
N PRO EB 391 -43.54 24.11 56.90
CA PRO EB 391 -44.13 24.82 55.76
C PRO EB 391 -43.80 26.30 55.74
N LEU EB 392 -42.99 26.67 54.76
CA LEU EB 392 -42.47 28.02 54.62
C LEU EB 392 -43.53 28.95 54.07
N TRP FB 365 -32.11 25.40 62.33
CA TRP FB 365 -32.72 26.72 62.16
C TRP FB 365 -34.20 26.74 62.50
N LEU FB 366 -34.86 25.59 62.46
CA LEU FB 366 -36.15 25.43 63.11
C LEU FB 366 -35.91 25.37 64.60
N LYS FB 367 -36.17 26.48 65.29
CA LYS FB 367 -35.81 26.61 66.71
C LYS FB 367 -36.81 25.83 67.55
N GLY FB 368 -36.62 24.51 67.59
CA GLY FB 368 -37.41 23.66 68.45
C GLY FB 368 -38.47 22.80 67.79
N ARG FB 369 -39.19 23.36 66.83
CA ARG FB 369 -40.31 22.67 66.19
C ARG FB 369 -39.82 21.76 65.07
N SER FB 370 -40.64 20.76 64.74
CA SER FB 370 -40.31 19.80 63.69
C SER FB 370 -41.57 19.13 63.16
N PHE FB 371 -41.72 19.12 61.84
CA PHE FB 371 -42.87 18.56 61.15
C PHE FB 371 -42.47 17.39 60.26
N GLN FB 372 -43.47 16.61 59.87
CA GLN FB 372 -43.33 15.58 58.86
C GLN FB 372 -44.36 15.80 57.76
N TYR FB 373 -44.04 15.40 56.55
CA TYR FB 373 -44.79 15.78 55.37
C TYR FB 373 -45.32 14.51 54.73
N GLY FB 374 -46.64 14.35 54.73
CA GLY FB 374 -47.22 13.31 53.91
C GLY FB 374 -48.69 13.47 53.59
N ALA FB 375 -48.98 13.51 52.28
CA ALA FB 375 -50.27 13.19 51.68
C ALA FB 375 -51.40 14.16 51.96
N GLU FB 376 -51.22 15.10 52.88
CA GLU FB 376 -52.21 16.14 53.11
C GLU FB 376 -51.63 17.51 53.34
N GLY FB 377 -50.33 17.64 53.60
CA GLY FB 377 -49.77 18.87 54.09
C GLY FB 377 -48.77 18.50 55.16
N TYR FB 378 -48.66 19.32 56.21
CA TYR FB 378 -47.69 19.06 57.26
C TYR FB 378 -48.42 18.70 58.55
N ILE FB 379 -47.83 17.78 59.31
CA ILE FB 379 -48.36 17.35 60.59
C ILE FB 379 -47.31 17.61 61.66
N LYS FB 380 -47.74 18.19 62.78
CA LYS FB 380 -46.82 18.49 63.87
C LYS FB 380 -46.56 17.27 64.74
N MET FB 381 -45.31 16.84 64.78
CA MET FB 381 -44.94 15.66 65.53
C MET FB 381 -44.90 16.00 67.02
N SER FB 382 -44.86 14.94 67.82
CA SER FB 382 -44.77 15.11 69.27
C SER FB 382 -43.39 15.63 69.64
N PRO FB 383 -43.29 16.39 70.75
CA PRO FB 383 -41.98 16.84 71.22
C PRO FB 383 -41.15 15.67 71.71
N GLY FB 384 -39.99 15.48 71.08
CA GLY FB 384 -39.11 14.39 71.44
C GLY FB 384 -37.69 14.93 71.61
N HIS FB 385 -36.81 14.05 72.04
CA HIS FB 385 -35.44 14.42 72.35
C HIS FB 385 -34.54 14.49 71.12
N TRP FB 386 -34.78 13.65 70.13
CA TRP FB 386 -34.00 13.67 68.90
C TRP FB 386 -34.41 14.83 68.01
N TYR FB 387 -33.41 15.46 67.37
CA TYR FB 387 -33.63 16.59 66.49
C TYR FB 387 -32.93 16.32 65.17
N PHE FB 388 -33.51 16.84 64.10
CA PHE FB 388 -32.89 16.69 62.79
C PHE FB 388 -31.81 17.74 62.58
N PRO FB 389 -30.56 17.34 62.30
CA PRO FB 389 -29.51 18.35 62.05
C PRO FB 389 -29.74 19.00 60.70
N SER FB 390 -29.46 20.30 60.62
CA SER FB 390 -29.95 21.09 59.50
C SER FB 390 -28.90 21.27 58.43
N PRO FB 391 -29.13 20.82 57.20
CA PRO FB 391 -28.31 21.31 56.07
C PRO FB 391 -28.92 22.56 55.46
N LEU FB 392 -28.14 23.64 55.43
CA LEU FB 392 -28.60 24.90 54.86
C LEU FB 392 -27.42 25.76 54.43
N TRP GB 365 -25.23 6.51 65.79
CA TRP GB 365 -24.99 5.92 64.48
C TRP GB 365 -25.68 6.72 63.40
N LEU GB 366 -26.85 7.29 63.72
CA LEU GB 366 -27.68 7.97 62.74
C LEU GB 366 -27.40 9.47 62.71
N LYS GB 367 -26.18 9.80 62.30
CA LYS GB 367 -25.85 11.21 62.14
C LYS GB 367 -26.07 11.68 60.71
N GLY GB 368 -25.42 11.03 59.75
CA GLY GB 368 -25.62 11.29 58.33
C GLY GB 368 -26.39 10.22 57.61
N ARG GB 369 -26.89 9.24 58.32
CA ARG GB 369 -27.59 8.12 57.70
C ARG GB 369 -29.08 8.39 57.57
N SER GB 370 -29.70 7.67 56.64
CA SER GB 370 -31.14 7.65 56.45
C SER GB 370 -31.69 6.31 56.93
N PHE GB 371 -32.75 6.38 57.72
CA PHE GB 371 -33.27 5.19 58.35
C PHE GB 371 -34.78 5.23 58.37
N GLN GB 372 -35.39 4.07 58.60
CA GLN GB 372 -36.83 3.98 58.73
C GLN GB 372 -37.09 3.52 60.16
N TYR GB 373 -37.89 4.28 60.89
CA TYR GB 373 -38.26 3.95 62.25
C TYR GB 373 -39.71 3.47 62.31
N GLY GB 374 -40.06 2.88 63.45
CA GLY GB 374 -41.40 2.42 63.68
C GLY GB 374 -41.44 0.95 64.00
N ALA GB 375 -42.19 0.18 63.20
CA ALA GB 375 -42.33 -1.24 63.45
C ALA GB 375 -41.12 -2.01 62.93
N GLU GB 376 -40.86 -1.93 61.63
CA GLU GB 376 -39.73 -2.60 61.00
C GLU GB 376 -38.67 -1.56 60.71
N GLY GB 377 -37.80 -1.33 61.68
CA GLY GB 377 -36.79 -0.29 61.58
C GLY GB 377 -35.52 -0.83 60.93
N TYR GB 378 -34.90 0.00 60.08
CA TYR GB 378 -33.60 -0.34 59.55
C TYR GB 378 -32.82 0.93 59.25
N ILE GB 379 -31.50 0.80 59.20
CA ILE GB 379 -30.61 1.92 58.94
C ILE GB 379 -29.82 1.68 57.67
N LYS GB 380 -30.01 2.54 56.68
CA LYS GB 380 -29.25 2.38 55.44
C LYS GB 380 -27.91 3.05 55.68
N MET GB 381 -26.89 2.25 56.01
CA MET GB 381 -25.57 2.81 56.28
C MET GB 381 -24.88 3.36 55.04
N SER GB 382 -25.37 3.01 53.87
CA SER GB 382 -24.77 3.38 52.60
C SER GB 382 -25.83 3.15 51.54
N PRO GB 383 -25.65 3.70 50.34
CA PRO GB 383 -26.58 3.36 49.26
C PRO GB 383 -26.66 1.88 48.93
N GLY GB 384 -25.64 1.10 49.29
CA GLY GB 384 -25.69 -0.33 49.09
C GLY GB 384 -25.47 -1.12 50.36
N HIS GB 385 -26.02 -0.67 51.49
CA HIS GB 385 -25.77 -1.36 52.76
C HIS GB 385 -26.94 -1.09 53.70
N TRP GB 386 -27.52 -2.17 54.19
CA TRP GB 386 -28.63 -2.14 55.13
C TRP GB 386 -28.18 -2.70 56.47
N TYR GB 387 -28.72 -2.16 57.56
CA TYR GB 387 -28.41 -2.65 58.89
C TYR GB 387 -29.73 -2.91 59.60
N PHE GB 388 -29.98 -4.16 59.97
CA PHE GB 388 -31.20 -4.57 60.64
C PHE GB 388 -30.92 -4.83 62.11
N PRO GB 389 -31.29 -3.93 63.01
CA PRO GB 389 -30.99 -4.15 64.42
C PRO GB 389 -32.05 -5.02 65.08
N SER GB 390 -31.63 -5.70 66.14
CA SER GB 390 -32.52 -6.56 66.90
C SER GB 390 -32.91 -5.89 68.20
N PRO GB 391 -34.15 -5.40 68.35
CA PRO GB 391 -34.59 -4.72 69.57
C PRO GB 391 -35.04 -5.69 70.65
N TRP HB 365 -16.41 -13.57 70.60
CA TRP HB 365 -16.06 -14.84 69.99
C TRP HB 365 -16.54 -14.79 68.54
N LEU HB 366 -15.74 -15.38 67.63
CA LEU HB 366 -15.95 -15.33 66.18
C LEU HB 366 -16.03 -13.87 65.71
N LYS HB 367 -14.89 -13.21 65.83
CA LYS HB 367 -14.80 -11.75 65.98
C LYS HB 367 -15.42 -11.01 64.80
N GLY HB 368 -14.84 -11.19 63.62
CA GLY HB 368 -15.36 -10.51 62.45
C GLY HB 368 -15.93 -11.47 61.43
N ARG HB 369 -16.61 -12.51 61.90
CA ARG HB 369 -17.05 -13.58 61.03
C ARG HB 369 -18.57 -13.69 61.09
N SER HB 370 -19.17 -14.12 60.00
CA SER HB 370 -20.58 -14.46 59.99
C SER HB 370 -20.76 -15.96 60.17
N PHE HB 371 -21.76 -16.35 60.97
CA PHE HB 371 -21.96 -17.76 61.28
C PHE HB 371 -23.44 -18.07 61.29
N GLN HB 372 -23.75 -19.37 61.26
CA GLN HB 372 -25.12 -19.89 61.20
C GLN HB 372 -25.36 -20.76 62.42
N TYR HB 373 -25.80 -20.14 63.50
CA TYR HB 373 -25.83 -20.78 64.81
C TYR HB 373 -26.99 -21.74 64.95
N GLY HB 374 -26.80 -22.72 65.83
CA GLY HB 374 -27.85 -23.59 66.32
C GLY HB 374 -27.88 -24.97 65.70
N ALA HB 375 -27.25 -25.92 66.39
CA ALA HB 375 -27.36 -27.37 66.24
C ALA HB 375 -26.80 -27.95 64.96
N GLU HB 376 -26.50 -27.10 63.98
CA GLU HB 376 -25.74 -27.45 62.77
C GLU HB 376 -25.05 -26.14 62.35
N GLY HB 377 -23.82 -25.95 62.82
CA GLY HB 377 -23.19 -24.66 62.68
C GLY HB 377 -22.00 -24.66 61.76
N TYR HB 378 -21.67 -23.50 61.20
CA TYR HB 378 -20.45 -23.35 60.42
C TYR HB 378 -20.02 -21.90 60.47
N ILE HB 379 -18.72 -21.69 60.51
CA ILE HB 379 -18.14 -20.36 60.44
C ILE HB 379 -17.68 -20.08 59.01
N LYS HB 380 -17.88 -18.87 58.55
CA LYS HB 380 -17.43 -18.45 57.23
C LYS HB 380 -16.14 -17.65 57.36
N MET HB 381 -15.03 -18.30 57.04
CA MET HB 381 -13.73 -17.63 57.17
C MET HB 381 -13.58 -16.54 56.13
N SER HB 382 -13.89 -16.86 54.89
CA SER HB 382 -13.87 -15.94 53.78
C SER HB 382 -15.28 -15.95 53.21
N PRO HB 383 -15.60 -15.15 52.19
CA PRO HB 383 -16.87 -15.40 51.47
C PRO HB 383 -16.94 -16.77 50.81
N GLY HB 384 -15.81 -17.41 50.52
CA GLY HB 384 -15.85 -18.73 49.94
C GLY HB 384 -15.11 -19.79 50.74
N HIS HB 385 -15.21 -19.75 52.06
CA HIS HB 385 -14.51 -20.70 52.92
C HIS HB 385 -15.43 -21.07 54.08
N TRP HB 386 -15.75 -22.35 54.20
CA TRP HB 386 -16.60 -22.87 55.25
C TRP HB 386 -15.78 -23.71 56.22
N TYR HB 387 -16.00 -23.50 57.52
CA TYR HB 387 -15.31 -24.21 58.57
C TYR HB 387 -16.37 -24.82 59.49
N PHE HB 388 -16.20 -26.09 59.87
CA PHE HB 388 -17.23 -26.82 60.59
C PHE HB 388 -16.70 -27.30 61.94
N PRO HB 389 -16.60 -26.42 62.92
CA PRO HB 389 -16.31 -26.87 64.28
C PRO HB 389 -17.60 -27.24 64.97
N SER HB 390 -17.55 -27.32 66.31
CA SER HB 390 -18.68 -27.51 67.23
C SER HB 390 -19.89 -26.66 66.89
N PRO HB 391 -21.11 -27.12 67.21
CA PRO HB 391 -22.31 -26.37 66.84
C PRO HB 391 -22.44 -25.05 67.58
N LEU HB 392 -22.23 -23.96 66.86
CA LEU HB 392 -22.17 -22.64 67.46
C LEU HB 392 -23.56 -22.05 67.62
N TRP IB 365 -8.92 -22.88 69.80
CA TRP IB 365 -9.92 -22.07 70.49
C TRP IB 365 -11.00 -22.89 71.17
N LEU IB 366 -11.15 -24.16 70.80
CA LEU IB 366 -12.01 -25.07 71.55
C LEU IB 366 -11.13 -25.71 72.62
N LYS IB 367 -11.34 -25.32 73.86
CA LYS IB 367 -10.46 -25.70 74.96
C LYS IB 367 -10.75 -27.14 75.38
N GLY IB 368 -10.25 -28.07 74.59
CA GLY IB 368 -10.31 -29.45 74.99
C GLY IB 368 -11.22 -30.35 74.19
N ARG IB 369 -12.40 -29.86 73.82
CA ARG IB 369 -13.39 -30.72 73.20
C ARG IB 369 -13.20 -30.71 71.70
N SER IB 370 -13.72 -31.73 71.04
CA SER IB 370 -13.54 -31.84 69.59
C SER IB 370 -14.66 -32.69 69.02
N PHE IB 371 -15.17 -32.29 67.86
CA PHE IB 371 -16.31 -32.94 67.24
C PHE IB 371 -15.96 -33.33 65.81
N GLN IB 372 -16.82 -34.16 65.23
CA GLN IB 372 -16.77 -34.48 63.82
C GLN IB 372 -18.19 -34.42 63.25
N TYR IB 373 -18.28 -34.12 61.97
CA TYR IB 373 -19.52 -33.73 61.32
C TYR IB 373 -19.80 -34.67 60.17
N GLY IB 374 -20.83 -35.50 60.28
CA GLY IB 374 -21.31 -36.18 59.11
C GLY IB 374 -22.72 -36.72 59.13
N ALA IB 375 -23.49 -36.26 58.14
CA ALA IB 375 -24.75 -36.85 57.65
C ALA IB 375 -25.92 -36.82 58.62
N GLU IB 376 -25.71 -36.46 59.88
CA GLU IB 376 -26.79 -36.35 60.84
C GLU IB 376 -26.67 -35.15 61.76
N GLY IB 377 -25.53 -34.49 61.80
CA GLY IB 377 -25.27 -33.48 62.81
C GLY IB 377 -23.88 -33.63 63.40
N TYR IB 378 -23.73 -33.49 64.71
CA TYR IB 378 -22.43 -33.63 65.34
C TYR IB 378 -22.35 -34.81 66.29
N ILE IB 379 -21.16 -35.39 66.35
CA ILE IB 379 -20.84 -36.51 67.21
C ILE IB 379 -19.71 -36.10 68.14
N LYS IB 380 -19.84 -36.48 69.41
CA LYS IB 380 -18.84 -36.15 70.40
C LYS IB 380 -17.73 -37.19 70.31
N MET IB 381 -16.54 -36.75 69.91
CA MET IB 381 -15.43 -37.67 69.78
C MET IB 381 -14.90 -38.05 71.15
N SER IB 382 -14.20 -39.19 71.19
CA SER IB 382 -13.57 -39.61 72.42
C SER IB 382 -12.38 -38.72 72.71
N PRO IB 383 -12.03 -38.52 73.99
CA PRO IB 383 -10.81 -37.77 74.30
C PRO IB 383 -9.58 -38.52 73.84
N GLY IB 384 -8.71 -37.82 73.12
CA GLY IB 384 -7.54 -38.47 72.57
C GLY IB 384 -6.29 -37.61 72.65
N HIS IB 385 -5.21 -38.08 72.05
CA HIS IB 385 -3.93 -37.38 72.17
C HIS IB 385 -3.83 -36.19 71.21
N TRP IB 386 -4.21 -36.37 69.96
CA TRP IB 386 -3.99 -35.37 68.93
C TRP IB 386 -5.10 -34.34 68.90
N TYR IB 387 -4.73 -33.07 68.73
CA TYR IB 387 -5.68 -31.98 68.62
C TYR IB 387 -5.55 -31.33 67.26
N PHE IB 388 -6.63 -30.67 66.83
CA PHE IB 388 -6.64 -29.96 65.55
C PHE IB 388 -6.08 -28.57 65.78
N PRO IB 389 -5.01 -28.18 65.08
CA PRO IB 389 -4.53 -26.79 65.18
C PRO IB 389 -5.52 -25.84 64.54
N SER IB 390 -5.95 -24.86 65.32
CA SER IB 390 -7.11 -24.06 64.97
C SER IB 390 -6.69 -22.84 64.18
N PRO IB 391 -7.19 -22.63 62.98
CA PRO IB 391 -6.97 -21.34 62.33
C PRO IB 391 -8.04 -20.28 62.61
N LEU IB 392 -7.60 -19.12 63.06
CA LEU IB 392 -8.48 -17.95 63.22
C LEU IB 392 -7.79 -16.76 62.55
N TRP JB 365 4.39 -35.05 61.35
CA TRP JB 365 4.22 -34.95 59.91
C TRP JB 365 2.96 -34.18 59.56
N LEU JB 366 1.87 -34.39 60.28
CA LEU JB 366 0.59 -33.79 59.93
C LEU JB 366 0.33 -32.49 60.70
N LYS JB 367 1.17 -31.49 60.41
CA LYS JB 367 0.97 -30.18 61.02
C LYS JB 367 -0.05 -29.37 60.22
N GLY JB 368 0.25 -29.11 58.95
CA GLY JB 368 -0.66 -28.43 58.06
C GLY JB 368 -1.25 -29.30 56.97
N ARG JB 369 -1.07 -30.62 57.04
CA ARG JB 369 -1.52 -31.53 56.00
C ARG JB 369 -2.93 -32.02 56.27
N SER JB 370 -3.61 -32.41 55.20
CA SER JB 370 -4.88 -33.10 55.27
C SER JB 370 -4.66 -34.59 55.03
N PHE JB 371 -5.37 -35.41 55.81
CA PHE JB 371 -5.13 -36.84 55.75
C PHE JB 371 -6.40 -37.57 56.12
N GLN JB 372 -6.43 -38.87 55.81
CA GLN JB 372 -7.57 -39.72 56.14
C GLN JB 372 -7.08 -40.83 57.05
N TYR JB 373 -7.75 -41.02 58.18
CA TYR JB 373 -7.41 -42.04 59.16
C TYR JB 373 -8.45 -43.15 59.15
N GLY JB 374 -8.01 -44.35 59.50
CA GLY JB 374 -8.89 -45.49 59.55
C GLY JB 374 -8.28 -46.72 58.92
N ALA JB 375 -9.09 -47.50 58.20
CA ALA JB 375 -8.57 -48.69 57.56
C ALA JB 375 -7.75 -48.33 56.33
N GLU JB 376 -8.31 -47.52 55.44
CA GLU JB 376 -7.60 -47.06 54.25
C GLU JB 376 -7.13 -45.64 54.56
N GLY JB 377 -5.97 -45.54 55.21
CA GLY JB 377 -5.45 -44.27 55.67
C GLY JB 377 -4.33 -43.80 54.77
N TYR JB 378 -4.30 -42.49 54.52
CA TYR JB 378 -3.18 -41.92 53.77
C TYR JB 378 -3.00 -40.48 54.19
N ILE JB 379 -1.91 -39.88 53.72
CA ILE JB 379 -1.58 -38.50 54.06
C ILE JB 379 -1.30 -37.75 52.77
N LYS JB 380 -2.02 -36.65 52.53
CA LYS JB 380 -1.84 -35.87 51.32
C LYS JB 380 -0.75 -34.84 51.60
N MET JB 381 0.47 -35.12 51.17
CA MET JB 381 1.57 -34.18 51.38
C MET JB 381 1.47 -32.94 50.50
N SER JB 382 0.62 -32.99 49.49
CA SER JB 382 0.39 -31.90 48.56
C SER JB 382 -0.97 -32.16 47.94
N PRO JB 383 -1.54 -31.20 47.21
CA PRO JB 383 -2.74 -31.50 46.41
C PRO JB 383 -2.55 -32.61 45.39
N GLY JB 384 -1.32 -32.88 44.97
CA GLY JB 384 -1.09 -33.98 44.06
C GLY JB 384 -0.08 -34.99 44.57
N HIS JB 385 -0.11 -35.30 45.86
CA HIS JB 385 0.88 -36.20 46.44
C HIS JB 385 0.23 -37.01 47.54
N TRP JB 386 0.35 -38.33 47.42
CA TRP JB 386 -0.21 -39.28 48.37
C TRP JB 386 0.90 -40.04 49.06
N TYR JB 387 0.76 -40.26 50.36
CA TYR JB 387 1.73 -41.02 51.13
C TYR JB 387 0.99 -42.15 51.84
N PHE JB 388 1.31 -43.40 51.50
CA PHE JB 388 0.66 -44.57 52.09
C PHE JB 388 1.60 -45.18 53.10
N PRO JB 389 1.39 -44.96 54.39
CA PRO JB 389 2.36 -45.44 55.38
C PRO JB 389 2.15 -46.92 55.65
N SER JB 390 3.25 -47.65 55.69
CA SER JB 390 3.19 -49.06 56.05
C SER JB 390 3.01 -49.23 57.55
N PRO JB 391 2.12 -50.16 57.97
CA PRO JB 391 1.80 -50.37 59.40
C PRO JB 391 2.98 -50.94 60.18
N TRP KB 365 20.59 -47.65 52.39
CA TRP KB 365 21.12 -48.18 51.14
C TRP KB 365 20.13 -47.87 50.02
N LEU KB 366 20.68 -47.65 48.82
CA LEU KB 366 19.93 -47.18 47.65
C LEU KB 366 19.22 -45.87 47.98
N LYS KB 367 20.07 -44.85 48.15
CA LYS KB 367 19.89 -43.63 48.94
C LYS KB 367 18.52 -42.98 48.79
N GLY KB 368 18.19 -42.56 47.58
CA GLY KB 368 16.89 -41.98 47.31
C GLY KB 368 16.23 -42.57 46.08
N ARG KB 369 16.77 -43.68 45.61
CA ARG KB 369 16.33 -44.27 44.36
C ARG KB 369 15.13 -45.18 44.60
N SER KB 370 14.17 -45.11 43.70
CA SER KB 370 13.05 -46.05 43.74
C SER KB 370 13.47 -47.36 43.08
N PHE KB 371 13.01 -48.47 43.64
CA PHE KB 371 13.41 -49.78 43.14
C PHE KB 371 12.25 -50.74 43.30
N GLN KB 372 12.37 -51.88 42.63
CA GLN KB 372 11.34 -52.92 42.63
C GLN KB 372 12.03 -54.19 43.08
N TYR KB 373 11.74 -54.65 44.29
CA TYR KB 373 12.54 -55.67 44.93
C TYR KB 373 11.98 -57.06 44.74
N GLY KB 374 12.86 -58.04 44.89
CA GLY KB 374 12.50 -59.43 45.02
C GLY KB 374 12.66 -60.26 43.77
N ALA KB 375 13.81 -60.92 43.63
CA ALA KB 375 14.09 -62.01 42.70
C ALA KB 375 14.12 -61.63 41.22
N GLU KB 376 13.64 -60.44 40.89
CA GLU KB 376 13.78 -59.83 39.57
C GLU KB 376 13.76 -58.33 39.85
N GLY KB 377 14.94 -57.75 40.04
CA GLY KB 377 15.07 -56.42 40.60
C GLY KB 377 15.65 -55.46 39.59
N TYR KB 378 15.25 -54.20 39.70
CA TYR KB 378 15.90 -53.17 38.91
C TYR KB 378 15.81 -51.87 39.70
N ILE KB 379 16.82 -51.04 39.55
CA ILE KB 379 16.81 -49.72 40.15
C ILE KB 379 16.59 -48.68 39.07
N LYS KB 380 15.76 -47.69 39.38
CA LYS KB 380 15.47 -46.61 38.44
C LYS KB 380 16.38 -45.46 38.83
N MET KB 381 17.48 -45.30 38.09
CA MET KB 381 18.43 -44.22 38.36
C MET KB 381 17.87 -42.84 38.02
N SER KB 382 16.82 -42.80 37.22
CA SER KB 382 16.18 -41.61 36.71
C SER KB 382 14.84 -42.06 36.15
N PRO KB 383 13.93 -41.12 35.84
CA PRO KB 383 12.70 -41.54 35.17
C PRO KB 383 12.91 -42.26 33.85
N GLY KB 384 14.06 -42.09 33.20
CA GLY KB 384 14.34 -42.84 31.99
C GLY KB 384 15.61 -43.67 32.02
N HIS KB 385 15.91 -44.33 33.14
CA HIS KB 385 17.19 -45.05 33.27
C HIS KB 385 16.98 -46.25 34.17
N TRP KB 386 17.37 -47.42 33.67
CA TRP KB 386 17.26 -48.67 34.39
C TRP KB 386 18.62 -49.27 34.64
N TYR KB 387 18.84 -49.77 35.85
CA TYR KB 387 20.09 -50.38 36.25
C TYR KB 387 19.73 -51.76 36.80
N PHE KB 388 20.46 -52.79 36.39
CA PHE KB 388 20.13 -54.17 36.72
C PHE KB 388 21.27 -54.84 37.49
N PRO KB 389 21.43 -54.53 38.77
CA PRO KB 389 22.35 -55.30 39.59
C PRO KB 389 21.67 -56.52 40.17
N SER KB 390 22.34 -57.17 41.14
CA SER KB 390 21.86 -58.27 41.96
C SER KB 390 20.46 -58.07 42.50
N PRO KB 391 19.68 -59.16 42.71
CA PRO KB 391 18.26 -58.99 43.04
C PRO KB 391 18.04 -58.39 44.41
N LEU KB 392 17.62 -57.14 44.44
CA LEU KB 392 17.47 -56.41 45.68
C LEU KB 392 16.24 -56.89 46.45
N TRP LB 365 29.57 -51.14 44.89
CA TRP LB 365 28.76 -51.25 46.09
C TRP LB 365 28.33 -52.68 46.36
N LEU LB 366 28.29 -53.52 45.34
CA LEU LB 366 28.25 -54.95 45.56
C LEU LB 366 29.64 -55.39 46.00
N LYS LB 367 29.72 -56.01 47.17
CA LYS LB 367 31.01 -56.31 47.78
C LYS LB 367 31.47 -57.70 47.40
N GLY LB 368 31.95 -57.84 46.16
CA GLY LB 368 32.61 -59.04 45.71
C GLY LB 368 31.81 -59.88 44.74
N ARG LB 369 30.49 -59.91 44.88
CA ARG LB 369 29.67 -60.78 44.04
C ARG LB 369 29.18 -60.03 42.81
N SER LB 370 28.86 -60.80 41.77
CA SER LB 370 28.41 -60.22 40.52
C SER LB 370 27.55 -61.22 39.76
N PHE LB 371 26.44 -60.74 39.22
CA PHE LB 371 25.47 -61.57 38.53
C PHE LB 371 25.32 -61.08 37.10
N GLN LB 372 24.72 -61.93 36.26
CA GLN LB 372 24.31 -61.55 34.93
C GLN LB 372 22.85 -61.93 34.77
N TYR LB 373 22.15 -61.19 33.91
CA TYR LB 373 20.70 -61.22 33.88
C TYR LB 373 20.25 -61.53 32.46
N GLY LB 374 19.63 -62.69 32.26
CA GLY LB 374 18.93 -62.89 31.01
C GLY LB 374 17.87 -63.97 31.02
N ALA LB 375 16.65 -63.56 30.68
CA ALA LB 375 15.54 -64.39 30.21
C ALA LB 375 14.97 -65.38 31.23
N GLU LB 376 15.62 -65.55 32.39
CA GLU LB 376 15.11 -66.47 33.39
C GLU LB 376 15.23 -65.94 34.80
N GLY LB 377 15.87 -64.80 35.01
CA GLY LB 377 16.24 -64.36 36.34
C GLY LB 377 17.74 -64.05 36.38
N TYR LB 378 18.37 -64.21 37.53
CA TYR LB 378 19.79 -63.91 37.65
C TYR LB 378 20.62 -65.19 37.73
N ILE LB 379 21.84 -65.12 37.23
CA ILE LB 379 22.78 -66.24 37.24
C ILE LB 379 24.06 -65.80 37.94
N LYS LB 380 24.49 -66.57 38.93
CA LYS LB 380 25.72 -66.25 39.64
C LYS LB 380 26.92 -66.51 38.76
N MET LB 381 27.62 -65.44 38.39
CA MET LB 381 28.72 -65.54 37.46
C MET LB 381 29.95 -66.12 38.15
N SER LB 382 30.89 -66.59 37.33
CA SER LB 382 32.10 -67.19 37.85
C SER LB 382 33.00 -66.11 38.43
N PRO LB 383 33.71 -66.40 39.52
CA PRO LB 383 34.60 -65.38 40.11
C PRO LB 383 35.83 -65.18 39.23
N GLY LB 384 36.04 -63.93 38.83
CA GLY LB 384 37.18 -63.57 38.02
C GLY LB 384 37.79 -62.29 38.55
N HIS LB 385 38.73 -61.71 37.82
CA HIS LB 385 39.40 -60.50 38.29
C HIS LB 385 38.68 -59.21 37.89
N TRP LB 386 37.91 -59.23 36.81
CA TRP LB 386 37.23 -58.02 36.37
C TRP LB 386 36.01 -57.73 37.24
N TYR LB 387 35.84 -56.46 37.57
CA TYR LB 387 34.73 -55.97 38.38
C TYR LB 387 34.03 -54.83 37.63
N PHE LB 388 32.77 -54.63 37.94
CA PHE LB 388 32.01 -53.57 37.26
C PHE LB 388 32.14 -52.26 38.00
N PRO LB 389 32.57 -51.18 37.33
CA PRO LB 389 32.60 -49.85 37.97
C PRO LB 389 31.19 -49.33 38.21
N SER LB 390 30.86 -49.12 39.48
CA SER LB 390 29.47 -48.92 39.90
C SER LB 390 29.02 -47.47 39.77
N PRO LB 391 27.98 -47.19 38.99
CA PRO LB 391 27.32 -45.88 39.09
C PRO LB 391 26.26 -45.90 40.18
N LEU LB 392 26.44 -45.09 41.22
CA LEU LB 392 25.48 -45.08 42.31
C LEU LB 392 25.49 -43.72 43.01
N TRP MB 365 41.73 -50.03 28.25
CA TRP MB 365 40.99 -49.36 27.19
C TRP MB 365 39.53 -49.21 27.55
N LEU MB 366 38.99 -50.10 28.37
CA LEU MB 366 37.58 -50.13 28.70
C LEU MB 366 37.38 -49.61 30.12
N LYS MB 367 36.96 -48.34 30.20
CA LYS MB 367 36.58 -47.72 31.47
C LYS MB 367 35.11 -47.33 31.47
N GLY MB 368 34.67 -46.52 30.52
CA GLY MB 368 33.27 -46.19 30.41
C GLY MB 368 32.70 -46.77 29.14
N ARG MB 369 33.40 -47.72 28.56
CA ARG MB 369 32.99 -48.32 27.30
C ARG MB 369 32.12 -49.55 27.52
N SER MB 370 31.20 -49.74 26.58
CA SER MB 370 30.35 -50.93 26.50
C SER MB 370 30.89 -51.88 25.45
N PHE MB 371 30.94 -53.17 25.78
CA PHE MB 371 31.55 -54.09 24.86
C PHE MB 371 30.86 -55.44 24.95
N GLN MB 372 30.99 -56.23 23.89
CA GLN MB 372 30.48 -57.59 23.86
C GLN MB 372 31.64 -58.56 23.86
N TYR MB 373 31.62 -59.52 24.76
CA TYR MB 373 32.66 -60.54 24.86
C TYR MB 373 32.13 -61.88 24.38
N GLY MB 374 33.03 -62.87 24.36
CA GLY MB 374 32.70 -64.22 23.94
C GLY MB 374 33.35 -64.60 22.63
N ALA MB 375 32.58 -65.17 21.70
CA ALA MB 375 33.14 -65.56 20.41
C ALA MB 375 33.25 -64.35 19.48
N GLU MB 376 32.12 -63.74 19.16
CA GLU MB 376 32.11 -62.54 18.32
C GLU MB 376 32.21 -61.36 19.26
N GLY MB 377 33.44 -60.89 19.47
CA GLY MB 377 33.71 -59.85 20.47
C GLY MB 377 34.07 -58.53 19.81
N TYR MB 378 33.55 -57.44 20.38
CA TYR MB 378 33.96 -56.13 19.92
C TYR MB 378 33.83 -55.15 21.07
N ILE MB 379 34.36 -53.95 20.87
CA ILE MB 379 34.32 -52.91 21.90
C ILE MB 379 33.79 -51.64 21.27
N LYS MB 380 32.66 -51.16 21.78
CA LYS MB 380 32.05 -49.93 21.28
C LYS MB 380 32.74 -48.77 21.97
N MET MB 381 33.67 -48.11 21.28
CA MET MB 381 34.39 -47.01 21.89
C MET MB 381 33.57 -45.72 21.93
N SER MB 382 32.41 -45.74 21.31
CA SER MB 382 31.50 -44.61 21.18
C SER MB 382 30.17 -45.18 20.69
N PRO MB 383 29.08 -44.43 20.78
CA PRO MB 383 27.84 -44.89 20.15
C PRO MB 383 27.91 -45.06 18.64
N GLY MB 384 28.93 -44.52 17.98
CA GLY MB 384 29.10 -44.75 16.55
C GLY MB 384 30.50 -45.21 16.19
N HIS MB 385 31.14 -46.02 17.02
CA HIS MB 385 32.52 -46.43 16.77
C HIS MB 385 32.73 -47.84 17.30
N TRP MB 386 33.03 -48.77 16.41
CA TRP MB 386 33.29 -50.16 16.75
C TRP MB 386 34.77 -50.49 16.65
N TYR MB 387 35.26 -51.33 17.56
CA TYR MB 387 36.64 -51.77 17.57
C TYR MB 387 36.66 -53.29 17.59
N PHE MB 388 37.03 -53.91 16.47
CA PHE MB 388 37.12 -55.36 16.36
C PHE MB 388 38.56 -55.77 16.60
N PRO MB 389 38.90 -56.35 17.73
CA PRO MB 389 40.30 -56.67 18.01
C PRO MB 389 40.75 -57.92 17.28
N SER MB 390 42.04 -57.91 16.93
CA SER MB 390 42.61 -59.05 16.23
C SER MB 390 42.91 -60.17 17.21
N PRO MB 391 42.61 -61.42 16.86
CA PRO MB 391 42.86 -62.56 17.75
C PRO MB 391 44.35 -62.86 17.91
N TRP NB 365 55.36 -47.78 11.55
CA TRP NB 365 55.34 -47.39 10.16
C TRP NB 365 53.91 -47.14 9.73
N LEU NB 366 53.74 -46.20 8.79
CA LEU NB 366 52.44 -45.77 8.27
C LEU NB 366 51.54 -45.27 9.40
N LYS NB 367 51.96 -44.12 9.94
CA LYS NB 367 51.72 -43.72 11.33
C LYS NB 367 50.24 -43.70 11.70
N GLY NB 368 49.46 -42.83 11.06
CA GLY NB 368 48.04 -42.76 11.36
C GLY NB 368 47.17 -43.07 10.16
N ARG NB 369 47.65 -43.94 9.29
CA ARG NB 369 47.06 -44.18 7.97
C ARG NB 369 46.47 -45.57 7.90
N SER NB 370 45.35 -45.69 7.20
CA SER NB 370 44.73 -46.98 6.92
C SER NB 370 45.22 -47.49 5.58
N PHE NB 371 45.94 -48.60 5.60
CA PHE NB 371 46.59 -49.18 4.43
C PHE NB 371 45.98 -50.54 4.11
N GLN NB 372 46.32 -51.05 2.94
CA GLN NB 372 45.77 -52.29 2.39
C GLN NB 372 46.94 -53.18 2.01
N TYR NB 373 47.20 -54.22 2.80
CA TYR NB 373 48.46 -54.94 2.67
C TYR NB 373 48.35 -56.15 1.75
N GLY NB 374 49.46 -56.45 1.08
CA GLY NB 374 49.67 -57.72 0.42
C GLY NB 374 49.50 -57.77 -1.08
N ALA NB 375 50.62 -57.62 -1.81
CA ALA NB 375 50.81 -57.95 -3.23
C ALA NB 375 50.04 -57.06 -4.20
N GLU NB 376 49.11 -56.25 -3.69
CA GLU NB 376 48.40 -55.18 -4.41
C GLU NB 376 48.08 -54.16 -3.33
N GLY NB 377 48.97 -53.19 -3.15
CA GLY NB 377 48.94 -52.34 -1.96
C GLY NB 377 48.62 -50.91 -2.31
N TYR NB 378 47.95 -50.23 -1.40
CA TYR NB 378 47.76 -48.80 -1.52
C TYR NB 378 47.60 -48.22 -0.12
N ILE NB 379 48.06 -46.99 0.04
CA ILE NB 379 47.94 -46.25 1.29
C ILE NB 379 46.92 -45.14 1.09
N LYS NB 380 46.01 -45.00 2.04
CA LYS NB 380 44.99 -43.96 1.98
C LYS NB 380 45.52 -42.75 2.72
N MET NB 381 46.01 -41.76 1.96
CA MET NB 381 46.56 -40.56 2.59
C MET NB 381 45.46 -39.64 3.12
N SER NB 382 44.24 -39.86 2.68
CA SER NB 382 43.08 -39.07 3.06
C SER NB 382 41.86 -39.93 2.77
N PRO NB 383 40.67 -39.49 3.15
CA PRO NB 383 39.48 -40.21 2.64
C PRO NB 383 39.37 -40.20 1.13
N GLY NB 384 39.96 -39.23 0.43
CA GLY NB 384 39.90 -39.22 -1.02
C GLY NB 384 41.24 -39.17 -1.73
N HIS NB 385 42.25 -39.88 -1.23
CA HIS NB 385 43.59 -39.84 -1.84
C HIS NB 385 44.23 -41.21 -1.72
N TRP NB 386 44.45 -41.85 -2.87
CA TRP NB 386 45.09 -43.15 -2.93
C TRP NB 386 46.54 -42.97 -3.35
N TYR NB 387 47.45 -43.63 -2.65
CA TYR NB 387 48.88 -43.61 -2.93
C TYR NB 387 49.33 -45.03 -3.22
N PHE NB 388 50.13 -45.22 -4.28
CA PHE NB 388 50.56 -46.55 -4.72
C PHE NB 388 52.07 -46.72 -4.68
N PRO NB 389 52.65 -46.91 -3.49
CA PRO NB 389 54.06 -47.30 -3.40
C PRO NB 389 54.19 -48.81 -3.50
N SER NB 390 55.38 -49.31 -3.17
CA SER NB 390 55.76 -50.71 -2.99
C SER NB 390 54.72 -51.49 -2.19
N PRO NB 391 54.51 -52.78 -2.49
CA PRO NB 391 53.38 -53.52 -1.89
C PRO NB 391 53.49 -53.66 -0.38
N LEU NB 392 52.57 -52.99 0.31
CA LEU NB 392 52.56 -52.93 1.76
C LEU NB 392 51.99 -54.21 2.39
N TRP OB 365 60.94 -42.56 2.03
CA TRP OB 365 60.75 -43.54 3.09
C TRP OB 365 61.03 -44.96 2.59
N LEU OB 366 60.86 -45.19 1.30
CA LEU OB 366 61.44 -46.38 0.69
C LEU OB 366 62.94 -46.21 0.62
N LYS OB 367 63.67 -47.19 1.12
CA LYS OB 367 65.12 -47.05 1.23
C LYS OB 367 65.80 -47.60 -0.03
N GLY OB 368 65.54 -46.94 -1.16
CA GLY OB 368 66.24 -47.26 -2.38
C GLY OB 368 65.44 -47.93 -3.48
N ARG OB 369 64.59 -48.88 -3.11
CA ARG OB 369 63.89 -49.64 -4.13
C ARG OB 369 62.66 -48.88 -4.63
N SER OB 370 62.19 -49.26 -5.82
CA SER OB 370 61.08 -48.57 -6.46
C SER OB 370 60.38 -49.50 -7.44
N PHE OB 371 59.05 -49.49 -7.41
CA PHE OB 371 58.24 -50.33 -8.27
C PHE OB 371 57.33 -49.46 -9.14
N GLN OB 372 56.82 -50.05 -10.21
CA GLN OB 372 55.78 -49.41 -11.00
C GLN OB 372 54.59 -50.35 -11.08
N TYR OB 373 53.41 -49.78 -11.04
CA TYR OB 373 52.18 -50.54 -10.85
C TYR OB 373 51.39 -50.53 -12.14
N GLY OB 374 51.24 -51.69 -12.77
CA GLY OB 374 50.29 -51.73 -13.85
C GLY OB 374 49.75 -53.08 -14.24
N ALA OB 375 48.43 -53.26 -14.17
CA ALA OB 375 47.65 -54.26 -14.89
C ALA OB 375 47.87 -55.71 -14.46
N GLU OB 376 48.91 -55.98 -13.68
CA GLU OB 376 49.16 -57.31 -13.15
C GLU OB 376 49.65 -57.29 -11.72
N GLY OB 377 50.01 -56.13 -11.18
CA GLY OB 377 50.70 -56.05 -9.92
C GLY OB 377 51.84 -55.08 -10.04
N TYR OB 378 52.89 -55.29 -9.27
CA TYR OB 378 54.05 -54.41 -9.29
C TYR OB 378 55.20 -55.08 -10.01
N ILE OB 379 55.98 -54.29 -10.73
CA ILE OB 379 57.18 -54.74 -11.41
C ILE OB 379 58.35 -53.97 -10.82
N LYS OB 380 59.45 -54.67 -10.58
CA LYS OB 380 60.61 -54.03 -9.99
C LYS OB 380 61.34 -53.25 -11.07
N MET OB 381 61.53 -51.97 -10.83
CA MET OB 381 62.18 -51.14 -11.84
C MET OB 381 63.69 -51.27 -11.74
N SER OB 382 64.34 -50.94 -12.84
CA SER OB 382 65.79 -50.96 -12.86
C SER OB 382 66.32 -49.79 -12.05
N PRO OB 383 67.53 -49.90 -11.50
CA PRO OB 383 68.12 -48.79 -10.74
C PRO OB 383 68.47 -47.63 -11.67
N GLY OB 384 67.89 -46.46 -11.40
CA GLY OB 384 68.15 -45.27 -12.17
C GLY OB 384 68.60 -44.13 -11.27
N HIS OB 385 68.82 -42.97 -11.90
CA HIS OB 385 69.34 -41.84 -11.17
C HIS OB 385 68.26 -41.09 -10.40
N TRP OB 386 67.08 -40.97 -10.98
CA TRP OB 386 66.01 -40.20 -10.38
C TRP OB 386 65.33 -40.98 -9.27
N TYR OB 387 65.06 -40.30 -8.16
CA TYR OB 387 64.32 -40.90 -7.05
C TYR OB 387 63.02 -40.14 -6.89
N PHE OB 388 61.97 -40.85 -6.50
CA PHE OB 388 60.67 -40.23 -6.28
C PHE OB 388 60.59 -39.67 -4.87
N PRO OB 389 60.28 -38.38 -4.71
CA PRO OB 389 60.16 -37.79 -3.37
C PRO OB 389 58.95 -38.35 -2.64
N SER OB 390 59.03 -38.32 -1.30
CA SER OB 390 58.08 -39.05 -0.48
C SER OB 390 56.97 -38.16 0.04
N PRO OB 391 55.71 -38.35 -0.35
CA PRO OB 391 54.59 -37.78 0.40
C PRO OB 391 54.19 -38.73 1.52
N LEU OB 392 54.44 -38.32 2.76
CA LEU OB 392 54.16 -39.21 3.89
C LEU OB 392 54.04 -38.44 5.20
N TRP PB 365 64.16 -29.33 -12.95
CA TRP PB 365 62.88 -28.71 -13.27
C TRP PB 365 61.72 -29.48 -12.66
N LEU PB 366 61.89 -30.78 -12.48
CA LEU PB 366 60.82 -31.66 -12.01
C LEU PB 366 61.07 -32.13 -10.57
N LYS PB 367 60.60 -31.34 -9.62
CA LYS PB 367 60.59 -31.79 -8.23
C LYS PB 367 59.18 -32.11 -7.78
N GLY PB 368 58.26 -31.15 -7.89
CA GLY PB 368 56.86 -31.36 -7.57
C GLY PB 368 55.95 -31.50 -8.78
N ARG PB 369 56.50 -31.64 -9.98
CA ARG PB 369 55.72 -31.72 -11.20
C ARG PB 369 55.42 -33.16 -11.57
N SER PB 370 54.33 -33.36 -12.30
CA SER PB 370 53.98 -34.66 -12.86
C SER PB 370 54.31 -34.69 -14.34
N PHE PB 371 54.86 -35.80 -14.81
CA PHE PB 371 55.31 -35.84 -16.19
C PHE PB 371 55.18 -37.24 -16.77
N GLN PB 372 55.25 -37.31 -18.08
CA GLN PB 372 55.20 -38.58 -18.81
C GLN PB 372 56.52 -38.70 -19.54
N TYR PB 373 57.16 -39.87 -19.42
CA TYR PB 373 58.43 -40.12 -20.07
C TYR PB 373 58.29 -41.27 -21.06
N GLY PB 374 59.26 -41.36 -21.95
CA GLY PB 374 59.24 -42.36 -23.00
C GLY PB 374 59.44 -41.75 -24.37
N ALA PB 375 58.62 -42.14 -25.36
CA ALA PB 375 58.77 -41.55 -26.68
C ALA PB 375 58.20 -40.14 -26.72
N GLU PB 376 56.89 -40.01 -26.45
CA GLU PB 376 56.25 -38.71 -26.39
C GLU PB 376 56.21 -38.31 -24.92
N GLY PB 377 57.16 -37.48 -24.52
CA GLY PB 377 57.33 -37.09 -23.13
C GLY PB 377 56.94 -35.64 -22.96
N TYR PB 378 56.33 -35.33 -21.81
CA TYR PB 378 56.00 -33.94 -21.55
C TYR PB 378 55.95 -33.75 -20.05
N ILE PB 379 56.03 -32.50 -19.64
CA ILE PB 379 56.03 -32.11 -18.23
C ILE PB 379 54.85 -31.18 -17.97
N LYS PB 380 54.10 -31.44 -16.91
CA LYS PB 380 52.94 -30.66 -16.55
C LYS PB 380 53.39 -29.67 -15.49
N MET PB 381 53.49 -28.39 -15.87
CA MET PB 381 53.98 -27.41 -14.93
C MET PB 381 52.90 -26.84 -14.03
N SER PB 382 51.67 -27.20 -14.26
CA SER PB 382 50.50 -26.71 -13.56
C SER PB 382 49.44 -27.70 -14.00
N PRO PB 383 48.26 -27.73 -13.38
CA PRO PB 383 47.18 -28.53 -13.97
C PRO PB 383 46.78 -28.12 -15.37
N GLY PB 384 47.04 -26.87 -15.78
CA GLY PB 384 46.70 -26.47 -17.12
C GLY PB 384 47.84 -25.94 -17.96
N HIS PB 385 49.02 -26.58 -17.85
CA HIS PB 385 50.18 -26.11 -18.59
C HIS PB 385 50.99 -27.32 -18.97
N TRP PB 386 51.28 -27.45 -20.26
CA TRP PB 386 52.07 -28.53 -20.82
C TRP PB 386 53.38 -27.99 -21.36
N TYR PB 387 54.43 -28.78 -21.22
CA TYR PB 387 55.75 -28.44 -21.75
C TYR PB 387 56.25 -29.62 -22.56
N PHE PB 388 56.55 -29.38 -23.84
CA PHE PB 388 57.04 -30.44 -24.72
C PHE PB 388 58.51 -30.20 -25.00
N PRO PB 389 59.41 -30.91 -24.32
CA PRO PB 389 60.83 -30.69 -24.52
C PRO PB 389 61.35 -31.27 -25.82
N SER PB 390 62.21 -30.52 -26.47
CA SER PB 390 62.86 -30.94 -27.69
C SER PB 390 63.99 -31.93 -27.37
N PRO PB 391 64.11 -33.01 -28.13
CA PRO PB 391 65.16 -33.99 -27.85
C PRO PB 391 66.56 -33.48 -28.21
N TRP QB 365 67.95 -13.35 -27.53
CA TRP QB 365 67.23 -12.46 -28.42
C TRP QB 365 65.79 -12.94 -28.60
N LEU QB 366 64.88 -11.98 -28.70
CA LEU QB 366 63.42 -12.18 -28.68
C LEU QB 366 63.02 -12.91 -27.41
N LYS QB 367 63.23 -12.20 -26.30
CA LYS QB 367 63.35 -12.76 -24.95
C LYS QB 367 62.18 -13.67 -24.55
N GLY QB 368 60.98 -13.12 -24.49
CA GLY QB 368 59.82 -13.90 -24.12
C GLY QB 368 58.71 -13.84 -25.13
N ARG QB 369 59.07 -13.71 -26.40
CA ARG QB 369 58.12 -13.49 -27.46
C ARG QB 369 57.97 -14.77 -28.26
N SER QB 370 56.74 -15.20 -28.47
CA SER QB 370 56.48 -16.31 -29.36
C SER QB 370 56.57 -15.85 -30.80
N PHE QB 371 57.31 -16.59 -31.62
CA PHE QB 371 57.54 -16.20 -33.00
C PHE QB 371 57.37 -17.44 -33.88
N GLN QB 372 57.22 -17.19 -35.18
CA GLN QB 372 56.98 -18.23 -36.17
C GLN QB 372 58.10 -18.15 -37.19
N TYR QB 373 59.15 -18.93 -36.97
CA TYR QB 373 60.38 -18.76 -37.72
C TYR QB 373 60.31 -19.39 -39.10
N GLY QB 374 61.14 -18.88 -39.99
CA GLY QB 374 61.45 -19.52 -41.25
C GLY QB 374 60.73 -18.94 -42.44
N ALA QB 375 61.40 -18.01 -43.13
CA ALA QB 375 61.13 -17.54 -44.49
C ALA QB 375 59.84 -16.73 -44.66
N GLU QB 376 58.94 -16.79 -43.69
CA GLU QB 376 57.78 -15.91 -43.58
C GLU QB 376 57.53 -15.81 -42.07
N GLY QB 377 58.11 -14.80 -41.45
CA GLY QB 377 58.21 -14.76 -40.00
C GLY QB 377 57.46 -13.58 -39.42
N TYR QB 378 57.00 -13.75 -38.20
CA TYR QB 378 56.42 -12.64 -37.48
C TYR QB 378 56.64 -12.83 -35.99
N ILE QB 379 56.62 -11.71 -35.28
CA ILE QB 379 56.77 -11.69 -33.83
C ILE QB 379 55.45 -11.23 -33.25
N LYS QB 380 54.99 -11.92 -32.21
CA LYS QB 380 53.76 -11.60 -31.52
C LYS QB 380 54.15 -10.78 -30.30
N MET QB 381 54.01 -9.47 -30.42
CA MET QB 381 54.32 -8.58 -29.31
C MET QB 381 53.35 -8.72 -28.15
N SER QB 382 52.19 -9.29 -28.41
CA SER QB 382 51.11 -9.45 -27.45
C SER QB 382 50.20 -10.54 -27.97
N PRO QB 383 49.25 -11.01 -27.17
CA PRO QB 383 48.21 -11.88 -27.72
C PRO QB 383 47.41 -11.25 -28.85
N GLY QB 384 47.34 -9.92 -28.94
CA GLY QB 384 46.65 -9.28 -30.03
C GLY QB 384 47.49 -8.29 -30.81
N HIS QB 385 48.75 -8.62 -31.06
CA HIS QB 385 49.66 -7.70 -31.74
C HIS QB 385 50.64 -8.52 -32.56
N TRP QB 386 50.68 -8.23 -33.86
CA TRP QB 386 51.60 -8.85 -34.78
C TRP QB 386 52.63 -7.85 -35.25
N TYR QB 387 53.77 -8.37 -35.69
CA TYR QB 387 54.87 -7.53 -36.13
C TYR QB 387 55.64 -8.29 -37.19
N PHE QB 388 55.93 -7.65 -38.32
CA PHE QB 388 56.55 -8.34 -39.45
C PHE QB 388 57.89 -7.69 -39.79
N PRO QB 389 58.95 -8.00 -39.04
CA PRO QB 389 60.29 -7.61 -39.44
C PRO QB 389 60.86 -8.68 -40.35
N SER QB 390 62.17 -8.63 -40.59
CA SER QB 390 62.98 -9.64 -41.27
C SER QB 390 62.66 -11.06 -40.83
N PRO QB 391 62.74 -12.06 -41.75
CA PRO QB 391 62.19 -13.38 -41.43
C PRO QB 391 63.00 -14.11 -40.36
N LEU QB 392 62.41 -14.19 -39.18
CA LEU QB 392 63.07 -14.77 -38.02
C LEU QB 392 63.13 -16.28 -38.14
#